data_8RDU
#
_entry.id   8RDU
#
_cell.length_a   1.00
_cell.length_b   1.00
_cell.length_c   1.00
_cell.angle_alpha   90.00
_cell.angle_beta   90.00
_cell.angle_gamma   90.00
#
_symmetry.space_group_name_H-M   'P 1'
#
loop_
_entity.id
_entity.type
_entity.pdbx_description
1 polymer sgRNA
2 polymer 'Non-target strand - LE'
3 polymer 'Target strand -LE'
4 polymer LE
5 polymer RE
6 polymer 'Non-target strand - RE'
7 polymer 'Target strand'
8 polymer ShCas12k
9 polymer 'Small ribosomal subunit protein uS15'
10 polymer TniQ
11 polymer ShTnsC
12 polymer TnsB
13 non-polymer 'MAGNESIUM ION'
14 non-polymer 'ZINC ION'
15 non-polymer "ADENOSINE-5'-TRIPHOSPHATE"
16 water water
#
loop_
_entity_poly.entity_id
_entity_poly.type
_entity_poly.pdbx_seq_one_letter_code
_entity_poly.pdbx_strand_id
1 'polyribonucleotide'
;GGAUAUUAAUAGCGCCGCAAUUCAUGCUGCUUGCAGCCUCUGAAUUUUGUUAAAUGAGGGUUAGUUUGACUGUAUAAAUA
CAGUCUUGCUUUCUGACCCUGGUAGCUGCUCACCCUGAUGCUGCUGUCAAUAGACAGGAUAGGUGCGCUCCCAGCAAUAA
GGGCGCGGAUGUACUGCUGUAGUGGCUACUGAAUCACCCCCGAUCAAGGGGGAACCCUCCAAAAGGUGGGUUGAAAGGAG
AAGUCAUUUAAUAAGGCCACU
;
1
2 'polydeoxyribonucleotide'
;(DG)(DT)(DG)(DA)(DA)(DG)(DG)(DT)(DT)(DC)(DT)(DC)(DT)(DT)(DC)(DA)(DG)(DT)(DA)(DT)
(DT)(DA)(DA)(DT)(DA)(DA)(DG)(DG)(DC)(DC)(DA)(DC)(DT)(DG)(DT)(DT)(DA)(DA)(DA)(DA)
(DC)(DG)(DT)(DA)(DC)(DT)(DA)(DT)(DA)(DT)(DA)(DG)(DA)(DC)(DA)(DT)(DC)(DT)(DC)(DC)
(DA)(DC)(DA)(DA)(DA)(DA)(DG)(DG)
;
2
3 'polydeoxyribonucleotide'
;(DA)(DA)(DT)(DT)(DA)(DA)(DA)(DT)(DA)(DG)(DT)(DC)(DA)(DC)(DA)(DA)(DT)(DG)(DA)(DC)
(DA)(DT)(DT)(DA)(DA)(DT)(DC)(DT)(DG)(DT)(DC)(DA)(DC)(DC)(DG)(DA)(DC)(DG)(DA)(DC)
(DA)(DG)(DA)(DT)(DA)(DA)(DT)(DT)(DT)(DG)(DT)(DC)(DA)(DC)(DT)(DG)(DT)(DA)(DC)(DA)
(DC)(DT)(DA)(DC)(DG)(DC)(DC)(DT)(DT)(DT)(DT)(DG)(DT)(DG)(DG)(DA)(DG)(DA)(DT)(DG)
(DT)(DC)(DT)(DA)(DA)(DT)(DA)(DT)(DC)(DT)(DA)(DC)(DG)(DT)(DT)(DT)(DT)(DA)(DA)(DC)
(DA)(DG)(DT)(DG)(DG)(DC)(DC)(DT)(DT)(DA)(DT)(DT)(DA)(DA)(DA)(DT)(DG)(DA)(DC)(DT)
(DT)(DC)(DT)(DC)(DA)(DA)(DC)(DC)(DT)(DT)(DC)(DA)(DC)
;
3
4 'polydeoxyribonucleotide'
;(DA)(DA)(DA)(DA)(DA)(DA)(DA)(DA)(DA)(DA)(DA)(DA)(DA)(DA)(DA)(DT)(DG)(DT)(DA)(DC)
(DA)(DG)(DT)(DG)(DA)(DC)(DA)(DA)(DA)(DT)(DT)(DA)(DT)(DC)(DT)(DG)(DT)(DC)(DG)(DT)
(DC)(DG)(DG)(DT)(DG)(DA)(DC)(DA)(DG)(DA)(DT)(DT)(DA)(DA)(DT)(DG)(DT)(DC)(DA)(DT)
(DT)(DG)(DT)(DG)(DA)(DC)(DT)(DA)(DT)(DT)(DT)(DA)(DA)(DT)(DT)
;
4
5 'polydeoxyribonucleotide'
;(DA)(DA)(DA)(DA)(DA)(DA)(DA)(DA)(DA)(DA)(DA)(DA)(DA)(DA)(DA)(DT)(DG)(DT)(DA)(DC)
(DA)(DG)(DT)(DG)(DA)(DC)(DT)(DA)(DA)(DT)(DT)(DA)(DT)(DA)(DT)(DG)(DT)(DC)(DG)(DT)
(DT)(DG)(DT)(DG)(DA)(DC)(DA)(DA)(DA)(DT)(DT)(DA)(DT)(DT)(DG)(DT)(DC)(DA)(DT)(DC)
(DA)(DG)(DT)(DA)(DA)(DA)(DA)(DT)(DC)(DC)(DT)(DT)(DA)(DT)
;
5
6 'polydeoxyribonucleotide'
;(DA)(DT)(DA)(DA)(DG)(DG)(DA)(DT)(DT)(DT)(DT)(DA)(DC)(DT)(DG)(DA)(DT)(DG)(DA)(DC)
(DA)(DA)(DT)(DA)(DA)(DT)(DT)(DT)(DG)(DT)(DC)(DA)(DC)(DA)(DA)(DC)(DG)(DA)(DC)(DA)
(DT)(DA)(DT)(DA)(DA)(DT)(DT)(DA)(DG)(DT)(DC)(DA)(DC)(DT)(DG)(DT)(DA)(DC)(DA)(DC)
(DG)(DT)(DA)(DG)(DA)(DG)(DA)(DC)(DG)(DT)(DA)(DG)(DC)(DA)(DA)(DT)(DG)(DC)(DT)
;
6
7 'polydeoxyribonucleotide' (DA)(DG)(DC)(DA)(DT)(DT)(DG)(DC)(DT)(DA)(DC)(DG)(DT)(DC)(DT) 7
8 'polypeptide(L)'
;MGSSHHHHHHSSGLVPRGSHMASWSHPQFEKGGGSGGGSGGSAWSHPQFEKENLYFQGGSSQITIQARLISFESNRQQLW
KLMADLNTPLINELLCQLGQHPDFEKWQQKGKLPSTVVSQLCQPLKTDPRFAGQPSRLYMSAIHIVDYIYKSWLAIQKRL
QQQLDGKTRWLEMLNSDAELVELSGDTLEAIRVKAAEILAIAMPASESDSASPKGKKGKKEKKPSSSSPKRSLSKTLFDA
YQETEDIKSRSAISYLLKNGCKLTDKEEDSEKFAKRRRQVEIQIQRLTEKLISRMPKGRDLTNAKWLETLLTATTTVAED
NAQAKRWQDILLTRSSSLPFPLVFETNEDMVWSKNQKGRLCVHFNGLSDLIFEVYCGNRQLHWFQRFLEDQQTKRKSKNQ
HSSGLFTLRNGHLVWLEGEGKGEPWNLHHLTLYCCVDNRLWTEEGTEIVRQEKADEITKFITNMKKKSDLSDTQQALIQR
KQSTLTRINNSFERPSQPLYQGQSHILVGVSLGLEKPATVAVVDAIANKVLAYRSIKQLLGDNYELLNRQRRQQQYLSHE
RHKAQKNFSPNQFGASELGQHIDRLLAKAIVALARTYKAGSIVLPKLGDMREVVQSEIQAIAEQKFPGYIEGQQKYAKQY
RVNVHRWSYGRLIQSIQSKAAQTGIVIEEGKQPIRGSPHDKAKELALSAYNLRLTRRS
;
A
9 'polypeptide(L)'
;SMALTQERKQEIIVNYQVHETDTGSADVQVAMLTERINRLSLHLQANKKDHSSRRGLLKLIGQRKRLLAYIQKDSREKYQ
ALIGRLGIRG
;
B
10 'polypeptide(L)'
;MIEAPDVKPWLFLIKPYEGESLSHFLGRFRRANHLSASGLGTLAGIGAIVARWERFHFNPRPSQQELEAIASVVEVDAQR
LAQMLPPAGVGMQHEPIRLCGACYAESPCHRIEWQYKSVWKCDRHQLKILAKCPNCQAPFKMPALWEDGCCHRCRMPFAE
MAKLQKVGSEFELENLYFQ
;
C
11 'polypeptide(L)'
;STEAQAIAKQLGGVKPDDEWLQAEIARLKGKSIVPLQQVKTLHDWLDGKRKARKSCRVVGESRTGKTVACDAYRYRHKPQ
QEAGRPPTVPVVYIRPHQKCGPKDLFKKITEYLKYRVTKGTVSDFRDRTIEVLKGCGVEMLIIDEADRLKPETFADVRDI
AEDLGIAVVLVGTDRLDAVIKRDEQVLERFRAHLRFGKLSGEDFKNTVEMWEQMVLKLPVSSNLKSKEMLRILTSATEGY
IGRLDEILREAAIRSLSRGLKKIDKAVLQEVAKEYK
;
D,E,F,G,H,I,J,K,L,M,N,O,P,Q
12 'polypeptide(L)'
;SNSQQNPDLAVHPLAIPMEGLLGESATTLEKNVIATQLSEEAQVKLEVIQSLLEPCDRTTYGQKLREAAEKLNVSLRTVQ
RLVKNWEQDGLVGLTQTSRADKGKHRIGEFWENFITKTYKEGNKGSKRMTPKQVALRVEAKARELKDSKPPNYKTVLRVL
APILEKQQKAKSIRSPGWRGTTLSVKTREGKDLSVDYSNHVWQCDHTRVDVLLVDQHGEILSRPWLTTVIDTYSRCIMGI
NLGFDAPSSGVVALALRHAILPKRYGSEYKLHCEWGTYGKPEHFYTDGGKDFRSNHLSQIGAQLGFVCHLRDRPSEGGVV
ERPFKTLNDQLFSTLPGYTGSNVQERPEDAEKDARLTLRELEQLLVRYIVDRYNQSIDARMGDQTRFERWEAGLPTVPVP
IPERDLDICLMKQSRRTVQRGGCLQFQNLMYRGEYLAGYAGETVNLRFDPRDITTILVYRQENNQEVFLTRAHAQGLETE
QLALDEAEAASRRLRTAGKTISNQSLLQEVVDRDALVATKKSRKERQKLEQTVLRSAAVDESNRESLPSQIVEPDEVEST
ETVHSQYEDIEVWDYEQLREEYGF
;
R,S,T,U,r,s,t,u
#
# COMPACT_ATOMS: atom_id res chain seq x y z
N SER H 60 31.10 -51.77 99.58
CA SER H 60 32.28 -50.91 99.61
C SER H 60 32.30 -50.02 100.84
N SER H 61 32.27 -50.63 102.02
CA SER H 61 32.18 -49.89 103.28
C SER H 61 33.53 -49.54 103.88
N GLN H 62 34.63 -50.11 103.37
CA GLN H 62 35.96 -49.69 103.78
C GLN H 62 36.33 -48.35 103.18
N ILE H 63 36.82 -47.43 104.01
CA ILE H 63 37.34 -46.14 103.57
C ILE H 63 38.61 -45.82 104.33
N THR H 64 39.38 -44.90 103.78
CA THR H 64 40.59 -44.40 104.42
C THR H 64 40.36 -43.01 105.01
N ILE H 65 40.82 -42.82 106.23
CA ILE H 65 41.00 -41.50 106.82
C ILE H 65 42.48 -41.33 107.16
N GLN H 66 42.94 -40.09 107.16
CA GLN H 66 44.37 -39.82 107.29
C GLN H 66 44.63 -38.68 108.25
N ALA H 67 45.86 -38.66 108.77
CA ALA H 67 46.34 -37.57 109.62
C ALA H 67 47.85 -37.41 109.42
N ARG H 68 48.32 -36.19 109.62
CA ARG H 68 49.75 -35.95 109.80
C ARG H 68 50.21 -36.53 111.14
N LEU H 69 51.36 -37.19 111.13
CA LEU H 69 52.05 -37.59 112.34
C LEU H 69 53.25 -36.68 112.62
N ILE H 70 53.28 -36.10 113.81
CA ILE H 70 54.30 -35.16 114.22
C ILE H 70 55.11 -35.76 115.37
N SER H 71 56.43 -35.59 115.32
CA SER H 71 57.29 -36.02 116.40
C SER H 71 58.61 -35.26 116.29
N PHE H 72 59.41 -35.32 117.35
CA PHE H 72 60.72 -34.73 117.31
C PHE H 72 61.65 -35.47 116.36
N GLU H 73 62.69 -34.75 115.94
CA GLU H 73 63.50 -35.14 114.78
C GLU H 73 64.14 -36.51 114.93
N SER H 74 64.63 -36.85 116.12
CA SER H 74 65.30 -38.13 116.27
C SER H 74 64.34 -39.32 116.09
N ASN H 75 63.07 -39.16 116.42
CA ASN H 75 62.10 -40.21 116.12
C ASN H 75 61.88 -40.35 114.61
N ARG H 76 61.73 -39.23 113.92
CA ARG H 76 61.55 -39.24 112.47
C ARG H 76 62.79 -39.76 111.74
N GLN H 77 63.98 -39.35 112.16
CA GLN H 77 65.21 -39.86 111.55
C GLN H 77 65.36 -41.37 111.74
N GLN H 78 65.11 -41.86 112.95
CA GLN H 78 65.19 -43.30 113.21
C GLN H 78 64.21 -44.10 112.37
N LEU H 79 62.97 -43.61 112.22
CA LEU H 79 62.00 -44.29 111.37
C LEU H 79 62.38 -44.25 109.90
N TRP H 80 62.81 -43.10 109.40
CA TRP H 80 63.28 -43.01 108.02
C TRP H 80 64.39 -43.98 107.71
N LYS H 81 65.38 -44.08 108.59
CA LYS H 81 66.50 -44.99 108.37
C LYS H 81 66.09 -46.46 108.45
N LEU H 82 65.16 -46.81 109.35
CA LEU H 82 64.58 -48.15 109.32
C LEU H 82 63.91 -48.45 107.98
N MET H 83 63.14 -47.50 107.48
CA MET H 83 62.38 -47.72 106.25
C MET H 83 63.29 -47.71 105.02
N ALA H 84 64.12 -46.67 104.88
CA ALA H 84 64.91 -46.50 103.67
C ALA H 84 66.14 -47.40 103.62
N ASP H 85 66.82 -47.64 104.73
CA ASP H 85 68.06 -48.40 104.71
C ASP H 85 67.88 -49.90 104.91
N LEU H 86 66.77 -50.33 105.49
CA LEU H 86 66.57 -51.74 105.79
C LEU H 86 65.30 -52.32 105.17
N ASN H 87 64.16 -51.67 105.37
CA ASN H 87 62.88 -52.28 104.99
C ASN H 87 62.68 -52.29 103.49
N THR H 88 62.93 -51.17 102.82
CA THR H 88 62.82 -51.08 101.37
C THR H 88 63.85 -51.93 100.63
N PRO H 89 65.13 -51.91 101.02
CA PRO H 89 66.07 -52.91 100.48
C PRO H 89 65.63 -54.35 100.67
N LEU H 90 65.01 -54.69 101.80
CA LEU H 90 64.46 -56.02 102.00
C LEU H 90 63.33 -56.32 101.02
N ILE H 91 62.40 -55.38 100.85
CA ILE H 91 61.34 -55.53 99.86
C ILE H 91 61.92 -55.75 98.46
N ASN H 92 62.90 -54.94 98.09
CA ASN H 92 63.57 -55.11 96.80
C ASN H 92 64.17 -56.50 96.66
N GLU H 93 64.87 -56.98 97.69
CA GLU H 93 65.46 -58.31 97.66
C GLU H 93 64.40 -59.40 97.56
N LEU H 94 63.29 -59.25 98.29
CA LEU H 94 62.22 -60.23 98.19
C LEU H 94 61.58 -60.25 96.81
N LEU H 95 61.34 -59.08 96.20
CA LEU H 95 60.86 -59.03 94.83
C LEU H 95 61.81 -59.70 93.84
N CYS H 96 63.12 -59.49 94.01
CA CYS H 96 64.11 -60.11 93.13
C CYS H 96 64.12 -61.63 93.27
N GLN H 97 64.21 -62.13 94.50
CA GLN H 97 64.20 -63.57 94.73
C GLN H 97 62.89 -64.22 94.30
N LEU H 98 61.77 -63.56 94.55
CA LEU H 98 60.47 -64.15 94.20
C LEU H 98 60.30 -64.28 92.69
N GLY H 99 60.80 -63.31 91.93
CA GLY H 99 60.77 -63.39 90.47
C GLY H 99 61.73 -64.39 89.86
N GLN H 100 62.62 -64.98 90.65
CA GLN H 100 63.53 -66.02 90.19
C GLN H 100 63.14 -67.41 90.68
N HIS H 101 62.08 -67.53 91.46
CA HIS H 101 61.72 -68.81 92.06
C HIS H 101 61.35 -69.83 90.99
N PRO H 102 61.82 -71.08 91.13
CA PRO H 102 61.48 -72.12 90.15
C PRO H 102 60.00 -72.38 89.94
N ASP H 103 59.13 -72.02 90.88
CA ASP H 103 57.69 -72.13 90.66
C ASP H 103 57.06 -70.89 90.04
N PHE H 104 57.86 -69.86 89.76
CA PHE H 104 57.30 -68.60 89.26
C PHE H 104 56.45 -68.82 88.02
N GLU H 105 56.91 -69.66 87.09
CA GLU H 105 56.16 -69.93 85.87
C GLU H 105 54.87 -70.72 86.09
N LYS H 106 54.78 -71.53 87.15
CA LYS H 106 53.51 -72.18 87.46
C LYS H 106 52.59 -71.29 88.28
N TRP H 107 53.13 -70.34 89.04
CA TRP H 107 52.29 -69.32 89.65
C TRP H 107 51.58 -68.47 88.62
N GLN H 108 52.25 -68.14 87.51
CA GLN H 108 51.60 -67.44 86.42
C GLN H 108 50.47 -68.25 85.79
N GLN H 109 50.59 -69.57 85.76
CA GLN H 109 49.53 -70.40 85.20
C GLN H 109 48.34 -70.52 86.15
N LYS H 110 48.59 -70.73 87.43
CA LYS H 110 47.51 -70.67 88.40
C LYS H 110 46.95 -69.27 88.58
N GLY H 111 47.79 -68.25 88.38
CA GLY H 111 47.39 -66.89 88.73
C GLY H 111 47.30 -66.63 90.21
N LYS H 112 47.91 -67.50 91.02
CA LYS H 112 47.83 -67.45 92.47
C LYS H 112 49.22 -67.65 93.03
N LEU H 113 49.57 -66.86 94.03
CA LEU H 113 50.80 -67.10 94.78
C LEU H 113 50.51 -68.04 95.94
N PRO H 114 51.42 -68.96 96.25
CA PRO H 114 51.32 -69.71 97.52
C PRO H 114 51.25 -68.75 98.71
N SER H 115 50.46 -69.17 99.70
CA SER H 115 50.16 -68.31 100.84
C SER H 115 51.39 -67.96 101.67
N THR H 116 52.43 -68.80 101.66
CA THR H 116 53.54 -68.67 102.59
C THR H 116 54.90 -68.42 101.95
N VAL H 117 55.01 -68.44 100.62
CA VAL H 117 56.33 -68.44 100.00
C VAL H 117 57.11 -67.15 100.27
N VAL H 118 56.44 -65.99 100.40
CA VAL H 118 57.14 -64.77 100.75
C VAL H 118 57.66 -64.81 102.19
N SER H 119 56.85 -65.31 103.12
CA SER H 119 57.29 -65.50 104.50
C SER H 119 58.49 -66.42 104.61
N GLN H 120 58.50 -67.50 103.84
CA GLN H 120 59.63 -68.43 103.85
C GLN H 120 60.90 -67.82 103.29
N LEU H 121 60.79 -67.06 102.20
CA LEU H 121 61.96 -66.35 101.67
C LEU H 121 62.49 -65.29 102.64
N CYS H 122 61.61 -64.65 103.41
CA CYS H 122 62.05 -63.60 104.32
C CYS H 122 62.78 -64.14 105.56
N GLN H 123 62.44 -65.33 106.02
CA GLN H 123 63.05 -65.91 107.22
C GLN H 123 64.58 -65.88 107.22
N PRO H 124 65.29 -66.41 106.23
CA PRO H 124 66.76 -66.28 106.25
C PRO H 124 67.25 -64.86 106.04
N LEU H 125 66.46 -63.99 105.45
CA LEU H 125 66.85 -62.59 105.28
C LEU H 125 66.75 -61.77 106.56
N LYS H 126 65.89 -62.16 107.49
CA LYS H 126 65.75 -61.46 108.77
C LYS H 126 67.03 -61.44 109.60
N THR H 127 68.02 -62.25 109.28
CA THR H 127 69.31 -62.24 109.95
C THR H 127 70.47 -62.03 108.98
N ASP H 128 70.18 -61.61 107.77
CA ASP H 128 71.20 -61.13 106.84
C ASP H 128 71.64 -59.73 107.26
N PRO H 129 72.94 -59.46 107.35
CA PRO H 129 73.42 -58.13 107.76
C PRO H 129 72.85 -56.96 106.99
N ARG H 130 72.34 -57.20 105.78
CA ARG H 130 71.68 -56.15 105.02
C ARG H 130 70.35 -55.74 105.61
N PHE H 131 69.69 -56.62 106.37
CA PHE H 131 68.30 -56.43 106.75
C PHE H 131 68.01 -56.70 108.23
N ALA H 132 69.01 -57.09 109.02
CA ALA H 132 68.79 -57.69 110.33
C ALA H 132 68.25 -56.73 111.39
N GLY H 133 68.34 -55.42 111.19
CA GLY H 133 68.06 -54.50 112.28
C GLY H 133 66.64 -54.10 112.58
N GLN H 134 65.63 -54.84 112.09
CA GLN H 134 64.26 -54.34 112.09
C GLN H 134 63.41 -55.02 113.15
N PRO H 135 62.39 -54.31 113.65
CA PRO H 135 61.36 -54.98 114.45
C PRO H 135 60.59 -56.03 113.65
N SER H 136 60.01 -56.98 114.39
CA SER H 136 59.26 -58.09 113.77
C SER H 136 58.15 -57.61 112.86
N ARG H 137 57.42 -56.56 113.26
CA ARG H 137 56.34 -56.03 112.43
C ARG H 137 56.83 -55.32 111.18
N LEU H 138 58.08 -54.89 111.13
CA LEU H 138 58.59 -54.32 109.88
C LEU H 138 58.94 -55.40 108.87
N TYR H 139 59.48 -56.54 109.32
CA TYR H 139 59.60 -57.70 108.44
C TYR H 139 58.23 -58.14 107.95
N MET H 140 57.26 -58.22 108.85
CA MET H 140 55.91 -58.59 108.48
C MET H 140 55.33 -57.61 107.45
N SER H 141 55.60 -56.32 107.62
CA SER H 141 55.16 -55.32 106.64
C SER H 141 55.77 -55.56 105.28
N ALA H 142 57.08 -55.80 105.23
CA ALA H 142 57.75 -56.11 103.97
C ALA H 142 57.16 -57.35 103.31
N ILE H 143 56.87 -58.39 104.09
CA ILE H 143 56.19 -59.57 103.55
C ILE H 143 54.84 -59.20 102.94
N HIS H 144 54.02 -58.44 103.66
CA HIS H 144 52.72 -58.04 103.13
C HIS H 144 52.84 -57.21 101.85
N ILE H 145 53.79 -56.28 101.80
CA ILE H 145 53.98 -55.48 100.59
C ILE H 145 54.27 -56.39 99.40
N VAL H 146 55.24 -57.29 99.54
CA VAL H 146 55.67 -58.15 98.44
C VAL H 146 54.57 -59.13 98.06
N ASP H 147 53.92 -59.73 99.04
CA ASP H 147 52.84 -60.68 98.78
C ASP H 147 51.68 -60.05 98.00
N TYR H 148 51.28 -58.84 98.36
CA TYR H 148 50.18 -58.17 97.66
C TYR H 148 50.57 -57.72 96.26
N ILE H 149 51.82 -57.29 96.07
CA ILE H 149 52.31 -56.97 94.74
C ILE H 149 52.15 -58.15 93.78
N TYR H 150 52.61 -59.34 94.19
CA TYR H 150 52.48 -60.49 93.31
C TYR H 150 51.07 -61.04 93.23
N LYS H 151 50.30 -60.98 94.32
CA LYS H 151 48.87 -61.30 94.22
C LYS H 151 48.18 -60.42 93.17
N SER H 152 48.54 -59.14 93.13
CA SER H 152 48.07 -58.24 92.08
C SER H 152 48.56 -58.66 90.70
N TRP H 153 49.87 -58.77 90.54
CA TRP H 153 50.47 -59.01 89.23
C TRP H 153 50.06 -60.36 88.64
N LEU H 154 50.05 -61.42 89.46
CA LEU H 154 49.62 -62.72 88.97
C LEU H 154 48.13 -62.75 88.60
N ALA H 155 47.29 -62.00 89.31
CA ALA H 155 45.89 -61.89 88.93
C ALA H 155 45.73 -61.15 87.59
N ILE H 156 46.51 -60.10 87.36
CA ILE H 156 46.45 -59.40 86.07
C ILE H 156 46.84 -60.32 84.93
N GLN H 157 48.01 -60.97 85.03
CA GLN H 157 48.48 -61.85 83.96
C GLN H 157 47.51 -62.99 83.68
N LYS H 158 46.96 -63.61 84.73
CA LYS H 158 45.99 -64.67 84.55
C LYS H 158 44.78 -64.25 83.73
N ARG H 159 44.17 -63.11 84.08
CA ARG H 159 43.01 -62.66 83.32
C ARG H 159 43.36 -62.29 81.88
N LEU H 160 44.48 -61.59 81.67
CA LEU H 160 44.92 -61.30 80.31
C LEU H 160 45.11 -62.56 79.48
N GLN H 161 45.72 -63.59 80.08
CA GLN H 161 45.89 -64.86 79.37
C GLN H 161 44.55 -65.49 79.00
N GLN H 162 43.58 -65.47 79.92
CA GLN H 162 42.25 -65.97 79.62
C GLN H 162 41.58 -65.17 78.50
N GLN H 163 41.76 -63.85 78.51
CA GLN H 163 41.24 -63.02 77.42
C GLN H 163 41.88 -63.37 76.08
N LEU H 164 43.19 -63.61 76.06
CA LEU H 164 43.86 -64.00 74.83
C LEU H 164 43.38 -65.35 74.32
N ASP H 165 43.23 -66.33 75.21
CA ASP H 165 42.70 -67.63 74.81
C ASP H 165 41.25 -67.54 74.34
N GLY H 166 40.41 -66.78 75.04
CA GLY H 166 39.03 -66.63 74.64
C GLY H 166 38.84 -66.00 73.27
N LYS H 167 39.56 -64.90 73.00
CA LYS H 167 39.46 -64.27 71.69
C LYS H 167 40.16 -65.05 70.57
N THR H 168 41.19 -65.82 70.89
CA THR H 168 41.78 -66.69 69.88
C THR H 168 40.81 -67.78 69.43
N ARG H 169 40.03 -68.34 70.36
CA ARG H 169 38.94 -69.24 69.97
C ARG H 169 37.88 -68.53 69.13
N TRP H 170 37.46 -67.32 69.54
CA TRP H 170 36.49 -66.58 68.75
C TRP H 170 36.98 -66.28 67.34
N LEU H 171 38.25 -65.90 67.18
CA LEU H 171 38.79 -65.66 65.84
C LEU H 171 38.69 -66.91 64.96
N GLU H 172 38.88 -68.09 65.54
CA GLU H 172 38.72 -69.32 64.77
C GLU H 172 37.27 -69.57 64.35
N MET H 173 36.32 -69.38 65.26
CA MET H 173 34.91 -69.63 64.98
C MET H 173 34.16 -68.44 64.38
N LEU H 174 34.82 -67.31 64.15
CA LEU H 174 34.23 -66.21 63.38
C LEU H 174 34.49 -66.44 61.89
N ASN H 175 33.53 -67.05 61.21
CA ASN H 175 33.61 -67.29 59.77
C ASN H 175 32.49 -66.55 59.05
N SER H 176 32.82 -65.94 57.91
CA SER H 176 31.82 -65.32 57.04
C SER H 176 30.91 -66.36 56.42
N ASP H 177 29.71 -65.90 56.01
CA ASP H 177 28.75 -66.79 55.36
C ASP H 177 29.32 -67.44 54.10
N ALA H 178 30.17 -66.74 53.36
CA ALA H 178 30.88 -67.40 52.27
C ALA H 178 31.80 -68.50 52.77
N GLU H 179 32.42 -68.31 53.93
CA GLU H 179 33.21 -69.37 54.54
C GLU H 179 32.36 -70.42 55.22
N LEU H 180 31.26 -69.98 55.86
CA LEU H 180 30.33 -70.91 56.50
C LEU H 180 29.62 -71.82 55.52
N VAL H 181 29.37 -71.36 54.29
CA VAL H 181 28.81 -72.25 53.27
C VAL H 181 29.76 -73.41 52.96
N GLU H 182 31.03 -73.10 52.70
CA GLU H 182 32.00 -74.16 52.45
C GLU H 182 32.21 -75.04 53.67
N LEU H 183 32.44 -74.43 54.84
CA LEU H 183 32.77 -75.22 56.02
C LEU H 183 31.59 -75.99 56.59
N SER H 184 30.36 -75.57 56.36
CA SER H 184 29.22 -76.41 56.69
C SER H 184 28.88 -77.40 55.59
N GLY H 185 29.10 -77.04 54.33
CA GLY H 185 28.56 -77.80 53.22
C GLY H 185 27.07 -77.66 53.02
N ASP H 186 26.44 -76.69 53.67
CA ASP H 186 25.00 -76.53 53.65
C ASP H 186 24.66 -75.13 53.15
N THR H 187 23.49 -75.01 52.53
CA THR H 187 23.01 -73.70 52.13
C THR H 187 22.67 -72.87 53.36
N LEU H 188 22.74 -71.54 53.21
CA LEU H 188 22.52 -70.64 54.33
C LEU H 188 21.19 -70.90 55.03
N GLU H 189 20.13 -71.17 54.25
CA GLU H 189 18.85 -71.53 54.86
C GLU H 189 18.94 -72.83 55.65
N ALA H 190 19.78 -73.77 55.22
CA ALA H 190 19.93 -75.02 55.95
C ALA H 190 20.65 -74.84 57.28
N ILE H 191 21.72 -74.06 57.31
CA ILE H 191 22.37 -73.72 58.58
C ILE H 191 21.52 -72.78 59.43
N ARG H 192 20.72 -71.92 58.81
CA ARG H 192 19.76 -71.11 59.58
C ARG H 192 18.75 -71.97 60.31
N VAL H 193 18.21 -73.01 59.65
CA VAL H 193 17.34 -73.96 60.33
C VAL H 193 18.07 -74.72 61.41
N LYS H 194 19.29 -75.19 61.13
CA LYS H 194 20.06 -75.91 62.13
C LYS H 194 20.41 -75.03 63.33
N ALA H 195 20.68 -73.75 63.09
CA ALA H 195 20.86 -72.81 64.19
C ALA H 195 19.58 -72.63 65.00
N ALA H 196 18.43 -72.61 64.33
CA ALA H 196 17.15 -72.54 65.02
C ALA H 196 16.92 -73.75 65.92
N GLU H 197 17.35 -74.94 65.48
CA GLU H 197 17.29 -76.11 66.36
C GLU H 197 18.25 -75.99 67.53
N ILE H 198 19.51 -75.64 67.27
CA ILE H 198 20.51 -75.58 68.35
C ILE H 198 20.16 -74.51 69.38
N LEU H 199 19.61 -73.38 68.92
CA LEU H 199 19.09 -72.39 69.86
C LEU H 199 17.94 -72.95 70.70
N ALA H 200 17.04 -73.70 70.09
CA ALA H 200 15.95 -74.35 70.81
C ALA H 200 16.41 -75.41 71.80
N ILE H 201 17.65 -75.88 71.73
CA ILE H 201 18.20 -76.79 72.72
C ILE H 201 18.99 -76.05 73.80
N ALA H 202 19.73 -75.02 73.41
CA ALA H 202 20.55 -74.28 74.36
C ALA H 202 19.74 -73.34 75.25
N MET H 203 18.46 -73.15 74.95
CA MET H 203 17.59 -72.29 75.74
C MET H 203 17.57 -72.68 77.22
N SER H 232 23.20 -67.18 80.21
CA SER H 232 24.07 -68.34 80.02
C SER H 232 24.00 -68.87 78.61
N LEU H 233 23.06 -68.33 77.82
CA LEU H 233 22.87 -68.81 76.45
C LEU H 233 24.17 -68.70 75.64
N SER H 234 24.86 -67.57 75.77
CA SER H 234 26.13 -67.39 75.07
C SER H 234 27.16 -68.45 75.47
N LYS H 235 27.41 -68.59 76.78
CA LYS H 235 28.31 -69.63 77.27
C LYS H 235 27.85 -71.02 76.86
N THR H 236 26.55 -71.28 76.90
CA THR H 236 26.00 -72.57 76.50
C THR H 236 26.33 -72.88 75.04
N LEU H 237 26.27 -71.86 74.18
CA LEU H 237 26.69 -72.05 72.79
C LEU H 237 28.20 -72.22 72.67
N PHE H 238 28.98 -71.48 73.46
CA PHE H 238 30.43 -71.71 73.49
C PHE H 238 30.77 -73.10 74.02
N ASP H 239 30.02 -73.58 75.01
CA ASP H 239 30.16 -74.97 75.44
C ASP H 239 29.76 -75.94 74.32
N ALA H 240 28.63 -75.67 73.66
CA ALA H 240 28.16 -76.52 72.57
C ALA H 240 29.15 -76.59 71.40
N TYR H 241 29.84 -75.48 71.12
CA TYR H 241 30.75 -75.46 69.97
C TYR H 241 31.91 -76.43 70.12
N GLN H 242 32.55 -76.47 71.29
CA GLN H 242 33.88 -77.07 71.39
C GLN H 242 33.88 -78.55 71.04
N GLU H 243 33.05 -79.34 71.71
CA GLU H 243 33.07 -80.79 71.53
C GLU H 243 32.19 -81.30 70.39
N THR H 244 31.32 -80.47 69.82
CA THR H 244 30.56 -80.84 68.63
C THR H 244 31.46 -80.68 67.41
N GLU H 245 32.11 -81.77 67.02
CA GLU H 245 32.96 -81.76 65.83
C GLU H 245 32.16 -81.81 64.53
N ASP H 246 30.85 -82.06 64.60
CA ASP H 246 29.97 -81.98 63.43
C ASP H 246 29.98 -80.57 62.85
N ILE H 247 30.64 -80.40 61.70
CA ILE H 247 30.83 -79.09 61.09
C ILE H 247 29.53 -78.37 60.74
N LYS H 248 28.43 -79.08 60.54
CA LYS H 248 27.14 -78.40 60.34
C LYS H 248 26.69 -77.69 61.62
N SER H 249 26.56 -78.44 62.71
CA SER H 249 26.18 -77.84 63.98
C SER H 249 27.23 -76.84 64.44
N ARG H 250 28.51 -77.19 64.27
CA ARG H 250 29.61 -76.29 64.59
C ARG H 250 29.53 -74.98 63.82
N SER H 251 29.18 -75.05 62.53
CA SER H 251 28.96 -73.84 61.73
C SER H 251 27.69 -73.12 62.12
N ALA H 252 26.63 -73.86 62.43
CA ALA H 252 25.39 -73.25 62.89
C ALA H 252 25.59 -72.48 64.19
N ILE H 253 26.35 -73.04 65.13
CA ILE H 253 26.71 -72.30 66.34
C ILE H 253 27.53 -71.05 65.99
N SER H 254 28.48 -71.18 65.07
CA SER H 254 29.24 -70.02 64.61
C SER H 254 28.32 -68.94 64.05
N TYR H 255 27.39 -69.33 63.18
CA TYR H 255 26.41 -68.38 62.66
C TYR H 255 25.56 -67.78 63.76
N LEU H 256 25.11 -68.61 64.70
CA LEU H 256 24.28 -68.16 65.82
C LEU H 256 25.04 -67.21 66.75
N LEU H 257 26.32 -67.50 67.02
CA LEU H 257 27.13 -66.60 67.83
C LEU H 257 27.46 -65.28 67.12
N LYS H 258 27.77 -65.32 65.82
CA LYS H 258 28.02 -64.09 65.09
C LYS H 258 26.92 -63.04 65.25
N ASN H 259 25.67 -63.47 65.41
CA ASN H 259 24.54 -62.56 65.50
C ASN H 259 24.15 -62.20 66.93
N GLY H 260 24.98 -62.55 67.91
CA GLY H 260 24.62 -62.29 69.29
C GLY H 260 23.67 -63.32 69.87
N CYS H 261 23.91 -64.60 69.56
CA CYS H 261 23.14 -65.73 70.08
C CYS H 261 21.68 -65.73 69.58
N LYS H 262 21.48 -65.41 68.31
CA LYS H 262 20.12 -65.32 67.80
C LYS H 262 20.13 -65.48 66.28
N LEU H 263 18.95 -65.76 65.73
CA LEU H 263 18.76 -65.82 64.29
C LEU H 263 18.71 -64.43 63.68
N THR H 264 19.17 -64.33 62.44
CA THR H 264 18.99 -63.11 61.66
C THR H 264 18.72 -63.49 60.21
N ASP H 265 17.75 -62.79 59.60
CA ASP H 265 17.40 -63.00 58.21
C ASP H 265 18.29 -62.21 57.24
N LYS H 266 18.76 -61.03 57.65
CA LYS H 266 19.47 -60.14 56.74
C LYS H 266 20.85 -60.66 56.34
N GLU H 267 21.27 -60.25 55.14
CA GLU H 267 22.55 -60.60 54.55
C GLU H 267 23.72 -59.92 55.24
N GLU H 268 24.87 -60.60 55.23
CA GLU H 268 26.11 -60.11 55.82
C GLU H 268 26.80 -59.13 54.88
N ASP H 269 27.03 -57.90 55.37
CA ASP H 269 27.78 -56.89 54.64
C ASP H 269 29.26 -57.25 54.72
N SER H 270 29.82 -57.69 53.59
CA SER H 270 31.14 -58.30 53.58
C SER H 270 32.25 -57.39 54.09
N GLU H 271 32.13 -56.08 53.93
CA GLU H 271 33.16 -55.17 54.46
C GLU H 271 33.01 -54.92 55.95
N LYS H 272 31.78 -54.86 56.46
CA LYS H 272 31.59 -54.80 57.90
C LYS H 272 32.01 -56.10 58.61
N PHE H 273 31.84 -57.26 57.97
CA PHE H 273 32.43 -58.48 58.52
C PHE H 273 33.95 -58.44 58.52
N ALA H 274 34.56 -58.10 57.38
CA ALA H 274 36.02 -58.05 57.30
C ALA H 274 36.61 -57.09 58.32
N LYS H 275 35.95 -55.96 58.55
CA LYS H 275 36.33 -55.05 59.63
C LYS H 275 36.18 -55.69 61.01
N ARG H 276 35.05 -56.38 61.25
CA ARG H 276 34.86 -57.03 62.54
C ARG H 276 35.86 -58.17 62.77
N ARG H 277 36.24 -58.90 61.73
CA ARG H 277 37.35 -59.84 61.87
C ARG H 277 38.66 -59.12 62.21
N ARG H 278 38.96 -58.04 61.49
CA ARG H 278 40.20 -57.30 61.72
C ARG H 278 40.29 -56.73 63.13
N GLN H 279 39.18 -56.26 63.69
CA GLN H 279 39.17 -55.84 65.08
C GLN H 279 39.64 -56.93 66.03
N VAL H 280 39.20 -58.17 65.82
CA VAL H 280 39.59 -59.28 66.68
C VAL H 280 41.09 -59.57 66.56
N GLU H 281 41.64 -59.48 65.36
CA GLU H 281 43.08 -59.65 65.19
C GLU H 281 43.87 -58.59 65.93
N ILE H 282 43.41 -57.34 65.87
CA ILE H 282 44.06 -56.26 66.60
C ILE H 282 43.97 -56.49 68.11
N GLN H 283 42.79 -56.88 68.60
CA GLN H 283 42.61 -57.20 70.01
C GLN H 283 43.52 -58.34 70.46
N ILE H 284 43.61 -59.41 69.67
CA ILE H 284 44.52 -60.50 69.99
C ILE H 284 45.97 -60.01 70.04
N GLN H 285 46.37 -59.20 69.06
CA GLN H 285 47.73 -58.66 69.05
C GLN H 285 48.00 -57.78 70.26
N ARG H 286 47.08 -56.87 70.58
CA ARG H 286 47.24 -55.98 71.73
C ARG H 286 47.22 -56.73 73.06
N LEU H 287 46.43 -57.79 73.17
CA LEU H 287 46.52 -58.67 74.34
C LEU H 287 47.86 -59.41 74.39
N THR H 288 48.32 -59.93 73.26
CA THR H 288 49.63 -60.56 73.20
C THR H 288 50.76 -59.61 73.61
N GLU H 289 50.68 -58.35 73.22
CA GLU H 289 51.68 -57.37 73.65
C GLU H 289 51.58 -57.03 75.13
N LYS H 290 50.36 -56.86 75.66
CA LYS H 290 50.19 -56.60 77.10
C LYS H 290 50.72 -57.73 77.98
N LEU H 291 50.69 -58.97 77.50
CA LEU H 291 51.27 -60.12 78.21
C LEU H 291 52.80 -60.15 78.22
N ILE H 292 53.48 -59.15 77.65
CA ILE H 292 54.92 -59.00 77.80
C ILE H 292 55.23 -57.95 78.88
N SER H 293 54.37 -57.88 79.90
CA SER H 293 54.60 -56.99 81.03
C SER H 293 55.88 -57.32 81.78
N ARG H 294 56.52 -56.27 82.30
CA ARG H 294 57.68 -56.42 83.17
C ARG H 294 57.30 -57.02 84.53
N MET H 295 58.25 -57.72 85.13
CA MET H 295 58.18 -58.04 86.54
C MET H 295 58.30 -56.80 87.43
N PRO H 296 57.59 -56.79 88.58
CA PRO H 296 57.62 -55.64 89.50
C PRO H 296 59.01 -55.15 89.89
N LYS H 297 59.27 -53.86 89.65
CA LYS H 297 60.62 -53.33 89.58
C LYS H 297 61.25 -52.97 90.92
N GLY H 298 60.48 -52.76 91.98
CA GLY H 298 61.05 -52.31 93.25
C GLY H 298 61.39 -50.83 93.29
N ARG H 299 62.05 -50.43 94.38
CA ARG H 299 62.42 -49.02 94.64
C ARG H 299 63.85 -48.97 95.16
N ASP H 300 64.81 -48.78 94.27
CA ASP H 300 66.19 -48.51 94.70
C ASP H 300 66.30 -47.03 95.05
N LEU H 301 66.52 -46.74 96.33
CA LEU H 301 66.64 -45.36 96.78
C LEU H 301 68.06 -44.82 96.70
N THR H 302 69.06 -45.69 96.56
CA THR H 302 70.43 -45.24 96.39
C THR H 302 70.72 -44.88 94.94
N ASN H 303 70.10 -45.59 93.99
CA ASN H 303 70.32 -45.42 92.57
C ASN H 303 71.77 -45.68 92.18
N ALA H 304 72.37 -46.68 92.83
CA ALA H 304 73.77 -47.00 92.59
C ALA H 304 73.99 -47.40 91.13
N LYS H 305 73.01 -48.10 90.54
CA LYS H 305 73.09 -48.50 89.14
C LYS H 305 73.20 -47.32 88.19
N TRP H 306 72.56 -46.19 88.52
CA TRP H 306 72.66 -45.02 87.66
C TRP H 306 74.07 -44.44 87.66
N LEU H 307 74.68 -44.28 88.83
CA LEU H 307 76.00 -43.68 88.89
C LEU H 307 77.07 -44.59 88.28
N GLU H 308 77.03 -45.89 88.57
CA GLU H 308 77.99 -46.80 87.95
C GLU H 308 77.80 -46.92 86.44
N THR H 309 76.55 -46.82 85.96
CA THR H 309 76.32 -46.79 84.52
C THR H 309 76.85 -45.52 83.89
N LEU H 310 76.69 -44.39 84.57
CA LEU H 310 77.26 -43.14 84.08
C LEU H 310 78.77 -43.22 83.95
N LEU H 311 79.45 -43.75 84.97
CA LEU H 311 80.90 -43.93 84.89
C LEU H 311 81.30 -44.91 83.79
N THR H 312 80.51 -45.96 83.59
CA THR H 312 80.77 -46.92 82.53
C THR H 312 80.61 -46.29 81.16
N ALA H 313 79.45 -45.69 80.90
CA ALA H 313 79.15 -45.14 79.58
C ALA H 313 80.09 -44.01 79.19
N THR H 314 80.65 -43.28 80.15
CA THR H 314 81.56 -42.19 79.84
C THR H 314 83.01 -42.61 79.62
N THR H 315 83.42 -43.77 80.13
CA THR H 315 84.82 -44.17 80.03
C THR H 315 85.04 -45.45 79.22
N THR H 316 83.98 -46.11 78.76
CA THR H 316 84.08 -47.39 78.08
C THR H 316 83.50 -47.27 76.68
N VAL H 317 84.15 -47.92 75.72
CA VAL H 317 83.55 -48.13 74.41
C VAL H 317 82.40 -49.10 74.53
N ALA H 318 81.24 -48.72 73.99
CA ALA H 318 80.14 -49.66 73.87
C ALA H 318 80.48 -50.73 72.85
N GLU H 319 80.25 -51.99 73.22
CA GLU H 319 80.57 -53.09 72.32
C GLU H 319 79.71 -53.07 71.07
N ASP H 320 78.49 -52.57 71.18
CA ASP H 320 77.62 -52.41 70.02
C ASP H 320 76.55 -51.38 70.36
N ASN H 321 75.61 -51.18 69.43
CA ASN H 321 74.51 -50.25 69.67
C ASN H 321 73.56 -50.71 70.76
N ALA H 322 73.41 -52.02 70.96
CA ALA H 322 72.45 -52.50 71.95
C ALA H 322 72.93 -52.29 73.39
N GLN H 323 74.24 -52.38 73.64
CA GLN H 323 74.78 -51.99 74.94
C GLN H 323 74.59 -50.51 75.21
N ALA H 324 74.95 -49.66 74.26
CA ALA H 324 74.76 -48.22 74.39
C ALA H 324 73.29 -47.85 74.59
N LYS H 325 72.37 -48.58 73.95
CA LYS H 325 70.95 -48.32 74.17
C LYS H 325 70.53 -48.71 75.58
N ARG H 326 70.96 -49.88 76.04
CA ARG H 326 70.74 -50.27 77.43
C ARG H 326 71.35 -49.27 78.43
N TRP H 327 72.53 -48.72 78.13
CA TRP H 327 73.09 -47.67 78.97
C TRP H 327 72.17 -46.45 79.00
N GLN H 328 71.72 -45.98 77.84
CA GLN H 328 70.80 -44.85 77.78
C GLN H 328 69.52 -45.12 78.57
N ASP H 329 68.94 -46.31 78.42
CA ASP H 329 67.71 -46.63 79.13
C ASP H 329 67.88 -46.56 80.64
N ILE H 330 69.04 -46.96 81.16
CA ILE H 330 69.34 -46.79 82.58
C ILE H 330 69.52 -45.32 82.93
N LEU H 331 70.31 -44.59 82.15
CA LEU H 331 70.60 -43.20 82.45
C LEU H 331 69.35 -42.31 82.45
N LEU H 332 68.34 -42.65 81.65
CA LEU H 332 67.10 -41.90 81.66
C LEU H 332 66.16 -42.30 82.81
N THR H 333 66.38 -43.44 83.44
CA THR H 333 65.50 -43.91 84.51
C THR H 333 65.57 -42.97 85.72
N ARG H 334 64.39 -42.54 86.19
CA ARG H 334 64.31 -41.61 87.30
C ARG H 334 64.46 -42.31 88.64
N SER H 335 65.10 -41.62 89.58
CA SER H 335 65.32 -42.13 90.93
C SER H 335 64.06 -42.14 91.79
N SER H 336 63.82 -43.26 92.48
CA SER H 336 62.79 -43.30 93.52
C SER H 336 63.25 -42.55 94.76
N SER H 337 62.49 -41.54 95.16
CA SER H 337 62.78 -40.78 96.38
C SER H 337 62.39 -41.53 97.65
N LEU H 338 61.20 -42.15 97.68
CA LEU H 338 60.52 -42.52 98.91
C LEU H 338 60.51 -44.03 99.13
N PRO H 339 60.76 -44.48 100.37
CA PRO H 339 60.60 -45.91 100.69
C PRO H 339 59.17 -46.37 100.56
N PHE H 340 59.01 -47.69 100.44
CA PHE H 340 57.70 -48.30 100.60
C PHE H 340 57.11 -47.97 101.96
N PRO H 341 55.82 -47.69 102.04
CA PRO H 341 55.17 -47.51 103.34
C PRO H 341 55.21 -48.79 104.18
N LEU H 342 55.03 -48.61 105.48
CA LEU H 342 54.77 -49.71 106.39
C LEU H 342 53.28 -50.03 106.44
N VAL H 343 52.97 -51.31 106.58
CA VAL H 343 51.60 -51.81 106.67
C VAL H 343 51.42 -52.51 108.01
N PHE H 344 50.40 -52.12 108.76
CA PHE H 344 50.06 -52.73 110.04
C PHE H 344 48.68 -53.37 109.93
N GLU H 345 48.64 -54.66 109.58
CA GLU H 345 47.39 -55.38 109.45
C GLU H 345 46.73 -55.73 110.79
N THR H 346 47.44 -55.62 111.90
CA THR H 346 46.84 -55.75 113.23
C THR H 346 46.49 -54.36 113.74
N ASN H 347 45.19 -54.09 113.88
CA ASN H 347 44.75 -52.77 114.32
C ASN H 347 45.30 -52.42 115.70
N GLU H 348 45.46 -53.40 116.58
CA GLU H 348 46.03 -53.19 117.89
C GLU H 348 47.56 -53.07 117.89
N ASP H 349 48.21 -53.15 116.74
CA ASP H 349 49.61 -52.74 116.68
C ASP H 349 49.78 -51.24 116.57
N MET H 350 48.68 -50.50 116.45
CA MET H 350 48.66 -49.07 116.73
C MET H 350 48.05 -48.85 118.11
N VAL H 351 48.86 -48.32 119.03
CA VAL H 351 48.44 -48.13 120.41
C VAL H 351 48.22 -46.64 120.62
N TRP H 352 46.98 -46.28 120.90
CA TRP H 352 46.55 -44.90 121.03
C TRP H 352 46.64 -44.42 122.47
N SER H 353 46.86 -43.12 122.62
CA SER H 353 46.90 -42.48 123.94
C SER H 353 46.61 -40.99 123.75
N LYS H 354 46.34 -40.33 124.86
CA LYS H 354 46.23 -38.88 124.90
C LYS H 354 47.32 -38.32 125.81
N ASN H 355 48.15 -37.42 125.27
CA ASN H 355 49.19 -36.81 126.08
C ASN H 355 48.60 -35.78 127.06
N GLN H 356 49.45 -35.25 127.94
CA GLN H 356 48.99 -34.28 128.93
C GLN H 356 48.56 -32.96 128.31
N LYS H 357 49.07 -32.63 127.12
CA LYS H 357 48.57 -31.50 126.35
C LYS H 357 47.29 -31.83 125.61
N GLY H 358 46.72 -33.01 125.85
CA GLY H 358 45.41 -33.38 125.35
C GLY H 358 45.37 -33.85 123.91
N ARG H 359 46.51 -34.03 123.25
CA ARG H 359 46.53 -34.47 121.87
C ARG H 359 46.54 -35.99 121.82
N LEU H 360 45.76 -36.55 120.89
CA LEU H 360 45.84 -37.97 120.57
C LEU H 360 47.24 -38.32 120.06
N CYS H 361 47.77 -39.43 120.56
CA CYS H 361 49.08 -39.92 120.19
C CYS H 361 48.98 -41.40 119.81
N VAL H 362 49.94 -41.85 119.02
CA VAL H 362 50.02 -43.25 118.62
C VAL H 362 51.48 -43.68 118.64
N HIS H 363 51.70 -44.94 119.01
CA HIS H 363 52.97 -45.62 118.74
C HIS H 363 52.68 -47.00 118.17
N PHE H 364 53.67 -47.55 117.48
CA PHE H 364 53.55 -48.78 116.70
C PHE H 364 54.33 -49.91 117.37
N ASN H 365 53.74 -51.11 117.33
CA ASN H 365 54.36 -52.32 117.88
C ASN H 365 55.77 -52.51 117.36
N GLY H 366 56.72 -52.57 118.29
CA GLY H 366 58.13 -52.67 118.01
C GLY H 366 58.87 -51.36 118.05
N LEU H 367 58.16 -50.25 118.17
CA LEU H 367 58.70 -48.90 118.14
C LEU H 367 58.02 -48.01 119.18
N SER H 368 57.62 -48.59 120.31
CA SER H 368 56.88 -47.86 121.35
C SER H 368 57.63 -46.64 121.87
N ASP H 369 58.96 -46.63 121.81
CA ASP H 369 59.68 -45.42 122.20
C ASP H 369 59.42 -44.22 121.30
N LEU H 370 58.99 -44.43 120.05
CA LEU H 370 58.66 -43.32 119.17
C LEU H 370 57.18 -42.99 119.30
N ILE H 371 56.87 -41.96 120.07
CA ILE H 371 55.52 -41.44 120.17
C ILE H 371 55.30 -40.43 119.04
N PHE H 372 54.26 -40.64 118.25
CA PHE H 372 53.83 -39.70 117.23
C PHE H 372 52.53 -39.04 117.63
N GLU H 373 52.45 -37.73 117.43
CA GLU H 373 51.27 -36.95 117.74
C GLU H 373 50.38 -36.80 116.50
N VAL H 374 49.09 -36.99 116.70
CA VAL H 374 48.09 -36.94 115.64
C VAL H 374 47.69 -35.50 115.36
N TYR H 375 47.84 -35.08 114.12
CA TYR H 375 47.45 -33.76 113.63
C TYR H 375 46.47 -33.94 112.47
N CYS H 376 45.19 -33.76 112.75
CA CYS H 376 44.13 -34.13 111.83
C CYS H 376 43.12 -32.99 111.73
N GLY H 377 42.36 -33.02 110.63
CA GLY H 377 41.17 -32.21 110.55
C GLY H 377 40.07 -32.73 111.45
N ASN H 378 39.28 -31.80 111.99
CA ASN H 378 38.15 -32.17 112.83
C ASN H 378 37.17 -33.09 112.10
N ARG H 379 37.03 -32.94 110.78
CA ARG H 379 36.20 -33.82 109.98
C ARG H 379 36.63 -35.29 110.04
N GLN H 380 37.85 -35.57 110.49
CA GLN H 380 38.28 -36.94 110.77
C GLN H 380 38.52 -37.24 112.24
N LEU H 381 38.59 -36.21 113.10
CA LEU H 381 38.96 -36.39 114.50
C LEU H 381 38.11 -37.44 115.22
N HIS H 382 36.80 -37.46 114.94
CA HIS H 382 35.90 -38.43 115.56
C HIS H 382 36.30 -39.89 115.29
N TRP H 383 36.95 -40.19 114.16
CA TRP H 383 37.51 -41.52 113.96
C TRP H 383 38.70 -41.80 114.87
N PHE H 384 39.66 -40.88 114.95
CA PHE H 384 40.82 -41.09 115.81
C PHE H 384 40.47 -41.13 117.28
N GLN H 385 39.48 -40.35 117.70
CA GLN H 385 38.93 -40.49 119.04
C GLN H 385 38.30 -41.86 119.27
N ARG H 386 37.58 -42.37 118.27
CA ARG H 386 37.01 -43.70 118.36
C ARG H 386 38.07 -44.79 118.53
N PHE H 387 39.22 -44.64 117.88
CA PHE H 387 40.28 -45.64 118.02
C PHE H 387 40.78 -45.75 119.46
N LEU H 388 40.91 -44.64 120.16
CA LEU H 388 41.21 -44.68 121.59
C LEU H 388 40.07 -45.28 122.41
N GLU H 389 38.83 -44.87 122.15
CA GLU H 389 37.69 -45.41 122.90
C GLU H 389 37.54 -46.92 122.70
N ASP H 390 37.74 -47.42 121.48
CA ASP H 390 37.72 -48.86 121.24
C ASP H 390 38.83 -49.57 121.99
N GLN H 391 40.02 -49.01 121.98
CA GLN H 391 41.15 -49.57 122.73
C GLN H 391 40.87 -49.60 124.24
N GLN H 392 40.36 -48.51 124.78
CA GLN H 392 40.05 -48.44 126.21
C GLN H 392 38.90 -49.38 126.61
N THR H 393 37.90 -49.53 125.74
CA THR H 393 36.80 -50.45 126.03
C THR H 393 37.28 -51.89 126.23
N LYS H 394 38.15 -52.37 125.36
CA LYS H 394 38.65 -53.74 125.48
C LYS H 394 39.62 -53.92 126.64
N ARG H 395 40.38 -52.88 127.00
CA ARG H 395 41.19 -52.95 128.21
C ARG H 395 40.33 -52.96 129.47
N LYS H 396 39.28 -52.15 129.53
CA LYS H 396 38.41 -52.16 130.70
C LYS H 396 37.70 -53.51 130.86
N SER H 397 37.36 -54.18 129.77
CA SER H 397 36.75 -55.50 129.85
C SER H 397 37.78 -56.63 129.90
N LYS H 398 39.05 -56.30 130.11
CA LYS H 398 40.12 -57.30 130.23
C LYS H 398 40.19 -58.21 129.01
N ASN H 399 40.01 -57.62 127.83
CA ASN H 399 39.99 -58.30 126.53
C ASN H 399 38.79 -59.21 126.33
N GLN H 400 37.70 -59.01 127.05
CA GLN H 400 36.47 -59.72 126.72
C GLN H 400 35.76 -59.18 125.49
N HIS H 401 36.12 -57.99 125.02
CA HIS H 401 35.71 -57.57 123.68
C HIS H 401 36.66 -58.11 122.63
N SER H 402 36.19 -58.14 121.39
CA SER H 402 37.01 -58.55 120.25
C SER H 402 37.44 -57.33 119.45
N SER H 403 38.73 -57.24 119.13
CA SER H 403 39.21 -56.27 118.15
C SER H 403 38.75 -56.58 116.73
N GLY H 404 38.11 -57.74 116.52
CA GLY H 404 37.37 -58.00 115.29
C GLY H 404 36.24 -57.02 115.01
N LEU H 405 35.76 -56.31 116.02
CA LEU H 405 34.79 -55.24 115.85
C LEU H 405 35.36 -53.86 116.15
N PHE H 406 36.68 -53.73 116.29
CA PHE H 406 37.30 -52.40 116.32
C PHE H 406 37.06 -51.65 115.02
N THR H 407 36.66 -50.39 115.14
CA THR H 407 36.37 -49.57 113.98
C THR H 407 37.58 -49.45 113.06
N LEU H 408 38.76 -49.31 113.65
CA LEU H 408 40.02 -49.38 112.92
C LEU H 408 40.30 -50.79 112.40
N ARG H 409 40.62 -50.89 111.12
CA ARG H 409 40.92 -52.16 110.46
C ARG H 409 42.41 -52.37 110.25
N ASN H 410 43.11 -51.42 109.65
CA ASN H 410 44.56 -51.49 109.48
C ASN H 410 45.10 -50.07 109.29
N GLY H 411 46.43 -49.95 109.35
CA GLY H 411 47.09 -48.69 109.07
C GLY H 411 48.20 -48.82 108.07
N HIS H 412 48.38 -47.80 107.25
CA HIS H 412 49.57 -47.59 106.45
C HIS H 412 50.32 -46.37 106.93
N LEU H 413 51.63 -46.49 107.09
CA LEU H 413 52.49 -45.40 107.52
C LEU H 413 53.36 -44.96 106.35
N VAL H 414 53.19 -43.72 105.91
CA VAL H 414 53.66 -43.26 104.61
C VAL H 414 54.43 -41.97 104.82
N TRP H 415 55.51 -41.79 104.08
CA TRP H 415 56.15 -40.49 103.92
C TRP H 415 55.56 -39.80 102.69
N LEU H 416 54.97 -38.63 102.87
CA LEU H 416 54.54 -37.80 101.77
C LEU H 416 55.68 -36.89 101.32
N GLU H 417 55.88 -36.83 100.01
CA GLU H 417 56.97 -36.03 99.46
C GLU H 417 56.79 -34.55 99.79
N GLY H 418 57.79 -33.98 100.46
CA GLY H 418 57.77 -32.58 100.77
C GLY H 418 58.36 -31.74 99.66
N GLU H 419 57.86 -30.51 99.54
CA GLU H 419 58.51 -29.52 98.69
C GLU H 419 59.73 -28.93 99.37
N GLY H 420 60.69 -28.48 98.55
CA GLY H 420 61.89 -27.84 99.04
C GLY H 420 63.07 -28.75 99.31
N LYS H 421 63.83 -28.46 100.36
CA LYS H 421 65.09 -29.15 100.62
C LYS H 421 65.21 -29.47 102.11
N GLY H 422 66.04 -30.46 102.40
CA GLY H 422 66.33 -30.84 103.77
C GLY H 422 66.78 -32.28 103.82
N GLU H 423 67.11 -32.72 105.02
CA GLU H 423 67.19 -34.15 105.27
C GLU H 423 65.82 -34.78 105.08
N PRO H 424 65.74 -35.99 104.53
CA PRO H 424 64.44 -36.51 104.10
C PRO H 424 63.44 -36.69 105.23
N TRP H 425 63.92 -37.04 106.43
CA TRP H 425 63.04 -37.11 107.59
C TRP H 425 62.53 -35.74 108.04
N ASN H 426 63.17 -34.67 107.61
CA ASN H 426 62.66 -33.32 107.83
C ASN H 426 61.86 -32.80 106.65
N LEU H 427 62.35 -33.04 105.43
CA LEU H 427 61.66 -32.59 104.23
C LEU H 427 60.28 -33.24 104.09
N HIS H 428 60.23 -34.56 104.14
CA HIS H 428 58.99 -35.29 103.91
C HIS H 428 58.14 -35.37 105.17
N HIS H 429 56.83 -35.46 104.96
CA HIS H 429 55.85 -35.40 106.04
C HIS H 429 55.28 -36.78 106.31
N LEU H 430 55.46 -37.25 107.53
CA LEU H 430 54.96 -38.57 107.93
C LEU H 430 53.45 -38.54 108.08
N THR H 431 52.78 -39.48 107.43
CA THR H 431 51.32 -39.52 107.32
C THR H 431 50.85 -40.92 107.63
N LEU H 432 49.80 -41.03 108.45
CA LEU H 432 49.16 -42.30 108.75
C LEU H 432 47.84 -42.39 108.01
N TYR H 433 47.65 -43.46 107.27
CA TYR H 433 46.39 -43.76 106.61
C TYR H 433 45.73 -44.93 107.32
N CYS H 434 44.54 -44.71 107.86
CA CYS H 434 43.79 -45.74 108.57
C CYS H 434 42.61 -46.19 107.72
N CYS H 435 42.51 -47.49 107.48
CA CYS H 435 41.27 -48.06 106.99
C CYS H 435 40.29 -48.25 108.14
N VAL H 436 39.06 -47.81 107.93
CA VAL H 436 37.95 -48.08 108.83
C VAL H 436 36.83 -48.71 108.01
N ASP H 437 35.99 -49.49 108.68
CA ASP H 437 34.74 -49.94 108.08
C ASP H 437 33.64 -49.04 108.63
N ASN H 438 32.97 -48.33 107.72
CA ASN H 438 31.97 -47.33 108.11
C ASN H 438 30.80 -47.93 108.87
N ARG H 439 30.51 -49.21 108.66
CA ARG H 439 29.43 -49.87 109.39
C ARG H 439 29.71 -49.95 110.89
N LEU H 440 30.96 -50.13 111.27
CA LEU H 440 31.33 -50.19 112.67
C LEU H 440 31.18 -48.88 113.43
N TRP H 441 30.86 -47.77 112.77
CA TRP H 441 30.54 -46.56 113.50
C TRP H 441 29.29 -46.72 114.35
N THR H 442 28.20 -47.21 113.77
CA THR H 442 26.94 -47.31 114.48
C THR H 442 26.79 -48.68 115.14
N GLU H 443 25.88 -48.75 116.10
CA GLU H 443 25.53 -50.03 116.72
C GLU H 443 24.80 -50.96 115.76
N GLU H 444 23.87 -50.44 114.97
CA GLU H 444 23.15 -51.26 114.00
C GLU H 444 24.09 -51.82 112.93
N GLY H 445 24.98 -50.98 112.39
CA GLY H 445 25.99 -51.47 111.49
C GLY H 445 26.99 -52.43 112.09
N THR H 446 27.33 -52.25 113.37
CA THR H 446 28.18 -53.22 114.05
C THR H 446 27.50 -54.58 114.17
N GLU H 447 26.19 -54.61 114.42
CA GLU H 447 25.47 -55.88 114.38
C GLU H 447 25.50 -56.54 113.00
N ILE H 448 25.44 -55.74 111.94
CA ILE H 448 25.61 -56.30 110.60
C ILE H 448 26.98 -56.97 110.45
N VAL H 449 28.03 -56.26 110.87
CA VAL H 449 29.38 -56.82 110.79
C VAL H 449 29.54 -58.03 111.70
N ARG H 450 28.95 -57.99 112.90
CA ARG H 450 29.05 -59.11 113.83
C ARG H 450 28.49 -60.40 113.21
N GLN H 451 27.32 -60.33 112.56
CA GLN H 451 26.76 -61.52 111.94
C GLN H 451 27.61 -62.00 110.77
N GLU H 452 28.09 -61.06 109.95
CA GLU H 452 29.02 -61.38 108.88
C GLU H 452 30.29 -62.06 109.40
N LYS H 453 30.84 -61.55 110.50
CA LYS H 453 31.98 -62.21 111.15
C LYS H 453 31.61 -63.60 111.69
N ALA H 454 30.48 -63.70 112.38
CA ALA H 454 30.10 -64.97 113.00
C ALA H 454 29.86 -66.07 111.97
N ASP H 455 29.16 -65.75 110.89
CA ASP H 455 28.92 -66.72 109.83
C ASP H 455 30.22 -67.16 109.17
N GLU H 456 31.11 -66.22 108.87
CA GLU H 456 32.39 -66.55 108.26
C GLU H 456 33.26 -67.43 109.17
N ILE H 457 33.30 -67.12 110.47
CA ILE H 457 34.13 -67.92 111.39
C ILE H 457 33.52 -69.27 111.69
N THR H 458 32.19 -69.35 111.81
CA THR H 458 31.54 -70.65 111.97
C THR H 458 31.74 -71.56 110.76
N LYS H 459 31.68 -70.99 109.56
CA LYS H 459 32.08 -71.72 108.37
C LYS H 459 33.53 -72.20 108.47
N PHE H 460 34.45 -71.30 108.81
CA PHE H 460 35.86 -71.65 108.93
C PHE H 460 36.09 -72.78 109.92
N ILE H 461 35.56 -72.67 111.15
CA ILE H 461 35.79 -73.70 112.16
C ILE H 461 35.23 -75.04 111.72
N THR H 462 34.06 -75.04 111.10
CA THR H 462 33.48 -76.29 110.61
C THR H 462 34.35 -76.92 109.52
N ASN H 463 34.81 -76.11 108.56
CA ASN H 463 35.60 -76.67 107.47
C ASN H 463 37.02 -77.00 107.86
N MET H 464 37.59 -76.27 108.83
CA MET H 464 39.02 -76.46 109.12
C MET H 464 39.28 -77.80 109.78
N LYS H 465 38.34 -78.28 110.59
CA LYS H 465 38.46 -79.59 111.21
C LYS H 465 37.89 -80.68 110.30
N SER H 471 47.43 -80.18 113.50
CA SER H 471 48.64 -79.87 114.23
C SER H 471 48.34 -78.98 115.43
N ASP H 472 49.33 -78.81 116.30
CA ASP H 472 49.15 -78.00 117.49
C ASP H 472 48.84 -76.55 117.15
N THR H 473 49.57 -75.99 116.19
CA THR H 473 49.32 -74.61 115.77
C THR H 473 48.03 -74.46 114.95
N GLN H 474 47.60 -75.51 114.26
CA GLN H 474 46.27 -75.49 113.65
C GLN H 474 45.14 -75.63 114.67
N GLN H 475 45.37 -76.37 115.75
CA GLN H 475 44.40 -76.37 116.85
C GLN H 475 44.39 -75.04 117.59
N ALA H 476 45.53 -74.37 117.71
CA ALA H 476 45.58 -73.02 118.25
C ALA H 476 44.84 -72.02 117.37
N LEU H 477 44.91 -72.19 116.05
CA LEU H 477 44.08 -71.39 115.14
C LEU H 477 42.59 -71.55 115.41
N ILE H 478 42.13 -72.79 115.55
CA ILE H 478 40.73 -73.03 115.93
C ILE H 478 40.37 -72.33 117.23
N GLN H 479 41.24 -72.42 118.23
CA GLN H 479 40.94 -71.81 119.52
C GLN H 479 40.86 -70.28 119.45
N ARG H 480 41.76 -69.65 118.68
CA ARG H 480 41.64 -68.21 118.43
C ARG H 480 40.37 -67.85 117.68
N LYS H 481 39.98 -68.66 116.69
CA LYS H 481 38.73 -68.41 115.98
C LYS H 481 37.52 -68.54 116.89
N GLN H 482 37.50 -69.57 117.74
CA GLN H 482 36.44 -69.74 118.72
C GLN H 482 36.41 -68.63 119.76
N SER H 483 37.57 -68.13 120.18
CA SER H 483 37.59 -66.94 121.04
C SER H 483 37.00 -65.72 120.36
N THR H 484 37.34 -65.49 119.09
CA THR H 484 36.74 -64.39 118.35
C THR H 484 35.21 -64.54 118.29
N LEU H 485 34.74 -65.72 117.90
CA LEU H 485 33.31 -65.98 117.79
C LEU H 485 32.57 -65.78 119.10
N THR H 486 33.21 -66.06 120.22
CA THR H 486 32.60 -65.77 121.53
C THR H 486 32.58 -64.28 121.82
N ARG H 487 33.69 -63.59 121.59
CA ARG H 487 33.85 -62.21 122.04
C ARG H 487 33.17 -61.18 121.14
N ILE H 488 32.89 -61.49 119.88
CA ILE H 488 32.15 -60.54 119.06
C ILE H 488 30.73 -60.31 119.56
N ASN H 489 30.22 -61.19 120.43
CA ASN H 489 28.92 -60.98 121.03
C ASN H 489 28.88 -59.81 122.02
N ASN H 490 30.01 -59.44 122.61
CA ASN H 490 30.06 -58.32 123.54
C ASN H 490 29.98 -56.98 122.81
N SER H 491 29.01 -56.15 123.21
CA SER H 491 28.73 -54.88 122.55
C SER H 491 29.66 -53.75 122.97
N PHE H 492 29.99 -52.89 122.00
CA PHE H 492 30.74 -51.66 122.22
C PHE H 492 29.88 -50.46 122.59
N GLU H 493 28.55 -50.60 122.61
CA GLU H 493 27.62 -49.52 122.97
C GLU H 493 27.80 -48.27 122.09
N ARG H 494 27.71 -48.47 120.80
CA ARG H 494 27.98 -47.44 119.80
C ARG H 494 26.75 -46.58 119.53
N PRO H 495 26.92 -45.42 118.89
CA PRO H 495 25.77 -44.60 118.48
C PRO H 495 24.75 -45.37 117.66
N SER H 496 23.48 -45.18 117.99
CA SER H 496 22.36 -45.78 117.26
C SER H 496 21.89 -44.86 116.14
N GLN H 497 21.96 -45.35 114.91
CA GLN H 497 21.33 -44.72 113.75
C GLN H 497 20.61 -45.79 112.95
N PRO H 498 19.27 -45.77 112.92
CA PRO H 498 18.52 -46.77 112.14
C PRO H 498 18.97 -46.88 110.70
N LEU H 499 19.08 -48.12 110.22
CA LEU H 499 19.54 -48.40 108.87
C LEU H 499 18.57 -47.85 107.84
N TYR H 500 19.13 -47.39 106.71
CA TYR H 500 18.32 -46.95 105.58
C TYR H 500 17.40 -48.06 105.08
N GLN H 501 16.15 -47.69 104.80
CA GLN H 501 15.16 -48.59 104.20
C GLN H 501 14.75 -48.02 102.85
N GLY H 502 15.08 -48.72 101.77
CA GLY H 502 14.69 -48.33 100.43
C GLY H 502 13.71 -49.30 99.81
N GLN H 503 12.78 -48.77 99.02
CA GLN H 503 11.78 -49.58 98.35
C GLN H 503 12.41 -50.42 97.24
N SER H 504 12.20 -51.73 97.31
CA SER H 504 12.77 -52.66 96.34
C SER H 504 12.33 -52.38 94.90
N HIS H 505 11.14 -51.82 94.71
CA HIS H 505 10.63 -51.53 93.37
C HIS H 505 11.08 -50.19 92.81
N ILE H 506 11.82 -49.38 93.56
CA ILE H 506 12.33 -48.10 93.08
C ILE H 506 13.82 -48.22 92.87
N LEU H 507 14.28 -47.93 91.64
CA LEU H 507 15.68 -48.04 91.27
C LEU H 507 16.13 -46.74 90.63
N VAL H 508 17.39 -46.39 90.83
CA VAL H 508 18.05 -45.33 90.09
C VAL H 508 19.00 -45.94 89.06
N GLY H 509 18.74 -45.73 87.78
CA GLY H 509 19.68 -46.08 86.73
C GLY H 509 20.60 -44.91 86.45
N VAL H 510 21.89 -45.19 86.35
CA VAL H 510 22.90 -44.17 86.05
C VAL H 510 23.55 -44.50 84.71
N SER H 511 23.18 -43.76 83.68
CA SER H 511 23.82 -43.87 82.37
C SER H 511 25.17 -43.14 82.37
N LEU H 512 26.21 -43.82 81.92
CA LEU H 512 27.55 -43.25 81.82
C LEU H 512 27.94 -43.08 80.36
N GLY H 513 28.40 -41.90 80.00
CA GLY H 513 28.81 -41.65 78.63
C GLY H 513 30.01 -40.73 78.56
N LEU H 514 30.68 -40.79 77.41
CA LEU H 514 31.86 -39.95 77.17
C LEU H 514 31.50 -38.48 77.16
N GLU H 515 30.35 -38.12 76.58
CA GLU H 515 29.93 -36.73 76.50
C GLU H 515 29.21 -36.30 77.77
N LYS H 516 28.35 -37.14 78.31
CA LYS H 516 27.61 -36.84 79.54
C LYS H 516 28.02 -37.84 80.60
N PRO H 517 28.96 -37.50 81.48
CA PRO H 517 29.50 -38.47 82.43
C PRO H 517 28.46 -39.25 83.21
N ALA H 518 27.41 -38.61 83.69
CA ALA H 518 26.30 -39.32 84.31
C ALA H 518 24.97 -38.70 83.93
N THR H 519 23.96 -39.56 83.79
CA THR H 519 22.56 -39.19 83.70
C THR H 519 21.78 -40.21 84.53
N VAL H 520 20.79 -39.75 85.27
CA VAL H 520 20.06 -40.66 86.14
C VAL H 520 18.58 -40.65 85.82
N ALA H 521 17.95 -41.82 85.95
CA ALA H 521 16.51 -41.99 85.95
C ALA H 521 16.08 -42.72 87.21
N VAL H 522 15.19 -42.12 87.98
CA VAL H 522 14.48 -42.83 89.04
C VAL H 522 13.27 -43.50 88.42
N VAL H 523 13.20 -44.82 88.50
CA VAL H 523 12.12 -45.59 87.88
C VAL H 523 11.33 -46.31 88.97
N ASP H 524 10.02 -46.21 88.89
CA ASP H 524 9.11 -47.08 89.64
C ASP H 524 8.81 -48.28 88.77
N ALA H 525 9.45 -49.41 89.07
CA ALA H 525 9.53 -50.50 88.11
C ALA H 525 8.25 -51.30 88.01
N ILE H 526 7.50 -51.45 89.12
CA ILE H 526 6.21 -52.13 89.03
C ILE H 526 5.18 -51.26 88.32
N ALA H 527 5.34 -49.94 88.37
CA ALA H 527 4.53 -49.02 87.57
C ALA H 527 5.10 -48.78 86.19
N ASN H 528 6.35 -49.17 85.95
CA ASN H 528 7.07 -48.89 84.70
C ASN H 528 7.09 -47.41 84.36
N LYS H 529 7.24 -46.55 85.36
CA LYS H 529 7.22 -45.11 85.15
C LYS H 529 8.47 -44.49 85.73
N VAL H 530 8.97 -43.46 85.06
CA VAL H 530 10.08 -42.66 85.57
C VAL H 530 9.57 -41.64 86.58
N LEU H 531 10.04 -41.73 87.82
CA LEU H 531 9.70 -40.74 88.83
C LEU H 531 10.45 -39.43 88.64
N ALA H 532 11.69 -39.50 88.16
CA ALA H 532 12.49 -38.30 87.94
C ALA H 532 13.64 -38.64 87.00
N TYR H 533 13.91 -37.75 86.05
CA TYR H 533 15.23 -37.66 85.44
C TYR H 533 16.03 -36.55 86.11
N ARG H 534 17.34 -36.66 86.04
CA ARG H 534 18.24 -35.52 86.23
C ARG H 534 19.33 -35.56 85.18
N SER H 535 19.63 -34.41 84.59
CA SER H 535 20.79 -34.29 83.71
C SER H 535 22.07 -34.11 84.53
N ILE H 536 23.21 -34.22 83.84
CA ILE H 536 24.51 -33.88 84.43
C ILE H 536 24.50 -32.49 85.05
N LYS H 537 23.86 -31.53 84.38
CA LYS H 537 23.77 -30.16 84.89
C LYS H 537 22.96 -30.06 86.17
N GLN H 538 21.85 -30.81 86.26
CA GLN H 538 21.07 -30.83 87.49
C GLN H 538 21.75 -31.58 88.62
N LEU H 539 22.49 -32.64 88.31
CA LEU H 539 23.26 -33.32 89.34
C LEU H 539 24.35 -32.42 89.95
N LEU H 540 25.12 -31.74 89.10
CA LEU H 540 26.14 -30.83 89.61
C LEU H 540 25.57 -29.55 90.21
N GLY H 541 24.38 -29.14 89.83
CA GLY H 541 23.79 -27.94 90.41
C GLY H 541 24.65 -26.70 90.21
N ASP H 542 24.93 -26.00 91.31
CA ASP H 542 25.87 -24.88 91.30
C ASP H 542 27.30 -25.26 90.94
N ASN H 543 27.69 -26.52 91.07
CA ASN H 543 29.03 -26.94 90.65
C ASN H 543 29.15 -27.19 89.16
N TYR H 544 28.09 -27.04 88.39
CA TYR H 544 28.11 -27.41 86.97
C TYR H 544 29.22 -26.69 86.20
N GLU H 545 29.59 -25.48 86.60
CA GLU H 545 30.69 -24.76 85.95
C GLU H 545 32.04 -25.47 86.07
N LEU H 546 32.21 -26.34 87.08
CA LEU H 546 33.43 -27.14 87.18
C LEU H 546 33.64 -28.05 85.98
N LEU H 547 32.57 -28.46 85.32
CA LEU H 547 32.66 -29.38 84.19
C LEU H 547 33.28 -28.73 82.96
N ASN H 548 32.88 -27.50 82.63
CA ASN H 548 33.59 -26.74 81.60
C ASN H 548 35.00 -26.38 82.02
N ARG H 549 35.21 -26.05 83.29
CA ARG H 549 36.56 -25.85 83.79
C ARG H 549 37.47 -27.05 83.55
N GLN H 550 36.98 -28.26 83.79
CA GLN H 550 37.78 -29.46 83.58
C GLN H 550 38.23 -29.58 82.12
N ARG H 551 37.29 -29.51 81.18
CA ARG H 551 37.63 -29.56 79.77
C ARG H 551 38.64 -28.48 79.39
N ARG H 552 38.42 -27.26 79.86
CA ARG H 552 39.31 -26.15 79.56
C ARG H 552 40.71 -26.34 80.16
N GLN H 553 40.79 -26.80 81.41
CA GLN H 553 42.09 -27.07 82.01
C GLN H 553 42.80 -28.27 81.39
N GLN H 554 42.05 -29.33 81.03
CA GLN H 554 42.70 -30.45 80.36
C GLN H 554 43.35 -30.04 79.05
N GLN H 555 42.68 -29.20 78.25
CA GLN H 555 43.32 -28.62 77.08
C GLN H 555 44.53 -27.77 77.45
N TYR H 556 44.32 -26.78 78.31
CA TYR H 556 45.37 -25.81 78.64
C TYR H 556 46.61 -26.49 79.26
N LEU H 557 46.40 -27.32 80.28
CA LEU H 557 47.53 -27.94 80.98
C LEU H 557 48.29 -28.94 80.13
N SER H 558 47.61 -29.65 79.22
CA SER H 558 48.31 -30.49 78.25
C SER H 558 49.22 -29.67 77.35
N HIS H 559 48.74 -28.55 76.83
CA HIS H 559 49.54 -27.69 75.97
C HIS H 559 50.71 -27.05 76.70
N GLU H 560 50.50 -26.64 77.95
CA GLU H 560 51.61 -26.12 78.75
C GLU H 560 52.65 -27.18 79.10
N ARG H 561 52.24 -28.44 79.30
CA ARG H 561 53.21 -29.52 79.45
C ARG H 561 53.99 -29.77 78.16
N HIS H 562 53.29 -29.85 77.03
CA HIS H 562 53.93 -29.98 75.73
C HIS H 562 55.00 -28.91 75.50
N LYS H 563 54.67 -27.65 75.78
CA LYS H 563 55.65 -26.57 75.71
C LYS H 563 56.77 -26.74 76.73
N ALA H 564 56.44 -27.13 77.95
CA ALA H 564 57.45 -27.30 79.00
C ALA H 564 58.41 -28.45 78.71
N GLN H 565 57.91 -29.55 78.14
CA GLN H 565 58.77 -30.68 77.81
C GLN H 565 59.90 -30.29 76.87
N LYS H 566 59.61 -29.50 75.85
CA LYS H 566 60.62 -29.06 74.90
C LYS H 566 61.72 -28.22 75.56
N ASN H 567 61.42 -27.55 76.67
CA ASN H 567 62.42 -26.84 77.44
C ASN H 567 63.10 -27.67 78.51
N PHE H 568 62.70 -28.93 78.69
CA PHE H 568 63.08 -29.75 79.84
C PHE H 568 62.70 -29.10 81.16
N SER H 569 61.64 -28.33 81.16
CA SER H 569 61.15 -27.71 82.39
C SER H 569 60.37 -28.71 83.23
N PRO H 570 60.54 -28.69 84.56
CA PRO H 570 59.83 -29.64 85.43
C PRO H 570 58.38 -29.28 85.67
N ASN H 571 57.95 -28.08 85.31
CA ASN H 571 56.63 -27.55 85.61
C ASN H 571 55.56 -28.20 84.74
N GLN H 572 55.27 -29.48 84.98
CA GLN H 572 54.27 -30.23 84.24
C GLN H 572 53.17 -30.67 85.20
N PHE H 573 51.93 -30.25 84.91
CA PHE H 573 50.81 -30.38 85.84
C PHE H 573 49.57 -30.86 85.09
N GLY H 574 48.56 -31.27 85.85
CA GLY H 574 47.32 -31.70 85.22
C GLY H 574 46.12 -31.62 86.15
N ALA H 575 44.96 -31.89 85.57
CA ALA H 575 43.64 -31.67 86.17
C ALA H 575 43.08 -32.88 86.90
N SER H 576 43.88 -33.89 87.22
CA SER H 576 43.35 -35.11 87.83
C SER H 576 42.55 -34.85 89.11
N GLU H 577 43.03 -33.95 89.96
CA GLU H 577 42.31 -33.65 91.21
C GLU H 577 40.98 -32.94 90.99
N LEU H 578 40.87 -32.10 89.97
CA LEU H 578 39.56 -31.56 89.59
C LEU H 578 38.63 -32.64 89.06
N GLY H 579 39.14 -33.53 88.22
CA GLY H 579 38.34 -34.66 87.76
C GLY H 579 37.84 -35.55 88.88
N GLN H 580 38.71 -35.85 89.85
CA GLN H 580 38.29 -36.58 91.04
C GLN H 580 37.21 -35.83 91.82
N HIS H 581 37.38 -34.53 92.01
CA HIS H 581 36.36 -33.72 92.68
C HIS H 581 35.00 -33.82 91.99
N ILE H 582 34.97 -33.72 90.67
CA ILE H 582 33.71 -33.82 89.92
C ILE H 582 33.05 -35.18 90.13
N ASP H 583 33.81 -36.26 90.03
CA ASP H 583 33.24 -37.59 90.23
C ASP H 583 32.66 -37.79 91.63
N ARG H 584 33.28 -37.18 92.64
CA ARG H 584 32.73 -37.26 94.00
C ARG H 584 31.48 -36.41 94.17
N LEU H 585 31.43 -35.24 93.52
CA LEU H 585 30.21 -34.43 93.53
C LEU H 585 29.03 -35.17 92.88
N LEU H 586 29.28 -35.80 91.74
CA LEU H 586 28.27 -36.62 91.09
C LEU H 586 27.81 -37.78 91.97
N ALA H 587 28.76 -38.49 92.58
CA ALA H 587 28.41 -39.61 93.46
C ALA H 587 27.50 -39.18 94.61
N LYS H 588 27.81 -38.07 95.27
CA LYS H 588 26.95 -37.58 96.33
C LYS H 588 25.57 -37.17 95.82
N ALA H 589 25.51 -36.52 94.65
CA ALA H 589 24.24 -36.11 94.07
C ALA H 589 23.36 -37.30 93.73
N ILE H 590 23.95 -38.33 93.12
CA ILE H 590 23.21 -39.53 92.75
C ILE H 590 22.64 -40.24 93.98
N VAL H 591 23.44 -40.38 95.03
CA VAL H 591 22.98 -41.06 96.23
C VAL H 591 21.95 -40.23 97.00
N ALA H 592 22.12 -38.91 97.03
CA ALA H 592 21.11 -38.06 97.66
C ALA H 592 19.77 -38.15 96.97
N LEU H 593 19.77 -38.15 95.64
CA LEU H 593 18.53 -38.37 94.89
C LEU H 593 17.93 -39.75 95.18
N ALA H 594 18.77 -40.78 95.22
CA ALA H 594 18.30 -42.13 95.58
C ALA H 594 17.65 -42.16 96.96
N ARG H 595 18.28 -41.54 97.95
CA ARG H 595 17.66 -41.41 99.27
C ARG H 595 16.33 -40.66 99.21
N THR H 596 16.28 -39.58 98.44
CA THR H 596 15.09 -38.75 98.40
C THR H 596 13.87 -39.50 97.87
N TYR H 597 14.07 -40.32 96.84
CA TYR H 597 13.00 -41.15 96.31
C TYR H 597 12.89 -42.51 96.97
N LYS H 598 13.62 -42.76 98.06
CA LYS H 598 13.65 -44.06 98.72
C LYS H 598 13.96 -45.21 97.77
N ALA H 599 14.85 -44.97 96.82
CA ALA H 599 15.25 -46.03 95.92
C ALA H 599 15.90 -47.18 96.70
N GLY H 600 15.57 -48.41 96.31
CA GLY H 600 16.22 -49.57 96.89
C GLY H 600 17.62 -49.79 96.39
N SER H 601 17.93 -49.38 95.17
CA SER H 601 19.24 -49.64 94.61
C SER H 601 19.61 -48.57 93.60
N ILE H 602 20.90 -48.46 93.34
CA ILE H 602 21.45 -47.72 92.21
C ILE H 602 21.98 -48.73 91.20
N VAL H 603 21.60 -48.56 89.94
CA VAL H 603 22.03 -49.44 88.85
C VAL H 603 23.12 -48.76 88.04
N LEU H 604 24.26 -49.42 87.90
CA LEU H 604 25.42 -48.95 87.15
C LEU H 604 25.70 -49.87 85.96
N PRO H 605 26.23 -49.34 84.87
CA PRO H 605 26.48 -50.18 83.69
C PRO H 605 27.78 -50.97 83.79
N LYS H 606 27.71 -52.22 83.32
CA LYS H 606 28.89 -53.02 82.98
C LYS H 606 29.51 -52.53 81.66
N LEU H 607 30.34 -51.50 81.76
CA LEU H 607 30.99 -50.95 80.56
C LEU H 607 32.03 -51.88 79.94
N GLY H 608 32.61 -52.80 80.71
CA GLY H 608 33.77 -53.53 80.24
C GLY H 608 35.00 -52.65 80.13
N ASP H 609 35.88 -52.98 79.19
CA ASP H 609 37.07 -52.18 78.90
C ASP H 609 36.83 -51.31 77.66
N MET H 610 36.26 -50.13 77.88
CA MET H 610 35.94 -49.21 76.79
C MET H 610 37.16 -48.83 75.96
N ARG H 611 38.33 -48.74 76.58
CA ARG H 611 39.51 -48.22 75.89
C ARG H 611 40.04 -49.19 74.84
N GLU H 612 40.06 -50.49 75.15
CA GLU H 612 40.49 -51.48 74.16
C GLU H 612 39.48 -51.72 73.06
N VAL H 613 38.18 -51.56 73.36
CA VAL H 613 37.17 -51.58 72.29
C VAL H 613 37.39 -50.42 71.32
N VAL H 614 37.40 -49.19 71.85
CA VAL H 614 37.59 -48.00 71.01
C VAL H 614 38.90 -48.07 70.24
N GLN H 615 39.98 -48.46 70.92
CA GLN H 615 41.29 -48.48 70.29
C GLN H 615 41.36 -49.47 69.13
N SER H 616 40.73 -50.64 69.28
CA SER H 616 40.71 -51.62 68.19
C SER H 616 39.71 -51.29 67.08
N GLU H 617 38.57 -50.69 67.42
CA GLU H 617 37.64 -50.17 66.42
C GLU H 617 38.29 -49.11 65.53
N ILE H 618 38.89 -48.08 66.14
CA ILE H 618 39.49 -47.00 65.38
C ILE H 618 40.67 -47.48 64.53
N GLN H 619 41.50 -48.38 65.07
CA GLN H 619 42.60 -48.91 64.29
C GLN H 619 42.13 -49.69 63.07
N ALA H 620 41.07 -50.50 63.21
CA ALA H 620 40.54 -51.22 62.07
C ALA H 620 40.00 -50.29 60.98
N ILE H 621 39.36 -49.19 61.37
CA ILE H 621 38.96 -48.18 60.41
C ILE H 621 40.17 -47.50 59.77
N ALA H 622 41.14 -47.10 60.60
CA ALA H 622 42.29 -46.35 60.10
C ALA H 622 43.16 -47.17 59.15
N GLU H 623 43.31 -48.47 59.41
CA GLU H 623 44.05 -49.32 58.49
C GLU H 623 43.42 -49.41 57.11
N GLN H 624 42.10 -49.30 57.01
CA GLN H 624 41.48 -49.18 55.69
C GLN H 624 41.73 -47.82 55.06
N LYS H 625 41.69 -46.75 55.86
CA LYS H 625 41.81 -45.40 55.31
C LYS H 625 43.25 -45.02 54.99
N PHE H 626 44.22 -45.49 55.78
CA PHE H 626 45.63 -45.17 55.57
C PHE H 626 46.43 -46.47 55.42
N PRO H 627 46.20 -47.22 54.35
CA PRO H 627 46.89 -48.52 54.20
C PRO H 627 48.39 -48.33 54.05
N GLY H 628 49.15 -49.06 54.85
CA GLY H 628 50.60 -48.96 54.79
C GLY H 628 51.19 -47.66 55.29
N TYR H 629 50.42 -46.84 56.01
CA TYR H 629 50.87 -45.55 56.50
C TYR H 629 50.53 -45.48 57.99
N ILE H 630 51.46 -45.95 58.82
CA ILE H 630 51.23 -46.08 60.26
C ILE H 630 50.95 -44.74 60.93
N GLU H 631 51.73 -43.70 60.59
CA GLU H 631 51.49 -42.39 61.21
C GLU H 631 50.15 -41.79 60.83
N GLY H 632 49.68 -42.01 59.61
CA GLY H 632 48.33 -41.63 59.26
C GLY H 632 47.28 -42.35 60.10
N GLN H 633 47.47 -43.65 60.31
CA GLN H 633 46.57 -44.42 61.15
C GLN H 633 46.54 -43.91 62.59
N GLN H 634 47.72 -43.58 63.14
CA GLN H 634 47.79 -43.10 64.52
C GLN H 634 47.28 -41.67 64.69
N LYS H 635 47.40 -40.83 63.67
CA LYS H 635 46.75 -39.53 63.68
C LYS H 635 45.24 -39.62 63.60
N TYR H 636 44.72 -40.63 62.91
CA TYR H 636 43.27 -40.78 62.75
C TYR H 636 42.54 -40.93 64.06
N ALA H 637 41.54 -40.06 64.28
CA ALA H 637 40.73 -40.01 65.50
C ALA H 637 41.57 -39.94 66.77
N LYS H 638 42.75 -39.34 66.68
CA LYS H 638 43.66 -39.26 67.81
C LYS H 638 43.01 -38.64 69.04
N GLN H 639 42.29 -37.53 68.85
CA GLN H 639 41.66 -36.83 69.96
C GLN H 639 40.50 -37.62 70.58
N TYR H 640 39.75 -38.36 69.76
CA TYR H 640 38.72 -39.25 70.30
C TYR H 640 39.34 -40.36 71.14
N ARG H 641 40.40 -40.98 70.65
CA ARG H 641 41.12 -41.99 71.43
C ARG H 641 41.68 -41.42 72.73
N VAL H 642 42.21 -40.19 72.69
CA VAL H 642 42.65 -39.52 73.91
C VAL H 642 41.48 -39.30 74.86
N ASN H 643 40.38 -38.76 74.36
CA ASN H 643 39.19 -38.53 75.18
C ASN H 643 38.70 -39.82 75.84
N VAL H 644 38.72 -40.94 75.12
CA VAL H 644 38.30 -42.21 75.71
C VAL H 644 39.29 -42.70 76.76
N HIS H 645 40.58 -42.47 76.57
CA HIS H 645 41.55 -42.80 77.61
C HIS H 645 41.49 -41.89 78.82
N ARG H 646 40.91 -40.70 78.71
CA ARG H 646 40.68 -39.85 79.88
C ARG H 646 39.35 -40.10 80.56
N TRP H 647 38.39 -40.70 79.88
CA TRP H 647 37.06 -40.93 80.43
C TRP H 647 37.14 -41.75 81.72
N SER H 648 36.81 -41.13 82.84
CA SER H 648 37.02 -41.71 84.17
C SER H 648 35.79 -42.44 84.69
N TYR H 649 35.30 -43.39 83.89
CA TYR H 649 34.11 -44.17 84.27
C TYR H 649 34.38 -45.06 85.47
N GLY H 650 35.59 -45.58 85.61
CA GLY H 650 35.93 -46.39 86.78
C GLY H 650 35.96 -45.62 88.07
N ARG H 651 36.62 -44.46 88.07
CA ARG H 651 36.63 -43.58 89.24
C ARG H 651 35.23 -43.13 89.65
N LEU H 652 34.38 -42.78 88.69
CA LEU H 652 32.99 -42.43 89.01
C LEU H 652 32.20 -43.61 89.56
N ILE H 653 32.31 -44.78 88.94
CA ILE H 653 31.68 -45.98 89.50
C ILE H 653 32.15 -46.24 90.93
N GLN H 654 33.45 -46.15 91.16
CA GLN H 654 33.99 -46.39 92.50
C GLN H 654 33.47 -45.39 93.52
N SER H 655 33.38 -44.11 93.14
CA SER H 655 32.85 -43.09 94.03
C SER H 655 31.38 -43.32 94.37
N ILE H 656 30.58 -43.73 93.39
CA ILE H 656 29.18 -44.08 93.65
C ILE H 656 29.07 -45.29 94.56
N GLN H 657 29.86 -46.34 94.31
CA GLN H 657 29.83 -47.52 95.17
C GLN H 657 30.15 -47.20 96.62
N SER H 658 31.16 -46.37 96.87
CA SER H 658 31.50 -45.98 98.24
C SER H 658 30.39 -45.19 98.91
N LYS H 659 29.83 -44.20 98.23
CA LYS H 659 28.79 -43.36 98.82
C LYS H 659 27.50 -44.15 99.07
N ALA H 660 27.14 -45.05 98.17
CA ALA H 660 25.97 -45.89 98.38
C ALA H 660 26.14 -46.85 99.55
N ALA H 661 27.33 -47.46 99.70
CA ALA H 661 27.57 -48.34 100.83
C ALA H 661 27.51 -47.61 102.17
N GLN H 662 27.99 -46.37 102.21
CA GLN H 662 27.91 -45.58 103.43
C GLN H 662 26.49 -45.17 103.80
N THR H 663 25.52 -45.29 102.88
CA THR H 663 24.12 -45.13 103.22
C THR H 663 23.34 -46.43 103.10
N GLY H 664 24.00 -47.55 102.91
CA GLY H 664 23.32 -48.83 102.79
C GLY H 664 22.44 -49.01 101.57
N ILE H 665 22.61 -48.20 100.54
CA ILE H 665 21.90 -48.42 99.28
C ILE H 665 22.62 -49.51 98.49
N VAL H 666 21.84 -50.46 97.96
CA VAL H 666 22.40 -51.55 97.15
C VAL H 666 22.88 -51.00 95.81
N ILE H 667 24.03 -51.51 95.33
CA ILE H 667 24.46 -51.32 93.95
C ILE H 667 24.12 -52.58 93.15
N GLU H 668 23.53 -52.38 91.98
CA GLU H 668 23.29 -53.44 91.01
C GLU H 668 23.97 -53.09 89.70
N GLU H 669 24.39 -54.12 88.97
CA GLU H 669 24.98 -53.96 87.66
C GLU H 669 24.01 -54.39 86.59
N GLY H 670 23.86 -53.55 85.55
CA GLY H 670 23.02 -53.85 84.42
C GLY H 670 23.77 -53.60 83.11
N LYS H 671 23.06 -53.82 82.02
CA LYS H 671 23.60 -53.58 80.68
C LYS H 671 23.01 -52.28 80.14
N GLN H 672 23.89 -51.32 79.86
CA GLN H 672 23.47 -50.06 79.25
C GLN H 672 23.15 -50.27 77.78
N PRO H 673 21.95 -49.94 77.31
CA PRO H 673 21.67 -50.03 75.88
C PRO H 673 22.44 -48.98 75.09
N ILE H 674 22.80 -49.34 73.86
CA ILE H 674 23.48 -48.40 72.97
C ILE H 674 22.48 -47.45 72.30
N ARG H 675 21.26 -47.89 72.05
CA ARG H 675 20.23 -47.03 71.50
C ARG H 675 19.83 -45.92 72.48
N GLY H 676 19.37 -44.81 71.92
CA GLY H 676 18.68 -43.77 72.65
C GLY H 676 19.60 -42.73 73.29
N SER H 677 18.93 -41.72 73.87
CA SER H 677 19.59 -40.65 74.61
C SER H 677 20.06 -41.12 75.98
N PRO H 678 20.94 -40.36 76.63
CA PRO H 678 21.34 -40.70 78.02
C PRO H 678 20.19 -40.90 78.98
N HIS H 679 19.08 -40.16 78.84
CA HIS H 679 17.92 -40.39 79.68
C HIS H 679 17.30 -41.76 79.44
N ASP H 680 17.08 -42.09 78.17
CA ASP H 680 16.48 -43.39 77.83
C ASP H 680 17.39 -44.55 78.19
N LYS H 681 18.69 -44.40 77.97
CA LYS H 681 19.66 -45.38 78.44
C LYS H 681 19.58 -45.61 79.94
N ALA H 682 19.47 -44.53 80.72
CA ALA H 682 19.37 -44.67 82.18
C ALA H 682 18.09 -45.37 82.62
N LYS H 683 16.96 -45.03 82.00
CA LYS H 683 15.70 -45.71 82.28
C LYS H 683 15.76 -47.20 81.98
N GLU H 684 16.20 -47.56 80.77
CA GLU H 684 16.23 -48.97 80.37
C GLU H 684 17.31 -49.76 81.10
N LEU H 685 18.42 -49.11 81.45
CA LEU H 685 19.39 -49.73 82.37
C LEU H 685 18.75 -50.08 83.71
N ALA H 686 18.01 -49.15 84.30
CA ALA H 686 17.32 -49.41 85.57
C ALA H 686 16.30 -50.54 85.46
N LEU H 687 15.43 -50.47 84.45
CA LEU H 687 14.37 -51.48 84.31
C LEU H 687 14.91 -52.86 83.96
N SER H 688 15.99 -52.93 83.18
CA SER H 688 16.59 -54.23 82.89
C SER H 688 17.20 -54.88 84.13
N ALA H 689 17.86 -54.10 84.99
CA ALA H 689 18.36 -54.64 86.24
C ALA H 689 17.24 -55.14 87.16
N TYR H 690 16.11 -54.46 87.16
CA TYR H 690 14.95 -54.99 87.87
C TYR H 690 14.47 -56.32 87.29
N ASN H 691 14.31 -56.38 85.97
CA ASN H 691 13.87 -57.62 85.33
C ASN H 691 14.91 -58.73 85.40
N LEU H 692 16.19 -58.39 85.54
CA LEU H 692 17.23 -59.40 85.66
C LEU H 692 17.32 -60.00 87.06
N ARG H 693 16.61 -59.44 88.04
CA ARG H 693 16.55 -60.09 89.34
C ARG H 693 15.79 -61.41 89.21
N LEU H 694 16.43 -62.49 89.66
CA LEU H 694 15.86 -63.83 89.52
C LEU H 694 15.90 -64.57 90.85
N ALA I 3 81.07 -25.18 78.61
CA ALA I 3 81.61 -24.71 77.34
C ALA I 3 83.13 -24.84 77.33
N LEU I 4 83.71 -24.81 76.13
CA LEU I 4 85.11 -25.14 75.92
C LEU I 4 85.84 -23.91 75.42
N THR I 5 87.00 -23.62 76.01
CA THR I 5 87.79 -22.48 75.60
C THR I 5 88.51 -22.75 74.29
N GLN I 6 88.75 -21.67 73.54
CA GLN I 6 89.49 -21.79 72.29
C GLN I 6 90.91 -22.30 72.49
N GLU I 7 91.54 -21.95 73.62
CA GLU I 7 92.89 -22.45 73.88
C GLU I 7 92.91 -23.95 74.16
N ARG I 8 91.97 -24.45 74.97
CA ARG I 8 91.87 -25.88 75.18
C ARG I 8 91.47 -26.61 73.91
N LYS I 9 90.53 -26.03 73.15
CA LYS I 9 90.15 -26.57 71.85
C LYS I 9 91.35 -26.72 70.92
N GLN I 10 92.06 -25.62 70.67
CA GLN I 10 93.25 -25.65 69.80
C GLN I 10 94.35 -26.56 70.34
N GLU I 11 94.51 -26.65 71.65
CA GLU I 11 95.46 -27.61 72.21
C GLU I 11 95.07 -29.05 71.90
N ILE I 12 93.78 -29.36 71.95
CA ILE I 12 93.31 -30.68 71.52
C ILE I 12 93.61 -30.91 70.05
N ILE I 13 93.35 -29.90 69.20
CA ILE I 13 93.64 -30.03 67.78
C ILE I 13 95.11 -30.35 67.54
N VAL I 14 96.00 -29.53 68.11
CA VAL I 14 97.44 -29.72 67.96
C VAL I 14 97.90 -31.08 68.47
N ASN I 15 97.33 -31.56 69.58
CA ASN I 15 97.83 -32.80 70.15
C ASN I 15 97.35 -34.04 69.42
N TYR I 16 96.22 -34.01 68.74
CA TYR I 16 95.66 -35.17 68.07
C TYR I 16 95.69 -35.08 66.56
N GLN I 17 96.06 -33.93 66.01
CA GLN I 17 96.28 -33.75 64.57
C GLN I 17 97.07 -34.90 63.96
N VAL I 18 96.64 -35.30 62.76
CA VAL I 18 97.47 -36.13 61.89
C VAL I 18 98.57 -35.30 61.25
N HIS I 19 98.29 -34.03 60.95
CA HIS I 19 99.27 -33.10 60.42
C HIS I 19 98.75 -31.68 60.66
N GLU I 20 99.64 -30.71 60.45
CA GLU I 20 99.44 -29.37 60.96
C GLU I 20 98.20 -28.65 60.44
N THR I 21 97.59 -29.10 59.35
CA THR I 21 96.35 -28.49 58.89
C THR I 21 95.14 -29.41 59.06
N ASP I 22 95.33 -30.62 59.56
CA ASP I 22 94.21 -31.48 59.91
C ASP I 22 93.42 -30.89 61.08
N THR I 23 92.13 -30.63 60.87
CA THR I 23 91.28 -30.07 61.90
C THR I 23 90.00 -30.88 62.10
N GLY I 24 89.90 -32.06 61.49
CA GLY I 24 88.62 -32.72 61.36
C GLY I 24 88.70 -34.21 61.14
N SER I 25 89.91 -34.78 61.16
CA SER I 25 90.04 -36.23 61.21
C SER I 25 89.27 -36.81 62.39
N ALA I 26 88.88 -38.08 62.28
CA ALA I 26 88.07 -38.69 63.32
C ALA I 26 88.78 -38.74 64.67
N ASP I 27 90.11 -38.84 64.65
CA ASP I 27 90.88 -38.82 65.90
C ASP I 27 90.77 -37.50 66.63
N VAL I 28 90.86 -36.39 65.91
CA VAL I 28 90.63 -35.07 66.48
C VAL I 28 89.20 -34.94 67.00
N GLN I 29 88.23 -35.45 66.25
CA GLN I 29 86.83 -35.38 66.67
C GLN I 29 86.57 -36.14 67.97
N VAL I 30 87.08 -37.37 68.10
CA VAL I 30 86.86 -38.10 69.34
C VAL I 30 87.62 -37.49 70.51
N ALA I 31 88.76 -36.87 70.26
CA ALA I 31 89.45 -36.15 71.33
C ALA I 31 88.65 -34.96 71.83
N MET I 32 88.11 -34.16 70.91
CA MET I 32 87.20 -33.08 71.28
C MET I 32 86.00 -33.58 72.08
N LEU I 33 85.35 -34.64 71.58
CA LEU I 33 84.19 -35.20 72.29
C LEU I 33 84.56 -35.80 73.64
N THR I 34 85.77 -36.35 73.77
CA THR I 34 86.16 -36.95 75.04
C THR I 34 86.35 -35.88 76.13
N GLU I 35 86.91 -34.74 75.76
CA GLU I 35 86.96 -33.60 76.68
C GLU I 35 85.56 -33.19 77.13
N ARG I 36 84.64 -33.02 76.19
CA ARG I 36 83.28 -32.62 76.51
C ARG I 36 82.58 -33.65 77.39
N ILE I 37 82.71 -34.93 77.07
CA ILE I 37 82.07 -35.99 77.84
C ILE I 37 82.62 -36.05 79.27
N ASN I 38 83.92 -35.87 79.43
CA ASN I 38 84.51 -35.88 80.77
C ASN I 38 83.99 -34.75 81.64
N ARG I 39 84.00 -33.52 81.15
CA ARG I 39 83.44 -32.40 81.90
C ARG I 39 81.97 -32.58 82.21
N LEU I 40 81.18 -33.08 81.26
CA LEU I 40 79.75 -33.21 81.47
C LEU I 40 79.40 -34.36 82.41
N SER I 41 80.20 -35.42 82.41
CA SER I 41 80.05 -36.47 83.43
C SER I 41 80.26 -35.92 84.83
N LEU I 42 81.29 -35.10 85.03
CA LEU I 42 81.50 -34.46 86.33
C LEU I 42 80.33 -33.55 86.72
N HIS I 43 79.75 -32.84 85.75
CA HIS I 43 78.54 -32.06 86.00
C HIS I 43 77.37 -32.94 86.43
N LEU I 44 77.08 -34.00 85.69
CA LEU I 44 75.89 -34.80 85.97
C LEU I 44 76.01 -35.62 87.24
N GLN I 45 77.22 -36.01 87.64
CA GLN I 45 77.40 -36.62 88.95
C GLN I 45 76.94 -35.69 90.07
N ALA I 46 77.14 -34.38 89.90
CA ALA I 46 76.69 -33.39 90.85
C ALA I 46 75.28 -32.88 90.59
N ASN I 47 74.77 -33.02 89.37
CA ASN I 47 73.55 -32.35 88.92
C ASN I 47 72.59 -33.33 88.26
N LYS I 48 72.16 -34.35 89.02
CA LYS I 48 71.33 -35.41 88.46
C LYS I 48 69.99 -34.91 87.91
N LYS I 49 69.44 -33.82 88.44
CA LYS I 49 68.19 -33.28 87.91
C LYS I 49 68.38 -32.40 86.68
N ASP I 50 69.60 -32.19 86.22
CA ASP I 50 69.83 -31.39 85.01
C ASP I 50 69.60 -32.26 83.76
N HIS I 51 68.33 -32.62 83.56
CA HIS I 51 67.94 -33.47 82.43
C HIS I 51 68.16 -32.80 81.08
N SER I 52 68.13 -31.47 81.03
CA SER I 52 68.55 -30.74 79.84
C SER I 52 70.00 -31.05 79.47
N SER I 53 70.91 -31.00 80.45
CA SER I 53 72.31 -31.31 80.18
C SER I 53 72.52 -32.79 79.94
N ARG I 54 71.74 -33.64 80.61
CA ARG I 54 71.78 -35.08 80.36
C ARG I 54 71.43 -35.42 78.93
N ARG I 55 70.50 -34.68 78.33
CA ARG I 55 70.18 -34.85 76.92
C ARG I 55 71.43 -34.69 76.05
N GLY I 56 72.28 -33.71 76.37
CA GLY I 56 73.51 -33.54 75.64
C GLY I 56 74.48 -34.69 75.77
N LEU I 57 74.59 -35.26 76.98
CA LEU I 57 75.51 -36.39 77.18
C LEU I 57 75.17 -37.57 76.27
N LEU I 58 73.90 -37.96 76.23
CA LEU I 58 73.49 -39.08 75.38
C LEU I 58 73.79 -38.82 73.91
N LYS I 59 73.71 -37.58 73.47
CA LYS I 59 74.14 -37.23 72.13
C LYS I 59 75.65 -37.38 71.97
N LEU I 60 76.42 -36.84 72.93
CA LEU I 60 77.87 -36.84 72.83
C LEU I 60 78.46 -38.24 72.90
N ILE I 61 77.93 -39.08 73.79
CA ILE I 61 78.36 -40.48 73.87
C ILE I 61 78.07 -41.23 72.57
N GLY I 62 76.89 -41.02 72.00
CA GLY I 62 76.57 -41.63 70.72
C GLY I 62 77.47 -41.16 69.59
N GLN I 63 77.73 -39.85 69.52
CA GLN I 63 78.64 -39.31 68.52
C GLN I 63 80.03 -39.95 68.62
N ARG I 64 80.55 -40.10 69.83
CA ARG I 64 81.86 -40.72 69.98
C ARG I 64 81.81 -42.22 69.66
N LYS I 65 80.72 -42.89 70.02
CA LYS I 65 80.56 -44.30 69.69
C LYS I 65 80.61 -44.55 68.18
N ARG I 66 79.94 -43.70 67.41
CA ARG I 66 79.97 -43.83 65.95
C ARG I 66 81.34 -43.54 65.37
N LEU I 67 82.03 -42.52 65.87
CA LEU I 67 83.38 -42.19 65.40
C LEU I 67 84.39 -43.28 65.73
N LEU I 68 84.35 -43.83 66.95
CA LEU I 68 85.29 -44.90 67.30
C LEU I 68 85.05 -46.16 66.48
N ALA I 69 83.78 -46.51 66.23
CA ALA I 69 83.48 -47.63 65.36
C ALA I 69 83.97 -47.40 63.93
N TYR I 70 83.92 -46.16 63.46
CA TYR I 70 84.50 -45.81 62.17
C TYR I 70 86.01 -45.97 62.16
N ILE I 71 86.69 -45.44 63.17
CA ILE I 71 88.14 -45.57 63.26
C ILE I 71 88.58 -47.02 63.36
N GLN I 72 87.88 -47.82 64.17
CA GLN I 72 88.29 -49.20 64.43
C GLN I 72 88.38 -50.06 63.18
N LYS I 73 87.50 -49.84 62.21
CA LYS I 73 87.58 -50.58 60.96
C LYS I 73 88.31 -49.85 59.85
N ASP I 74 88.84 -48.66 60.10
CA ASP I 74 89.96 -48.20 59.28
C ASP I 74 91.27 -48.86 59.70
N SER I 75 91.55 -48.91 61.00
CA SER I 75 92.77 -49.52 61.51
C SER I 75 92.65 -49.79 63.01
N ARG I 76 92.81 -51.05 63.41
CA ARG I 76 92.85 -51.39 64.83
C ARG I 76 94.12 -50.88 65.52
N GLU I 77 95.21 -50.69 64.77
CA GLU I 77 96.42 -50.12 65.37
C GLU I 77 96.19 -48.67 65.79
N LYS I 78 95.70 -47.84 64.87
CA LYS I 78 95.37 -46.46 65.21
C LYS I 78 94.27 -46.38 66.26
N TYR I 79 93.23 -47.22 66.13
CA TYR I 79 92.15 -47.25 67.10
C TYR I 79 92.63 -47.56 68.52
N GLN I 80 93.39 -48.65 68.68
CA GLN I 80 93.86 -49.03 70.02
C GLN I 80 94.79 -47.98 70.62
N ALA I 81 95.70 -47.44 69.82
CA ALA I 81 96.56 -46.35 70.26
C ALA I 81 95.75 -45.13 70.70
N LEU I 82 94.75 -44.76 69.91
CA LEU I 82 93.92 -43.59 70.22
C LEU I 82 93.15 -43.76 71.52
N ILE I 83 92.45 -44.87 71.70
CA ILE I 83 91.69 -45.06 72.94
C ILE I 83 92.61 -45.15 74.16
N GLY I 84 93.80 -45.70 73.99
CA GLY I 84 94.77 -45.69 75.08
C GLY I 84 95.22 -44.30 75.49
N ARG I 85 95.45 -43.42 74.51
CA ARG I 85 95.78 -42.03 74.83
C ARG I 85 94.62 -41.31 75.52
N LEU I 86 93.40 -41.48 75.03
CA LEU I 86 92.24 -40.85 75.63
C LEU I 86 91.81 -41.52 76.92
N GLY I 87 92.35 -42.70 77.23
CA GLY I 87 91.99 -43.39 78.45
C GLY I 87 90.63 -44.03 78.40
N ILE I 88 90.20 -44.48 77.23
CA ILE I 88 88.89 -45.10 77.06
C ILE I 88 89.09 -46.60 77.02
N ARG I 89 88.33 -47.31 77.82
CA ARG I 89 88.41 -48.76 77.89
C ARG I 89 87.72 -49.41 76.70
N GLU J 3 37.84 -54.04 22.55
CA GLU J 3 39.10 -54.64 22.96
C GLU J 3 39.96 -55.00 21.75
N ALA J 4 41.26 -55.09 21.97
CA ALA J 4 42.12 -55.84 21.06
C ALA J 4 41.89 -57.33 21.23
N PRO J 5 41.50 -58.05 20.17
CA PRO J 5 41.14 -59.46 20.34
C PRO J 5 42.35 -60.36 20.53
N ASP J 6 42.20 -61.35 21.41
CA ASP J 6 43.27 -62.25 21.85
C ASP J 6 44.50 -61.50 22.36
N VAL J 7 44.27 -60.51 23.21
CA VAL J 7 45.34 -59.86 23.95
C VAL J 7 45.15 -60.18 25.44
N LYS J 8 46.25 -60.45 26.12
CA LYS J 8 46.26 -60.72 27.54
C LYS J 8 46.61 -59.47 28.32
N PRO J 9 45.92 -59.19 29.43
CA PRO J 9 46.17 -57.92 30.15
C PRO J 9 47.61 -57.89 30.63
N TRP J 10 48.28 -56.78 30.33
CA TRP J 10 49.73 -56.73 30.33
C TRP J 10 50.24 -55.42 30.90
N LEU J 11 51.53 -55.42 31.22
CA LEU J 11 52.21 -54.30 31.85
C LEU J 11 53.65 -54.33 31.36
N PHE J 12 54.30 -53.16 31.33
CA PHE J 12 55.71 -53.15 30.96
C PHE J 12 56.54 -53.77 32.07
N LEU J 13 57.36 -54.74 31.70
CA LEU J 13 58.22 -55.46 32.63
C LEU J 13 59.67 -55.00 32.50
N ILE J 14 60.47 -55.32 33.52
CA ILE J 14 61.91 -55.10 33.48
C ILE J 14 62.57 -56.33 34.07
N LYS J 15 63.71 -56.72 33.50
CA LYS J 15 64.53 -57.79 34.07
C LYS J 15 65.41 -57.26 35.21
N PRO J 16 65.31 -57.82 36.41
CA PRO J 16 66.21 -57.41 37.49
C PRO J 16 67.64 -57.88 37.24
N TYR J 17 68.59 -56.98 37.47
CA TYR J 17 69.99 -57.35 37.38
C TYR J 17 70.42 -58.21 38.57
N GLU J 18 71.56 -58.87 38.40
CA GLU J 18 72.00 -59.94 39.30
C GLU J 18 72.11 -59.50 40.76
N GLY J 19 72.45 -58.25 41.01
CA GLY J 19 72.53 -57.79 42.39
C GLY J 19 71.70 -56.56 42.71
N GLU J 20 70.80 -56.20 41.80
CA GLU J 20 70.07 -54.95 41.90
C GLU J 20 69.27 -54.88 43.21
N SER J 21 69.31 -53.70 43.84
CA SER J 21 68.56 -53.46 45.06
C SER J 21 67.08 -53.20 44.75
N LEU J 22 66.23 -53.52 45.72
CA LEU J 22 64.80 -53.32 45.59
C LEU J 22 64.43 -51.87 45.30
N SER J 23 65.09 -50.91 45.96
CA SER J 23 64.86 -49.51 45.67
C SER J 23 65.15 -49.17 44.21
N HIS J 24 66.30 -49.62 43.71
CA HIS J 24 66.64 -49.39 42.31
C HIS J 24 65.64 -50.06 41.37
N PHE J 25 65.28 -51.31 41.68
CA PHE J 25 64.37 -52.08 40.83
C PHE J 25 63.00 -51.44 40.74
N LEU J 26 62.39 -51.12 41.89
CA LEU J 26 61.09 -50.46 41.88
C LEU J 26 61.12 -49.14 41.14
N GLY J 27 62.20 -48.38 41.28
CA GLY J 27 62.33 -47.15 40.51
C GLY J 27 62.33 -47.35 39.00
N ARG J 28 63.04 -48.36 38.51
CA ARG J 28 62.98 -48.68 37.09
C ARG J 28 61.59 -49.12 36.66
N PHE J 29 60.97 -50.01 37.43
CA PHE J 29 59.62 -50.46 37.11
C PHE J 29 58.63 -49.31 37.11
N ARG J 30 58.76 -48.40 38.06
CA ARG J 30 57.91 -47.21 38.08
C ARG J 30 58.14 -46.31 36.87
N ARG J 31 59.41 -46.08 36.50
CA ARG J 31 59.68 -45.28 35.32
C ARG J 31 59.21 -45.96 34.03
N ALA J 32 59.39 -47.28 33.93
CA ALA J 32 58.88 -48.02 32.78
C ALA J 32 57.37 -47.90 32.61
N ASN J 33 56.65 -47.63 33.69
CA ASN J 33 55.20 -47.49 33.64
C ASN J 33 54.71 -46.10 34.03
N HIS J 34 55.61 -45.12 34.11
CA HIS J 34 55.31 -43.78 34.62
C HIS J 34 54.40 -43.82 35.85
N LEU J 35 54.77 -44.66 36.81
CA LEU J 35 54.05 -44.78 38.07
C LEU J 35 54.72 -43.90 39.12
N SER J 36 53.91 -43.17 39.89
CA SER J 36 54.41 -42.61 41.14
C SER J 36 54.55 -43.71 42.19
N ALA J 37 55.37 -43.40 43.21
CA ALA J 37 55.62 -44.35 44.28
C ALA J 37 54.33 -44.74 45.00
N SER J 38 53.47 -43.75 45.24
CA SER J 38 52.14 -44.01 45.78
C SER J 38 51.28 -44.83 44.81
N GLY J 39 51.47 -44.61 43.51
CA GLY J 39 50.71 -45.36 42.52
C GLY J 39 50.97 -46.85 42.54
N LEU J 40 52.24 -47.24 42.55
CA LEU J 40 52.58 -48.67 42.66
C LEU J 40 52.06 -49.28 43.95
N GLY J 41 52.14 -48.56 45.06
CA GLY J 41 51.59 -49.08 46.30
C GLY J 41 50.08 -49.27 46.26
N THR J 42 49.36 -48.35 45.64
CA THR J 42 47.93 -48.53 45.41
C THR J 42 47.67 -49.67 44.43
N LEU J 43 48.49 -49.80 43.39
CA LEU J 43 48.30 -50.89 42.44
C LEU J 43 48.51 -52.26 43.10
N ALA J 44 49.55 -52.39 43.93
CA ALA J 44 49.73 -53.61 44.70
C ALA J 44 48.83 -53.70 45.91
N GLY J 45 48.20 -52.60 46.32
CA GLY J 45 47.30 -52.59 47.46
C GLY J 45 47.97 -52.44 48.80
N ILE J 46 49.31 -52.40 48.86
CA ILE J 46 50.05 -52.19 50.09
C ILE J 46 50.18 -50.72 50.46
N GLY J 47 49.65 -49.82 49.64
CA GLY J 47 49.63 -48.39 49.96
C GLY J 47 50.99 -47.74 50.02
N ALA J 48 51.19 -46.87 51.01
CA ALA J 48 52.37 -46.02 51.12
C ALA J 48 53.66 -46.77 51.41
N ILE J 49 53.60 -48.08 51.62
CA ILE J 49 54.78 -48.87 51.98
C ILE J 49 55.89 -48.79 50.93
N VAL J 50 55.53 -48.68 49.65
CA VAL J 50 56.51 -48.62 48.57
C VAL J 50 57.45 -47.42 48.71
N ALA J 51 56.89 -46.24 49.02
CA ALA J 51 57.73 -45.06 49.24
C ALA J 51 58.69 -45.25 50.42
N ARG J 52 58.28 -46.04 51.41
CA ARG J 52 59.15 -46.36 52.54
C ARG J 52 60.28 -47.31 52.14
N TRP J 53 59.96 -48.39 51.40
CA TRP J 53 60.98 -49.32 50.92
C TRP J 53 62.00 -48.65 50.00
N GLU J 54 61.56 -47.74 49.14
CA GLU J 54 62.49 -47.07 48.24
C GLU J 54 63.55 -46.24 48.97
N ARG J 55 63.29 -45.83 50.21
CA ARG J 55 64.30 -45.17 51.04
C ARG J 55 65.10 -46.13 51.90
N PHE J 56 64.94 -47.44 51.70
CA PHE J 56 65.50 -48.48 52.56
C PHE J 56 65.07 -48.36 54.02
N HIS J 57 63.90 -47.78 54.27
CA HIS J 57 63.34 -47.73 55.62
C HIS J 57 62.60 -49.04 55.89
N PHE J 58 63.27 -49.96 56.57
CA PHE J 58 62.83 -51.33 56.73
C PHE J 58 62.52 -51.65 58.19
N ASN J 59 61.85 -50.73 58.88
CA ASN J 59 61.05 -51.10 60.03
C ASN J 59 59.58 -51.09 59.65
N PRO J 60 58.90 -52.24 59.64
CA PRO J 60 59.45 -53.59 59.56
C PRO J 60 60.07 -53.90 58.19
N ARG J 61 60.78 -55.02 58.07
CA ARG J 61 61.27 -55.47 56.77
C ARG J 61 60.09 -55.76 55.84
N PRO J 62 60.33 -55.75 54.51
CA PRO J 62 59.33 -56.27 53.58
C PRO J 62 58.85 -57.67 53.94
N SER J 63 57.59 -57.79 54.32
CA SER J 63 57.03 -59.05 54.76
C SER J 63 56.80 -59.99 53.59
N GLN J 64 56.59 -61.27 53.91
CA GLN J 64 56.15 -62.25 52.94
C GLN J 64 54.88 -61.82 52.22
N GLN J 65 53.91 -61.28 52.97
CA GLN J 65 52.67 -60.83 52.37
C GLN J 65 52.90 -59.74 51.34
N GLU J 66 53.69 -58.72 51.68
CA GLU J 66 53.87 -57.59 50.79
C GLU J 66 54.77 -57.91 49.60
N LEU J 67 55.78 -58.74 49.78
CA LEU J 67 56.59 -59.16 48.63
C LEU J 67 55.77 -60.01 47.66
N GLU J 68 54.93 -60.90 48.18
CA GLU J 68 53.98 -61.63 47.34
C GLU J 68 52.93 -60.72 46.71
N ALA J 69 52.57 -59.62 47.38
CA ALA J 69 51.69 -58.64 46.75
C ALA J 69 52.37 -57.91 45.61
N ILE J 70 53.60 -57.46 45.82
CA ILE J 70 54.37 -56.81 44.76
C ILE J 70 54.68 -57.79 43.63
N ALA J 71 54.95 -59.04 43.96
CA ALA J 71 55.10 -60.10 42.98
C ALA J 71 53.81 -60.41 42.21
N SER J 72 52.72 -59.70 42.44
CA SER J 72 51.55 -59.80 41.60
C SER J 72 51.48 -58.75 40.49
N VAL J 73 52.04 -57.56 40.71
CA VAL J 73 52.05 -56.52 39.69
C VAL J 73 53.37 -56.51 38.94
N VAL J 74 54.47 -56.67 39.65
CA VAL J 74 55.74 -57.07 39.06
C VAL J 74 55.70 -58.58 38.86
N GLU J 75 56.12 -59.04 37.70
CA GLU J 75 56.08 -60.48 37.41
C GLU J 75 57.27 -61.22 37.98
N VAL J 76 58.19 -60.52 38.65
CA VAL J 76 59.27 -61.15 39.38
C VAL J 76 58.72 -61.82 40.64
N ASP J 77 59.09 -63.08 40.84
CA ASP J 77 58.59 -63.84 41.97
C ASP J 77 59.21 -63.35 43.28
N ALA J 78 58.47 -63.60 44.37
CA ALA J 78 58.84 -63.11 45.69
C ALA J 78 60.17 -63.66 46.20
N GLN J 79 60.58 -64.86 45.77
CA GLN J 79 61.89 -65.35 46.15
C GLN J 79 63.00 -64.53 45.51
N ARG J 80 62.82 -64.14 44.25
CA ARG J 80 63.76 -63.23 43.59
C ARG J 80 63.68 -61.81 44.14
N LEU J 81 62.50 -61.35 44.55
CA LEU J 81 62.41 -60.07 45.25
C LEU J 81 63.13 -60.08 46.59
N ALA J 82 63.07 -61.18 47.34
CA ALA J 82 63.84 -61.28 48.56
C ALA J 82 65.35 -61.24 48.33
N GLN J 83 65.80 -61.62 47.14
CA GLN J 83 67.20 -61.48 46.78
C GLN J 83 67.60 -60.04 46.43
N MET J 84 66.64 -59.13 46.40
CA MET J 84 66.92 -57.71 46.20
C MET J 84 67.15 -56.99 47.53
N LEU J 85 67.19 -57.73 48.61
CA LEU J 85 67.25 -57.22 49.98
C LEU J 85 68.40 -57.93 50.68
N PRO J 86 68.87 -57.38 51.80
CA PRO J 86 69.83 -58.13 52.62
C PRO J 86 69.29 -59.48 53.02
N PRO J 87 70.11 -60.52 52.95
CA PRO J 87 69.73 -61.81 53.54
C PRO J 87 69.66 -61.71 55.06
N ALA J 88 68.97 -62.69 55.65
CA ALA J 88 68.66 -62.68 57.07
C ALA J 88 69.90 -62.46 57.94
N GLY J 89 69.80 -61.48 58.84
CA GLY J 89 70.87 -61.16 59.74
C GLY J 89 72.04 -60.37 59.18
N VAL J 90 72.02 -60.04 57.90
CA VAL J 90 73.01 -59.12 57.33
C VAL J 90 72.58 -57.69 57.64
N GLY J 91 73.35 -57.02 58.49
CA GLY J 91 73.08 -55.62 58.81
C GLY J 91 73.34 -54.69 57.63
N MET J 92 72.42 -53.75 57.46
CA MET J 92 72.50 -52.80 56.32
C MET J 92 72.35 -51.37 56.83
N GLN J 93 72.83 -50.38 56.08
CA GLN J 93 72.60 -48.95 56.43
C GLN J 93 71.85 -48.28 55.29
N HIS J 94 70.80 -47.51 55.61
CA HIS J 94 69.95 -46.89 54.56
C HIS J 94 70.45 -45.52 54.13
N GLU J 95 71.00 -44.73 55.04
CA GLU J 95 71.28 -43.30 54.75
C GLU J 95 72.47 -43.15 53.81
N PRO J 96 73.72 -43.47 54.18
CA PRO J 96 74.80 -43.21 53.23
C PRO J 96 74.54 -44.16 52.03
N ILE J 97 74.00 -43.66 50.92
CA ILE J 97 73.85 -44.48 49.67
C ILE J 97 75.22 -44.57 49.01
N ARG J 98 75.62 -45.73 48.51
CA ARG J 98 76.98 -45.96 48.05
C ARG J 98 76.99 -46.55 46.65
N LEU J 99 78.14 -46.46 45.99
CA LEU J 99 78.25 -46.76 44.57
C LEU J 99 79.66 -47.20 44.22
N CYS J 100 79.78 -48.21 43.36
CA CYS J 100 81.09 -48.59 42.85
C CYS J 100 81.49 -47.91 41.54
N GLY J 101 80.54 -47.45 40.73
CA GLY J 101 80.94 -46.74 39.52
C GLY J 101 81.54 -47.61 38.42
N ALA J 102 82.59 -48.36 38.74
CA ALA J 102 83.09 -49.38 37.81
C ALA J 102 82.09 -50.51 37.60
N CYS J 103 81.27 -50.83 38.61
CA CYS J 103 80.13 -51.71 38.37
C CYS J 103 79.07 -51.03 37.52
N TYR J 104 78.83 -49.75 37.75
CA TYR J 104 77.76 -49.06 37.02
C TYR J 104 78.09 -48.93 35.53
N ALA J 105 79.37 -48.89 35.18
CA ALA J 105 79.76 -48.94 33.77
C ALA J 105 79.49 -50.30 33.14
N GLU J 106 79.38 -51.35 33.93
CA GLU J 106 79.09 -52.69 33.43
C GLU J 106 77.61 -53.03 33.53
N SER J 107 76.93 -52.53 34.54
CA SER J 107 75.52 -52.82 34.78
C SER J 107 74.91 -51.62 35.51
N PRO J 108 73.99 -50.91 34.87
CA PRO J 108 73.46 -49.65 35.42
C PRO J 108 72.44 -49.87 36.54
N CYS J 109 72.90 -50.45 37.64
CA CYS J 109 72.05 -50.62 38.80
C CYS J 109 72.84 -50.35 40.08
N HIS J 110 72.12 -49.89 41.10
CA HIS J 110 72.60 -49.94 42.46
C HIS J 110 72.52 -51.36 43.00
N ARG J 111 73.58 -51.80 43.66
CA ARG J 111 73.65 -53.13 44.24
C ARG J 111 73.37 -53.04 45.74
N ILE J 112 72.46 -53.88 46.24
CA ILE J 112 72.08 -53.83 47.65
C ILE J 112 73.27 -54.09 48.57
N GLU J 113 74.25 -54.88 48.13
CA GLU J 113 75.45 -55.13 48.93
C GLU J 113 76.27 -53.86 49.20
N TRP J 114 76.15 -52.83 48.37
CA TRP J 114 76.81 -51.56 48.66
C TRP J 114 76.27 -50.88 49.92
N GLN J 115 75.11 -51.30 50.39
CA GLN J 115 74.55 -50.79 51.64
C GLN J 115 74.87 -51.65 52.86
N TYR J 116 75.51 -52.80 52.69
CA TYR J 116 75.85 -53.63 53.84
C TYR J 116 76.92 -52.98 54.70
N LYS J 117 76.72 -53.09 56.03
CA LYS J 117 77.67 -52.60 57.01
C LYS J 117 79.02 -53.33 56.98
N SER J 118 79.09 -54.48 56.31
CA SER J 118 80.33 -55.22 56.17
C SER J 118 81.09 -54.93 54.88
N VAL J 119 80.52 -54.15 53.97
CA VAL J 119 81.08 -53.94 52.65
C VAL J 119 81.71 -52.55 52.59
N TRP J 120 82.91 -52.49 52.05
CA TRP J 120 83.65 -51.26 51.84
C TRP J 120 84.47 -51.23 50.56
N LYS J 121 84.88 -52.37 50.02
CA LYS J 121 85.53 -52.45 48.72
C LYS J 121 84.69 -53.30 47.77
N CYS J 122 84.80 -52.99 46.48
CA CYS J 122 84.39 -53.93 45.44
C CYS J 122 85.51 -54.92 45.17
N ASP J 123 85.27 -56.20 45.48
CA ASP J 123 86.31 -57.20 45.24
C ASP J 123 86.54 -57.43 43.75
N ARG J 124 85.49 -57.30 42.94
CA ARG J 124 85.63 -57.44 41.50
C ARG J 124 86.58 -56.42 40.90
N HIS J 125 86.39 -55.15 41.25
CA HIS J 125 87.20 -54.06 40.72
C HIS J 125 88.37 -53.68 41.61
N GLN J 126 88.39 -54.15 42.86
CA GLN J 126 89.37 -53.74 43.86
C GLN J 126 89.39 -52.23 44.08
N LEU J 127 88.21 -51.65 44.18
CA LEU J 127 88.05 -50.22 44.43
C LEU J 127 87.25 -50.01 45.71
N LYS J 128 87.62 -48.99 46.47
CA LYS J 128 86.80 -48.49 47.56
C LYS J 128 85.51 -47.87 47.01
N ILE J 129 84.36 -48.39 47.43
CA ILE J 129 83.10 -47.85 46.91
C ILE J 129 82.87 -46.45 47.46
N LEU J 130 82.28 -45.60 46.63
CA LEU J 130 82.01 -44.21 46.95
C LEU J 130 80.78 -44.08 47.86
N ALA J 131 80.82 -43.08 48.73
CA ALA J 131 79.66 -42.71 49.53
C ALA J 131 79.16 -41.30 49.26
N LYS J 132 79.76 -40.62 48.30
CA LYS J 132 79.27 -39.35 47.76
C LYS J 132 79.98 -39.13 46.44
N CYS J 133 79.45 -38.21 45.65
CA CYS J 133 80.08 -37.85 44.39
C CYS J 133 81.52 -37.40 44.60
N PRO J 134 82.50 -38.03 43.96
CA PRO J 134 83.90 -37.64 44.20
C PRO J 134 84.27 -36.33 43.55
N ASN J 135 83.53 -35.89 42.53
CA ASN J 135 83.81 -34.61 41.89
C ASN J 135 83.30 -33.43 42.70
N CYS J 136 82.06 -33.51 43.18
CA CYS J 136 81.43 -32.35 43.81
C CYS J 136 80.92 -32.62 45.22
N GLN J 137 81.13 -33.81 45.76
CA GLN J 137 80.79 -34.20 47.13
C GLN J 137 79.31 -34.21 47.43
N ALA J 138 78.44 -34.12 46.43
CA ALA J 138 77.02 -34.30 46.67
C ALA J 138 76.71 -35.75 47.00
N PRO J 139 75.93 -36.03 48.03
CA PRO J 139 75.51 -37.41 48.30
C PRO J 139 74.56 -37.92 47.23
N PHE J 140 74.65 -39.22 46.96
CA PHE J 140 73.78 -39.86 45.98
C PHE J 140 72.34 -39.93 46.47
N LYS J 141 71.41 -39.75 45.55
CA LYS J 141 69.99 -39.90 45.84
C LYS J 141 69.60 -41.37 46.00
N MET J 142 68.41 -41.59 46.53
CA MET J 142 67.91 -42.95 46.70
C MET J 142 67.92 -43.68 45.36
N PRO J 143 68.30 -44.97 45.35
CA PRO J 143 68.47 -45.68 44.06
C PRO J 143 67.23 -45.70 43.17
N ALA J 144 66.04 -45.50 43.73
CA ALA J 144 64.85 -45.34 42.91
C ALA J 144 64.93 -44.12 41.99
N LEU J 145 65.73 -43.13 42.34
CA LEU J 145 65.79 -41.88 41.58
C LEU J 145 66.98 -41.80 40.65
N TRP J 146 67.77 -42.86 40.53
CA TRP J 146 68.87 -42.90 39.57
C TRP J 146 68.36 -43.08 38.15
N GLU J 147 67.59 -42.12 37.64
CA GLU J 147 67.17 -42.17 36.24
C GLU J 147 68.33 -41.83 35.30
N ASP J 148 69.04 -40.75 35.57
CA ASP J 148 70.01 -40.23 34.63
C ASP J 148 71.31 -41.03 34.62
N GLY J 149 71.62 -41.76 35.68
CA GLY J 149 72.91 -42.41 35.80
C GLY J 149 74.07 -41.45 35.97
N CYS J 150 73.82 -40.28 36.54
CA CYS J 150 74.84 -39.27 36.76
C CYS J 150 74.55 -38.56 38.07
N CYS J 151 75.56 -37.88 38.60
CA CYS J 151 75.37 -37.01 39.74
C CYS J 151 74.36 -35.90 39.42
N HIS J 152 73.39 -35.73 40.31
CA HIS J 152 72.34 -34.74 40.08
C HIS J 152 72.84 -33.30 40.18
N ARG J 153 73.98 -33.06 40.82
CA ARG J 153 74.51 -31.71 40.92
C ARG J 153 75.42 -31.34 39.75
N CYS J 154 76.53 -32.05 39.60
CA CYS J 154 77.55 -31.70 38.61
C CYS J 154 77.41 -32.49 37.32
N ARG J 155 76.42 -33.38 37.23
CA ARG J 155 76.10 -34.18 36.06
C ARG J 155 77.22 -35.11 35.61
N MET J 156 78.23 -35.34 36.45
CA MET J 156 79.23 -36.36 36.15
C MET J 156 78.58 -37.74 36.11
N PRO J 157 78.72 -38.49 35.02
CA PRO J 157 78.16 -39.84 34.98
C PRO J 157 78.86 -40.78 35.96
N PHE J 158 78.07 -41.70 36.52
CA PHE J 158 78.61 -42.65 37.50
C PHE J 158 79.72 -43.52 36.91
N ALA J 159 79.66 -43.80 35.61
CA ALA J 159 80.72 -44.55 34.95
C ALA J 159 82.05 -43.82 34.93
N GLU J 160 82.04 -42.49 34.89
CA GLU J 160 83.28 -41.74 34.97
C GLU J 160 83.84 -41.67 36.39
N MET J 161 83.00 -41.73 37.41
CA MET J 161 83.45 -41.74 38.79
C MET J 161 84.24 -43.00 39.16
N ALA J 162 84.28 -44.00 38.29
CA ALA J 162 85.16 -45.16 38.46
C ALA J 162 86.64 -44.77 38.57
N LYS J 163 87.09 -43.81 37.77
CA LYS J 163 88.49 -43.42 37.85
C LYS J 163 88.79 -42.50 39.02
N LEU J 164 87.78 -42.14 39.81
CA LEU J 164 87.93 -41.32 41.00
C LEU J 164 87.67 -42.16 42.26
N GLN J 165 88.13 -43.41 42.25
CA GLN J 165 87.92 -44.30 43.38
C GLN J 165 89.24 -44.88 43.89
N LYS J 166 89.19 -45.33 45.13
CA LYS J 166 90.32 -45.84 45.90
C LYS J 166 91.36 -44.73 46.11
N GLU K 19 62.87 -57.53 -0.29
CA GLU K 19 62.09 -56.94 -1.38
C GLU K 19 62.33 -55.45 -1.48
N TRP K 20 62.67 -55.01 -2.70
CA TRP K 20 62.97 -53.61 -2.97
C TRP K 20 61.80 -52.70 -2.62
N LEU K 21 60.58 -53.11 -2.96
CA LEU K 21 59.40 -52.27 -2.75
C LEU K 21 59.24 -51.86 -1.29
N GLN K 22 59.50 -52.79 -0.36
CA GLN K 22 59.29 -52.51 1.07
C GLN K 22 60.19 -51.38 1.57
N ALA K 23 61.43 -51.33 1.09
CA ALA K 23 62.36 -50.30 1.51
C ALA K 23 62.02 -48.92 0.96
N GLU K 24 61.52 -48.84 -0.27
CA GLU K 24 61.06 -47.56 -0.79
C GLU K 24 59.80 -47.07 -0.08
N ILE K 25 58.82 -47.95 0.15
CA ILE K 25 57.64 -47.54 0.92
C ILE K 25 58.01 -47.13 2.34
N ALA K 26 58.92 -47.88 2.97
CA ALA K 26 59.41 -47.51 4.30
C ALA K 26 60.13 -46.16 4.31
N ARG K 27 60.79 -45.81 3.21
CA ARG K 27 61.39 -44.47 3.08
C ARG K 27 60.34 -43.40 2.80
N LEU K 28 59.44 -43.65 1.85
CA LEU K 28 58.46 -42.63 1.46
C LEU K 28 57.46 -42.32 2.55
N LYS K 29 57.19 -43.24 3.47
CA LYS K 29 56.32 -42.91 4.61
C LYS K 29 57.02 -42.01 5.62
N GLY K 30 58.35 -41.95 5.63
CA GLY K 30 59.05 -41.15 6.61
C GLY K 30 59.24 -39.70 6.18
N LYS K 31 59.53 -38.85 7.17
CA LYS K 31 59.80 -37.44 6.96
C LYS K 31 61.25 -37.18 6.56
N SER K 32 61.47 -36.03 5.94
CA SER K 32 62.79 -35.55 5.56
C SER K 32 62.79 -34.04 5.66
N ILE K 33 63.99 -33.46 5.73
CA ILE K 33 64.17 -32.01 5.83
C ILE K 33 64.74 -31.51 4.52
N VAL K 34 64.07 -30.55 3.90
CA VAL K 34 64.50 -29.91 2.66
C VAL K 34 64.94 -28.48 2.97
N PRO K 35 66.12 -28.04 2.49
CA PRO K 35 66.70 -26.75 2.88
C PRO K 35 66.10 -25.54 2.16
N LEU K 36 64.78 -25.40 2.25
CA LEU K 36 64.08 -24.30 1.62
C LEU K 36 64.56 -22.95 2.15
N GLN K 37 64.49 -21.94 1.27
CA GLN K 37 64.88 -20.58 1.61
C GLN K 37 64.01 -19.99 2.72
N GLN K 38 62.77 -20.46 2.82
CA GLN K 38 61.91 -20.11 3.95
C GLN K 38 62.53 -20.53 5.27
N VAL K 39 63.16 -21.71 5.32
CA VAL K 39 63.87 -22.15 6.52
C VAL K 39 65.12 -21.31 6.77
N LYS K 40 65.93 -21.08 5.73
CA LYS K 40 67.12 -20.24 5.87
C LYS K 40 66.78 -18.83 6.39
N THR K 41 65.65 -18.27 5.95
CA THR K 41 65.22 -16.95 6.42
C THR K 41 65.01 -16.93 7.93
N LEU K 42 64.27 -17.91 8.46
CA LEU K 42 64.09 -18.01 9.92
C LEU K 42 65.40 -18.21 10.66
N HIS K 43 66.27 -19.10 10.16
CA HIS K 43 67.51 -19.40 10.86
C HIS K 43 68.42 -18.17 10.98
N ASP K 44 68.58 -17.42 9.89
CA ASP K 44 69.33 -16.17 9.97
C ASP K 44 68.65 -15.15 10.88
N TRP K 45 67.32 -15.13 10.87
CA TRP K 45 66.58 -14.19 11.73
C TRP K 45 66.65 -14.58 13.20
N LEU K 46 66.45 -15.88 13.50
CA LEU K 46 66.60 -16.38 14.86
C LEU K 46 68.01 -16.15 15.40
N ASP K 47 69.02 -16.25 14.53
CA ASP K 47 70.38 -15.88 14.92
C ASP K 47 70.49 -14.43 15.35
N GLY K 48 69.80 -13.52 14.66
CA GLY K 48 69.78 -12.13 15.11
C GLY K 48 69.10 -11.93 16.44
N LYS K 49 67.94 -12.56 16.65
CA LYS K 49 67.23 -12.45 17.92
C LYS K 49 67.98 -13.12 19.06
N ARG K 50 68.56 -14.29 18.81
CA ARG K 50 69.42 -14.92 19.80
C ARG K 50 70.65 -14.07 20.12
N LYS K 51 71.33 -13.56 19.09
CA LYS K 51 72.50 -12.73 19.33
C LYS K 51 72.13 -11.48 20.12
N ALA K 52 71.10 -10.78 19.67
CA ALA K 52 70.58 -9.62 20.39
C ALA K 52 69.84 -10.01 21.65
N ARG K 53 69.77 -11.31 21.96
CA ARG K 53 69.08 -11.82 23.15
C ARG K 53 67.65 -11.31 23.25
N LYS K 54 66.98 -11.27 22.10
CA LYS K 54 65.71 -10.57 21.92
C LYS K 54 64.56 -11.58 21.86
N SER K 55 63.51 -11.31 22.62
CA SER K 55 62.27 -12.06 22.54
C SER K 55 61.47 -11.65 21.32
N CYS K 56 60.70 -12.61 20.78
CA CYS K 56 59.99 -12.42 19.52
C CYS K 56 58.95 -13.51 19.38
N ARG K 57 58.27 -13.52 18.24
CA ARG K 57 57.34 -14.61 17.94
C ARG K 57 57.43 -15.01 16.47
N VAL K 58 57.05 -16.26 16.19
CA VAL K 58 56.92 -16.81 14.85
C VAL K 58 55.45 -17.17 14.62
N VAL K 59 54.87 -16.68 13.53
CA VAL K 59 53.44 -16.86 13.26
C VAL K 59 53.25 -17.22 11.79
N GLY K 60 52.31 -18.12 11.52
CA GLY K 60 51.94 -18.44 10.15
C GLY K 60 50.86 -19.50 10.14
N GLU K 61 50.21 -19.62 8.98
CA GLU K 61 49.17 -20.62 8.78
C GLU K 61 49.67 -22.03 9.07
N SER K 62 48.73 -22.93 9.33
CA SER K 62 49.06 -24.34 9.52
C SER K 62 49.77 -24.94 8.31
N ARG K 63 50.65 -25.88 8.58
CA ARG K 63 51.40 -26.66 7.60
C ARG K 63 52.28 -25.80 6.69
N THR K 64 52.64 -24.60 7.13
CA THR K 64 53.58 -23.76 6.42
C THR K 64 55.03 -24.13 6.69
N GLY K 65 55.30 -24.95 7.69
CA GLY K 65 56.63 -25.45 7.94
C GLY K 65 57.34 -24.84 9.12
N LYS K 66 56.62 -24.10 9.98
CA LYS K 66 57.24 -23.41 11.10
C LYS K 66 57.95 -24.39 12.05
N THR K 67 57.25 -25.42 12.48
CA THR K 67 57.82 -26.45 13.35
C THR K 67 59.08 -27.08 12.76
N VAL K 68 59.02 -27.53 11.51
CA VAL K 68 60.19 -28.17 10.91
C VAL K 68 61.37 -27.21 10.80
N ALA K 69 61.12 -25.94 10.50
CA ALA K 69 62.20 -24.95 10.47
C ALA K 69 62.78 -24.67 11.85
N CYS K 70 61.92 -24.54 12.87
CA CYS K 70 62.41 -24.35 14.24
C CYS K 70 63.12 -25.59 14.78
N ASP K 71 62.56 -26.77 14.52
CA ASP K 71 63.18 -28.02 14.93
C ASP K 71 64.54 -28.22 14.27
N ALA K 72 64.65 -27.89 12.98
CA ALA K 72 65.93 -27.93 12.29
C ALA K 72 66.95 -26.98 12.89
N TYR K 73 66.50 -25.82 13.36
CA TYR K 73 67.40 -24.87 14.01
C TYR K 73 67.98 -25.41 15.31
N ARG K 74 67.18 -26.13 16.09
CA ARG K 74 67.72 -26.76 17.31
C ARG K 74 68.78 -27.80 16.99
N TYR K 75 68.56 -28.63 15.97
CA TYR K 75 69.60 -29.55 15.53
C TYR K 75 70.86 -28.84 15.06
N ARG K 76 70.73 -27.62 14.54
CA ARG K 76 71.87 -26.82 14.11
C ARG K 76 72.73 -26.30 15.26
N HIS K 77 72.29 -26.42 16.51
CA HIS K 77 72.99 -25.88 17.68
C HIS K 77 72.91 -26.85 18.84
N LYS K 78 73.25 -28.11 18.56
CA LYS K 78 73.21 -29.15 19.57
C LYS K 78 74.10 -28.81 20.77
N PRO K 79 73.76 -29.32 21.95
CA PRO K 79 74.52 -29.01 23.18
C PRO K 79 76.01 -29.30 23.10
N GLN K 80 76.73 -28.69 24.05
CA GLN K 80 78.18 -28.80 24.19
C GLN K 80 78.51 -29.10 25.65
N GLN K 81 79.71 -29.64 25.89
CA GLN K 81 80.08 -30.13 27.20
C GLN K 81 81.52 -29.76 27.55
N GLU K 82 81.81 -29.83 28.85
CA GLU K 82 83.16 -29.66 29.38
C GLU K 82 83.32 -30.56 30.60
N ALA K 83 84.56 -30.98 30.85
CA ALA K 83 84.84 -31.98 31.88
C ALA K 83 84.41 -31.52 33.26
N GLY K 84 83.59 -32.34 33.91
CA GLY K 84 83.12 -32.04 35.25
C GLY K 84 82.19 -30.88 35.35
N ARG K 85 81.56 -30.50 34.23
CA ARG K 85 80.61 -29.42 34.17
C ARG K 85 79.30 -29.95 33.59
N PRO K 86 78.16 -29.33 33.91
CA PRO K 86 76.94 -29.65 33.20
C PRO K 86 77.06 -29.30 31.73
N PRO K 87 76.26 -29.93 30.87
CA PRO K 87 76.26 -29.55 29.46
C PRO K 87 75.72 -28.14 29.26
N THR K 88 76.24 -27.46 28.24
CA THR K 88 75.68 -26.18 27.82
C THR K 88 74.83 -26.35 26.56
N VAL K 89 73.68 -25.69 26.56
CA VAL K 89 72.59 -25.96 25.62
C VAL K 89 72.18 -24.63 25.01
N PRO K 90 72.78 -24.23 23.89
CA PRO K 90 72.53 -22.87 23.37
C PRO K 90 71.07 -22.55 23.12
N VAL K 91 70.31 -23.46 22.51
CA VAL K 91 68.89 -23.24 22.26
C VAL K 91 68.10 -24.43 22.79
N VAL K 92 67.01 -24.12 23.49
CA VAL K 92 66.03 -25.12 23.93
C VAL K 92 64.81 -25.01 23.04
N TYR K 93 64.34 -26.15 22.52
CA TYR K 93 63.08 -26.22 21.78
C TYR K 93 62.12 -27.12 22.54
N ILE K 94 60.94 -26.60 22.89
CA ILE K 94 59.90 -27.37 23.56
C ILE K 94 58.57 -27.15 22.86
N ARG K 95 57.71 -28.17 22.91
CA ARG K 95 56.31 -28.01 22.55
C ARG K 95 55.44 -28.40 23.74
N PRO K 96 54.84 -27.43 24.43
CA PRO K 96 53.91 -27.75 25.53
C PRO K 96 52.78 -28.68 25.08
N HIS K 97 52.27 -29.45 26.04
CA HIS K 97 50.98 -30.10 25.83
C HIS K 97 49.87 -29.05 25.90
N GLN K 98 48.72 -29.41 25.35
CA GLN K 98 47.59 -28.49 25.36
C GLN K 98 47.17 -28.12 26.79
N LYS K 99 46.79 -26.85 26.95
CA LYS K 99 46.49 -26.25 28.25
C LYS K 99 47.63 -26.46 29.25
N CYS K 100 48.82 -26.02 28.87
CA CYS K 100 50.00 -26.19 29.72
C CYS K 100 49.96 -25.21 30.88
N GLY K 101 49.90 -25.74 32.10
CA GLY K 101 50.05 -24.94 33.30
C GLY K 101 51.51 -24.70 33.65
N PRO K 102 51.75 -23.73 34.54
CA PRO K 102 53.15 -23.35 34.86
C PRO K 102 54.04 -24.51 35.27
N LYS K 103 53.56 -25.37 36.17
CA LYS K 103 54.36 -26.47 36.69
C LYS K 103 54.79 -27.43 35.58
N ASP K 104 53.90 -27.69 34.61
CA ASP K 104 54.22 -28.57 33.50
C ASP K 104 55.11 -27.91 32.46
N LEU K 105 55.07 -26.58 32.33
CA LEU K 105 56.08 -25.88 31.54
C LEU K 105 57.47 -25.97 32.15
N PHE K 106 57.57 -25.76 33.47
CA PHE K 106 58.83 -25.97 34.17
C PHE K 106 59.33 -27.40 34.01
N LYS K 107 58.44 -28.37 34.13
CA LYS K 107 58.80 -29.77 33.88
C LYS K 107 59.28 -29.99 32.45
N LYS K 108 58.59 -29.41 31.47
CA LYS K 108 59.05 -29.47 30.08
C LYS K 108 60.47 -28.94 29.91
N ILE K 109 60.75 -27.75 30.46
CA ILE K 109 62.09 -27.18 30.36
C ILE K 109 63.10 -28.02 31.14
N THR K 110 62.75 -28.40 32.38
CA THR K 110 63.60 -29.24 33.22
C THR K 110 63.98 -30.56 32.55
N GLU K 111 62.98 -31.25 32.00
CA GLU K 111 63.23 -32.54 31.35
C GLU K 111 64.03 -32.39 30.07
N TYR K 112 63.83 -31.30 29.31
CA TYR K 112 64.68 -31.07 28.14
C TYR K 112 66.14 -30.91 28.54
N LEU K 113 66.41 -30.24 29.66
CA LEU K 113 67.76 -30.12 30.21
C LEU K 113 68.20 -31.37 30.99
N LYS K 114 67.44 -32.46 30.94
CA LYS K 114 67.75 -33.75 31.57
C LYS K 114 67.78 -33.70 33.09
N TYR K 115 67.33 -32.62 33.71
CA TYR K 115 67.14 -32.62 35.15
C TYR K 115 65.84 -33.32 35.52
N ARG K 116 65.65 -33.54 36.81
CA ARG K 116 64.41 -34.11 37.34
C ARG K 116 64.03 -33.39 38.62
N VAL K 117 62.72 -33.25 38.84
CA VAL K 117 62.18 -32.61 40.03
C VAL K 117 60.93 -33.38 40.45
N THR K 118 61.06 -34.22 41.46
CA THR K 118 60.00 -35.15 41.83
C THR K 118 58.95 -34.54 42.75
N LYS K 119 59.29 -33.49 43.47
CA LYS K 119 58.42 -32.93 44.48
C LYS K 119 58.68 -31.43 44.57
N GLY K 120 57.64 -30.67 44.89
CA GLY K 120 57.80 -29.26 45.14
C GLY K 120 56.52 -28.50 44.87
N THR K 121 56.44 -27.30 45.43
CA THR K 121 55.45 -26.32 45.00
C THR K 121 55.78 -25.83 43.59
N VAL K 122 54.82 -25.14 42.98
CA VAL K 122 55.07 -24.46 41.71
C VAL K 122 56.22 -23.48 41.84
N SER K 123 56.32 -22.81 42.99
CA SER K 123 57.45 -21.92 43.24
C SER K 123 58.77 -22.68 43.22
N ASP K 124 58.80 -23.87 43.82
CA ASP K 124 60.00 -24.70 43.79
C ASP K 124 60.34 -25.18 42.38
N PHE K 125 59.33 -25.54 41.59
CA PHE K 125 59.57 -25.87 40.19
C PHE K 125 60.09 -24.67 39.42
N ARG K 126 59.52 -23.48 39.65
CA ARG K 126 60.04 -22.27 39.03
C ARG K 126 61.48 -22.02 39.42
N ASP K 127 61.78 -22.03 40.72
CA ASP K 127 63.13 -21.76 41.19
C ASP K 127 64.15 -22.75 40.64
N ARG K 128 63.81 -24.03 40.63
CA ARG K 128 64.70 -25.02 40.02
C ARG K 128 64.88 -24.79 38.54
N THR K 129 63.84 -24.32 37.85
CA THR K 129 63.98 -23.97 36.43
C THR K 129 64.95 -22.82 36.22
N ILE K 130 64.82 -21.76 37.01
CA ILE K 130 65.72 -20.61 36.88
C ILE K 130 67.18 -21.01 37.05
N GLU K 131 67.49 -21.83 38.06
CA GLU K 131 68.87 -22.20 38.29
C GLU K 131 69.40 -23.22 37.27
N VAL K 132 68.56 -24.08 36.72
CA VAL K 132 69.04 -24.96 35.66
C VAL K 132 69.13 -24.24 34.31
N LEU K 133 68.25 -23.29 34.03
CA LEU K 133 68.40 -22.49 32.81
C LEU K 133 69.72 -21.74 32.80
N LYS K 134 69.99 -20.96 33.86
CA LYS K 134 71.26 -20.26 33.97
C LYS K 134 72.43 -21.19 34.22
N GLY K 135 72.18 -22.38 34.78
CA GLY K 135 73.25 -23.35 34.92
C GLY K 135 73.76 -23.87 33.58
N CYS K 136 72.85 -24.24 32.69
CA CYS K 136 73.21 -24.61 31.33
C CYS K 136 73.45 -23.41 30.44
N GLY K 137 73.12 -22.20 30.89
CA GLY K 137 73.44 -21.00 30.15
C GLY K 137 72.70 -20.86 28.83
N VAL K 138 71.47 -21.34 28.77
CA VAL K 138 70.68 -21.26 27.55
C VAL K 138 70.46 -19.79 27.17
N GLU K 139 70.48 -19.52 25.88
CA GLU K 139 70.29 -18.17 25.37
C GLU K 139 69.01 -17.96 24.58
N MET K 140 68.42 -19.02 24.03
CA MET K 140 67.13 -18.88 23.36
C MET K 140 66.22 -20.03 23.76
N LEU K 141 64.97 -19.71 24.07
CA LEU K 141 63.93 -20.69 24.35
C LEU K 141 62.81 -20.55 23.32
N ILE K 142 62.65 -21.55 22.47
CA ILE K 142 61.56 -21.59 21.50
C ILE K 142 60.40 -22.40 22.07
N ILE K 143 59.23 -21.78 22.18
CA ILE K 143 58.03 -22.45 22.65
C ILE K 143 57.10 -22.64 21.45
N ASP K 144 57.11 -23.85 20.89
CA ASP K 144 56.27 -24.18 19.74
C ASP K 144 54.83 -24.46 20.16
N GLU K 145 53.89 -23.97 19.37
CA GLU K 145 52.47 -23.93 19.71
C GLU K 145 52.22 -23.30 21.09
N ALA K 146 52.84 -22.14 21.29
CA ALA K 146 52.74 -21.41 22.55
C ALA K 146 51.30 -21.08 22.95
N ASP K 147 50.37 -21.04 21.99
CA ASP K 147 48.96 -20.88 22.34
C ASP K 147 48.38 -22.04 23.14
N ARG K 148 49.14 -23.11 23.34
CA ARG K 148 48.76 -24.14 24.30
C ARG K 148 49.00 -23.73 25.76
N LEU K 149 49.81 -22.70 26.01
CA LEU K 149 50.01 -22.21 27.35
C LEU K 149 48.70 -21.70 27.95
N LYS K 150 48.49 -21.99 29.23
CA LYS K 150 47.45 -21.29 29.98
C LYS K 150 47.78 -19.81 30.11
N PRO K 151 46.76 -18.95 30.21
CA PRO K 151 47.00 -17.50 30.32
C PRO K 151 47.98 -17.10 31.41
N GLU K 152 47.85 -17.68 32.61
CA GLU K 152 48.78 -17.39 33.69
C GLU K 152 50.20 -17.82 33.38
N THR K 153 50.37 -18.86 32.56
CA THR K 153 51.71 -19.35 32.26
C THR K 153 52.54 -18.34 31.48
N PHE K 154 51.88 -17.44 30.73
CA PHE K 154 52.61 -16.37 30.06
C PHE K 154 53.26 -15.40 31.04
N ALA K 155 52.68 -15.24 32.24
CA ALA K 155 53.36 -14.44 33.26
C ALA K 155 54.71 -15.04 33.65
N ASP K 156 54.72 -16.34 33.93
CA ASP K 156 55.98 -17.02 34.23
C ASP K 156 56.93 -17.05 33.03
N VAL K 157 56.40 -17.13 31.81
CA VAL K 157 57.23 -16.99 30.62
C VAL K 157 57.86 -15.61 30.54
N ARG K 158 57.08 -14.57 30.81
CA ARG K 158 57.62 -13.22 30.89
C ARG K 158 58.71 -13.08 31.94
N ASP K 159 58.53 -13.68 33.11
CA ASP K 159 59.53 -13.64 34.16
C ASP K 159 60.83 -14.31 33.73
N ILE K 160 60.72 -15.48 33.12
CA ILE K 160 61.90 -16.18 32.62
C ILE K 160 62.63 -15.35 31.56
N ALA K 161 61.87 -14.65 30.71
CA ALA K 161 62.50 -13.78 29.72
C ALA K 161 63.28 -12.65 30.37
N GLU K 162 62.65 -11.89 31.25
CA GLU K 162 63.27 -10.69 31.79
C GLU K 162 64.35 -11.00 32.82
N ASP K 163 64.05 -11.89 33.78
CA ASP K 163 64.96 -12.08 34.91
C ASP K 163 66.27 -12.72 34.52
N LEU K 164 66.31 -13.45 33.41
CA LEU K 164 67.52 -14.14 32.99
C LEU K 164 68.08 -13.64 31.67
N GLY K 165 67.29 -12.94 30.87
CA GLY K 165 67.71 -12.51 29.55
C GLY K 165 67.85 -13.64 28.57
N ILE K 166 66.75 -14.36 28.35
CA ILE K 166 66.66 -15.38 27.31
C ILE K 166 65.86 -14.79 26.16
N ALA K 167 66.32 -15.01 24.93
CA ALA K 167 65.49 -14.80 23.74
C ALA K 167 64.38 -15.85 23.73
N VAL K 168 63.19 -15.49 24.20
CA VAL K 168 62.04 -16.38 24.12
C VAL K 168 61.38 -16.20 22.75
N VAL K 169 61.20 -17.31 22.04
CA VAL K 169 60.54 -17.29 20.73
C VAL K 169 59.24 -18.08 20.84
N LEU K 170 58.11 -17.40 20.72
CA LEU K 170 56.81 -18.06 20.68
C LEU K 170 56.46 -18.43 19.25
N VAL K 171 55.96 -19.64 19.04
CA VAL K 171 55.57 -20.11 17.71
C VAL K 171 54.10 -20.51 17.73
N GLY K 172 53.39 -20.16 16.67
CA GLY K 172 51.99 -20.54 16.58
C GLY K 172 51.39 -20.14 15.25
N THR K 173 50.08 -20.31 15.17
CA THR K 173 49.28 -19.75 14.09
C THR K 173 48.71 -18.39 14.52
N ASP K 174 47.86 -17.80 13.68
CA ASP K 174 47.17 -16.56 14.04
C ASP K 174 46.39 -16.66 15.34
N ARG K 175 46.10 -17.89 15.81
CA ARG K 175 45.61 -18.09 17.17
C ARG K 175 46.58 -17.57 18.23
N LEU K 176 47.88 -17.66 17.98
CA LEU K 176 48.86 -17.09 18.91
C LEU K 176 48.76 -15.57 19.01
N ASP K 177 48.64 -14.88 17.87
CA ASP K 177 48.39 -13.45 17.91
C ASP K 177 47.10 -13.10 18.67
N ALA K 178 46.06 -13.91 18.52
CA ALA K 178 44.82 -13.64 19.26
C ALA K 178 44.96 -13.79 20.78
N VAL K 179 45.78 -14.74 21.25
CA VAL K 179 45.97 -14.85 22.69
C VAL K 179 46.94 -13.80 23.24
N ILE K 180 47.99 -13.46 22.47
CA ILE K 180 48.95 -12.45 22.90
C ILE K 180 48.32 -11.07 23.06
N LYS K 181 47.33 -10.73 22.23
CA LYS K 181 46.58 -9.48 22.39
C LYS K 181 45.81 -9.37 23.70
N ARG K 182 45.73 -10.43 24.49
CA ARG K 182 44.98 -10.39 25.75
C ARG K 182 45.83 -10.10 26.98
N ASP K 183 47.14 -9.90 26.82
CA ASP K 183 47.97 -9.45 27.94
C ASP K 183 48.99 -8.45 27.42
N GLU K 184 48.79 -7.18 27.80
CA GLU K 184 49.66 -6.09 27.34
C GLU K 184 51.13 -6.36 27.59
N GLN K 185 51.46 -7.00 28.71
CA GLN K 185 52.87 -7.26 29.02
C GLN K 185 53.46 -8.33 28.11
N VAL K 186 52.65 -9.29 27.67
CA VAL K 186 53.11 -10.26 26.68
C VAL K 186 53.20 -9.62 25.31
N LEU K 187 52.17 -8.87 24.93
CA LEU K 187 52.17 -8.12 23.68
C LEU K 187 53.39 -7.21 23.56
N GLU K 188 53.79 -6.58 24.66
CA GLU K 188 54.93 -5.68 24.64
C GLU K 188 56.27 -6.39 24.42
N ARG K 189 56.56 -7.43 25.20
CA ARG K 189 57.89 -8.04 25.08
C ARG K 189 58.05 -9.03 23.94
N PHE K 190 56.95 -9.55 23.39
CA PHE K 190 56.98 -10.41 22.21
C PHE K 190 56.59 -9.69 20.92
N ARG K 191 56.74 -8.36 20.89
CA ARG K 191 56.25 -7.54 19.79
C ARG K 191 56.92 -7.86 18.46
N ALA K 192 58.24 -8.09 18.45
CA ALA K 192 58.92 -8.46 17.22
C ALA K 192 58.51 -9.83 16.73
N HIS K 193 58.34 -9.98 15.41
CA HIS K 193 57.77 -11.20 14.87
C HIS K 193 58.32 -11.49 13.48
N LEU K 194 58.21 -12.76 13.09
CA LEU K 194 58.40 -13.22 11.72
C LEU K 194 57.14 -13.93 11.24
N ARG K 195 56.75 -13.65 10.00
CA ARG K 195 55.60 -14.28 9.36
C ARG K 195 56.09 -15.39 8.45
N PHE K 196 55.59 -16.62 8.66
CA PHE K 196 55.70 -17.69 7.69
C PHE K 196 54.62 -17.57 6.63
N GLY K 197 55.04 -17.38 5.38
CA GLY K 197 54.13 -17.41 4.25
C GLY K 197 53.90 -18.79 3.67
N LYS K 198 52.85 -18.88 2.85
CA LYS K 198 52.63 -19.97 1.93
C LYS K 198 53.49 -19.81 0.68
N LEU K 199 53.70 -20.90 -0.04
CA LEU K 199 54.42 -20.87 -1.30
C LEU K 199 53.55 -20.34 -2.44
N SER K 200 54.19 -19.76 -3.44
CA SER K 200 53.47 -19.25 -4.61
C SER K 200 54.43 -19.15 -5.79
N GLY K 201 53.85 -18.93 -6.97
CA GLY K 201 54.60 -18.58 -8.16
C GLY K 201 55.66 -19.59 -8.54
N GLU K 202 56.79 -19.08 -9.05
CA GLU K 202 57.91 -19.93 -9.40
C GLU K 202 58.56 -20.56 -8.19
N ASP K 203 58.41 -19.95 -7.01
CA ASP K 203 58.99 -20.52 -5.80
C ASP K 203 58.30 -21.81 -5.42
N PHE K 204 56.98 -21.87 -5.58
CA PHE K 204 56.26 -23.13 -5.43
C PHE K 204 56.75 -24.17 -6.43
N LYS K 205 56.82 -23.80 -7.71
CA LYS K 205 57.37 -24.68 -8.74
C LYS K 205 58.77 -25.18 -8.39
N ASN K 206 59.66 -24.30 -7.94
CA ASN K 206 60.99 -24.74 -7.52
C ASN K 206 60.93 -25.73 -6.37
N THR K 207 60.01 -25.52 -5.44
CA THR K 207 59.81 -26.50 -4.36
C THR K 207 59.30 -27.83 -4.89
N VAL K 208 58.45 -27.81 -5.91
CA VAL K 208 57.99 -29.06 -6.52
C VAL K 208 59.14 -29.86 -7.12
N GLU K 209 60.01 -29.20 -7.89
CA GLU K 209 61.17 -29.91 -8.43
C GLU K 209 62.17 -30.33 -7.35
N MET K 210 62.34 -29.55 -6.29
CA MET K 210 63.14 -29.99 -5.15
C MET K 210 62.57 -31.25 -4.50
N TRP K 211 61.24 -31.36 -4.42
CA TRP K 211 60.61 -32.60 -3.96
C TRP K 211 60.85 -33.77 -4.92
N GLU K 212 60.72 -33.53 -6.23
CA GLU K 212 60.94 -34.61 -7.18
C GLU K 212 62.35 -35.22 -7.05
N GLN K 213 63.36 -34.38 -6.98
CA GLN K 213 64.74 -34.88 -6.99
C GLN K 213 65.36 -35.11 -5.60
N MET K 214 64.96 -34.35 -4.58
CA MET K 214 65.55 -34.52 -3.26
C MET K 214 64.68 -35.27 -2.27
N VAL K 215 63.43 -35.58 -2.61
CA VAL K 215 62.55 -36.27 -1.68
C VAL K 215 62.05 -37.57 -2.30
N LEU K 216 61.41 -37.48 -3.46
CA LEU K 216 60.82 -38.66 -4.08
C LEU K 216 61.90 -39.62 -4.58
N LYS K 217 62.84 -39.14 -5.39
CA LYS K 217 64.00 -39.93 -5.84
C LYS K 217 63.60 -41.21 -6.58
N LEU K 218 62.42 -41.23 -7.18
CA LEU K 218 61.95 -42.41 -7.88
C LEU K 218 62.82 -42.73 -9.10
N PRO K 219 62.88 -44.01 -9.48
CA PRO K 219 63.81 -44.43 -10.55
C PRO K 219 63.65 -43.70 -11.88
N VAL K 220 62.44 -43.23 -12.21
CA VAL K 220 62.19 -42.46 -13.42
C VAL K 220 61.57 -41.13 -13.02
N SER K 221 61.93 -40.06 -13.73
CA SER K 221 61.40 -38.75 -13.43
C SER K 221 59.92 -38.66 -13.81
N SER K 222 59.22 -37.73 -13.18
CA SER K 222 57.79 -37.54 -13.35
C SER K 222 57.42 -36.22 -14.01
N ASN K 223 58.37 -35.30 -14.14
CA ASN K 223 58.14 -33.96 -14.71
C ASN K 223 57.01 -33.23 -13.97
N LEU K 224 57.01 -33.32 -12.64
CA LEU K 224 55.99 -32.64 -11.85
C LEU K 224 56.09 -31.13 -11.96
N LYS K 225 57.27 -30.62 -12.35
CA LYS K 225 57.50 -29.23 -12.76
C LYS K 225 56.75 -28.82 -14.02
N SER K 226 56.16 -29.77 -14.76
CA SER K 226 55.42 -29.42 -15.96
C SER K 226 54.10 -28.74 -15.63
N LYS K 227 53.70 -27.83 -16.53
CA LYS K 227 52.50 -27.01 -16.34
C LYS K 227 51.26 -27.84 -16.03
N GLU K 228 51.06 -28.96 -16.71
CA GLU K 228 49.89 -29.78 -16.45
C GLU K 228 49.97 -30.48 -15.09
N MET K 229 51.16 -30.81 -14.63
CA MET K 229 51.34 -31.31 -13.26
C MET K 229 51.21 -30.18 -12.24
N LEU K 230 51.89 -29.06 -12.48
CA LEU K 230 51.77 -27.89 -11.61
C LEU K 230 50.33 -27.42 -11.45
N ARG K 231 49.53 -27.53 -12.51
CA ARG K 231 48.13 -27.12 -12.41
C ARG K 231 47.40 -27.90 -11.32
N ILE K 232 47.39 -29.23 -11.42
CA ILE K 232 46.67 -30.02 -10.42
C ILE K 232 47.32 -29.91 -9.05
N LEU K 233 48.65 -29.91 -8.99
CA LEU K 233 49.35 -29.69 -7.73
C LEU K 233 48.98 -28.36 -7.09
N THR K 234 48.95 -27.28 -7.87
CA THR K 234 48.59 -25.98 -7.31
C THR K 234 47.17 -25.98 -6.75
N SER K 235 46.23 -26.58 -7.49
CA SER K 235 44.86 -26.66 -7.00
C SER K 235 44.76 -27.51 -5.74
N ALA K 236 45.52 -28.60 -5.67
CA ALA K 236 45.44 -29.48 -4.51
C ALA K 236 46.30 -28.99 -3.35
N THR K 237 47.50 -28.49 -3.63
CA THR K 237 48.41 -28.07 -2.56
C THR K 237 48.05 -26.71 -2.00
N GLU K 238 47.62 -25.80 -2.87
CA GLU K 238 47.30 -24.41 -2.52
C GLU K 238 48.45 -23.69 -1.85
N GLY K 239 49.68 -24.18 -1.98
CA GLY K 239 50.86 -23.61 -1.38
C GLY K 239 51.25 -24.13 -0.02
N TYR K 240 50.44 -24.95 0.62
CA TYR K 240 50.84 -25.55 1.89
C TYR K 240 51.89 -26.63 1.65
N ILE K 241 53.06 -26.47 2.27
CA ILE K 241 54.13 -27.43 2.10
C ILE K 241 53.75 -28.78 2.69
N GLY K 242 52.89 -28.79 3.71
CA GLY K 242 52.37 -30.05 4.23
C GLY K 242 51.46 -30.79 3.27
N ARG K 243 50.60 -30.08 2.54
CA ARG K 243 49.83 -30.74 1.49
C ARG K 243 50.71 -31.26 0.38
N LEU K 244 51.71 -30.47 -0.04
CA LEU K 244 52.64 -30.91 -1.08
C LEU K 244 53.33 -32.21 -0.68
N ASP K 245 53.90 -32.26 0.53
CA ASP K 245 54.61 -33.44 1.00
C ASP K 245 53.70 -34.66 1.11
N GLU K 246 52.54 -34.50 1.75
CA GLU K 246 51.59 -35.59 1.92
C GLU K 246 50.97 -36.07 0.61
N ILE K 247 50.73 -35.16 -0.34
CA ILE K 247 50.22 -35.57 -1.65
C ILE K 247 51.26 -36.37 -2.42
N LEU K 248 52.47 -35.84 -2.55
CA LEU K 248 53.48 -36.48 -3.39
C LEU K 248 53.96 -37.80 -2.81
N ARG K 249 54.12 -37.89 -1.49
CA ARG K 249 54.51 -39.17 -0.89
C ARG K 249 53.45 -40.25 -1.06
N GLU K 250 52.17 -39.93 -0.85
CA GLU K 250 51.14 -40.94 -1.11
C GLU K 250 51.06 -41.30 -2.60
N ALA K 251 51.16 -40.30 -3.48
CA ALA K 251 51.16 -40.57 -4.91
C ALA K 251 52.34 -41.44 -5.33
N ALA K 252 53.52 -41.19 -4.76
CA ALA K 252 54.67 -42.06 -5.03
C ALA K 252 54.45 -43.47 -4.48
N ILE K 253 53.97 -43.60 -3.24
CA ILE K 253 53.70 -44.92 -2.66
C ILE K 253 52.65 -45.68 -3.49
N ARG K 254 51.57 -44.99 -3.86
CA ARG K 254 50.54 -45.61 -4.70
C ARG K 254 51.11 -46.05 -6.04
N SER K 255 51.96 -45.23 -6.64
CA SER K 255 52.53 -45.56 -7.95
C SER K 255 53.46 -46.76 -7.90
N LEU K 256 54.35 -46.81 -6.91
CA LEU K 256 55.18 -48.00 -6.73
C LEU K 256 54.35 -49.24 -6.42
N SER K 257 53.30 -49.10 -5.62
CA SER K 257 52.41 -50.24 -5.38
C SER K 257 51.77 -50.74 -6.67
N ARG K 258 51.43 -49.83 -7.58
CA ARG K 258 50.97 -50.20 -8.91
C ARG K 258 52.10 -50.64 -9.84
N GLY K 259 53.32 -50.72 -9.33
CA GLY K 259 54.46 -51.16 -10.13
C GLY K 259 55.00 -50.11 -11.06
N LEU K 260 54.49 -48.88 -11.00
CA LEU K 260 54.98 -47.80 -11.84
C LEU K 260 56.33 -47.33 -11.32
N LYS K 261 57.16 -46.82 -12.22
CA LYS K 261 58.47 -46.33 -11.86
C LYS K 261 58.46 -44.85 -11.50
N LYS K 262 57.28 -44.23 -11.48
CA LYS K 262 57.12 -42.79 -11.41
C LYS K 262 55.70 -42.52 -10.93
N ILE K 263 55.46 -41.29 -10.50
CA ILE K 263 54.09 -40.79 -10.40
C ILE K 263 53.51 -40.59 -11.79
N ASP K 264 52.34 -41.16 -12.02
CA ASP K 264 51.53 -40.82 -13.20
C ASP K 264 50.49 -39.77 -12.87
N LYS K 265 50.16 -38.97 -13.90
CA LYS K 265 49.11 -37.96 -13.77
C LYS K 265 47.81 -38.57 -13.25
N ALA K 266 47.47 -39.77 -13.71
CA ALA K 266 46.25 -40.43 -13.25
C ALA K 266 46.31 -40.77 -11.77
N VAL K 267 47.47 -41.21 -11.28
CA VAL K 267 47.60 -41.45 -9.84
C VAL K 267 47.57 -40.13 -9.06
N LEU K 268 48.25 -39.11 -9.58
CA LEU K 268 48.20 -37.78 -8.97
C LEU K 268 46.78 -37.22 -8.96
N GLN K 269 46.00 -37.49 -10.01
CA GLN K 269 44.57 -37.16 -10.00
C GLN K 269 43.79 -37.96 -8.97
N GLU K 270 44.04 -39.27 -8.87
CA GLU K 270 43.37 -40.09 -7.87
C GLU K 270 43.67 -39.65 -6.44
N VAL K 271 44.89 -39.18 -6.18
CA VAL K 271 45.21 -38.60 -4.87
C VAL K 271 44.52 -37.25 -4.69
N ALA K 272 44.68 -36.35 -5.67
CA ALA K 272 44.13 -35.01 -5.54
C ALA K 272 42.62 -34.99 -5.40
N LYS K 273 41.92 -35.98 -5.96
CA LYS K 273 40.47 -36.07 -5.77
C LYS K 273 40.04 -36.20 -4.31
N GLU K 274 40.94 -36.61 -3.42
CA GLU K 274 40.55 -36.79 -2.03
C GLU K 274 40.63 -35.51 -1.21
N TYR K 275 41.13 -34.43 -1.78
CA TYR K 275 41.41 -33.25 -0.99
C TYR K 275 40.35 -32.19 -1.21
N GLU L 19 13.58 -75.26 21.71
CA GLU L 19 12.71 -75.16 20.54
C GLU L 19 13.40 -74.40 19.41
N TRP L 20 13.17 -74.87 18.18
CA TRP L 20 13.78 -74.28 17.00
C TRP L 20 13.43 -72.80 16.84
N LEU L 21 12.19 -72.42 17.12
CA LEU L 21 11.79 -71.02 16.97
C LEU L 21 12.64 -70.10 17.84
N GLN L 22 12.85 -70.48 19.10
CA GLN L 22 13.66 -69.68 20.02
C GLN L 22 15.08 -69.46 19.52
N ALA L 23 15.62 -70.44 18.80
CA ALA L 23 16.95 -70.34 18.22
C ALA L 23 16.98 -69.45 16.98
N GLU L 24 15.93 -69.47 16.18
CA GLU L 24 15.84 -68.53 15.05
C GLU L 24 15.67 -67.09 15.51
N ILE L 25 14.89 -66.83 16.55
CA ILE L 25 14.81 -65.49 17.11
C ILE L 25 16.12 -65.07 17.74
N ALA L 26 16.77 -65.95 18.49
CA ALA L 26 18.08 -65.64 19.05
C ALA L 26 19.12 -65.36 17.97
N ARG L 27 18.99 -66.00 16.81
CA ARG L 27 19.83 -65.65 15.67
C ARG L 27 19.44 -64.32 15.04
N LEU L 28 18.16 -64.15 14.74
CA LEU L 28 17.72 -62.97 13.98
C LEU L 28 17.83 -61.68 14.76
N LYS L 29 17.64 -61.70 16.08
CA LYS L 29 17.80 -60.50 16.90
C LYS L 29 19.23 -59.98 16.91
N GLY L 30 20.21 -60.79 16.52
CA GLY L 30 21.61 -60.42 16.60
C GLY L 30 22.07 -59.50 15.47
N LYS L 31 23.38 -59.49 15.27
CA LYS L 31 24.04 -58.68 14.24
C LYS L 31 25.02 -59.54 13.46
N SER L 32 25.25 -59.17 12.22
CA SER L 32 26.19 -59.88 11.36
C SER L 32 26.87 -58.89 10.43
N ILE L 33 27.95 -59.33 9.79
CA ILE L 33 28.69 -58.51 8.84
C ILE L 33 28.54 -59.12 7.45
N VAL L 34 27.95 -58.37 6.53
CA VAL L 34 27.77 -58.76 5.14
C VAL L 34 28.86 -58.11 4.31
N PRO L 35 29.51 -58.83 3.40
CA PRO L 35 30.65 -58.27 2.66
C PRO L 35 30.21 -57.38 1.51
N LEU L 36 29.61 -56.24 1.86
CA LEU L 36 29.20 -55.25 0.88
C LEU L 36 30.40 -54.63 0.18
N GLN L 37 30.15 -54.11 -1.02
CA GLN L 37 31.19 -53.41 -1.77
C GLN L 37 31.63 -52.12 -1.08
N GLN L 38 30.73 -51.47 -0.36
CA GLN L 38 31.11 -50.30 0.43
C GLN L 38 32.17 -50.64 1.47
N VAL L 39 32.03 -51.80 2.13
CA VAL L 39 33.03 -52.26 3.09
C VAL L 39 34.36 -52.54 2.41
N LYS L 40 34.31 -53.27 1.30
CA LYS L 40 35.51 -53.54 0.52
C LYS L 40 36.22 -52.27 0.06
N THR L 41 35.44 -51.27 -0.37
CA THR L 41 36.00 -49.98 -0.77
C THR L 41 36.72 -49.28 0.38
N LEU L 42 36.10 -49.22 1.56
CA LEU L 42 36.76 -48.64 2.73
C LEU L 42 38.03 -49.39 3.10
N HIS L 43 37.96 -50.72 3.19
CA HIS L 43 39.12 -51.49 3.64
C HIS L 43 40.32 -51.30 2.75
N ASP L 44 40.14 -51.35 1.43
CA ASP L 44 41.23 -51.07 0.50
C ASP L 44 41.79 -49.66 0.66
N TRP L 45 40.91 -48.70 0.94
CA TRP L 45 41.34 -47.32 1.16
C TRP L 45 42.13 -47.17 2.46
N LEU L 46 41.64 -47.77 3.55
CA LEU L 46 42.38 -47.79 4.81
C LEU L 46 43.74 -48.46 4.70
N ASP L 47 43.84 -49.52 3.89
CA ASP L 47 45.13 -50.16 3.65
C ASP L 47 46.16 -49.22 3.05
N GLY L 48 45.76 -48.39 2.09
CA GLY L 48 46.66 -47.37 1.58
C GLY L 48 47.03 -46.32 2.61
N LYS L 49 46.05 -45.84 3.37
CA LYS L 49 46.33 -44.84 4.40
C LYS L 49 47.21 -45.41 5.51
N ARG L 50 46.97 -46.64 5.91
CA ARG L 50 47.82 -47.32 6.88
C ARG L 50 49.23 -47.53 6.33
N LYS L 51 49.34 -47.98 5.08
CA LYS L 51 50.63 -48.15 4.44
C LYS L 51 51.42 -46.84 4.39
N ALA L 52 50.76 -45.74 4.02
CA ALA L 52 51.42 -44.44 3.97
C ALA L 52 51.47 -43.72 5.32
N ARG L 53 50.81 -44.24 6.36
CA ARG L 53 50.69 -43.57 7.65
C ARG L 53 50.06 -42.18 7.54
N LYS L 54 49.08 -42.02 6.66
CA LYS L 54 48.44 -40.74 6.45
C LYS L 54 47.16 -40.65 7.26
N SER L 55 47.02 -39.56 8.01
CA SER L 55 45.80 -39.25 8.72
C SER L 55 44.73 -38.74 7.77
N CYS L 56 43.48 -39.09 8.04
CA CYS L 56 42.39 -38.88 7.09
C CYS L 56 41.08 -38.98 7.85
N ARG L 57 39.98 -38.77 7.14
CA ARG L 57 38.66 -38.92 7.73
C ARG L 57 37.71 -39.72 6.83
N VAL L 58 36.79 -40.43 7.48
CA VAL L 58 35.70 -41.12 6.82
C VAL L 58 34.42 -40.43 7.25
N VAL L 59 33.64 -39.97 6.27
CA VAL L 59 32.45 -39.17 6.53
C VAL L 59 31.30 -39.73 5.70
N GLY L 60 30.13 -39.79 6.31
CA GLY L 60 28.93 -40.20 5.63
C GLY L 60 27.76 -40.12 6.59
N GLU L 61 26.54 -39.93 6.08
CA GLU L 61 25.41 -39.73 6.96
C GLU L 61 25.10 -40.98 7.79
N SER L 62 24.27 -40.78 8.80
CA SER L 62 24.00 -41.79 9.82
C SER L 62 23.41 -43.08 9.24
N ARG L 63 23.78 -44.19 9.87
CA ARG L 63 23.33 -45.56 9.57
C ARG L 63 23.72 -46.04 8.17
N THR L 64 24.76 -45.48 7.58
CA THR L 64 25.28 -45.92 6.29
C THR L 64 26.30 -47.05 6.40
N GLY L 65 26.58 -47.54 7.59
CA GLY L 65 27.47 -48.66 7.76
C GLY L 65 28.90 -48.33 8.09
N LYS L 66 29.20 -47.09 8.43
CA LYS L 66 30.57 -46.69 8.73
C LYS L 66 31.15 -47.47 9.92
N THR L 67 30.43 -47.50 11.03
CA THR L 67 30.88 -48.26 12.20
C THR L 67 31.08 -49.74 11.91
N VAL L 68 30.14 -50.39 11.22
CA VAL L 68 30.30 -51.81 10.90
C VAL L 68 31.50 -52.04 10.00
N ALA L 69 31.69 -51.20 8.99
CA ALA L 69 32.83 -51.33 8.08
C ALA L 69 34.16 -51.07 8.77
N CYS L 70 34.23 -50.07 9.65
CA CYS L 70 35.43 -49.84 10.45
C CYS L 70 35.67 -50.93 11.48
N ASP L 71 34.61 -51.41 12.13
CA ASP L 71 34.76 -52.53 13.05
C ASP L 71 35.22 -53.80 12.34
N ALA L 72 34.79 -54.01 11.10
CA ALA L 72 35.28 -55.15 10.32
C ALA L 72 36.77 -55.06 10.04
N TYR L 73 37.31 -53.85 9.94
CA TYR L 73 38.71 -53.67 9.57
C TYR L 73 39.69 -54.06 10.68
N ARG L 74 39.31 -53.87 11.94
CA ARG L 74 40.20 -54.25 13.04
C ARG L 74 40.36 -55.76 13.18
N TYR L 75 39.29 -56.53 12.96
CA TYR L 75 39.43 -57.99 12.97
C TYR L 75 40.35 -58.47 11.85
N ARG L 76 40.31 -57.81 10.71
CA ARG L 76 41.19 -58.12 9.59
C ARG L 76 42.67 -57.88 9.92
N HIS L 77 42.98 -57.23 11.04
CA HIS L 77 44.34 -57.00 11.53
C HIS L 77 44.48 -57.37 13.00
N LYS L 78 43.84 -58.47 13.41
CA LYS L 78 43.81 -58.83 14.82
C LYS L 78 45.22 -59.03 15.39
N PRO L 79 45.44 -58.66 16.66
CA PRO L 79 46.78 -58.73 17.28
C PRO L 79 47.51 -60.05 17.22
N GLN L 80 48.82 -59.97 17.43
CA GLN L 80 49.72 -61.08 17.70
C GLN L 80 50.50 -60.75 18.95
N GLN L 81 50.61 -61.70 19.88
CA GLN L 81 51.25 -61.44 21.16
C GLN L 81 52.07 -62.63 21.63
N GLU L 82 53.15 -62.32 22.33
CA GLU L 82 53.98 -63.29 23.03
C GLU L 82 53.88 -63.04 24.53
N ALA L 83 53.96 -64.11 25.31
CA ALA L 83 53.83 -63.98 26.75
C ALA L 83 54.88 -63.05 27.33
N GLY L 84 54.45 -62.14 28.20
CA GLY L 84 55.32 -61.16 28.82
C GLY L 84 55.79 -60.05 27.92
N ARG L 85 55.07 -59.77 26.84
CA ARG L 85 55.40 -58.74 25.88
C ARG L 85 54.17 -57.89 25.62
N PRO L 86 54.35 -56.65 25.18
CA PRO L 86 53.23 -55.91 24.61
C PRO L 86 52.75 -56.56 23.33
N PRO L 87 51.43 -56.56 23.09
CA PRO L 87 50.91 -57.15 21.85
C PRO L 87 51.22 -56.26 20.65
N THR L 88 51.53 -56.90 19.52
CA THR L 88 51.55 -56.19 18.25
C THR L 88 50.12 -55.98 17.76
N VAL L 89 49.69 -54.73 17.69
CA VAL L 89 48.31 -54.38 17.35
C VAL L 89 48.32 -53.30 16.28
N PRO L 90 48.34 -53.66 15.00
CA PRO L 90 48.48 -52.64 13.94
C PRO L 90 47.36 -51.61 13.91
N VAL L 91 46.12 -52.02 14.18
CA VAL L 91 44.95 -51.14 14.10
C VAL L 91 44.30 -51.06 15.48
N VAL L 92 44.24 -49.85 16.02
CA VAL L 92 43.46 -49.54 17.22
C VAL L 92 42.15 -48.90 16.79
N TYR L 93 41.05 -49.35 17.39
CA TYR L 93 39.73 -48.75 17.14
C TYR L 93 39.12 -48.34 18.46
N ILE L 94 38.71 -47.07 18.55
CA ILE L 94 38.06 -46.53 19.73
C ILE L 94 36.82 -45.75 19.31
N ARG L 95 35.75 -45.87 20.09
CA ARG L 95 34.69 -44.87 20.06
C ARG L 95 34.67 -44.12 21.38
N PRO L 96 35.19 -42.90 21.44
CA PRO L 96 35.04 -42.08 22.64
C PRO L 96 33.59 -41.89 23.06
N HIS L 97 33.40 -41.67 24.35
CA HIS L 97 32.13 -41.21 24.88
C HIS L 97 31.95 -39.73 24.55
N GLN L 98 30.72 -39.25 24.73
CA GLN L 98 30.43 -37.84 24.45
C GLN L 98 31.24 -36.92 25.36
N LYS L 99 31.66 -35.79 24.80
CA LYS L 99 32.52 -34.82 25.49
C LYS L 99 33.78 -35.49 26.03
N CYS L 100 34.43 -36.29 25.19
CA CYS L 100 35.66 -36.95 25.58
C CYS L 100 36.76 -35.91 25.76
N GLY L 101 37.27 -35.80 26.98
CA GLY L 101 38.47 -35.04 27.24
C GLY L 101 39.71 -35.89 27.02
N PRO L 102 40.89 -35.28 27.21
CA PRO L 102 42.13 -36.02 26.89
C PRO L 102 42.38 -37.24 27.75
N LYS L 103 42.07 -37.19 29.05
CA LYS L 103 42.27 -38.35 29.91
C LYS L 103 41.42 -39.54 29.45
N ASP L 104 40.15 -39.30 29.17
CA ASP L 104 39.28 -40.36 28.65
C ASP L 104 39.75 -40.88 27.29
N LEU L 105 40.32 -40.03 26.45
CA LEU L 105 40.97 -40.49 25.23
C LEU L 105 42.10 -41.47 25.51
N PHE L 106 43.00 -41.10 26.42
CA PHE L 106 44.11 -41.97 26.80
C PHE L 106 43.64 -43.26 27.46
N LYS L 107 42.61 -43.19 28.29
CA LYS L 107 42.00 -44.40 28.86
C LYS L 107 41.45 -45.33 27.78
N LYS L 108 40.65 -44.81 26.86
CA LYS L 108 40.12 -45.61 25.75
C LYS L 108 41.23 -46.33 24.98
N ILE L 109 42.31 -45.64 24.67
CA ILE L 109 43.42 -46.25 23.92
C ILE L 109 44.11 -47.34 24.74
N THR L 110 44.50 -47.03 25.98
CA THR L 110 45.20 -48.02 26.80
C THR L 110 44.29 -49.18 27.22
N GLU L 111 43.00 -48.95 27.37
CA GLU L 111 42.08 -50.07 27.64
C GLU L 111 41.88 -50.95 26.41
N TYR L 112 41.87 -50.37 25.20
CA TYR L 112 41.80 -51.20 24.01
C TYR L 112 43.01 -52.12 23.92
N LEU L 113 44.20 -51.60 24.19
CA LEU L 113 45.43 -52.39 24.20
C LEU L 113 45.58 -53.23 25.46
N LYS L 114 44.60 -53.18 26.37
CA LYS L 114 44.60 -53.92 27.64
C LYS L 114 45.82 -53.64 28.51
N TYR L 115 46.36 -52.43 28.43
CA TYR L 115 47.42 -52.02 29.35
C TYR L 115 46.84 -51.81 30.75
N ARG L 116 47.49 -52.40 31.76
CA ARG L 116 46.87 -52.58 33.07
C ARG L 116 46.79 -51.33 33.94
N VAL L 117 47.52 -50.26 33.65
CA VAL L 117 47.49 -49.08 34.52
C VAL L 117 46.28 -48.22 34.18
N THR L 118 45.33 -48.16 35.11
CA THR L 118 44.09 -47.43 34.92
C THR L 118 44.00 -46.16 35.75
N LYS L 119 45.01 -45.84 36.56
CA LYS L 119 44.99 -44.65 37.41
C LYS L 119 46.24 -43.81 37.21
N GLY L 120 46.09 -42.53 37.43
CA GLY L 120 47.19 -41.58 37.33
C GLY L 120 46.70 -40.24 36.83
N THR L 121 47.60 -39.28 36.83
CA THR L 121 47.31 -37.96 36.29
C THR L 121 47.18 -38.02 34.77
N VAL L 122 46.61 -36.94 34.21
CA VAL L 122 46.57 -36.76 32.76
C VAL L 122 47.97 -36.79 32.16
N SER L 123 48.96 -36.24 32.88
CA SER L 123 50.33 -36.30 32.40
C SER L 123 50.87 -37.72 32.35
N ASP L 124 50.60 -38.51 33.39
CA ASP L 124 50.97 -39.92 33.35
C ASP L 124 50.22 -40.68 32.27
N PHE L 125 48.91 -40.44 32.15
CA PHE L 125 48.13 -41.09 31.11
C PHE L 125 48.61 -40.73 29.71
N ARG L 126 49.00 -39.47 29.49
CA ARG L 126 49.59 -39.11 28.21
C ARG L 126 50.87 -39.90 27.96
N ASP L 127 51.82 -39.84 28.89
CA ASP L 127 53.13 -40.46 28.71
C ASP L 127 53.03 -41.98 28.59
N ARG L 128 52.19 -42.60 29.40
CA ARG L 128 51.92 -44.03 29.25
C ARG L 128 51.25 -44.38 27.93
N THR L 129 50.33 -43.54 27.47
CA THR L 129 49.65 -43.81 26.20
C THR L 129 50.62 -43.75 25.02
N ILE L 130 51.46 -42.73 24.96
CA ILE L 130 52.42 -42.60 23.88
C ILE L 130 53.42 -43.76 23.91
N GLU L 131 53.83 -44.18 25.11
CA GLU L 131 54.70 -45.34 25.25
C GLU L 131 54.01 -46.64 24.84
N VAL L 132 52.75 -46.81 25.25
CA VAL L 132 51.99 -48.01 24.87
C VAL L 132 51.76 -48.07 23.37
N LEU L 133 51.37 -46.96 22.75
CA LEU L 133 51.20 -46.92 21.29
C LEU L 133 52.49 -47.30 20.57
N LYS L 134 53.62 -46.74 21.00
CA LYS L 134 54.91 -47.08 20.42
C LYS L 134 55.27 -48.55 20.65
N GLY L 135 55.12 -49.01 21.89
CA GLY L 135 55.49 -50.38 22.21
C GLY L 135 54.65 -51.44 21.52
N CYS L 136 53.35 -51.18 21.34
CA CYS L 136 52.49 -52.11 20.61
C CYS L 136 52.64 -52.03 19.10
N GLY L 137 53.47 -51.14 18.58
CA GLY L 137 53.66 -51.03 17.14
C GLY L 137 52.43 -50.61 16.38
N VAL L 138 51.57 -49.79 16.99
CA VAL L 138 50.36 -49.32 16.33
C VAL L 138 50.74 -48.51 15.10
N GLU L 139 50.01 -48.72 14.01
CA GLU L 139 50.23 -47.95 12.80
C GLU L 139 48.99 -47.20 12.31
N MET L 140 47.79 -47.63 12.68
CA MET L 140 46.58 -46.87 12.39
C MET L 140 45.71 -46.80 13.65
N LEU L 141 45.22 -45.61 13.95
CA LEU L 141 44.26 -45.35 15.02
C LEU L 141 42.97 -44.83 14.42
N ILE L 142 41.89 -45.56 14.62
CA ILE L 142 40.56 -45.16 14.13
C ILE L 142 39.76 -44.61 15.29
N ILE L 143 39.28 -43.37 15.14
CA ILE L 143 38.46 -42.70 16.15
C ILE L 143 37.07 -42.56 15.56
N ASP L 144 36.20 -43.49 15.91
CA ASP L 144 34.81 -43.48 15.49
C ASP L 144 33.99 -42.47 16.28
N GLU L 145 33.08 -41.79 15.59
CA GLU L 145 32.34 -40.63 16.09
C GLU L 145 33.28 -39.59 16.70
N ALA L 146 34.32 -39.26 15.95
CA ALA L 146 35.36 -38.33 16.40
C ALA L 146 34.81 -36.94 16.72
N ASP L 147 33.62 -36.59 16.23
CA ASP L 147 32.97 -35.35 16.63
C ASP L 147 32.60 -35.31 18.11
N ARG L 148 32.66 -36.44 18.81
CA ARG L 148 32.49 -36.48 20.26
C ARG L 148 33.69 -35.93 21.02
N LEU L 149 34.85 -35.81 20.39
CA LEU L 149 36.02 -35.25 21.04
C LEU L 149 35.84 -33.77 21.38
N LYS L 150 36.26 -33.40 22.58
CA LYS L 150 36.39 -32.00 22.94
C LYS L 150 37.42 -31.30 22.04
N PRO L 151 37.22 -30.01 21.75
CA PRO L 151 38.17 -29.29 20.89
C PRO L 151 39.60 -29.25 21.42
N GLU L 152 39.79 -29.20 22.74
CA GLU L 152 41.12 -29.30 23.32
C GLU L 152 41.74 -30.69 23.17
N THR L 153 40.96 -31.75 23.11
CA THR L 153 41.57 -33.08 23.02
C THR L 153 42.04 -33.41 21.60
N PHE L 154 41.60 -32.68 20.58
CA PHE L 154 42.16 -32.83 19.24
C PHE L 154 43.65 -32.50 19.18
N ALA L 155 44.14 -31.68 20.11
CA ALA L 155 45.58 -31.43 20.18
C ALA L 155 46.37 -32.69 20.49
N ASP L 156 45.89 -33.52 21.41
CA ASP L 156 46.56 -34.79 21.69
C ASP L 156 46.45 -35.77 20.52
N VAL L 157 45.32 -35.77 19.82
CA VAL L 157 45.17 -36.56 18.60
C VAL L 157 46.18 -36.14 17.53
N ARG L 158 46.32 -34.83 17.31
CA ARG L 158 47.33 -34.35 16.37
C ARG L 158 48.75 -34.75 16.78
N ASP L 159 49.05 -34.72 18.07
CA ASP L 159 50.40 -35.08 18.53
C ASP L 159 50.68 -36.57 18.37
N ILE L 160 49.70 -37.43 18.60
CA ILE L 160 49.84 -38.84 18.25
C ILE L 160 50.21 -39.00 16.78
N ALA L 161 49.55 -38.25 15.89
CA ALA L 161 49.83 -38.39 14.46
C ALA L 161 51.18 -37.80 14.08
N GLU L 162 51.65 -36.78 14.79
CA GLU L 162 52.92 -36.14 14.46
C GLU L 162 54.10 -36.77 15.19
N ASP L 163 53.94 -37.08 16.47
CA ASP L 163 55.07 -37.61 17.25
C ASP L 163 55.32 -39.08 16.93
N LEU L 164 54.30 -39.79 16.48
CA LEU L 164 54.42 -41.18 16.09
C LEU L 164 54.01 -41.32 14.63
N GLY L 165 54.58 -42.30 13.95
CA GLY L 165 54.14 -42.58 12.61
C GLY L 165 52.82 -43.31 12.56
N ILE L 166 51.72 -42.63 12.86
CA ILE L 166 50.42 -43.27 12.97
C ILE L 166 49.44 -42.54 12.06
N ALA L 167 48.75 -43.31 11.23
CA ALA L 167 47.57 -42.84 10.51
C ALA L 167 46.38 -42.76 11.47
N VAL L 168 45.93 -41.55 11.76
CA VAL L 168 44.70 -41.36 12.53
C VAL L 168 43.54 -41.19 11.57
N VAL L 169 42.46 -41.94 11.83
CA VAL L 169 41.27 -41.91 10.99
C VAL L 169 40.11 -41.41 11.85
N LEU L 170 39.55 -40.27 11.47
CA LEU L 170 38.39 -39.71 12.14
C LEU L 170 37.13 -40.12 11.40
N VAL L 171 36.18 -40.72 12.11
CA VAL L 171 34.93 -41.19 11.51
C VAL L 171 33.77 -40.42 12.12
N GLY L 172 32.84 -39.99 11.29
CA GLY L 172 31.67 -39.33 11.80
C GLY L 172 30.68 -39.01 10.68
N THR L 173 29.59 -38.36 11.06
CA THR L 173 28.66 -37.79 10.12
C THR L 173 29.12 -36.39 9.70
N ASP L 174 28.31 -35.69 8.90
CA ASP L 174 28.64 -34.34 8.46
C ASP L 174 28.85 -33.37 9.62
N ARG L 175 28.36 -33.70 10.82
CA ARG L 175 28.71 -32.97 12.02
C ARG L 175 30.21 -32.92 12.28
N LEU L 176 30.93 -33.98 11.89
CA LEU L 176 32.39 -33.98 11.98
C LEU L 176 33.03 -32.97 11.03
N ASP L 177 32.50 -32.85 9.82
CA ASP L 177 33.00 -31.85 8.89
C ASP L 177 32.85 -30.43 9.44
N ALA L 178 31.78 -30.16 10.17
CA ALA L 178 31.63 -28.86 10.83
C ALA L 178 32.64 -28.64 11.94
N VAL L 179 32.83 -29.65 12.80
CA VAL L 179 33.75 -29.54 13.93
C VAL L 179 35.18 -29.32 13.46
N ILE L 180 35.62 -30.05 12.43
CA ILE L 180 36.99 -29.95 11.96
C ILE L 180 37.29 -28.55 11.43
N LYS L 181 36.32 -27.91 10.77
CA LYS L 181 36.57 -26.60 10.18
C LYS L 181 36.78 -25.50 11.21
N ARG L 182 36.43 -25.74 12.47
CA ARG L 182 36.64 -24.78 13.54
C ARG L 182 38.06 -24.77 14.09
N ASP L 183 38.94 -25.65 13.63
CA ASP L 183 40.34 -25.62 14.04
C ASP L 183 41.21 -25.90 12.82
N GLU L 184 41.85 -24.85 12.29
CA GLU L 184 42.66 -24.97 11.08
C GLU L 184 43.75 -26.02 11.21
N GLN L 185 44.23 -26.30 12.42
CA GLN L 185 45.32 -27.25 12.58
C GLN L 185 44.85 -28.69 12.35
N VAL L 186 43.61 -28.97 12.76
CA VAL L 186 42.98 -30.25 12.46
C VAL L 186 42.56 -30.32 11.01
N LEU L 187 41.91 -29.27 10.52
CA LEU L 187 41.45 -29.19 9.15
C LEU L 187 42.56 -29.52 8.15
N GLU L 188 43.73 -28.92 8.30
CA GLU L 188 44.83 -29.16 7.36
C GLU L 188 45.55 -30.48 7.58
N ARG L 189 45.30 -31.20 8.67
CA ARG L 189 45.86 -32.54 8.82
C ARG L 189 44.98 -33.64 8.28
N PHE L 190 43.66 -33.49 8.43
CA PHE L 190 42.67 -34.54 8.18
C PHE L 190 41.84 -34.29 6.93
N ARG L 191 42.34 -33.52 5.97
CA ARG L 191 41.51 -33.11 4.84
C ARG L 191 41.33 -34.19 3.77
N ALA L 192 42.21 -35.18 3.68
CA ALA L 192 41.93 -36.34 2.84
C ALA L 192 40.75 -37.12 3.41
N HIS L 193 39.78 -37.46 2.56
CA HIS L 193 38.54 -38.04 3.05
C HIS L 193 38.01 -39.13 2.14
N LEU L 194 37.14 -39.96 2.70
CA LEU L 194 36.29 -40.89 1.99
C LEU L 194 34.84 -40.60 2.33
N ARG L 195 33.97 -40.61 1.33
CA ARG L 195 32.54 -40.43 1.52
C ARG L 195 31.81 -41.77 1.47
N PHE L 196 31.19 -42.16 2.59
CA PHE L 196 30.25 -43.27 2.62
C PHE L 196 28.90 -42.85 2.03
N GLY L 197 28.36 -43.70 1.15
CA GLY L 197 27.08 -43.42 0.52
C GLY L 197 25.93 -44.25 1.03
N LYS L 198 24.71 -43.77 0.78
CA LYS L 198 23.52 -44.60 0.87
C LYS L 198 23.43 -45.57 -0.30
N LEU L 199 22.65 -46.64 -0.11
CA LEU L 199 22.35 -47.58 -1.18
C LEU L 199 21.29 -47.00 -2.12
N SER L 200 21.44 -47.28 -3.41
CA SER L 200 20.44 -46.88 -4.38
C SER L 200 20.37 -47.88 -5.54
N GLY L 201 19.26 -47.85 -6.25
CA GLY L 201 19.09 -48.55 -7.51
C GLY L 201 19.43 -50.03 -7.49
N GLU L 202 20.29 -50.44 -8.44
CA GLU L 202 20.69 -51.85 -8.52
C GLU L 202 21.53 -52.30 -7.34
N ASP L 203 22.37 -51.42 -6.78
CA ASP L 203 23.10 -51.78 -5.58
C ASP L 203 22.17 -52.12 -4.45
N PHE L 204 21.10 -51.34 -4.28
CA PHE L 204 20.10 -51.66 -3.26
C PHE L 204 19.41 -52.98 -3.55
N LYS L 205 18.99 -53.20 -4.79
CA LYS L 205 18.40 -54.47 -5.18
C LYS L 205 19.33 -55.66 -4.94
N ASN L 206 20.62 -55.51 -5.28
CA ASN L 206 21.59 -56.56 -4.98
C ASN L 206 21.69 -56.81 -3.47
N THR L 207 21.69 -55.74 -2.67
CA THR L 207 21.82 -55.88 -1.23
C THR L 207 20.62 -56.57 -0.60
N VAL L 208 19.43 -56.31 -1.11
CA VAL L 208 18.21 -56.96 -0.62
C VAL L 208 18.27 -58.47 -0.78
N GLU L 209 18.74 -58.94 -1.93
CA GLU L 209 18.86 -60.39 -2.13
C GLU L 209 19.99 -61.03 -1.32
N MET L 210 21.11 -60.34 -1.12
CA MET L 210 22.12 -60.80 -0.18
C MET L 210 21.60 -60.90 1.25
N TRP L 211 20.75 -59.96 1.67
CA TRP L 211 20.16 -60.05 3.01
C TRP L 211 19.28 -61.29 3.18
N GLU L 212 18.44 -61.60 2.19
CA GLU L 212 17.61 -62.79 2.29
C GLU L 212 18.45 -64.06 2.38
N GLN L 213 19.49 -64.18 1.55
CA GLN L 213 20.27 -65.41 1.49
C GLN L 213 21.37 -65.51 2.54
N MET L 214 21.92 -64.39 3.00
CA MET L 214 23.01 -64.41 3.96
C MET L 214 22.57 -64.08 5.38
N VAL L 215 21.56 -63.23 5.54
CA VAL L 215 21.15 -62.78 6.87
C VAL L 215 19.92 -63.54 7.33
N LEU L 216 18.83 -63.48 6.55
CA LEU L 216 17.56 -64.01 7.00
C LEU L 216 17.56 -65.53 7.01
N LYS L 217 17.93 -66.15 5.89
CA LYS L 217 18.08 -67.60 5.80
C LYS L 217 16.83 -68.32 6.30
N LEU L 218 15.67 -67.75 6.01
CA LEU L 218 14.40 -68.34 6.39
C LEU L 218 14.17 -69.64 5.63
N PRO L 219 13.34 -70.53 6.18
CA PRO L 219 13.07 -71.81 5.51
C PRO L 219 12.57 -71.69 4.08
N VAL L 220 11.80 -70.65 3.73
CA VAL L 220 11.23 -70.51 2.41
C VAL L 220 11.58 -69.13 1.86
N SER L 221 11.88 -69.07 0.56
CA SER L 221 12.25 -67.82 -0.07
C SER L 221 11.10 -66.82 -0.05
N SER L 222 11.39 -65.62 0.47
CA SER L 222 10.45 -64.51 0.52
C SER L 222 10.42 -63.73 -0.79
N ASN L 223 11.47 -63.85 -1.60
CA ASN L 223 11.59 -63.17 -2.88
C ASN L 223 11.52 -61.66 -2.74
N LEU L 224 12.24 -61.15 -1.73
CA LEU L 224 12.29 -59.72 -1.47
C LEU L 224 12.84 -58.96 -2.68
N LYS L 225 13.68 -59.63 -3.46
CA LYS L 225 14.18 -59.20 -4.75
C LYS L 225 13.08 -58.85 -5.76
N SER L 226 11.84 -59.28 -5.52
CA SER L 226 10.76 -59.01 -6.45
C SER L 226 10.30 -57.56 -6.42
N LYS L 227 9.89 -57.07 -7.60
CA LYS L 227 9.57 -55.66 -7.83
C LYS L 227 8.63 -55.07 -6.78
N GLU L 228 7.61 -55.83 -6.36
CA GLU L 228 6.67 -55.29 -5.39
C GLU L 228 7.25 -55.27 -3.98
N MET L 229 7.97 -56.32 -3.58
CA MET L 229 8.68 -56.31 -2.31
C MET L 229 9.78 -55.24 -2.30
N LEU L 230 10.51 -55.13 -3.40
CA LEU L 230 11.53 -54.10 -3.56
C LEU L 230 10.93 -52.70 -3.48
N ARG L 231 9.71 -52.51 -3.97
CA ARG L 231 9.06 -51.21 -3.87
C ARG L 231 8.78 -50.84 -2.41
N ILE L 232 8.22 -51.77 -1.65
CA ILE L 232 8.01 -51.55 -0.22
C ILE L 232 9.32 -51.20 0.47
N LEU L 233 10.34 -52.04 0.28
CA LEU L 233 11.64 -51.82 0.89
C LEU L 233 12.26 -50.48 0.45
N THR L 234 12.14 -50.13 -0.82
CA THR L 234 12.71 -48.87 -1.28
C THR L 234 12.05 -47.67 -0.63
N SER L 235 10.73 -47.71 -0.45
CA SER L 235 10.05 -46.60 0.23
C SER L 235 10.41 -46.55 1.71
N ALA L 236 10.43 -47.70 2.38
CA ALA L 236 10.64 -47.71 3.83
C ALA L 236 12.10 -47.53 4.21
N THR L 237 13.03 -47.98 3.38
CA THR L 237 14.44 -47.95 3.74
C THR L 237 15.09 -46.62 3.42
N GLU L 238 14.62 -45.94 2.37
CA GLU L 238 15.27 -44.75 1.82
C GLU L 238 16.74 -44.97 1.50
N GLY L 239 17.16 -46.23 1.36
CA GLY L 239 18.54 -46.58 1.12
C GLY L 239 19.43 -46.70 2.33
N TYR L 240 18.92 -46.53 3.55
CA TYR L 240 19.77 -46.70 4.73
C TYR L 240 19.92 -48.18 5.05
N ILE L 241 21.16 -48.66 5.05
CA ILE L 241 21.42 -50.07 5.34
C ILE L 241 20.99 -50.43 6.75
N GLY L 242 21.05 -49.49 7.69
CA GLY L 242 20.51 -49.74 9.02
C GLY L 242 19.01 -50.00 9.03
N ARG L 243 18.26 -49.25 8.25
CA ARG L 243 16.82 -49.48 8.14
C ARG L 243 16.49 -50.77 7.41
N LEU L 244 17.29 -51.14 6.41
CA LEU L 244 17.10 -52.42 5.73
C LEU L 244 17.25 -53.59 6.70
N ASP L 245 18.35 -53.61 7.45
CA ASP L 245 18.60 -54.68 8.41
C ASP L 245 17.56 -54.74 9.52
N GLU L 246 17.21 -53.59 10.09
CA GLU L 246 16.22 -53.54 11.16
C GLU L 246 14.82 -53.93 10.71
N ILE L 247 14.45 -53.58 9.49
CA ILE L 247 13.12 -53.95 8.97
C ILE L 247 13.05 -55.44 8.65
N LEU L 248 14.05 -55.96 7.94
CA LEU L 248 13.97 -57.36 7.50
C LEU L 248 14.12 -58.35 8.65
N ARG L 249 14.99 -58.07 9.62
CA ARG L 249 15.09 -58.95 10.78
C ARG L 249 13.81 -58.98 11.59
N GLU L 250 13.24 -57.81 11.89
CA GLU L 250 11.97 -57.79 12.63
C GLU L 250 10.84 -58.44 11.84
N ALA L 251 10.77 -58.20 10.54
CA ALA L 251 9.76 -58.84 9.70
C ALA L 251 9.90 -60.35 9.71
N ALA L 252 11.13 -60.86 9.67
CA ALA L 252 11.36 -62.30 9.79
C ALA L 252 10.91 -62.82 11.16
N ILE L 253 11.27 -62.12 12.23
CA ILE L 253 10.88 -62.53 13.57
C ILE L 253 9.36 -62.57 13.74
N ARG L 254 8.66 -61.56 13.21
CA ARG L 254 7.20 -61.59 13.26
C ARG L 254 6.63 -62.74 12.45
N SER L 255 7.12 -62.92 11.22
CA SER L 255 6.67 -64.01 10.37
C SER L 255 6.85 -65.37 11.03
N LEU L 256 8.06 -65.65 11.53
CA LEU L 256 8.35 -66.91 12.20
C LEU L 256 7.51 -67.11 13.46
N SER L 257 7.28 -66.05 14.23
CA SER L 257 6.48 -66.16 15.44
C SER L 257 5.03 -66.54 15.16
N ARG L 258 4.51 -66.18 13.99
CA ARG L 258 3.15 -66.55 13.59
C ARG L 258 3.13 -67.77 12.68
N GLY L 259 4.21 -68.54 12.64
CA GLY L 259 4.22 -69.79 11.92
C GLY L 259 4.35 -69.67 10.42
N LEU L 260 4.61 -68.48 9.91
CA LEU L 260 4.99 -68.35 8.51
C LEU L 260 6.40 -68.89 8.29
N LYS L 261 6.64 -69.40 7.08
CA LYS L 261 7.94 -69.92 6.71
C LYS L 261 8.74 -68.90 5.91
N LYS L 262 8.16 -67.75 5.62
CA LYS L 262 8.75 -66.71 4.80
C LYS L 262 8.21 -65.37 5.29
N ILE L 263 8.90 -64.30 4.94
CA ILE L 263 8.32 -62.96 5.05
C ILE L 263 7.17 -62.84 4.07
N ASP L 264 5.95 -62.70 4.58
CA ASP L 264 4.79 -62.41 3.77
C ASP L 264 4.64 -60.91 3.50
N LYS L 265 4.00 -60.60 2.38
CA LYS L 265 3.70 -59.22 2.01
C LYS L 265 3.06 -58.44 3.15
N ALA L 266 2.04 -59.04 3.77
CA ALA L 266 1.31 -58.36 4.85
C ALA L 266 2.19 -58.07 6.05
N VAL L 267 3.11 -58.97 6.38
CA VAL L 267 4.00 -58.73 7.52
C VAL L 267 5.02 -57.65 7.20
N LEU L 268 5.61 -57.66 6.00
CA LEU L 268 6.52 -56.60 5.60
C LEU L 268 5.82 -55.24 5.55
N GLN L 269 4.56 -55.21 5.12
CA GLN L 269 3.78 -53.97 5.15
C GLN L 269 3.45 -53.51 6.57
N GLU L 270 3.11 -54.43 7.45
CA GLU L 270 2.94 -54.09 8.87
C GLU L 270 4.18 -53.43 9.45
N VAL L 271 5.35 -54.00 9.18
CA VAL L 271 6.59 -53.42 9.70
C VAL L 271 6.90 -52.09 9.03
N ALA L 272 6.75 -52.02 7.70
CA ALA L 272 7.07 -50.78 6.99
C ALA L 272 6.20 -49.62 7.43
N LYS L 273 4.92 -49.86 7.71
CA LYS L 273 4.07 -48.75 8.15
C LYS L 273 4.36 -48.26 9.55
N GLU L 274 5.35 -48.83 10.24
CA GLU L 274 5.82 -48.24 11.49
C GLU L 274 6.83 -47.12 11.27
N TYR L 275 7.33 -46.97 10.06
CA TYR L 275 8.30 -45.94 9.72
C TYR L 275 7.65 -44.73 9.04
N GLU M 19 -14.68 -44.24 60.42
CA GLU M 19 -15.78 -43.80 59.58
C GLU M 19 -15.60 -44.33 58.16
N TRP M 20 -16.72 -44.69 57.53
CA TRP M 20 -16.69 -45.35 56.23
C TRP M 20 -16.31 -44.40 55.10
N LEU M 21 -16.80 -43.16 55.14
CA LEU M 21 -16.59 -42.22 54.04
C LEU M 21 -15.10 -41.96 53.79
N GLN M 22 -14.30 -41.85 54.85
CA GLN M 22 -12.87 -41.65 54.71
C GLN M 22 -12.18 -42.80 53.99
N ALA M 23 -12.67 -44.03 54.15
CA ALA M 23 -12.11 -45.16 53.41
C ALA M 23 -12.45 -45.11 51.93
N GLU M 24 -13.65 -44.63 51.59
CA GLU M 24 -14.00 -44.45 50.19
C GLU M 24 -13.26 -43.29 49.54
N ILE M 25 -13.15 -42.16 50.25
CA ILE M 25 -12.36 -41.05 49.73
C ILE M 25 -10.89 -41.42 49.60
N ALA M 26 -10.34 -42.12 50.58
CA ALA M 26 -8.97 -42.60 50.46
C ALA M 26 -8.77 -43.54 49.27
N ARG M 27 -9.78 -44.34 48.93
CA ARG M 27 -9.71 -45.14 47.71
C ARG M 27 -9.79 -44.29 46.44
N LEU M 28 -10.77 -43.39 46.37
CA LEU M 28 -10.94 -42.56 45.17
C LEU M 28 -9.84 -41.52 45.02
N LYS M 29 -9.22 -41.11 46.13
CA LYS M 29 -8.09 -40.19 46.07
C LYS M 29 -6.91 -40.74 45.25
N GLY M 30 -6.69 -42.06 45.27
CA GLY M 30 -5.54 -42.66 44.64
C GLY M 30 -5.69 -42.96 43.16
N LYS M 31 -4.82 -43.84 42.66
CA LYS M 31 -4.76 -44.26 41.27
C LYS M 31 -4.89 -45.78 41.13
N SER M 32 -5.43 -46.21 40.00
CA SER M 32 -5.61 -47.61 39.67
C SER M 32 -5.33 -47.80 38.19
N ILE M 33 -5.13 -49.06 37.77
CA ILE M 33 -4.87 -49.39 36.37
C ILE M 33 -6.08 -50.13 35.82
N VAL M 34 -6.67 -49.57 34.77
CA VAL M 34 -7.79 -50.17 34.05
C VAL M 34 -7.26 -50.82 32.78
N PRO M 35 -7.67 -52.04 32.46
CA PRO M 35 -7.18 -52.76 31.26
C PRO M 35 -7.81 -52.26 29.97
N LEU M 36 -7.43 -51.05 29.58
CA LEU M 36 -7.89 -50.46 28.33
C LEU M 36 -7.20 -51.12 27.13
N GLN M 37 -7.87 -51.07 25.99
CA GLN M 37 -7.37 -51.70 24.77
C GLN M 37 -6.06 -51.10 24.29
N GLN M 38 -5.81 -49.82 24.56
CA GLN M 38 -4.57 -49.19 24.11
C GLN M 38 -3.38 -49.61 24.97
N VAL M 39 -3.61 -49.97 26.22
CA VAL M 39 -2.56 -50.58 27.03
C VAL M 39 -2.17 -51.94 26.45
N LYS M 40 -3.16 -52.80 26.21
CA LYS M 40 -2.92 -54.09 25.56
C LYS M 40 -2.25 -53.94 24.20
N THR M 41 -2.65 -52.93 23.41
CA THR M 41 -1.98 -52.65 22.15
C THR M 41 -0.50 -52.32 22.34
N LEU M 42 -0.18 -51.42 23.27
CA LEU M 42 1.21 -51.10 23.57
C LEU M 42 1.98 -52.32 24.08
N HIS M 43 1.38 -53.08 24.99
CA HIS M 43 2.06 -54.21 25.59
C HIS M 43 2.49 -55.25 24.55
N ASP M 44 1.57 -55.62 23.65
CA ASP M 44 1.91 -56.56 22.58
C ASP M 44 2.94 -55.98 21.61
N TRP M 45 2.90 -54.68 21.38
CA TRP M 45 3.89 -54.04 20.52
C TRP M 45 5.26 -53.99 21.17
N LEU M 46 5.31 -53.70 22.47
CA LEU M 46 6.56 -53.73 23.24
C LEU M 46 7.13 -55.14 23.37
N ASP M 47 6.28 -56.15 23.52
CA ASP M 47 6.76 -57.53 23.51
C ASP M 47 7.43 -57.89 22.20
N GLY M 48 6.90 -57.43 21.07
CA GLY M 48 7.63 -57.58 19.81
C GLY M 48 8.97 -56.87 19.79
N LYS M 49 9.00 -55.61 20.20
CA LYS M 49 10.25 -54.84 20.21
C LYS M 49 11.27 -55.43 21.17
N ARG M 50 10.83 -55.90 22.33
CA ARG M 50 11.74 -56.52 23.29
C ARG M 50 12.31 -57.83 22.76
N LYS M 51 11.48 -58.65 22.12
CA LYS M 51 11.98 -59.86 21.48
C LYS M 51 12.98 -59.57 20.37
N ALA M 52 12.70 -58.58 19.53
CA ALA M 52 13.63 -58.22 18.45
C ALA M 52 14.81 -57.40 18.93
N ARG M 53 14.81 -56.95 20.19
CA ARG M 53 15.81 -56.02 20.71
C ARG M 53 15.81 -54.69 19.95
N LYS M 54 14.64 -54.23 19.53
CA LYS M 54 14.52 -53.13 18.58
C LYS M 54 14.14 -51.84 19.29
N SER M 55 14.98 -50.82 19.11
CA SER M 55 14.75 -49.50 19.67
C SER M 55 13.65 -48.79 18.92
N CYS M 56 12.85 -48.00 19.64
CA CYS M 56 11.62 -47.44 19.09
C CYS M 56 11.18 -46.28 19.97
N ARG M 57 10.15 -45.57 19.51
CA ARG M 57 9.55 -44.50 20.29
C ARG M 57 8.04 -44.64 20.40
N VAL M 58 7.51 -44.15 21.51
CA VAL M 58 6.08 -44.08 21.76
C VAL M 58 5.72 -42.61 21.93
N VAL M 59 4.77 -42.14 21.12
CA VAL M 59 4.47 -40.72 21.00
C VAL M 59 2.96 -40.56 21.10
N GLY M 60 2.53 -39.54 21.82
CA GLY M 60 1.13 -39.18 21.85
C GLY M 60 0.92 -37.97 22.75
N GLU M 61 -0.24 -37.35 22.57
CA GLU M 61 -0.62 -36.18 23.36
C GLU M 61 -0.49 -36.40 24.86
N SER M 62 -0.30 -35.31 25.59
CA SER M 62 -0.30 -35.35 27.06
C SER M 62 -1.59 -35.93 27.62
N ARG M 63 -1.45 -36.67 28.73
CA ARG M 63 -2.54 -37.30 29.48
C ARG M 63 -3.34 -38.32 28.69
N THR M 64 -2.75 -38.88 27.63
CA THR M 64 -3.38 -39.97 26.89
C THR M 64 -3.14 -41.35 27.51
N GLY M 65 -2.31 -41.47 28.54
CA GLY M 65 -2.12 -42.73 29.22
C GLY M 65 -0.80 -43.43 28.96
N LYS M 66 0.14 -42.77 28.29
CA LYS M 66 1.42 -43.39 27.93
C LYS M 66 2.20 -43.86 29.15
N THR M 67 2.37 -43.00 30.14
CA THR M 67 3.08 -43.35 31.37
C THR M 67 2.42 -44.52 32.10
N VAL M 68 1.09 -44.48 32.29
CA VAL M 68 0.42 -45.56 32.99
C VAL M 68 0.57 -46.88 32.25
N ALA M 69 0.45 -46.86 30.93
CA ALA M 69 0.60 -48.09 30.15
C ALA M 69 2.03 -48.63 30.18
N CYS M 70 3.04 -47.75 30.12
CA CYS M 70 4.43 -48.19 30.24
C CYS M 70 4.77 -48.67 31.65
N ASP M 71 4.28 -47.98 32.67
CA ASP M 71 4.50 -48.42 34.04
C ASP M 71 3.86 -49.79 34.31
N ALA M 72 2.66 -50.02 33.79
CA ALA M 72 2.03 -51.33 33.87
C ALA M 72 2.77 -52.41 33.10
N TYR M 73 3.55 -52.05 32.08
CA TYR M 73 4.28 -53.07 31.32
C TYR M 73 5.41 -53.72 32.13
N ARG M 74 6.17 -52.94 32.88
CA ARG M 74 7.24 -53.53 33.67
C ARG M 74 6.74 -54.34 34.86
N TYR M 75 5.51 -54.13 35.30
CA TYR M 75 4.92 -54.97 36.32
C TYR M 75 4.40 -56.32 35.82
N ARG M 76 4.28 -56.51 34.51
CA ARG M 76 4.17 -57.86 33.97
C ARG M 76 5.52 -58.58 33.84
N HIS M 77 6.61 -57.86 34.06
CA HIS M 77 7.98 -58.32 33.84
C HIS M 77 8.85 -57.96 35.02
N LYS M 78 8.33 -58.18 36.22
CA LYS M 78 9.05 -57.88 37.45
C LYS M 78 10.41 -58.57 37.50
N PRO M 79 11.35 -58.01 38.25
CA PRO M 79 12.59 -58.72 38.58
C PRO M 79 12.32 -60.13 39.09
N GLN M 80 13.13 -61.07 38.61
CA GLN M 80 13.05 -62.47 39.01
C GLN M 80 14.39 -62.91 39.58
N GLN M 81 14.33 -63.70 40.65
CA GLN M 81 15.49 -64.15 41.41
C GLN M 81 16.10 -65.43 40.85
N GLU M 82 17.35 -65.65 41.24
CA GLU M 82 18.04 -66.93 41.07
C GLU M 82 19.03 -67.09 42.22
N ALA M 83 19.29 -68.34 42.60
CA ALA M 83 20.19 -68.61 43.72
C ALA M 83 21.63 -68.30 43.34
N GLY M 84 22.28 -67.48 44.16
CA GLY M 84 23.68 -67.14 43.93
C GLY M 84 23.93 -66.25 42.74
N ARG M 85 22.93 -65.49 42.30
CA ARG M 85 23.01 -64.71 41.08
C ARG M 85 22.38 -63.36 41.32
N PRO M 86 22.71 -62.35 40.51
CA PRO M 86 21.89 -61.14 40.47
C PRO M 86 20.53 -61.44 39.86
N PRO M 87 19.52 -60.63 40.15
CA PRO M 87 18.20 -60.88 39.57
C PRO M 87 18.21 -60.63 38.07
N THR M 88 17.42 -61.43 37.35
CA THR M 88 17.12 -61.08 35.97
C THR M 88 16.01 -60.03 35.94
N VAL M 89 16.26 -58.93 35.24
CA VAL M 89 15.34 -57.80 35.19
C VAL M 89 15.17 -57.39 33.74
N PRO M 90 14.22 -57.99 33.03
CA PRO M 90 14.08 -57.70 31.59
C PRO M 90 13.82 -56.24 31.28
N VAL M 91 12.96 -55.57 32.05
CA VAL M 91 12.53 -54.22 31.74
C VAL M 91 12.97 -53.27 32.85
N VAL M 92 13.73 -52.25 32.48
CA VAL M 92 14.00 -51.08 33.32
C VAL M 92 13.10 -49.95 32.86
N TYR M 93 12.40 -49.32 33.79
CA TYR M 93 11.64 -48.11 33.50
C TYR M 93 12.23 -46.95 34.30
N ILE M 94 12.60 -45.88 33.61
CA ILE M 94 13.08 -44.65 34.23
C ILE M 94 12.29 -43.47 33.68
N ARG M 95 12.00 -42.49 34.53
CA ARG M 95 11.69 -41.16 34.04
C ARG M 95 12.81 -40.21 34.44
N PRO M 96 13.59 -39.70 33.50
CA PRO M 96 14.60 -38.70 33.83
C PRO M 96 13.99 -37.44 34.46
N HIS M 97 14.81 -36.77 35.26
CA HIS M 97 14.51 -35.41 35.66
C HIS M 97 14.74 -34.46 34.48
N GLN M 98 14.18 -33.27 34.59
CA GLN M 98 14.35 -32.26 33.54
C GLN M 98 15.82 -31.90 33.33
N LYS M 99 16.17 -31.65 32.07
CA LYS M 99 17.55 -31.42 31.64
C LYS M 99 18.51 -32.48 32.18
N CYS M 100 18.10 -33.75 32.07
CA CYS M 100 18.91 -34.85 32.58
C CYS M 100 20.23 -34.96 31.83
N GLY M 101 21.33 -34.98 32.58
CA GLY M 101 22.62 -35.25 32.01
C GLY M 101 22.99 -36.72 32.09
N PRO M 102 24.15 -37.07 31.54
CA PRO M 102 24.60 -38.48 31.58
C PRO M 102 24.64 -39.12 32.96
N LYS M 103 25.24 -38.46 33.95
CA LYS M 103 25.35 -39.05 35.29
C LYS M 103 24.00 -39.22 35.96
N ASP M 104 23.09 -38.25 35.77
CA ASP M 104 21.71 -38.43 36.21
C ASP M 104 21.06 -39.65 35.59
N LEU M 105 21.29 -39.88 34.30
CA LEU M 105 20.76 -41.06 33.64
C LEU M 105 21.35 -42.34 34.22
N PHE M 106 22.66 -42.37 34.43
CA PHE M 106 23.33 -43.52 35.04
C PHE M 106 22.84 -43.77 36.46
N LYS M 107 22.68 -42.72 37.26
CA LYS M 107 22.07 -42.84 38.59
C LYS M 107 20.68 -43.46 38.53
N LYS M 108 19.84 -42.95 37.63
CA LYS M 108 18.50 -43.49 37.45
C LYS M 108 18.51 -45.00 37.18
N ILE M 109 19.38 -45.44 36.28
CA ILE M 109 19.39 -46.84 35.86
C ILE M 109 19.93 -47.75 36.97
N THR M 110 21.07 -47.37 37.56
CA THR M 110 21.67 -48.23 38.59
C THR M 110 20.80 -48.30 39.84
N GLU M 111 20.18 -47.19 40.24
CA GLU M 111 19.27 -47.24 41.38
C GLU M 111 17.98 -47.99 41.08
N TYR M 112 17.55 -48.04 39.83
CA TYR M 112 16.44 -48.92 39.48
C TYR M 112 16.80 -50.38 39.70
N LEU M 113 18.01 -50.77 39.31
CA LEU M 113 18.52 -52.12 39.49
C LEU M 113 18.99 -52.41 40.91
N LYS M 114 18.61 -51.56 41.88
CA LYS M 114 18.85 -51.77 43.31
C LYS M 114 20.32 -51.75 43.71
N TYR M 115 21.20 -51.23 42.86
CA TYR M 115 22.59 -51.02 43.23
C TYR M 115 22.77 -49.64 43.84
N ARG M 116 23.50 -49.58 44.95
CA ARG M 116 23.90 -48.31 45.53
C ARG M 116 24.98 -47.64 44.69
N VAL M 117 24.90 -46.32 44.57
CA VAL M 117 25.85 -45.53 43.80
C VAL M 117 26.81 -44.82 44.75
N THR M 118 28.10 -44.90 44.45
CA THR M 118 29.13 -44.25 45.26
C THR M 118 29.42 -42.86 44.72
N LYS M 119 30.41 -42.19 45.31
CA LYS M 119 31.14 -41.16 44.58
C LYS M 119 31.75 -41.74 43.31
N GLY M 120 32.05 -40.86 42.36
CA GLY M 120 32.74 -41.24 41.16
C GLY M 120 32.61 -40.19 40.09
N THR M 121 33.49 -40.30 39.09
CA THR M 121 33.34 -39.53 37.87
C THR M 121 32.15 -40.05 37.05
N VAL M 122 31.76 -39.27 36.04
CA VAL M 122 30.84 -39.75 35.02
C VAL M 122 31.33 -41.04 34.38
N SER M 123 32.63 -41.13 34.13
CA SER M 123 33.20 -42.33 33.54
C SER M 123 33.02 -43.55 34.43
N ASP M 124 33.12 -43.38 35.74
CA ASP M 124 32.86 -44.49 36.65
C ASP M 124 31.38 -44.86 36.69
N PHE M 125 30.51 -43.86 36.73
CA PHE M 125 29.06 -44.11 36.67
C PHE M 125 28.64 -44.83 35.39
N ARG M 126 29.24 -44.47 34.27
CA ARG M 126 28.96 -45.16 33.01
C ARG M 126 29.35 -46.64 33.08
N ASP M 127 30.57 -46.93 33.51
CA ASP M 127 31.03 -48.32 33.55
C ASP M 127 30.23 -49.18 34.52
N ARG M 128 29.91 -48.64 35.69
CA ARG M 128 29.02 -49.35 36.61
C ARG M 128 27.63 -49.57 36.01
N THR M 129 27.14 -48.61 35.23
CA THR M 129 25.85 -48.80 34.58
C THR M 129 25.90 -49.91 33.53
N ILE M 130 26.87 -49.86 32.64
CA ILE M 130 27.03 -50.90 31.63
C ILE M 130 27.16 -52.28 32.28
N GLU M 131 28.03 -52.40 33.28
CA GLU M 131 28.26 -53.68 33.94
C GLU M 131 27.08 -54.15 34.78
N VAL M 132 26.12 -53.29 35.06
CA VAL M 132 24.93 -53.68 35.82
C VAL M 132 23.73 -53.90 34.90
N LEU M 133 23.68 -53.20 33.77
CA LEU M 133 22.73 -53.56 32.73
C LEU M 133 23.01 -54.95 32.19
N LYS M 134 24.27 -55.26 31.91
CA LYS M 134 24.70 -56.65 31.81
C LYS M 134 24.56 -57.33 33.17
N GLY M 135 24.35 -58.63 33.16
CA GLY M 135 24.27 -59.38 34.39
C GLY M 135 22.92 -59.33 35.08
N CYS M 136 22.28 -58.16 35.14
CA CYS M 136 20.84 -58.15 35.38
C CYS M 136 20.04 -58.60 34.17
N GLY M 137 20.68 -58.73 33.01
CA GLY M 137 20.03 -59.25 31.83
C GLY M 137 18.96 -58.35 31.27
N VAL M 138 19.10 -57.04 31.46
CA VAL M 138 18.12 -56.10 30.93
C VAL M 138 18.04 -56.24 29.43
N GLU M 139 16.82 -56.31 28.92
CA GLU M 139 16.61 -56.39 27.48
C GLU M 139 15.74 -55.27 26.94
N MET M 140 15.05 -54.53 27.80
CA MET M 140 14.35 -53.33 27.39
C MET M 140 14.57 -52.22 28.41
N LEU M 141 14.90 -51.03 27.92
CA LEU M 141 14.99 -49.81 28.72
C LEU M 141 13.95 -48.83 28.20
N ILE M 142 12.98 -48.50 29.04
CA ILE M 142 11.98 -47.49 28.71
C ILE M 142 12.37 -46.16 29.35
N ILE M 143 12.50 -45.13 28.54
CA ILE M 143 12.83 -43.78 28.98
C ILE M 143 11.62 -42.89 28.75
N ASP M 144 10.79 -42.73 29.78
CA ASP M 144 9.60 -41.91 29.72
C ASP M 144 9.94 -40.43 29.82
N GLU M 145 9.31 -39.63 28.96
CA GLU M 145 9.66 -38.23 28.76
C GLU M 145 11.13 -38.06 28.38
N ALA M 146 11.57 -38.86 27.41
CA ALA M 146 12.92 -38.78 26.87
C ALA M 146 13.28 -37.41 26.33
N ASP M 147 12.31 -36.56 26.03
CA ASP M 147 12.58 -35.16 25.66
C ASP M 147 13.25 -34.36 26.77
N ARG M 148 13.18 -34.82 28.03
CA ARG M 148 13.89 -34.17 29.12
C ARG M 148 15.40 -34.37 29.06
N LEU M 149 15.86 -35.36 28.30
CA LEU M 149 17.29 -35.60 28.18
C LEU M 149 18.00 -34.44 27.50
N LYS M 150 19.15 -34.06 28.05
CA LYS M 150 20.06 -33.15 27.36
C LYS M 150 20.52 -33.75 26.02
N PRO M 151 20.71 -32.92 25.00
CA PRO M 151 21.24 -33.41 23.72
C PRO M 151 22.48 -34.28 23.82
N GLU M 152 23.42 -33.97 24.71
CA GLU M 152 24.62 -34.79 24.88
C GLU M 152 24.37 -36.16 25.50
N THR M 153 23.25 -36.36 26.21
CA THR M 153 23.04 -37.65 26.83
C THR M 153 22.30 -38.64 25.93
N PHE M 154 21.74 -38.18 24.81
CA PHE M 154 21.23 -39.11 23.80
C PHE M 154 22.33 -39.98 23.20
N ALA M 155 23.56 -39.49 23.19
CA ALA M 155 24.69 -40.33 22.78
C ALA M 155 24.87 -41.52 23.72
N ASP M 156 24.75 -41.32 25.03
CA ASP M 156 24.84 -42.42 25.98
C ASP M 156 23.66 -43.38 25.90
N VAL M 157 22.47 -42.88 25.57
CA VAL M 157 21.33 -43.75 25.32
C VAL M 157 21.55 -44.59 24.05
N ARG M 158 22.10 -43.97 23.00
CA ARG M 158 22.44 -44.70 21.79
C ARG M 158 23.52 -45.75 22.02
N ASP M 159 24.50 -45.43 22.86
CA ASP M 159 25.55 -46.41 23.17
C ASP M 159 25.05 -47.59 23.98
N ILE M 160 24.10 -47.38 24.89
CA ILE M 160 23.40 -48.49 25.52
C ILE M 160 22.70 -49.35 24.49
N ALA M 161 21.94 -48.72 23.60
CA ALA M 161 21.24 -49.46 22.56
C ALA M 161 22.19 -50.19 21.63
N GLU M 162 23.29 -49.55 21.25
CA GLU M 162 24.22 -50.14 20.29
C GLU M 162 25.05 -51.26 20.89
N ASP M 163 25.60 -51.05 22.08
CA ASP M 163 26.62 -51.96 22.59
C ASP M 163 26.05 -53.12 23.38
N LEU M 164 24.81 -53.01 23.86
CA LEU M 164 24.17 -54.08 24.59
C LEU M 164 22.96 -54.55 23.79
N GLY M 165 22.49 -55.74 24.12
CA GLY M 165 21.28 -56.27 23.51
C GLY M 165 20.00 -55.68 24.07
N ILE M 166 19.83 -54.36 23.99
CA ILE M 166 18.75 -53.68 24.69
C ILE M 166 17.93 -52.88 23.68
N ALA M 167 16.62 -53.12 23.69
CA ALA M 167 15.64 -52.22 23.07
C ALA M 167 15.38 -51.01 23.97
N VAL M 168 15.74 -49.83 23.50
CA VAL M 168 15.43 -48.59 24.21
C VAL M 168 14.14 -48.02 23.63
N VAL M 169 13.17 -47.73 24.50
CA VAL M 169 11.91 -47.14 24.11
C VAL M 169 11.85 -45.71 24.63
N LEU M 170 11.78 -44.74 23.73
CA LEU M 170 11.63 -43.35 24.10
C LEU M 170 10.16 -42.97 24.11
N VAL M 171 9.65 -42.53 25.25
CA VAL M 171 8.25 -42.16 25.40
C VAL M 171 8.16 -40.65 25.55
N GLY M 172 7.22 -40.03 24.84
CA GLY M 172 7.07 -38.60 24.97
C GLY M 172 5.84 -38.09 24.25
N THR M 173 5.66 -36.77 24.30
CA THR M 173 4.72 -36.06 23.47
C THR M 173 5.39 -35.64 22.16
N ASP M 174 4.64 -34.95 21.31
CA ASP M 174 5.15 -34.41 20.05
C ASP M 174 6.42 -33.57 20.21
N ARG M 175 6.71 -33.07 21.41
CA ARG M 175 7.99 -32.40 21.66
C ARG M 175 9.18 -33.32 21.52
N LEU M 176 9.02 -34.60 21.85
CA LEU M 176 10.08 -35.57 21.59
C LEU M 176 10.37 -35.73 20.10
N ASP M 177 9.33 -35.79 19.28
CA ASP M 177 9.52 -35.87 17.84
C ASP M 177 10.32 -34.68 17.30
N ALA M 178 10.07 -33.47 17.81
CA ALA M 178 10.87 -32.31 17.42
C ALA M 178 12.32 -32.42 17.90
N VAL M 179 12.52 -32.80 19.17
CA VAL M 179 13.87 -32.99 19.70
C VAL M 179 14.64 -34.07 18.94
N ILE M 180 14.00 -35.21 18.69
CA ILE M 180 14.64 -36.29 17.96
C ILE M 180 15.08 -35.86 16.56
N LYS M 181 14.24 -35.08 15.86
CA LYS M 181 14.60 -34.61 14.52
C LYS M 181 15.82 -33.71 14.50
N ARG M 182 16.22 -33.11 15.62
CA ARG M 182 17.40 -32.27 15.65
C ARG M 182 18.72 -33.03 15.77
N ASP M 183 18.71 -34.36 15.78
CA ASP M 183 19.94 -35.14 15.69
C ASP M 183 19.67 -36.37 14.83
N GLU M 184 20.20 -36.36 13.60
CA GLU M 184 19.97 -37.47 12.68
C GLU M 184 20.36 -38.83 13.26
N GLN M 185 21.40 -38.88 14.09
CA GLN M 185 21.85 -40.17 14.62
C GLN M 185 20.86 -40.74 15.62
N VAL M 186 20.13 -39.89 16.33
CA VAL M 186 19.03 -40.36 17.17
C VAL M 186 17.81 -40.67 16.33
N LEU M 187 17.45 -39.75 15.44
CA LEU M 187 16.30 -39.92 14.55
C LEU M 187 16.35 -41.25 13.80
N GLU M 188 17.48 -41.58 13.18
CA GLU M 188 17.57 -42.81 12.41
C GLU M 188 17.63 -44.07 13.27
N ARG M 189 17.98 -43.97 14.54
CA ARG M 189 17.95 -45.12 15.43
C ARG M 189 16.58 -45.39 16.05
N PHE M 190 15.68 -44.40 16.07
CA PHE M 190 14.44 -44.49 16.84
C PHE M 190 13.20 -44.19 16.00
N ARG M 191 13.28 -44.29 14.68
CA ARG M 191 12.16 -43.88 13.83
C ARG M 191 11.00 -44.88 13.74
N ALA M 192 11.13 -46.12 14.18
CA ALA M 192 9.93 -46.94 14.39
C ALA M 192 9.15 -46.37 15.58
N HIS M 193 7.83 -46.20 15.41
CA HIS M 193 7.04 -45.61 16.48
C HIS M 193 5.69 -46.30 16.64
N LEU M 194 5.14 -46.15 17.83
CA LEU M 194 3.72 -46.33 18.11
C LEU M 194 3.11 -44.99 18.47
N ARG M 195 1.93 -44.70 17.92
CA ARG M 195 1.17 -43.49 18.25
C ARG M 195 0.09 -43.81 19.28
N PHE M 196 0.16 -43.14 20.42
CA PHE M 196 -0.86 -43.23 21.47
C PHE M 196 -1.97 -42.23 21.21
N GLY M 197 -3.21 -42.72 21.12
CA GLY M 197 -4.33 -41.88 20.73
C GLY M 197 -5.24 -41.47 21.88
N LYS M 198 -5.99 -40.40 21.66
CA LYS M 198 -7.15 -40.07 22.47
C LYS M 198 -8.27 -41.09 22.28
N LEU M 199 -9.24 -41.06 23.19
CA LEU M 199 -10.47 -41.82 23.08
C LEU M 199 -11.54 -41.08 22.28
N SER M 200 -12.38 -41.84 21.60
CA SER M 200 -13.51 -41.26 20.87
C SER M 200 -14.64 -42.28 20.78
N GLY M 201 -15.83 -41.78 20.45
CA GLY M 201 -16.97 -42.60 20.08
C GLY M 201 -17.29 -43.75 21.01
N GLU M 202 -17.46 -44.93 20.42
CA GLU M 202 -17.74 -46.14 21.19
C GLU M 202 -16.61 -46.50 22.14
N ASP M 203 -15.36 -46.23 21.74
CA ASP M 203 -14.23 -46.49 22.61
C ASP M 203 -14.30 -45.62 23.86
N PHE M 204 -14.64 -44.35 23.71
CA PHE M 204 -14.90 -43.50 24.86
C PHE M 204 -16.09 -43.96 25.68
N LYS M 205 -17.22 -44.24 25.01
CA LYS M 205 -18.41 -44.71 25.72
C LYS M 205 -18.17 -46.00 26.50
N ASN M 206 -17.40 -46.93 25.93
CA ASN M 206 -17.01 -48.13 26.67
C ASN M 206 -16.09 -47.81 27.84
N THR M 207 -15.10 -46.95 27.63
CA THR M 207 -14.20 -46.55 28.70
C THR M 207 -14.93 -45.88 29.86
N VAL M 208 -15.94 -45.07 29.56
CA VAL M 208 -16.77 -44.46 30.60
C VAL M 208 -17.46 -45.51 31.48
N GLU M 209 -18.03 -46.54 30.84
CA GLU M 209 -18.70 -47.58 31.62
C GLU M 209 -17.72 -48.42 32.43
N MET M 210 -16.53 -48.68 31.89
CA MET M 210 -15.49 -49.34 32.69
C MET M 210 -15.12 -48.53 33.93
N TRP M 211 -15.02 -47.21 33.82
CA TRP M 211 -14.73 -46.38 34.98
C TRP M 211 -15.79 -46.51 36.06
N GLU M 212 -17.06 -46.40 35.68
CA GLU M 212 -18.15 -46.55 36.65
C GLU M 212 -18.10 -47.90 37.36
N GLN M 213 -17.89 -48.98 36.61
CA GLN M 213 -18.02 -50.32 37.15
C GLN M 213 -16.77 -50.79 37.89
N MET M 214 -15.58 -50.39 37.44
CA MET M 214 -14.37 -50.93 38.04
C MET M 214 -13.41 -49.89 38.61
N VAL M 215 -13.74 -48.59 38.55
CA VAL M 215 -12.95 -47.56 39.21
C VAL M 215 -13.74 -46.89 40.33
N LEU M 216 -14.92 -46.36 40.01
CA LEU M 216 -15.68 -45.62 41.02
C LEU M 216 -16.32 -46.56 42.03
N LYS M 217 -16.96 -47.62 41.54
CA LYS M 217 -17.51 -48.68 42.39
C LYS M 217 -18.39 -48.12 43.50
N LEU M 218 -19.25 -47.17 43.13
CA LEU M 218 -20.15 -46.52 44.06
C LEU M 218 -21.26 -47.48 44.48
N PRO M 219 -21.87 -47.25 45.64
CA PRO M 219 -22.97 -48.12 46.09
C PRO M 219 -24.11 -48.23 45.11
N VAL M 220 -24.37 -47.20 44.30
CA VAL M 220 -25.45 -47.24 43.33
C VAL M 220 -24.90 -46.82 41.97
N SER M 221 -25.51 -47.38 40.92
CA SER M 221 -25.15 -47.03 39.56
C SER M 221 -25.36 -45.55 39.29
N SER M 222 -24.37 -44.94 38.62
CA SER M 222 -24.47 -43.56 38.17
C SER M 222 -24.96 -43.46 36.74
N ASN M 223 -24.90 -44.55 35.98
CA ASN M 223 -25.37 -44.62 34.59
C ASN M 223 -24.66 -43.58 33.72
N LEU M 224 -23.35 -43.46 33.90
CA LEU M 224 -22.60 -42.38 33.28
C LEU M 224 -22.58 -42.48 31.76
N LYS M 225 -22.86 -43.66 31.20
CA LYS M 225 -23.01 -43.83 29.76
C LYS M 225 -24.31 -43.28 29.20
N SER M 226 -25.27 -42.87 30.03
CA SER M 226 -26.48 -42.26 29.53
C SER M 226 -26.18 -40.99 28.72
N LYS M 227 -27.02 -40.76 27.70
CA LYS M 227 -26.78 -39.70 26.72
C LYS M 227 -26.41 -38.37 27.34
N GLU M 228 -27.16 -37.93 28.36
CA GLU M 228 -26.91 -36.62 28.95
C GLU M 228 -25.57 -36.59 29.67
N MET M 229 -25.31 -37.58 30.51
CA MET M 229 -24.05 -37.63 31.24
C MET M 229 -22.87 -37.95 30.32
N LEU M 230 -23.09 -38.79 29.32
CA LEU M 230 -22.06 -39.05 28.32
C LEU M 230 -21.75 -37.81 27.48
N ARG M 231 -22.74 -36.96 27.28
CA ARG M 231 -22.51 -35.69 26.59
C ARG M 231 -21.69 -34.73 27.45
N ILE M 232 -22.01 -34.63 28.74
CA ILE M 232 -21.23 -33.83 29.67
C ILE M 232 -19.78 -34.33 29.72
N LEU M 233 -19.60 -35.64 29.85
CA LEU M 233 -18.27 -36.22 29.86
C LEU M 233 -17.52 -36.03 28.55
N THR M 234 -18.17 -36.22 27.41
CA THR M 234 -17.49 -36.00 26.13
C THR M 234 -17.05 -34.55 25.97
N SER M 235 -17.86 -33.62 26.45
CA SER M 235 -17.50 -32.19 26.39
C SER M 235 -16.33 -31.87 27.31
N ALA M 236 -16.42 -32.29 28.57
CA ALA M 236 -15.40 -31.92 29.55
C ALA M 236 -14.07 -32.66 29.33
N THR M 237 -14.12 -33.94 28.96
CA THR M 237 -12.88 -34.70 28.86
C THR M 237 -12.18 -34.51 27.52
N GLU M 238 -12.91 -34.16 26.47
CA GLU M 238 -12.36 -34.00 25.12
C GLU M 238 -11.60 -35.23 24.65
N GLY M 239 -11.90 -36.39 25.24
CA GLY M 239 -11.24 -37.63 24.93
C GLY M 239 -9.95 -37.93 25.67
N TYR M 240 -9.51 -37.07 26.57
CA TYR M 240 -8.35 -37.37 27.39
C TYR M 240 -8.73 -38.29 28.54
N ILE M 241 -8.00 -39.39 28.66
CA ILE M 241 -8.25 -40.34 29.76
C ILE M 241 -7.87 -39.70 31.09
N GLY M 242 -6.87 -38.83 31.11
CA GLY M 242 -6.52 -38.12 32.32
C GLY M 242 -7.62 -37.21 32.84
N ARG M 243 -8.32 -36.52 31.95
CA ARG M 243 -9.48 -35.73 32.38
C ARG M 243 -10.63 -36.61 32.85
N LEU M 244 -10.93 -37.69 32.13
CA LEU M 244 -11.99 -38.58 32.54
C LEU M 244 -11.77 -39.13 33.94
N ASP M 245 -10.54 -39.56 34.24
CA ASP M 245 -10.23 -40.07 35.57
C ASP M 245 -10.39 -39.00 36.65
N GLU M 246 -9.74 -37.85 36.45
CA GLU M 246 -9.79 -36.78 37.45
C GLU M 246 -11.19 -36.24 37.66
N ILE M 247 -11.97 -36.07 36.59
CA ILE M 247 -13.33 -35.57 36.71
C ILE M 247 -14.22 -36.55 37.48
N LEU M 248 -14.19 -37.82 37.09
CA LEU M 248 -15.07 -38.79 37.74
C LEU M 248 -14.68 -39.10 39.17
N ARG M 249 -13.38 -39.13 39.48
CA ARG M 249 -12.96 -39.31 40.87
C ARG M 249 -13.35 -38.13 41.76
N GLU M 250 -13.12 -36.89 41.30
CA GLU M 250 -13.58 -35.75 42.08
C GLU M 250 -15.10 -35.69 42.18
N ALA M 251 -15.80 -36.02 41.10
CA ALA M 251 -17.25 -36.07 41.14
C ALA M 251 -17.76 -37.14 42.10
N ALA M 252 -17.05 -38.26 42.19
CA ALA M 252 -17.41 -39.29 43.17
C ALA M 252 -17.16 -38.81 44.60
N ILE M 253 -15.99 -38.23 44.85
CA ILE M 253 -15.68 -37.70 46.18
C ILE M 253 -16.65 -36.61 46.59
N ARG M 254 -16.99 -35.69 45.68
CA ARG M 254 -18.00 -34.69 45.98
C ARG M 254 -19.37 -35.30 46.27
N SER M 255 -19.81 -36.22 45.41
CA SER M 255 -21.13 -36.83 45.59
C SER M 255 -21.22 -37.62 46.89
N LEU M 256 -20.21 -38.42 47.22
CA LEU M 256 -20.19 -39.13 48.49
C LEU M 256 -20.14 -38.16 49.67
N SER M 257 -19.37 -37.09 49.56
CA SER M 257 -19.30 -36.10 50.63
C SER M 257 -20.61 -35.34 50.82
N ARG M 258 -21.38 -35.14 49.76
CA ARG M 258 -22.73 -34.61 49.88
C ARG M 258 -23.73 -35.64 50.39
N GLY M 259 -23.31 -36.89 50.59
CA GLY M 259 -24.17 -37.95 51.07
C GLY M 259 -25.02 -38.63 50.03
N LEU M 260 -24.75 -38.39 48.74
CA LEU M 260 -25.35 -39.19 47.70
C LEU M 260 -24.63 -40.53 47.59
N LYS M 261 -25.37 -41.58 47.25
CA LYS M 261 -24.75 -42.87 46.96
C LYS M 261 -24.26 -42.97 45.52
N LYS M 262 -24.40 -41.91 44.71
CA LYS M 262 -24.05 -41.97 43.31
C LYS M 262 -23.63 -40.58 42.85
N ILE M 263 -22.94 -40.54 41.71
CA ILE M 263 -22.80 -39.28 40.99
C ILE M 263 -24.13 -38.93 40.32
N ASP M 264 -24.41 -37.64 40.25
CA ASP M 264 -25.53 -37.14 39.45
C ASP M 264 -25.07 -35.97 38.58
N LYS M 265 -25.93 -35.60 37.64
CA LYS M 265 -25.64 -34.48 36.73
C LYS M 265 -25.26 -33.22 37.48
N ALA M 266 -25.92 -32.96 38.62
CA ALA M 266 -25.62 -31.73 39.35
C ALA M 266 -24.16 -31.68 39.79
N VAL M 267 -23.68 -32.71 40.45
CA VAL M 267 -22.26 -32.74 40.82
C VAL M 267 -21.37 -32.87 39.58
N LEU M 268 -21.80 -33.66 38.60
CA LEU M 268 -20.99 -33.83 37.38
C LEU M 268 -20.86 -32.54 36.59
N GLN M 269 -21.94 -31.77 36.50
CA GLN M 269 -21.87 -30.44 35.88
C GLN M 269 -21.07 -29.46 36.72
N GLU M 270 -21.24 -29.50 38.04
CA GLU M 270 -20.43 -28.66 38.92
C GLU M 270 -18.94 -28.92 38.79
N VAL M 271 -18.53 -30.18 38.58
CA VAL M 271 -17.13 -30.46 38.27
C VAL M 271 -16.77 -29.99 36.88
N ALA M 272 -17.57 -30.35 35.88
CA ALA M 272 -17.26 -30.04 34.49
C ALA M 272 -17.14 -28.56 34.22
N LYS M 273 -17.85 -27.72 34.96
CA LYS M 273 -17.71 -26.27 34.83
C LYS M 273 -16.33 -25.75 35.16
N GLU M 274 -15.52 -26.52 35.90
CA GLU M 274 -14.20 -26.02 36.26
C GLU M 274 -13.15 -26.25 35.19
N TYR M 275 -13.42 -27.09 34.21
CA TYR M 275 -12.45 -27.40 33.18
C TYR M 275 -12.64 -26.51 31.96
N GLU N 19 2.64 8.37 72.91
CA GLU N 19 1.61 9.17 72.26
C GLU N 19 0.62 8.28 71.52
N TRP N 20 -0.67 8.57 71.73
CA TRP N 20 -1.74 7.76 71.15
C TRP N 20 -1.71 7.79 69.62
N LEU N 21 -1.47 8.95 69.03
CA LEU N 21 -1.47 9.07 67.57
C LEU N 21 -0.44 8.17 66.91
N GLN N 22 0.72 8.00 67.54
CA GLN N 22 1.76 7.13 67.00
C GLN N 22 1.38 5.65 67.03
N ALA N 23 0.60 5.23 68.03
CA ALA N 23 0.12 3.85 68.09
C ALA N 23 -0.94 3.56 67.03
N GLU N 24 -1.83 4.52 66.77
CA GLU N 24 -2.80 4.37 65.68
C GLU N 24 -2.16 4.30 64.31
N ILE N 25 -1.20 5.20 64.03
CA ILE N 25 -0.50 5.17 62.75
C ILE N 25 0.30 3.89 62.57
N ALA N 26 0.95 3.41 63.64
CA ALA N 26 1.63 2.13 63.55
C ALA N 26 0.68 0.96 63.29
N ARG N 27 -0.56 1.04 63.76
CA ARG N 27 -1.56 0.03 63.39
C ARG N 27 -2.04 0.19 61.95
N LEU N 28 -2.51 1.39 61.60
CA LEU N 28 -3.09 1.61 60.26
C LEU N 28 -2.07 1.41 59.16
N LYS N 29 -0.81 1.73 59.45
CA LYS N 29 0.29 1.39 58.56
C LYS N 29 0.33 -0.10 58.22
N GLY N 30 -0.17 -0.96 59.11
CA GLY N 30 0.00 -2.39 58.97
C GLY N 30 -0.92 -3.06 57.99
N LYS N 31 -1.04 -4.38 58.15
CA LYS N 31 -1.94 -5.22 57.37
C LYS N 31 -2.79 -6.07 58.31
N SER N 32 -3.95 -6.47 57.82
CA SER N 32 -4.78 -7.43 58.53
C SER N 32 -5.68 -8.12 57.52
N ILE N 33 -6.28 -9.23 57.93
CA ILE N 33 -7.10 -10.06 57.05
C ILE N 33 -8.56 -9.85 57.41
N VAL N 34 -9.36 -9.52 56.40
CA VAL N 34 -10.81 -9.45 56.52
C VAL N 34 -11.41 -10.71 55.91
N PRO N 35 -12.34 -11.37 56.59
CA PRO N 35 -12.93 -12.64 56.10
C PRO N 35 -13.99 -12.41 55.04
N LEU N 36 -13.51 -11.95 53.87
CA LEU N 36 -14.39 -11.71 52.73
C LEU N 36 -14.97 -13.03 52.20
N GLN N 37 -16.14 -12.93 51.58
CA GLN N 37 -16.80 -14.13 51.05
C GLN N 37 -16.00 -14.82 49.96
N GLN N 38 -15.21 -14.08 49.21
CA GLN N 38 -14.35 -14.70 48.20
C GLN N 38 -13.20 -15.48 48.83
N VAL N 39 -12.76 -15.05 50.01
CA VAL N 39 -11.78 -15.82 50.77
C VAL N 39 -12.34 -17.17 51.17
N LYS N 40 -13.54 -17.18 51.75
CA LYS N 40 -14.19 -18.44 52.11
C LYS N 40 -14.43 -19.31 50.89
N THR N 41 -14.83 -18.72 49.76
CA THR N 41 -15.02 -19.48 48.53
C THR N 41 -13.75 -20.21 48.13
N LEU N 42 -12.62 -19.51 48.11
CA LEU N 42 -11.34 -20.15 47.82
C LEU N 42 -11.03 -21.26 48.82
N HIS N 43 -11.17 -20.98 50.11
CA HIS N 43 -10.80 -21.95 51.13
C HIS N 43 -11.59 -23.24 51.03
N ASP N 44 -12.91 -23.17 50.83
CA ASP N 44 -13.69 -24.38 50.63
C ASP N 44 -13.34 -25.11 49.34
N TRP N 45 -12.99 -24.38 48.29
CA TRP N 45 -12.59 -25.02 47.04
C TRP N 45 -11.22 -25.67 47.17
N LEU N 46 -10.31 -25.00 47.87
CA LEU N 46 -9.00 -25.59 48.18
C LEU N 46 -9.12 -26.82 49.07
N ASP N 47 -10.07 -26.82 50.01
CA ASP N 47 -10.31 -28.03 50.80
C ASP N 47 -10.76 -29.20 49.95
N GLY N 48 -11.62 -28.97 48.96
CA GLY N 48 -11.95 -30.03 48.02
C GLY N 48 -10.76 -30.55 47.24
N LYS N 49 -9.97 -29.63 46.67
CA LYS N 49 -8.80 -30.00 45.88
C LYS N 49 -7.75 -30.72 46.73
N ARG N 50 -7.55 -30.29 47.97
CA ARG N 50 -6.65 -31.00 48.87
C ARG N 50 -7.16 -32.41 49.18
N LYS N 51 -8.45 -32.55 49.48
CA LYS N 51 -9.03 -33.86 49.79
C LYS N 51 -8.91 -34.84 48.63
N ALA N 52 -9.12 -34.38 47.40
CA ALA N 52 -8.96 -35.23 46.22
C ALA N 52 -7.53 -35.27 45.71
N ARG N 53 -6.63 -34.49 46.30
CA ARG N 53 -5.26 -34.30 45.81
C ARG N 53 -5.20 -33.83 44.36
N LYS N 54 -6.21 -33.08 43.92
CA LYS N 54 -6.30 -32.60 42.56
C LYS N 54 -5.51 -31.31 42.38
N SER N 55 -4.59 -31.31 41.44
CA SER N 55 -3.87 -30.10 41.05
C SER N 55 -4.78 -29.16 40.26
N CYS N 56 -4.56 -27.87 40.44
CA CYS N 56 -5.51 -26.84 40.00
C CYS N 56 -4.80 -25.50 39.98
N ARG N 57 -5.51 -24.47 39.52
CA ARG N 57 -4.95 -23.12 39.47
C ARG N 57 -5.95 -22.08 39.96
N VAL N 58 -5.41 -21.01 40.51
CA VAL N 58 -6.17 -19.84 40.97
C VAL N 58 -5.72 -18.64 40.15
N VAL N 59 -6.67 -18.02 39.44
CA VAL N 59 -6.38 -16.92 38.53
C VAL N 59 -7.32 -15.77 38.84
N GLY N 60 -6.77 -14.57 38.87
CA GLY N 60 -7.58 -13.37 39.03
C GLY N 60 -6.72 -12.14 38.84
N GLU N 61 -7.38 -11.03 38.56
CA GLU N 61 -6.68 -9.77 38.33
C GLU N 61 -5.78 -9.42 39.51
N SER N 62 -4.73 -8.66 39.22
CA SER N 62 -3.86 -8.12 40.25
C SER N 62 -4.64 -7.39 41.34
N ARG N 63 -4.20 -7.57 42.58
CA ARG N 63 -4.70 -6.92 43.78
C ARG N 63 -6.16 -7.27 44.10
N THR N 64 -6.66 -8.38 43.56
CA THR N 64 -7.97 -8.91 43.94
C THR N 64 -7.95 -9.67 45.26
N GLY N 65 -6.79 -9.86 45.85
CA GLY N 65 -6.66 -10.49 47.15
C GLY N 65 -6.33 -11.97 47.14
N LYS N 66 -5.72 -12.46 46.06
CA LYS N 66 -5.38 -13.88 45.95
C LYS N 66 -4.34 -14.30 46.98
N THR N 67 -3.27 -13.51 47.10
CA THR N 67 -2.20 -13.80 48.05
C THR N 67 -2.67 -13.79 49.50
N VAL N 68 -3.49 -12.81 49.89
CA VAL N 68 -4.02 -12.81 51.25
C VAL N 68 -4.94 -14.00 51.51
N ALA N 69 -5.77 -14.38 50.53
CA ALA N 69 -6.63 -15.55 50.70
C ALA N 69 -5.85 -16.87 50.72
N CYS N 70 -4.80 -16.97 49.91
CA CYS N 70 -3.94 -18.16 49.94
C CYS N 70 -3.10 -18.23 51.21
N ASP N 71 -2.58 -17.09 51.66
CA ASP N 71 -1.82 -17.05 52.91
C ASP N 71 -2.70 -17.37 54.11
N ALA N 72 -3.94 -16.88 54.12
CA ALA N 72 -4.90 -17.21 55.18
C ALA N 72 -5.22 -18.69 55.26
N TYR N 73 -5.19 -19.40 54.13
CA TYR N 73 -5.44 -20.84 54.13
C TYR N 73 -4.32 -21.60 54.81
N ARG N 74 -3.08 -21.27 54.47
CA ARG N 74 -1.90 -21.79 55.14
C ARG N 74 -1.94 -21.63 56.66
N TYR N 75 -2.35 -20.47 57.16
CA TYR N 75 -2.48 -20.28 58.61
C TYR N 75 -3.69 -20.96 59.23
N ARG N 76 -4.68 -21.34 58.43
CA ARG N 76 -5.79 -22.14 58.93
C ARG N 76 -5.44 -23.61 59.08
N HIS N 77 -4.44 -24.09 58.36
CA HIS N 77 -3.97 -25.48 58.41
C HIS N 77 -2.52 -25.49 58.89
N LYS N 78 -2.33 -25.17 60.17
CA LYS N 78 -1.02 -25.11 60.83
C LYS N 78 -0.25 -26.41 60.66
N PRO N 79 1.09 -26.33 60.66
CA PRO N 79 1.90 -27.50 60.99
C PRO N 79 1.40 -28.18 62.27
N GLN N 80 1.31 -29.50 62.22
CA GLN N 80 0.76 -30.31 63.30
C GLN N 80 1.90 -31.03 64.01
N GLN N 81 2.02 -30.80 65.32
CA GLN N 81 3.12 -31.34 66.08
C GLN N 81 2.90 -32.82 66.41
N GLU N 82 4.00 -33.55 66.51
CA GLU N 82 4.00 -34.98 66.79
C GLU N 82 5.13 -35.29 67.75
N ALA N 83 5.01 -36.42 68.46
CA ALA N 83 6.00 -36.81 69.45
C ALA N 83 7.20 -37.44 68.75
N GLY N 84 8.35 -36.77 68.84
CA GLY N 84 9.60 -37.25 68.28
C GLY N 84 9.73 -37.22 66.77
N ARG N 85 8.70 -37.66 66.05
CA ARG N 85 8.71 -37.60 64.61
C ARG N 85 8.52 -36.16 64.13
N PRO N 86 8.90 -35.86 62.88
CA PRO N 86 8.72 -34.51 62.35
C PRO N 86 7.24 -34.11 62.33
N PRO N 87 6.97 -32.80 62.35
CA PRO N 87 5.58 -32.34 62.31
C PRO N 87 4.93 -32.61 60.97
N THR N 88 3.62 -32.85 61.01
CA THR N 88 2.82 -32.88 59.80
C THR N 88 2.53 -31.46 59.32
N VAL N 89 2.82 -31.20 58.05
CA VAL N 89 2.55 -29.89 57.45
C VAL N 89 1.66 -30.08 56.24
N PRO N 90 0.33 -30.05 56.39
CA PRO N 90 -0.55 -30.37 55.26
C PRO N 90 -0.42 -29.43 54.08
N VAL N 91 -0.28 -28.13 54.32
CA VAL N 91 -0.25 -27.12 53.27
C VAL N 91 1.10 -26.40 53.30
N VAL N 92 1.79 -26.39 52.17
CA VAL N 92 2.99 -25.59 51.97
C VAL N 92 2.66 -24.43 51.04
N TYR N 93 2.96 -23.21 51.48
CA TYR N 93 2.79 -22.01 50.68
C TYR N 93 4.16 -21.43 50.35
N ILE N 94 4.44 -21.24 49.06
CA ILE N 94 5.66 -20.56 48.61
C ILE N 94 5.32 -19.49 47.58
N ARG N 95 6.08 -18.40 47.60
CA ARG N 95 6.15 -17.51 46.44
C ARG N 95 7.55 -17.53 45.85
N PRO N 96 7.73 -18.05 44.63
CA PRO N 96 9.04 -18.00 43.98
C PRO N 96 9.56 -16.57 43.77
N HIS N 97 10.88 -16.46 43.75
CA HIS N 97 11.51 -15.27 43.21
C HIS N 97 11.35 -15.24 41.69
N GLN N 98 11.55 -14.05 41.12
CA GLN N 98 11.48 -13.91 39.67
C GLN N 98 12.52 -14.80 39.00
N LYS N 99 12.17 -15.35 37.83
CA LYS N 99 13.02 -16.30 37.11
C LYS N 99 13.43 -17.48 38.00
N CYS N 100 12.44 -18.09 38.66
CA CYS N 100 12.72 -19.17 39.60
C CYS N 100 13.19 -20.42 38.87
N GLY N 101 14.41 -20.85 39.15
CA GLY N 101 14.88 -22.15 38.72
C GLY N 101 14.49 -23.23 39.69
N PRO N 102 14.83 -24.47 39.34
CA PRO N 102 14.42 -25.60 40.19
C PRO N 102 15.12 -25.66 41.54
N LYS N 103 16.40 -25.30 41.62
CA LYS N 103 17.08 -25.24 42.91
C LYS N 103 16.47 -24.20 43.83
N ASP N 104 16.09 -23.04 43.29
CA ASP N 104 15.37 -22.04 44.07
C ASP N 104 14.00 -22.53 44.53
N LEU N 105 13.29 -23.26 43.67
CA LEU N 105 12.05 -23.90 44.07
C LEU N 105 12.26 -24.85 45.24
N PHE N 106 13.29 -25.69 45.18
CA PHE N 106 13.56 -26.67 46.23
C PHE N 106 14.02 -26.02 47.53
N LYS N 107 14.86 -25.01 47.47
CA LYS N 107 15.18 -24.20 48.64
C LYS N 107 13.95 -23.68 49.36
N LYS N 108 13.06 -23.01 48.63
CA LYS N 108 11.87 -22.46 49.26
C LYS N 108 10.99 -23.51 49.93
N ILE N 109 10.84 -24.68 49.31
CA ILE N 109 10.03 -25.72 49.94
C ILE N 109 10.71 -26.27 51.19
N THR N 110 12.00 -26.61 51.09
CA THR N 110 12.70 -27.16 52.25
C THR N 110 12.88 -26.12 53.35
N GLU N 111 13.10 -24.87 52.99
CA GLU N 111 13.14 -23.79 53.98
C GLU N 111 11.76 -23.56 54.62
N TYR N 112 10.69 -23.68 53.85
CA TYR N 112 9.36 -23.58 54.43
C TYR N 112 9.13 -24.67 55.48
N LEU N 113 9.59 -25.88 55.19
CA LEU N 113 9.51 -26.98 56.15
C LEU N 113 10.58 -26.90 57.23
N LYS N 114 11.36 -25.80 57.22
CA LYS N 114 12.34 -25.50 58.27
C LYS N 114 13.48 -26.52 58.34
N TYR N 115 13.90 -27.01 57.18
CA TYR N 115 15.08 -27.85 57.06
C TYR N 115 16.24 -27.03 56.51
N ARG N 116 17.38 -27.09 57.19
CA ARG N 116 18.55 -26.32 56.82
C ARG N 116 19.09 -26.79 55.46
N VAL N 117 19.05 -25.91 54.46
CA VAL N 117 19.42 -26.27 53.11
C VAL N 117 20.93 -26.49 53.04
N THR N 118 21.34 -27.70 52.66
CA THR N 118 22.75 -28.00 52.55
C THR N 118 23.35 -27.35 51.29
N LYS N 119 24.68 -27.37 51.21
CA LYS N 119 25.34 -27.31 49.92
C LYS N 119 24.92 -28.51 49.08
N GLY N 120 24.94 -28.34 47.76
CA GLY N 120 24.68 -29.48 46.90
C GLY N 120 24.39 -29.04 45.49
N THR N 121 24.37 -30.04 44.61
CA THR N 121 23.78 -29.90 43.28
C THR N 121 22.27 -29.84 43.37
N VAL N 122 21.64 -29.36 42.29
CA VAL N 122 20.19 -29.40 42.17
C VAL N 122 19.63 -30.82 42.32
N SER N 123 20.38 -31.84 41.91
CA SER N 123 19.94 -33.21 42.14
C SER N 123 19.89 -33.55 43.62
N ASP N 124 20.86 -33.07 44.40
CA ASP N 124 20.80 -33.23 45.85
C ASP N 124 19.64 -32.48 46.47
N PHE N 125 19.41 -31.24 46.01
CA PHE N 125 18.25 -30.47 46.47
C PHE N 125 16.92 -31.12 46.11
N ARG N 126 16.82 -31.66 44.90
CA ARG N 126 15.62 -32.41 44.50
C ARG N 126 15.37 -33.59 45.44
N ASP N 127 16.39 -34.43 45.65
CA ASP N 127 16.25 -35.59 46.51
C ASP N 127 15.86 -35.22 47.94
N ARG N 128 16.51 -34.21 48.50
CA ARG N 128 16.15 -33.76 49.84
C ARG N 128 14.77 -33.16 49.93
N THR N 129 14.32 -32.46 48.88
CA THR N 129 12.96 -31.93 48.86
C THR N 129 11.91 -33.05 48.85
N ILE N 130 12.08 -34.03 47.98
CA ILE N 130 11.11 -35.12 47.88
C ILE N 130 10.98 -35.86 49.20
N GLU N 131 12.08 -36.09 49.89
CA GLU N 131 12.03 -36.76 51.19
C GLU N 131 11.46 -35.91 52.32
N VAL N 132 11.44 -34.58 52.21
CA VAL N 132 10.74 -33.81 53.24
C VAL N 132 9.27 -33.55 52.91
N LEU N 133 8.89 -33.59 51.64
CA LEU N 133 7.46 -33.56 51.33
C LEU N 133 6.77 -34.81 51.84
N LYS N 134 7.43 -35.96 51.73
CA LYS N 134 7.07 -37.11 52.54
C LYS N 134 7.51 -36.93 53.98
N GLY N 135 6.85 -37.63 54.88
CA GLY N 135 7.20 -37.50 56.29
C GLY N 135 6.70 -36.26 56.99
N CYS N 136 6.85 -35.08 56.39
CA CYS N 136 6.00 -33.97 56.77
C CYS N 136 4.56 -34.13 56.29
N GLY N 137 4.30 -35.10 55.43
CA GLY N 137 2.93 -35.41 55.03
C GLY N 137 2.23 -34.29 54.29
N VAL N 138 2.97 -33.53 53.48
CA VAL N 138 2.38 -32.45 52.70
C VAL N 138 1.27 -32.97 51.81
N GLU N 139 0.11 -32.34 51.89
CA GLU N 139 -1.02 -32.65 51.03
C GLU N 139 -1.20 -31.64 49.91
N MET N 140 -0.84 -30.39 50.12
CA MET N 140 -1.08 -29.33 49.15
C MET N 140 0.16 -28.45 49.06
N LEU N 141 0.53 -28.09 47.84
CA LEU N 141 1.59 -27.12 47.58
C LEU N 141 1.03 -25.95 46.79
N ILE N 142 1.01 -24.77 47.40
CA ILE N 142 0.53 -23.57 46.73
C ILE N 142 1.73 -22.77 46.25
N ILE N 143 1.78 -22.50 44.96
CA ILE N 143 2.85 -21.72 44.35
C ILE N 143 2.24 -20.40 43.88
N ASP N 144 2.66 -19.31 44.50
CA ASP N 144 2.06 -18.01 44.27
C ASP N 144 2.95 -17.20 43.33
N GLU N 145 2.32 -16.59 42.33
CA GLU N 145 3.01 -16.07 41.15
C GLU N 145 3.79 -17.15 40.41
N ALA N 146 3.11 -18.26 40.14
CA ALA N 146 3.69 -19.36 39.39
C ALA N 146 4.19 -18.95 38.01
N ASP N 147 3.71 -17.82 37.47
CA ASP N 147 4.28 -17.29 36.24
C ASP N 147 5.74 -16.85 36.39
N ARG N 148 6.24 -16.70 37.61
CA ARG N 148 7.67 -16.46 37.80
C ARG N 148 8.52 -17.70 37.60
N LEU N 149 7.92 -18.89 37.63
CA LEU N 149 8.67 -20.13 37.40
C LEU N 149 9.28 -20.13 36.01
N LYS N 150 10.54 -20.53 35.93
CA LYS N 150 11.13 -20.84 34.64
C LYS N 150 10.38 -22.00 33.97
N PRO N 151 10.30 -21.99 32.63
CA PRO N 151 9.73 -23.14 31.91
C PRO N 151 10.28 -24.51 32.28
N GLU N 152 11.58 -24.60 32.59
CA GLU N 152 12.18 -25.86 33.02
C GLU N 152 11.74 -26.31 34.42
N THR N 153 11.45 -25.39 35.32
CA THR N 153 11.05 -25.78 36.68
C THR N 153 9.60 -26.25 36.77
N PHE N 154 8.75 -25.95 35.79
CA PHE N 154 7.43 -26.57 35.73
C PHE N 154 7.46 -28.09 35.65
N ALA N 155 8.49 -28.66 35.02
CA ALA N 155 8.63 -30.11 35.01
C ALA N 155 8.82 -30.71 36.39
N ASP N 156 9.63 -30.07 37.24
CA ASP N 156 9.75 -30.49 38.64
C ASP N 156 8.48 -30.29 39.45
N VAL N 157 7.68 -29.28 39.14
CA VAL N 157 6.37 -29.12 39.77
C VAL N 157 5.42 -30.24 39.37
N ARG N 158 5.38 -30.58 38.08
CA ARG N 158 4.61 -31.74 37.64
C ARG N 158 5.01 -33.01 38.36
N ASP N 159 6.31 -33.26 38.49
CA ASP N 159 6.80 -34.44 39.19
C ASP N 159 6.39 -34.48 40.65
N ILE N 160 6.43 -33.34 41.34
CA ILE N 160 5.91 -33.30 42.71
C ILE N 160 4.43 -33.65 42.73
N ALA N 161 3.65 -33.11 41.79
CA ALA N 161 2.24 -33.43 41.70
C ALA N 161 2.00 -34.89 41.32
N GLU N 162 2.83 -35.44 40.44
CA GLU N 162 2.60 -36.80 39.96
C GLU N 162 3.19 -37.88 40.86
N ASP N 163 4.41 -37.69 41.34
CA ASP N 163 5.05 -38.75 42.09
C ASP N 163 4.49 -38.87 43.50
N LEU N 164 3.94 -37.80 44.03
CA LEU N 164 3.39 -37.77 45.36
C LEU N 164 1.91 -37.46 45.25
N GLY N 165 1.14 -37.90 46.24
CA GLY N 165 -0.23 -37.47 46.31
C GLY N 165 -0.37 -36.04 46.79
N ILE N 166 0.04 -35.06 46.01
CA ILE N 166 0.03 -33.67 46.43
C ILE N 166 -0.75 -32.86 45.40
N ALA N 167 -1.78 -32.17 45.86
CA ALA N 167 -2.46 -31.12 45.11
C ALA N 167 -1.59 -29.87 45.03
N VAL N 168 -1.04 -29.60 43.85
CA VAL N 168 -0.35 -28.34 43.58
C VAL N 168 -1.37 -27.31 43.13
N VAL N 169 -1.32 -26.12 43.72
CA VAL N 169 -2.16 -24.99 43.33
C VAL N 169 -1.26 -23.88 42.78
N LEU N 170 -1.47 -23.52 41.52
CA LEU N 170 -0.73 -22.43 40.89
C LEU N 170 -1.57 -21.15 40.94
N VAL N 171 -0.98 -20.08 41.47
CA VAL N 171 -1.70 -18.83 41.69
C VAL N 171 -1.04 -17.73 40.87
N GLY N 172 -1.84 -17.02 40.08
CA GLY N 172 -1.30 -15.91 39.32
C GLY N 172 -2.39 -15.08 38.70
N THR N 173 -1.96 -14.08 37.94
CA THR N 173 -2.87 -13.30 37.10
C THR N 173 -3.05 -13.97 35.74
N ASP N 174 -3.78 -13.32 34.85
CA ASP N 174 -3.96 -13.82 33.49
C ASP N 174 -2.64 -14.08 32.77
N ARG N 175 -1.55 -13.44 33.22
CA ARG N 175 -0.20 -13.81 32.82
C ARG N 175 0.08 -15.31 32.95
N LEU N 176 -0.48 -15.93 33.99
CA LEU N 176 -0.26 -17.36 34.22
C LEU N 176 -0.92 -18.24 33.17
N ASP N 177 -2.18 -17.95 32.84
CA ASP N 177 -2.84 -18.67 31.75
C ASP N 177 -2.05 -18.62 30.45
N ALA N 178 -1.45 -17.48 30.14
CA ALA N 178 -0.61 -17.38 28.96
C ALA N 178 0.59 -18.32 29.01
N VAL N 179 1.32 -18.34 30.13
CA VAL N 179 2.49 -19.20 30.21
C VAL N 179 2.11 -20.68 30.30
N ILE N 180 1.03 -20.99 31.01
CA ILE N 180 0.57 -22.37 31.11
C ILE N 180 0.19 -22.94 29.76
N LYS N 181 -0.51 -22.16 28.93
CA LYS N 181 -0.91 -22.66 27.62
C LYS N 181 0.25 -22.85 26.66
N ARG N 182 1.45 -22.37 26.98
CA ARG N 182 2.63 -22.64 26.17
C ARG N 182 3.25 -24.00 26.42
N ASP N 183 2.69 -24.81 27.33
CA ASP N 183 3.22 -26.15 27.59
C ASP N 183 2.04 -27.08 27.84
N GLU N 184 1.76 -27.93 26.85
CA GLU N 184 0.61 -28.83 26.92
C GLU N 184 0.65 -29.74 28.13
N GLN N 185 1.85 -30.18 28.54
CA GLN N 185 1.95 -31.06 29.71
C GLN N 185 1.62 -30.34 31.01
N VAL N 186 1.84 -29.03 31.08
CA VAL N 186 1.40 -28.26 32.23
C VAL N 186 -0.08 -27.94 32.14
N LEU N 187 -0.50 -27.40 31.00
CA LEU N 187 -1.90 -27.06 30.77
C LEU N 187 -2.84 -28.21 31.07
N GLU N 188 -2.54 -29.41 30.56
CA GLU N 188 -3.41 -30.55 30.74
C GLU N 188 -3.47 -31.09 32.17
N ARG N 189 -2.51 -30.73 33.01
CA ARG N 189 -2.57 -31.09 34.43
C ARG N 189 -3.34 -30.09 35.30
N PHE N 190 -3.40 -28.83 34.89
CA PHE N 190 -3.95 -27.74 35.70
C PHE N 190 -5.19 -27.11 35.08
N ARG N 191 -6.01 -27.92 34.39
CA ARG N 191 -7.24 -27.42 33.77
C ARG N 191 -8.24 -26.90 34.79
N ALA N 192 -8.43 -27.60 35.90
CA ALA N 192 -9.36 -27.10 36.92
C ALA N 192 -8.86 -25.79 37.50
N HIS N 193 -9.74 -24.78 37.52
CA HIS N 193 -9.34 -23.45 37.95
C HIS N 193 -10.44 -22.80 38.77
N LEU N 194 -10.03 -21.82 39.57
CA LEU N 194 -10.90 -20.88 40.26
C LEU N 194 -10.56 -19.46 39.82
N ARG N 195 -11.59 -18.64 39.59
CA ARG N 195 -11.43 -17.25 39.20
C ARG N 195 -11.65 -16.33 40.39
N PHE N 196 -10.66 -15.48 40.66
CA PHE N 196 -10.81 -14.35 41.56
C PHE N 196 -11.27 -13.12 40.78
N GLY N 197 -12.36 -12.51 41.23
CA GLY N 197 -12.87 -11.29 40.62
C GLY N 197 -12.71 -10.05 41.48
N LYS N 198 -12.96 -8.91 40.82
CA LYS N 198 -13.17 -7.65 41.47
C LYS N 198 -14.42 -7.67 42.36
N LEU N 199 -14.48 -6.69 43.27
CA LEU N 199 -15.73 -6.38 43.97
C LEU N 199 -16.63 -5.52 43.10
N SER N 200 -17.94 -5.65 43.29
CA SER N 200 -18.89 -4.94 42.47
C SER N 200 -20.15 -4.64 43.26
N GLY N 201 -20.90 -3.65 42.78
CA GLY N 201 -22.27 -3.42 43.22
C GLY N 201 -22.46 -3.36 44.72
N GLU N 202 -23.38 -4.17 45.22
CA GLU N 202 -23.68 -4.23 46.64
C GLU N 202 -22.62 -4.98 47.44
N ASP N 203 -21.92 -5.92 46.80
CA ASP N 203 -20.82 -6.61 47.47
C ASP N 203 -19.74 -5.63 47.89
N PHE N 204 -19.41 -4.67 47.02
CA PHE N 204 -18.50 -3.58 47.37
C PHE N 204 -19.00 -2.77 48.56
N LYS N 205 -20.28 -2.40 48.57
CA LYS N 205 -20.83 -1.61 49.68
C LYS N 205 -20.66 -2.33 51.02
N ASN N 206 -20.97 -3.62 51.08
CA ASN N 206 -20.72 -4.40 52.30
C ASN N 206 -19.23 -4.51 52.64
N THR N 207 -18.35 -4.51 51.65
CA THR N 207 -16.92 -4.56 51.93
C THR N 207 -16.40 -3.23 52.46
N VAL N 208 -16.86 -2.11 51.91
CA VAL N 208 -16.56 -0.81 52.48
C VAL N 208 -17.06 -0.71 53.90
N GLU N 209 -18.24 -1.28 54.18
CA GLU N 209 -18.75 -1.37 55.54
C GLU N 209 -17.79 -2.10 56.47
N MET N 210 -17.38 -3.32 56.11
CA MET N 210 -16.46 -4.08 56.92
C MET N 210 -15.13 -3.36 57.17
N TRP N 211 -14.61 -2.64 56.17
CA TRP N 211 -13.37 -1.90 56.39
C TRP N 211 -13.52 -0.82 57.45
N GLU N 212 -14.59 -0.04 57.38
CA GLU N 212 -14.85 0.96 58.41
C GLU N 212 -14.94 0.33 59.80
N GLN N 213 -15.70 -0.75 59.92
CA GLN N 213 -15.85 -1.44 61.21
C GLN N 213 -14.57 -2.15 61.65
N MET N 214 -13.98 -2.96 60.77
CA MET N 214 -13.02 -3.98 61.18
C MET N 214 -11.57 -3.61 60.92
N VAL N 215 -11.30 -2.58 60.13
CA VAL N 215 -9.94 -2.24 59.76
C VAL N 215 -9.54 -0.88 60.30
N LEU N 216 -10.31 0.15 59.93
CA LEU N 216 -9.95 1.51 60.30
C LEU N 216 -10.09 1.72 61.79
N LYS N 217 -11.17 1.24 62.40
CA LYS N 217 -11.38 1.30 63.85
C LYS N 217 -11.21 2.72 64.38
N LEU N 218 -11.59 3.70 63.55
CA LEU N 218 -11.42 5.10 63.89
C LEU N 218 -12.35 5.50 65.04
N PRO N 219 -11.94 6.48 65.86
CA PRO N 219 -12.77 6.88 67.00
C PRO N 219 -14.19 7.30 66.64
N VAL N 220 -14.39 7.97 65.50
CA VAL N 220 -15.72 8.38 65.07
C VAL N 220 -16.04 7.73 63.73
N SER N 221 -17.31 7.33 63.59
CA SER N 221 -17.83 6.77 62.35
C SER N 221 -17.73 7.76 61.18
N SER N 222 -17.21 7.26 60.05
CA SER N 222 -17.13 8.05 58.82
C SER N 222 -18.34 7.87 57.92
N ASN N 223 -19.09 6.79 58.10
CA ASN N 223 -20.18 6.37 57.23
C ASN N 223 -19.75 6.34 55.76
N LEU N 224 -18.72 5.55 55.49
CA LEU N 224 -18.14 5.45 54.15
C LEU N 224 -19.11 4.82 53.16
N LYS N 225 -20.09 4.06 53.65
CA LYS N 225 -21.20 3.55 52.85
C LYS N 225 -22.11 4.65 52.31
N SER N 226 -22.01 5.87 52.80
CA SER N 226 -22.86 6.96 52.30
C SER N 226 -22.63 7.18 50.82
N LYS N 227 -23.72 7.41 50.09
CA LYS N 227 -23.68 7.50 48.62
C LYS N 227 -22.61 8.48 48.15
N GLU N 228 -22.48 9.62 48.82
CA GLU N 228 -21.49 10.61 48.42
C GLU N 228 -20.07 10.10 48.64
N MET N 229 -19.83 9.47 49.80
CA MET N 229 -18.57 8.79 50.04
C MET N 229 -18.39 7.59 49.10
N LEU N 230 -19.44 6.78 48.97
CA LEU N 230 -19.37 5.55 48.19
C LEU N 230 -19.05 5.81 46.71
N ARG N 231 -19.52 6.93 46.15
CA ARG N 231 -19.14 7.30 44.79
C ARG N 231 -17.65 7.56 44.66
N ILE N 232 -17.06 8.27 45.63
CA ILE N 232 -15.62 8.48 45.61
C ILE N 232 -14.87 7.15 45.65
N LEU N 233 -15.26 6.28 46.59
CA LEU N 233 -14.59 5.00 46.72
C LEU N 233 -14.79 4.11 45.49
N THR N 234 -16.01 4.04 44.99
CA THR N 234 -16.27 3.21 43.81
C THR N 234 -15.49 3.71 42.60
N SER N 235 -15.43 5.02 42.42
CA SER N 235 -14.67 5.57 41.30
C SER N 235 -13.17 5.36 41.47
N ALA N 236 -12.65 5.63 42.65
CA ALA N 236 -11.21 5.55 42.85
C ALA N 236 -10.70 4.12 43.01
N THR N 237 -11.45 3.24 43.68
CA THR N 237 -10.95 1.88 43.86
C THR N 237 -11.26 0.96 42.69
N GLU N 238 -12.32 1.22 41.95
CA GLU N 238 -12.77 0.39 40.83
C GLU N 238 -13.03 -1.06 41.23
N GLY N 239 -13.22 -1.33 42.51
CA GLY N 239 -13.42 -2.69 42.98
C GLY N 239 -12.16 -3.49 43.27
N TYR N 240 -10.97 -2.91 43.11
CA TYR N 240 -9.76 -3.57 43.57
C TYR N 240 -9.67 -3.44 45.08
N ILE N 241 -9.67 -4.57 45.79
CA ILE N 241 -9.60 -4.55 47.25
C ILE N 241 -8.27 -3.95 47.71
N GLY N 242 -7.22 -4.11 46.90
CA GLY N 242 -5.96 -3.48 47.22
C GLY N 242 -6.01 -1.97 47.19
N ARG N 243 -6.73 -1.40 46.20
CA ARG N 243 -6.91 0.04 46.16
C ARG N 243 -7.76 0.54 47.33
N LEU N 244 -8.84 -0.18 47.65
CA LEU N 244 -9.68 0.18 48.78
C LEU N 244 -8.89 0.27 50.08
N ASP N 245 -8.10 -0.77 50.38
CA ASP N 245 -7.30 -0.79 51.59
C ASP N 245 -6.29 0.34 51.64
N GLU N 246 -5.51 0.52 50.57
CA GLU N 246 -4.48 1.55 50.53
C GLU N 246 -5.05 2.97 50.57
N ILE N 247 -6.22 3.18 49.97
CA ILE N 247 -6.84 4.50 50.01
C ILE N 247 -7.39 4.82 51.41
N LEU N 248 -8.13 3.89 52.01
CA LEU N 248 -8.72 4.17 53.31
C LEU N 248 -7.69 4.26 54.43
N ARG N 249 -6.67 3.40 54.42
CA ARG N 249 -5.63 3.52 55.44
C ARG N 249 -4.87 4.83 55.34
N GLU N 250 -4.52 5.26 54.13
CA GLU N 250 -3.86 6.55 53.96
C GLU N 250 -4.77 7.71 54.29
N ALA N 251 -6.03 7.66 53.89
CA ALA N 251 -7.00 8.68 54.28
C ALA N 251 -7.16 8.77 55.80
N ALA N 252 -7.20 7.63 56.49
CA ALA N 252 -7.24 7.62 57.95
C ALA N 252 -6.00 8.25 58.58
N ILE N 253 -4.81 7.82 58.15
CA ILE N 253 -3.57 8.38 58.68
C ILE N 253 -3.48 9.88 58.42
N ARG N 254 -3.87 10.31 57.22
CA ARG N 254 -3.94 11.74 56.93
C ARG N 254 -4.92 12.47 57.84
N SER N 255 -6.07 11.85 58.11
CA SER N 255 -7.07 12.48 58.96
C SER N 255 -6.61 12.57 60.42
N LEU N 256 -6.10 11.48 60.97
CA LEU N 256 -5.63 11.50 62.36
C LEU N 256 -4.46 12.45 62.54
N SER N 257 -3.58 12.55 61.54
CA SER N 257 -2.50 13.53 61.59
C SER N 257 -2.98 14.97 61.57
N ARG N 258 -4.22 15.21 61.12
CA ARG N 258 -4.86 16.51 61.25
C ARG N 258 -5.57 16.70 62.58
N GLY N 259 -5.59 15.68 63.44
CA GLY N 259 -6.36 15.73 64.66
C GLY N 259 -7.84 15.52 64.46
N LEU N 260 -8.26 15.11 63.28
CA LEU N 260 -9.63 14.66 63.05
C LEU N 260 -9.86 13.32 63.76
N LYS N 261 -11.13 13.01 63.99
CA LYS N 261 -11.51 11.75 64.61
C LYS N 261 -12.14 10.79 63.62
N LYS N 262 -12.30 11.21 62.36
CA LYS N 262 -12.95 10.43 61.32
C LYS N 262 -12.19 10.69 60.02
N ILE N 263 -12.47 9.89 59.00
CA ILE N 263 -12.15 10.32 57.64
C ILE N 263 -13.16 11.39 57.21
N ASP N 264 -12.66 12.57 56.88
CA ASP N 264 -13.47 13.60 56.25
C ASP N 264 -13.50 13.38 54.74
N LYS N 265 -14.64 13.68 54.13
CA LYS N 265 -14.78 13.58 52.68
C LYS N 265 -13.70 14.36 51.94
N ALA N 266 -13.32 15.53 52.47
CA ALA N 266 -12.26 16.32 51.84
C ALA N 266 -10.94 15.56 51.80
N VAL N 267 -10.58 14.91 52.92
CA VAL N 267 -9.38 14.10 52.95
C VAL N 267 -9.52 12.89 52.02
N LEU N 268 -10.71 12.28 51.98
CA LEU N 268 -10.93 11.17 51.07
C LEU N 268 -10.78 11.57 49.60
N GLN N 269 -11.35 12.72 49.20
CA GLN N 269 -11.13 13.23 47.85
C GLN N 269 -9.67 13.61 47.60
N GLU N 270 -9.04 14.25 48.58
CA GLU N 270 -7.65 14.64 48.47
C GLU N 270 -6.73 13.44 48.22
N VAL N 271 -6.93 12.35 48.95
CA VAL N 271 -6.22 11.11 48.68
C VAL N 271 -6.62 10.55 47.33
N ALA N 272 -7.93 10.43 47.07
CA ALA N 272 -8.43 9.74 45.89
C ALA N 272 -7.95 10.40 44.59
N LYS N 273 -7.73 11.71 44.59
CA LYS N 273 -7.26 12.35 43.37
C LYS N 273 -5.80 12.05 43.01
N GLU N 274 -5.02 11.42 43.89
CA GLU N 274 -3.70 11.00 43.48
C GLU N 274 -3.72 9.76 42.60
N TYR N 275 -4.85 9.09 42.53
CA TYR N 275 -5.03 7.92 41.69
C TYR N 275 -5.52 8.26 40.29
N GLU O 19 43.75 34.11 42.78
CA GLU O 19 42.99 35.22 42.20
C GLU O 19 41.50 35.09 42.48
N TRP O 20 40.88 36.24 42.77
CA TRP O 20 39.46 36.28 43.10
C TRP O 20 38.60 35.71 41.99
N LEU O 21 38.95 35.99 40.72
CA LEU O 21 38.19 35.48 39.59
C LEU O 21 38.11 33.96 39.58
N GLN O 22 39.22 33.28 39.87
CA GLN O 22 39.24 31.82 39.87
C GLN O 22 38.42 31.23 41.00
N ALA O 23 38.33 31.93 42.13
CA ALA O 23 37.47 31.48 43.22
C ALA O 23 35.99 31.61 42.88
N GLU O 24 35.59 32.73 42.28
CA GLU O 24 34.20 32.92 41.87
C GLU O 24 33.80 31.97 40.75
N ILE O 25 34.65 31.80 39.73
CA ILE O 25 34.37 30.83 38.68
C ILE O 25 34.28 29.41 39.24
N ALA O 26 35.18 29.05 40.15
CA ALA O 26 35.09 27.75 40.80
C ALA O 26 33.80 27.57 41.60
N ARG O 27 33.30 28.63 42.21
CA ARG O 27 32.00 28.59 42.87
C ARG O 27 30.85 28.49 41.87
N LEU O 28 30.83 29.34 40.86
CA LEU O 28 29.75 29.36 39.88
C LEU O 28 29.73 28.10 39.01
N LYS O 29 30.91 27.53 38.74
CA LYS O 29 31.02 26.27 38.01
C LYS O 29 30.29 25.13 38.71
N GLY O 30 30.08 25.21 40.02
CA GLY O 30 29.51 24.12 40.79
C GLY O 30 27.99 24.02 40.77
N LYS O 31 27.45 23.46 41.85
CA LYS O 31 26.01 23.29 42.05
C LYS O 31 25.63 23.74 43.45
N SER O 32 24.33 23.98 43.63
CA SER O 32 23.77 24.32 44.94
C SER O 32 22.30 23.91 44.95
N ILE O 33 21.73 23.82 46.15
CA ILE O 33 20.32 23.48 46.31
C ILE O 33 19.59 24.70 46.85
N VAL O 34 18.62 25.18 46.08
CA VAL O 34 17.76 26.32 46.43
C VAL O 34 16.44 25.81 46.98
N PRO O 35 15.91 26.39 48.06
CA PRO O 35 14.67 25.89 48.67
C PRO O 35 13.42 26.30 47.88
N LEU O 36 13.36 25.85 46.64
CA LEU O 36 12.18 26.08 45.81
C LEU O 36 10.95 25.42 46.40
N GLN O 37 9.80 26.05 46.18
CA GLN O 37 8.54 25.61 46.76
C GLN O 37 8.14 24.20 46.31
N GLN O 38 8.51 23.80 45.10
CA GLN O 38 8.21 22.46 44.65
C GLN O 38 9.03 21.41 45.39
N VAL O 39 10.25 21.75 45.81
CA VAL O 39 11.03 20.86 46.66
C VAL O 39 10.31 20.63 47.98
N LYS O 40 9.84 21.71 48.60
CA LYS O 40 9.06 21.60 49.82
C LYS O 40 7.79 20.79 49.62
N THR O 41 7.11 20.98 48.49
CA THR O 41 5.92 20.21 48.16
C THR O 41 6.19 18.71 48.06
N LEU O 42 7.27 18.32 47.37
CA LEU O 42 7.67 16.92 47.32
C LEU O 42 8.00 16.37 48.71
N HIS O 43 8.82 17.09 49.47
CA HIS O 43 9.26 16.59 50.78
C HIS O 43 8.08 16.35 51.71
N ASP O 44 7.11 17.25 51.73
CA ASP O 44 5.90 17.04 52.52
C ASP O 44 5.12 15.81 52.07
N TRP O 45 5.13 15.54 50.76
CA TRP O 45 4.44 14.38 50.22
C TRP O 45 5.17 13.08 50.56
N LEU O 46 6.48 13.05 50.37
CA LEU O 46 7.28 11.89 50.76
C LEU O 46 7.23 11.61 52.25
N ASP O 47 7.14 12.64 53.09
CA ASP O 47 6.91 12.42 54.51
C ASP O 47 5.59 11.69 54.78
N GLY O 48 4.53 12.04 54.08
CA GLY O 48 3.29 11.30 54.24
C GLY O 48 3.36 9.87 53.74
N LYS O 49 4.01 9.64 52.60
CA LYS O 49 4.15 8.29 52.07
C LYS O 49 5.05 7.42 52.92
N ARG O 50 6.16 7.99 53.43
CA ARG O 50 7.05 7.26 54.31
C ARG O 50 6.39 6.87 55.63
N LYS O 51 5.59 7.77 56.22
CA LYS O 51 4.78 7.39 57.37
C LYS O 51 3.83 6.24 57.04
N ALA O 52 3.14 6.32 55.91
CA ALA O 52 2.19 5.27 55.56
C ALA O 52 2.85 4.03 54.97
N ARG O 53 4.16 4.07 54.72
CA ARG O 53 4.88 3.02 54.00
C ARG O 53 4.28 2.75 52.63
N LYS O 54 3.74 3.78 52.00
CA LYS O 54 2.97 3.64 50.78
C LYS O 54 3.85 3.86 49.56
N SER O 55 3.83 2.91 48.64
CA SER O 55 4.56 3.01 47.39
C SER O 55 3.81 3.90 46.41
N CYS O 56 4.56 4.61 45.59
CA CYS O 56 4.07 5.74 44.82
C CYS O 56 5.11 6.10 43.78
N ARG O 57 4.78 7.06 42.91
CA ARG O 57 5.71 7.51 41.89
C ARG O 57 5.73 9.02 41.75
N VAL O 58 6.89 9.53 41.34
CA VAL O 58 7.09 10.94 41.04
C VAL O 58 7.40 11.07 39.56
N VAL O 59 6.63 11.90 38.86
CA VAL O 59 6.70 12.02 37.41
C VAL O 59 6.74 13.49 37.03
N GLY O 60 7.59 13.82 36.07
CA GLY O 60 7.61 15.16 35.53
C GLY O 60 8.67 15.28 34.46
N GLU O 61 8.52 16.31 33.63
CA GLU O 61 9.42 16.51 32.49
C GLU O 61 10.88 16.59 32.93
N SER O 62 11.76 16.24 32.00
CA SER O 62 13.20 16.34 32.22
C SER O 62 13.62 17.75 32.62
N ARG O 63 14.62 17.82 33.50
CA ARG O 63 15.24 19.05 33.98
C ARG O 63 14.28 19.95 34.74
N THR O 64 13.25 19.36 35.35
CA THR O 64 12.33 20.07 36.23
C THR O 64 12.76 20.08 37.69
N GLY O 65 13.82 19.36 38.04
CA GLY O 65 14.35 19.39 39.39
C GLY O 65 14.06 18.18 40.24
N LYS O 66 13.58 17.09 39.64
CA LYS O 66 13.14 15.92 40.39
C LYS O 66 14.29 15.27 41.16
N THR O 67 15.43 15.08 40.49
CA THR O 67 16.60 14.48 41.14
C THR O 67 17.17 15.33 42.26
N VAL O 68 17.29 16.65 42.05
CA VAL O 68 17.74 17.53 43.12
C VAL O 68 16.81 17.50 44.32
N ALA O 69 15.50 17.50 44.08
CA ALA O 69 14.54 17.48 45.19
C ALA O 69 14.53 16.15 45.94
N CYS O 70 14.67 15.02 45.22
CA CYS O 70 14.78 13.72 45.88
C CYS O 70 16.08 13.55 46.64
N ASP O 71 17.20 13.97 46.05
CA ASP O 71 18.48 13.90 46.74
C ASP O 71 18.49 14.78 47.99
N ALA O 72 17.87 15.96 47.90
CA ALA O 72 17.74 16.83 49.08
C ALA O 72 16.95 16.16 50.21
N TYR O 73 16.04 15.25 49.89
CA TYR O 73 15.25 14.58 50.93
C TYR O 73 16.10 13.61 51.74
N ARG O 74 16.92 12.80 51.07
CA ARG O 74 17.78 11.86 51.76
C ARG O 74 18.97 12.52 52.48
N TYR O 75 19.20 13.82 52.30
CA TYR O 75 20.08 14.55 53.21
C TYR O 75 19.38 15.03 54.47
N ARG O 76 18.07 15.31 54.42
CA ARG O 76 17.35 15.57 55.66
C ARG O 76 17.24 14.32 56.51
N HIS O 77 17.07 13.17 55.87
CA HIS O 77 16.85 11.89 56.55
C HIS O 77 18.09 11.02 56.43
N LYS O 78 19.25 11.60 56.74
CA LYS O 78 20.53 10.90 56.70
C LYS O 78 20.60 9.80 57.76
N PRO O 79 21.52 8.85 57.59
CA PRO O 79 21.74 7.81 58.60
C PRO O 79 21.96 8.35 60.00
N GLN O 80 21.47 7.59 60.98
CA GLN O 80 21.62 7.87 62.40
C GLN O 80 22.90 7.24 62.95
N GLN O 81 23.40 7.84 64.03
CA GLN O 81 24.46 7.26 64.84
C GLN O 81 23.87 6.69 66.13
N GLU O 82 24.11 5.40 66.37
CA GLU O 82 23.51 4.70 67.50
C GLU O 82 24.50 3.71 68.07
N ALA O 83 24.44 3.55 69.39
CA ALA O 83 25.41 2.74 70.13
C ALA O 83 25.13 1.24 69.99
N GLY O 84 26.19 0.48 69.76
CA GLY O 84 26.14 -0.97 69.79
C GLY O 84 25.19 -1.62 68.80
N ARG O 85 24.75 -0.88 67.78
CA ARG O 85 23.72 -1.36 66.88
C ARG O 85 24.01 -0.76 65.51
N PRO O 86 23.69 -1.46 64.42
CA PRO O 86 23.93 -0.89 63.11
C PRO O 86 23.08 0.34 62.87
N PRO O 87 23.56 1.28 62.06
CA PRO O 87 22.89 2.58 61.92
C PRO O 87 21.53 2.47 61.25
N THR O 88 20.54 3.12 61.84
CA THR O 88 19.24 3.27 61.18
C THR O 88 19.36 4.21 59.99
N VAL O 89 18.89 3.76 58.84
CA VAL O 89 18.94 4.55 57.61
C VAL O 89 17.54 4.62 57.03
N PRO O 90 16.75 5.63 57.39
CA PRO O 90 15.33 5.63 57.01
C PRO O 90 15.09 5.67 55.51
N VAL O 91 15.88 6.46 54.79
CA VAL O 91 15.69 6.68 53.36
C VAL O 91 16.92 6.20 52.61
N VAL O 92 16.72 5.30 51.67
CA VAL O 92 17.74 4.91 50.70
C VAL O 92 17.42 5.58 49.39
N TYR O 93 18.45 6.13 48.73
CA TYR O 93 18.28 6.71 47.41
C TYR O 93 19.31 6.07 46.49
N ILE O 94 18.83 5.56 45.35
CA ILE O 94 19.68 4.96 44.33
C ILE O 94 19.26 5.49 42.97
N ARG O 95 20.22 5.72 42.09
CA ARG O 95 19.91 5.80 40.67
C ARG O 95 20.48 4.59 39.95
N PRO O 96 19.64 3.67 39.50
CA PRO O 96 20.10 2.56 38.66
C PRO O 96 20.88 3.03 37.45
N HIS O 97 21.80 2.18 37.02
CA HIS O 97 22.38 2.32 35.69
C HIS O 97 21.38 1.84 34.65
N GLN O 98 21.63 2.19 33.40
CA GLN O 98 20.74 1.79 32.32
C GLN O 98 20.65 0.27 32.20
N LYS O 99 19.45 -0.22 31.91
CA LYS O 99 19.13 -1.65 31.88
C LYS O 99 19.60 -2.35 33.15
N CYS O 100 19.23 -1.78 34.28
CA CYS O 100 19.55 -2.36 35.58
C CYS O 100 18.80 -3.68 35.75
N GLY O 101 19.54 -4.77 35.92
CA GLY O 101 18.97 -6.02 36.37
C GLY O 101 18.93 -6.11 37.88
N PRO O 102 18.38 -7.21 38.40
CA PRO O 102 18.21 -7.30 39.86
C PRO O 102 19.52 -7.37 40.64
N LYS O 103 20.56 -7.98 40.09
CA LYS O 103 21.85 -7.98 40.79
C LYS O 103 22.40 -6.56 40.96
N ASP O 104 22.30 -5.75 39.91
CA ASP O 104 22.73 -4.36 39.99
C ASP O 104 21.86 -3.53 40.92
N LEU O 105 20.56 -3.82 40.97
CA LEU O 105 19.68 -3.22 41.97
C LEU O 105 20.14 -3.53 43.39
N PHE O 106 20.37 -4.81 43.69
CA PHE O 106 20.79 -5.24 45.02
C PHE O 106 22.16 -4.67 45.40
N LYS O 107 23.09 -4.67 44.46
CA LYS O 107 24.40 -4.05 44.66
C LYS O 107 24.31 -2.58 45.04
N LYS O 108 23.52 -1.79 44.30
CA LYS O 108 23.36 -0.38 44.67
C LYS O 108 22.72 -0.17 46.03
N ILE O 109 21.73 -0.99 46.39
CA ILE O 109 21.13 -0.85 47.73
C ILE O 109 22.13 -1.19 48.83
N THR O 110 22.79 -2.34 48.73
CA THR O 110 23.75 -2.73 49.77
C THR O 110 24.94 -1.77 49.84
N GLU O 111 25.41 -1.30 48.68
CA GLU O 111 26.47 -0.30 48.67
C GLU O 111 26.03 1.05 49.23
N TYR O 112 24.77 1.44 49.03
CA TYR O 112 24.30 2.65 49.69
C TYR O 112 24.29 2.49 51.21
N LEU O 113 23.92 1.32 51.70
CA LEU O 113 24.00 1.01 53.11
C LEU O 113 25.41 0.67 53.56
N LYS O 114 26.39 0.82 52.67
CA LYS O 114 27.83 0.68 52.93
C LYS O 114 28.28 -0.75 53.24
N TYR O 115 27.46 -1.75 52.91
CA TYR O 115 27.87 -3.15 53.00
C TYR O 115 28.55 -3.55 51.69
N ARG O 116 29.86 -3.81 51.75
CA ARG O 116 30.59 -4.37 50.62
C ARG O 116 30.23 -5.84 50.45
N VAL O 117 29.11 -6.08 49.78
CA VAL O 117 28.69 -7.44 49.45
C VAL O 117 29.65 -8.06 48.45
N THR O 118 30.16 -9.25 48.76
CA THR O 118 31.10 -9.94 47.90
C THR O 118 30.41 -10.46 46.65
N LYS O 119 31.20 -11.09 45.78
CA LYS O 119 30.66 -11.95 44.75
C LYS O 119 29.71 -12.99 45.32
N GLY O 120 28.71 -13.35 44.52
CA GLY O 120 27.67 -14.26 44.93
C GLY O 120 26.68 -14.40 43.78
N THR O 121 25.76 -15.35 43.96
CA THR O 121 24.64 -15.46 43.04
C THR O 121 23.67 -14.29 43.24
N VAL O 122 22.75 -14.15 42.30
CA VAL O 122 21.65 -13.20 42.48
C VAL O 122 20.84 -13.54 43.72
N SER O 123 20.64 -14.83 44.00
CA SER O 123 19.94 -15.23 45.21
C SER O 123 20.69 -14.85 46.49
N ASP O 124 22.02 -14.88 46.47
CA ASP O 124 22.80 -14.37 47.59
C ASP O 124 22.66 -12.86 47.73
N PHE O 125 22.79 -12.14 46.62
CA PHE O 125 22.58 -10.70 46.64
C PHE O 125 21.19 -10.33 47.13
N ARG O 126 20.18 -11.09 46.73
CA ARG O 126 18.82 -10.84 47.19
C ARG O 126 18.71 -11.01 48.71
N ASP O 127 19.11 -12.17 49.22
CA ASP O 127 19.00 -12.43 50.66
C ASP O 127 19.81 -11.45 51.48
N ARG O 128 20.99 -11.07 51.02
CA ARG O 128 21.79 -10.07 51.73
C ARG O 128 21.19 -8.67 51.66
N THR O 129 20.51 -8.32 50.55
CA THR O 129 19.80 -7.05 50.49
C THR O 129 18.61 -7.02 51.46
N ILE O 130 17.78 -8.05 51.42
CA ILE O 130 16.65 -8.15 52.34
C ILE O 130 17.13 -8.14 53.78
N GLU O 131 18.28 -8.78 54.04
CA GLU O 131 18.89 -8.76 55.36
C GLU O 131 19.32 -7.37 55.80
N VAL O 132 19.92 -6.58 54.93
CA VAL O 132 20.34 -5.23 55.32
C VAL O 132 19.27 -4.16 55.15
N LEU O 133 18.22 -4.40 54.36
CA LEU O 133 17.09 -3.47 54.39
C LEU O 133 16.37 -3.54 55.73
N LYS O 134 16.25 -4.74 56.30
CA LYS O 134 15.98 -4.88 57.71
C LYS O 134 17.24 -4.58 58.53
N GLY O 135 17.03 -4.23 59.79
CA GLY O 135 18.17 -3.97 60.64
C GLY O 135 18.88 -2.64 60.43
N CYS O 136 19.01 -2.20 59.18
CA CYS O 136 19.13 -0.78 58.93
C CYS O 136 17.81 -0.04 59.10
N GLY O 137 16.71 -0.76 59.24
CA GLY O 137 15.41 -0.13 59.45
C GLY O 137 14.98 0.79 58.33
N VAL O 138 15.32 0.45 57.09
CA VAL O 138 14.91 1.26 55.96
C VAL O 138 13.39 1.32 55.88
N GLU O 139 12.87 2.51 55.62
CA GLU O 139 11.43 2.71 55.54
C GLU O 139 10.99 3.33 54.22
N MET O 140 11.88 3.99 53.49
CA MET O 140 11.60 4.47 52.14
C MET O 140 12.79 4.19 51.25
N LEU O 141 12.51 3.68 50.05
CA LEU O 141 13.50 3.49 49.00
C LEU O 141 13.10 4.34 47.79
N ILE O 142 13.98 5.25 47.38
CA ILE O 142 13.76 6.09 46.21
C ILE O 142 14.61 5.55 45.07
N ILE O 143 13.96 5.18 43.98
CA ILE O 143 14.63 4.72 42.78
C ILE O 143 14.46 5.82 41.73
N ASP O 144 15.53 6.59 41.51
CA ASP O 144 15.52 7.66 40.50
C ASP O 144 15.81 7.07 39.11
N GLU O 145 15.15 7.58 38.07
CA GLU O 145 15.28 7.04 36.70
C GLU O 145 14.77 5.60 36.71
N ALA O 146 13.64 5.36 37.37
CA ALA O 146 13.12 3.99 37.55
C ALA O 146 12.86 3.33 36.19
N ASP O 147 12.67 4.13 35.14
CA ASP O 147 12.48 3.59 33.80
C ASP O 147 13.71 2.83 33.29
N ARG O 148 14.86 2.98 33.93
CA ARG O 148 16.05 2.21 33.59
C ARG O 148 15.98 0.75 34.05
N LEU O 149 15.05 0.41 34.96
CA LEU O 149 14.88 -0.97 35.39
C LEU O 149 14.40 -1.87 34.25
N LYS O 150 15.00 -3.04 34.14
CA LYS O 150 14.41 -4.11 33.32
C LYS O 150 13.06 -4.54 33.87
N PRO O 151 12.14 -4.97 32.99
CA PRO O 151 10.85 -5.46 33.48
C PRO O 151 10.94 -6.64 34.45
N GLU O 152 11.95 -7.50 34.32
CA GLU O 152 12.17 -8.55 35.31
C GLU O 152 12.62 -8.04 36.68
N THR O 153 13.37 -6.94 36.76
CA THR O 153 13.79 -6.48 38.08
C THR O 153 12.70 -5.74 38.83
N PHE O 154 11.63 -5.32 38.16
CA PHE O 154 10.46 -4.76 38.85
C PHE O 154 9.81 -5.76 39.80
N ALA O 155 9.95 -7.05 39.54
CA ALA O 155 9.43 -8.07 40.46
C ALA O 155 10.13 -8.02 41.82
N ASP O 156 11.45 -7.81 41.82
CA ASP O 156 12.16 -7.64 43.09
C ASP O 156 11.82 -6.35 43.81
N VAL O 157 11.56 -5.28 43.06
CA VAL O 157 11.10 -4.02 43.66
C VAL O 157 9.74 -4.21 44.35
N ARG O 158 8.81 -4.86 43.67
CA ARG O 158 7.51 -5.18 44.27
C ARG O 158 7.63 -6.07 45.50
N ASP O 159 8.55 -7.02 45.48
CA ASP O 159 8.76 -7.87 46.65
C ASP O 159 9.40 -7.12 47.82
N ILE O 160 10.29 -6.18 47.55
CA ILE O 160 10.76 -5.28 48.60
C ILE O 160 9.60 -4.50 49.22
N ALA O 161 8.70 -3.96 48.40
CA ALA O 161 7.56 -3.24 48.94
C ALA O 161 6.57 -4.14 49.66
N GLU O 162 6.44 -5.40 49.26
CA GLU O 162 5.47 -6.30 49.90
C GLU O 162 6.05 -7.02 51.10
N ASP O 163 7.27 -7.53 51.00
CA ASP O 163 7.83 -8.35 52.07
C ASP O 163 8.20 -7.50 53.28
N LEU O 164 8.63 -6.27 53.04
CA LEU O 164 9.09 -5.38 54.08
C LEU O 164 8.16 -4.18 54.06
N GLY O 165 8.02 -3.53 55.20
CA GLY O 165 7.25 -2.30 55.21
C GLY O 165 8.05 -1.13 54.67
N ILE O 166 8.19 -1.04 53.35
CA ILE O 166 9.02 -0.01 52.73
C ILE O 166 8.20 0.68 51.66
N ALA O 167 8.14 2.00 51.74
CA ALA O 167 7.60 2.83 50.67
C ALA O 167 8.63 2.95 49.56
N VAL O 168 8.35 2.35 48.42
CA VAL O 168 9.19 2.54 47.23
C VAL O 168 8.65 3.72 46.44
N VAL O 169 9.54 4.64 46.08
CA VAL O 169 9.22 5.80 45.24
C VAL O 169 9.93 5.61 43.91
N LEU O 170 9.16 5.54 42.82
CA LEU O 170 9.71 5.50 41.47
C LEU O 170 9.68 6.90 40.87
N VAL O 171 10.82 7.36 40.38
CA VAL O 171 10.97 8.70 39.86
C VAL O 171 11.39 8.61 38.40
N GLY O 172 10.75 9.39 37.54
CA GLY O 172 11.14 9.40 36.14
C GLY O 172 10.40 10.47 35.39
N THR O 173 10.64 10.52 34.10
CA THR O 173 9.83 11.32 33.21
C THR O 173 8.65 10.49 32.70
N ASP O 174 7.85 11.07 31.80
CA ASP O 174 6.67 10.42 31.25
C ASP O 174 6.94 9.04 30.65
N ARG O 175 8.20 8.74 30.31
CA ARG O 175 8.59 7.38 29.94
C ARG O 175 8.34 6.38 31.05
N LEU O 176 8.52 6.78 32.30
CA LEU O 176 8.21 5.87 33.41
C LEU O 176 6.74 5.48 33.45
N ASP O 177 5.84 6.43 33.20
CA ASP O 177 4.42 6.10 33.10
C ASP O 177 4.15 5.08 32.00
N ALA O 178 4.80 5.19 30.85
CA ALA O 178 4.64 4.20 29.79
C ALA O 178 5.19 2.83 30.18
N VAL O 179 6.34 2.79 30.83
CA VAL O 179 6.94 1.53 31.27
C VAL O 179 6.05 0.84 32.30
N ILE O 180 5.55 1.59 33.27
CA ILE O 180 4.69 1.02 34.31
C ILE O 180 3.38 0.49 33.74
N LYS O 181 2.81 1.19 32.74
CA LYS O 181 1.60 0.70 32.07
C LYS O 181 1.76 -0.72 31.53
N ARG O 182 2.96 -1.12 31.14
CA ARG O 182 3.24 -2.41 30.54
C ARG O 182 3.32 -3.57 31.54
N ASP O 183 3.18 -3.32 32.85
CA ASP O 183 3.07 -4.41 33.81
C ASP O 183 1.93 -4.09 34.78
N GLU O 184 0.81 -4.78 34.58
CA GLU O 184 -0.35 -4.74 35.45
C GLU O 184 0.01 -4.76 36.95
N GLN O 185 0.92 -5.65 37.34
CA GLN O 185 1.24 -5.82 38.75
C GLN O 185 2.05 -4.67 39.31
N VAL O 186 2.86 -4.00 38.47
CA VAL O 186 3.53 -2.77 38.87
C VAL O 186 2.56 -1.60 38.85
N LEU O 187 1.80 -1.46 37.76
CA LEU O 187 0.83 -0.39 37.60
C LEU O 187 -0.13 -0.29 38.79
N GLU O 188 -0.66 -1.41 39.26
CA GLU O 188 -1.59 -1.38 40.38
C GLU O 188 -0.93 -1.20 41.74
N ARG O 189 0.40 -1.21 41.83
CA ARG O 189 1.08 -0.94 43.09
C ARG O 189 1.57 0.50 43.21
N PHE O 190 1.77 1.20 42.09
CA PHE O 190 2.29 2.56 42.06
C PHE O 190 1.28 3.54 41.46
N ARG O 191 0.00 3.31 41.71
CA ARG O 191 -1.05 4.20 41.19
C ARG O 191 -0.89 5.63 41.71
N ALA O 192 -0.64 5.79 43.00
CA ALA O 192 -0.50 7.13 43.57
C ALA O 192 0.72 7.84 42.99
N HIS O 193 0.55 9.10 42.64
CA HIS O 193 1.61 9.85 41.98
C HIS O 193 1.61 11.31 42.41
N LEU O 194 2.76 11.95 42.21
CA LEU O 194 2.93 13.39 42.27
C LEU O 194 3.49 13.88 40.94
N ARG O 195 2.90 14.95 40.40
CA ARG O 195 3.36 15.56 39.16
C ARG O 195 4.25 16.74 39.46
N PHE O 196 5.56 16.56 39.25
CA PHE O 196 6.51 17.64 39.29
C PHE O 196 6.39 18.52 38.06
N GLY O 197 6.47 19.83 38.25
CA GLY O 197 6.06 20.74 37.20
C GLY O 197 7.13 21.71 36.73
N LYS O 198 6.94 22.26 35.54
CA LYS O 198 7.71 23.41 35.09
C LYS O 198 7.30 24.67 35.82
N LEU O 199 8.23 25.61 35.91
CA LEU O 199 7.96 26.94 36.44
C LEU O 199 7.29 27.83 35.39
N SER O 200 6.42 28.72 35.84
CA SER O 200 5.76 29.65 34.94
C SER O 200 5.22 30.84 35.74
N GLY O 201 4.91 31.90 35.01
CA GLY O 201 4.26 33.06 35.61
C GLY O 201 5.07 33.70 36.72
N GLU O 202 4.36 34.07 37.79
CA GLU O 202 4.98 34.76 38.92
C GLU O 202 6.03 33.91 39.62
N ASP O 203 5.79 32.60 39.71
CA ASP O 203 6.75 31.69 40.31
C ASP O 203 8.08 31.69 39.56
N PHE O 204 8.07 31.86 38.24
CA PHE O 204 9.31 32.01 37.50
C PHE O 204 10.04 33.30 37.85
N LYS O 205 9.32 34.41 37.88
CA LYS O 205 9.93 35.67 38.29
C LYS O 205 10.49 35.60 39.71
N ASN O 206 9.74 35.00 40.64
CA ASN O 206 10.26 34.74 41.98
C ASN O 206 11.53 33.89 41.96
N THR O 207 11.59 32.90 41.07
CA THR O 207 12.78 32.04 40.99
C THR O 207 13.99 32.77 40.41
N VAL O 208 13.79 33.60 39.39
CA VAL O 208 14.90 34.40 38.85
C VAL O 208 15.46 35.33 39.91
N GLU O 209 14.57 35.95 40.70
CA GLU O 209 14.98 36.78 41.82
C GLU O 209 15.80 35.98 42.84
N MET O 210 15.27 34.83 43.27
CA MET O 210 16.00 33.93 44.16
C MET O 210 17.35 33.48 43.60
N TRP O 211 17.43 33.26 42.30
CA TRP O 211 18.72 32.86 41.71
C TRP O 211 19.75 33.97 41.80
N GLU O 212 19.37 35.21 41.48
CA GLU O 212 20.33 36.31 41.56
C GLU O 212 20.85 36.49 42.98
N GLN O 213 19.96 36.40 43.96
CA GLN O 213 20.33 36.56 45.36
C GLN O 213 21.14 35.37 45.87
N MET O 214 20.60 34.17 45.74
CA MET O 214 21.09 33.01 46.47
C MET O 214 22.14 32.21 45.70
N VAL O 215 22.20 32.32 44.38
CA VAL O 215 23.10 31.49 43.58
C VAL O 215 24.24 32.32 42.99
N LEU O 216 23.93 33.37 42.24
CA LEU O 216 24.97 34.11 41.54
C LEU O 216 25.84 34.93 42.49
N LYS O 217 25.22 35.56 43.50
CA LYS O 217 25.94 36.29 44.55
C LYS O 217 27.00 37.24 43.99
N LEU O 218 26.73 37.84 42.84
CA LEU O 218 27.72 38.67 42.16
C LEU O 218 27.91 39.98 42.93
N PRO O 219 29.04 40.67 42.70
CA PRO O 219 29.28 41.96 43.37
C PRO O 219 28.17 42.99 43.20
N VAL O 220 27.53 43.06 42.04
CA VAL O 220 26.48 44.05 41.79
C VAL O 220 25.25 43.35 41.25
N SER O 221 24.08 43.88 41.62
CA SER O 221 22.81 43.36 41.13
C SER O 221 22.75 43.37 39.60
N SER O 222 22.33 42.25 39.04
CA SER O 222 22.10 42.13 37.60
C SER O 222 20.68 42.52 37.21
N ASN O 223 19.77 42.63 38.17
CA ASN O 223 18.39 43.04 37.93
C ASN O 223 17.68 42.11 36.95
N LEU O 224 17.97 40.82 37.04
CA LEU O 224 17.45 39.83 36.10
C LEU O 224 15.92 39.69 36.19
N LYS O 225 15.34 40.05 37.33
CA LYS O 225 13.90 40.14 37.51
C LYS O 225 13.24 41.20 36.62
N SER O 226 14.00 42.17 36.11
CA SER O 226 13.42 43.25 35.33
C SER O 226 12.69 42.75 34.08
N LYS O 227 11.70 43.53 33.66
CA LYS O 227 10.86 43.22 32.51
C LYS O 227 11.66 42.84 31.26
N GLU O 228 12.75 43.55 30.99
CA GLU O 228 13.56 43.25 29.81
C GLU O 228 14.26 41.89 29.97
N MET O 229 14.95 41.72 31.09
CA MET O 229 15.72 40.50 31.34
C MET O 229 14.80 39.30 31.53
N LEU O 230 13.69 39.48 32.25
CA LEU O 230 12.75 38.39 32.47
C LEU O 230 12.16 37.85 31.17
N ARG O 231 11.96 38.71 30.17
CA ARG O 231 11.52 38.22 28.86
C ARG O 231 12.60 37.41 28.17
N ILE O 232 13.85 37.87 28.21
CA ILE O 232 14.97 37.12 27.63
C ILE O 232 15.10 35.76 28.31
N LEU O 233 15.06 35.75 29.65
CA LEU O 233 15.13 34.49 30.38
C LEU O 233 13.95 33.57 30.08
N THR O 234 12.73 34.11 30.00
CA THR O 234 11.58 33.25 29.72
C THR O 234 11.68 32.61 28.34
N SER O 235 12.14 33.37 27.34
CA SER O 235 12.32 32.82 26.00
C SER O 235 13.36 31.69 25.99
N ALA O 236 14.49 31.89 26.67
CA ALA O 236 15.54 30.89 26.70
C ALA O 236 15.22 29.73 27.64
N THR O 237 14.68 30.02 28.83
CA THR O 237 14.49 29.01 29.86
C THR O 237 13.27 28.14 29.61
N GLU O 238 12.20 28.71 29.07
CA GLU O 238 10.94 28.03 28.81
C GLU O 238 10.35 27.37 30.07
N GLY O 239 10.75 27.85 31.25
CA GLY O 239 10.30 27.31 32.51
C GLY O 239 11.07 26.13 33.06
N TYR O 240 12.10 25.66 32.37
CA TYR O 240 12.92 24.57 32.90
C TYR O 240 13.97 25.13 33.85
N ILE O 241 13.91 24.69 35.11
CA ILE O 241 14.91 25.11 36.09
C ILE O 241 16.32 24.73 35.64
N GLY O 242 16.47 23.59 34.98
CA GLY O 242 17.78 23.20 34.48
C GLY O 242 18.37 24.21 33.52
N ARG O 243 17.56 24.72 32.59
CA ARG O 243 18.01 25.78 31.70
C ARG O 243 18.29 27.08 32.46
N LEU O 244 17.40 27.45 33.38
CA LEU O 244 17.60 28.68 34.14
C LEU O 244 18.96 28.68 34.84
N ASP O 245 19.26 27.60 35.56
CA ASP O 245 20.52 27.49 36.28
C ASP O 245 21.72 27.50 35.35
N GLU O 246 21.69 26.68 34.30
CA GLU O 246 22.77 26.63 33.33
C GLU O 246 23.04 27.97 32.68
N ILE O 247 21.99 28.67 32.25
CA ILE O 247 22.13 29.94 31.55
C ILE O 247 22.71 31.02 32.46
N LEU O 248 22.15 31.16 33.66
CA LEU O 248 22.60 32.21 34.57
C LEU O 248 24.01 32.00 35.08
N ARG O 249 24.39 30.76 35.37
CA ARG O 249 25.76 30.49 35.81
C ARG O 249 26.78 30.77 34.71
N GLU O 250 26.52 30.32 33.49
CA GLU O 250 27.41 30.61 32.37
C GLU O 250 27.46 32.09 32.04
N ALA O 251 26.33 32.78 32.08
CA ALA O 251 26.32 34.23 31.88
C ALA O 251 27.15 34.95 32.94
N ALA O 252 27.06 34.52 34.20
CA ALA O 252 27.92 35.09 35.23
C ALA O 252 29.40 34.87 34.94
N ILE O 253 29.78 33.63 34.61
CA ILE O 253 31.19 33.33 34.33
C ILE O 253 31.72 34.13 33.14
N ARG O 254 30.91 34.26 32.08
CA ARG O 254 31.28 35.13 30.97
C ARG O 254 31.46 36.58 31.40
N SER O 255 30.52 37.10 32.19
CA SER O 255 30.58 38.50 32.62
C SER O 255 31.78 38.78 33.51
N LEU O 256 32.03 37.91 34.49
CA LEU O 256 33.21 38.08 35.35
C LEU O 256 34.52 37.89 34.61
N SER O 257 34.57 36.96 33.65
CA SER O 257 35.78 36.80 32.84
C SER O 257 36.06 38.03 31.99
N ARG O 258 35.04 38.81 31.66
CA ARG O 258 35.20 40.08 30.97
C ARG O 258 35.36 41.25 31.92
N GLY O 259 35.53 40.98 33.21
CA GLY O 259 35.74 42.02 34.20
C GLY O 259 34.53 42.87 34.52
N LEU O 260 33.35 42.41 34.14
CA LEU O 260 32.12 43.04 34.59
C LEU O 260 31.84 42.67 36.03
N LYS O 261 31.08 43.53 36.71
CA LYS O 261 30.65 43.25 38.08
C LYS O 261 29.31 42.53 38.11
N LYS O 262 28.65 42.39 36.97
CA LYS O 262 27.28 41.88 36.91
C LYS O 262 27.07 41.24 35.54
N ILE O 263 25.97 40.50 35.42
CA ILE O 263 25.50 40.07 34.11
C ILE O 263 24.89 41.26 33.38
N ASP O 264 25.51 41.64 32.27
CA ASP O 264 24.91 42.59 31.34
C ASP O 264 23.98 41.88 30.35
N LYS O 265 22.97 42.62 29.88
CA LYS O 265 22.03 42.10 28.89
C LYS O 265 22.74 41.62 27.63
N ALA O 266 23.82 42.29 27.24
CA ALA O 266 24.58 41.86 26.07
C ALA O 266 25.13 40.45 26.24
N VAL O 267 25.61 40.12 27.43
CA VAL O 267 26.06 38.76 27.72
C VAL O 267 24.89 37.79 27.83
N LEU O 268 23.81 38.19 28.50
CA LEU O 268 22.66 37.31 28.66
C LEU O 268 22.07 36.89 27.32
N GLN O 269 21.91 37.84 26.40
CA GLN O 269 21.46 37.53 25.05
C GLN O 269 22.47 36.66 24.31
N GLU O 270 23.76 36.92 24.50
CA GLU O 270 24.79 36.12 23.89
C GLU O 270 24.77 34.66 24.37
N VAL O 271 24.51 34.44 25.66
CA VAL O 271 24.30 33.08 26.14
C VAL O 271 22.99 32.50 25.62
N ALA O 272 21.92 33.28 25.70
CA ALA O 272 20.60 32.80 25.26
C ALA O 272 20.56 32.46 23.77
N LYS O 273 21.35 33.15 22.94
CA LYS O 273 21.45 32.81 21.52
C LYS O 273 21.96 31.41 21.24
N GLU O 274 22.54 30.73 22.23
CA GLU O 274 22.99 29.35 22.03
C GLU O 274 21.90 28.33 22.27
N TYR O 275 20.78 28.73 22.85
CA TYR O 275 19.70 27.80 23.18
C TYR O 275 18.57 27.86 22.16
N GLU P 19 64.21 10.98 -3.86
CA GLU P 19 63.93 11.87 -4.98
C GLU P 19 63.01 13.01 -4.55
N TRP P 20 63.28 14.20 -5.07
CA TRP P 20 62.48 15.37 -4.73
C TRP P 20 61.00 15.16 -5.02
N LEU P 21 60.68 14.64 -6.20
CA LEU P 21 59.29 14.39 -6.57
C LEU P 21 58.60 13.44 -5.60
N GLN P 22 59.27 12.35 -5.24
CA GLN P 22 58.69 11.41 -4.28
C GLN P 22 58.54 12.02 -2.89
N ALA P 23 59.43 12.94 -2.52
CA ALA P 23 59.28 13.67 -1.27
C ALA P 23 58.11 14.65 -1.30
N GLU P 24 57.97 15.39 -2.40
CA GLU P 24 56.84 16.30 -2.57
C GLU P 24 55.50 15.57 -2.65
N ILE P 25 55.44 14.44 -3.35
CA ILE P 25 54.22 13.65 -3.36
C ILE P 25 53.91 13.12 -1.96
N ALA P 26 54.91 12.60 -1.25
CA ALA P 26 54.70 12.15 0.12
C ALA P 26 54.19 13.27 1.04
N ARG P 27 54.65 14.50 0.82
CA ARG P 27 54.15 15.64 1.60
C ARG P 27 52.71 15.97 1.25
N LEU P 28 52.41 16.16 -0.03
CA LEU P 28 51.07 16.53 -0.46
C LEU P 28 50.06 15.42 -0.23
N LYS P 29 50.51 14.17 -0.24
CA LYS P 29 49.65 13.02 0.08
C LYS P 29 49.00 13.12 1.45
N GLY P 30 49.68 13.69 2.44
CA GLY P 30 49.22 13.65 3.81
C GLY P 30 48.14 14.66 4.17
N LYS P 31 48.15 15.06 5.44
CA LYS P 31 47.27 16.09 5.97
C LYS P 31 48.10 17.10 6.75
N SER P 32 47.55 18.29 6.91
CA SER P 32 48.08 19.26 7.86
C SER P 32 46.95 20.11 8.40
N ILE P 33 47.17 20.72 9.56
CA ILE P 33 46.18 21.58 10.21
C ILE P 33 46.49 23.02 9.84
N VAL P 34 45.51 23.72 9.30
CA VAL P 34 45.61 25.14 8.96
C VAL P 34 44.79 25.94 9.97
N PRO P 35 45.35 27.00 10.55
CA PRO P 35 44.58 27.83 11.49
C PRO P 35 43.52 28.68 10.80
N LEU P 36 42.41 28.05 10.46
CA LEU P 36 41.22 28.75 9.98
C LEU P 36 40.49 29.42 11.14
N GLN P 37 39.78 30.50 10.82
CA GLN P 37 39.09 31.27 11.86
C GLN P 37 37.99 30.48 12.55
N GLN P 38 37.39 29.51 11.85
CA GLN P 38 36.37 28.69 12.49
C GLN P 38 36.97 27.75 13.53
N VAL P 39 38.22 27.37 13.35
CA VAL P 39 38.93 26.61 14.38
C VAL P 39 39.12 27.44 15.64
N LYS P 40 39.62 28.67 15.50
CA LYS P 40 39.75 29.56 16.65
C LYS P 40 38.40 29.84 17.32
N THR P 41 37.34 30.02 16.55
CA THR P 41 36.01 30.19 17.12
C THR P 41 35.62 29.00 18.00
N LEU P 42 35.81 27.78 17.49
CA LEU P 42 35.47 26.59 18.25
C LEU P 42 36.33 26.46 19.51
N HIS P 43 37.64 26.69 19.39
CA HIS P 43 38.52 26.54 20.54
C HIS P 43 38.18 27.53 21.66
N ASP P 44 37.94 28.79 21.31
CA ASP P 44 37.48 29.76 22.30
C ASP P 44 36.15 29.37 22.92
N TRP P 45 35.24 28.83 22.11
CA TRP P 45 33.96 28.38 22.64
C TRP P 45 34.12 27.14 23.53
N LEU P 46 35.00 26.22 23.14
CA LEU P 46 35.28 25.05 23.97
C LEU P 46 36.02 25.40 25.25
N ASP P 47 36.87 26.43 25.23
CA ASP P 47 37.47 26.93 26.46
C ASP P 47 36.42 27.47 27.43
N GLY P 48 35.42 28.19 26.93
CA GLY P 48 34.32 28.61 27.78
C GLY P 48 33.55 27.46 28.39
N LYS P 49 33.12 26.51 27.54
CA LYS P 49 32.36 25.37 28.01
C LYS P 49 33.15 24.48 28.96
N ARG P 50 34.45 24.32 28.71
CA ARG P 50 35.29 23.57 29.64
C ARG P 50 35.45 24.30 30.98
N LYS P 51 35.61 25.61 30.96
CA LYS P 51 35.74 26.37 32.20
C LYS P 51 34.43 26.39 32.97
N ALA P 52 33.32 26.68 32.29
CA ALA P 52 32.01 26.57 32.92
C ALA P 52 31.62 25.12 33.18
N ARG P 53 32.37 24.16 32.64
CA ARG P 53 32.11 22.74 32.82
C ARG P 53 30.76 22.32 32.25
N LYS P 54 30.44 22.85 31.07
CA LYS P 54 29.10 22.92 30.54
C LYS P 54 28.96 22.03 29.30
N SER P 55 27.99 21.11 29.33
CA SER P 55 27.76 20.16 28.25
C SER P 55 27.01 20.80 27.08
N CYS P 56 27.38 20.41 25.86
CA CYS P 56 27.01 21.16 24.67
C CYS P 56 27.21 20.25 23.45
N ARG P 57 26.80 20.76 22.28
CA ARG P 57 26.99 20.04 21.03
C ARG P 57 27.56 20.93 19.93
N VAL P 58 28.36 20.32 19.07
CA VAL P 58 28.91 20.95 17.88
C VAL P 58 28.28 20.27 16.67
N VAL P 59 27.60 21.04 15.84
CA VAL P 59 26.77 20.52 14.76
C VAL P 59 27.13 21.25 13.47
N GLY P 60 27.33 20.49 12.41
CA GLY P 60 27.64 21.06 11.12
C GLY P 60 27.66 19.99 10.06
N GLU P 61 27.31 20.36 8.83
CA GLU P 61 27.24 19.36 7.77
C GLU P 61 28.62 18.78 7.45
N SER P 62 28.60 17.66 6.74
CA SER P 62 29.79 16.85 6.51
C SER P 62 30.92 17.63 5.84
N ARG P 63 32.15 17.28 6.20
CA ARG P 63 33.40 17.82 5.67
C ARG P 63 33.56 19.33 5.86
N THR P 64 32.87 19.92 6.82
CA THR P 64 33.06 21.32 7.18
C THR P 64 34.28 21.55 8.08
N GLY P 65 34.88 20.49 8.62
CA GLY P 65 36.11 20.61 9.38
C GLY P 65 35.97 20.41 10.87
N LYS P 66 34.84 19.87 11.33
CA LYS P 66 34.58 19.71 12.76
C LYS P 66 35.61 18.79 13.43
N THR P 67 35.92 17.67 12.81
CA THR P 67 36.85 16.70 13.40
C THR P 67 38.27 17.23 13.48
N VAL P 68 38.78 17.86 12.43
CA VAL P 68 40.10 18.45 12.48
C VAL P 68 40.20 19.52 13.56
N ALA P 69 39.14 20.32 13.73
CA ALA P 69 39.12 21.35 14.75
C ALA P 69 39.09 20.80 16.18
N CYS P 70 38.27 19.77 16.43
CA CYS P 70 38.28 19.11 17.73
C CYS P 70 39.59 18.38 18.00
N ASP P 71 40.15 17.73 16.99
CA ASP P 71 41.46 17.09 17.14
C ASP P 71 42.55 18.12 17.50
N ALA P 72 42.54 19.27 16.84
CA ALA P 72 43.46 20.35 17.20
C ALA P 72 43.30 20.84 18.63
N TYR P 73 42.11 20.76 19.20
CA TYR P 73 41.89 21.20 20.57
C TYR P 73 42.55 20.28 21.60
N ARG P 74 42.45 18.96 21.44
CA ARG P 74 43.13 18.05 22.35
C ARG P 74 44.66 18.18 22.30
N TYR P 75 45.23 18.52 21.14
CA TYR P 75 46.66 18.78 21.09
C TYR P 75 47.04 20.09 21.77
N ARG P 76 46.19 21.10 21.66
CA ARG P 76 46.43 22.35 22.36
C ARG P 76 46.38 22.15 23.88
N HIS P 77 45.53 21.24 24.35
CA HIS P 77 45.41 20.90 25.76
C HIS P 77 45.85 19.46 26.01
N LYS P 78 47.10 19.17 25.64
CA LYS P 78 47.74 17.88 25.88
C LYS P 78 47.82 17.55 27.37
N PRO P 79 48.07 16.28 27.70
CA PRO P 79 48.31 15.91 29.11
C PRO P 79 49.43 16.72 29.76
N GLN P 80 49.28 16.93 31.07
CA GLN P 80 50.26 17.67 31.86
C GLN P 80 50.68 16.85 33.07
N GLN P 81 51.93 17.04 33.48
CA GLN P 81 52.62 16.13 34.39
C GLN P 81 53.02 16.82 35.68
N GLU P 82 53.10 16.01 36.73
CA GLU P 82 53.58 16.43 38.04
C GLU P 82 54.53 15.36 38.55
N ALA P 83 55.53 15.78 39.33
CA ALA P 83 56.57 14.87 39.76
C ALA P 83 55.99 13.73 40.60
N GLY P 84 56.12 12.51 40.11
CA GLY P 84 55.63 11.34 40.81
C GLY P 84 54.13 11.23 40.88
N ARG P 85 53.42 11.64 39.83
CA ARG P 85 51.97 11.62 39.81
C ARG P 85 51.48 11.12 38.46
N PRO P 86 50.23 10.65 38.39
CA PRO P 86 49.62 10.36 37.09
C PRO P 86 49.34 11.64 36.32
N PRO P 87 49.21 11.55 35.00
CA PRO P 87 48.99 12.76 34.19
C PRO P 87 47.59 13.31 34.40
N THR P 88 47.49 14.64 34.52
CA THR P 88 46.20 15.28 34.31
C THR P 88 45.91 15.38 32.81
N VAL P 89 44.72 14.96 32.42
CA VAL P 89 44.32 14.94 31.01
C VAL P 89 43.03 15.73 30.85
N PRO P 90 43.10 17.06 30.73
CA PRO P 90 41.87 17.86 30.78
C PRO P 90 40.87 17.51 29.70
N VAL P 91 41.33 17.19 28.49
CA VAL P 91 40.48 16.89 27.34
C VAL P 91 40.66 15.43 26.95
N VAL P 92 39.56 14.67 26.94
CA VAL P 92 39.50 13.36 26.31
C VAL P 92 38.75 13.50 25.00
N TYR P 93 39.35 13.00 23.91
CA TYR P 93 38.71 12.96 22.60
C TYR P 93 38.56 11.51 22.18
N ILE P 94 37.33 11.08 21.91
CA ILE P 94 37.05 9.74 21.40
C ILE P 94 36.13 9.86 20.20
N ARG P 95 36.34 8.99 19.20
CA ARG P 95 35.30 8.73 18.20
C ARG P 95 34.75 7.33 18.41
N PRO P 96 33.50 7.16 18.82
CA PRO P 96 32.92 5.82 18.89
C PRO P 96 32.88 5.13 17.54
N HIS P 97 32.96 3.81 17.58
CA HIS P 97 32.64 2.98 16.43
C HIS P 97 31.13 2.93 16.26
N GLN P 98 30.70 2.57 15.04
CA GLN P 98 29.28 2.54 14.74
C GLN P 98 28.52 1.64 15.72
N LYS P 99 27.32 2.07 16.10
CA LYS P 99 26.47 1.34 17.04
C LYS P 99 27.22 1.03 18.34
N CYS P 100 27.80 2.08 18.93
CA CYS P 100 28.60 1.95 20.14
C CYS P 100 27.70 1.68 21.35
N GLY P 101 27.85 0.49 21.93
CA GLY P 101 27.25 0.19 23.21
C GLY P 101 28.05 0.74 24.36
N PRO P 102 27.51 0.58 25.57
CA PRO P 102 28.21 1.06 26.78
C PRO P 102 29.64 0.56 26.93
N LYS P 103 29.86 -0.75 26.80
CA LYS P 103 31.20 -1.29 26.99
C LYS P 103 32.21 -0.69 26.02
N ASP P 104 31.81 -0.50 24.76
CA ASP P 104 32.72 0.10 23.78
C ASP P 104 32.99 1.58 24.05
N LEU P 105 32.02 2.29 24.63
CA LEU P 105 32.29 3.65 25.11
C LEU P 105 33.30 3.64 26.25
N PHE P 106 33.11 2.76 27.23
CA PHE P 106 34.03 2.64 28.36
C PHE P 106 35.42 2.20 27.93
N LYS P 107 35.50 1.27 26.99
CA LYS P 107 36.78 0.89 26.38
C LYS P 107 37.48 2.06 25.71
N LYS P 108 36.76 2.80 24.87
CA LYS P 108 37.32 3.97 24.21
C LYS P 108 37.90 4.97 25.19
N ILE P 109 37.17 5.29 26.26
CA ILE P 109 37.62 6.29 27.22
C ILE P 109 38.85 5.80 28.00
N THR P 110 38.79 4.58 28.53
CA THR P 110 39.89 4.07 29.34
C THR P 110 41.15 3.84 28.51
N GLU P 111 41.02 3.41 27.25
CA GLU P 111 42.20 3.31 26.40
C GLU P 111 42.82 4.67 26.10
N TYR P 112 42.01 5.70 25.90
CA TYR P 112 42.55 7.03 25.69
C TYR P 112 43.36 7.50 26.89
N LEU P 113 42.89 7.22 28.09
CA LEU P 113 43.63 7.54 29.32
C LEU P 113 44.78 6.57 29.58
N LYS P 114 45.08 5.68 28.62
CA LYS P 114 46.25 4.79 28.68
C LYS P 114 46.14 3.75 29.80
N TYR P 115 44.95 3.23 30.03
CA TYR P 115 44.76 2.09 30.93
C TYR P 115 44.20 0.93 30.13
N ARG P 116 44.95 -0.16 30.06
CA ARG P 116 44.45 -1.42 29.50
C ARG P 116 43.57 -2.12 30.52
N VAL P 117 42.28 -1.80 30.49
CA VAL P 117 41.33 -2.40 31.43
C VAL P 117 41.19 -3.89 31.14
N THR P 118 41.48 -4.70 32.15
CA THR P 118 41.31 -6.14 32.03
C THR P 118 39.86 -6.47 31.71
N LYS P 119 39.66 -7.48 30.85
CA LYS P 119 38.34 -7.91 30.42
C LYS P 119 37.41 -8.12 31.61
N GLY P 120 36.14 -7.78 31.43
CA GLY P 120 35.21 -7.86 32.55
C GLY P 120 33.81 -7.44 32.12
N THR P 121 32.95 -7.31 33.13
CA THR P 121 31.56 -6.94 32.90
C THR P 121 31.45 -5.47 32.48
N VAL P 122 30.34 -5.14 31.82
CA VAL P 122 29.96 -3.74 31.61
C VAL P 122 30.03 -2.93 32.90
N SER P 123 29.55 -3.49 34.00
CA SER P 123 29.64 -2.81 35.29
C SER P 123 31.08 -2.58 35.72
N ASP P 124 31.95 -3.55 35.47
CA ASP P 124 33.36 -3.38 35.81
C ASP P 124 34.02 -2.34 34.94
N PHE P 125 33.70 -2.33 33.65
CA PHE P 125 34.15 -1.27 32.75
C PHE P 125 33.63 0.10 33.17
N ARG P 126 32.35 0.19 33.55
CA ARG P 126 31.79 1.46 34.02
C ARG P 126 32.53 1.98 35.25
N ASP P 127 32.68 1.15 36.27
CA ASP P 127 33.36 1.55 37.50
C ASP P 127 34.78 2.00 37.24
N ARG P 128 35.51 1.25 36.42
CA ARG P 128 36.88 1.63 36.06
C ARG P 128 36.93 2.93 35.26
N THR P 129 35.96 3.16 34.38
CA THR P 129 35.94 4.41 33.61
C THR P 129 35.67 5.61 34.51
N ILE P 130 34.72 5.50 35.42
CA ILE P 130 34.48 6.56 36.40
C ILE P 130 35.74 6.84 37.22
N GLU P 131 36.43 5.79 37.66
CA GLU P 131 37.64 5.95 38.46
C GLU P 131 38.74 6.68 37.71
N VAL P 132 38.99 6.31 36.44
CA VAL P 132 40.04 7.00 35.70
C VAL P 132 39.61 8.40 35.22
N LEU P 133 38.33 8.61 34.94
CA LEU P 133 37.88 9.96 34.61
C LEU P 133 38.06 10.91 35.78
N LYS P 134 37.80 10.43 37.00
CA LYS P 134 38.13 11.19 38.19
C LYS P 134 39.64 11.32 38.38
N GLY P 135 40.34 10.18 38.39
CA GLY P 135 41.76 10.19 38.71
C GLY P 135 42.63 11.02 37.78
N CYS P 136 42.36 10.96 36.47
CA CYS P 136 43.12 11.75 35.52
C CYS P 136 42.67 13.21 35.41
N GLY P 137 41.72 13.65 36.21
CA GLY P 137 41.32 15.03 36.22
C GLY P 137 40.64 15.51 34.96
N VAL P 138 40.05 14.59 34.19
CA VAL P 138 39.37 14.95 32.96
C VAL P 138 38.28 15.96 33.25
N GLU P 139 38.24 17.02 32.45
CA GLU P 139 37.20 18.03 32.57
C GLU P 139 36.37 18.22 31.31
N MET P 140 36.83 17.78 30.14
CA MET P 140 36.02 17.80 28.93
C MET P 140 36.14 16.47 28.20
N LEU P 141 34.99 15.94 27.77
CA LEU P 141 34.90 14.71 26.99
C LEU P 141 34.25 15.02 25.64
N ILE P 142 35.04 15.10 24.59
CA ILE P 142 34.53 15.30 23.24
C ILE P 142 34.21 13.94 22.64
N ILE P 143 32.95 13.72 22.27
CA ILE P 143 32.50 12.50 21.62
C ILE P 143 32.18 12.86 20.17
N ASP P 144 33.10 12.55 19.27
CA ASP P 144 32.92 12.84 17.83
C ASP P 144 32.03 11.78 17.19
N GLU P 145 31.15 12.18 16.26
CA GLU P 145 30.18 11.25 15.62
C GLU P 145 29.28 10.64 16.71
N ALA P 146 28.84 11.44 17.68
CA ALA P 146 27.96 10.96 18.78
C ALA P 146 26.71 10.28 18.25
N ASP P 147 26.27 10.60 17.04
CA ASP P 147 25.17 9.87 16.38
C ASP P 147 25.41 8.37 16.30
N ARG P 148 26.67 7.91 16.34
CA ARG P 148 26.98 6.48 16.33
C ARG P 148 26.66 5.78 17.64
N LEU P 149 26.41 6.50 18.72
CA LEU P 149 26.03 5.87 19.97
C LEU P 149 24.65 5.23 19.87
N LYS P 150 24.51 4.05 20.48
CA LYS P 150 23.19 3.47 20.69
C LYS P 150 22.37 4.34 21.62
N PRO P 151 21.03 4.31 21.49
CA PRO P 151 20.16 4.99 22.46
C PRO P 151 20.43 4.67 23.92
N GLU P 152 20.73 3.40 24.24
CA GLU P 152 21.03 3.01 25.61
C GLU P 152 22.32 3.62 26.14
N THR P 153 23.21 4.06 25.25
CA THR P 153 24.52 4.56 25.68
C THR P 153 24.48 6.02 26.09
N PHE P 154 23.54 6.80 25.57
CA PHE P 154 23.41 8.19 25.99
C PHE P 154 23.09 8.33 27.48
N ALA P 155 22.46 7.31 28.09
CA ALA P 155 22.25 7.34 29.53
C ALA P 155 23.57 7.28 30.30
N ASP P 156 24.53 6.49 29.81
CA ASP P 156 25.87 6.48 30.41
C ASP P 156 26.64 7.77 30.14
N VAL P 157 26.48 8.35 28.95
CA VAL P 157 27.06 9.65 28.65
C VAL P 157 26.50 10.75 29.54
N ARG P 158 25.18 10.75 29.75
CA ARG P 158 24.56 11.70 30.67
C ARG P 158 25.03 11.55 32.10
N ASP P 159 25.24 10.32 32.56
CA ASP P 159 25.73 10.11 33.93
C ASP P 159 27.16 10.60 34.14
N ILE P 160 28.03 10.42 33.15
CA ILE P 160 29.34 11.07 33.20
C ILE P 160 29.22 12.57 33.30
N ALA P 161 28.34 13.17 32.49
CA ALA P 161 28.14 14.61 32.57
C ALA P 161 27.58 15.03 33.92
N GLU P 162 26.64 14.26 34.46
CA GLU P 162 25.95 14.67 35.68
C GLU P 162 26.74 14.35 36.95
N ASP P 163 27.33 13.16 37.04
CA ASP P 163 27.96 12.77 38.29
C ASP P 163 29.34 13.37 38.44
N LEU P 164 30.04 13.58 37.34
CA LEU P 164 31.36 14.18 37.38
C LEU P 164 31.26 15.63 36.90
N GLY P 165 32.23 16.43 37.31
CA GLY P 165 32.30 17.78 36.78
C GLY P 165 32.94 17.79 35.41
N ILE P 166 32.22 17.30 34.39
CA ILE P 166 32.80 17.14 33.05
C ILE P 166 31.84 17.75 32.04
N ALA P 167 32.38 18.58 31.15
CA ALA P 167 31.68 19.05 29.96
C ALA P 167 31.78 17.99 28.86
N VAL P 168 30.65 17.41 28.47
CA VAL P 168 30.59 16.46 27.36
C VAL P 168 30.15 17.21 26.11
N VAL P 169 30.91 17.07 25.03
CA VAL P 169 30.62 17.73 23.76
C VAL P 169 30.27 16.67 22.73
N LEU P 170 29.01 16.66 22.28
CA LEU P 170 28.57 15.78 21.21
C LEU P 170 28.81 16.48 19.87
N VAL P 171 29.60 15.86 19.00
CA VAL P 171 29.95 16.43 17.70
C VAL P 171 29.36 15.57 16.60
N GLY P 172 28.70 16.19 15.63
CA GLY P 172 28.05 15.45 14.58
C GLY P 172 27.47 16.34 13.52
N THR P 173 26.79 15.71 12.57
CA THR P 173 26.01 16.40 11.55
C THR P 173 24.58 16.61 12.04
N ASP P 174 23.73 17.15 11.16
CA ASP P 174 22.29 17.25 11.42
C ASP P 174 21.62 15.92 11.76
N ARG P 175 22.26 14.79 11.44
CA ARG P 175 21.77 13.50 11.92
C ARG P 175 21.84 13.38 13.43
N LEU P 176 22.83 14.02 14.06
CA LEU P 176 22.91 14.06 15.51
C LEU P 176 21.76 14.85 16.13
N ASP P 177 21.45 16.03 15.57
CA ASP P 177 20.29 16.78 16.01
C ASP P 177 19.00 15.94 15.97
N ALA P 178 18.83 15.12 14.93
CA ALA P 178 17.67 14.24 14.86
C ALA P 178 17.68 13.15 15.92
N VAL P 179 18.84 12.52 16.15
CA VAL P 179 18.97 11.50 17.20
C VAL P 179 18.69 12.09 18.58
N ILE P 180 19.26 13.26 18.86
CA ILE P 180 19.13 13.88 20.17
C ILE P 180 17.67 14.21 20.49
N LYS P 181 16.91 14.65 19.48
CA LYS P 181 15.50 14.98 19.66
C LYS P 181 14.64 13.80 20.07
N ARG P 182 15.12 12.57 19.90
CA ARG P 182 14.34 11.39 20.26
C ARG P 182 14.30 11.08 21.74
N ASP P 183 15.12 11.74 22.57
CA ASP P 183 15.09 11.50 24.01
C ASP P 183 15.16 12.86 24.71
N GLU P 184 14.06 13.25 25.34
CA GLU P 184 13.98 14.53 26.04
C GLU P 184 15.13 14.75 27.02
N GLN P 185 15.61 13.69 27.67
CA GLN P 185 16.66 13.84 28.66
C GLN P 185 18.01 14.16 28.05
N VAL P 186 18.25 13.74 26.82
CA VAL P 186 19.47 14.14 26.12
C VAL P 186 19.30 15.52 25.50
N LEU P 187 18.19 15.70 24.79
CA LEU P 187 17.84 17.00 24.21
C LEU P 187 17.99 18.14 25.22
N GLU P 188 17.41 17.99 26.41
CA GLU P 188 17.47 19.07 27.40
C GLU P 188 18.82 19.23 28.08
N ARG P 189 19.69 18.23 28.04
CA ARG P 189 21.03 18.40 28.59
C ARG P 189 22.00 19.01 27.59
N PHE P 190 21.74 18.90 26.29
CA PHE P 190 22.64 19.35 25.25
C PHE P 190 22.00 20.44 24.38
N ARG P 191 21.18 21.30 24.97
CA ARG P 191 20.52 22.39 24.24
C ARG P 191 21.53 23.36 23.63
N ALA P 192 22.58 23.72 24.35
CA ALA P 192 23.58 24.64 23.81
C ALA P 192 24.31 24.01 22.63
N HIS P 193 24.45 24.77 21.54
CA HIS P 193 25.13 24.27 20.37
C HIS P 193 26.01 25.36 19.76
N LEU P 194 27.04 24.92 19.05
CA LEU P 194 27.78 25.72 18.09
C LEU P 194 27.53 25.16 16.70
N ARG P 195 27.22 26.04 15.75
CA ARG P 195 27.03 25.66 14.35
C ARG P 195 28.33 25.87 13.58
N PHE P 196 28.92 24.76 13.14
CA PHE P 196 30.06 24.77 12.25
C PHE P 196 29.58 24.93 10.81
N GLY P 197 30.09 25.95 10.12
CA GLY P 197 29.55 26.30 8.83
C GLY P 197 30.48 26.14 7.64
N LYS P 198 29.91 26.15 6.45
CA LYS P 198 30.67 26.15 5.20
C LYS P 198 31.37 27.50 4.97
N LEU P 199 32.37 27.46 4.10
CA LEU P 199 33.05 28.66 3.63
C LEU P 199 32.28 29.32 2.49
N SER P 200 32.36 30.65 2.43
CA SER P 200 31.79 31.41 1.32
C SER P 200 32.44 32.77 1.27
N GLY P 201 32.23 33.46 0.15
CA GLY P 201 32.61 34.86 0.03
C GLY P 201 34.10 35.07 0.22
N GLU P 202 34.44 36.22 0.81
CA GLU P 202 35.83 36.60 0.99
C GLU P 202 36.56 35.62 1.91
N ASP P 203 35.86 35.05 2.88
CA ASP P 203 36.44 34.03 3.73
C ASP P 203 36.92 32.82 2.93
N PHE P 204 36.16 32.41 1.92
CA PHE P 204 36.62 31.37 1.01
C PHE P 204 37.87 31.79 0.24
N LYS P 205 37.88 33.01 -0.29
CA LYS P 205 39.04 33.49 -1.03
C LYS P 205 40.29 33.58 -0.16
N ASN P 206 40.15 34.06 1.07
CA ASN P 206 41.25 34.03 2.03
C ASN P 206 41.72 32.61 2.33
N THR P 207 40.79 31.67 2.43
CA THR P 207 41.14 30.26 2.63
C THR P 207 41.92 29.68 1.46
N VAL P 208 41.49 29.95 0.23
CA VAL P 208 42.22 29.48 -0.94
C VAL P 208 43.65 30.01 -0.96
N GLU P 209 43.83 31.29 -0.66
CA GLU P 209 45.18 31.87 -0.61
C GLU P 209 46.05 31.24 0.48
N MET P 210 45.48 31.02 1.66
CA MET P 210 46.21 30.29 2.71
C MET P 210 46.63 28.89 2.27
N TRP P 211 45.74 28.16 1.59
CA TRP P 211 46.12 26.84 1.11
C TRP P 211 47.29 26.90 0.13
N GLU P 212 47.27 27.84 -0.81
CA GLU P 212 48.37 27.96 -1.75
C GLU P 212 49.69 28.23 -1.03
N GLN P 213 49.69 29.19 -0.10
CA GLN P 213 50.91 29.61 0.58
C GLN P 213 51.37 28.62 1.64
N MET P 214 50.42 28.00 2.35
CA MET P 214 50.75 27.20 3.53
C MET P 214 50.65 25.70 3.32
N VAL P 215 49.76 25.22 2.46
CA VAL P 215 49.59 23.78 2.29
C VAL P 215 50.34 23.29 1.06
N LEU P 216 50.05 23.88 -0.10
CA LEU P 216 50.64 23.38 -1.35
C LEU P 216 52.13 23.70 -1.44
N LYS P 217 52.50 24.95 -1.17
CA LYS P 217 53.91 25.35 -1.08
C LYS P 217 54.71 24.94 -2.31
N LEU P 218 54.09 25.06 -3.49
CA LEU P 218 54.73 24.66 -4.72
C LEU P 218 55.85 25.65 -5.10
N PRO P 219 56.82 25.20 -5.89
CA PRO P 219 57.93 26.08 -6.29
C PRO P 219 57.52 27.40 -6.92
N VAL P 220 56.42 27.42 -7.67
CA VAL P 220 55.95 28.63 -8.33
C VAL P 220 54.52 28.90 -7.87
N SER P 221 54.21 30.17 -7.66
CA SER P 221 52.85 30.57 -7.30
C SER P 221 51.85 30.21 -8.38
N SER P 222 50.74 29.61 -7.96
CA SER P 222 49.67 29.20 -8.85
C SER P 222 48.63 30.30 -9.06
N ASN P 223 48.57 31.28 -8.15
CA ASN P 223 47.60 32.38 -8.19
C ASN P 223 46.15 31.87 -8.20
N LEU P 224 45.87 30.93 -7.29
CA LEU P 224 44.57 30.28 -7.23
C LEU P 224 43.45 31.27 -6.88
N LYS P 225 43.80 32.35 -6.19
CA LYS P 225 42.86 33.43 -5.85
C LYS P 225 42.39 34.23 -7.05
N SER P 226 43.03 34.11 -8.21
CA SER P 226 42.64 34.86 -9.38
C SER P 226 41.28 34.39 -9.89
N LYS P 227 40.64 35.28 -10.66
CA LYS P 227 39.20 35.18 -10.95
C LYS P 227 38.81 33.83 -11.55
N GLU P 228 39.48 33.41 -12.61
CA GLU P 228 39.11 32.16 -13.26
C GLU P 228 39.39 30.95 -12.37
N MET P 229 40.55 30.92 -11.74
CA MET P 229 40.87 29.86 -10.79
C MET P 229 39.87 29.82 -9.63
N LEU P 230 39.56 30.98 -9.06
CA LEU P 230 38.61 31.06 -7.95
C LEU P 230 37.21 30.64 -8.36
N ARG P 231 36.82 30.91 -9.60
CA ARG P 231 35.54 30.44 -10.11
C ARG P 231 35.48 28.92 -10.20
N ILE P 232 36.54 28.30 -10.71
CA ILE P 232 36.63 26.84 -10.74
C ILE P 232 36.54 26.24 -9.35
N LEU P 233 37.37 26.73 -8.43
CA LEU P 233 37.36 26.22 -7.06
C LEU P 233 36.03 26.47 -6.35
N THR P 234 35.44 27.66 -6.52
CA THR P 234 34.14 27.92 -5.91
C THR P 234 33.07 26.95 -6.42
N SER P 235 33.05 26.70 -7.72
CA SER P 235 32.07 25.78 -8.30
C SER P 235 32.31 24.34 -7.83
N ALA P 236 33.56 23.88 -7.88
CA ALA P 236 33.85 22.48 -7.55
C ALA P 236 33.81 22.21 -6.05
N THR P 237 34.41 23.07 -5.22
CA THR P 237 34.41 22.80 -3.79
C THR P 237 33.05 23.05 -3.15
N GLU P 238 32.25 23.94 -3.72
CA GLU P 238 30.98 24.39 -3.14
C GLU P 238 31.12 24.92 -1.72
N GLY P 239 32.32 25.32 -1.31
CA GLY P 239 32.58 25.80 0.02
C GLY P 239 32.89 24.77 1.07
N TYR P 240 32.98 23.49 0.72
CA TYR P 240 33.47 22.49 1.65
C TYR P 240 34.99 22.55 1.75
N ILE P 241 35.50 22.61 2.99
CA ILE P 241 36.94 22.59 3.20
C ILE P 241 37.51 21.21 2.89
N GLY P 242 36.71 20.16 3.07
CA GLY P 242 37.12 18.84 2.62
C GLY P 242 37.34 18.74 1.13
N ARG P 243 36.44 19.32 0.34
CA ARG P 243 36.64 19.35 -1.10
C ARG P 243 37.81 20.23 -1.51
N LEU P 244 37.96 21.40 -0.90
CA LEU P 244 39.06 22.29 -1.22
C LEU P 244 40.41 21.61 -1.00
N ASP P 245 40.57 20.95 0.15
CA ASP P 245 41.82 20.27 0.46
C ASP P 245 42.12 19.12 -0.50
N GLU P 246 41.13 18.28 -0.77
CA GLU P 246 41.32 17.12 -1.64
C GLU P 246 41.53 17.49 -3.11
N ILE P 247 40.82 18.52 -3.59
CA ILE P 247 41.04 18.98 -4.96
C ILE P 247 42.44 19.54 -5.15
N LEU P 248 42.86 20.46 -4.29
CA LEU P 248 44.15 21.12 -4.49
C LEU P 248 45.33 20.18 -4.27
N ARG P 249 45.22 19.27 -3.31
CA ARG P 249 46.30 18.29 -3.14
C ARG P 249 46.45 17.35 -4.33
N GLU P 250 45.34 16.80 -4.85
CA GLU P 250 45.45 15.96 -6.04
C GLU P 250 45.91 16.75 -7.27
N ALA P 251 45.41 17.97 -7.42
CA ALA P 251 45.84 18.81 -8.53
C ALA P 251 47.32 19.18 -8.42
N ALA P 252 47.82 19.39 -7.20
CA ALA P 252 49.25 19.60 -7.01
C ALA P 252 50.06 18.35 -7.35
N ILE P 253 49.59 17.17 -6.93
CA ILE P 253 50.26 15.92 -7.26
C ILE P 253 50.24 15.63 -8.76
N ARG P 254 49.11 15.90 -9.42
CA ARG P 254 49.05 15.73 -10.87
C ARG P 254 49.99 16.69 -11.60
N SER P 255 50.03 17.95 -11.17
CA SER P 255 50.91 18.93 -11.83
C SER P 255 52.38 18.57 -11.67
N LEU P 256 52.81 18.21 -10.46
CA LEU P 256 54.20 17.80 -10.25
C LEU P 256 54.54 16.50 -10.95
N SER P 257 53.60 15.54 -11.02
CA SER P 257 53.85 14.32 -11.78
C SER P 257 54.06 14.58 -13.26
N ARG P 258 53.48 15.65 -13.79
CA ARG P 258 53.67 16.07 -15.19
C ARG P 258 54.87 16.97 -15.39
N GLY P 259 55.63 17.26 -14.34
CA GLY P 259 56.79 18.11 -14.44
C GLY P 259 56.50 19.59 -14.46
N LEU P 260 55.28 19.98 -14.10
CA LEU P 260 54.92 21.38 -13.90
C LEU P 260 55.40 21.86 -12.53
N LYS P 261 55.60 23.17 -12.43
CA LYS P 261 56.08 23.79 -11.20
C LYS P 261 54.94 24.43 -10.41
N LYS P 262 53.71 24.33 -10.89
CA LYS P 262 52.56 25.02 -10.34
C LYS P 262 51.34 24.19 -10.67
N ILE P 263 50.24 24.47 -9.97
CA ILE P 263 48.94 24.08 -10.50
C ILE P 263 48.65 24.93 -11.73
N ASP P 264 48.38 24.25 -12.86
CA ASP P 264 47.86 24.92 -14.04
C ASP P 264 46.35 24.76 -14.15
N LYS P 265 45.73 25.76 -14.79
CA LYS P 265 44.29 25.81 -14.96
C LYS P 265 43.71 24.53 -15.58
N ALA P 266 44.41 23.97 -16.57
CA ALA P 266 43.97 22.73 -17.20
C ALA P 266 43.98 21.56 -16.23
N VAL P 267 45.03 21.43 -15.42
CA VAL P 267 45.08 20.37 -14.42
C VAL P 267 43.98 20.57 -13.38
N LEU P 268 43.73 21.81 -12.97
CA LEU P 268 42.70 22.08 -11.97
C LEU P 268 41.30 21.73 -12.48
N GLN P 269 40.96 22.17 -13.69
CA GLN P 269 39.67 21.80 -14.28
C GLN P 269 39.55 20.30 -14.50
N GLU P 270 40.64 19.65 -14.92
CA GLU P 270 40.64 18.20 -15.06
C GLU P 270 40.30 17.49 -13.76
N VAL P 271 40.85 17.95 -12.62
CA VAL P 271 40.44 17.41 -11.33
C VAL P 271 39.00 17.80 -11.00
N ALA P 272 38.68 19.09 -11.16
CA ALA P 272 37.36 19.60 -10.83
C ALA P 272 36.25 18.93 -11.62
N LYS P 273 36.55 18.48 -12.84
CA LYS P 273 35.57 17.78 -13.65
C LYS P 273 35.19 16.41 -13.11
N GLU P 274 35.96 15.85 -12.18
CA GLU P 274 35.63 14.54 -11.62
C GLU P 274 34.62 14.60 -10.49
N TYR P 275 34.19 15.79 -10.08
CA TYR P 275 33.25 15.93 -8.98
C TYR P 275 31.85 16.23 -9.49
N GLU Q 19 41.35 -34.78 -27.21
CA GLU Q 19 40.81 -34.48 -28.53
C GLU Q 19 40.77 -32.97 -28.76
N TRP Q 20 40.89 -32.59 -30.03
CA TRP Q 20 40.77 -31.19 -30.45
C TRP Q 20 39.52 -30.53 -29.88
N LEU Q 21 38.35 -31.10 -30.15
CA LEU Q 21 37.09 -30.43 -29.87
C LEU Q 21 36.93 -30.11 -28.38
N GLN Q 22 37.09 -31.12 -27.53
CA GLN Q 22 36.93 -30.91 -26.09
C GLN Q 22 37.97 -29.95 -25.53
N ALA Q 23 39.16 -29.90 -26.12
CA ALA Q 23 40.16 -28.95 -25.68
C ALA Q 23 39.77 -27.51 -26.05
N GLU Q 24 39.30 -27.32 -27.28
CA GLU Q 24 38.82 -26.00 -27.70
C GLU Q 24 37.58 -25.57 -26.94
N ILE Q 25 36.63 -26.49 -26.71
CA ILE Q 25 35.45 -26.18 -25.92
C ILE Q 25 35.82 -25.82 -24.48
N ALA Q 26 36.72 -26.56 -23.86
CA ALA Q 26 37.15 -26.23 -22.50
C ALA Q 26 37.82 -24.87 -22.42
N ARG Q 27 38.53 -24.45 -23.46
CA ARG Q 27 39.07 -23.10 -23.51
C ARG Q 27 38.00 -22.03 -23.68
N LEU Q 28 37.12 -22.19 -24.68
CA LEU Q 28 36.09 -21.19 -24.93
C LEU Q 28 35.08 -21.07 -23.79
N LYS Q 29 34.79 -22.18 -23.11
CA LYS Q 29 33.94 -22.17 -21.92
C LYS Q 29 34.42 -21.17 -20.86
N GLY Q 30 35.72 -20.92 -20.78
CA GLY Q 30 36.29 -20.12 -19.71
C GLY Q 30 36.15 -18.61 -19.86
N LYS Q 31 37.04 -17.90 -19.14
CA LYS Q 31 37.15 -16.45 -19.18
C LYS Q 31 38.59 -16.05 -19.40
N SER Q 32 38.78 -14.85 -19.94
CA SER Q 32 40.10 -14.29 -20.18
C SER Q 32 39.99 -12.78 -20.11
N ILE Q 33 41.14 -12.11 -20.03
CA ILE Q 33 41.18 -10.65 -19.94
C ILE Q 33 41.77 -10.10 -21.23
N VAL Q 34 41.00 -9.23 -21.88
CA VAL Q 34 41.44 -8.53 -23.08
C VAL Q 34 41.81 -7.10 -22.69
N PRO Q 35 42.95 -6.59 -23.14
CA PRO Q 35 43.42 -5.25 -22.75
C PRO Q 35 42.71 -4.13 -23.49
N LEU Q 36 41.43 -3.99 -23.21
CA LEU Q 36 40.63 -2.90 -23.75
C LEU Q 36 41.11 -1.56 -23.22
N GLN Q 37 40.86 -0.51 -24.00
CA GLN Q 37 41.28 0.84 -23.62
C GLN Q 37 40.62 1.30 -22.33
N GLN Q 38 39.35 0.96 -22.12
CA GLN Q 38 38.67 1.35 -20.89
C GLN Q 38 39.29 0.70 -19.66
N VAL Q 39 39.93 -0.45 -19.82
CA VAL Q 39 40.71 -1.03 -18.73
C VAL Q 39 41.92 -0.16 -18.40
N LYS Q 40 42.70 0.19 -19.43
CA LYS Q 40 43.86 1.07 -19.21
C LYS Q 40 43.46 2.40 -18.62
N THR Q 41 42.34 2.98 -19.07
CA THR Q 41 41.84 4.24 -18.53
C THR Q 41 41.58 4.15 -17.02
N LEU Q 42 40.89 3.10 -16.57
CA LEU Q 42 40.69 2.89 -15.15
C LEU Q 42 42.01 2.70 -14.39
N HIS Q 43 42.93 1.90 -14.93
CA HIS Q 43 44.19 1.67 -14.25
C HIS Q 43 44.98 2.94 -14.03
N ASP Q 44 45.10 3.79 -15.05
CA ASP Q 44 45.79 5.06 -14.86
C ASP Q 44 45.08 5.95 -13.85
N TRP Q 45 43.75 5.92 -13.83
CA TRP Q 45 42.99 6.70 -12.87
C TRP Q 45 43.15 6.17 -11.45
N LEU Q 46 43.08 4.85 -11.28
CA LEU Q 46 43.33 4.23 -9.99
C LEU Q 46 44.75 4.46 -9.50
N ASP Q 47 45.72 4.47 -10.41
CA ASP Q 47 47.08 4.82 -10.04
C ASP Q 47 47.19 6.24 -9.52
N GLY Q 48 46.50 7.20 -10.14
CA GLY Q 48 46.45 8.54 -9.59
C GLY Q 48 45.81 8.60 -8.22
N LYS Q 49 44.63 7.99 -8.07
CA LYS Q 49 43.93 7.97 -6.80
C LYS Q 49 44.73 7.26 -5.70
N ARG Q 50 45.41 6.17 -6.04
CA ARG Q 50 46.25 5.47 -5.07
C ARG Q 50 47.46 6.29 -4.66
N LYS Q 51 48.13 6.93 -5.61
CA LYS Q 51 49.23 7.83 -5.30
C LYS Q 51 48.80 8.96 -4.37
N ALA Q 52 47.65 9.56 -4.62
CA ALA Q 52 47.11 10.62 -3.78
C ALA Q 52 46.41 10.10 -2.53
N ARG Q 53 46.23 8.79 -2.41
CA ARG Q 53 45.42 8.16 -1.36
C ARG Q 53 43.99 8.71 -1.33
N LYS Q 54 43.50 9.15 -2.47
CA LYS Q 54 42.18 9.75 -2.56
C LYS Q 54 41.11 8.66 -2.76
N SER Q 55 40.09 8.67 -1.91
CA SER Q 55 38.94 7.81 -2.09
C SER Q 55 38.05 8.30 -3.23
N CYS Q 56 37.34 7.37 -3.86
CA CYS Q 56 36.59 7.65 -5.07
C CYS Q 56 35.62 6.51 -5.32
N ARG Q 57 34.82 6.63 -6.38
CA ARG Q 57 33.94 5.55 -6.80
C ARG Q 57 34.03 5.28 -8.30
N VAL Q 58 33.81 4.03 -8.68
CA VAL Q 58 33.73 3.59 -10.07
C VAL Q 58 32.29 3.13 -10.34
N VAL Q 59 31.64 3.76 -11.33
CA VAL Q 59 30.23 3.52 -11.62
C VAL Q 59 30.07 3.22 -13.11
N GLY Q 60 29.24 2.24 -13.42
CA GLY Q 60 28.93 1.94 -14.80
C GLY Q 60 27.88 0.85 -14.88
N GLU Q 61 27.20 0.80 -16.03
CA GLU Q 61 26.15 -0.18 -16.26
C GLU Q 61 26.65 -1.59 -16.02
N SER Q 62 25.72 -2.47 -15.66
CA SER Q 62 26.00 -3.88 -15.52
C SER Q 62 26.62 -4.49 -16.78
N ARG Q 63 27.59 -5.38 -16.58
CA ARG Q 63 28.28 -6.11 -17.65
C ARG Q 63 29.02 -5.19 -18.62
N THR Q 64 29.42 -4.02 -18.16
CA THR Q 64 30.31 -3.14 -18.92
C THR Q 64 31.78 -3.41 -18.67
N GLY Q 65 32.11 -4.28 -17.73
CA GLY Q 65 33.48 -4.73 -17.55
C GLY Q 65 34.19 -4.22 -16.32
N LYS Q 66 33.47 -3.62 -15.37
CA LYS Q 66 34.11 -2.99 -14.22
C LYS Q 66 34.89 -4.00 -13.40
N THR Q 67 34.26 -5.13 -13.08
CA THR Q 67 34.87 -6.17 -12.24
C THR Q 67 36.15 -6.73 -12.84
N VAL Q 68 36.13 -7.05 -14.13
CA VAL Q 68 37.34 -7.55 -14.79
C VAL Q 68 38.47 -6.52 -14.77
N ALA Q 69 38.14 -5.24 -14.99
CA ALA Q 69 39.15 -4.19 -14.95
C ALA Q 69 39.72 -3.97 -13.54
N CYS Q 70 38.89 -4.11 -12.51
CA CYS Q 70 39.39 -4.06 -11.13
C CYS Q 70 40.23 -5.28 -10.76
N ASP Q 71 39.84 -6.47 -11.22
CA ASP Q 71 40.68 -7.65 -11.05
C ASP Q 71 42.03 -7.47 -11.73
N ALA Q 72 42.04 -7.00 -12.97
CA ALA Q 72 43.29 -6.77 -13.69
C ALA Q 72 44.22 -5.82 -12.95
N TYR Q 73 43.67 -4.85 -12.23
CA TYR Q 73 44.49 -3.90 -11.49
C TYR Q 73 45.21 -4.56 -10.32
N ARG Q 74 44.48 -5.25 -9.44
CA ARG Q 74 45.10 -5.93 -8.31
C ARG Q 74 46.02 -7.07 -8.71
N TYR Q 75 45.88 -7.64 -9.90
CA TYR Q 75 46.90 -8.56 -10.39
C TYR Q 75 48.16 -7.87 -10.87
N ARG Q 76 48.04 -6.66 -11.41
CA ARG Q 76 49.22 -5.88 -11.74
C ARG Q 76 49.92 -5.32 -10.51
N HIS Q 77 49.25 -5.30 -9.37
CA HIS Q 77 49.79 -4.80 -8.10
C HIS Q 77 49.67 -5.85 -7.01
N LYS Q 78 50.00 -7.10 -7.36
CA LYS Q 78 49.95 -8.21 -6.41
C LYS Q 78 50.90 -7.99 -5.23
N PRO Q 79 50.63 -8.68 -4.10
CA PRO Q 79 51.59 -8.75 -2.97
C PRO Q 79 53.05 -8.97 -3.31
N GLN Q 80 53.92 -8.27 -2.59
CA GLN Q 80 55.36 -8.44 -2.69
C GLN Q 80 55.92 -9.03 -1.39
N GLN Q 81 56.65 -10.13 -1.52
CA GLN Q 81 57.37 -10.72 -0.40
C GLN Q 81 58.62 -9.93 -0.05
N GLU Q 82 58.94 -9.93 1.24
CA GLU Q 82 60.22 -9.41 1.74
C GLU Q 82 60.76 -10.30 2.87
N ALA Q 83 61.08 -11.55 2.50
CA ALA Q 83 61.80 -12.50 3.33
C ALA Q 83 61.36 -12.55 4.79
N GLY Q 84 60.21 -13.16 5.06
CA GLY Q 84 59.70 -13.39 6.40
C GLY Q 84 58.98 -12.23 7.05
N ARG Q 85 59.00 -11.05 6.46
CA ARG Q 85 57.99 -10.05 6.74
C ARG Q 85 56.63 -10.49 6.20
N PRO Q 86 55.54 -9.94 6.72
CA PRO Q 86 54.28 -10.03 6.00
C PRO Q 86 54.39 -9.36 4.64
N PRO Q 87 53.63 -9.82 3.66
CA PRO Q 87 53.71 -9.24 2.32
C PRO Q 87 53.37 -7.77 2.33
N THR Q 88 54.04 -6.99 1.49
CA THR Q 88 53.56 -5.67 1.14
C THR Q 88 52.46 -5.83 0.10
N VAL Q 89 51.24 -5.46 0.47
CA VAL Q 89 50.09 -5.64 -0.42
C VAL Q 89 49.44 -4.29 -0.70
N PRO Q 90 49.90 -3.54 -1.70
CA PRO Q 90 49.37 -2.18 -1.88
C PRO Q 90 47.89 -2.11 -2.24
N VAL Q 91 47.35 -3.06 -3.01
CA VAL Q 91 45.95 -3.05 -3.42
C VAL Q 91 45.24 -4.27 -2.84
N VAL Q 92 44.15 -4.04 -2.11
CA VAL Q 92 43.23 -5.08 -1.66
C VAL Q 92 41.96 -5.00 -2.49
N TYR Q 93 41.52 -6.14 -3.01
CA TYR Q 93 40.25 -6.22 -3.73
C TYR Q 93 39.33 -7.19 -2.99
N ILE Q 94 38.13 -6.74 -2.65
CA ILE Q 94 37.10 -7.60 -2.07
C ILE Q 94 35.78 -7.43 -2.82
N ARG Q 95 35.02 -8.51 -2.96
CA ARG Q 95 33.59 -8.37 -3.20
C ARG Q 95 32.80 -8.85 -1.99
N PRO Q 96 32.18 -7.96 -1.23
CA PRO Q 96 31.27 -8.36 -0.16
C PRO Q 96 30.14 -9.27 -0.62
N HIS Q 97 29.77 -10.21 0.24
CA HIS Q 97 28.52 -10.93 0.05
C HIS Q 97 27.33 -10.02 0.35
N GLN Q 98 26.16 -10.42 -0.14
CA GLN Q 98 24.96 -9.63 0.01
C GLN Q 98 24.69 -9.31 1.48
N LYS Q 99 24.25 -8.07 1.74
CA LYS Q 99 24.04 -7.56 3.09
C LYS Q 99 25.26 -7.77 3.98
N CYS Q 100 26.41 -7.31 3.50
CA CYS Q 100 27.67 -7.43 4.22
C CYS Q 100 27.68 -6.57 5.47
N GLY Q 101 27.70 -7.21 6.64
CA GLY Q 101 27.88 -6.50 7.88
C GLY Q 101 29.34 -6.23 8.16
N PRO Q 102 29.59 -5.50 9.25
CA PRO Q 102 30.99 -5.11 9.54
C PRO Q 102 31.93 -6.28 9.78
N LYS Q 103 31.49 -7.31 10.52
CA LYS Q 103 32.35 -8.47 10.72
C LYS Q 103 32.63 -9.20 9.43
N ASP Q 104 31.64 -9.27 8.53
CA ASP Q 104 31.87 -9.85 7.20
C ASP Q 104 32.91 -9.07 6.43
N LEU Q 105 32.79 -7.75 6.44
CA LEU Q 105 33.76 -6.87 5.79
C LEU Q 105 35.19 -7.07 6.32
N PHE Q 106 35.34 -7.11 7.65
CA PHE Q 106 36.66 -7.33 8.25
C PHE Q 106 37.22 -8.71 7.91
N LYS Q 107 36.36 -9.73 7.87
CA LYS Q 107 36.75 -11.06 7.44
C LYS Q 107 37.19 -11.10 5.98
N LYS Q 108 36.45 -10.43 5.10
CA LYS Q 108 36.88 -10.28 3.70
C LYS Q 108 38.28 -9.67 3.59
N ILE Q 109 38.54 -8.57 4.30
CA ILE Q 109 39.83 -7.90 4.20
C ILE Q 109 40.95 -8.75 4.78
N THR Q 110 40.73 -9.32 5.96
CA THR Q 110 41.77 -10.09 6.64
C THR Q 110 42.21 -11.31 5.82
N GLU Q 111 41.24 -12.07 5.30
CA GLU Q 111 41.58 -13.23 4.50
C GLU Q 111 42.29 -12.88 3.20
N TYR Q 112 42.01 -11.72 2.62
CA TYR Q 112 42.74 -11.30 1.43
C TYR Q 112 44.22 -11.11 1.74
N LEU Q 113 44.54 -10.60 2.92
CA LEU Q 113 45.91 -10.38 3.34
C LEU Q 113 46.60 -11.64 3.85
N LYS Q 114 45.97 -12.81 3.68
CA LYS Q 114 46.52 -14.12 4.05
C LYS Q 114 46.65 -14.27 5.56
N TYR Q 115 45.67 -13.77 6.30
CA TYR Q 115 45.55 -13.98 7.72
C TYR Q 115 44.27 -14.74 8.00
N ARG Q 116 44.32 -15.66 8.96
CA ARG Q 116 43.14 -16.40 9.35
C ARG Q 116 42.39 -15.61 10.40
N VAL Q 117 41.07 -15.55 10.26
CA VAL Q 117 40.22 -14.88 11.25
C VAL Q 117 40.01 -15.79 12.47
N THR Q 118 40.59 -15.40 13.60
CA THR Q 118 40.34 -16.08 14.85
C THR Q 118 38.99 -15.69 15.42
N LYS Q 119 38.35 -16.63 16.11
CA LYS Q 119 37.03 -16.42 16.66
C LYS Q 119 37.01 -15.32 17.72
N GLY Q 120 36.15 -14.34 17.54
CA GLY Q 120 36.13 -13.20 18.43
C GLY Q 120 34.99 -12.26 18.09
N THR Q 121 34.96 -11.15 18.82
CA THR Q 121 33.95 -10.11 18.65
C THR Q 121 34.25 -9.25 17.41
N VAL Q 122 33.24 -8.47 17.03
CA VAL Q 122 33.40 -7.46 15.99
C VAL Q 122 34.55 -6.52 16.29
N SER Q 123 34.72 -6.16 17.56
CA SER Q 123 35.83 -5.32 17.98
C SER Q 123 37.17 -5.98 17.76
N ASP Q 124 37.27 -7.28 18.08
CA ASP Q 124 38.49 -8.02 17.77
C ASP Q 124 38.76 -8.07 16.28
N PHE Q 125 37.72 -8.30 15.48
CA PHE Q 125 37.88 -8.31 14.02
C PHE Q 125 38.31 -6.93 13.49
N ARG Q 126 37.66 -5.86 13.96
CA ARG Q 126 38.07 -4.51 13.56
C ARG Q 126 39.53 -4.24 13.91
N ASP Q 127 39.93 -4.47 15.15
CA ASP Q 127 41.28 -4.17 15.60
C ASP Q 127 42.32 -5.01 14.87
N ARG Q 128 42.03 -6.28 14.63
CA ARG Q 128 42.92 -7.12 13.83
C ARG Q 128 43.01 -6.64 12.37
N THR Q 129 41.88 -6.25 11.79
CA THR Q 129 41.91 -5.75 10.41
C THR Q 129 42.69 -4.45 10.32
N ILE Q 130 42.44 -3.53 11.24
CA ILE Q 130 43.18 -2.28 11.30
C ILE Q 130 44.67 -2.54 11.49
N GLU Q 131 45.01 -3.54 12.31
CA GLU Q 131 46.40 -3.95 12.46
C GLU Q 131 47.02 -4.42 11.16
N VAL Q 132 46.36 -5.31 10.43
CA VAL Q 132 46.99 -5.88 9.24
C VAL Q 132 46.89 -5.01 8.01
N LEU Q 133 45.97 -4.05 7.95
CA LEU Q 133 46.02 -3.05 6.90
C LEU Q 133 47.27 -2.19 7.00
N LYS Q 134 47.69 -1.88 8.22
CA LYS Q 134 49.05 -1.45 8.46
C LYS Q 134 50.00 -2.64 8.46
N GLY Q 135 51.26 -2.38 8.19
CA GLY Q 135 52.24 -3.44 8.13
C GLY Q 135 52.24 -4.25 6.85
N CYS Q 136 51.06 -4.63 6.34
CA CYS Q 136 50.95 -4.97 4.93
C CYS Q 136 51.10 -3.78 4.00
N GLY Q 137 51.02 -2.56 4.51
CA GLY Q 137 51.21 -1.37 3.70
C GLY Q 137 50.14 -1.12 2.66
N VAL Q 138 48.90 -1.50 2.93
CA VAL Q 138 47.80 -1.35 1.98
C VAL Q 138 47.61 0.13 1.65
N GLU Q 139 47.64 0.44 0.36
CA GLU Q 139 47.44 1.81 -0.11
C GLU Q 139 46.03 2.03 -0.64
N MET Q 140 45.43 1.01 -1.25
CA MET Q 140 44.12 1.13 -1.87
C MET Q 140 43.29 -0.09 -1.53
N LEU Q 141 42.02 0.15 -1.18
CA LEU Q 141 41.03 -0.90 -0.95
C LEU Q 141 39.89 -0.71 -1.94
N ILE Q 142 39.71 -1.69 -2.82
CA ILE Q 142 38.63 -1.65 -3.80
C ILE Q 142 37.51 -2.55 -3.31
N ILE Q 143 36.33 -1.97 -3.10
CA ILE Q 143 35.16 -2.71 -2.62
C ILE Q 143 34.20 -2.82 -3.80
N ASP Q 144 34.16 -3.98 -4.45
CA ASP Q 144 33.27 -4.22 -5.60
C ASP Q 144 31.88 -4.63 -5.10
N GLU Q 145 30.83 -4.25 -5.82
CA GLU Q 145 29.45 -4.48 -5.33
C GLU Q 145 29.34 -3.79 -3.98
N ALA Q 146 29.82 -2.55 -3.90
CA ALA Q 146 29.81 -1.77 -2.64
C ALA Q 146 28.37 -1.54 -2.18
N ASP Q 147 27.39 -1.66 -3.07
CA ASP Q 147 25.98 -1.57 -2.70
C ASP Q 147 25.49 -2.77 -1.89
N ARG Q 148 26.24 -3.87 -1.84
CA ARG Q 148 25.90 -4.97 -0.94
C ARG Q 148 26.20 -4.65 0.52
N LEU Q 149 27.03 -3.65 0.81
CA LEU Q 149 27.30 -3.28 2.19
C LEU Q 149 26.05 -2.79 2.90
N LYS Q 150 25.85 -3.26 4.12
CA LYS Q 150 24.83 -2.66 4.98
C LYS Q 150 25.16 -1.19 5.24
N PRO Q 151 24.14 -0.35 5.46
CA PRO Q 151 24.42 1.08 5.69
C PRO Q 151 25.31 1.36 6.89
N GLU Q 152 25.16 0.60 7.98
CA GLU Q 152 26.07 0.69 9.11
C GLU Q 152 27.50 0.27 8.79
N THR Q 153 27.73 -0.48 7.72
CA THR Q 153 29.08 -0.91 7.39
C THR Q 153 29.90 0.20 6.74
N PHE Q 154 29.24 1.18 6.12
CA PHE Q 154 29.94 2.31 5.52
C PHE Q 154 30.71 3.14 6.55
N ALA Q 155 30.23 3.20 7.79
CA ALA Q 155 30.98 3.88 8.84
C ALA Q 155 32.37 3.29 9.03
N ASP Q 156 32.47 1.95 9.09
CA ASP Q 156 33.77 1.30 9.20
C ASP Q 156 34.61 1.45 7.93
N VAL Q 157 33.99 1.52 6.76
CA VAL Q 157 34.72 1.82 5.53
C VAL Q 157 35.26 3.25 5.55
N ARG Q 158 34.46 4.20 6.00
CA ARG Q 158 34.93 5.58 6.18
C ARG Q 158 36.06 5.69 7.20
N ASP Q 159 35.99 4.91 8.29
CA ASP Q 159 37.06 4.94 9.28
C ASP Q 159 38.38 4.40 8.74
N ILE Q 160 38.33 3.36 7.91
CA ILE Q 160 39.54 2.90 7.22
C ILE Q 160 40.12 3.99 6.33
N ALA Q 161 39.28 4.70 5.58
CA ALA Q 161 39.77 5.80 4.77
C ALA Q 161 40.28 6.96 5.62
N GLU Q 162 39.66 7.23 6.77
CA GLU Q 162 40.05 8.38 7.56
C GLU Q 162 41.28 8.12 8.42
N ASP Q 163 41.33 6.97 9.07
CA ASP Q 163 42.35 6.77 10.08
C ASP Q 163 43.61 6.16 9.50
N LEU Q 164 43.48 5.32 8.49
CA LEU Q 164 44.61 4.92 7.68
C LEU Q 164 44.61 5.80 6.43
N GLY Q 165 45.78 5.99 5.85
CA GLY Q 165 45.83 6.78 4.64
C GLY Q 165 45.45 6.03 3.38
N ILE Q 166 44.28 5.40 3.34
CA ILE Q 166 43.96 4.43 2.30
C ILE Q 166 42.93 5.03 1.35
N ALA Q 167 43.20 4.93 0.05
CA ALA Q 167 42.23 5.19 -1.00
C ALA Q 167 41.23 4.04 -1.08
N VAL Q 168 40.00 4.28 -0.66
CA VAL Q 168 38.93 3.30 -0.82
C VAL Q 168 38.18 3.61 -2.10
N VAL Q 169 38.00 2.59 -2.94
CA VAL Q 169 37.28 2.71 -4.20
C VAL Q 169 36.02 1.87 -4.12
N LEU Q 170 34.86 2.52 -4.14
CA LEU Q 170 33.59 1.82 -4.22
C LEU Q 170 33.25 1.56 -5.68
N VAL Q 171 32.91 0.31 -6.01
CA VAL Q 171 32.51 -0.06 -7.36
C VAL Q 171 31.06 -0.55 -7.32
N GLY Q 172 30.29 -0.14 -8.32
CA GLY Q 172 28.92 -0.62 -8.45
C GLY Q 172 28.26 -0.06 -9.68
N THR Q 173 26.99 -0.39 -9.83
CA THR Q 173 26.15 0.21 -10.85
C THR Q 173 25.53 1.51 -10.33
N ASP Q 174 24.68 2.13 -11.14
CA ASP Q 174 23.91 3.29 -10.70
C ASP Q 174 23.14 3.05 -9.41
N ARG Q 175 22.89 1.80 -9.02
CA ARG Q 175 22.31 1.51 -7.71
C ARG Q 175 23.23 1.94 -6.57
N LEU Q 176 24.54 1.87 -6.77
CA LEU Q 176 25.48 2.41 -5.79
C LEU Q 176 25.33 3.91 -5.61
N ASP Q 177 25.22 4.65 -6.72
CA ASP Q 177 25.02 6.09 -6.68
C ASP Q 177 23.74 6.50 -5.94
N ALA Q 178 22.74 5.63 -5.89
CA ALA Q 178 21.58 5.93 -5.05
C ALA Q 178 21.81 5.59 -3.59
N VAL Q 179 22.46 4.47 -3.30
CA VAL Q 179 22.78 4.10 -1.93
C VAL Q 179 23.66 5.15 -1.27
N ILE Q 180 24.70 5.58 -1.96
CA ILE Q 180 25.62 6.59 -1.45
C ILE Q 180 24.92 7.90 -1.12
N LYS Q 181 23.99 8.34 -1.98
CA LYS Q 181 23.25 9.58 -1.72
C LYS Q 181 22.30 9.50 -0.54
N ARG Q 182 22.03 8.32 0.01
CA ARG Q 182 21.28 8.22 1.26
C ARG Q 182 22.11 8.55 2.51
N ASP Q 183 23.41 8.81 2.40
CA ASP Q 183 24.22 9.19 3.56
C ASP Q 183 25.22 10.26 3.17
N GLU Q 184 24.98 11.48 3.63
CA GLU Q 184 25.81 12.63 3.27
C GLU Q 184 27.28 12.41 3.59
N GLN Q 185 27.59 11.72 4.69
CA GLN Q 185 28.99 11.53 5.07
C GLN Q 185 29.71 10.60 4.11
N VAL Q 186 29.00 9.63 3.54
CA VAL Q 186 29.57 8.77 2.51
C VAL Q 186 29.64 9.51 1.19
N LEU Q 187 28.53 10.10 0.78
CA LEU Q 187 28.47 10.89 -0.45
C LEU Q 187 29.59 11.91 -0.53
N GLU Q 188 29.84 12.63 0.55
CA GLU Q 188 30.82 13.71 0.53
C GLU Q 188 32.26 13.22 0.51
N ARG Q 189 32.52 11.98 0.90
CA ARG Q 189 33.87 11.40 0.84
C ARG Q 189 34.20 10.75 -0.51
N PHE Q 190 33.23 10.12 -1.14
CA PHE Q 190 33.40 9.42 -2.42
C PHE Q 190 32.89 10.24 -3.59
N ARG Q 191 32.97 11.57 -3.47
CA ARG Q 191 32.44 12.48 -4.48
C ARG Q 191 33.12 12.29 -5.84
N ALA Q 192 34.43 12.07 -5.87
CA ALA Q 192 35.11 11.88 -7.14
C ALA Q 192 34.76 10.52 -7.73
N HIS Q 193 34.52 10.49 -9.04
CA HIS Q 193 34.06 9.28 -9.69
C HIS Q 193 34.65 9.13 -11.08
N LEU Q 194 34.65 7.88 -11.54
CA LEU Q 194 34.88 7.51 -12.93
C LEU Q 194 33.65 6.79 -13.44
N ARG Q 195 33.26 7.10 -14.67
CA ARG Q 195 32.14 6.42 -15.33
C ARG Q 195 32.68 5.36 -16.28
N PHE Q 196 32.27 4.12 -16.06
CA PHE Q 196 32.43 3.05 -17.04
C PHE Q 196 31.29 3.11 -18.06
N GLY Q 197 31.64 3.15 -19.34
CA GLY Q 197 30.65 3.19 -20.40
C GLY Q 197 30.51 1.90 -21.20
N LYS Q 198 29.44 1.84 -21.97
CA LYS Q 198 29.27 0.85 -23.02
C LYS Q 198 30.12 1.18 -24.24
N LEU Q 199 30.41 0.15 -25.03
CA LEU Q 199 31.09 0.31 -26.30
C LEU Q 199 30.13 0.80 -27.38
N SER Q 200 30.65 1.58 -28.32
CA SER Q 200 29.91 1.89 -29.53
C SER Q 200 30.86 2.35 -30.63
N GLY Q 201 30.32 2.41 -31.84
CA GLY Q 201 31.03 2.99 -32.97
C GLY Q 201 32.29 2.25 -33.34
N GLU Q 202 33.34 3.02 -33.65
CA GLU Q 202 34.61 2.44 -34.07
C GLU Q 202 35.24 1.63 -32.95
N ASP Q 203 35.06 2.07 -31.70
CA ASP Q 203 35.57 1.32 -30.56
C ASP Q 203 34.95 -0.08 -30.48
N PHE Q 204 33.64 -0.19 -30.72
CA PHE Q 204 33.00 -1.50 -30.79
C PHE Q 204 33.52 -2.36 -31.94
N LYS Q 205 33.71 -1.77 -33.12
CA LYS Q 205 34.27 -2.50 -34.25
C LYS Q 205 35.67 -3.04 -33.98
N ASN Q 206 36.53 -2.24 -33.34
CA ASN Q 206 37.83 -2.75 -32.90
C ASN Q 206 37.71 -3.85 -31.86
N THR Q 207 36.77 -3.73 -30.93
CA THR Q 207 36.60 -4.74 -29.90
C THR Q 207 36.17 -6.09 -30.49
N VAL Q 208 35.29 -6.07 -31.49
CA VAL Q 208 34.92 -7.28 -32.20
C VAL Q 208 36.13 -7.90 -32.90
N GLU Q 209 36.91 -7.09 -33.60
CA GLU Q 209 38.15 -7.56 -34.22
C GLU Q 209 39.09 -8.24 -33.22
N MET Q 210 39.26 -7.63 -32.05
CA MET Q 210 40.12 -8.21 -31.02
C MET Q 210 39.59 -9.55 -30.49
N TRP Q 211 38.29 -9.68 -30.30
CA TRP Q 211 37.72 -10.95 -29.86
C TRP Q 211 37.98 -12.07 -30.85
N GLU Q 212 37.76 -11.80 -32.14
CA GLU Q 212 38.02 -12.79 -33.17
C GLU Q 212 39.47 -13.27 -33.13
N GLN Q 213 40.41 -12.33 -33.01
CA GLN Q 213 41.83 -12.66 -33.03
C GLN Q 213 42.35 -13.18 -31.70
N MET Q 214 41.99 -12.52 -30.60
CA MET Q 214 42.64 -12.81 -29.31
C MET Q 214 41.84 -13.70 -28.39
N VAL Q 215 40.56 -13.92 -28.63
CA VAL Q 215 39.75 -14.68 -27.69
C VAL Q 215 39.30 -15.98 -28.32
N LEU Q 216 38.60 -15.88 -29.46
CA LEU Q 216 37.99 -17.06 -30.04
C LEU Q 216 39.04 -17.96 -30.70
N LYS Q 217 39.92 -17.36 -31.50
CA LYS Q 217 41.08 -18.06 -32.06
C LYS Q 217 40.69 -19.34 -32.80
N LEU Q 218 39.59 -19.26 -33.55
CA LEU Q 218 39.18 -20.35 -34.42
C LEU Q 218 40.20 -20.58 -35.53
N PRO Q 219 40.26 -21.81 -36.06
CA PRO Q 219 41.15 -22.07 -37.21
C PRO Q 219 40.97 -21.11 -38.37
N VAL Q 220 39.72 -20.74 -38.70
CA VAL Q 220 39.44 -19.92 -39.87
C VAL Q 220 38.80 -18.61 -39.44
N SER Q 221 39.14 -17.54 -40.13
CA SER Q 221 38.60 -16.21 -39.86
C SER Q 221 37.09 -16.17 -39.99
N SER Q 222 36.43 -15.68 -38.93
CA SER Q 222 34.97 -15.53 -38.92
C SER Q 222 34.49 -14.26 -39.61
N ASN Q 223 35.42 -13.35 -39.95
CA ASN Q 223 35.10 -12.11 -40.66
C ASN Q 223 34.09 -11.25 -39.92
N LEU Q 224 34.22 -11.19 -38.59
CA LEU Q 224 33.27 -10.50 -37.73
C LEU Q 224 33.32 -8.98 -37.89
N LYS Q 225 34.36 -8.44 -38.52
CA LYS Q 225 34.35 -7.03 -38.90
C LYS Q 225 33.36 -6.71 -40.01
N SER Q 226 32.83 -7.71 -40.71
CA SER Q 226 31.95 -7.44 -41.83
C SER Q 226 30.68 -6.75 -41.35
N LYS Q 227 30.15 -5.88 -42.21
CA LYS Q 227 28.99 -5.06 -41.85
C LYS Q 227 27.78 -5.92 -41.51
N GLU Q 228 27.61 -7.04 -42.21
CA GLU Q 228 26.48 -7.93 -41.90
C GLU Q 228 26.67 -8.61 -40.56
N MET Q 229 27.91 -8.99 -40.23
CA MET Q 229 28.20 -9.54 -38.91
C MET Q 229 28.10 -8.49 -37.82
N LEU Q 230 28.67 -7.30 -38.06
CA LEU Q 230 28.53 -6.21 -37.10
C LEU Q 230 27.08 -5.84 -36.86
N ARG Q 231 26.24 -5.88 -37.90
CA ARG Q 231 24.83 -5.58 -37.72
C ARG Q 231 24.18 -6.53 -36.73
N ILE Q 232 24.39 -7.83 -36.91
CA ILE Q 232 23.89 -8.82 -35.97
C ILE Q 232 24.46 -8.56 -34.57
N LEU Q 233 25.78 -8.44 -34.47
CA LEU Q 233 26.42 -8.22 -33.17
C LEU Q 233 25.95 -6.94 -32.50
N THR Q 234 25.83 -5.84 -33.25
CA THR Q 234 25.42 -4.58 -32.65
C THR Q 234 23.99 -4.64 -32.12
N SER Q 235 23.10 -5.33 -32.84
CA SER Q 235 21.73 -5.43 -32.37
C SER Q 235 21.65 -6.26 -31.08
N ALA Q 236 22.36 -7.38 -31.04
CA ALA Q 236 22.29 -8.26 -29.88
C ALA Q 236 23.19 -7.80 -28.73
N THR Q 237 24.40 -7.32 -29.03
CA THR Q 237 25.31 -6.92 -27.96
C THR Q 237 24.87 -5.64 -27.28
N GLU Q 238 24.31 -4.70 -28.05
CA GLU Q 238 23.97 -3.37 -27.56
C GLU Q 238 25.14 -2.67 -26.86
N GLY Q 239 26.36 -3.04 -27.23
CA GLY Q 239 27.57 -2.48 -26.62
C GLY Q 239 28.01 -3.08 -25.29
N TYR Q 240 27.26 -3.99 -24.70
CA TYR Q 240 27.70 -4.65 -23.47
C TYR Q 240 28.81 -5.65 -23.79
N ILE Q 241 29.99 -5.44 -23.22
CA ILE Q 241 31.09 -6.36 -23.43
C ILE Q 241 30.74 -7.75 -22.91
N GLY Q 242 29.89 -7.82 -21.88
CA GLY Q 242 29.42 -9.11 -21.40
C GLY Q 242 28.57 -9.88 -22.40
N ARG Q 243 27.68 -9.19 -23.11
CA ARG Q 243 26.95 -9.82 -24.20
C ARG Q 243 27.87 -10.21 -25.36
N LEU Q 244 28.81 -9.33 -25.72
CA LEU Q 244 29.75 -9.65 -26.80
C LEU Q 244 30.52 -10.93 -26.50
N ASP Q 245 31.09 -11.04 -25.30
CA ASP Q 245 31.84 -12.23 -24.93
C ASP Q 245 30.98 -13.48 -24.94
N GLU Q 246 29.85 -13.45 -24.25
CA GLU Q 246 29.05 -14.65 -24.03
C GLU Q 246 28.25 -15.07 -25.27
N ILE Q 247 28.00 -14.15 -26.19
CA ILE Q 247 27.47 -14.52 -27.49
C ILE Q 247 28.53 -15.17 -28.36
N LEU Q 248 29.70 -14.54 -28.50
CA LEU Q 248 30.71 -15.05 -29.40
C LEU Q 248 31.31 -16.38 -28.94
N ARG Q 249 31.51 -16.55 -27.64
CA ARG Q 249 31.97 -17.84 -27.14
C ARG Q 249 30.95 -18.95 -27.41
N GLU Q 250 29.70 -18.73 -27.04
CA GLU Q 250 28.63 -19.70 -27.32
C GLU Q 250 28.48 -19.97 -28.81
N ALA Q 251 28.56 -18.93 -29.64
CA ALA Q 251 28.49 -19.13 -31.09
C ALA Q 251 29.67 -19.95 -31.61
N ALA Q 252 30.88 -19.69 -31.10
CA ALA Q 252 32.03 -20.51 -31.47
C ALA Q 252 31.89 -21.95 -30.99
N ILE Q 253 31.42 -22.15 -29.76
CA ILE Q 253 31.23 -23.51 -29.24
C ILE Q 253 30.17 -24.25 -30.06
N ARG Q 254 29.06 -23.60 -30.37
CA ARG Q 254 28.07 -24.21 -31.26
C ARG Q 254 28.66 -24.53 -32.63
N SER Q 255 29.43 -23.60 -33.20
CA SER Q 255 29.99 -23.81 -34.53
C SER Q 255 30.97 -24.97 -34.58
N LEU Q 256 31.92 -25.03 -33.64
CA LEU Q 256 32.83 -26.16 -33.56
C LEU Q 256 32.09 -27.49 -33.33
N SER Q 257 31.06 -27.48 -32.47
CA SER Q 257 30.29 -28.70 -32.22
C SER Q 257 29.63 -29.23 -33.48
N ARG Q 258 29.38 -28.38 -34.47
CA ARG Q 258 28.78 -28.78 -35.73
C ARG Q 258 29.82 -29.13 -36.80
N GLY Q 259 31.10 -29.12 -36.45
CA GLY Q 259 32.18 -29.39 -37.37
C GLY Q 259 32.59 -28.22 -38.22
N LEU Q 260 31.99 -27.05 -38.00
CA LEU Q 260 32.47 -25.83 -38.64
C LEU Q 260 33.80 -25.41 -38.04
N LYS Q 261 34.64 -24.78 -38.86
CA LYS Q 261 35.93 -24.29 -38.42
C LYS Q 261 35.91 -22.79 -38.16
N LYS Q 262 34.77 -22.16 -38.34
CA LYS Q 262 34.56 -20.76 -38.03
C LYS Q 262 33.13 -20.58 -37.53
N ILE Q 263 32.87 -19.44 -36.88
CA ILE Q 263 31.50 -18.96 -36.77
C ILE Q 263 30.98 -18.60 -38.15
N ASP Q 264 29.69 -18.84 -38.38
CA ASP Q 264 29.02 -18.34 -39.57
C ASP Q 264 27.77 -17.55 -39.18
N LYS Q 265 27.24 -16.83 -40.16
CA LYS Q 265 26.08 -15.97 -39.92
C LYS Q 265 24.90 -16.74 -39.37
N ALA Q 266 24.62 -17.94 -39.91
CA ALA Q 266 23.47 -18.72 -39.47
C ALA Q 266 23.57 -19.10 -38.00
N VAL Q 267 24.72 -19.62 -37.57
CA VAL Q 267 24.88 -19.93 -36.15
C VAL Q 267 24.85 -18.66 -35.30
N LEU Q 268 25.52 -17.60 -35.76
CA LEU Q 268 25.52 -16.34 -35.02
C LEU Q 268 24.12 -15.78 -34.85
N GLN Q 269 23.33 -15.78 -35.93
CA GLN Q 269 21.94 -15.36 -35.85
C GLN Q 269 21.12 -16.27 -34.96
N GLU Q 270 21.38 -17.57 -35.00
CA GLU Q 270 20.67 -18.52 -34.14
C GLU Q 270 20.91 -18.23 -32.65
N VAL Q 271 22.13 -17.87 -32.27
CA VAL Q 271 22.41 -17.46 -30.90
C VAL Q 271 21.79 -16.10 -30.61
N ALA Q 272 22.08 -15.11 -31.45
CA ALA Q 272 21.65 -13.73 -31.22
C ALA Q 272 20.13 -13.63 -31.11
N LYS Q 273 19.40 -14.55 -31.72
CA LYS Q 273 17.95 -14.58 -31.63
C LYS Q 273 17.43 -14.87 -30.21
N GLU Q 274 18.27 -15.36 -29.31
CA GLU Q 274 17.81 -15.67 -27.96
C GLU Q 274 17.84 -14.48 -27.02
N TYR Q 275 18.22 -13.31 -27.51
CA TYR Q 275 18.36 -12.13 -26.67
C TYR Q 275 17.26 -11.11 -26.95
N GLU R 19 -8.55 -56.09 -7.32
CA GLU R 19 -9.50 -55.96 -8.42
C GLU R 19 -8.89 -55.19 -9.59
N TRP R 20 -9.25 -55.62 -10.80
CA TRP R 20 -8.73 -55.00 -12.01
C TRP R 20 -9.03 -53.51 -12.07
N LEU R 21 -10.26 -53.13 -11.75
CA LEU R 21 -10.66 -51.72 -11.76
C LEU R 21 -9.77 -50.88 -10.84
N GLN R 22 -9.58 -51.31 -9.59
CA GLN R 22 -8.72 -50.57 -8.67
C GLN R 22 -7.29 -50.46 -9.16
N ALA R 23 -6.80 -51.49 -9.85
CA ALA R 23 -5.45 -51.43 -10.42
C ALA R 23 -5.37 -50.46 -11.60
N GLU R 24 -6.42 -50.43 -12.43
CA GLU R 24 -6.49 -49.46 -13.52
C GLU R 24 -6.60 -48.02 -13.01
N ILE R 25 -7.41 -47.79 -11.99
CA ILE R 25 -7.52 -46.45 -11.43
C ILE R 25 -6.20 -46.00 -10.79
N ALA R 26 -5.58 -46.89 -10.00
CA ALA R 26 -4.31 -46.56 -9.37
C ALA R 26 -3.22 -46.21 -10.38
N ARG R 27 -3.25 -46.82 -11.56
CA ARG R 27 -2.35 -46.41 -12.63
C ARG R 27 -2.73 -45.06 -13.23
N LEU R 28 -3.99 -44.90 -13.63
CA LEU R 28 -4.42 -43.67 -14.28
C LEU R 28 -4.35 -42.47 -13.34
N LYS R 29 -4.55 -42.70 -12.05
CA LYS R 29 -4.39 -41.67 -11.03
C LYS R 29 -2.98 -41.08 -11.02
N GLY R 30 -1.98 -41.83 -11.46
CA GLY R 30 -0.60 -41.41 -11.38
C GLY R 30 -0.16 -40.37 -12.39
N LYS R 31 1.17 -40.25 -12.52
CA LYS R 31 1.84 -39.41 -13.49
C LYS R 31 2.77 -40.27 -14.34
N SER R 32 3.03 -39.80 -15.57
CA SER R 32 4.08 -40.38 -16.40
C SER R 32 4.74 -39.26 -17.20
N ILE R 33 5.84 -39.60 -17.86
CA ILE R 33 6.53 -38.70 -18.77
C ILE R 33 6.38 -39.24 -20.19
N VAL R 34 5.87 -38.40 -21.08
CA VAL R 34 5.75 -38.72 -22.51
C VAL R 34 6.85 -37.98 -23.26
N PRO R 35 7.58 -38.64 -24.15
CA PRO R 35 8.67 -38.00 -24.90
C PRO R 35 8.23 -36.92 -25.88
N LEU R 36 7.57 -35.87 -25.42
CA LEU R 36 7.11 -34.80 -26.30
C LEU R 36 8.30 -34.09 -26.96
N GLN R 37 8.02 -33.50 -28.13
CA GLN R 37 9.03 -32.76 -28.88
C GLN R 37 9.55 -31.53 -28.14
N GLN R 38 8.71 -30.90 -27.32
CA GLN R 38 9.17 -29.73 -26.58
C GLN R 38 10.11 -30.12 -25.45
N VAL R 39 9.90 -31.27 -24.84
CA VAL R 39 10.87 -31.85 -23.92
C VAL R 39 12.22 -32.04 -24.61
N LYS R 40 12.21 -32.71 -25.76
CA LYS R 40 13.41 -32.90 -26.57
C LYS R 40 14.08 -31.58 -26.96
N THR R 41 13.29 -30.57 -27.33
CA THR R 41 13.84 -29.26 -27.65
C THR R 41 14.56 -28.62 -26.46
N LEU R 42 13.96 -28.66 -25.27
CA LEU R 42 14.62 -28.14 -24.08
C LEU R 42 15.91 -28.89 -23.75
N HIS R 43 15.91 -30.22 -23.80
CA HIS R 43 17.09 -30.98 -23.42
C HIS R 43 18.27 -30.72 -24.35
N ASP R 44 18.02 -30.63 -25.65
CA ASP R 44 19.08 -30.22 -26.57
C ASP R 44 19.60 -28.82 -26.25
N TRP R 45 18.71 -27.93 -25.84
CA TRP R 45 19.11 -26.57 -25.50
C TRP R 45 19.89 -26.52 -24.19
N LEU R 46 19.41 -27.20 -23.15
CA LEU R 46 20.14 -27.29 -21.89
C LEU R 46 21.51 -27.96 -22.04
N ASP R 47 21.65 -28.91 -22.96
CA ASP R 47 22.97 -29.47 -23.23
C ASP R 47 23.94 -28.45 -23.80
N GLY R 48 23.48 -27.55 -24.67
CA GLY R 48 24.34 -26.48 -25.14
C GLY R 48 24.73 -25.49 -24.06
N LYS R 49 23.77 -25.09 -23.24
CA LYS R 49 24.04 -24.17 -22.15
C LYS R 49 25.00 -24.78 -21.11
N ARG R 50 24.82 -26.06 -20.79
CA ARG R 50 25.72 -26.74 -19.88
C ARG R 50 27.11 -26.92 -20.46
N LYS R 51 27.20 -27.18 -21.76
CA LYS R 51 28.50 -27.22 -22.42
C LYS R 51 29.20 -25.87 -22.34
N ALA R 52 28.47 -24.80 -22.63
CA ALA R 52 29.03 -23.46 -22.59
C ALA R 52 29.10 -22.86 -21.20
N ARG R 53 28.50 -23.50 -20.20
CA ARG R 53 28.35 -22.94 -18.85
C ARG R 53 27.51 -21.67 -18.82
N LYS R 54 26.64 -21.53 -19.81
CA LYS R 54 25.88 -20.31 -20.07
C LYS R 54 24.65 -20.26 -19.18
N SER R 55 24.54 -19.21 -18.37
CA SER R 55 23.34 -18.96 -17.59
C SER R 55 22.24 -18.40 -18.48
N CYS R 56 21.00 -18.75 -18.15
CA CYS R 56 19.88 -18.53 -19.05
C CYS R 56 18.58 -18.68 -18.27
N ARG R 57 17.46 -18.50 -18.96
CA ARG R 57 16.16 -18.73 -18.34
C ARG R 57 15.20 -19.47 -19.26
N VAL R 58 14.29 -20.20 -18.65
CA VAL R 58 13.20 -20.90 -19.32
C VAL R 58 11.89 -20.28 -18.85
N VAL R 59 11.09 -19.79 -19.81
CA VAL R 59 9.86 -19.07 -19.52
C VAL R 59 8.74 -19.67 -20.36
N GLY R 60 7.56 -19.78 -19.77
CA GLY R 60 6.39 -20.18 -20.51
C GLY R 60 5.19 -20.23 -19.58
N GLU R 61 4.01 -20.14 -20.20
CA GLU R 61 2.75 -20.19 -19.45
C GLU R 61 2.70 -21.37 -18.50
N SER R 62 1.92 -21.20 -17.43
CA SER R 62 1.64 -22.28 -16.49
C SER R 62 1.04 -23.49 -17.19
N ARG R 63 1.39 -24.67 -16.67
CA ARG R 63 0.93 -25.99 -17.13
C ARG R 63 1.34 -26.30 -18.57
N THR R 64 2.43 -25.70 -19.03
CA THR R 64 2.99 -26.01 -20.34
C THR R 64 4.02 -27.14 -20.31
N GLY R 65 4.40 -27.62 -19.13
CA GLY R 65 5.31 -28.75 -19.05
C GLY R 65 6.74 -28.43 -18.70
N LYS R 66 7.04 -27.20 -18.28
CA LYS R 66 8.42 -26.80 -17.99
C LYS R 66 9.03 -27.67 -16.90
N THR R 67 8.27 -27.97 -15.86
CA THR R 67 8.79 -28.77 -14.74
C THR R 67 9.02 -30.22 -15.14
N VAL R 68 8.05 -30.86 -15.77
CA VAL R 68 8.23 -32.23 -16.21
C VAL R 68 9.40 -32.38 -17.18
N ALA R 69 9.63 -31.38 -18.03
CA ALA R 69 10.78 -31.40 -18.92
C ALA R 69 12.10 -31.23 -18.17
N CYS R 70 12.13 -30.36 -17.16
CA CYS R 70 13.32 -30.22 -16.32
C CYS R 70 13.55 -31.43 -15.42
N ASP R 71 12.49 -32.04 -14.89
CA ASP R 71 12.63 -33.30 -14.18
C ASP R 71 13.25 -34.37 -15.06
N ALA R 72 12.73 -34.53 -16.27
CA ALA R 72 13.28 -35.48 -17.21
C ALA R 72 14.75 -35.22 -17.55
N TYR R 73 15.18 -33.96 -17.55
CA TYR R 73 16.58 -33.65 -17.85
C TYR R 73 17.54 -34.10 -16.75
N ARG R 74 17.21 -33.82 -15.48
CA ARG R 74 18.08 -34.27 -14.40
C ARG R 74 18.03 -35.79 -14.18
N TYR R 75 16.97 -36.46 -14.62
CA TYR R 75 17.00 -37.92 -14.65
C TYR R 75 17.70 -38.50 -15.86
N ARG R 76 17.89 -37.72 -16.92
CA ARG R 76 18.83 -38.09 -17.96
C ARG R 76 20.27 -38.01 -17.47
N HIS R 77 20.59 -36.96 -16.73
CA HIS R 77 21.93 -36.75 -16.21
C HIS R 77 21.94 -37.04 -14.70
N LYS R 78 21.70 -38.31 -14.39
CA LYS R 78 21.72 -38.80 -13.03
C LYS R 78 23.08 -38.53 -12.36
N PRO R 79 23.10 -38.47 -11.03
CA PRO R 79 24.38 -38.44 -10.30
C PRO R 79 25.21 -39.68 -10.57
N GLN R 80 26.49 -39.45 -10.87
CA GLN R 80 27.42 -40.50 -11.26
C GLN R 80 28.32 -40.82 -10.08
N GLN R 81 28.27 -42.07 -9.62
CA GLN R 81 28.89 -42.48 -8.36
C GLN R 81 30.23 -43.16 -8.60
N GLU R 82 31.25 -42.73 -7.86
CA GLU R 82 32.56 -43.36 -7.85
C GLU R 82 32.88 -43.84 -6.44
N ALA R 83 33.58 -44.97 -6.34
CA ALA R 83 33.76 -45.70 -5.08
C ALA R 83 34.39 -44.86 -3.98
N GLY R 84 33.62 -44.57 -2.93
CA GLY R 84 34.10 -43.82 -1.79
C GLY R 84 34.27 -42.34 -2.02
N ARG R 85 33.93 -41.85 -3.19
CA ARG R 85 33.95 -40.43 -3.50
C ARG R 85 32.55 -39.87 -3.29
N PRO R 86 32.40 -38.57 -3.12
CA PRO R 86 31.07 -37.98 -3.25
C PRO R 86 30.57 -38.09 -4.68
N PRO R 87 29.26 -38.18 -4.88
CA PRO R 87 28.73 -38.37 -6.24
C PRO R 87 29.03 -37.19 -7.14
N THR R 88 29.38 -37.50 -8.39
CA THR R 88 29.47 -36.49 -9.43
C THR R 88 28.07 -36.18 -9.94
N VAL R 89 27.63 -34.95 -9.77
CA VAL R 89 26.25 -34.57 -10.03
C VAL R 89 26.22 -33.40 -11.01
N PRO R 90 26.25 -33.66 -12.31
CA PRO R 90 26.36 -32.56 -13.28
C PRO R 90 25.23 -31.55 -13.21
N VAL R 91 24.00 -32.02 -13.00
CA VAL R 91 22.81 -31.17 -12.96
C VAL R 91 22.17 -31.26 -11.59
N VAL R 92 22.06 -30.12 -10.92
CA VAL R 92 21.26 -29.98 -9.69
C VAL R 92 19.93 -29.33 -10.06
N TYR R 93 18.84 -29.92 -9.61
CA TYR R 93 17.51 -29.36 -9.75
C TYR R 93 16.96 -29.05 -8.37
N ILE R 94 16.58 -27.80 -8.16
CA ILE R 94 15.91 -27.37 -6.93
C ILE R 94 14.65 -26.61 -7.31
N ARG R 95 13.58 -26.87 -6.56
CA ARG R 95 12.46 -25.92 -6.50
C ARG R 95 12.43 -25.27 -5.12
N PRO R 96 12.85 -24.02 -5.01
CA PRO R 96 12.71 -23.27 -3.74
C PRO R 96 11.29 -23.28 -3.22
N HIS R 97 11.18 -23.23 -1.89
CA HIS R 97 9.91 -22.87 -1.27
C HIS R 97 9.65 -21.38 -1.48
N GLN R 98 8.42 -20.96 -1.18
CA GLN R 98 8.08 -19.55 -1.29
C GLN R 98 8.99 -18.70 -0.40
N LYS R 99 9.29 -17.50 -0.88
CA LYS R 99 10.16 -16.54 -0.19
C LYS R 99 11.46 -17.20 0.26
N CYS R 100 12.16 -17.80 -0.69
CA CYS R 100 13.42 -18.48 -0.41
C CYS R 100 14.50 -17.47 -0.08
N GLY R 101 15.04 -17.55 1.14
CA GLY R 101 16.25 -16.83 1.48
C GLY R 101 17.49 -17.59 1.06
N PRO R 102 18.64 -16.97 1.29
CA PRO R 102 19.90 -17.65 0.91
C PRO R 102 20.19 -18.90 1.71
N LYS R 103 19.84 -18.93 2.99
CA LYS R 103 20.02 -20.14 3.78
C LYS R 103 19.14 -21.29 3.27
N ASP R 104 17.88 -20.98 2.94
CA ASP R 104 17.01 -21.95 2.30
C ASP R 104 17.57 -22.45 0.98
N LEU R 105 18.14 -21.56 0.17
CA LEU R 105 18.77 -21.98 -1.09
C LEU R 105 19.94 -22.91 -0.86
N PHE R 106 20.84 -22.54 0.05
CA PHE R 106 22.00 -23.36 0.36
C PHE R 106 21.62 -24.72 0.91
N LYS R 107 20.56 -24.77 1.71
CA LYS R 107 20.03 -26.05 2.20
C LYS R 107 19.48 -26.92 1.07
N LYS R 108 18.67 -26.34 0.20
CA LYS R 108 18.18 -27.04 -0.98
C LYS R 108 19.30 -27.65 -1.82
N ILE R 109 20.33 -26.87 -2.12
CA ILE R 109 21.43 -27.36 -2.93
C ILE R 109 22.23 -28.44 -2.20
N THR R 110 22.57 -28.20 -0.94
CA THR R 110 23.36 -29.15 -0.17
C THR R 110 22.63 -30.48 0.02
N GLU R 111 21.35 -30.43 0.40
CA GLU R 111 20.56 -31.66 0.52
C GLU R 111 20.43 -32.42 -0.78
N TYR R 112 20.36 -31.72 -1.92
CA TYR R 112 20.31 -32.41 -3.20
C TYR R 112 21.60 -33.19 -3.49
N LEU R 113 22.75 -32.65 -3.10
CA LEU R 113 24.01 -33.36 -3.23
C LEU R 113 24.23 -34.43 -2.16
N LYS R 114 23.18 -34.82 -1.42
CA LYS R 114 23.18 -35.90 -0.44
C LYS R 114 24.06 -35.61 0.77
N TYR R 115 24.38 -34.35 1.02
CA TYR R 115 24.98 -33.91 2.26
C TYR R 115 23.87 -33.51 3.22
N ARG R 116 24.15 -33.60 4.51
CA ARG R 116 23.27 -33.06 5.53
C ARG R 116 23.80 -31.72 5.99
N VAL R 117 22.91 -30.72 6.05
CA VAL R 117 23.30 -29.43 6.57
C VAL R 117 23.49 -29.52 8.07
N THR R 118 24.32 -28.62 8.61
CA THR R 118 24.59 -28.56 10.03
C THR R 118 24.22 -27.18 10.55
N LYS R 119 23.72 -27.14 11.77
CA LYS R 119 23.46 -25.92 12.51
C LYS R 119 24.60 -24.92 12.31
N GLY R 120 24.28 -23.76 11.74
CA GLY R 120 25.34 -22.83 11.38
C GLY R 120 24.78 -21.51 10.89
N THR R 121 25.71 -20.58 10.67
CA THR R 121 25.39 -19.26 10.14
C THR R 121 25.19 -19.33 8.63
N VAL R 122 24.61 -18.26 8.07
CA VAL R 122 24.49 -18.13 6.63
C VAL R 122 25.86 -18.21 5.95
N SER R 123 26.92 -17.73 6.61
CA SER R 123 28.26 -17.84 6.07
C SER R 123 28.78 -19.27 6.05
N ASP R 124 28.40 -20.09 7.04
CA ASP R 124 28.75 -21.51 7.02
C ASP R 124 28.01 -22.24 5.91
N PHE R 125 26.70 -22.02 5.81
CA PHE R 125 25.91 -22.61 4.74
C PHE R 125 26.43 -22.23 3.37
N ARG R 126 26.84 -20.98 3.18
CA ARG R 126 27.45 -20.57 1.92
C ARG R 126 28.73 -21.34 1.63
N ASP R 127 29.70 -21.29 2.55
CA ASP R 127 31.00 -21.92 2.29
C ASP R 127 30.87 -23.43 2.11
N ARG R 128 29.98 -24.06 2.85
CA ARG R 128 29.69 -25.48 2.64
C ARG R 128 29.05 -25.74 1.28
N THR R 129 28.11 -24.89 0.86
CA THR R 129 27.50 -25.04 -0.45
C THR R 129 28.51 -24.89 -1.58
N ILE R 130 29.35 -23.86 -1.52
CA ILE R 130 30.37 -23.67 -2.54
C ILE R 130 31.34 -24.85 -2.56
N GLU R 131 31.69 -25.35 -1.39
CA GLU R 131 32.58 -26.50 -1.28
C GLU R 131 32.02 -27.77 -1.90
N VAL R 132 30.71 -28.00 -1.79
CA VAL R 132 30.14 -29.20 -2.38
C VAL R 132 29.67 -29.01 -3.83
N LEU R 133 29.35 -27.79 -4.26
CA LEU R 133 29.17 -27.56 -5.68
C LEU R 133 30.45 -27.83 -6.47
N LYS R 134 31.59 -27.51 -5.89
CA LYS R 134 32.86 -28.08 -6.32
C LYS R 134 32.99 -29.51 -5.79
N GLY R 135 33.74 -30.33 -6.50
CA GLY R 135 33.94 -31.69 -6.04
C GLY R 135 32.80 -32.66 -6.29
N CYS R 136 31.55 -32.24 -6.12
CA CYS R 136 30.48 -32.91 -6.83
C CYS R 136 30.46 -32.59 -8.32
N GLY R 137 31.29 -31.66 -8.77
CA GLY R 137 31.43 -31.38 -10.20
C GLY R 137 30.19 -30.85 -10.87
N VAL R 138 29.41 -30.03 -10.17
CA VAL R 138 28.19 -29.47 -10.72
C VAL R 138 28.49 -28.57 -11.91
N GLU R 139 27.81 -28.82 -13.02
CA GLU R 139 27.91 -28.03 -14.24
C GLU R 139 26.74 -27.09 -14.43
N MET R 140 25.56 -27.48 -13.98
CA MET R 140 24.33 -26.74 -14.19
C MET R 140 23.49 -26.77 -12.93
N LEU R 141 22.91 -25.63 -12.59
CA LEU R 141 21.94 -25.52 -11.52
C LEU R 141 20.63 -25.02 -12.10
N ILE R 142 19.58 -25.81 -11.98
CA ILE R 142 18.26 -25.43 -12.44
C ILE R 142 17.45 -24.99 -11.22
N ILE R 143 16.93 -23.76 -11.27
CA ILE R 143 16.10 -23.23 -10.21
C ILE R 143 14.70 -23.07 -10.79
N ASP R 144 13.84 -24.02 -10.44
CA ASP R 144 12.47 -24.04 -10.89
C ASP R 144 11.62 -23.11 -10.01
N GLU R 145 10.80 -22.29 -10.65
CA GLU R 145 10.06 -21.21 -10.00
C GLU R 145 10.99 -20.25 -9.28
N ALA R 146 12.05 -19.84 -9.98
CA ALA R 146 13.01 -18.90 -9.45
C ALA R 146 12.39 -17.57 -9.01
N ASP R 147 11.16 -17.26 -9.46
CA ASP R 147 10.44 -16.11 -8.94
C ASP R 147 10.14 -16.21 -7.45
N ARG R 148 10.31 -17.39 -6.84
CA ARG R 148 10.19 -17.55 -5.40
C ARG R 148 11.41 -17.06 -4.62
N LEU R 149 12.53 -16.81 -5.28
CA LEU R 149 13.70 -16.24 -4.63
C LEU R 149 13.40 -14.83 -4.14
N LYS R 150 13.77 -14.55 -2.89
CA LYS R 150 13.85 -13.19 -2.41
C LYS R 150 14.88 -12.40 -3.24
N PRO R 151 14.63 -11.12 -3.49
CA PRO R 151 15.60 -10.31 -4.25
C PRO R 151 17.03 -10.36 -3.74
N GLU R 152 17.25 -10.48 -2.42
CA GLU R 152 18.60 -10.61 -1.89
C GLU R 152 19.27 -11.93 -2.25
N THR R 153 18.53 -13.03 -2.34
CA THR R 153 19.17 -14.31 -2.65
C THR R 153 19.54 -14.46 -4.12
N PHE R 154 19.04 -13.60 -4.99
CA PHE R 154 19.54 -13.54 -6.37
C PHE R 154 21.00 -13.16 -6.46
N ALA R 155 21.52 -12.42 -5.49
CA ALA R 155 22.95 -12.12 -5.46
C ALA R 155 23.80 -13.35 -5.18
N ASP R 156 23.32 -14.24 -4.31
CA ASP R 156 24.03 -15.50 -4.09
C ASP R 156 23.92 -16.44 -5.29
N VAL R 157 22.78 -16.44 -5.97
CA VAL R 157 22.65 -17.17 -7.23
C VAL R 157 23.62 -16.62 -8.28
N ARG R 158 23.69 -15.31 -8.42
CA ARG R 158 24.64 -14.70 -9.35
C ARG R 158 26.09 -15.02 -9.01
N ASP R 159 26.45 -15.03 -7.72
CA ASP R 159 27.80 -15.39 -7.32
C ASP R 159 28.11 -16.87 -7.57
N ILE R 160 27.14 -17.76 -7.39
CA ILE R 160 27.32 -19.15 -7.79
C ILE R 160 27.63 -19.27 -9.28
N ALA R 161 26.87 -18.54 -10.11
CA ALA R 161 27.15 -18.54 -11.55
C ALA R 161 28.48 -17.89 -11.87
N GLU R 162 28.85 -16.82 -11.17
CA GLU R 162 30.06 -16.07 -11.51
C GLU R 162 31.32 -16.75 -10.97
N ASP R 163 31.29 -17.17 -9.71
CA ASP R 163 32.53 -17.62 -9.09
C ASP R 163 32.87 -19.04 -9.47
N LEU R 164 31.86 -19.86 -9.71
CA LEU R 164 32.08 -21.22 -10.21
C LEU R 164 31.72 -21.25 -11.69
N GLY R 165 32.20 -22.28 -12.37
CA GLY R 165 31.78 -22.48 -13.74
C GLY R 165 30.44 -23.17 -13.86
N ILE R 166 29.35 -22.52 -13.45
CA ILE R 166 28.06 -23.17 -13.38
C ILE R 166 27.06 -22.38 -14.21
N ALA R 167 26.40 -23.08 -15.14
CA ALA R 167 25.24 -22.58 -15.87
C ALA R 167 24.01 -22.63 -14.97
N VAL R 168 23.51 -21.48 -14.58
CA VAL R 168 22.28 -21.41 -13.81
C VAL R 168 21.10 -21.20 -14.76
N VAL R 169 20.07 -22.03 -14.59
CA VAL R 169 18.86 -21.96 -15.38
C VAL R 169 17.70 -21.57 -14.48
N LEU R 170 17.17 -20.37 -14.68
CA LEU R 170 15.97 -19.93 -13.97
C LEU R 170 14.73 -20.35 -14.75
N VAL R 171 13.79 -20.99 -14.07
CA VAL R 171 12.56 -21.47 -14.69
C VAL R 171 11.38 -20.79 -14.00
N GLY R 172 10.44 -20.30 -14.79
CA GLY R 172 9.25 -19.67 -14.23
C GLY R 172 8.26 -19.35 -15.32
N THR R 173 7.10 -18.86 -14.89
CA THR R 173 6.16 -18.24 -15.80
C THR R 173 6.53 -16.78 -16.01
N ASP R 174 5.70 -16.03 -16.72
CA ASP R 174 5.98 -14.63 -17.00
C ASP R 174 6.13 -13.78 -15.74
N ARG R 175 5.70 -14.28 -14.58
CA ARG R 175 6.00 -13.62 -13.30
C ARG R 175 7.49 -13.57 -13.02
N LEU R 176 8.25 -14.52 -13.55
CA LEU R 176 9.72 -14.45 -13.44
C LEU R 176 10.29 -13.32 -14.28
N ASP R 177 9.81 -13.15 -15.50
CA ASP R 177 10.29 -12.08 -16.37
C ASP R 177 10.14 -10.70 -15.75
N ALA R 178 9.08 -10.47 -14.97
CA ALA R 178 8.94 -9.22 -14.23
C ALA R 178 9.96 -9.09 -13.12
N VAL R 179 10.05 -10.09 -12.24
CA VAL R 179 10.99 -10.08 -11.11
C VAL R 179 12.43 -9.88 -11.57
N ILE R 180 12.81 -10.52 -12.67
CA ILE R 180 14.14 -10.36 -13.22
C ILE R 180 14.40 -8.92 -13.68
N LYS R 181 13.42 -8.30 -14.34
CA LYS R 181 13.59 -6.93 -14.83
C LYS R 181 13.81 -5.90 -13.73
N ARG R 182 13.38 -6.18 -12.51
CA ARG R 182 13.59 -5.29 -11.38
C ARG R 182 15.04 -5.22 -10.90
N ASP R 183 15.92 -6.11 -11.35
CA ASP R 183 17.34 -6.02 -10.99
C ASP R 183 18.19 -6.09 -12.24
N GLU R 184 18.77 -4.95 -12.61
CA GLU R 184 19.66 -4.82 -13.76
C GLU R 184 20.73 -5.92 -13.81
N GLN R 185 21.30 -6.27 -12.67
CA GLN R 185 22.41 -7.24 -12.66
C GLN R 185 21.93 -8.67 -12.91
N VAL R 186 20.72 -9.01 -12.50
CA VAL R 186 20.14 -10.31 -12.86
C VAL R 186 19.68 -10.31 -14.29
N LEU R 187 18.89 -9.31 -14.69
CA LEU R 187 18.39 -9.23 -16.06
C LEU R 187 19.50 -9.33 -17.09
N GLU R 188 20.62 -8.66 -16.86
CA GLU R 188 21.71 -8.62 -17.81
C GLU R 188 22.56 -9.88 -17.82
N ARG R 189 22.43 -10.74 -16.81
CA ARG R 189 23.08 -12.04 -16.79
C ARG R 189 22.24 -13.18 -17.36
N PHE R 190 20.92 -13.11 -17.23
CA PHE R 190 20.01 -14.19 -17.59
C PHE R 190 19.17 -13.92 -18.84
N ARG R 191 19.60 -13.03 -19.73
CA ARG R 191 18.71 -12.63 -20.82
C ARG R 191 18.59 -13.66 -21.95
N ALA R 192 19.54 -14.56 -22.14
CA ALA R 192 19.31 -15.67 -23.05
C ALA R 192 18.18 -16.54 -22.52
N HIS R 193 17.21 -16.85 -23.38
CA HIS R 193 16.02 -17.56 -22.92
C HIS R 193 15.53 -18.55 -23.97
N LEU R 194 14.72 -19.49 -23.48
CA LEU R 194 13.89 -20.37 -24.27
C LEU R 194 12.43 -20.14 -23.90
N ARG R 195 11.56 -20.18 -24.89
CA ARG R 195 10.12 -20.06 -24.67
C ARG R 195 9.46 -21.43 -24.77
N PHE R 196 8.67 -21.76 -23.78
CA PHE R 196 7.96 -23.04 -23.70
C PHE R 196 6.49 -22.82 -24.04
N GLY R 197 6.02 -23.45 -25.11
CA GLY R 197 4.76 -23.09 -25.72
C GLY R 197 3.59 -24.01 -25.43
N LYS R 198 2.40 -23.47 -25.66
CA LYS R 198 1.20 -24.26 -25.92
C LYS R 198 1.40 -25.19 -27.11
N LEU R 199 0.65 -26.29 -27.10
CA LEU R 199 0.46 -27.10 -28.29
C LEU R 199 -0.56 -26.45 -29.20
N SER R 200 -0.43 -26.70 -30.50
CA SER R 200 -1.51 -26.37 -31.43
C SER R 200 -1.44 -27.27 -32.67
N GLY R 201 -2.56 -27.31 -33.38
CA GLY R 201 -2.60 -27.90 -34.71
C GLY R 201 -2.17 -29.36 -34.79
N GLU R 202 -1.22 -29.63 -35.69
CA GLU R 202 -0.71 -30.98 -35.87
C GLU R 202 -0.01 -31.53 -34.64
N ASP R 203 0.68 -30.69 -33.88
CA ASP R 203 1.31 -31.15 -32.66
C ASP R 203 0.27 -31.64 -31.65
N PHE R 204 -0.83 -30.91 -31.52
CA PHE R 204 -1.89 -31.32 -30.61
C PHE R 204 -2.57 -32.60 -31.06
N LYS R 205 -2.92 -32.68 -32.34
CA LYS R 205 -3.47 -33.91 -32.91
C LYS R 205 -2.59 -35.12 -32.63
N ASN R 206 -1.29 -35.00 -32.91
CA ASN R 206 -0.37 -36.11 -32.64
C ASN R 206 -0.30 -36.46 -31.17
N THR R 207 -0.22 -35.44 -30.30
CA THR R 207 -0.11 -35.67 -28.86
C THR R 207 -1.34 -36.37 -28.30
N VAL R 208 -2.54 -35.99 -28.76
CA VAL R 208 -3.76 -36.64 -28.29
C VAL R 208 -3.74 -38.14 -28.61
N GLU R 209 -3.39 -38.48 -29.85
CA GLU R 209 -3.24 -39.89 -30.22
C GLU R 209 -2.14 -40.58 -29.42
N MET R 210 -1.04 -39.87 -29.16
CA MET R 210 0.04 -40.42 -28.34
C MET R 210 -0.37 -40.66 -26.89
N TRP R 211 -1.22 -39.80 -26.33
CA TRP R 211 -1.77 -40.07 -24.99
C TRP R 211 -2.63 -41.32 -24.98
N GLU R 212 -3.49 -41.49 -25.98
CA GLU R 212 -4.31 -42.70 -26.06
C GLU R 212 -3.45 -43.96 -26.17
N GLN R 213 -2.39 -43.90 -26.98
CA GLN R 213 -1.46 -45.03 -27.07
C GLN R 213 -0.64 -45.23 -25.80
N MET R 214 -0.06 -44.16 -25.25
CA MET R 214 1.00 -44.34 -24.26
C MET R 214 0.57 -44.12 -22.82
N VAL R 215 -0.48 -43.35 -22.56
CA VAL R 215 -0.87 -43.01 -21.20
C VAL R 215 -2.14 -43.73 -20.79
N LEU R 216 -3.20 -43.59 -21.58
CA LEU R 216 -4.50 -44.14 -21.19
C LEU R 216 -4.48 -45.66 -21.25
N LYS R 217 -4.04 -46.21 -22.38
CA LYS R 217 -3.81 -47.66 -22.53
C LYS R 217 -5.03 -48.47 -22.11
N LEU R 218 -6.21 -47.94 -22.44
CA LEU R 218 -7.45 -48.59 -22.09
C LEU R 218 -7.68 -49.84 -22.97
N PRO R 219 -8.54 -50.76 -22.52
CA PRO R 219 -8.85 -51.95 -23.34
C PRO R 219 -9.28 -51.68 -24.77
N VAL R 220 -9.98 -50.58 -25.02
CA VAL R 220 -10.56 -50.30 -26.33
C VAL R 220 -10.23 -48.88 -26.74
N SER R 221 -10.01 -48.67 -28.04
CA SER R 221 -9.65 -47.36 -28.55
C SER R 221 -10.82 -46.39 -28.43
N SER R 222 -10.50 -45.17 -28.01
CA SER R 222 -11.44 -44.06 -27.98
C SER R 222 -11.43 -43.22 -29.24
N ASN R 223 -10.39 -43.33 -30.05
CA ASN R 223 -10.20 -42.54 -31.26
C ASN R 223 -10.35 -41.05 -30.98
N LEU R 224 -9.61 -40.59 -29.97
CA LEU R 224 -9.71 -39.21 -29.50
C LEU R 224 -9.29 -38.22 -30.57
N LYS R 225 -8.57 -38.68 -31.59
CA LYS R 225 -8.24 -37.94 -32.80
C LYS R 225 -9.44 -37.67 -33.69
N SER R 226 -10.57 -38.36 -33.48
CA SER R 226 -11.75 -38.12 -34.29
C SER R 226 -12.26 -36.69 -34.15
N LYS R 227 -12.82 -36.18 -35.24
CA LYS R 227 -13.24 -34.77 -35.35
C LYS R 227 -13.98 -34.27 -34.12
N GLU R 228 -15.01 -34.99 -33.69
CA GLU R 228 -15.76 -34.57 -32.50
C GLU R 228 -14.89 -34.59 -31.26
N MET R 229 -14.25 -35.72 -30.99
CA MET R 229 -13.42 -35.83 -29.79
C MET R 229 -12.27 -34.83 -29.81
N LEU R 230 -11.62 -34.67 -30.96
CA LEU R 230 -10.50 -33.75 -31.08
C LEU R 230 -10.94 -32.28 -30.96
N ARG R 231 -12.16 -31.97 -31.38
CA ARG R 231 -12.69 -30.61 -31.23
C ARG R 231 -13.12 -30.33 -29.80
N ILE R 232 -13.77 -31.30 -29.14
CA ILE R 232 -14.06 -31.17 -27.72
C ILE R 232 -12.77 -31.00 -26.93
N LEU R 233 -11.76 -31.84 -27.19
CA LEU R 233 -10.49 -31.72 -26.51
C LEU R 233 -9.80 -30.38 -26.79
N THR R 234 -9.80 -29.93 -28.04
CA THR R 234 -9.16 -28.65 -28.35
C THR R 234 -9.79 -27.51 -27.56
N SER R 235 -11.11 -27.50 -27.44
CA SER R 235 -11.80 -26.41 -26.76
C SER R 235 -11.47 -26.39 -25.26
N ALA R 236 -11.55 -27.55 -24.61
CA ALA R 236 -11.26 -27.62 -23.18
C ALA R 236 -9.77 -27.51 -22.87
N THR R 237 -8.91 -28.11 -23.69
CA THR R 237 -7.48 -28.14 -23.38
C THR R 237 -6.80 -26.80 -23.68
N GLU R 238 -7.22 -26.14 -24.75
CA GLU R 238 -6.61 -24.89 -25.23
C GLU R 238 -5.11 -25.01 -25.50
N GLY R 239 -4.61 -26.23 -25.71
CA GLY R 239 -3.20 -26.45 -25.92
C GLY R 239 -2.35 -26.61 -24.68
N TYR R 240 -2.92 -26.50 -23.49
CA TYR R 240 -2.17 -26.77 -22.26
C TYR R 240 -2.01 -28.27 -22.06
N ILE R 241 -0.75 -28.73 -22.00
CA ILE R 241 -0.50 -30.15 -21.81
C ILE R 241 -1.04 -30.61 -20.46
N GLY R 242 -1.04 -29.73 -19.45
CA GLY R 242 -1.60 -30.07 -18.16
C GLY R 242 -3.09 -30.29 -18.16
N ARG R 243 -3.83 -29.50 -18.93
CA ARG R 243 -5.26 -29.77 -19.09
C ARG R 243 -5.53 -31.08 -19.80
N LEU R 244 -4.80 -31.37 -20.86
CA LEU R 244 -5.00 -32.61 -21.60
C LEU R 244 -4.78 -33.84 -20.72
N ASP R 245 -3.69 -33.87 -19.96
CA ASP R 245 -3.42 -35.01 -19.09
C ASP R 245 -4.51 -35.19 -18.04
N GLU R 246 -4.91 -34.12 -17.36
CA GLU R 246 -5.91 -34.24 -16.30
C GLU R 246 -7.31 -34.47 -16.82
N ILE R 247 -7.63 -34.01 -18.03
CA ILE R 247 -8.91 -34.32 -18.63
C ILE R 247 -8.98 -35.78 -19.06
N LEU R 248 -7.98 -36.24 -19.79
CA LEU R 248 -8.01 -37.61 -20.29
C LEU R 248 -7.94 -38.65 -19.19
N ARG R 249 -7.10 -38.45 -18.18
CA ARG R 249 -7.04 -39.39 -17.07
C ARG R 249 -8.33 -39.45 -16.27
N GLU R 250 -8.93 -38.30 -15.96
CA GLU R 250 -10.22 -38.31 -15.28
C GLU R 250 -11.33 -38.90 -16.13
N ALA R 251 -11.33 -38.61 -17.43
CA ALA R 251 -12.31 -39.21 -18.33
C ALA R 251 -12.18 -40.73 -18.38
N ALA R 252 -10.94 -41.23 -18.39
CA ALA R 252 -10.71 -42.67 -18.33
C ALA R 252 -11.18 -43.27 -17.01
N ILE R 253 -10.81 -42.66 -15.88
CA ILE R 253 -11.21 -43.18 -14.57
C ILE R 253 -12.72 -43.19 -14.42
N ARG R 254 -13.40 -42.14 -14.85
CA ARG R 254 -14.87 -42.14 -14.84
C ARG R 254 -15.43 -43.25 -15.73
N SER R 255 -14.94 -43.35 -16.96
CA SER R 255 -15.45 -44.34 -17.90
C SER R 255 -15.29 -45.77 -17.39
N LEU R 256 -14.11 -46.10 -16.86
CA LEU R 256 -13.90 -47.41 -16.24
C LEU R 256 -14.76 -47.62 -14.99
N SER R 257 -14.91 -46.60 -14.15
CA SER R 257 -15.68 -46.77 -12.92
C SER R 257 -17.14 -47.10 -13.19
N ARG R 258 -17.74 -46.46 -14.19
CA ARG R 258 -19.09 -46.80 -14.62
C ARG R 258 -19.15 -47.91 -15.67
N GLY R 259 -18.05 -48.62 -15.88
CA GLY R 259 -18.07 -49.88 -16.59
C GLY R 259 -17.87 -49.86 -18.09
N LEU R 260 -17.53 -48.72 -18.68
CA LEU R 260 -17.21 -48.71 -20.09
C LEU R 260 -15.80 -49.25 -20.35
N LYS R 261 -15.59 -49.71 -21.57
CA LYS R 261 -14.31 -50.22 -22.03
C LYS R 261 -13.39 -49.11 -22.56
N LYS R 262 -13.92 -47.91 -22.71
CA LYS R 262 -13.26 -46.83 -23.41
C LYS R 262 -13.81 -45.50 -22.88
N ILE R 263 -13.09 -44.42 -23.14
CA ILE R 263 -13.71 -43.10 -23.10
C ILE R 263 -14.70 -42.95 -24.26
N ASP R 264 -15.86 -42.35 -23.97
CA ASP R 264 -16.79 -41.98 -25.02
C ASP R 264 -17.21 -40.53 -24.86
N LYS R 265 -17.80 -40.01 -25.95
CA LYS R 265 -18.07 -38.58 -26.09
C LYS R 265 -18.84 -38.01 -24.92
N ALA R 266 -19.84 -38.75 -24.42
CA ALA R 266 -20.62 -38.30 -23.27
C ALA R 266 -19.76 -38.11 -22.02
N VAL R 267 -18.97 -39.12 -21.65
CA VAL R 267 -18.09 -38.99 -20.49
C VAL R 267 -17.02 -37.94 -20.72
N LEU R 268 -16.44 -37.89 -21.92
CA LEU R 268 -15.47 -36.85 -22.25
C LEU R 268 -16.08 -35.45 -22.13
N GLN R 269 -17.32 -35.28 -22.57
CA GLN R 269 -17.99 -33.99 -22.54
C GLN R 269 -18.46 -33.58 -21.13
N GLU R 270 -18.79 -34.55 -20.28
CA GLU R 270 -18.99 -34.27 -18.86
C GLU R 270 -17.75 -33.66 -18.22
N VAL R 271 -16.58 -34.26 -18.45
CA VAL R 271 -15.35 -33.73 -17.87
C VAL R 271 -14.99 -32.37 -18.46
N ALA R 272 -15.11 -32.21 -19.78
CA ALA R 272 -14.78 -30.93 -20.39
C ALA R 272 -15.71 -29.81 -19.94
N LYS R 273 -16.96 -30.12 -19.59
CA LYS R 273 -17.91 -29.10 -19.17
C LYS R 273 -17.55 -28.47 -17.84
N GLU R 274 -16.67 -29.09 -17.05
CA GLU R 274 -16.25 -28.51 -15.77
C GLU R 274 -15.21 -27.43 -15.92
N TYR R 275 -14.63 -27.26 -17.09
CA TYR R 275 -13.60 -26.26 -17.33
C TYR R 275 -14.17 -24.98 -17.93
N GLU S 19 -38.63 -27.86 30.90
CA GLU S 19 -39.89 -27.42 30.31
C GLU S 19 -39.90 -27.70 28.81
N TRP S 20 -41.04 -28.19 28.32
CA TRP S 20 -41.17 -28.61 26.94
C TRP S 20 -40.86 -27.47 25.96
N LEU S 21 -41.37 -26.26 26.23
CA LEU S 21 -41.13 -25.15 25.33
C LEU S 21 -39.64 -24.85 25.19
N GLN S 22 -38.93 -24.75 26.32
CA GLN S 22 -37.49 -24.56 26.30
C GLN S 22 -36.73 -25.71 25.66
N ALA S 23 -37.24 -26.94 25.81
CA ALA S 23 -36.63 -28.07 25.12
C ALA S 23 -36.83 -28.00 23.60
N GLU S 24 -38.03 -27.65 23.15
CA GLU S 24 -38.26 -27.47 21.72
C GLU S 24 -37.49 -26.28 21.15
N ILE S 25 -37.40 -25.18 21.91
CA ILE S 25 -36.57 -24.05 21.50
C ILE S 25 -35.09 -24.42 21.43
N ALA S 26 -34.61 -25.21 22.38
CA ALA S 26 -33.21 -25.65 22.34
C ALA S 26 -32.91 -26.51 21.13
N ARG S 27 -33.86 -27.33 20.68
CA ARG S 27 -33.71 -28.07 19.43
C ARG S 27 -33.74 -27.17 18.21
N LEU S 28 -34.77 -26.33 18.10
CA LEU S 28 -34.95 -25.53 16.89
C LEU S 28 -33.87 -24.47 16.71
N LYS S 29 -33.39 -23.87 17.79
CA LYS S 29 -32.27 -22.95 17.63
C LYS S 29 -30.99 -23.65 17.19
N GLY S 30 -30.95 -24.97 17.21
CA GLY S 30 -29.76 -25.71 16.82
C GLY S 30 -29.59 -25.76 15.30
N LYS S 31 -28.84 -26.76 14.86
CA LYS S 31 -28.50 -26.93 13.45
C LYS S 31 -28.52 -28.41 13.10
N SER S 32 -28.86 -28.70 11.84
CA SER S 32 -28.99 -30.07 11.37
C SER S 32 -28.61 -30.13 9.89
N ILE S 33 -28.33 -31.34 9.41
CA ILE S 33 -27.93 -31.59 8.03
C ILE S 33 -29.05 -32.39 7.37
N VAL S 34 -29.58 -31.85 6.27
CA VAL S 34 -30.67 -32.45 5.51
C VAL S 34 -30.12 -33.08 4.24
N PRO S 35 -30.46 -34.32 3.93
CA PRO S 35 -30.06 -34.95 2.67
C PRO S 35 -30.64 -34.30 1.42
N LEU S 36 -30.25 -33.06 1.13
CA LEU S 36 -30.66 -32.40 -0.09
C LEU S 36 -29.91 -32.97 -1.30
N GLN S 37 -30.51 -32.79 -2.48
CA GLN S 37 -29.92 -33.26 -3.73
C GLN S 37 -28.62 -32.56 -4.07
N GLN S 38 -28.50 -31.27 -3.73
CA GLN S 38 -27.27 -30.53 -3.97
C GLN S 38 -26.10 -31.13 -3.19
N VAL S 39 -26.36 -31.57 -1.96
CA VAL S 39 -25.34 -32.21 -1.14
C VAL S 39 -24.91 -33.55 -1.74
N LYS S 40 -25.89 -34.38 -2.11
CA LYS S 40 -25.61 -35.63 -2.82
C LYS S 40 -24.81 -35.42 -4.09
N THR S 41 -25.14 -34.40 -4.88
CA THR S 41 -24.40 -34.09 -6.10
C THR S 41 -22.93 -33.75 -5.82
N LEU S 42 -22.68 -32.93 -4.81
CA LEU S 42 -21.30 -32.63 -4.41
C LEU S 42 -20.55 -33.87 -3.96
N HIS S 43 -21.17 -34.71 -3.13
CA HIS S 43 -20.47 -35.88 -2.61
C HIS S 43 -20.03 -36.84 -3.72
N ASP S 44 -20.90 -37.09 -4.70
CA ASP S 44 -20.50 -37.92 -5.84
C ASP S 44 -19.38 -37.27 -6.64
N TRP S 45 -19.43 -35.96 -6.80
CA TRP S 45 -18.38 -35.24 -7.50
C TRP S 45 -17.06 -35.28 -6.74
N LEU S 46 -17.10 -35.05 -5.42
CA LEU S 46 -15.90 -35.15 -4.60
C LEU S 46 -15.33 -36.56 -4.55
N ASP S 47 -16.19 -37.59 -4.56
CA ASP S 47 -15.69 -38.96 -4.68
C ASP S 47 -14.91 -39.19 -5.97
N GLY S 48 -15.40 -38.67 -7.09
CA GLY S 48 -14.65 -38.75 -8.32
C GLY S 48 -13.32 -38.01 -8.31
N LYS S 49 -13.31 -36.81 -7.75
CA LYS S 49 -12.07 -36.05 -7.60
C LYS S 49 -11.09 -36.73 -6.66
N ARG S 50 -11.58 -37.35 -5.60
CA ARG S 50 -10.70 -38.06 -4.67
C ARG S 50 -10.10 -39.31 -5.31
N LYS S 51 -10.88 -40.10 -6.05
CA LYS S 51 -10.32 -41.22 -6.82
C LYS S 51 -9.20 -40.76 -7.74
N ALA S 52 -9.43 -39.67 -8.49
CA ALA S 52 -8.46 -39.19 -9.46
C ALA S 52 -7.38 -38.32 -8.84
N ARG S 53 -7.46 -38.03 -7.54
CA ARG S 53 -6.57 -37.07 -6.87
C ARG S 53 -6.50 -35.74 -7.61
N LYS S 54 -7.66 -35.29 -8.10
CA LYS S 54 -7.74 -34.12 -8.96
C LYS S 54 -8.17 -32.91 -8.16
N SER S 55 -7.35 -31.86 -8.19
CA SER S 55 -7.64 -30.62 -7.51
C SER S 55 -8.70 -29.83 -8.27
N CYS S 56 -9.51 -29.08 -7.52
CA CYS S 56 -10.70 -28.45 -8.08
C CYS S 56 -11.16 -27.35 -7.13
N ARG S 57 -12.19 -26.61 -7.54
CA ARG S 57 -12.84 -25.64 -6.67
C ARG S 57 -14.34 -25.84 -6.62
N VAL S 58 -14.93 -25.54 -5.47
CA VAL S 58 -16.38 -25.45 -5.31
C VAL S 58 -16.75 -24.00 -5.08
N VAL S 59 -17.61 -23.47 -5.94
CA VAL S 59 -17.96 -22.05 -5.93
C VAL S 59 -19.47 -21.91 -5.90
N GLY S 60 -19.93 -20.88 -5.21
CA GLY S 60 -21.34 -20.57 -5.18
C GLY S 60 -21.59 -19.40 -4.24
N GLU S 61 -22.73 -18.75 -4.46
CA GLU S 61 -23.13 -17.62 -3.63
C GLU S 61 -23.21 -18.03 -2.16
N SER S 62 -23.10 -17.03 -1.29
CA SER S 62 -23.18 -17.25 0.14
C SER S 62 -24.50 -17.92 0.55
N ARG S 63 -24.39 -18.82 1.53
CA ARG S 63 -25.51 -19.50 2.19
C ARG S 63 -26.31 -20.38 1.24
N THR S 64 -25.71 -20.82 0.15
CA THR S 64 -26.22 -21.89 -0.68
C THR S 64 -25.97 -23.28 -0.11
N GLY S 65 -25.20 -23.40 0.97
CA GLY S 65 -25.01 -24.67 1.64
C GLY S 65 -23.71 -25.38 1.37
N LYS S 66 -22.72 -24.70 0.78
CA LYS S 66 -21.45 -25.32 0.45
C LYS S 66 -20.74 -25.86 1.69
N THR S 67 -20.63 -25.05 2.73
CA THR S 67 -19.94 -25.46 3.96
C THR S 67 -20.63 -26.65 4.62
N VAL S 68 -21.96 -26.62 4.73
CA VAL S 68 -22.67 -27.78 5.26
C VAL S 68 -22.42 -29.03 4.43
N ALA S 69 -22.41 -28.89 3.11
CA ALA S 69 -22.19 -30.05 2.24
C ALA S 69 -20.78 -30.60 2.33
N CYS S 70 -19.77 -29.74 2.46
CA CYS S 70 -18.40 -30.20 2.68
C CYS S 70 -18.21 -30.79 4.06
N ASP S 71 -18.83 -30.20 5.08
CA ASP S 71 -18.77 -30.77 6.42
C ASP S 71 -19.42 -32.15 6.50
N ALA S 72 -20.56 -32.32 5.85
CA ALA S 72 -21.17 -33.65 5.72
C ALA S 72 -20.28 -34.65 5.00
N TYR S 73 -19.41 -34.19 4.09
CA TYR S 73 -18.53 -35.10 3.38
C TYR S 73 -17.46 -35.69 4.28
N ARG S 74 -16.79 -34.86 5.08
CA ARG S 74 -15.74 -35.37 5.95
C ARG S 74 -16.27 -36.34 7.00
N TYR S 75 -17.50 -36.15 7.47
CA TYR S 75 -18.12 -37.12 8.37
C TYR S 75 -18.35 -38.46 7.71
N ARG S 76 -18.74 -38.46 6.44
CA ARG S 76 -18.95 -39.70 5.71
C ARG S 76 -17.64 -40.43 5.42
N HIS S 77 -16.52 -39.73 5.41
CA HIS S 77 -15.20 -40.29 5.18
C HIS S 77 -14.27 -40.01 6.36
N LYS S 78 -14.80 -40.22 7.57
CA LYS S 78 -14.13 -39.89 8.81
C LYS S 78 -12.85 -40.71 9.01
N PRO S 79 -11.97 -40.24 9.90
CA PRO S 79 -10.77 -41.00 10.26
C PRO S 79 -11.04 -42.46 10.62
N GLN S 80 -10.23 -43.34 10.06
CA GLN S 80 -10.30 -44.78 10.30
C GLN S 80 -9.15 -45.17 11.23
N GLN S 81 -9.50 -45.81 12.34
CA GLN S 81 -8.54 -46.20 13.35
C GLN S 81 -7.83 -47.50 12.98
N GLU S 82 -6.54 -47.57 13.30
CA GLU S 82 -5.77 -48.80 13.33
C GLU S 82 -4.93 -48.82 14.60
N ALA S 83 -4.89 -49.98 15.25
CA ALA S 83 -4.37 -50.09 16.60
C ALA S 83 -2.91 -49.66 16.68
N GLY S 84 -2.65 -48.59 17.43
CA GLY S 84 -1.32 -48.04 17.63
C GLY S 84 -0.73 -47.29 16.46
N ARG S 85 -1.42 -47.21 15.35
CA ARG S 85 -1.02 -46.36 14.24
C ARG S 85 -1.59 -44.96 14.43
N PRO S 86 -1.02 -43.95 13.77
CA PRO S 86 -1.77 -42.72 13.54
C PRO S 86 -2.99 -42.99 12.69
N PRO S 87 -4.04 -42.17 12.83
CA PRO S 87 -5.28 -42.43 12.09
C PRO S 87 -5.11 -42.30 10.59
N THR S 88 -5.78 -43.18 9.85
CA THR S 88 -5.89 -43.04 8.40
C THR S 88 -7.04 -42.08 8.10
N VAL S 89 -6.71 -40.94 7.50
CA VAL S 89 -7.66 -39.83 7.37
C VAL S 89 -7.80 -39.44 5.91
N PRO S 90 -8.73 -40.04 5.17
CA PRO S 90 -8.82 -39.75 3.73
C PRO S 90 -9.06 -38.29 3.41
N VAL S 91 -10.01 -37.65 4.10
CA VAL S 91 -10.38 -36.26 3.85
C VAL S 91 -9.96 -35.42 5.05
N VAL S 92 -9.17 -34.40 4.81
CA VAL S 92 -8.92 -33.31 5.75
C VAL S 92 -9.75 -32.11 5.34
N TYR S 93 -10.47 -31.53 6.28
CA TYR S 93 -11.21 -30.30 6.06
C TYR S 93 -10.69 -29.22 7.00
N ILE S 94 -10.38 -28.05 6.45
CA ILE S 94 -9.95 -26.90 7.24
C ILE S 94 -10.70 -25.67 6.76
N ARG S 95 -11.11 -24.82 7.69
CA ARG S 95 -11.38 -23.43 7.35
C ARG S 95 -10.29 -22.54 7.92
N PRO S 96 -9.42 -21.97 7.08
CA PRO S 96 -8.39 -21.04 7.57
C PRO S 96 -8.99 -19.83 8.27
N HIS S 97 -8.24 -19.29 9.21
CA HIS S 97 -8.53 -17.97 9.73
C HIS S 97 -8.17 -16.91 8.69
N GLN S 98 -8.76 -15.72 8.86
CA GLN S 98 -8.46 -14.60 7.99
C GLN S 98 -6.96 -14.33 7.91
N LYS S 99 -6.51 -13.93 6.73
CA LYS S 99 -5.09 -13.71 6.42
C LYS S 99 -4.22 -14.92 6.80
N CYS S 100 -4.67 -16.11 6.44
CA CYS S 100 -3.91 -17.32 6.73
C CYS S 100 -2.57 -17.32 6.00
N GLY S 101 -1.48 -17.27 6.77
CA GLY S 101 -0.17 -17.51 6.22
C GLY S 101 0.19 -18.99 6.20
N PRO S 102 1.38 -19.31 5.70
CA PRO S 102 1.76 -20.73 5.62
C PRO S 102 1.86 -21.44 6.96
N LYS S 103 2.40 -20.78 7.99
CA LYS S 103 2.48 -21.40 9.31
C LYS S 103 1.09 -21.72 9.86
N ASP S 104 0.13 -20.81 9.65
CA ASP S 104 -1.24 -21.05 10.07
C ASP S 104 -1.87 -22.22 9.32
N LEU S 105 -1.64 -22.31 8.02
CA LEU S 105 -2.11 -23.43 7.23
C LEU S 105 -1.54 -24.75 7.74
N PHE S 106 -0.23 -24.80 7.95
CA PHE S 106 0.41 -26.00 8.47
C PHE S 106 -0.12 -26.40 9.85
N LYS S 107 -0.36 -25.42 10.72
CA LYS S 107 -0.99 -25.69 12.01
C LYS S 107 -2.41 -26.22 11.85
N LYS S 108 -3.19 -25.59 10.99
CA LYS S 108 -4.53 -26.08 10.70
C LYS S 108 -4.53 -27.54 10.24
N ILE S 109 -3.64 -27.91 9.32
CA ILE S 109 -3.62 -29.28 8.81
C ILE S 109 -3.10 -30.26 9.86
N THR S 110 -1.98 -29.93 10.51
CA THR S 110 -1.37 -30.85 11.47
C THR S 110 -2.27 -31.12 12.67
N GLU S 111 -2.97 -30.09 13.17
CA GLU S 111 -3.89 -30.28 14.28
C GLU S 111 -5.20 -30.94 13.89
N TYR S 112 -5.61 -30.88 12.63
CA TYR S 112 -6.74 -31.71 12.21
C TYR S 112 -6.40 -33.19 12.29
N LEU S 113 -5.18 -33.55 11.93
CA LEU S 113 -4.65 -34.91 12.00
C LEU S 113 -4.29 -35.36 13.43
N LYS S 114 -4.71 -34.64 14.48
CA LYS S 114 -4.56 -35.00 15.89
C LYS S 114 -3.14 -34.93 16.39
N TYR S 115 -2.25 -34.25 15.69
CA TYR S 115 -0.92 -33.91 16.19
C TYR S 115 -0.95 -32.52 16.81
N ARG S 116 0.07 -32.24 17.61
CA ARG S 116 0.25 -30.92 18.21
C ARG S 116 1.48 -30.29 17.59
N VAL S 117 1.34 -29.03 17.15
CA VAL S 117 2.47 -28.32 16.60
C VAL S 117 3.46 -27.97 17.71
N THR S 118 4.74 -28.09 17.40
CA THR S 118 5.80 -27.62 18.28
C THR S 118 6.38 -26.35 17.71
N LYS S 119 6.59 -25.36 18.58
CA LYS S 119 7.16 -24.08 18.19
C LYS S 119 8.40 -24.28 17.31
N GLY S 120 8.42 -23.63 16.15
CA GLY S 120 9.48 -23.89 15.20
C GLY S 120 9.43 -22.91 14.04
N THR S 121 10.38 -23.08 13.14
CA THR S 121 10.40 -22.30 11.90
C THR S 121 9.29 -22.75 10.96
N VAL S 122 9.00 -21.91 9.97
CA VAL S 122 8.09 -22.28 8.89
C VAL S 122 8.55 -23.56 8.20
N SER S 123 9.87 -23.75 8.07
CA SER S 123 10.39 -25.00 7.51
C SER S 123 10.07 -26.21 8.40
N ASP S 124 10.21 -26.07 9.71
CA ASP S 124 9.82 -27.14 10.62
C ASP S 124 8.33 -27.46 10.51
N PHE S 125 7.50 -26.43 10.45
CA PHE S 125 6.06 -26.64 10.31
C PHE S 125 5.71 -27.31 8.98
N ARG S 126 6.37 -26.90 7.90
CA ARG S 126 6.15 -27.54 6.60
C ARG S 126 6.51 -29.02 6.62
N ASP S 127 7.72 -29.35 7.08
CA ASP S 127 8.17 -30.75 7.05
C ASP S 127 7.34 -31.66 7.92
N ARG S 128 6.90 -31.19 9.07
CA ARG S 128 6.00 -31.98 9.91
C ARG S 128 4.62 -32.16 9.26
N THR S 129 4.09 -31.13 8.61
CA THR S 129 2.83 -31.27 7.91
C THR S 129 2.92 -32.29 6.77
N ILE S 130 3.95 -32.19 5.95
CA ILE S 130 4.19 -33.18 4.90
C ILE S 130 4.32 -34.59 5.47
N GLU S 131 5.05 -34.74 6.58
CA GLU S 131 5.18 -36.06 7.19
C GLU S 131 3.86 -36.62 7.68
N VAL S 132 2.94 -35.78 8.15
CA VAL S 132 1.66 -36.30 8.62
C VAL S 132 0.61 -36.39 7.53
N LEU S 133 0.74 -35.64 6.44
CA LEU S 133 -0.12 -35.85 5.28
C LEU S 133 0.13 -37.21 4.64
N LYS S 134 1.39 -37.62 4.58
CA LYS S 134 1.75 -39.02 4.45
C LYS S 134 1.53 -39.74 5.77
N GLY S 135 1.39 -41.05 5.70
CA GLY S 135 1.20 -41.81 6.92
C GLY S 135 -0.20 -41.75 7.50
N CYS S 136 -0.82 -40.59 7.54
CA CYS S 136 -2.28 -40.52 7.67
C CYS S 136 -2.99 -40.82 6.35
N GLY S 137 -2.28 -40.93 5.24
CA GLY S 137 -2.88 -41.36 3.99
C GLY S 137 -3.95 -40.42 3.49
N VAL S 138 -3.76 -39.12 3.70
CA VAL S 138 -4.70 -38.10 3.25
C VAL S 138 -4.83 -38.14 1.72
N GLU S 139 -6.06 -38.19 1.24
CA GLU S 139 -6.32 -38.21 -0.18
C GLU S 139 -6.78 -36.86 -0.70
N MET S 140 -7.57 -36.14 0.10
CA MET S 140 -8.19 -34.89 -0.30
C MET S 140 -8.10 -33.89 0.86
N LEU S 141 -7.72 -32.66 0.53
CA LEU S 141 -7.71 -31.53 1.45
C LEU S 141 -8.72 -30.49 0.97
N ILE S 142 -9.79 -30.31 1.73
CA ILE S 142 -10.77 -29.28 1.45
C ILE S 142 -10.41 -28.01 2.23
N ILE S 143 -10.15 -26.92 1.51
CA ILE S 143 -9.87 -25.62 2.13
C ILE S 143 -11.09 -24.73 1.93
N ASP S 144 -11.93 -24.63 2.94
CA ASP S 144 -13.14 -23.77 2.90
C ASP S 144 -12.73 -22.30 3.11
N GLU S 145 -13.42 -21.37 2.46
CA GLU S 145 -13.06 -19.94 2.53
C GLU S 145 -11.60 -19.81 2.13
N ALA S 146 -11.20 -20.43 1.02
CA ALA S 146 -9.80 -20.42 0.56
C ALA S 146 -9.32 -19.00 0.26
N ASP S 147 -10.22 -18.11 -0.11
CA ASP S 147 -9.88 -16.70 -0.31
C ASP S 147 -9.29 -16.03 0.91
N ARG S 148 -9.37 -16.64 2.10
CA ARG S 148 -8.67 -16.14 3.26
C ARG S 148 -7.16 -16.38 3.21
N LEU S 149 -6.71 -17.31 2.38
CA LEU S 149 -5.28 -17.55 2.21
C LEU S 149 -4.57 -16.30 1.67
N LYS S 150 -3.44 -15.96 2.26
CA LYS S 150 -2.51 -15.03 1.63
C LYS S 150 -2.02 -15.56 0.28
N PRO S 151 -1.76 -14.67 -0.68
CA PRO S 151 -1.06 -15.05 -1.92
C PRO S 151 0.25 -15.79 -1.70
N GLU S 152 0.92 -15.48 -0.60
CA GLU S 152 2.12 -16.21 -0.16
C GLU S 152 1.85 -17.69 0.06
N THR S 153 0.74 -18.04 0.71
CA THR S 153 0.51 -19.41 1.12
C THR S 153 -0.10 -20.29 0.03
N PHE S 154 -0.59 -19.72 -1.08
CA PHE S 154 -1.06 -20.52 -2.19
C PHE S 154 0.04 -21.37 -2.83
N ALA S 155 1.29 -20.89 -2.79
CA ALA S 155 2.40 -21.70 -3.27
C ALA S 155 2.58 -22.98 -2.46
N ASP S 156 2.45 -22.91 -1.15
CA ASP S 156 2.49 -24.13 -0.33
C ASP S 156 1.29 -25.04 -0.55
N VAL S 157 0.11 -24.47 -0.82
CA VAL S 157 -1.05 -25.29 -1.20
C VAL S 157 -0.80 -26.02 -2.51
N ARG S 158 -0.27 -25.32 -3.51
CA ARG S 158 0.08 -25.96 -4.78
C ARG S 158 1.15 -27.04 -4.63
N ASP S 159 2.15 -26.79 -3.79
CA ASP S 159 3.18 -27.80 -3.55
C ASP S 159 2.66 -29.04 -2.84
N ILE S 160 1.68 -28.89 -1.95
CA ILE S 160 1.00 -30.06 -1.38
C ILE S 160 0.28 -30.86 -2.45
N ALA S 161 -0.45 -30.17 -3.33
CA ALA S 161 -1.16 -30.86 -4.40
C ALA S 161 -0.19 -31.55 -5.36
N GLU S 162 0.92 -30.88 -5.68
CA GLU S 162 1.86 -31.42 -6.66
C GLU S 162 2.77 -32.50 -6.09
N ASP S 163 3.32 -32.30 -4.89
CA ASP S 163 4.32 -33.25 -4.41
C ASP S 163 3.69 -34.47 -3.78
N LEU S 164 2.52 -34.32 -3.18
CA LEU S 164 1.79 -35.45 -2.65
C LEU S 164 0.64 -35.77 -3.60
N GLY S 165 0.10 -36.97 -3.48
CA GLY S 165 -1.02 -37.31 -4.32
C GLY S 165 -2.35 -36.84 -3.78
N ILE S 166 -2.54 -35.53 -3.61
CA ILE S 166 -3.67 -35.01 -2.85
C ILE S 166 -4.50 -34.10 -3.73
N ALA S 167 -5.81 -34.38 -3.81
CA ALA S 167 -6.80 -33.49 -4.37
C ALA S 167 -7.13 -32.37 -3.38
N VAL S 168 -6.63 -31.17 -3.64
CA VAL S 168 -7.03 -29.99 -2.89
C VAL S 168 -8.30 -29.41 -3.49
N VAL S 169 -9.29 -29.13 -2.63
CA VAL S 169 -10.57 -28.57 -3.02
C VAL S 169 -10.72 -27.19 -2.38
N LEU S 170 -10.67 -26.14 -3.18
CA LEU S 170 -10.87 -24.77 -2.71
C LEU S 170 -12.35 -24.42 -2.75
N VAL S 171 -12.91 -24.02 -1.62
CA VAL S 171 -14.31 -23.63 -1.51
C VAL S 171 -14.40 -22.13 -1.26
N GLY S 172 -15.35 -21.49 -1.91
CA GLY S 172 -15.56 -20.08 -1.67
C GLY S 172 -16.71 -19.53 -2.48
N THR S 173 -16.88 -18.22 -2.39
CA THR S 173 -17.78 -17.47 -3.25
C THR S 173 -17.00 -16.93 -4.45
N ASP S 174 -17.64 -16.07 -5.24
CA ASP S 174 -16.96 -15.41 -6.36
C ASP S 174 -15.76 -14.59 -5.93
N ARG S 175 -15.66 -14.22 -4.65
CA ARG S 175 -14.44 -13.59 -4.16
C ARG S 175 -13.22 -14.51 -4.26
N LEU S 176 -13.44 -15.83 -4.22
CA LEU S 176 -12.36 -16.78 -4.45
C LEU S 176 -11.87 -16.74 -5.88
N ASP S 177 -12.80 -16.75 -6.84
CA ASP S 177 -12.44 -16.60 -8.24
C ASP S 177 -11.66 -15.32 -8.51
N ALA S 178 -12.00 -14.22 -7.83
CA ALA S 178 -11.23 -12.99 -7.95
C ALA S 178 -9.80 -13.17 -7.46
N VAL S 179 -9.62 -13.78 -6.30
CA VAL S 179 -8.28 -14.07 -5.78
C VAL S 179 -7.52 -15.02 -6.69
N ILE S 180 -8.16 -16.12 -7.08
CA ILE S 180 -7.53 -17.12 -7.94
C ILE S 180 -7.05 -16.52 -9.25
N LYS S 181 -7.84 -15.61 -9.83
CA LYS S 181 -7.45 -14.96 -11.09
C LYS S 181 -6.13 -14.20 -11.04
N ARG S 182 -5.66 -13.83 -9.85
CA ARG S 182 -4.45 -13.01 -9.71
C ARG S 182 -3.15 -13.79 -9.86
N ASP S 183 -3.18 -15.11 -9.97
CA ASP S 183 -1.98 -15.89 -10.23
C ASP S 183 -2.36 -17.00 -11.19
N GLU S 184 -1.78 -16.96 -12.40
CA GLU S 184 -2.05 -18.02 -13.37
C GLU S 184 -1.74 -19.41 -12.86
N GLN S 185 -0.73 -19.56 -12.00
CA GLN S 185 -0.36 -20.89 -11.54
C GLN S 185 -1.42 -21.50 -10.63
N VAL S 186 -2.11 -20.67 -9.85
CA VAL S 186 -3.24 -21.16 -9.06
C VAL S 186 -4.45 -21.38 -9.96
N LEU S 187 -4.82 -20.35 -10.73
CA LEU S 187 -5.95 -20.43 -11.64
C LEU S 187 -5.92 -21.66 -12.53
N GLU S 188 -4.77 -22.00 -13.09
CA GLU S 188 -4.68 -23.09 -14.04
C GLU S 188 -4.60 -24.47 -13.39
N ARG S 189 -4.30 -24.54 -12.11
CA ARG S 189 -4.39 -25.80 -11.37
C ARG S 189 -5.79 -26.08 -10.85
N PHE S 190 -6.58 -25.05 -10.58
CA PHE S 190 -7.90 -25.17 -9.98
C PHE S 190 -9.02 -24.84 -10.96
N ARG S 191 -8.81 -25.14 -12.25
CA ARG S 191 -9.80 -24.87 -13.29
C ARG S 191 -11.09 -25.65 -13.10
N ALA S 192 -11.02 -26.94 -12.81
CA ALA S 192 -12.25 -27.71 -12.63
C ALA S 192 -13.04 -27.16 -11.45
N HIS S 193 -14.34 -26.94 -11.66
CA HIS S 193 -15.18 -26.44 -10.60
C HIS S 193 -16.57 -27.07 -10.64
N LEU S 194 -17.23 -27.02 -9.48
CA LEU S 194 -18.64 -27.33 -9.33
C LEU S 194 -19.34 -26.09 -8.80
N ARG S 195 -20.48 -25.74 -9.38
CA ARG S 195 -21.26 -24.57 -8.99
C ARG S 195 -22.43 -24.97 -8.10
N PHE S 196 -22.44 -24.46 -6.88
CA PHE S 196 -23.65 -24.42 -6.05
C PHE S 196 -24.57 -23.28 -6.49
N GLY S 197 -25.87 -23.51 -6.39
CA GLY S 197 -26.80 -22.48 -6.80
C GLY S 197 -28.07 -22.42 -5.97
N LYS S 198 -28.82 -21.35 -6.21
CA LYS S 198 -30.15 -21.16 -5.65
C LYS S 198 -31.11 -22.26 -6.06
N LEU S 199 -31.96 -22.69 -5.12
CA LEU S 199 -33.06 -23.59 -5.42
C LEU S 199 -34.21 -22.83 -6.09
N SER S 200 -35.04 -23.57 -6.83
CA SER S 200 -36.22 -23.00 -7.47
C SER S 200 -37.20 -24.12 -7.80
N GLY S 201 -38.42 -23.70 -8.17
CA GLY S 201 -39.41 -24.61 -8.72
C GLY S 201 -39.77 -25.76 -7.78
N GLU S 202 -39.93 -26.95 -8.36
CA GLU S 202 -40.25 -28.13 -7.56
C GLU S 202 -39.13 -28.47 -6.59
N ASP S 203 -37.89 -28.17 -6.96
CA ASP S 203 -36.77 -28.43 -6.06
C ASP S 203 -36.90 -27.61 -4.79
N PHE S 204 -37.22 -26.31 -4.93
CA PHE S 204 -37.53 -25.48 -3.78
C PHE S 204 -38.79 -25.95 -3.05
N LYS S 205 -39.83 -26.33 -3.78
CA LYS S 205 -41.08 -26.80 -3.17
C LYS S 205 -40.85 -28.05 -2.32
N ASN S 206 -40.16 -29.04 -2.88
CA ASN S 206 -39.83 -30.25 -2.13
C ASN S 206 -39.00 -29.95 -0.90
N THR S 207 -38.04 -29.04 -1.01
CA THR S 207 -37.18 -28.65 0.10
C THR S 207 -37.98 -28.06 1.27
N VAL S 208 -38.98 -27.23 0.99
CA VAL S 208 -39.82 -26.69 2.06
C VAL S 208 -40.64 -27.78 2.74
N GLU S 209 -41.25 -28.69 1.97
CA GLU S 209 -41.99 -29.78 2.57
C GLU S 209 -41.09 -30.69 3.40
N MET S 210 -39.87 -30.94 2.93
CA MET S 210 -38.90 -31.72 3.69
C MET S 210 -38.49 -31.04 4.99
N TRP S 211 -38.35 -29.71 4.98
CA TRP S 211 -38.06 -29.00 6.24
C TRP S 211 -39.18 -29.13 7.26
N GLU S 212 -40.43 -28.99 6.83
CA GLU S 212 -41.56 -29.19 7.74
C GLU S 212 -41.58 -30.59 8.32
N GLN S 213 -41.31 -31.60 7.50
CA GLN S 213 -41.26 -32.98 7.96
C GLN S 213 -40.05 -33.25 8.85
N MET S 214 -38.85 -32.97 8.35
CA MET S 214 -37.63 -33.43 8.99
C MET S 214 -37.06 -32.49 10.03
N VAL S 215 -37.23 -31.18 9.90
CA VAL S 215 -36.50 -30.22 10.71
C VAL S 215 -37.37 -29.58 11.79
N LEU S 216 -38.55 -29.09 11.42
CA LEU S 216 -39.39 -28.37 12.36
C LEU S 216 -40.07 -29.30 13.35
N LYS S 217 -40.64 -30.40 12.85
CA LYS S 217 -41.25 -31.43 13.69
C LYS S 217 -42.29 -30.85 14.65
N LEU S 218 -43.10 -29.93 14.17
CA LEU S 218 -44.08 -29.27 15.02
C LEU S 218 -45.28 -30.19 15.29
N PRO S 219 -45.98 -29.99 16.41
CA PRO S 219 -47.11 -30.86 16.73
C PRO S 219 -48.21 -30.89 15.69
N VAL S 220 -48.37 -29.84 14.89
CA VAL S 220 -49.41 -29.79 13.87
C VAL S 220 -48.78 -29.37 12.55
N SER S 221 -49.28 -29.94 11.45
CA SER S 221 -48.75 -29.59 10.14
C SER S 221 -49.02 -28.13 9.80
N SER S 222 -47.98 -27.45 9.32
CA SER S 222 -48.04 -26.06 8.91
C SER S 222 -48.35 -25.87 7.42
N ASN S 223 -48.27 -26.94 6.63
CA ASN S 223 -48.60 -26.91 5.20
C ASN S 223 -47.81 -25.83 4.47
N LEU S 224 -46.52 -25.74 4.80
CA LEU S 224 -45.68 -24.65 4.33
C LEU S 224 -45.52 -24.63 2.81
N LYS S 225 -45.78 -25.75 2.14
CA LYS S 225 -45.83 -25.80 0.69
C LYS S 225 -47.18 -25.41 0.09
N SER S 226 -48.12 -24.88 0.88
CA SER S 226 -49.32 -24.28 0.33
C SER S 226 -48.99 -22.97 -0.40
N LYS S 227 -49.85 -22.62 -1.36
CA LYS S 227 -49.61 -21.48 -2.24
C LYS S 227 -49.28 -20.20 -1.48
N GLU S 228 -50.12 -19.79 -0.53
CA GLU S 228 -49.85 -18.53 0.14
C GLU S 228 -48.64 -18.59 1.06
N MET S 229 -48.23 -19.78 1.47
CA MET S 229 -46.97 -19.93 2.18
C MET S 229 -45.77 -19.94 1.24
N LEU S 230 -45.86 -20.71 0.14
CA LEU S 230 -44.80 -20.71 -0.86
C LEU S 230 -44.52 -19.34 -1.45
N ARG S 231 -45.55 -18.52 -1.59
CA ARG S 231 -45.36 -17.19 -2.17
C ARG S 231 -44.43 -16.33 -1.32
N ILE S 232 -44.67 -16.25 -0.02
CA ILE S 232 -43.82 -15.43 0.85
C ILE S 232 -42.47 -16.10 1.09
N LEU S 233 -42.44 -17.42 1.18
CA LEU S 233 -41.16 -18.12 1.31
C LEU S 233 -40.30 -17.97 0.06
N THR S 234 -40.92 -18.03 -1.11
CA THR S 234 -40.14 -17.87 -2.34
C THR S 234 -39.50 -16.49 -2.41
N SER S 235 -40.26 -15.44 -2.06
CA SER S 235 -39.76 -14.08 -2.17
C SER S 235 -38.81 -13.69 -1.04
N ALA S 236 -39.01 -14.22 0.17
CA ALA S 236 -38.07 -13.95 1.25
C ALA S 236 -36.75 -14.70 1.08
N THR S 237 -36.80 -15.99 0.73
CA THR S 237 -35.58 -16.78 0.63
C THR S 237 -34.81 -16.57 -0.66
N GLU S 238 -35.49 -16.22 -1.75
CA GLU S 238 -34.90 -16.20 -3.09
C GLU S 238 -34.23 -17.52 -3.47
N GLY S 239 -34.63 -18.62 -2.83
CA GLY S 239 -34.01 -19.91 -3.04
C GLY S 239 -32.72 -20.18 -2.29
N TYR S 240 -32.29 -19.28 -1.41
CA TYR S 240 -31.16 -19.56 -0.53
C TYR S 240 -31.60 -20.49 0.59
N ILE S 241 -30.93 -21.64 0.69
CA ILE S 241 -31.25 -22.62 1.72
C ILE S 241 -30.97 -22.06 3.12
N GLY S 242 -29.99 -21.18 3.24
CA GLY S 242 -29.71 -20.58 4.53
C GLY S 242 -30.76 -19.60 5.00
N ARG S 243 -31.38 -18.86 4.09
CA ARG S 243 -32.55 -18.06 4.45
C ARG S 243 -33.72 -18.94 4.86
N LEU S 244 -34.02 -19.99 4.08
CA LEU S 244 -35.13 -20.87 4.41
C LEU S 244 -34.99 -21.49 5.80
N ASP S 245 -33.82 -22.04 6.09
CA ASP S 245 -33.58 -22.63 7.41
C ASP S 245 -33.81 -21.63 8.53
N GLU S 246 -33.09 -20.51 8.49
CA GLU S 246 -33.15 -19.51 9.55
C GLU S 246 -34.51 -18.81 9.66
N ILE S 247 -35.23 -18.66 8.54
CA ILE S 247 -36.60 -18.16 8.62
C ILE S 247 -37.51 -19.16 9.34
N LEU S 248 -37.46 -20.43 8.95
CA LEU S 248 -38.31 -21.43 9.57
C LEU S 248 -37.95 -21.72 11.02
N ARG S 249 -36.65 -21.68 11.37
CA ARG S 249 -36.29 -21.77 12.78
C ARG S 249 -37.00 -20.71 13.62
N GLU S 250 -36.77 -19.43 13.32
CA GLU S 250 -37.31 -18.36 14.16
C GLU S 250 -38.83 -18.31 14.11
N ALA S 251 -39.41 -18.60 12.95
CA ALA S 251 -40.88 -18.68 12.85
C ALA S 251 -41.45 -19.76 13.76
N ALA S 252 -40.79 -20.92 13.84
CA ALA S 252 -41.20 -21.93 14.80
C ALA S 252 -40.99 -21.50 16.24
N ILE S 253 -39.85 -20.86 16.54
CA ILE S 253 -39.64 -20.32 17.88
C ILE S 253 -40.70 -19.31 18.26
N ARG S 254 -41.05 -18.40 17.35
CA ARG S 254 -42.09 -17.42 17.64
C ARG S 254 -43.45 -18.08 17.87
N SER S 255 -43.87 -18.98 16.97
CA SER S 255 -45.13 -19.68 17.16
C SER S 255 -45.19 -20.44 18.48
N LEU S 256 -44.15 -21.21 18.79
CA LEU S 256 -44.16 -21.96 20.05
C LEU S 256 -44.10 -21.05 21.26
N SER S 257 -43.33 -19.97 21.19
CA SER S 257 -43.34 -18.96 22.26
C SER S 257 -44.72 -18.35 22.47
N ARG S 258 -45.47 -18.18 21.39
CA ARG S 258 -46.84 -17.67 21.44
C ARG S 258 -47.86 -18.70 21.88
N GLY S 259 -47.43 -19.90 22.25
CA GLY S 259 -48.35 -20.96 22.60
C GLY S 259 -49.10 -21.52 21.43
N LEU S 260 -48.64 -21.26 20.22
CA LEU S 260 -49.15 -21.93 19.03
C LEU S 260 -48.49 -23.28 18.87
N LYS S 261 -49.19 -24.20 18.20
CA LYS S 261 -48.66 -25.52 17.91
C LYS S 261 -48.33 -25.68 16.43
N LYS S 262 -48.31 -24.57 15.70
CA LYS S 262 -48.20 -24.53 14.25
C LYS S 262 -47.47 -23.24 13.92
N ILE S 263 -46.70 -23.23 12.83
CA ILE S 263 -46.33 -21.96 12.22
C ILE S 263 -47.55 -21.37 11.53
N ASP S 264 -48.08 -20.28 12.06
CA ASP S 264 -49.20 -19.58 11.43
C ASP S 264 -48.70 -18.61 10.37
N LYS S 265 -49.55 -18.34 9.38
CA LYS S 265 -49.21 -17.50 8.25
C LYS S 265 -48.71 -16.12 8.68
N ALA S 266 -49.41 -15.50 9.61
CA ALA S 266 -49.03 -14.17 10.09
C ALA S 266 -47.64 -14.17 10.75
N VAL S 267 -47.33 -15.20 11.53
CA VAL S 267 -46.00 -15.30 12.14
C VAL S 267 -44.93 -15.36 11.06
N LEU S 268 -45.16 -16.17 10.03
CA LEU S 268 -44.20 -16.28 8.93
C LEU S 268 -44.06 -15.00 8.12
N GLN S 269 -45.16 -14.26 7.96
CA GLN S 269 -45.08 -12.93 7.33
C GLN S 269 -44.30 -11.92 8.18
N GLU S 270 -44.45 -11.97 9.50
CA GLU S 270 -43.64 -11.11 10.37
C GLU S 270 -42.15 -11.36 10.22
N VAL S 271 -41.73 -12.63 10.14
CA VAL S 271 -40.32 -12.92 9.90
C VAL S 271 -39.90 -12.43 8.52
N ALA S 272 -40.69 -12.75 7.49
CA ALA S 272 -40.28 -12.45 6.11
C ALA S 272 -40.10 -10.96 5.85
N LYS S 273 -40.84 -10.09 6.55
CA LYS S 273 -40.63 -8.68 6.31
C LYS S 273 -39.32 -8.14 6.85
N GLU S 274 -38.63 -8.90 7.71
CA GLU S 274 -37.36 -8.44 8.25
C GLU S 274 -36.21 -8.60 7.27
N TYR S 275 -36.44 -9.29 6.16
CA TYR S 275 -35.34 -9.68 5.28
C TYR S 275 -35.28 -8.78 4.05
N GLU T 19 -25.56 23.88 46.79
CA GLU T 19 -26.57 24.88 46.47
C GLU T 19 -27.49 24.41 45.36
N TRP T 20 -28.76 24.81 45.47
CA TRP T 20 -29.80 24.49 44.50
C TRP T 20 -29.32 24.61 43.06
N LEU T 21 -28.84 25.79 42.68
CA LEU T 21 -28.54 26.09 41.28
C LEU T 21 -27.42 25.21 40.74
N GLN T 22 -26.31 25.13 41.46
CA GLN T 22 -25.20 24.28 41.04
C GLN T 22 -25.57 22.80 41.01
N ALA T 23 -26.40 22.36 41.95
CA ALA T 23 -26.87 20.98 41.97
C ALA T 23 -27.80 20.69 40.80
N GLU T 24 -28.74 21.58 40.51
CA GLU T 24 -29.65 21.38 39.38
C GLU T 24 -28.93 21.41 38.03
N ILE T 25 -27.96 22.31 37.87
CA ILE T 25 -27.18 22.30 36.63
C ILE T 25 -26.31 21.06 36.52
N ALA T 26 -25.65 20.66 37.61
CA ALA T 26 -24.86 19.43 37.58
C ALA T 26 -25.72 18.19 37.34
N ARG T 27 -26.93 18.16 37.89
CA ARG T 27 -27.86 17.08 37.56
C ARG T 27 -28.28 17.10 36.10
N LEU T 28 -28.78 18.24 35.63
CA LEU T 28 -29.49 18.30 34.36
C LEU T 28 -28.55 18.33 33.15
N LYS T 29 -27.32 18.75 33.36
CA LYS T 29 -26.23 18.46 32.43
C LYS T 29 -26.01 16.96 32.26
N GLY T 30 -26.50 16.14 33.19
CA GLY T 30 -26.30 14.71 33.16
C GLY T 30 -27.05 13.94 32.09
N LYS T 31 -27.29 12.66 32.33
CA LYS T 31 -27.88 11.75 31.35
C LYS T 31 -28.82 10.79 32.05
N SER T 32 -29.88 10.39 31.36
CA SER T 32 -30.84 9.44 31.91
C SER T 32 -31.56 8.72 30.79
N ILE T 33 -32.14 7.57 31.11
CA ILE T 33 -32.85 6.73 30.15
C ILE T 33 -34.34 6.82 30.41
N VAL T 34 -35.11 7.05 29.34
CA VAL T 34 -36.57 7.09 29.39
C VAL T 34 -37.14 5.87 28.67
N PRO T 35 -38.15 5.19 29.23
CA PRO T 35 -38.60 3.90 28.68
C PRO T 35 -39.50 4.05 27.47
N LEU T 36 -38.93 4.58 26.38
CA LEU T 36 -39.65 4.80 25.13
C LEU T 36 -40.09 3.48 24.50
N GLN T 37 -41.12 3.59 23.64
CA GLN T 37 -41.65 2.43 22.93
C GLN T 37 -40.62 1.81 21.99
N GLN T 38 -39.78 2.64 21.36
CA GLN T 38 -38.69 2.12 20.53
C GLN T 38 -37.74 1.25 21.33
N VAL T 39 -37.53 1.56 22.60
CA VAL T 39 -36.64 0.76 23.44
C VAL T 39 -37.25 -0.63 23.71
N LYS T 40 -38.50 -0.65 24.17
CA LYS T 40 -39.21 -1.91 24.38
C LYS T 40 -39.30 -2.75 23.11
N THR T 41 -39.54 -2.12 21.96
CA THR T 41 -39.62 -2.84 20.71
C THR T 41 -38.29 -3.51 20.35
N LEU T 42 -37.19 -2.78 20.50
CA LEU T 42 -35.88 -3.40 20.29
C LEU T 42 -35.61 -4.53 21.27
N HIS T 43 -35.97 -4.35 22.54
CA HIS T 43 -35.73 -5.37 23.55
C HIS T 43 -36.48 -6.67 23.26
N ASP T 44 -37.75 -6.58 22.85
CA ASP T 44 -38.48 -7.79 22.44
C ASP T 44 -37.86 -8.45 21.22
N TRP T 45 -37.43 -7.65 20.25
CA TRP T 45 -36.79 -8.20 19.06
C TRP T 45 -35.44 -8.83 19.37
N LEU T 46 -34.64 -8.17 20.21
CA LEU T 46 -33.37 -8.73 20.64
C LEU T 46 -33.53 -9.99 21.47
N ASP T 47 -34.56 -10.05 22.32
CA ASP T 47 -34.85 -11.29 23.05
C ASP T 47 -35.19 -12.45 22.13
N GLY T 48 -35.95 -12.20 21.06
CA GLY T 48 -36.17 -13.24 20.07
C GLY T 48 -34.91 -13.69 19.35
N LYS T 49 -34.09 -12.75 18.92
CA LYS T 49 -32.84 -13.09 18.25
C LYS T 49 -31.87 -13.81 19.19
N ARG T 50 -31.87 -13.43 20.46
CA ARG T 50 -31.05 -14.14 21.44
C ARG T 50 -31.55 -15.55 21.68
N LYS T 51 -32.87 -15.74 21.79
CA LYS T 51 -33.42 -17.10 21.86
C LYS T 51 -33.03 -17.93 20.64
N ALA T 52 -33.29 -17.41 19.45
CA ALA T 52 -32.98 -18.13 18.22
C ALA T 52 -31.49 -18.14 17.87
N ARG T 53 -30.66 -17.43 18.64
CA ARG T 53 -29.24 -17.30 18.34
C ARG T 53 -28.98 -16.72 16.96
N LYS T 54 -29.87 -15.87 16.49
CA LYS T 54 -29.87 -15.37 15.13
C LYS T 54 -29.10 -14.05 15.07
N SER T 55 -28.12 -13.99 14.18
CA SER T 55 -27.42 -12.75 13.89
C SER T 55 -28.29 -11.81 13.06
N CYS T 56 -28.11 -10.51 13.29
CA CYS T 56 -29.01 -9.50 12.76
C CYS T 56 -28.31 -8.15 12.83
N ARG T 57 -28.99 -7.11 12.36
CA ARG T 57 -28.48 -5.76 12.46
C ARG T 57 -29.56 -4.76 12.88
N VAL T 58 -29.14 -3.73 13.61
CA VAL T 58 -29.99 -2.62 14.01
C VAL T 58 -29.49 -1.38 13.29
N VAL T 59 -30.37 -0.76 12.49
CA VAL T 59 -30.00 0.34 11.62
C VAL T 59 -30.95 1.51 11.86
N GLY T 60 -30.40 2.71 11.96
CA GLY T 60 -31.21 3.90 12.04
C GLY T 60 -30.35 5.14 12.05
N GLU T 61 -30.97 6.26 11.66
CA GLU T 61 -30.28 7.55 11.57
C GLU T 61 -29.64 7.94 12.91
N SER T 62 -28.66 8.84 12.82
CA SER T 62 -27.98 9.34 14.01
C SER T 62 -28.96 9.95 15.01
N ARG T 63 -28.66 9.74 16.30
CA ARG T 63 -29.39 10.27 17.44
C ARG T 63 -30.85 9.81 17.49
N THR T 64 -31.16 8.68 16.87
CA THR T 64 -32.47 8.05 17.01
C THR T 64 -32.59 7.23 18.29
N GLY T 65 -31.49 7.01 18.99
CA GLY T 65 -31.53 6.37 20.29
C GLY T 65 -31.07 4.93 20.32
N LYS T 66 -30.39 4.47 19.27
CA LYS T 66 -30.01 3.07 19.16
C LYS T 66 -29.01 2.65 20.24
N THR T 67 -27.98 3.47 20.45
CA THR T 67 -27.00 3.20 21.50
C THR T 67 -27.62 3.15 22.89
N VAL T 68 -28.44 4.13 23.24
CA VAL T 68 -29.10 4.10 24.55
C VAL T 68 -29.97 2.86 24.72
N ALA T 69 -30.67 2.45 23.65
CA ALA T 69 -31.50 1.25 23.71
C ALA T 69 -30.71 -0.04 23.82
N CYS T 70 -29.53 -0.10 23.18
CA CYS T 70 -28.64 -1.24 23.35
C CYS T 70 -27.94 -1.25 24.71
N ASP T 71 -27.58 -0.10 25.25
CA ASP T 71 -27.11 -0.03 26.64
C ASP T 71 -28.18 -0.50 27.61
N ALA T 72 -29.40 0.01 27.47
CA ALA T 72 -30.50 -0.42 28.33
C ALA T 72 -30.72 -1.92 28.31
N TYR T 73 -30.44 -2.58 27.17
CA TYR T 73 -30.65 -4.02 27.06
C TYR T 73 -29.63 -4.85 27.84
N ARG T 74 -28.34 -4.54 27.68
CA ARG T 74 -27.33 -5.20 28.49
C ARG T 74 -27.49 -4.96 29.99
N TYR T 75 -28.06 -3.82 30.40
CA TYR T 75 -28.30 -3.62 31.82
C TYR T 75 -29.46 -4.46 32.34
N ARG T 76 -30.51 -4.64 31.54
CA ARG T 76 -31.52 -5.63 31.90
C ARG T 76 -30.95 -7.04 31.95
N HIS T 77 -29.92 -7.31 31.14
CA HIS T 77 -29.28 -8.62 31.11
C HIS T 77 -27.88 -8.55 31.70
N LYS T 78 -27.80 -8.08 32.95
CA LYS T 78 -26.56 -8.02 33.71
C LYS T 78 -25.91 -9.41 33.87
N PRO T 79 -24.58 -9.45 33.94
CA PRO T 79 -23.88 -10.67 34.33
C PRO T 79 -24.46 -11.29 35.60
N GLN T 80 -24.47 -12.61 35.63
CA GLN T 80 -24.82 -13.38 36.82
C GLN T 80 -23.55 -13.86 37.49
N GLN T 81 -23.37 -13.48 38.75
CA GLN T 81 -22.21 -13.87 39.53
C GLN T 81 -22.38 -15.26 40.12
N GLU T 82 -21.34 -16.06 40.03
CA GLU T 82 -21.30 -17.36 40.69
C GLU T 82 -19.96 -17.52 41.38
N ALA T 83 -20.00 -18.03 42.61
CA ALA T 83 -18.83 -18.05 43.48
C ALA T 83 -17.68 -18.83 42.86
N GLY T 84 -16.57 -18.14 42.63
CA GLY T 84 -15.34 -18.70 42.11
C GLY T 84 -15.35 -19.08 40.65
N ARG T 85 -16.44 -18.92 39.97
CA ARG T 85 -16.47 -19.05 38.52
C ARG T 85 -16.20 -17.69 37.89
N PRO T 86 -15.77 -17.64 36.64
CA PRO T 86 -15.93 -16.41 35.86
C PRO T 86 -17.41 -16.07 35.68
N PRO T 87 -17.72 -14.81 35.39
CA PRO T 87 -19.13 -14.40 35.31
C PRO T 87 -19.84 -15.01 34.12
N THR T 88 -21.11 -15.37 34.31
CA THR T 88 -21.97 -15.68 33.18
C THR T 88 -22.50 -14.38 32.59
N VAL T 89 -22.16 -14.13 31.33
CA VAL T 89 -22.44 -12.84 30.70
C VAL T 89 -23.23 -13.06 29.41
N PRO T 90 -24.56 -13.19 29.48
CA PRO T 90 -25.33 -13.50 28.27
C PRO T 90 -25.16 -12.50 27.15
N VAL T 91 -25.13 -11.20 27.45
CA VAL T 91 -25.03 -10.15 26.45
C VAL T 91 -23.72 -9.40 26.63
N VAL T 92 -22.90 -9.39 25.60
CA VAL T 92 -21.70 -8.56 25.52
C VAL T 92 -22.02 -7.38 24.61
N TYR T 93 -21.69 -6.17 25.07
CA TYR T 93 -21.83 -4.97 24.28
C TYR T 93 -20.47 -4.33 24.10
N ILE T 94 -20.09 -4.06 22.85
CA ILE T 94 -18.84 -3.36 22.55
C ILE T 94 -19.09 -2.23 21.57
N ARG T 95 -18.32 -1.16 21.71
CA ARG T 95 -18.33 -0.04 20.77
C ARG T 95 -16.89 0.13 20.29
N PRO T 96 -16.53 -0.51 19.17
CA PRO T 96 -15.14 -0.46 18.68
C PRO T 96 -14.63 0.95 18.45
N HIS T 97 -13.33 1.11 18.58
CA HIS T 97 -12.66 2.30 18.11
C HIS T 97 -12.63 2.31 16.59
N GLN T 98 -12.36 3.49 16.02
CA GLN T 98 -12.26 3.62 14.58
C GLN T 98 -11.16 2.73 14.03
N LYS T 99 -11.38 2.18 12.83
CA LYS T 99 -10.48 1.22 12.21
C LYS T 99 -10.14 0.05 13.13
N CYS T 100 -11.18 -0.58 13.67
CA CYS T 100 -11.00 -1.69 14.60
C CYS T 100 -10.46 -2.92 13.88
N GLY T 101 -9.21 -3.27 14.16
CA GLY T 101 -8.62 -4.49 13.68
C GLY T 101 -9.03 -5.67 14.53
N PRO T 102 -8.61 -6.86 14.09
CA PRO T 102 -9.00 -8.09 14.81
C PRO T 102 -8.49 -8.18 16.24
N LYS T 103 -7.23 -7.81 16.52
CA LYS T 103 -6.77 -7.74 17.90
C LYS T 103 -7.53 -6.71 18.72
N ASP T 104 -7.83 -5.56 18.13
CA ASP T 104 -8.67 -4.57 18.81
C ASP T 104 -10.02 -5.14 19.18
N LEU T 105 -10.62 -5.89 18.26
CA LEU T 105 -11.91 -6.53 18.53
C LEU T 105 -11.82 -7.60 19.61
N PHE T 106 -10.79 -8.44 19.56
CA PHE T 106 -10.56 -9.41 20.62
C PHE T 106 -10.24 -8.76 21.96
N LYS T 107 -9.46 -7.69 21.95
CA LYS T 107 -9.23 -6.87 23.15
C LYS T 107 -10.54 -6.42 23.79
N LYS T 108 -11.43 -5.82 22.99
CA LYS T 108 -12.70 -5.33 23.48
C LYS T 108 -13.52 -6.42 24.18
N ILE T 109 -13.65 -7.59 23.54
CA ILE T 109 -14.50 -8.64 24.08
C ILE T 109 -13.92 -9.25 25.35
N THR T 110 -12.64 -9.59 25.35
CA THR T 110 -12.02 -10.17 26.54
C THR T 110 -12.05 -9.22 27.73
N GLU T 111 -11.73 -7.94 27.51
CA GLU T 111 -11.80 -6.97 28.60
C GLU T 111 -13.22 -6.78 29.12
N TYR T 112 -14.22 -6.90 28.25
CA TYR T 112 -15.61 -6.82 28.72
C TYR T 112 -15.93 -7.97 29.68
N LEU T 113 -15.44 -9.16 29.40
CA LEU T 113 -15.66 -10.33 30.24
C LEU T 113 -14.80 -10.34 31.51
N LYS T 114 -14.11 -9.23 31.80
CA LYS T 114 -13.28 -9.04 32.99
C LYS T 114 -11.98 -9.84 32.96
N TYR T 115 -11.48 -10.13 31.77
CA TYR T 115 -10.16 -10.71 31.61
C TYR T 115 -9.19 -9.62 31.20
N ARG T 116 -7.92 -9.79 31.55
CA ARG T 116 -6.85 -8.95 31.05
C ARG T 116 -6.19 -9.65 29.87
N VAL T 117 -5.96 -8.90 28.80
CA VAL T 117 -5.20 -9.43 27.68
C VAL T 117 -3.72 -9.54 28.05
N THR T 118 -3.06 -10.54 27.50
CA THR T 118 -1.62 -10.69 27.59
C THR T 118 -1.03 -10.49 26.21
N LYS T 119 0.05 -9.72 26.13
CA LYS T 119 0.70 -9.46 24.85
C LYS T 119 0.99 -10.75 24.10
N GLY T 120 0.71 -10.75 22.81
CA GLY T 120 0.75 -11.98 22.05
C GLY T 120 0.28 -11.75 20.62
N THR T 121 0.20 -12.85 19.88
CA THR T 121 -0.23 -12.86 18.49
C THR T 121 -1.75 -12.69 18.38
N VAL T 122 -2.19 -12.33 17.17
CA VAL T 122 -3.61 -12.37 16.84
C VAL T 122 -4.20 -13.74 17.12
N SER T 123 -3.44 -14.80 16.83
CA SER T 123 -3.92 -16.15 17.11
C SER T 123 -4.13 -16.39 18.60
N ASP T 124 -3.21 -15.92 19.44
CA ASP T 124 -3.42 -16.00 20.89
C ASP T 124 -4.65 -15.22 21.32
N PHE T 125 -4.82 -14.00 20.80
CA PHE T 125 -5.99 -13.21 21.15
C PHE T 125 -7.28 -13.89 20.71
N ARG T 126 -7.30 -14.41 19.48
CA ARG T 126 -8.48 -15.13 19.00
C ARG T 126 -8.79 -16.33 19.89
N ASP T 127 -7.81 -17.21 20.10
CA ASP T 127 -8.03 -18.42 20.88
C ASP T 127 -8.47 -18.11 22.30
N ARG T 128 -7.86 -17.11 22.92
CA ARG T 128 -8.30 -16.66 24.25
C ARG T 128 -9.70 -16.09 24.25
N THR T 129 -10.06 -15.28 23.25
CA THR T 129 -11.41 -14.76 23.14
C THR T 129 -12.45 -15.87 23.01
N ILE T 130 -12.22 -16.81 22.08
CA ILE T 130 -13.14 -17.93 21.91
C ILE T 130 -13.27 -18.73 23.20
N GLU T 131 -12.14 -18.97 23.87
CA GLU T 131 -12.15 -19.67 25.15
C GLU T 131 -13.02 -18.99 26.20
N VAL T 132 -12.98 -17.66 26.30
CA VAL T 132 -13.78 -16.98 27.32
C VAL T 132 -15.22 -16.70 26.88
N LEU T 133 -15.46 -16.56 25.57
CA LEU T 133 -16.85 -16.50 25.11
C LEU T 133 -17.59 -17.78 25.46
N LYS T 134 -16.92 -18.92 25.33
CA LYS T 134 -17.34 -20.14 25.98
C LYS T 134 -17.17 -20.04 27.49
N GLY T 135 -18.09 -20.61 28.23
CA GLY T 135 -17.93 -20.64 29.67
C GLY T 135 -18.32 -19.39 30.43
N CYS T 136 -18.10 -18.20 29.86
CA CYS T 136 -18.92 -17.06 30.23
C CYS T 136 -20.35 -17.16 29.68
N GLY T 137 -20.63 -18.15 28.85
CA GLY T 137 -21.98 -18.42 28.41
C GLY T 137 -22.59 -17.32 27.58
N VAL T 138 -21.76 -16.61 26.81
CA VAL T 138 -22.23 -15.48 25.99
C VAL T 138 -23.22 -15.97 24.96
N GLU T 139 -24.38 -15.35 24.91
CA GLU T 139 -25.42 -15.68 23.95
C GLU T 139 -25.56 -14.65 22.84
N MET T 140 -25.27 -13.38 23.12
CA MET T 140 -25.42 -12.31 22.16
C MET T 140 -24.23 -11.36 22.25
N LEU T 141 -23.70 -10.98 21.10
CA LEU T 141 -22.65 -9.97 20.98
C LEU T 141 -23.18 -8.79 20.17
N ILE T 142 -23.29 -7.63 20.81
CA ILE T 142 -23.71 -6.40 20.15
C ILE T 142 -22.48 -5.59 19.81
N ILE T 143 -22.31 -5.25 18.54
CA ILE T 143 -21.19 -4.43 18.07
C ILE T 143 -21.78 -3.09 17.63
N ASP T 144 -21.69 -2.10 18.50
CA ASP T 144 -22.21 -0.77 18.25
C ASP T 144 -21.27 0.02 17.36
N GLU T 145 -21.83 0.66 16.33
CA GLU T 145 -21.06 1.27 15.24
C GLU T 145 -20.12 0.27 14.58
N ALA T 146 -20.70 -0.87 14.20
CA ALA T 146 -19.95 -1.91 13.52
C ALA T 146 -19.28 -1.42 12.24
N ASP T 147 -19.75 -0.31 11.66
CA ASP T 147 -19.08 0.25 10.48
C ASP T 147 -17.64 0.66 10.74
N ARG T 148 -17.22 0.77 12.00
CA ARG T 148 -15.82 1.04 12.31
C ARG T 148 -14.92 -0.17 12.13
N LEU T 149 -15.49 -1.38 12.09
CA LEU T 149 -14.70 -2.58 11.83
C LEU T 149 -14.00 -2.49 10.48
N LYS T 150 -12.73 -2.88 10.45
CA LYS T 150 -12.05 -3.13 9.20
C LYS T 150 -12.70 -4.30 8.47
N PRO T 151 -12.68 -4.30 7.14
CA PRO T 151 -13.25 -5.43 6.39
C PRO T 151 -12.68 -6.81 6.74
N GLU T 152 -11.39 -6.88 7.05
CA GLU T 152 -10.81 -8.13 7.53
C GLU T 152 -11.37 -8.56 8.88
N THR T 153 -11.87 -7.63 9.68
CA THR T 153 -12.36 -7.97 11.01
C THR T 153 -13.71 -8.70 10.97
N PHE T 154 -14.51 -8.45 9.93
CA PHE T 154 -15.81 -9.11 9.82
C PHE T 154 -15.71 -10.63 9.67
N ALA T 155 -14.61 -11.13 9.11
CA ALA T 155 -14.42 -12.58 9.04
C ALA T 155 -14.39 -13.21 10.44
N ASP T 156 -13.66 -12.60 11.37
CA ASP T 156 -13.63 -13.06 12.75
C ASP T 156 -14.96 -12.84 13.48
N VAL T 157 -15.75 -11.85 13.09
CA VAL T 157 -17.09 -11.70 13.64
C VAL T 157 -18.03 -12.78 13.11
N ARG T 158 -17.95 -13.09 11.82
CA ARG T 158 -18.68 -14.22 11.26
C ARG T 158 -18.31 -15.54 11.93
N ASP T 159 -17.02 -15.76 12.17
CA ASP T 159 -16.59 -16.99 12.85
C ASP T 159 -17.11 -17.09 14.27
N ILE T 160 -17.19 -15.98 15.01
CA ILE T 160 -17.88 -15.99 16.30
C ILE T 160 -19.33 -16.42 16.14
N ALA T 161 -20.03 -15.80 15.20
CA ALA T 161 -21.44 -16.11 15.00
C ALA T 161 -21.66 -17.55 14.56
N GLU T 162 -20.74 -18.09 13.76
CA GLU T 162 -20.90 -19.41 13.16
C GLU T 162 -20.36 -20.54 14.02
N ASP T 163 -19.18 -20.38 14.61
CA ASP T 163 -18.61 -21.46 15.40
C ASP T 163 -19.23 -21.55 16.78
N LEU T 164 -19.71 -20.45 17.33
CA LEU T 164 -20.35 -20.46 18.63
C LEU T 164 -21.83 -20.16 18.45
N GLY T 165 -22.62 -20.59 19.41
CA GLY T 165 -24.03 -20.24 19.40
C GLY T 165 -24.29 -18.82 19.87
N ILE T 166 -23.82 -17.81 19.14
CA ILE T 166 -23.92 -16.42 19.57
C ILE T 166 -24.61 -15.62 18.47
N ALA T 167 -25.72 -14.99 18.83
CA ALA T 167 -26.36 -13.97 18.00
C ALA T 167 -25.53 -12.69 18.00
N VAL T 168 -24.97 -12.34 16.86
CA VAL T 168 -24.25 -11.08 16.72
C VAL T 168 -25.19 -10.02 16.17
N VAL T 169 -25.22 -8.86 16.82
CA VAL T 169 -26.06 -7.75 16.41
C VAL T 169 -25.16 -6.58 16.02
N LEU T 170 -25.12 -6.25 14.72
CA LEU T 170 -24.41 -5.07 14.26
C LEU T 170 -25.31 -3.85 14.32
N VAL T 171 -24.85 -2.80 15.00
CA VAL T 171 -25.61 -1.57 15.15
C VAL T 171 -24.90 -0.43 14.42
N GLY T 172 -25.66 0.34 13.64
CA GLY T 172 -25.05 1.45 12.93
C GLY T 172 -26.11 2.32 12.28
N THR T 173 -25.63 3.39 11.66
CA THR T 173 -26.39 4.16 10.68
C THR T 173 -26.28 3.49 9.31
N ASP T 174 -26.94 4.08 8.31
CA ASP T 174 -26.91 3.51 6.95
C ASP T 174 -25.50 3.43 6.38
N ARG T 175 -24.53 4.12 6.99
CA ARG T 175 -23.11 3.88 6.73
C ARG T 175 -22.72 2.42 6.93
N LEU T 176 -23.36 1.73 7.88
CA LEU T 176 -23.16 0.29 8.07
C LEU T 176 -23.60 -0.52 6.85
N ASP T 177 -24.78 -0.23 6.31
CA ASP T 177 -25.27 -0.95 5.14
C ASP T 177 -24.37 -0.77 3.92
N ALA T 178 -23.75 0.40 3.76
CA ALA T 178 -22.76 0.56 2.70
C ALA T 178 -21.52 -0.31 2.90
N VAL T 179 -21.14 -0.58 4.14
CA VAL T 179 -20.03 -1.48 4.42
C VAL T 179 -20.46 -2.94 4.29
N ILE T 180 -21.63 -3.28 4.80
CA ILE T 180 -22.14 -4.66 4.74
C ILE T 180 -22.27 -5.13 3.29
N LYS T 181 -22.85 -4.30 2.42
CA LYS T 181 -23.07 -4.71 1.03
C LYS T 181 -21.78 -4.99 0.28
N ARG T 182 -20.65 -4.49 0.75
CA ARG T 182 -19.34 -4.74 0.14
C ARG T 182 -18.80 -6.13 0.42
N ASP T 183 -19.44 -6.92 1.30
CA ASP T 183 -19.05 -8.32 1.48
C ASP T 183 -20.30 -9.18 1.56
N GLU T 184 -20.56 -9.91 0.46
CA GLU T 184 -21.70 -10.80 0.34
C GLU T 184 -21.89 -11.71 1.56
N GLN T 185 -20.79 -12.22 2.13
CA GLN T 185 -20.91 -13.16 3.23
C GLN T 185 -21.40 -12.49 4.50
N VAL T 186 -21.06 -11.22 4.70
CA VAL T 186 -21.60 -10.44 5.80
C VAL T 186 -23.04 -10.06 5.50
N LEU T 187 -23.28 -9.55 4.31
CA LEU T 187 -24.63 -9.18 3.88
C LEU T 187 -25.64 -10.30 4.07
N GLU T 188 -25.29 -11.52 3.67
CA GLU T 188 -26.21 -12.63 3.78
C GLU T 188 -26.37 -13.21 5.19
N ARG T 189 -25.39 -13.00 6.07
CA ARG T 189 -25.54 -13.42 7.47
C ARG T 189 -26.34 -12.43 8.31
N PHE T 190 -26.19 -11.14 8.06
CA PHE T 190 -26.80 -10.08 8.86
C PHE T 190 -27.98 -9.42 8.16
N ARG T 191 -28.66 -10.18 7.30
CA ARG T 191 -29.76 -9.65 6.50
C ARG T 191 -30.98 -9.26 7.33
N ALA T 192 -31.34 -10.05 8.34
CA ALA T 192 -32.44 -9.67 9.22
C ALA T 192 -32.11 -8.38 9.97
N HIS T 193 -33.06 -7.44 9.98
CA HIS T 193 -32.79 -6.13 10.55
C HIS T 193 -34.01 -5.56 11.24
N LEU T 194 -33.75 -4.64 12.17
CA LEU T 194 -34.74 -3.75 12.77
C LEU T 194 -34.37 -2.31 12.44
N ARG T 195 -35.37 -1.48 12.17
CA ARG T 195 -35.20 -0.08 11.84
C ARG T 195 -35.57 0.81 13.04
N PHE T 196 -34.69 1.76 13.37
CA PHE T 196 -35.01 2.87 14.26
C PHE T 196 -35.35 4.09 13.43
N GLY T 197 -36.55 4.67 13.64
CA GLY T 197 -37.00 5.81 12.90
C GLY T 197 -37.28 7.01 13.79
N LYS T 198 -37.56 8.14 13.13
CA LYS T 198 -38.00 9.35 13.81
C LYS T 198 -39.36 9.17 14.47
N LEU T 199 -39.55 9.86 15.59
CA LEU T 199 -40.85 10.00 16.22
C LEU T 199 -41.77 10.89 15.38
N SER T 200 -43.07 10.79 15.65
CA SER T 200 -44.06 11.66 15.04
C SER T 200 -45.37 11.58 15.82
N GLY T 201 -46.27 12.50 15.51
CA GLY T 201 -47.66 12.39 15.94
C GLY T 201 -47.83 12.31 17.45
N GLU T 202 -48.70 11.39 17.88
CA GLU T 202 -48.92 11.16 19.30
C GLU T 202 -47.65 10.72 20.01
N ASP T 203 -46.82 9.94 19.31
CA ASP T 203 -45.61 9.40 19.94
C ASP T 203 -44.63 10.49 20.33
N PHE T 204 -44.44 11.47 19.46
CA PHE T 204 -43.65 12.65 19.80
C PHE T 204 -44.30 13.44 20.95
N LYS T 205 -45.60 13.68 20.85
CA LYS T 205 -46.32 14.42 21.90
C LYS T 205 -46.18 13.78 23.27
N ASN T 206 -46.41 12.47 23.38
CA ASN T 206 -46.23 11.78 24.65
C ASN T 206 -44.78 11.77 25.12
N THR T 207 -43.82 11.76 24.19
CA THR T 207 -42.41 11.78 24.57
C THR T 207 -41.99 13.11 25.20
N VAL T 208 -42.33 14.23 24.58
CA VAL T 208 -42.02 15.53 25.17
C VAL T 208 -42.72 15.69 26.52
N GLU T 209 -43.96 15.21 26.63
CA GLU T 209 -44.65 15.22 27.92
C GLU T 209 -43.89 14.46 28.98
N MET T 210 -43.37 13.27 28.65
CA MET T 210 -42.52 12.53 29.58
C MET T 210 -41.23 13.26 29.96
N TRP T 211 -40.58 13.91 29.00
CA TRP T 211 -39.35 14.65 29.33
C TRP T 211 -39.61 15.72 30.39
N GLU T 212 -40.69 16.48 30.23
CA GLU T 212 -41.05 17.49 31.21
C GLU T 212 -41.42 16.87 32.56
N GLN T 213 -42.16 15.77 32.54
CA GLN T 213 -42.55 15.07 33.75
C GLN T 213 -41.37 14.43 34.49
N MET T 214 -40.46 13.77 33.76
CA MET T 214 -39.54 12.85 34.42
C MET T 214 -38.07 13.10 34.14
N VAL T 215 -37.71 14.10 33.34
CA VAL T 215 -36.32 14.44 33.08
C VAL T 215 -35.99 15.86 33.57
N LEU T 216 -36.82 16.83 33.21
CA LEU T 216 -36.53 18.22 33.57
C LEU T 216 -36.73 18.47 35.07
N LYS T 217 -37.78 17.90 35.67
CA LYS T 217 -37.97 17.94 37.12
C LYS T 217 -37.93 19.34 37.71
N LEU T 218 -38.33 20.34 36.92
CA LEU T 218 -38.19 21.73 37.34
C LEU T 218 -39.25 22.10 38.38
N PRO T 219 -39.01 23.16 39.17
CA PRO T 219 -40.00 23.59 40.17
C PRO T 219 -41.37 23.92 39.60
N VAL T 220 -41.42 24.45 38.38
CA VAL T 220 -42.69 24.82 37.75
C VAL T 220 -42.84 24.00 36.48
N SER T 221 -44.08 23.67 36.13
CA SER T 221 -44.34 23.01 34.85
C SER T 221 -44.01 23.94 33.70
N SER T 222 -43.45 23.37 32.63
CA SER T 222 -43.11 24.14 31.43
C SER T 222 -44.22 24.13 30.40
N ASN T 223 -45.09 23.12 30.44
CA ASN T 223 -46.22 22.99 29.51
C ASN T 223 -45.77 22.96 28.06
N LEU T 224 -44.62 22.32 27.83
CA LEU T 224 -44.09 22.10 26.49
C LEU T 224 -45.05 21.31 25.62
N LYS T 225 -45.95 20.54 26.25
CA LYS T 225 -47.01 19.84 25.52
C LYS T 225 -47.92 20.79 24.75
N SER T 226 -48.05 22.03 25.20
CA SER T 226 -49.03 22.93 24.58
C SER T 226 -48.58 23.36 23.19
N LYS T 227 -49.56 23.50 22.30
CA LYS T 227 -49.33 23.47 20.85
C LYS T 227 -48.30 24.48 20.38
N GLU T 228 -48.32 25.70 20.90
CA GLU T 228 -47.38 26.70 20.43
C GLU T 228 -45.95 26.49 20.93
N MET T 229 -45.75 25.68 21.98
CA MET T 229 -44.41 25.20 22.27
C MET T 229 -44.07 23.92 21.53
N LEU T 230 -45.03 23.00 21.40
CA LEU T 230 -44.85 21.80 20.60
C LEU T 230 -44.46 22.14 19.17
N ARG T 231 -44.99 23.23 18.63
CA ARG T 231 -44.60 23.70 17.31
C ARG T 231 -43.11 24.03 17.25
N ILE T 232 -42.58 24.64 18.30
CA ILE T 232 -41.15 24.96 18.33
C ILE T 232 -40.31 23.68 18.40
N LEU T 233 -40.65 22.77 19.32
CA LEU T 233 -39.91 21.53 19.46
C LEU T 233 -39.98 20.65 18.23
N THR T 234 -41.16 20.51 17.62
CA THR T 234 -41.29 19.72 16.41
C THR T 234 -40.41 20.27 15.29
N SER T 235 -40.34 21.59 15.15
CA SER T 235 -39.53 22.20 14.10
C SER T 235 -38.04 21.96 14.34
N ALA T 236 -37.55 22.27 15.54
CA ALA T 236 -36.12 22.17 15.81
C ALA T 236 -35.63 20.72 15.89
N THR T 237 -36.42 19.81 16.47
CA THR T 237 -35.95 18.44 16.65
C THR T 237 -36.08 17.57 15.41
N GLU T 238 -36.99 17.88 14.50
CA GLU T 238 -37.37 17.00 13.40
C GLU T 238 -37.80 15.61 13.87
N GLY T 239 -38.11 15.43 15.15
CA GLY T 239 -38.41 14.14 15.71
C GLY T 239 -37.24 13.27 16.11
N TYR T 240 -36.01 13.78 16.04
CA TYR T 240 -34.88 13.08 16.62
C TYR T 240 -34.87 13.24 18.14
N ILE T 241 -34.83 12.10 18.84
CA ILE T 241 -34.85 12.11 20.30
C ILE T 241 -33.62 12.79 20.86
N GLY T 242 -32.47 12.66 20.18
CA GLY T 242 -31.27 13.29 20.67
C GLY T 242 -31.25 14.80 20.54
N ARG T 243 -31.90 15.33 19.50
CA ARG T 243 -32.14 16.77 19.46
C ARG T 243 -33.09 17.20 20.57
N LEU T 244 -34.17 16.46 20.77
CA LEU T 244 -35.14 16.77 21.82
C LEU T 244 -34.45 16.85 23.19
N ASP T 245 -33.71 15.81 23.57
CA ASP T 245 -33.02 15.79 24.85
C ASP T 245 -32.08 16.96 25.03
N GLU T 246 -31.19 17.19 24.06
CA GLU T 246 -30.17 18.22 24.19
C GLU T 246 -30.76 19.63 24.21
N ILE T 247 -31.80 19.87 23.41
CA ILE T 247 -32.47 21.17 23.42
C ILE T 247 -33.11 21.47 24.77
N LEU T 248 -33.87 20.53 25.32
CA LEU T 248 -34.58 20.81 26.57
C LEU T 248 -33.64 20.96 27.77
N ARG T 249 -32.60 20.14 27.85
CA ARG T 249 -31.61 20.34 28.92
C ARG T 249 -30.88 21.68 28.81
N GLU T 250 -30.45 22.06 27.60
CA GLU T 250 -29.81 23.35 27.42
C GLU T 250 -30.74 24.50 27.80
N ALA T 251 -31.97 24.46 27.31
CA ALA T 251 -32.95 25.49 27.67
C ALA T 251 -33.23 25.55 29.17
N ALA T 252 -33.30 24.39 29.82
CA ALA T 252 -33.49 24.37 31.26
C ALA T 252 -32.31 24.99 32.01
N ILE T 253 -31.09 24.60 31.65
CA ILE T 253 -29.91 25.15 32.32
C ILE T 253 -29.81 26.66 32.10
N ARG T 254 -30.14 27.12 30.89
CA ARG T 254 -30.24 28.56 30.64
C ARG T 254 -31.30 29.20 31.52
N SER T 255 -32.51 28.62 31.57
CA SER T 255 -33.58 29.17 32.40
C SER T 255 -33.17 29.27 33.87
N LEU T 256 -32.69 28.17 34.45
CA LEU T 256 -32.27 28.17 35.84
C LEU T 256 -31.10 29.14 36.10
N SER T 257 -30.19 29.26 35.15
CA SER T 257 -29.11 30.23 35.29
C SER T 257 -29.62 31.67 35.30
N ARG T 258 -30.67 31.97 34.54
CA ARG T 258 -31.22 33.32 34.49
C ARG T 258 -32.41 33.53 35.42
N GLY T 259 -32.70 32.57 36.30
CA GLY T 259 -33.72 32.74 37.31
C GLY T 259 -35.12 32.34 36.90
N LEU T 260 -35.30 31.76 35.72
CA LEU T 260 -36.59 31.27 35.28
C LEU T 260 -36.80 29.86 35.85
N LYS T 261 -37.90 29.68 36.58
CA LYS T 261 -38.18 28.42 37.28
C LYS T 261 -38.84 27.39 36.37
N LYS T 262 -38.88 27.68 35.08
CA LYS T 262 -39.43 26.80 34.05
C LYS T 262 -38.76 27.17 32.74
N ILE T 263 -38.90 26.32 31.73
CA ILE T 263 -38.66 26.80 30.38
C ILE T 263 -39.71 27.85 30.03
N ASP T 264 -39.28 28.93 29.40
CA ASP T 264 -40.17 29.92 28.85
C ASP T 264 -40.00 29.98 27.34
N LYS T 265 -41.08 30.33 26.65
CA LYS T 265 -41.11 30.20 25.21
C LYS T 265 -40.00 30.99 24.52
N ALA T 266 -39.61 32.12 25.09
CA ALA T 266 -38.49 32.90 24.54
C ALA T 266 -37.16 32.15 24.59
N VAL T 267 -36.77 31.64 25.77
CA VAL T 267 -35.51 30.89 25.85
C VAL T 267 -35.57 29.62 25.01
N LEU T 268 -36.73 28.97 24.97
CA LEU T 268 -36.91 27.83 24.06
C LEU T 268 -36.69 28.23 22.61
N GLN T 269 -37.28 29.35 22.19
CA GLN T 269 -37.04 29.86 20.84
C GLN T 269 -35.58 30.26 20.61
N GLU T 270 -34.93 30.82 21.63
CA GLU T 270 -33.50 31.12 21.53
C GLU T 270 -32.65 29.87 21.30
N VAL T 271 -32.91 28.80 22.05
CA VAL T 271 -32.16 27.56 21.86
C VAL T 271 -32.43 27.00 20.46
N ALA T 272 -33.71 26.84 20.12
CA ALA T 272 -34.08 26.25 18.83
C ALA T 272 -33.44 26.96 17.65
N LYS T 273 -33.22 28.27 17.76
CA LYS T 273 -32.61 29.02 16.68
C LYS T 273 -31.18 28.62 16.37
N GLU T 274 -30.46 28.01 17.32
CA GLU T 274 -29.07 27.67 17.06
C GLU T 274 -28.88 26.41 16.24
N TYR T 275 -29.94 25.66 15.97
CA TYR T 275 -29.76 24.34 15.41
C TYR T 275 -30.04 24.30 13.92
N GLU U 19 16.30 54.38 20.29
CA GLU U 19 15.83 55.28 19.25
C GLU U 19 14.32 55.14 19.07
N TRP U 20 13.67 56.27 18.79
CA TRP U 20 12.20 56.35 18.82
C TRP U 20 11.55 55.44 17.79
N LEU U 21 11.93 55.59 16.53
CA LEU U 21 11.17 54.98 15.43
C LEU U 21 11.09 53.46 15.60
N GLN U 22 12.21 52.81 15.90
CA GLN U 22 12.24 51.35 16.03
C GLN U 22 11.32 50.84 17.13
N ALA U 23 11.16 51.59 18.21
CA ALA U 23 10.35 51.13 19.34
C ALA U 23 8.86 51.15 19.05
N GLU U 24 8.36 52.24 18.45
CA GLU U 24 6.94 52.30 18.10
C GLU U 24 6.60 51.38 16.93
N ILE U 25 7.50 51.22 15.97
CA ILE U 25 7.29 50.25 14.89
C ILE U 25 7.29 48.82 15.43
N ALA U 26 8.24 48.48 16.30
CA ALA U 26 8.26 47.14 16.90
C ALA U 26 7.01 46.86 17.73
N ARG U 27 6.36 47.90 18.25
CA ARG U 27 5.04 47.74 18.84
C ARG U 27 3.96 47.56 17.77
N LEU U 28 3.91 48.46 16.79
CA LEU U 28 2.84 48.46 15.81
C LEU U 28 2.82 47.22 14.92
N LYS U 29 3.97 46.64 14.58
CA LYS U 29 3.95 45.38 13.87
C LYS U 29 3.45 44.20 14.71
N GLY U 30 3.20 44.38 16.01
CA GLY U 30 2.71 43.31 16.85
C GLY U 30 1.22 43.03 16.70
N LYS U 31 0.70 42.26 17.65
CA LYS U 31 -0.73 41.96 17.74
C LYS U 31 -1.28 42.46 19.07
N SER U 32 -2.57 42.79 19.07
CA SER U 32 -3.29 43.26 20.26
C SER U 32 -4.74 42.82 20.16
N ILE U 33 -5.39 42.66 21.31
CA ILE U 33 -6.75 42.13 21.39
C ILE U 33 -7.68 43.20 21.94
N VAL U 34 -8.66 43.56 21.15
CA VAL U 34 -9.66 44.58 21.51
C VAL U 34 -10.95 43.86 21.90
N PRO U 35 -11.58 44.22 23.01
CA PRO U 35 -12.82 43.54 23.45
C PRO U 35 -14.05 43.95 22.65
N LEU U 36 -14.14 43.45 21.42
CA LEU U 36 -15.34 43.67 20.63
C LEU U 36 -16.54 42.96 21.24
N GLN U 37 -17.73 43.48 20.95
CA GLN U 37 -18.97 42.81 21.32
C GLN U 37 -19.07 41.42 20.72
N GLN U 38 -18.51 41.23 19.53
CA GLN U 38 -18.43 39.91 18.91
C GLN U 38 -17.66 38.93 19.79
N VAL U 39 -16.63 39.42 20.48
CA VAL U 39 -15.89 38.57 21.42
C VAL U 39 -16.73 38.24 22.64
N LYS U 40 -17.46 39.20 23.17
CA LYS U 40 -18.27 38.95 24.35
C LYS U 40 -19.41 37.98 24.10
N THR U 41 -20.09 38.09 22.96
CA THR U 41 -21.18 37.16 22.66
C THR U 41 -20.69 35.72 22.47
N LEU U 42 -19.52 35.53 21.88
CA LEU U 42 -18.91 34.20 21.86
C LEU U 42 -18.64 33.69 23.26
N HIS U 43 -18.00 34.50 24.10
CA HIS U 43 -17.62 34.05 25.43
C HIS U 43 -18.84 33.68 26.27
N ASP U 44 -19.86 34.53 26.28
CA ASP U 44 -21.08 34.19 26.99
C ASP U 44 -21.75 32.93 26.44
N TRP U 45 -21.55 32.66 25.14
CA TRP U 45 -22.08 31.45 24.53
C TRP U 45 -21.26 30.20 24.88
N LEU U 46 -19.93 30.30 24.77
CA LEU U 46 -19.06 29.21 25.19
C LEU U 46 -19.18 28.90 26.69
N ASP U 47 -19.44 29.91 27.52
CA ASP U 47 -19.71 29.65 28.94
C ASP U 47 -20.98 28.84 29.16
N GLY U 48 -22.04 29.14 28.42
CA GLY U 48 -23.22 28.30 28.48
C GLY U 48 -23.00 26.89 27.96
N LYS U 49 -22.25 26.76 26.86
CA LYS U 49 -21.97 25.44 26.32
C LYS U 49 -21.08 24.64 27.26
N ARG U 50 -20.12 25.29 27.90
CA ARG U 50 -19.25 24.60 28.86
C ARG U 50 -20.02 24.12 30.07
N LYS U 51 -20.96 24.93 30.58
CA LYS U 51 -21.80 24.49 31.68
C LYS U 51 -22.61 23.26 31.29
N ALA U 52 -23.20 23.26 30.10
CA ALA U 52 -23.97 22.11 29.63
C ALA U 52 -23.09 20.97 29.13
N ARG U 53 -21.77 21.17 29.04
CA ARG U 53 -20.86 20.25 28.36
C ARG U 53 -21.30 19.94 26.93
N LYS U 54 -22.00 20.89 26.29
CA LYS U 54 -22.64 20.66 25.01
C LYS U 54 -21.68 20.94 23.86
N SER U 55 -21.53 19.96 22.98
CA SER U 55 -20.75 20.14 21.76
C SER U 55 -21.48 21.01 20.74
N CYS U 56 -20.72 21.73 19.94
CA CYS U 56 -21.23 22.79 19.09
C CYS U 56 -20.12 23.19 18.14
N ARG U 57 -20.46 24.07 17.19
CA ARG U 57 -19.46 24.64 16.30
C ARG U 57 -19.58 26.15 16.19
N VAL U 58 -18.44 26.80 15.97
CA VAL U 58 -18.38 28.22 15.64
C VAL U 58 -17.97 28.36 14.19
N VAL U 59 -18.84 28.98 13.39
CA VAL U 59 -18.65 29.12 11.95
C VAL U 59 -18.72 30.59 11.58
N GLY U 60 -17.95 30.96 10.57
CA GLY U 60 -18.01 32.30 10.04
C GLY U 60 -16.89 32.59 9.06
N GLU U 61 -17.04 33.65 8.27
CA GLU U 61 -16.08 33.98 7.23
C GLU U 61 -14.67 34.17 7.79
N SER U 62 -13.69 33.98 6.92
CA SER U 62 -12.29 34.20 7.24
C SER U 62 -12.03 35.65 7.68
N ARG U 63 -11.10 35.80 8.63
CA ARG U 63 -10.70 37.07 9.23
C ARG U 63 -11.84 37.82 9.92
N THR U 64 -12.86 37.10 10.38
CA THR U 64 -13.89 37.68 11.24
C THR U 64 -13.52 37.69 12.73
N GLY U 65 -12.34 37.19 13.10
CA GLY U 65 -11.90 37.23 14.47
C GLY U 65 -12.18 36.00 15.31
N LYS U 66 -12.57 34.89 14.69
CA LYS U 66 -12.95 33.68 15.42
C LYS U 66 -11.80 33.14 16.28
N THR U 67 -10.60 33.06 15.70
CA THR U 67 -9.41 32.62 16.43
C THR U 67 -9.03 33.53 17.59
N VAL U 68 -8.99 34.84 17.35
CA VAL U 68 -8.65 35.78 18.43
C VAL U 68 -9.66 35.73 19.56
N ALA U 69 -10.94 35.58 19.24
CA ALA U 69 -11.96 35.45 20.28
C ALA U 69 -11.85 34.14 21.05
N CYS U 70 -11.49 33.05 20.38
CA CYS U 70 -11.28 31.78 21.07
C CYS U 70 -10.00 31.77 21.91
N ASP U 71 -8.94 32.40 21.42
CA ASP U 71 -7.76 32.64 22.26
C ASP U 71 -8.11 33.45 23.50
N ALA U 72 -8.88 34.54 23.32
CA ALA U 72 -9.33 35.32 24.46
C ALA U 72 -10.14 34.50 25.46
N TYR U 73 -10.97 33.58 24.99
CA TYR U 73 -11.74 32.74 25.91
C TYR U 73 -10.85 31.77 26.67
N ARG U 74 -9.90 31.16 25.98
CA ARG U 74 -8.93 30.28 26.60
C ARG U 74 -8.07 30.99 27.64
N TYR U 75 -7.66 32.22 27.35
CA TYR U 75 -6.85 32.99 28.31
C TYR U 75 -7.63 33.44 29.54
N ARG U 76 -8.96 33.61 29.44
CA ARG U 76 -9.73 33.88 30.65
C ARG U 76 -9.90 32.65 31.53
N HIS U 77 -9.85 31.46 30.96
CA HIS U 77 -10.00 30.21 31.71
C HIS U 77 -8.67 29.49 31.80
N LYS U 78 -7.80 30.03 32.65
CA LYS U 78 -6.42 29.58 32.75
C LYS U 78 -6.32 28.18 33.37
N PRO U 79 -5.31 27.42 33.00
CA PRO U 79 -4.81 26.33 33.85
C PRO U 79 -4.65 26.79 35.29
N GLN U 80 -5.23 26.02 36.20
CA GLN U 80 -5.07 26.23 37.64
C GLN U 80 -4.07 25.22 38.17
N GLN U 81 -3.06 25.71 38.87
CA GLN U 81 -2.10 24.85 39.54
C GLN U 81 -2.64 24.41 40.89
N GLU U 82 -2.35 23.17 41.24
CA GLU U 82 -2.44 22.67 42.60
C GLU U 82 -1.17 21.89 42.91
N ALA U 83 -0.64 22.08 44.11
CA ALA U 83 0.74 21.70 44.41
C ALA U 83 0.96 20.19 44.26
N GLY U 84 1.84 19.83 43.34
CA GLY U 84 2.14 18.45 43.00
C GLY U 84 1.10 17.72 42.20
N ARG U 85 -0.05 18.34 41.93
CA ARG U 85 -1.04 17.77 41.04
C ARG U 85 -0.73 18.15 39.60
N PRO U 86 -1.20 17.38 38.62
CA PRO U 86 -1.30 17.91 37.27
C PRO U 86 -2.28 19.08 37.23
N PRO U 87 -2.08 20.02 36.31
CA PRO U 87 -2.91 21.23 36.32
C PRO U 87 -4.35 20.93 35.98
N THR U 88 -5.27 21.60 36.69
CA THR U 88 -6.65 21.67 36.24
C THR U 88 -6.77 22.62 35.07
N VAL U 89 -7.18 22.08 33.92
CA VAL U 89 -7.24 22.87 32.69
C VAL U 89 -8.67 22.83 32.14
N PRO U 90 -9.52 23.78 32.51
CA PRO U 90 -10.92 23.70 32.08
C PRO U 90 -11.10 23.73 30.56
N VAL U 91 -10.42 24.63 29.87
CA VAL U 91 -10.51 24.79 28.43
C VAL U 91 -9.19 24.40 27.79
N VAL U 92 -9.22 23.41 26.90
CA VAL U 92 -8.12 23.12 25.99
C VAL U 92 -8.40 23.82 24.68
N TYR U 93 -7.37 24.41 24.09
CA TYR U 93 -7.44 24.94 22.74
C TYR U 93 -6.34 24.34 21.90
N ILE U 94 -6.69 23.75 20.77
CA ILE U 94 -5.73 23.22 19.81
C ILE U 94 -6.07 23.75 18.42
N ARG U 95 -5.03 24.11 17.66
CA ARG U 95 -5.16 24.17 16.21
C ARG U 95 -4.43 23.00 15.60
N PRO U 96 -5.14 21.98 15.11
CA PRO U 96 -4.51 20.93 14.31
C PRO U 96 -3.68 21.46 13.15
N HIS U 97 -2.59 20.75 12.85
CA HIS U 97 -1.95 20.87 11.56
C HIS U 97 -2.83 20.23 10.48
N GLN U 98 -2.52 20.56 9.23
CA GLN U 98 -3.27 20.01 8.12
C GLN U 98 -3.16 18.49 8.09
N LYS U 99 -4.24 17.83 7.67
CA LYS U 99 -4.35 16.37 7.65
C LYS U 99 -4.06 15.77 9.03
N CYS U 100 -4.72 16.31 10.06
CA CYS U 100 -4.54 15.82 11.42
C CYS U 100 -5.15 14.43 11.56
N GLY U 101 -4.31 13.44 11.79
CA GLY U 101 -4.77 12.11 12.13
C GLY U 101 -4.96 11.92 13.62
N PRO U 102 -5.43 10.74 14.02
CA PRO U 102 -5.67 10.48 15.45
C PRO U 102 -4.48 10.72 16.38
N LYS U 103 -3.30 10.18 16.06
CA LYS U 103 -2.15 10.42 16.91
C LYS U 103 -1.75 11.89 16.93
N ASP U 104 -1.92 12.60 15.81
CA ASP U 104 -1.63 14.03 15.78
C ASP U 104 -2.55 14.79 16.70
N LEU U 105 -3.84 14.46 16.70
CA LEU U 105 -4.79 15.04 17.63
C LEU U 105 -4.46 14.70 19.08
N PHE U 106 -4.20 13.43 19.36
CA PHE U 106 -3.86 13.01 20.73
C PHE U 106 -2.58 13.67 21.22
N LYS U 107 -1.54 13.73 20.39
CA LYS U 107 -0.32 14.45 20.73
C LYS U 107 -0.57 15.93 21.05
N LYS U 108 -1.36 16.61 20.23
CA LYS U 108 -1.66 18.02 20.50
C LYS U 108 -2.45 18.22 21.79
N ILE U 109 -3.42 17.36 22.08
CA ILE U 109 -4.16 17.47 23.32
C ILE U 109 -3.25 17.21 24.51
N THR U 110 -2.52 16.09 24.48
CA THR U 110 -1.72 15.70 25.64
C THR U 110 -0.54 16.64 25.85
N GLU U 111 0.00 17.26 24.79
CA GLU U 111 1.03 18.28 24.93
C GLU U 111 0.48 19.66 25.26
N TYR U 112 -0.83 19.87 25.18
CA TYR U 112 -1.39 21.13 25.66
C TYR U 112 -1.50 21.11 27.18
N LEU U 113 -2.04 20.04 27.72
CA LEU U 113 -1.70 19.63 29.06
C LEU U 113 -0.20 19.37 29.08
N LYS U 114 0.43 19.46 30.24
CA LYS U 114 1.88 19.59 30.20
C LYS U 114 2.61 18.25 30.19
N TYR U 115 2.28 17.39 29.23
CA TYR U 115 2.82 16.04 29.14
C TYR U 115 3.60 15.87 27.84
N ARG U 116 4.64 15.06 27.91
CA ARG U 116 5.31 14.55 26.72
C ARG U 116 4.61 13.29 26.23
N VAL U 117 4.51 13.14 24.91
CA VAL U 117 4.16 11.86 24.33
C VAL U 117 5.34 10.89 24.42
N THR U 118 5.04 9.62 24.65
CA THR U 118 5.98 8.53 24.45
C THR U 118 5.65 7.83 23.15
N LYS U 119 6.67 7.38 22.43
CA LYS U 119 6.49 6.49 21.29
C LYS U 119 5.48 5.39 21.62
N GLY U 120 4.54 5.16 20.72
CA GLY U 120 3.49 4.19 21.02
C GLY U 120 2.51 4.07 19.88
N THR U 121 1.61 3.11 20.04
CA THR U 121 0.52 2.89 19.10
C THR U 121 -0.54 3.98 19.24
N VAL U 122 -1.39 4.09 18.22
CA VAL U 122 -2.59 4.92 18.31
C VAL U 122 -3.41 4.57 19.55
N SER U 123 -3.48 3.29 19.89
CA SER U 123 -4.19 2.86 21.10
C SER U 123 -3.51 3.37 22.38
N ASP U 124 -2.17 3.37 22.42
CA ASP U 124 -1.46 3.94 23.56
C ASP U 124 -1.70 5.45 23.68
N PHE U 125 -1.65 6.17 22.56
CA PHE U 125 -1.92 7.61 22.59
C PHE U 125 -3.34 7.90 23.02
N ARG U 126 -4.31 7.12 22.54
CA ARG U 126 -5.70 7.31 22.95
C ARG U 126 -5.87 7.10 24.45
N ASP U 127 -5.43 5.96 24.97
CA ASP U 127 -5.60 5.69 26.40
C ASP U 127 -4.92 6.73 27.27
N ARG U 128 -3.74 7.19 26.89
CA ARG U 128 -3.06 8.26 27.63
C ARG U 128 -3.79 9.59 27.51
N THR U 129 -4.36 9.90 26.34
CA THR U 129 -5.13 11.13 26.20
C THR U 129 -6.40 11.11 27.04
N ILE U 130 -7.14 10.00 27.00
CA ILE U 130 -8.34 9.89 27.81
C ILE U 130 -8.01 9.95 29.29
N GLU U 131 -6.86 9.38 29.67
CA GLU U 131 -6.38 9.45 31.05
C GLU U 131 -6.07 10.87 31.49
N VAL U 132 -5.47 11.69 30.62
CA VAL U 132 -5.11 13.05 31.00
C VAL U 132 -6.18 14.10 30.73
N LEU U 133 -7.12 13.84 29.84
CA LEU U 133 -8.30 14.69 29.77
C LEU U 133 -9.13 14.60 31.04
N LYS U 134 -9.23 13.40 31.61
CA LYS U 134 -9.56 13.26 33.02
C LYS U 134 -8.35 13.62 33.88
N GLY U 135 -8.60 13.98 35.12
CA GLY U 135 -7.48 14.32 35.98
C GLY U 135 -6.90 15.71 35.76
N CYS U 136 -6.76 16.14 34.52
CA CYS U 136 -6.70 17.58 34.26
C CYS U 136 -8.07 18.25 34.30
N GLY U 137 -9.14 17.47 34.43
CA GLY U 137 -10.46 18.04 34.61
C GLY U 137 -10.95 18.85 33.44
N VAL U 138 -10.56 18.48 32.22
CA VAL U 138 -10.98 19.21 31.03
C VAL U 138 -12.49 19.17 30.88
N GLU U 139 -13.07 20.30 30.49
CA GLU U 139 -14.51 20.40 30.30
C GLU U 139 -14.90 21.01 28.97
N MET U 140 -14.02 21.73 28.29
CA MET U 140 -14.25 22.18 26.93
C MET U 140 -12.98 22.01 26.13
N LEU U 141 -13.12 21.46 24.93
CA LEU U 141 -12.04 21.35 23.95
C LEU U 141 -12.42 22.15 22.72
N ILE U 142 -11.64 23.17 22.40
CA ILE U 142 -11.82 23.96 21.20
C ILE U 142 -10.83 23.47 20.15
N ILE U 143 -11.36 23.03 19.01
CA ILE U 143 -10.54 22.63 17.87
C ILE U 143 -10.71 23.72 16.83
N ASP U 144 -9.72 24.60 16.75
CA ASP U 144 -9.69 25.66 15.77
C ASP U 144 -9.19 25.14 14.42
N GLU U 145 -9.88 25.58 13.36
CA GLU U 145 -9.75 25.00 12.02
C GLU U 145 -9.95 23.49 12.03
N ALA U 146 -11.09 23.10 12.61
CA ALA U 146 -11.49 21.70 12.70
C ALA U 146 -11.64 21.03 11.33
N ASP U 147 -11.73 21.81 10.25
CA ASP U 147 -11.69 21.26 8.89
C ASP U 147 -10.36 20.61 8.53
N ARG U 148 -9.32 20.82 9.32
CA ARG U 148 -8.04 20.15 9.08
C ARG U 148 -8.03 18.70 9.56
N LEU U 149 -8.99 18.32 10.41
CA LEU U 149 -9.14 16.94 10.84
C LEU U 149 -9.41 16.02 9.66
N LYS U 150 -8.70 14.89 9.61
CA LYS U 150 -9.06 13.81 8.70
C LYS U 150 -10.45 13.25 9.03
N PRO U 151 -11.17 12.75 8.02
CA PRO U 151 -12.48 12.11 8.27
C PRO U 151 -12.46 11.03 9.35
N GLU U 152 -11.40 10.23 9.42
CA GLU U 152 -11.29 9.18 10.44
C GLU U 152 -11.16 9.73 11.85
N THR U 153 -10.51 10.88 12.04
CA THR U 153 -10.24 11.35 13.38
C THR U 153 -11.47 11.97 14.06
N PHE U 154 -12.49 12.33 13.29
CA PHE U 154 -13.74 12.79 13.89
C PHE U 154 -14.40 11.74 14.77
N ALA U 155 -14.18 10.46 14.48
CA ALA U 155 -14.68 9.40 15.36
C ALA U 155 -14.07 9.45 16.75
N ASP U 156 -12.78 9.76 16.85
CA ASP U 156 -12.17 9.96 18.17
C ASP U 156 -12.61 11.26 18.83
N VAL U 157 -12.84 12.31 18.04
CA VAL U 157 -13.44 13.54 18.57
C VAL U 157 -14.84 13.28 19.12
N ARG U 158 -15.65 12.52 18.38
CA ARG U 158 -16.98 12.17 18.86
C ARG U 158 -16.94 11.28 20.09
N ASP U 159 -15.98 10.36 20.16
CA ASP U 159 -15.83 9.53 21.34
C ASP U 159 -15.34 10.31 22.55
N ILE U 160 -14.49 11.32 22.36
CA ILE U 160 -14.14 12.22 23.46
C ILE U 160 -15.37 12.97 23.97
N ALA U 161 -16.19 13.48 23.05
CA ALA U 161 -17.40 14.18 23.45
C ALA U 161 -18.45 13.24 24.06
N GLU U 162 -18.46 11.98 23.67
CA GLU U 162 -19.44 11.04 24.19
C GLU U 162 -18.99 10.32 25.45
N ASP U 163 -17.72 9.88 25.50
CA ASP U 163 -17.30 9.07 26.63
C ASP U 163 -16.96 9.93 27.84
N LEU U 164 -16.38 11.09 27.61
CA LEU U 164 -16.23 12.09 28.65
C LEU U 164 -17.32 13.14 28.45
N GLY U 165 -17.74 13.77 29.53
CA GLY U 165 -18.59 14.92 29.39
C GLY U 165 -17.83 16.16 29.01
N ILE U 166 -17.36 16.26 27.77
CA ILE U 166 -16.59 17.40 27.32
C ILE U 166 -17.35 18.08 26.18
N ALA U 167 -17.54 19.39 26.31
CA ALA U 167 -17.99 20.23 25.22
C ALA U 167 -16.88 20.37 24.18
N VAL U 168 -17.04 19.72 23.04
CA VAL U 168 -16.12 19.92 21.92
C VAL U 168 -16.64 21.06 21.06
N VAL U 169 -15.78 22.03 20.78
CA VAL U 169 -16.12 23.19 19.97
C VAL U 169 -15.31 23.14 18.69
N LEU U 170 -15.98 22.92 17.56
CA LEU U 170 -15.35 22.97 16.26
C LEU U 170 -15.41 24.38 15.70
N VAL U 171 -14.30 24.88 15.20
CA VAL U 171 -14.20 26.24 14.66
C VAL U 171 -13.64 26.17 13.25
N GLY U 172 -14.24 26.94 12.35
CA GLY U 172 -13.81 26.96 10.97
C GLY U 172 -14.70 27.88 10.17
N THR U 173 -14.42 27.94 8.87
CA THR U 173 -15.28 28.67 7.95
C THR U 173 -16.28 27.70 7.32
N ASP U 174 -16.90 28.08 6.21
CA ASP U 174 -17.81 27.20 5.49
C ASP U 174 -17.17 25.89 5.05
N ARG U 175 -15.85 25.86 4.91
CA ARG U 175 -15.14 24.60 4.69
C ARG U 175 -15.47 23.56 5.75
N LEU U 176 -15.68 23.99 7.00
CA LEU U 176 -16.05 23.06 8.06
C LEU U 176 -17.44 22.48 7.82
N ASP U 177 -18.41 23.31 7.42
CA ASP U 177 -19.72 22.78 7.05
C ASP U 177 -19.67 21.82 5.87
N ALA U 178 -18.73 22.00 4.95
CA ALA U 178 -18.56 21.03 3.86
C ALA U 178 -17.94 19.72 4.34
N VAL U 179 -17.07 19.77 5.33
CA VAL U 179 -16.49 18.55 5.92
C VAL U 179 -17.51 17.84 6.80
N ILE U 180 -18.22 18.61 7.65
CA ILE U 180 -19.13 18.02 8.63
C ILE U 180 -20.30 17.32 7.95
N LYS U 181 -20.91 17.96 6.95
CA LYS U 181 -22.12 17.40 6.33
C LYS U 181 -21.89 16.05 5.64
N ARG U 182 -20.65 15.68 5.35
CA ARG U 182 -20.33 14.37 4.79
C ARG U 182 -20.22 13.26 5.83
N ASP U 183 -20.53 13.53 7.10
CA ASP U 183 -20.66 12.49 8.12
C ASP U 183 -21.83 12.87 9.01
N GLU U 184 -22.97 12.19 8.81
CA GLU U 184 -24.18 12.55 9.52
C GLU U 184 -24.04 12.40 11.04
N GLN U 185 -23.18 11.48 11.49
CA GLN U 185 -22.97 11.35 12.93
C GLN U 185 -22.24 12.57 13.51
N VAL U 186 -21.29 13.12 12.75
CA VAL U 186 -20.66 14.38 13.13
C VAL U 186 -21.64 15.53 12.99
N LEU U 187 -22.30 15.63 11.83
CA LEU U 187 -23.27 16.69 11.59
C LEU U 187 -24.30 16.79 12.71
N GLU U 188 -24.84 15.66 13.15
CA GLU U 188 -25.91 15.68 14.13
C GLU U 188 -25.43 15.90 15.57
N ARG U 189 -24.13 15.82 15.83
CA ARG U 189 -23.58 16.15 17.15
C ARG U 189 -23.14 17.61 17.29
N PHE U 190 -22.64 18.21 16.22
CA PHE U 190 -22.12 19.57 16.22
C PHE U 190 -23.06 20.58 15.55
N ARG U 191 -24.35 20.28 15.48
CA ARG U 191 -25.26 21.13 14.71
C ARG U 191 -25.60 22.45 15.40
N ALA U 192 -25.52 22.55 16.73
CA ALA U 192 -25.65 23.84 17.37
C ALA U 192 -24.47 24.72 16.96
N HIS U 193 -24.75 25.94 16.51
CA HIS U 193 -23.71 26.81 16.01
C HIS U 193 -23.90 28.25 16.40
N LEU U 194 -22.80 29.01 16.27
CA LEU U 194 -22.76 30.46 16.35
C LEU U 194 -22.11 31.00 15.09
N ARG U 195 -22.68 32.06 14.52
CA ARG U 195 -22.15 32.72 13.33
C ARG U 195 -21.39 33.99 13.70
N PHE U 196 -20.12 34.07 13.30
CA PHE U 196 -19.39 35.33 13.29
C PHE U 196 -19.73 36.14 12.05
N GLY U 197 -20.10 37.39 12.25
CA GLY U 197 -20.53 38.26 11.18
C GLY U 197 -19.46 39.24 10.71
N LYS U 198 -19.70 39.82 9.54
CA LYS U 198 -19.09 41.09 9.21
C LYS U 198 -19.59 42.18 10.16
N LEU U 199 -18.72 43.12 10.49
CA LEU U 199 -19.16 44.36 11.11
C LEU U 199 -19.82 45.27 10.09
N SER U 200 -20.59 46.22 10.59
CA SER U 200 -21.21 47.25 9.77
C SER U 200 -21.64 48.42 10.65
N GLY U 201 -21.98 49.52 9.99
CA GLY U 201 -22.73 50.61 10.60
C GLY U 201 -22.07 51.26 11.80
N GLU U 202 -22.88 51.46 12.84
CA GLU U 202 -22.42 52.09 14.07
C GLU U 202 -21.43 51.22 14.85
N ASP U 203 -21.54 49.90 14.74
CA ASP U 203 -20.53 49.02 15.30
C ASP U 203 -19.22 49.16 14.56
N PHE U 204 -19.27 49.25 13.23
CA PHE U 204 -18.06 49.48 12.45
C PHE U 204 -17.45 50.84 12.77
N LYS U 205 -18.29 51.88 12.82
CA LYS U 205 -17.82 53.19 13.27
C LYS U 205 -17.21 53.14 14.67
N ASN U 206 -17.90 52.50 15.61
CA ASN U 206 -17.37 52.33 16.97
C ASN U 206 -16.07 51.52 17.01
N THR U 207 -15.93 50.52 16.15
CA THR U 207 -14.69 49.74 16.11
C THR U 207 -13.51 50.55 15.61
N VAL U 208 -13.70 51.30 14.53
CA VAL U 208 -12.67 52.21 14.02
C VAL U 208 -12.23 53.20 15.08
N GLU U 209 -13.18 53.80 15.80
CA GLU U 209 -12.85 54.74 16.87
C GLU U 209 -11.91 54.15 17.90
N MET U 210 -12.13 52.89 18.30
CA MET U 210 -11.25 52.26 19.28
C MET U 210 -9.82 52.10 18.79
N TRP U 211 -9.62 51.77 17.51
CA TRP U 211 -8.29 51.34 17.04
C TRP U 211 -7.23 52.42 17.23
N GLU U 212 -7.50 53.66 16.81
CA GLU U 212 -6.47 54.68 16.89
C GLU U 212 -6.12 55.07 18.32
N GLN U 213 -7.06 54.91 19.24
CA GLN U 213 -6.80 55.23 20.65
C GLN U 213 -6.42 54.03 21.50
N MET U 214 -6.80 52.82 21.09
CA MET U 214 -6.51 51.62 21.85
C MET U 214 -5.41 50.75 21.26
N VAL U 215 -5.09 50.92 19.97
CA VAL U 215 -4.09 50.11 19.30
C VAL U 215 -2.96 50.98 18.77
N LEU U 216 -3.28 51.99 17.98
CA LEU U 216 -2.23 52.76 17.32
C LEU U 216 -1.53 53.70 18.30
N LYS U 217 -2.28 54.59 18.94
CA LYS U 217 -1.74 55.58 19.87
C LYS U 217 -0.50 56.29 19.31
N LEU U 218 -0.61 56.72 18.06
CA LEU U 218 0.33 57.70 17.53
C LEU U 218 0.23 59.00 18.31
N PRO U 219 1.30 59.80 18.35
CA PRO U 219 1.30 60.99 19.21
C PRO U 219 0.25 62.04 18.84
N VAL U 220 -0.29 62.02 17.62
CA VAL U 220 -1.33 62.97 17.25
C VAL U 220 -2.53 62.21 16.68
N SER U 221 -3.72 62.75 16.93
CA SER U 221 -4.97 62.15 16.49
C SER U 221 -5.01 61.96 14.97
N SER U 222 -5.48 60.79 14.54
CA SER U 222 -5.61 60.46 13.13
C SER U 222 -7.01 60.72 12.57
N ASN U 223 -8.02 60.75 13.44
CA ASN U 223 -9.41 61.09 13.08
C ASN U 223 -9.98 60.10 12.05
N LEU U 224 -9.66 58.82 12.23
CA LEU U 224 -10.05 57.78 11.28
C LEU U 224 -11.57 57.63 11.15
N LYS U 225 -12.31 58.06 12.18
CA LYS U 225 -13.77 58.10 12.14
C LYS U 225 -14.32 59.08 11.11
N SER U 226 -13.56 60.11 10.73
CA SER U 226 -14.08 61.12 9.82
C SER U 226 -14.46 60.53 8.46
N LYS U 227 -15.61 61.00 7.94
CA LYS U 227 -16.28 60.37 6.80
C LYS U 227 -15.34 60.10 5.64
N GLU U 228 -14.48 61.06 5.31
CA GLU U 228 -13.56 60.86 4.19
C GLU U 228 -12.56 59.74 4.46
N MET U 229 -12.27 59.46 5.73
CA MET U 229 -11.48 58.29 6.10
C MET U 229 -12.37 57.07 6.31
N LEU U 230 -13.49 57.26 7.03
CA LEU U 230 -14.40 56.18 7.35
C LEU U 230 -15.01 55.53 6.10
N ARG U 231 -15.32 56.34 5.08
CA ARG U 231 -15.85 55.80 3.82
C ARG U 231 -14.82 54.95 3.07
N ILE U 232 -13.56 55.38 3.03
CA ILE U 232 -12.51 54.57 2.42
C ILE U 232 -12.30 53.27 3.18
N LEU U 233 -12.14 53.36 4.50
CA LEU U 233 -12.00 52.16 5.33
C LEU U 233 -13.17 51.19 5.17
N THR U 234 -14.39 51.71 4.99
CA THR U 234 -15.51 50.83 4.69
C THR U 234 -15.29 50.05 3.39
N SER U 235 -14.91 50.75 2.33
CA SER U 235 -14.70 50.09 1.03
C SER U 235 -13.51 49.14 1.06
N ALA U 236 -12.46 49.49 1.80
CA ALA U 236 -11.25 48.67 1.81
C ALA U 236 -11.39 47.44 2.72
N THR U 237 -12.05 47.58 3.87
CA THR U 237 -12.15 46.45 4.79
C THR U 237 -13.38 45.60 4.54
N GLU U 238 -14.44 46.18 3.98
CA GLU U 238 -15.74 45.51 3.82
C GLU U 238 -16.31 45.01 5.14
N GLY U 239 -15.81 45.50 6.26
CA GLY U 239 -16.26 45.04 7.55
C GLY U 239 -15.57 43.80 8.09
N TYR U 240 -14.51 43.33 7.44
CA TYR U 240 -13.70 42.28 8.04
C TYR U 240 -12.74 42.90 9.05
N ILE U 241 -12.84 42.44 10.30
CA ILE U 241 -12.04 42.96 11.39
C ILE U 241 -10.56 42.75 11.13
N GLY U 242 -10.18 41.67 10.44
CA GLY U 242 -8.79 41.47 10.11
C GLY U 242 -8.24 42.46 9.10
N ARG U 243 -9.03 42.81 8.11
CA ARG U 243 -8.65 43.85 7.16
C ARG U 243 -8.53 45.22 7.84
N LEU U 244 -9.50 45.56 8.68
CA LEU U 244 -9.48 46.80 9.44
C LEU U 244 -8.20 46.97 10.26
N ASP U 245 -7.83 45.94 11.01
CA ASP U 245 -6.61 46.01 11.81
C ASP U 245 -5.35 46.12 10.96
N GLU U 246 -5.18 45.23 9.98
CA GLU U 246 -3.93 45.18 9.22
C GLU U 246 -3.72 46.42 8.35
N ILE U 247 -4.79 47.01 7.84
CA ILE U 247 -4.66 48.27 7.09
C ILE U 247 -4.13 49.38 7.99
N LEU U 248 -4.79 49.60 9.14
CA LEU U 248 -4.43 50.70 10.02
C LEU U 248 -3.05 50.54 10.64
N ARG U 249 -2.65 49.33 11.02
CA ARG U 249 -1.30 49.11 11.52
C ARG U 249 -0.25 49.43 10.46
N GLU U 250 -0.43 48.93 9.24
CA GLU U 250 0.49 49.25 8.16
C GLU U 250 0.47 50.73 7.81
N ALA U 251 -0.70 51.36 7.86
CA ALA U 251 -0.79 52.79 7.57
C ALA U 251 -0.07 53.64 8.61
N ALA U 252 -0.18 53.29 9.88
CA ALA U 252 0.57 53.98 10.93
C ALA U 252 2.08 53.81 10.75
N ILE U 253 2.53 52.58 10.50
CA ILE U 253 3.94 52.30 10.29
C ILE U 253 4.51 53.10 9.11
N ARG U 254 3.79 53.13 8.00
CA ARG U 254 4.28 53.87 6.83
C ARG U 254 4.27 55.38 7.06
N SER U 255 3.27 55.90 7.75
CA SER U 255 3.23 57.32 8.07
C SER U 255 4.39 57.73 8.99
N LEU U 256 4.62 56.96 10.05
CA LEU U 256 5.77 57.19 10.91
C LEU U 256 7.09 57.13 10.15
N SER U 257 7.24 56.18 9.24
CA SER U 257 8.47 56.04 8.47
C SER U 257 8.70 57.21 7.52
N ARG U 258 7.68 57.98 7.22
CA ARG U 258 7.82 59.21 6.44
C ARG U 258 8.06 60.43 7.33
N GLY U 259 8.03 60.26 8.65
CA GLY U 259 8.25 61.33 9.60
C GLY U 259 7.00 61.98 10.13
N LEU U 260 5.82 61.47 9.77
CA LEU U 260 4.56 62.09 10.16
C LEU U 260 4.14 61.64 11.56
N LYS U 261 3.43 62.54 12.25
CA LYS U 261 2.96 62.26 13.61
C LYS U 261 1.69 61.42 13.63
N LYS U 262 1.11 61.15 12.47
CA LYS U 262 -0.24 60.60 12.37
C LYS U 262 -0.39 59.93 11.02
N ILE U 263 -1.42 59.09 10.90
CA ILE U 263 -1.87 58.61 9.60
C ILE U 263 -2.55 59.76 8.84
N ASP U 264 -2.00 60.13 7.70
CA ASP U 264 -2.70 60.99 6.76
C ASP U 264 -3.56 60.16 5.80
N LYS U 265 -4.63 60.78 5.31
CA LYS U 265 -5.48 60.14 4.31
C LYS U 265 -4.70 59.78 3.06
N ALA U 266 -3.63 60.52 2.75
CA ALA U 266 -2.79 60.21 1.60
C ALA U 266 -2.12 58.86 1.76
N VAL U 267 -1.62 58.55 2.95
CA VAL U 267 -1.10 57.21 3.21
C VAL U 267 -2.25 56.21 3.33
N LEU U 268 -3.36 56.63 3.92
CA LEU U 268 -4.55 55.77 4.00
C LEU U 268 -5.03 55.37 2.61
N GLN U 269 -5.09 56.33 1.68
CA GLN U 269 -5.37 55.99 0.29
C GLN U 269 -4.26 55.14 -0.32
N GLU U 270 -3.01 55.49 -0.02
CA GLU U 270 -1.86 54.73 -0.48
C GLU U 270 -1.87 53.30 0.03
N VAL U 271 -2.41 53.06 1.22
CA VAL U 271 -2.61 51.69 1.69
C VAL U 271 -3.87 51.06 1.10
N ALA U 272 -5.00 51.76 1.15
CA ALA U 272 -6.27 51.17 0.75
C ALA U 272 -6.27 50.73 -0.71
N LYS U 273 -5.49 51.39 -1.56
CA LYS U 273 -5.35 50.95 -2.95
C LYS U 273 -4.61 49.63 -3.12
N GLU U 274 -3.97 49.11 -2.07
CA GLU U 274 -3.26 47.84 -2.22
C GLU U 274 -4.16 46.64 -2.04
N TYR U 275 -5.43 46.83 -1.67
CA TYR U 275 -6.34 45.75 -1.38
C TYR U 275 -7.37 45.55 -2.49
N GLU V 19 40.86 34.84 -28.71
CA GLU V 19 39.86 35.26 -29.69
C GLU V 19 38.86 36.22 -29.05
N TRP V 20 38.47 37.24 -29.80
CA TRP V 20 37.53 38.23 -29.31
C TRP V 20 36.13 37.66 -29.18
N LEU V 21 35.61 37.05 -30.25
CA LEU V 21 34.17 36.81 -30.37
C LEU V 21 33.65 35.89 -29.27
N GLN V 22 34.32 34.75 -29.06
CA GLN V 22 33.79 33.73 -28.16
C GLN V 22 33.59 34.24 -26.74
N ALA V 23 34.44 35.16 -26.29
CA ALA V 23 34.29 35.73 -24.95
C ALA V 23 33.07 36.64 -24.85
N GLU V 24 32.94 37.58 -25.80
CA GLU V 24 31.78 38.47 -25.82
C GLU V 24 30.47 37.71 -26.05
N ILE V 25 30.50 36.70 -26.91
CA ILE V 25 29.32 35.84 -27.08
C ILE V 25 28.93 35.16 -25.77
N ALA V 26 29.92 34.63 -25.04
CA ALA V 26 29.64 34.03 -23.74
C ALA V 26 29.14 35.06 -22.72
N ARG V 27 29.59 36.31 -22.83
CA ARG V 27 29.04 37.37 -21.99
C ARG V 27 27.58 37.67 -22.33
N LEU V 28 27.28 37.83 -23.62
CA LEU V 28 25.90 38.11 -24.05
C LEU V 28 24.98 36.91 -23.79
N LYS V 29 25.53 35.71 -23.91
CA LYS V 29 24.77 34.48 -23.65
C LYS V 29 24.31 34.38 -22.21
N GLY V 30 25.09 34.88 -21.25
CA GLY V 30 24.62 34.99 -19.88
C GLY V 30 23.64 36.11 -19.64
N LYS V 31 23.01 36.08 -18.47
CA LYS V 31 22.05 37.07 -18.00
C LYS V 31 22.71 38.23 -17.26
N SER V 32 21.94 39.31 -17.09
CA SER V 32 22.35 40.51 -16.38
C SER V 32 21.16 41.06 -15.60
N ILE V 33 21.42 42.02 -14.71
CA ILE V 33 20.38 42.71 -13.94
C ILE V 33 20.55 44.20 -14.13
N VAL V 34 19.42 44.90 -14.29
CA VAL V 34 19.38 46.35 -14.52
C VAL V 34 18.42 47.00 -13.53
N PRO V 35 18.82 48.07 -12.84
CA PRO V 35 17.97 48.69 -11.81
C PRO V 35 16.84 49.54 -12.39
N LEU V 36 15.83 48.84 -12.92
CA LEU V 36 14.63 49.49 -13.44
C LEU V 36 13.77 50.04 -12.31
N GLN V 37 12.93 51.03 -12.66
CA GLN V 37 12.08 51.69 -11.67
C GLN V 37 11.06 50.73 -11.07
N GLN V 38 10.66 49.71 -11.84
CA GLN V 38 9.79 48.68 -11.29
C GLN V 38 10.51 47.89 -10.21
N VAL V 39 11.78 47.56 -10.42
CA VAL V 39 12.56 46.86 -9.41
C VAL V 39 12.74 47.72 -8.16
N LYS V 40 13.14 48.98 -8.36
CA LYS V 40 13.22 49.93 -7.24
C LYS V 40 11.88 50.08 -6.50
N THR V 41 10.78 50.15 -7.24
CA THR V 41 9.47 50.24 -6.60
C THR V 41 9.16 49.02 -5.76
N LEU V 42 9.39 47.83 -6.31
CA LEU V 42 9.17 46.60 -5.55
C LEU V 42 10.04 46.55 -4.29
N HIS V 43 11.31 46.94 -4.43
CA HIS V 43 12.24 46.84 -3.31
C HIS V 43 11.82 47.73 -2.14
N ASP V 44 11.33 48.93 -2.42
CA ASP V 44 10.76 49.77 -1.36
C ASP V 44 9.50 49.16 -0.77
N TRP V 45 8.65 48.57 -1.62
CA TRP V 45 7.43 47.95 -1.14
C TRP V 45 7.72 46.74 -0.27
N LEU V 46 8.68 45.91 -0.68
CA LEU V 46 9.09 44.77 0.14
C LEU V 46 9.74 45.19 1.45
N ASP V 47 10.50 46.29 1.45
CA ASP V 47 11.00 46.84 2.71
C ASP V 47 9.89 47.24 3.67
N GLY V 48 8.82 47.85 3.16
CA GLY V 48 7.68 48.14 4.01
C GLY V 48 7.00 46.89 4.55
N LYS V 49 6.78 45.91 3.68
CA LYS V 49 6.13 44.67 4.11
C LYS V 49 6.99 43.89 5.10
N ARG V 50 8.29 43.83 4.86
CA ARG V 50 9.20 43.16 5.79
C ARG V 50 9.25 43.87 7.14
N LYS V 51 9.29 45.21 7.12
CA LYS V 51 9.21 45.97 8.36
C LYS V 51 7.91 45.69 9.12
N ALA V 52 6.78 45.72 8.42
CA ALA V 52 5.47 45.50 9.04
C ALA V 52 5.18 44.04 9.34
N ARG V 53 6.01 43.11 8.86
CA ARG V 53 5.70 41.67 8.86
C ARG V 53 4.39 41.35 8.15
N LYS V 54 4.09 42.12 7.11
CA LYS V 54 2.86 41.99 6.33
C LYS V 54 3.05 40.96 5.23
N SER V 55 2.22 39.92 5.25
CA SER V 55 2.14 38.99 4.13
C SER V 55 1.36 39.58 2.97
N CYS V 56 1.76 39.24 1.76
CA CYS V 56 1.28 39.91 0.55
C CYS V 56 1.59 39.05 -0.66
N ARG V 57 1.06 39.45 -1.81
CA ARG V 57 1.38 38.81 -3.07
C ARG V 57 1.87 39.82 -4.11
N VAL V 58 2.81 39.37 -4.95
CA VAL V 58 3.26 40.10 -6.12
C VAL V 58 2.75 39.38 -7.36
N VAL V 59 2.01 40.10 -8.21
CA VAL V 59 1.31 39.49 -9.33
C VAL V 59 1.65 40.27 -10.60
N GLY V 60 1.72 39.54 -11.72
CA GLY V 60 1.92 40.17 -13.01
C GLY V 60 2.22 39.18 -14.11
N GLU V 61 1.95 39.58 -15.36
CA GLU V 61 2.18 38.73 -16.53
C GLU V 61 3.62 38.20 -16.62
N SER V 62 3.77 37.06 -17.30
CA SER V 62 5.09 36.47 -17.52
C SER V 62 6.06 37.47 -18.13
N ARG V 63 7.33 37.34 -17.73
CA ARG V 63 8.44 38.12 -18.30
C ARG V 63 8.31 39.61 -18.07
N THR V 64 7.49 40.02 -17.11
CA THR V 64 7.50 41.40 -16.63
C THR V 64 8.64 41.70 -15.67
N GLY V 65 9.40 40.69 -15.27
CA GLY V 65 10.55 40.88 -14.43
C GLY V 65 10.36 40.65 -12.94
N LYS V 66 9.30 39.95 -12.55
CA LYS V 66 9.04 39.72 -11.12
C LYS V 66 10.15 38.90 -10.47
N THR V 67 10.54 37.79 -11.10
CA THR V 67 11.58 36.93 -10.53
C THR V 67 12.92 37.64 -10.37
N VAL V 68 13.40 38.28 -11.44
CA VAL V 68 14.67 39.01 -11.35
C VAL V 68 14.62 40.09 -10.28
N ALA V 69 13.49 40.76 -10.13
CA ALA V 69 13.33 41.75 -9.06
C ALA V 69 13.35 41.13 -7.66
N CYS V 70 12.63 40.02 -7.46
CA CYS V 70 12.67 39.34 -6.17
C CYS V 70 14.03 38.71 -5.89
N ASP V 71 14.71 38.21 -6.92
CA ASP V 71 16.06 37.70 -6.75
C ASP V 71 17.03 38.79 -6.31
N ALA V 72 17.00 39.94 -6.99
CA ALA V 72 17.82 41.10 -6.60
C ALA V 72 17.54 41.56 -5.17
N TYR V 73 16.32 41.39 -4.69
CA TYR V 73 16.01 41.78 -3.31
C TYR V 73 16.74 40.92 -2.28
N ARG V 74 16.84 39.61 -2.51
CA ARG V 74 17.57 38.77 -1.56
C ARG V 74 19.08 38.98 -1.62
N TYR V 75 19.64 39.32 -2.78
CA TYR V 75 21.04 39.66 -2.85
C TYR V 75 21.35 41.00 -2.20
N ARG V 76 20.43 41.94 -2.23
CA ARG V 76 20.58 43.18 -1.48
C ARG V 76 20.49 42.97 0.03
N HIS V 77 19.68 42.01 0.47
CA HIS V 77 19.56 41.67 1.89
C HIS V 77 20.21 40.33 2.21
N LYS V 78 21.47 40.17 1.83
CA LYS V 78 22.20 38.93 2.02
C LYS V 78 22.26 38.51 3.49
N PRO V 79 22.39 37.20 3.75
CA PRO V 79 22.69 36.71 5.11
C PRO V 79 23.83 37.46 5.79
N GLN V 80 23.71 37.61 7.10
CA GLN V 80 24.82 38.00 7.96
C GLN V 80 25.29 36.79 8.76
N GLN V 81 26.59 36.51 8.66
CA GLN V 81 27.21 35.48 9.50
C GLN V 81 27.82 36.10 10.74
N GLU V 82 27.64 35.43 11.87
CA GLU V 82 28.42 35.64 13.07
C GLU V 82 28.98 34.31 13.55
N ALA V 83 30.16 34.38 14.17
CA ALA V 83 30.99 33.21 14.38
C ALA V 83 30.31 32.18 15.29
N GLY V 84 30.24 30.94 14.80
CA GLY V 84 29.70 29.81 15.51
C GLY V 84 28.19 29.77 15.62
N ARG V 85 27.48 30.76 15.11
CA ARG V 85 26.02 30.73 15.10
C ARG V 85 25.53 30.28 13.73
N PRO V 86 24.28 29.82 13.63
CA PRO V 86 23.65 29.77 12.32
C PRO V 86 23.51 31.17 11.73
N PRO V 87 23.48 31.28 10.41
CA PRO V 87 23.43 32.60 9.77
C PRO V 87 22.14 33.35 10.09
N THR V 88 22.27 34.66 10.28
CA THR V 88 21.10 35.53 10.27
C THR V 88 20.68 35.75 8.83
N VAL V 89 19.46 35.31 8.48
CA VAL V 89 19.00 35.34 7.10
C VAL V 89 17.64 36.05 7.06
N PRO V 90 17.61 37.37 6.96
CA PRO V 90 16.32 38.08 7.01
C PRO V 90 15.33 37.67 5.93
N VAL V 91 15.79 37.48 4.70
CA VAL V 91 14.93 37.14 3.56
C VAL V 91 15.31 35.76 3.05
N VAL V 92 14.34 34.84 3.03
CA VAL V 92 14.45 33.55 2.36
C VAL V 92 13.64 33.61 1.07
N TYR V 93 14.24 33.18 -0.04
CA TYR V 93 13.59 33.12 -1.34
C TYR V 93 13.59 31.68 -1.81
N ILE V 94 12.41 31.14 -2.10
CA ILE V 94 12.26 29.79 -2.63
C ILE V 94 11.38 29.81 -3.88
N ARG V 95 11.74 29.00 -4.87
CA ARG V 95 10.80 28.60 -5.91
C ARG V 95 10.44 27.13 -5.72
N PRO V 96 9.22 26.82 -5.31
CA PRO V 96 8.81 25.42 -5.20
C PRO V 96 8.87 24.68 -6.52
N HIS V 97 9.09 23.37 -6.43
CA HIS V 97 8.84 22.51 -7.56
C HIS V 97 7.33 22.34 -7.76
N GLN V 98 6.95 21.93 -8.96
CA GLN V 98 5.55 21.71 -9.28
C GLN V 98 4.91 20.73 -8.30
N LYS V 99 3.65 21.01 -7.96
CA LYS V 99 2.89 20.22 -6.99
C LYS V 99 3.65 20.02 -5.69
N CYS V 100 4.16 21.12 -5.15
CA CYS V 100 4.90 21.10 -3.89
C CYS V 100 3.98 20.71 -2.74
N GLY V 101 4.30 19.60 -2.08
CA GLY V 101 3.67 19.26 -0.83
C GLY V 101 4.38 19.90 0.35
N PRO V 102 3.88 19.66 1.56
CA PRO V 102 4.51 20.27 2.74
C PRO V 102 5.94 19.85 3.02
N LYS V 103 6.29 18.55 2.91
CA LYS V 103 7.69 18.18 3.08
C LYS V 103 8.60 18.81 2.04
N ASP V 104 8.13 18.92 0.80
CA ASP V 104 8.89 19.64 -0.22
C ASP V 104 9.13 21.09 0.19
N LEU V 105 8.09 21.77 0.67
CA LEU V 105 8.21 23.15 1.13
C LEU V 105 9.18 23.26 2.30
N PHE V 106 9.02 22.41 3.31
CA PHE V 106 9.91 22.42 4.47
C PHE V 106 11.37 22.13 4.08
N LYS V 107 11.57 21.15 3.21
CA LYS V 107 12.90 20.85 2.68
C LYS V 107 13.53 22.05 1.95
N LYS V 108 12.74 22.77 1.15
CA LYS V 108 13.23 23.98 0.49
C LYS V 108 13.72 25.03 1.49
N ILE V 109 12.92 25.32 2.52
CA ILE V 109 13.27 26.35 3.49
C ILE V 109 14.49 25.96 4.32
N THR V 110 14.50 24.74 4.85
CA THR V 110 15.65 24.29 5.63
C THR V 110 16.94 24.23 4.82
N GLU V 111 16.87 23.77 3.56
CA GLU V 111 18.08 23.78 2.74
C GLU V 111 18.56 25.18 2.38
N TYR V 112 17.65 26.13 2.21
CA TYR V 112 18.09 27.51 1.96
C TYR V 112 18.85 28.05 3.16
N LEU V 113 18.41 27.73 4.36
CA LEU V 113 19.08 28.11 5.60
C LEU V 113 20.33 27.29 5.90
N LYS V 114 20.81 26.47 4.96
CA LYS V 114 22.06 25.72 5.08
C LYS V 114 21.98 24.57 6.07
N TYR V 115 20.82 23.93 6.15
CA TYR V 115 20.61 22.74 6.96
C TYR V 115 20.32 21.55 6.05
N ARG V 116 20.83 20.39 6.42
CA ARG V 116 20.50 19.15 5.74
C ARG V 116 19.29 18.52 6.41
N VAL V 117 18.29 18.16 5.61
CA VAL V 117 17.14 17.43 6.13
C VAL V 117 17.53 16.00 6.49
N THR V 118 16.91 15.49 7.54
CA THR V 118 17.03 14.09 7.93
C THR V 118 15.69 13.41 7.70
N LYS V 119 15.73 12.20 7.12
CA LYS V 119 14.50 11.49 6.81
C LYS V 119 13.62 11.33 8.04
N GLY V 120 12.35 11.70 7.90
CA GLY V 120 11.44 11.75 9.01
C GLY V 120 10.04 12.04 8.51
N THR V 121 9.11 12.16 9.45
CA THR V 121 7.73 12.44 9.11
C THR V 121 7.55 13.92 8.74
N VAL V 122 6.41 14.22 8.14
CA VAL V 122 6.00 15.61 7.92
C VAL V 122 6.10 16.42 9.20
N SER V 123 5.61 15.86 10.31
CA SER V 123 5.70 16.55 11.60
C SER V 123 7.14 16.86 11.99
N ASP V 124 8.07 15.94 11.70
CA ASP V 124 9.48 16.20 11.98
C ASP V 124 10.06 17.27 11.07
N PHE V 125 9.73 17.23 9.78
CA PHE V 125 10.15 18.28 8.86
C PHE V 125 9.58 19.63 9.24
N ARG V 126 8.32 19.66 9.66
CA ARG V 126 7.69 20.90 10.09
C ARG V 126 8.38 21.50 11.30
N ASP V 127 8.55 20.71 12.37
CA ASP V 127 9.19 21.19 13.59
C ASP V 127 10.62 21.67 13.35
N ARG V 128 11.37 20.95 12.53
CA ARG V 128 12.72 21.39 12.20
C ARG V 128 12.75 22.69 11.40
N THR V 129 11.76 22.90 10.54
CA THR V 129 11.69 24.15 9.77
C THR V 129 11.29 25.34 10.64
N ILE V 130 10.27 25.15 11.48
CA ILE V 130 9.89 26.17 12.45
C ILE V 130 11.06 26.49 13.38
N GLU V 131 11.80 25.48 13.80
CA GLU V 131 12.96 25.67 14.65
C GLU V 131 14.04 26.53 14.00
N VAL V 132 14.34 26.30 12.71
CA VAL V 132 15.37 27.09 12.04
C VAL V 132 14.86 28.38 11.39
N LEU V 133 13.56 28.53 11.16
CA LEU V 133 13.04 29.85 10.80
C LEU V 133 13.21 30.84 11.94
N LYS V 134 13.06 30.37 13.17
CA LYS V 134 13.64 31.03 14.33
C LYS V 134 15.15 30.79 14.38
N GLY V 135 15.84 31.68 15.07
CA GLY V 135 17.28 31.44 15.22
C GLY V 135 18.14 31.83 14.05
N CYS V 136 17.73 31.47 12.83
CA CYS V 136 18.21 32.19 11.66
C CYS V 136 17.59 33.57 11.50
N GLY V 137 16.58 33.89 12.30
CA GLY V 137 16.01 35.22 12.32
C GLY V 137 15.31 35.63 11.05
N VAL V 138 14.70 34.68 10.34
CA VAL V 138 14.00 34.98 9.10
C VAL V 138 12.83 35.92 9.38
N GLU V 139 12.68 36.92 8.53
CA GLU V 139 11.57 37.85 8.66
C GLU V 139 10.77 38.04 7.38
N MET V 140 11.27 37.63 6.23
CA MET V 140 10.50 37.56 5.00
C MET V 140 10.77 36.26 4.27
N LEU V 141 9.70 35.61 3.81
CA LEU V 141 9.77 34.41 2.96
C LEU V 141 9.10 34.70 1.64
N ILE V 142 9.89 34.78 0.58
CA ILE V 142 9.36 34.97 -0.77
C ILE V 142 9.20 33.61 -1.42
N ILE V 143 7.98 33.29 -1.84
CA ILE V 143 7.65 32.03 -2.52
C ILE V 143 7.32 32.38 -3.97
N ASP V 144 8.29 32.18 -4.84
CA ASP V 144 8.14 32.47 -6.26
C ASP V 144 7.43 31.36 -7.00
N GLU V 145 6.48 31.73 -7.86
CA GLU V 145 5.49 30.81 -8.44
C GLU V 145 4.80 29.99 -7.36
N ALA V 146 4.21 30.70 -6.41
CA ALA V 146 3.44 30.05 -5.35
C ALA V 146 2.27 29.21 -5.88
N ASP V 147 1.83 29.45 -7.12
CA ASP V 147 0.78 28.64 -7.73
C ASP V 147 1.18 27.17 -7.92
N ARG V 148 2.45 26.82 -7.76
CA ARG V 148 2.89 25.44 -7.74
C ARG V 148 2.55 24.71 -6.44
N LEU V 149 2.18 25.42 -5.39
CA LEU V 149 1.88 24.81 -4.11
C LEU V 149 0.58 24.02 -4.15
N LYS V 150 0.61 22.80 -3.61
CA LYS V 150 -0.62 22.05 -3.40
C LYS V 150 -1.56 22.78 -2.45
N PRO V 151 -2.87 22.61 -2.65
CA PRO V 151 -3.85 23.21 -1.71
C PRO V 151 -3.62 22.91 -0.23
N GLU V 152 -3.16 21.71 0.11
CA GLU V 152 -2.85 21.38 1.50
C GLU V 152 -1.63 22.12 2.04
N THR V 153 -0.62 22.38 1.21
CA THR V 153 0.58 23.06 1.72
C THR V 153 0.37 24.54 1.99
N PHE V 154 -0.69 25.15 1.43
CA PHE V 154 -1.03 26.53 1.78
C PHE V 154 -1.39 26.71 3.25
N ALA V 155 -1.90 25.66 3.90
CA ALA V 155 -2.15 25.72 5.33
C ALA V 155 -0.87 25.82 6.16
N ASP V 156 0.21 25.19 5.72
CA ASP V 156 1.49 25.37 6.39
C ASP V 156 2.12 26.72 6.09
N VAL V 157 1.96 27.23 4.88
CA VAL V 157 2.36 28.60 4.56
C VAL V 157 1.66 29.61 5.46
N ARG V 158 0.33 29.48 5.62
CA ARG V 158 -0.42 30.36 6.49
C ARG V 158 0.00 30.28 7.95
N ASP V 159 0.30 29.08 8.44
CA ASP V 159 0.78 28.92 9.81
C ASP V 159 2.17 29.52 10.03
N ILE V 160 3.07 29.41 9.05
CA ILE V 160 4.32 30.15 9.12
C ILE V 160 4.08 31.66 9.23
N ALA V 161 3.16 32.19 8.43
CA ALA V 161 2.84 33.61 8.52
C ALA V 161 2.20 33.98 9.85
N GLU V 162 1.33 33.12 10.38
CA GLU V 162 0.57 33.45 11.58
C GLU V 162 1.31 33.17 12.88
N ASP V 163 1.99 32.02 12.98
CA ASP V 163 2.66 31.68 14.24
C ASP V 163 3.94 32.48 14.41
N LEU V 164 4.75 32.58 13.37
CA LEU V 164 5.96 33.36 13.42
C LEU V 164 5.68 34.78 12.93
N GLY V 165 6.60 35.68 13.23
CA GLY V 165 6.54 37.01 12.68
C GLY V 165 7.19 37.13 11.32
N ILE V 166 6.62 36.48 10.30
CA ILE V 166 7.25 36.40 9.00
C ILE V 166 6.27 36.91 7.95
N ALA V 167 6.70 37.90 7.18
CA ALA V 167 6.03 38.37 5.97
C ALA V 167 6.24 37.38 4.82
N VAL V 168 5.24 36.57 4.52
CA VAL V 168 5.27 35.67 3.37
C VAL V 168 4.81 36.43 2.13
N VAL V 169 5.61 36.35 1.07
CA VAL V 169 5.31 37.00 -0.21
C VAL V 169 5.07 35.94 -1.26
N LEU V 170 3.85 35.89 -1.79
CA LEU V 170 3.53 35.00 -2.90
C LEU V 170 3.75 35.71 -4.22
N VAL V 171 4.52 35.11 -5.12
CA VAL V 171 4.79 35.67 -6.43
C VAL V 171 4.22 34.75 -7.49
N GLY V 172 3.55 35.34 -8.48
CA GLY V 172 3.02 34.53 -9.58
C GLY V 172 2.38 35.41 -10.63
N THR V 173 1.87 34.73 -11.66
CA THR V 173 0.96 35.30 -12.63
C THR V 173 -0.46 35.30 -12.08
N ASP V 174 -1.42 35.76 -12.90
CA ASP V 174 -2.83 35.65 -12.55
C ASP V 174 -3.29 34.22 -12.29
N ARG V 175 -2.50 33.21 -12.66
CA ARG V 175 -2.81 31.83 -12.24
C ARG V 175 -2.73 31.66 -10.74
N LEU V 176 -1.87 32.44 -10.08
CA LEU V 176 -1.84 32.47 -8.63
C LEU V 176 -3.14 33.02 -8.04
N ASP V 177 -3.66 34.10 -8.62
CA ASP V 177 -4.95 34.64 -8.19
C ASP V 177 -6.08 33.64 -8.36
N ALA V 178 -6.05 32.83 -9.41
CA ALA V 178 -7.01 31.74 -9.54
C ALA V 178 -6.88 30.69 -8.44
N VAL V 179 -5.65 30.30 -8.10
CA VAL V 179 -5.42 29.30 -7.05
C VAL V 179 -5.90 29.80 -5.69
N ILE V 180 -5.52 31.01 -5.29
CA ILE V 180 -5.85 31.47 -3.95
C ILE V 180 -7.31 31.86 -3.79
N LYS V 181 -7.98 32.33 -4.84
CA LYS V 181 -9.42 32.62 -4.72
C LYS V 181 -10.25 31.38 -4.44
N ARG V 182 -9.74 30.20 -4.74
CA ARG V 182 -10.40 28.94 -4.40
C ARG V 182 -10.27 28.56 -2.93
N ASP V 183 -9.46 29.26 -2.15
CA ASP V 183 -9.38 29.04 -0.71
C ASP V 183 -9.53 30.38 0.01
N GLU V 184 -10.75 30.61 0.51
CA GLU V 184 -11.11 31.81 1.27
C GLU V 184 -10.03 32.29 2.25
N GLN V 185 -9.50 31.38 3.06
CA GLN V 185 -8.52 31.75 4.09
C GLN V 185 -7.18 32.17 3.51
N VAL V 186 -6.82 31.68 2.33
CA VAL V 186 -5.58 32.12 1.68
C VAL V 186 -5.77 33.48 1.02
N LEU V 187 -6.86 33.63 0.26
CA LEU V 187 -7.18 34.92 -0.35
C LEU V 187 -7.17 36.07 0.66
N GLU V 188 -7.85 35.90 1.80
CA GLU V 188 -7.93 36.98 2.77
C GLU V 188 -6.59 37.31 3.45
N ARG V 189 -5.71 36.33 3.62
CA ARG V 189 -4.41 36.64 4.19
C ARG V 189 -3.47 37.34 3.21
N PHE V 190 -3.67 37.15 1.91
CA PHE V 190 -2.78 37.69 0.89
C PHE V 190 -3.45 38.73 -0.02
N ARG V 191 -4.40 39.50 0.51
CA ARG V 191 -5.04 40.54 -0.31
C ARG V 191 -4.09 41.66 -0.70
N ALA V 192 -3.27 42.15 0.22
CA ALA V 192 -2.32 43.20 -0.12
C ALA V 192 -1.42 42.74 -1.27
N HIS V 193 -1.40 43.51 -2.35
CA HIS V 193 -0.65 43.08 -3.52
C HIS V 193 -0.07 44.25 -4.26
N LEU V 194 1.00 43.95 -5.00
CA LEU V 194 1.62 44.86 -5.97
C LEU V 194 1.52 44.21 -7.34
N ARG V 195 1.12 44.99 -8.34
CA ARG V 195 0.99 44.52 -9.72
C ARG V 195 2.21 44.97 -10.51
N PHE V 196 2.91 44.01 -11.12
CA PHE V 196 3.93 44.31 -12.11
C PHE V 196 3.28 44.63 -13.44
N GLY V 197 3.80 45.66 -14.10
CA GLY V 197 3.25 46.14 -15.36
C GLY V 197 4.21 45.97 -16.52
N LYS V 198 3.62 45.78 -17.70
CA LYS V 198 4.31 46.05 -18.95
C LYS V 198 4.49 47.55 -19.14
N LEU V 199 5.54 47.93 -19.86
CA LEU V 199 5.94 49.32 -19.95
C LEU V 199 6.05 49.75 -21.41
N SER V 200 5.67 51.00 -21.67
CA SER V 200 5.64 51.53 -23.02
C SER V 200 5.91 53.03 -22.99
N GLY V 201 6.32 53.55 -24.14
CA GLY V 201 6.63 54.98 -24.25
C GLY V 201 7.95 55.39 -23.62
N GLU V 202 7.87 56.39 -22.75
CA GLU V 202 9.06 57.10 -22.28
C GLU V 202 10.02 56.17 -21.54
N ASP V 203 9.52 55.48 -20.52
CA ASP V 203 10.38 54.58 -19.76
C ASP V 203 10.79 53.36 -20.56
N PHE V 204 9.95 52.96 -21.52
CA PHE V 204 10.37 51.94 -22.49
C PHE V 204 11.52 52.44 -23.36
N LYS V 205 11.38 53.66 -23.90
CA LYS V 205 12.49 54.28 -24.64
C LYS V 205 13.75 54.39 -23.80
N ASN V 206 13.61 54.80 -22.54
CA ASN V 206 14.74 54.79 -21.62
C ASN V 206 15.28 53.38 -21.40
N THR V 207 14.40 52.40 -21.27
CA THR V 207 14.85 51.03 -21.02
C THR V 207 15.58 50.45 -22.23
N VAL V 208 15.11 50.74 -23.45
CA VAL V 208 15.84 50.34 -24.65
C VAL V 208 17.22 50.98 -24.68
N GLU V 209 17.28 52.29 -24.43
CA GLU V 209 18.56 52.99 -24.36
C GLU V 209 19.46 52.43 -23.26
N MET V 210 18.90 52.16 -22.08
CA MET V 210 19.67 51.53 -21.00
C MET V 210 20.24 50.17 -21.40
N TRP V 211 19.51 49.40 -22.21
CA TRP V 211 20.05 48.11 -22.64
C TRP V 211 21.23 48.25 -23.60
N GLU V 212 21.13 49.14 -24.59
CA GLU V 212 22.27 49.34 -25.48
C GLU V 212 23.44 50.02 -24.79
N GLN V 213 23.18 50.85 -23.79
CA GLN V 213 24.26 51.44 -23.00
C GLN V 213 24.92 50.43 -22.06
N MET V 214 24.13 49.70 -21.29
CA MET V 214 24.65 48.94 -20.16
C MET V 214 24.70 47.43 -20.36
N VAL V 215 24.06 46.87 -21.39
CA VAL V 215 23.88 45.43 -21.50
C VAL V 215 24.55 44.87 -22.75
N LEU V 216 24.26 45.46 -23.91
CA LEU V 216 24.83 44.96 -25.15
C LEU V 216 26.34 45.18 -25.20
N LYS V 217 26.79 46.39 -24.84
CA LYS V 217 28.21 46.74 -24.78
C LYS V 217 28.96 46.45 -26.08
N LEU V 218 28.24 46.44 -27.21
CA LEU V 218 28.92 46.22 -28.49
C LEU V 218 29.89 47.35 -28.79
N PRO V 219 30.97 47.06 -29.52
CA PRO V 219 31.98 48.09 -29.80
C PRO V 219 31.45 49.35 -30.47
N VAL V 220 30.45 49.21 -31.35
CA VAL V 220 29.93 50.35 -32.09
C VAL V 220 28.45 50.54 -31.76
N SER V 221 28.02 51.81 -31.75
CA SER V 221 26.66 52.16 -31.40
C SER V 221 25.63 51.54 -32.32
N SER V 222 24.62 50.91 -31.72
CA SER V 222 23.48 50.37 -32.45
C SER V 222 22.38 51.40 -32.67
N ASN V 223 22.43 52.51 -31.93
CA ASN V 223 21.44 53.60 -32.03
C ASN V 223 20.01 53.10 -31.95
N LEU V 224 19.76 52.15 -31.04
CA LEU V 224 18.43 51.60 -30.81
C LEU V 224 17.47 52.64 -30.24
N LYS V 225 18.01 53.71 -29.65
CA LYS V 225 17.28 54.93 -29.34
C LYS V 225 16.51 55.52 -30.53
N SER V 226 16.91 55.20 -31.77
CA SER V 226 16.24 55.77 -32.92
C SER V 226 14.76 55.37 -32.99
N LYS V 227 13.92 56.38 -33.23
CA LYS V 227 12.47 56.24 -33.10
C LYS V 227 11.90 55.12 -33.97
N GLU V 228 12.50 54.88 -35.14
CA GLU V 228 12.08 53.76 -35.98
C GLU V 228 12.53 52.42 -35.43
N MET V 229 13.70 52.38 -34.79
CA MET V 229 14.13 51.17 -34.10
C MET V 229 13.24 50.90 -32.88
N LEU V 230 12.87 51.94 -32.15
CA LEU V 230 11.91 51.84 -31.07
C LEU V 230 10.53 51.36 -31.52
N ARG V 231 10.11 51.71 -32.74
CA ARG V 231 8.85 51.20 -33.27
C ARG V 231 8.85 49.68 -33.41
N ILE V 232 9.81 49.13 -34.14
CA ILE V 232 9.85 47.68 -34.33
C ILE V 232 10.03 46.95 -33.00
N LEU V 233 10.84 47.50 -32.09
CA LEU V 233 10.94 46.92 -30.75
C LEU V 233 9.64 47.02 -29.97
N THR V 234 8.93 48.15 -30.07
CA THR V 234 7.60 48.24 -29.47
C THR V 234 6.67 47.15 -30.00
N SER V 235 6.69 46.90 -31.31
CA SER V 235 5.78 45.91 -31.90
C SER V 235 6.11 44.49 -31.45
N ALA V 236 7.39 44.15 -31.34
CA ALA V 236 7.78 42.79 -30.97
C ALA V 236 7.86 42.56 -29.46
N THR V 237 8.52 43.45 -28.73
CA THR V 237 8.65 43.26 -27.29
C THR V 237 7.33 43.45 -26.58
N GLU V 238 6.44 44.25 -27.15
CA GLU V 238 5.08 44.46 -26.63
C GLU V 238 5.10 44.89 -25.17
N GLY V 239 6.19 45.55 -24.76
CA GLY V 239 6.39 46.04 -23.41
C GLY V 239 6.91 45.05 -22.40
N TYR V 240 7.16 43.80 -22.76
CA TYR V 240 7.72 42.84 -21.83
C TYR V 240 9.25 42.94 -21.82
N ILE V 241 9.80 43.22 -20.65
CA ILE V 241 11.25 43.34 -20.48
C ILE V 241 11.96 42.04 -20.84
N GLY V 242 11.31 40.90 -20.63
CA GLY V 242 11.88 39.62 -21.02
C GLY V 242 11.83 39.35 -22.51
N ARG V 243 11.01 40.08 -23.25
CA ARG V 243 11.15 40.07 -24.71
C ARG V 243 12.26 41.01 -25.16
N LEU V 244 12.28 42.23 -24.61
CA LEU V 244 13.29 43.22 -24.97
C LEU V 244 14.71 42.67 -24.80
N ASP V 245 14.98 42.07 -23.64
CA ASP V 245 16.29 41.49 -23.38
C ASP V 245 16.64 40.38 -24.38
N GLU V 246 15.71 39.45 -24.61
CA GLU V 246 16.01 38.31 -25.48
C GLU V 246 16.16 38.68 -26.96
N ILE V 247 15.46 39.69 -27.43
CA ILE V 247 15.63 40.13 -28.81
C ILE V 247 17.00 40.77 -29.02
N LEU V 248 17.38 41.70 -28.14
CA LEU V 248 18.66 42.39 -28.30
C LEU V 248 19.84 41.44 -28.12
N ARG V 249 19.79 40.55 -27.13
CA ARG V 249 20.85 39.57 -26.96
C ARG V 249 21.00 38.65 -28.18
N GLU V 250 19.89 38.16 -28.71
CA GLU V 250 19.93 37.35 -29.92
C GLU V 250 20.40 38.14 -31.14
N ALA V 251 19.96 39.39 -31.26
CA ALA V 251 20.45 40.25 -32.33
C ALA V 251 21.94 40.53 -32.23
N ALA V 252 22.47 40.67 -31.01
CA ALA V 252 23.90 40.87 -30.83
C ALA V 252 24.72 39.66 -31.30
N ILE V 253 24.35 38.46 -30.86
CA ILE V 253 25.10 37.26 -31.22
C ILE V 253 25.10 37.02 -32.73
N ARG V 254 23.95 37.18 -33.39
CA ARG V 254 23.92 37.08 -34.84
C ARG V 254 24.81 38.13 -35.51
N SER V 255 24.65 39.40 -35.12
CA SER V 255 25.42 40.47 -35.75
C SER V 255 26.92 40.30 -35.57
N LEU V 256 27.36 40.01 -34.33
CA LEU V 256 28.77 39.75 -34.09
C LEU V 256 29.29 38.56 -34.89
N SER V 257 28.52 37.47 -34.94
CA SER V 257 28.93 36.28 -35.70
C SER V 257 28.98 36.54 -37.20
N ARG V 258 28.12 37.42 -37.72
CA ARG V 258 28.14 37.81 -39.12
C ARG V 258 29.19 38.86 -39.43
N GLY V 259 30.07 39.18 -38.48
CA GLY V 259 31.16 40.11 -38.73
C GLY V 259 30.79 41.56 -38.62
N LEU V 260 29.69 41.88 -37.95
CA LEU V 260 29.18 43.23 -37.83
C LEU V 260 29.54 43.78 -36.47
N LYS V 261 30.01 45.03 -36.45
CA LYS V 261 30.33 45.72 -35.20
C LYS V 261 29.10 46.20 -34.45
N LYS V 262 27.90 45.98 -35.00
CA LYS V 262 26.72 46.77 -34.67
C LYS V 262 25.50 45.88 -34.82
N ILE V 263 24.45 46.19 -34.05
CA ILE V 263 23.11 45.72 -34.37
C ILE V 263 22.43 46.77 -35.25
N ASP V 264 21.85 46.31 -36.35
CA ASP V 264 21.10 47.18 -37.26
C ASP V 264 19.91 46.42 -37.81
N LYS V 265 18.96 47.19 -38.36
CA LYS V 265 17.62 46.69 -38.66
C LYS V 265 17.64 45.42 -39.49
N ALA V 266 18.60 45.31 -40.41
CA ALA V 266 18.72 44.11 -41.25
C ALA V 266 18.84 42.84 -40.42
N VAL V 267 19.51 42.91 -39.28
CA VAL V 267 19.51 41.80 -38.34
C VAL V 267 18.39 41.93 -37.31
N LEU V 268 18.17 43.13 -36.78
CA LEU V 268 17.19 43.31 -35.71
C LEU V 268 15.79 42.92 -36.13
N GLN V 269 15.41 43.22 -37.38
CA GLN V 269 14.10 42.84 -37.87
C GLN V 269 14.01 41.39 -38.29
N GLU V 270 15.13 40.76 -38.64
CA GLU V 270 15.14 39.30 -38.80
C GLU V 270 14.86 38.62 -37.46
N VAL V 271 15.43 39.13 -36.37
CA VAL V 271 15.10 38.64 -35.04
C VAL V 271 13.65 38.97 -34.69
N ALA V 272 13.25 40.23 -34.88
CA ALA V 272 11.92 40.66 -34.44
C ALA V 272 10.80 39.92 -35.15
N LYS V 273 10.99 39.56 -36.42
CA LYS V 273 9.99 38.77 -37.13
C LYS V 273 9.89 37.34 -36.63
N GLU V 274 10.82 36.90 -35.78
CA GLU V 274 10.85 35.52 -35.33
C GLU V 274 9.92 35.26 -34.16
N TYR V 275 9.23 36.30 -33.69
CA TYR V 275 8.36 36.21 -32.53
C TYR V 275 6.91 36.40 -32.96
N GLU W 19 18.17 -13.23 -54.98
CA GLU W 19 17.56 -12.56 -56.12
C GLU W 19 17.57 -11.04 -55.90
N TRP W 20 17.61 -10.31 -57.01
CA TRP W 20 17.76 -8.86 -56.99
C TRP W 20 16.53 -8.17 -56.39
N LEU W 21 15.33 -8.61 -56.79
CA LEU W 21 14.12 -7.84 -56.51
C LEU W 21 13.82 -7.71 -55.02
N GLN W 22 14.06 -8.78 -54.24
CA GLN W 22 13.79 -8.76 -52.81
C GLN W 22 14.72 -7.83 -52.03
N ALA W 23 15.95 -7.64 -52.50
CA ALA W 23 16.85 -6.68 -51.87
C ALA W 23 16.44 -5.24 -52.14
N GLU W 24 15.98 -4.93 -53.35
CA GLU W 24 15.41 -3.62 -53.62
C GLU W 24 14.17 -3.36 -52.77
N ILE W 25 13.29 -4.34 -52.64
CA ILE W 25 12.15 -4.19 -51.73
C ILE W 25 12.62 -3.92 -50.31
N ALA W 26 13.65 -4.63 -49.85
CA ALA W 26 14.15 -4.44 -48.49
C ALA W 26 14.68 -3.03 -48.23
N ARG W 27 15.25 -2.38 -49.24
CA ARG W 27 15.57 -0.96 -49.09
C ARG W 27 14.38 -0.03 -49.31
N LEU W 28 13.51 -0.36 -50.26
CA LEU W 28 12.38 0.52 -50.55
C LEU W 28 11.34 0.52 -49.44
N LYS W 29 11.24 -0.56 -48.65
CA LYS W 29 10.39 -0.52 -47.47
C LYS W 29 11.04 0.20 -46.30
N GLY W 30 12.32 0.57 -46.42
CA GLY W 30 13.00 1.30 -45.38
C GLY W 30 12.74 2.80 -45.42
N LYS W 31 13.45 3.51 -44.55
CA LYS W 31 13.43 4.97 -44.47
C LYS W 31 14.83 5.54 -44.63
N SER W 32 14.92 6.75 -45.20
CA SER W 32 16.18 7.38 -45.51
C SER W 32 16.11 8.86 -45.16
N ILE W 33 17.26 9.54 -45.28
CA ILE W 33 17.39 10.97 -45.01
C ILE W 33 17.86 11.66 -46.28
N VAL W 34 17.16 12.72 -46.68
CA VAL W 34 17.53 13.53 -47.84
C VAL W 34 17.82 14.95 -47.35
N PRO W 35 18.95 15.55 -47.76
CA PRO W 35 19.37 16.88 -47.28
C PRO W 35 18.65 18.00 -48.01
N LEU W 36 17.33 18.05 -47.84
CA LEU W 36 16.55 19.17 -48.36
C LEU W 36 17.00 20.49 -47.73
N GLN W 37 16.78 21.58 -48.47
CA GLN W 37 17.13 22.91 -47.99
C GLN W 37 16.33 23.30 -46.75
N GLN W 38 15.15 22.71 -46.58
CA GLN W 38 14.38 22.89 -45.36
C GLN W 38 15.15 22.42 -44.14
N VAL W 39 15.78 21.24 -44.25
CA VAL W 39 16.58 20.70 -43.16
C VAL W 39 17.78 21.59 -42.87
N LYS W 40 18.49 22.00 -43.92
CA LYS W 40 19.59 22.95 -43.78
C LYS W 40 19.16 24.22 -43.05
N THR W 41 18.01 24.78 -43.43
CA THR W 41 17.52 26.01 -42.79
C THR W 41 17.25 25.82 -41.31
N LEU W 42 16.61 24.71 -40.92
CA LEU W 42 16.45 24.39 -39.51
C LEU W 42 17.79 24.27 -38.80
N HIS W 43 18.76 23.59 -39.41
CA HIS W 43 20.03 23.34 -38.74
C HIS W 43 20.81 24.63 -38.50
N ASP W 44 20.74 25.59 -39.41
CA ASP W 44 21.33 26.89 -39.14
C ASP W 44 20.60 27.61 -38.01
N TRP W 45 19.29 27.48 -37.95
CA TRP W 45 18.50 28.13 -36.91
C TRP W 45 18.77 27.51 -35.54
N LEU W 46 18.71 26.18 -35.45
CA LEU W 46 19.05 25.48 -34.21
C LEU W 46 20.48 25.74 -33.75
N ASP W 47 21.42 25.93 -34.67
CA ASP W 47 22.75 26.37 -34.25
C ASP W 47 22.72 27.74 -33.58
N GLY W 48 21.95 28.68 -34.12
CA GLY W 48 21.83 29.98 -33.48
C GLY W 48 21.16 29.93 -32.12
N LYS W 49 20.08 29.17 -32.01
CA LYS W 49 19.44 28.96 -30.71
C LYS W 49 20.36 28.29 -29.69
N ARG W 50 21.16 27.32 -30.14
CA ARG W 50 22.06 26.62 -29.23
C ARG W 50 23.18 27.54 -28.73
N LYS W 51 23.68 28.44 -29.58
CA LYS W 51 24.62 29.45 -29.10
C LYS W 51 24.00 30.38 -28.06
N ALA W 52 22.81 30.92 -28.35
CA ALA W 52 22.16 31.85 -27.43
C ALA W 52 21.49 31.16 -26.24
N ARG W 53 21.47 29.84 -26.19
CA ARG W 53 20.65 29.07 -25.25
C ARG W 53 19.17 29.47 -25.32
N LYS W 54 18.73 29.85 -26.50
CA LYS W 54 17.40 30.40 -26.70
C LYS W 54 16.39 29.28 -26.81
N SER W 55 15.47 29.22 -25.86
CA SER W 55 14.33 28.33 -25.95
C SER W 55 13.38 28.81 -27.04
N CYS W 56 12.77 27.86 -27.75
CA CYS W 56 12.05 28.17 -28.97
C CYS W 56 11.17 26.98 -29.33
N ARG W 57 10.48 27.07 -30.46
CA ARG W 57 9.66 25.97 -30.94
C ARG W 57 9.75 25.81 -32.45
N VAL W 58 9.57 24.58 -32.90
CA VAL W 58 9.46 24.21 -34.31
C VAL W 58 8.04 23.71 -34.56
N VAL W 59 7.36 24.29 -35.54
CA VAL W 59 5.96 24.03 -35.80
C VAL W 59 5.76 23.81 -37.30
N GLY W 60 4.60 23.28 -37.65
CA GLY W 60 4.29 22.94 -39.02
C GLY W 60 3.46 21.66 -39.10
N GLU W 61 2.71 21.54 -40.19
CA GLU W 61 1.78 20.45 -40.40
C GLU W 61 2.46 19.08 -40.35
N SER W 62 1.63 18.06 -40.17
CA SER W 62 2.08 16.67 -40.13
C SER W 62 2.81 16.28 -41.41
N ARG W 63 3.77 15.37 -41.26
CA ARG W 63 4.61 14.83 -42.33
C ARG W 63 5.37 15.91 -43.10
N THR W 64 5.58 17.08 -42.52
CA THR W 64 6.32 18.14 -43.21
C THR W 64 7.82 17.94 -43.13
N GLY W 65 8.28 16.95 -42.38
CA GLY W 65 9.70 16.65 -42.27
C GLY W 65 10.35 17.12 -41.00
N LYS W 66 9.58 17.57 -40.01
CA LYS W 66 10.14 18.15 -38.79
C LYS W 66 10.98 17.13 -38.03
N THR W 67 10.38 15.97 -37.74
CA THR W 67 11.05 14.93 -36.96
C THR W 67 12.31 14.41 -37.65
N VAL W 68 12.27 14.22 -38.97
CA VAL W 68 13.46 13.80 -39.69
C VAL W 68 14.53 14.88 -39.70
N ALA W 69 14.13 16.14 -39.78
CA ALA W 69 15.09 17.24 -39.67
C ALA W 69 15.68 17.36 -38.25
N CYS W 70 14.90 17.07 -37.22
CA CYS W 70 15.41 17.08 -35.86
C CYS W 70 16.38 15.93 -35.58
N ASP W 71 16.04 14.73 -36.04
CA ASP W 71 16.94 13.59 -35.93
C ASP W 71 18.27 13.84 -36.63
N ALA W 72 18.24 14.40 -37.84
CA ALA W 72 19.48 14.74 -38.52
C ALA W 72 20.34 15.71 -37.73
N TYR W 73 19.72 16.62 -36.98
CA TYR W 73 20.49 17.53 -36.12
C TYR W 73 21.11 16.83 -34.91
N ARG W 74 20.37 15.92 -34.28
CA ARG W 74 20.94 15.07 -33.24
C ARG W 74 22.20 14.34 -33.73
N TYR W 75 22.11 13.69 -34.89
CA TYR W 75 23.20 12.85 -35.37
C TYR W 75 24.47 13.65 -35.67
N ARG W 76 24.34 14.79 -36.35
CA ARG W 76 25.53 15.58 -36.63
C ARG W 76 26.15 16.20 -35.39
N HIS W 77 25.43 16.23 -34.27
CA HIS W 77 25.98 16.72 -33.01
C HIS W 77 26.01 15.60 -31.97
N LYS W 78 26.48 14.43 -32.39
CA LYS W 78 26.48 13.22 -31.56
C LYS W 78 27.27 13.42 -30.27
N PRO W 79 26.98 12.60 -29.26
CA PRO W 79 27.87 12.45 -28.09
C PRO W 79 29.35 12.34 -28.43
N GLN W 80 30.17 13.10 -27.71
CA GLN W 80 31.62 12.95 -27.75
C GLN W 80 32.07 12.22 -26.48
N GLN W 81 32.78 11.11 -26.67
CA GLN W 81 33.37 10.37 -25.57
C GLN W 81 34.62 11.05 -25.03
N GLU W 82 34.75 11.03 -23.71
CA GLU W 82 35.95 11.48 -23.01
C GLU W 82 36.36 10.42 -22.01
N ALA W 83 37.67 10.17 -21.93
CA ALA W 83 38.22 9.00 -21.26
C ALA W 83 37.80 8.94 -19.79
N GLY W 84 36.95 7.99 -19.46
CA GLY W 84 36.46 7.78 -18.10
C GLY W 84 35.48 8.81 -17.60
N ARG W 85 35.11 9.79 -18.40
CA ARG W 85 34.07 10.76 -18.08
C ARG W 85 32.73 10.26 -18.59
N PRO W 86 31.63 10.74 -18.04
CA PRO W 86 30.37 10.74 -18.79
C PRO W 86 30.52 11.39 -20.16
N PRO W 87 29.73 10.96 -21.14
CA PRO W 87 29.86 11.57 -22.47
C PRO W 87 29.41 13.02 -22.47
N THR W 88 30.07 13.83 -23.28
CA THR W 88 29.57 15.14 -23.65
C THR W 88 28.47 14.98 -24.69
N VAL W 89 27.27 15.42 -24.36
CA VAL W 89 26.13 15.22 -25.25
C VAL W 89 25.47 16.57 -25.51
N PRO W 90 25.98 17.35 -26.46
CA PRO W 90 25.47 18.73 -26.62
C PRO W 90 23.99 18.80 -26.92
N VAL W 91 23.47 17.91 -27.76
CA VAL W 91 22.06 17.89 -28.12
C VAL W 91 21.45 16.60 -27.59
N VAL W 92 20.43 16.72 -26.75
CA VAL W 92 19.58 15.60 -26.36
C VAL W 92 18.26 15.70 -27.12
N TYR W 93 17.90 14.63 -27.81
CA TYR W 93 16.61 14.52 -28.47
C TYR W 93 15.80 13.45 -27.76
N ILE W 94 14.57 13.79 -27.36
CA ILE W 94 13.63 12.83 -26.81
C ILE W 94 12.28 13.00 -27.48
N ARG W 95 11.53 11.92 -27.58
CA ARG W 95 10.10 12.00 -27.87
C ARG W 95 9.32 11.41 -26.71
N PRO W 96 8.60 12.22 -25.94
CA PRO W 96 7.78 11.68 -24.86
C PRO W 96 6.78 10.64 -25.35
N HIS W 97 6.50 9.68 -24.49
CA HIS W 97 5.30 8.88 -24.63
C HIS W 97 4.08 9.73 -24.33
N GLN W 98 2.92 9.28 -24.80
CA GLN W 98 1.69 10.02 -24.59
C GLN W 98 1.39 10.15 -23.10
N LYS W 99 0.80 11.29 -22.73
CA LYS W 99 0.60 11.67 -21.33
C LYS W 99 1.88 11.54 -20.50
N CYS W 100 2.96 12.16 -20.99
CA CYS W 100 4.23 12.14 -20.30
C CYS W 100 4.16 12.97 -19.03
N GLY W 101 4.29 12.33 -17.88
CA GLY W 101 4.45 13.04 -16.63
C GLY W 101 5.88 13.42 -16.33
N PRO W 102 6.10 14.09 -15.20
CA PRO W 102 7.47 14.44 -14.80
C PRO W 102 8.42 13.25 -14.72
N LYS W 103 8.00 12.16 -14.07
CA LYS W 103 8.85 10.98 -13.94
C LYS W 103 9.20 10.40 -15.29
N ASP W 104 8.25 10.39 -16.23
CA ASP W 104 8.50 9.91 -17.58
C ASP W 104 9.51 10.78 -18.31
N LEU W 105 9.37 12.10 -18.19
CA LEU W 105 10.33 13.03 -18.77
C LEU W 105 11.74 12.81 -18.24
N PHE W 106 11.89 12.77 -16.92
CA PHE W 106 13.20 12.58 -16.30
C PHE W 106 13.82 11.25 -16.69
N LYS W 107 13.01 10.18 -16.72
CA LYS W 107 13.48 8.87 -17.19
C LYS W 107 14.02 8.89 -18.61
N LYS W 108 13.28 9.51 -19.54
CA LYS W 108 13.76 9.59 -20.92
C LYS W 108 15.03 10.42 -21.07
N ILE W 109 15.16 11.50 -20.33
CA ILE W 109 16.39 12.30 -20.41
C ILE W 109 17.59 11.51 -19.87
N THR W 110 17.44 10.92 -18.69
CA THR W 110 18.54 10.19 -18.07
C THR W 110 18.94 8.95 -18.86
N GLU W 111 17.96 8.22 -19.38
CA GLU W 111 18.28 7.06 -20.21
C GLU W 111 18.95 7.46 -21.51
N TYR W 112 18.56 8.60 -22.09
CA TYR W 112 19.25 9.07 -23.28
C TYR W 112 20.73 9.32 -23.01
N LEU W 113 21.05 9.88 -21.87
CA LEU W 113 22.43 10.11 -21.44
C LEU W 113 23.16 8.81 -21.00
N LYS W 114 22.50 7.66 -21.19
CA LYS W 114 23.02 6.33 -20.90
C LYS W 114 23.18 6.06 -19.40
N TYR W 115 22.41 6.75 -18.57
CA TYR W 115 22.27 6.39 -17.17
C TYR W 115 21.08 5.48 -17.00
N ARG W 116 21.11 4.68 -15.93
CA ARG W 116 19.95 3.92 -15.49
C ARG W 116 19.24 4.66 -14.37
N VAL W 117 17.92 4.80 -14.49
CA VAL W 117 17.12 5.28 -13.38
C VAL W 117 17.01 4.22 -12.30
N THR W 118 17.14 4.62 -11.05
CA THR W 118 16.78 3.78 -9.93
C THR W 118 15.31 4.00 -9.57
N LYS W 119 14.79 3.14 -8.70
CA LYS W 119 13.55 3.45 -8.02
C LYS W 119 13.71 4.72 -7.19
N GLY W 120 12.63 5.48 -7.08
CA GLY W 120 12.72 6.73 -6.36
C GLY W 120 11.50 7.59 -6.60
N THR W 121 11.46 8.67 -5.84
CA THR W 121 10.44 9.70 -5.99
C THR W 121 10.74 10.59 -7.21
N VAL W 122 9.72 11.32 -7.64
CA VAL W 122 9.91 12.40 -8.61
C VAL W 122 11.02 13.35 -8.19
N SER W 123 11.13 13.61 -6.88
CA SER W 123 12.21 14.44 -6.37
C SER W 123 13.59 13.81 -6.61
N ASP W 124 13.71 12.50 -6.42
CA ASP W 124 14.96 11.80 -6.77
C ASP W 124 15.24 11.87 -8.27
N PHE W 125 14.24 11.59 -9.10
CA PHE W 125 14.41 11.65 -10.55
C PHE W 125 14.81 13.04 -11.03
N ARG W 126 14.16 14.08 -10.50
CA ARG W 126 14.53 15.45 -10.85
C ARG W 126 15.98 15.76 -10.51
N ASP W 127 16.38 15.53 -9.25
CA ASP W 127 17.74 15.82 -8.83
C ASP W 127 18.78 15.04 -9.62
N ARG W 128 18.51 13.77 -9.90
CA ARG W 128 19.39 12.99 -10.75
C ARG W 128 19.46 13.50 -12.19
N THR W 129 18.33 13.94 -12.74
CA THR W 129 18.32 14.49 -14.09
C THR W 129 19.09 15.79 -14.19
N ILE W 130 18.89 16.69 -13.24
CA ILE W 130 19.65 17.94 -13.21
C ILE W 130 21.14 17.67 -13.03
N GLU W 131 21.48 16.67 -12.22
CA GLU W 131 22.87 16.26 -12.06
C GLU W 131 23.51 15.80 -13.37
N VAL W 132 22.79 15.01 -14.16
CA VAL W 132 23.35 14.50 -15.41
C VAL W 132 23.14 15.42 -16.61
N LEU W 133 22.18 16.35 -16.55
CA LEU W 133 22.15 17.41 -17.55
C LEU W 133 23.37 18.32 -17.43
N LYS W 134 23.81 18.57 -16.20
CA LYS W 134 25.17 19.03 -15.96
C LYS W 134 26.16 17.90 -16.16
N GLY W 135 27.41 18.27 -16.45
CA GLY W 135 28.46 17.28 -16.57
C GLY W 135 28.47 16.52 -17.88
N CYS W 136 27.30 16.06 -18.35
CA CYS W 136 27.20 15.70 -19.75
C CYS W 136 27.19 16.92 -20.66
N GLY W 137 27.18 18.13 -20.10
CA GLY W 137 27.32 19.34 -20.89
C GLY W 137 26.21 19.57 -21.90
N VAL W 138 25.01 19.07 -21.61
CA VAL W 138 23.87 19.29 -22.48
C VAL W 138 23.62 20.78 -22.66
N GLU W 139 23.47 21.20 -23.92
CA GLU W 139 23.20 22.59 -24.23
C GLU W 139 21.94 22.82 -25.05
N MET W 140 21.38 21.79 -25.67
CA MET W 140 20.07 21.88 -26.28
C MET W 140 19.27 20.64 -25.93
N LEU W 141 17.99 20.85 -25.60
CA LEU W 141 17.02 19.78 -25.40
C LEU W 141 15.88 19.92 -26.41
N ILE W 142 15.81 18.99 -27.35
CA ILE W 142 14.72 18.95 -28.33
C ILE W 142 13.66 17.99 -27.83
N ILE W 143 12.44 18.49 -27.66
CA ILE W 143 11.30 17.67 -27.25
C ILE W 143 10.37 17.57 -28.46
N ASP W 144 10.43 16.42 -29.13
CA ASP W 144 9.53 16.16 -30.28
C ASP W 144 8.19 15.71 -29.73
N GLU W 145 7.10 15.99 -30.44
CA GLU W 145 5.75 15.69 -29.89
C GLU W 145 5.69 16.35 -28.52
N ALA W 146 6.04 17.62 -28.44
CA ALA W 146 6.06 18.35 -27.14
C ALA W 146 4.63 18.49 -26.62
N ASP W 147 3.64 18.37 -27.50
CA ASP W 147 2.23 18.38 -27.07
C ASP W 147 1.84 17.15 -26.27
N ARG W 148 2.66 16.11 -26.23
CA ARG W 148 2.38 14.95 -25.39
C ARG W 148 2.69 15.19 -23.91
N LEU W 149 3.45 16.23 -23.59
CA LEU W 149 3.72 16.55 -22.19
C LEU W 149 2.43 16.93 -21.46
N LYS W 150 2.24 16.33 -20.28
CA LYS W 150 1.16 16.75 -19.40
C LYS W 150 1.31 18.22 -18.99
N PRO W 151 0.20 18.92 -18.81
CA PRO W 151 0.25 20.34 -18.42
C PRO W 151 1.13 20.65 -17.22
N GLU W 152 1.18 19.76 -16.23
CA GLU W 152 2.06 19.95 -15.07
C GLU W 152 3.55 19.74 -15.37
N THR W 153 3.91 18.94 -16.37
CA THR W 153 5.33 18.69 -16.60
C THR W 153 6.03 19.79 -17.39
N PHE W 154 5.31 20.73 -18.00
CA PHE W 154 5.94 21.91 -18.59
C PHE W 154 6.67 22.76 -17.56
N ALA W 155 6.22 22.76 -16.31
CA ALA W 155 6.94 23.46 -15.25
C ALA W 155 8.36 22.92 -15.08
N ASP W 156 8.53 21.60 -15.12
CA ASP W 156 9.87 21.02 -15.05
C ASP W 156 10.67 21.31 -16.31
N VAL W 157 10.02 21.33 -17.47
CA VAL W 157 10.67 21.73 -18.72
C VAL W 157 11.13 23.18 -18.65
N ARG W 158 10.29 24.06 -18.12
CA ARG W 158 10.66 25.46 -17.94
C ARG W 158 11.78 25.64 -16.93
N ASP W 159 11.72 24.90 -15.83
CA ASP W 159 12.79 24.93 -14.82
C ASP W 159 14.13 24.47 -15.38
N ILE W 160 14.14 23.45 -16.24
CA ILE W 160 15.37 23.08 -16.95
C ILE W 160 15.87 24.23 -17.82
N ALA W 161 14.97 24.87 -18.56
CA ALA W 161 15.40 25.93 -19.46
C ALA W 161 16.03 27.10 -18.73
N GLU W 162 15.50 27.48 -17.56
CA GLU W 162 16.08 28.64 -16.88
C GLU W 162 17.02 28.31 -15.74
N ASP W 163 16.97 27.13 -15.14
CA ASP W 163 18.00 26.84 -14.14
C ASP W 163 19.33 26.45 -14.79
N LEU W 164 19.29 25.91 -15.99
CA LEU W 164 20.51 25.56 -16.71
C LEU W 164 20.59 26.39 -17.98
N GLY W 165 21.80 26.54 -18.50
CA GLY W 165 21.94 27.16 -19.80
C GLY W 165 21.55 26.29 -20.96
N ILE W 166 20.31 25.79 -21.00
CA ILE W 166 19.88 24.85 -22.03
C ILE W 166 18.80 25.52 -22.86
N ALA W 167 19.01 25.56 -24.17
CA ALA W 167 17.96 25.84 -25.14
C ALA W 167 17.03 24.64 -25.29
N VAL W 168 15.80 24.77 -24.82
CA VAL W 168 14.77 23.76 -25.05
C VAL W 168 14.00 24.10 -26.31
N VAL W 169 13.91 23.15 -27.23
CA VAL W 169 13.17 23.30 -28.47
C VAL W 169 11.95 22.39 -28.42
N LEU W 170 10.77 22.98 -28.38
CA LEU W 170 9.52 22.23 -28.47
C LEU W 170 9.14 22.04 -29.94
N VAL W 171 8.85 20.80 -30.32
CA VAL W 171 8.46 20.47 -31.68
C VAL W 171 7.09 19.83 -31.66
N GLY W 172 6.20 20.33 -32.52
CA GLY W 172 4.86 19.81 -32.64
C GLY W 172 4.21 20.37 -33.88
N THR W 173 2.93 20.03 -34.04
CA THR W 173 2.11 20.71 -35.05
C THR W 173 1.44 21.92 -34.40
N ASP W 174 0.50 22.53 -35.12
CA ASP W 174 -0.35 23.56 -34.51
C ASP W 174 -1.15 23.04 -33.32
N ARG W 175 -1.26 21.71 -33.18
CA ARG W 175 -1.82 21.11 -31.98
C ARG W 175 -1.02 21.50 -30.73
N LEU W 176 0.30 21.72 -30.89
CA LEU W 176 1.13 22.17 -29.78
C LEU W 176 0.82 23.61 -29.38
N ASP W 177 0.58 24.49 -30.35
CA ASP W 177 0.31 25.89 -30.04
C ASP W 177 -0.95 26.07 -29.21
N ALA W 178 -1.94 25.20 -29.37
CA ALA W 178 -3.09 25.21 -28.47
C ALA W 178 -2.69 24.84 -27.04
N VAL W 179 -1.84 23.82 -26.89
CA VAL W 179 -1.34 23.45 -25.57
C VAL W 179 -0.49 24.56 -24.98
N ILE W 180 0.37 25.17 -25.80
CA ILE W 180 1.23 26.25 -25.33
C ILE W 180 0.41 27.45 -24.85
N LYS W 181 -0.53 27.92 -25.67
CA LYS W 181 -1.28 29.13 -25.31
C LYS W 181 -2.22 28.94 -24.13
N ARG W 182 -2.44 27.71 -23.68
CA ARG W 182 -3.14 27.44 -22.44
C ARG W 182 -2.29 27.70 -21.19
N ASP W 183 -1.01 28.02 -21.32
CA ASP W 183 -0.20 28.49 -20.21
C ASP W 183 0.71 29.60 -20.71
N GLU W 184 0.39 30.84 -20.33
CA GLU W 184 1.15 32.01 -20.76
C GLU W 184 2.61 32.01 -20.31
N GLN W 185 2.95 31.24 -19.27
CA GLN W 185 4.36 31.10 -18.91
C GLN W 185 5.12 30.23 -19.90
N VAL W 186 4.47 29.23 -20.46
CA VAL W 186 5.06 28.45 -21.54
C VAL W 186 5.09 29.28 -22.83
N LEU W 187 3.95 29.87 -23.18
CA LEU W 187 3.84 30.71 -24.38
C LEU W 187 4.91 31.79 -24.44
N GLU W 188 5.17 32.47 -23.34
CA GLU W 188 6.13 33.56 -23.34
C GLU W 188 7.58 33.09 -23.29
N ARG W 189 7.84 31.83 -22.94
CA ARG W 189 9.19 31.28 -23.01
C ARG W 189 9.56 30.68 -24.35
N PHE W 190 8.58 30.15 -25.09
CA PHE W 190 8.79 29.48 -26.37
C PHE W 190 8.23 30.28 -27.54
N ARG W 191 8.16 31.60 -27.39
CA ARG W 191 7.54 32.45 -28.40
C ARG W 191 8.28 32.40 -29.73
N ALA W 192 9.60 32.41 -29.71
CA ALA W 192 10.36 32.34 -30.95
C ALA W 192 10.15 30.99 -31.63
N HIS W 193 9.93 31.02 -32.95
CA HIS W 193 9.48 29.83 -33.65
C HIS W 193 10.00 29.83 -35.08
N LEU W 194 10.02 28.63 -35.65
CA LEU W 194 10.26 28.40 -37.07
C LEU W 194 9.19 27.45 -37.57
N ARG W 195 8.62 27.75 -38.73
CA ARG W 195 7.60 26.93 -39.35
C ARG W 195 8.13 26.16 -40.55
N PHE W 196 7.94 24.85 -40.53
CA PHE W 196 8.03 23.99 -41.70
C PHE W 196 6.77 24.12 -42.53
N GLY W 197 6.90 24.63 -43.76
CA GLY W 197 5.78 24.72 -44.67
C GLY W 197 5.77 23.61 -45.71
N LYS W 198 4.61 23.44 -46.35
CA LYS W 198 4.52 22.65 -47.56
C LYS W 198 5.34 23.27 -48.68
N LEU W 199 5.91 22.41 -49.52
CA LEU W 199 6.65 22.84 -50.69
C LEU W 199 5.71 23.13 -51.86
N SER W 200 6.21 23.90 -52.82
CA SER W 200 5.52 24.08 -54.09
C SER W 200 6.52 24.42 -55.18
N GLY W 201 6.05 24.34 -56.42
CA GLY W 201 6.78 24.90 -57.56
C GLY W 201 8.14 24.28 -57.80
N GLU W 202 9.10 25.14 -58.13
CA GLU W 202 10.45 24.70 -58.45
C GLU W 202 11.11 23.98 -57.28
N ASP W 203 10.82 24.39 -56.04
CA ASP W 203 11.37 23.67 -54.89
C ASP W 203 10.77 22.26 -54.81
N PHE W 204 9.47 22.15 -55.05
CA PHE W 204 8.85 20.84 -55.17
C PHE W 204 9.40 20.06 -56.37
N LYS W 205 9.56 20.74 -57.51
CA LYS W 205 10.15 20.11 -58.70
C LYS W 205 11.56 19.61 -58.43
N ASN W 206 12.40 20.43 -57.82
CA ASN W 206 13.74 19.98 -57.44
C ASN W 206 13.70 18.83 -56.44
N THR W 207 12.77 18.88 -55.49
CA THR W 207 12.61 17.78 -54.54
C THR W 207 12.18 16.50 -55.23
N VAL W 208 11.19 16.59 -56.12
CA VAL W 208 10.75 15.43 -56.87
C VAL W 208 11.88 14.90 -57.74
N GLU W 209 12.67 15.79 -58.35
CA GLU W 209 13.86 15.37 -59.07
C GLU W 209 14.85 14.65 -58.15
N MET W 210 15.11 15.20 -56.97
CA MET W 210 15.98 14.54 -56.00
C MET W 210 15.49 13.14 -55.63
N TRP W 211 14.17 12.97 -55.44
CA TRP W 211 13.66 11.66 -55.04
C TRP W 211 13.79 10.60 -56.13
N GLU W 212 13.71 10.97 -57.40
CA GLU W 212 14.10 10.05 -58.46
C GLU W 212 15.58 9.72 -58.40
N GLN W 213 16.43 10.74 -58.52
CA GLN W 213 17.84 10.56 -58.85
C GLN W 213 18.73 10.34 -57.63
N MET W 214 18.24 10.58 -56.42
CA MET W 214 18.99 10.27 -55.20
C MET W 214 18.38 9.14 -54.37
N VAL W 215 17.06 9.11 -54.21
CA VAL W 215 16.43 8.17 -53.31
C VAL W 215 16.16 6.83 -53.98
N LEU W 216 15.32 6.84 -55.03
CA LEU W 216 14.95 5.61 -55.69
C LEU W 216 16.14 4.95 -56.38
N LYS W 217 16.88 5.72 -57.18
CA LYS W 217 18.02 5.19 -57.94
C LYS W 217 17.60 3.94 -58.72
N LEU W 218 16.39 4.01 -59.28
CA LEU W 218 15.72 2.88 -59.90
C LEU W 218 16.40 2.45 -61.20
N PRO W 219 16.15 1.21 -61.65
CA PRO W 219 16.90 0.67 -62.80
C PRO W 219 16.77 1.49 -64.08
N VAL W 220 15.60 2.03 -64.38
CA VAL W 220 15.39 2.86 -65.56
C VAL W 220 14.62 4.11 -65.16
N SER W 221 15.05 5.25 -65.69
CA SER W 221 14.52 6.54 -65.29
C SER W 221 13.04 6.68 -65.62
N SER W 222 12.35 7.45 -64.78
CA SER W 222 10.99 7.92 -65.07
C SER W 222 10.96 9.39 -65.47
N ASN W 223 12.07 10.12 -65.31
CA ASN W 223 12.19 11.52 -65.72
C ASN W 223 11.13 12.43 -65.08
N LEU W 224 11.12 12.44 -63.75
CA LEU W 224 10.10 13.06 -62.90
C LEU W 224 10.15 14.59 -62.90
N LYS W 225 11.02 15.20 -63.71
CA LYS W 225 10.87 16.61 -64.08
C LYS W 225 9.64 16.86 -64.93
N SER W 226 9.07 15.80 -65.53
CA SER W 226 7.95 15.96 -66.46
C SER W 226 6.79 16.72 -65.82
N LYS W 227 6.38 17.80 -66.50
CA LYS W 227 5.48 18.78 -65.92
C LYS W 227 4.06 18.25 -65.76
N GLU W 228 3.61 17.39 -66.67
CA GLU W 228 2.23 16.91 -66.64
C GLU W 228 2.01 15.92 -65.49
N MET W 229 2.87 14.90 -65.38
CA MET W 229 2.72 13.92 -64.31
C MET W 229 2.91 14.57 -62.95
N LEU W 230 3.57 15.72 -62.90
CA LEU W 230 3.68 16.51 -61.68
C LEU W 230 2.32 16.95 -61.15
N ARG W 231 1.30 17.00 -62.01
CA ARG W 231 -0.08 17.18 -61.56
C ARG W 231 -0.55 15.97 -60.76
N ILE W 232 -0.20 14.77 -61.20
CA ILE W 232 -0.57 13.56 -60.48
C ILE W 232 0.05 13.52 -59.09
N LEU W 233 1.35 13.79 -59.00
CA LEU W 233 1.98 13.93 -57.69
C LEU W 233 1.31 15.00 -56.84
N THR W 234 1.18 16.22 -57.38
CA THR W 234 0.61 17.31 -56.59
C THR W 234 -0.78 16.97 -56.06
N SER W 235 -1.59 16.31 -56.86
CA SER W 235 -2.96 16.01 -56.43
C SER W 235 -2.98 15.05 -55.25
N ALA W 236 -2.09 14.07 -55.26
CA ALA W 236 -1.93 13.21 -54.08
C ALA W 236 -1.09 13.88 -53.00
N THR W 237 -0.03 14.59 -53.38
CA THR W 237 1.03 14.95 -52.43
C THR W 237 0.73 16.24 -51.67
N GLU W 238 0.03 17.19 -52.28
CA GLU W 238 -0.32 18.46 -51.64
C GLU W 238 0.92 19.22 -51.17
N GLY W 239 2.11 18.79 -51.57
CA GLY W 239 3.35 19.37 -51.11
C GLY W 239 3.92 18.78 -49.83
N TYR W 240 3.26 17.78 -49.25
CA TYR W 240 3.84 17.10 -48.10
C TYR W 240 4.99 16.21 -48.57
N ILE W 241 6.18 16.41 -47.98
CA ILE W 241 7.29 15.52 -48.25
C ILE W 241 6.95 14.10 -47.82
N GLY W 242 6.28 13.96 -46.68
CA GLY W 242 5.84 12.68 -46.19
C GLY W 242 4.63 12.07 -46.86
N ARG W 243 4.10 12.74 -47.88
CA ARG W 243 3.34 12.06 -48.92
C ARG W 243 4.23 11.68 -50.10
N LEU W 244 5.05 12.63 -50.56
CA LEU W 244 5.92 12.40 -51.71
C LEU W 244 6.80 11.15 -51.51
N ASP W 245 7.48 11.09 -50.36
CA ASP W 245 8.35 9.95 -50.08
C ASP W 245 7.57 8.64 -49.99
N GLU W 246 6.28 8.71 -49.65
CA GLU W 246 5.44 7.52 -49.59
C GLU W 246 5.05 7.03 -50.98
N ILE W 247 4.61 7.95 -51.84
CA ILE W 247 4.16 7.57 -53.18
C ILE W 247 5.21 6.78 -53.92
N LEU W 248 6.40 7.37 -54.08
CA LEU W 248 7.42 6.80 -54.95
C LEU W 248 7.85 5.41 -54.49
N ARG W 249 7.97 5.21 -53.17
CA ARG W 249 8.28 3.88 -52.65
C ARG W 249 7.15 2.88 -52.90
N GLU W 250 5.89 3.32 -52.87
CA GLU W 250 4.79 2.43 -53.22
C GLU W 250 4.87 2.03 -54.69
N ALA W 251 5.01 3.02 -55.58
CA ALA W 251 5.09 2.76 -57.01
C ALA W 251 6.32 1.93 -57.39
N ALA W 252 7.48 2.25 -56.82
CA ALA W 252 8.70 1.49 -57.13
C ALA W 252 8.61 0.04 -56.69
N ILE W 253 8.11 -0.23 -55.49
CA ILE W 253 7.94 -1.62 -55.06
C ILE W 253 6.97 -2.35 -55.98
N ARG W 254 5.89 -1.69 -56.38
CA ARG W 254 4.97 -2.30 -57.34
C ARG W 254 5.63 -2.53 -58.71
N SER W 255 6.30 -1.52 -59.24
CA SER W 255 7.02 -1.69 -60.50
C SER W 255 8.03 -2.84 -60.44
N LEU W 256 8.87 -2.88 -59.41
CA LEU W 256 9.84 -3.95 -59.31
C LEU W 256 9.20 -5.29 -58.98
N SER W 257 8.03 -5.29 -58.34
CA SER W 257 7.28 -6.53 -58.16
C SER W 257 6.65 -6.99 -59.47
N ARG W 258 6.21 -6.05 -60.31
CA ARG W 258 5.57 -6.37 -61.58
C ARG W 258 6.56 -6.62 -62.70
N GLY W 259 7.85 -6.44 -62.45
CA GLY W 259 8.85 -6.59 -63.49
C GLY W 259 8.94 -5.40 -64.42
N LEU W 260 8.60 -4.21 -63.92
CA LEU W 260 8.72 -2.97 -64.67
C LEU W 260 9.99 -2.27 -64.21
N LYS W 261 10.86 -1.94 -65.15
CA LYS W 261 12.15 -1.34 -64.81
C LYS W 261 12.04 0.13 -64.43
N LYS W 262 10.85 0.72 -64.58
CA LYS W 262 10.61 2.12 -64.29
C LYS W 262 9.27 2.23 -63.57
N ILE W 263 9.05 3.35 -62.91
CA ILE W 263 7.71 3.75 -62.51
C ILE W 263 6.97 4.26 -63.76
N ASP W 264 6.02 3.47 -64.24
CA ASP W 264 5.16 3.90 -65.32
C ASP W 264 4.02 4.76 -64.81
N LYS W 265 3.45 5.55 -65.71
CA LYS W 265 2.27 6.35 -65.42
C LYS W 265 1.14 5.49 -64.88
N ALA W 266 0.94 4.31 -65.48
CA ALA W 266 -0.05 3.34 -65.02
C ALA W 266 0.17 2.93 -63.57
N VAL W 267 1.40 2.98 -63.08
CA VAL W 267 1.67 2.66 -61.68
C VAL W 267 1.53 3.87 -60.77
N LEU W 268 2.12 5.00 -61.17
CA LEU W 268 2.03 6.22 -60.37
C LEU W 268 0.58 6.62 -60.11
N GLN W 269 -0.24 6.66 -61.16
CA GLN W 269 -1.64 7.04 -60.99
C GLN W 269 -2.42 6.03 -60.16
N GLU W 270 -2.11 4.74 -60.28
CA GLU W 270 -2.76 3.73 -59.45
C GLU W 270 -2.44 3.93 -57.98
N VAL W 271 -1.17 4.20 -57.65
CA VAL W 271 -0.79 4.54 -56.28
C VAL W 271 -1.46 5.84 -55.85
N ALA W 272 -1.31 6.90 -56.65
CA ALA W 272 -1.90 8.20 -56.33
C ALA W 272 -3.43 8.17 -56.22
N LYS W 273 -4.07 7.10 -56.71
CA LYS W 273 -5.51 6.93 -56.59
C LYS W 273 -5.95 6.33 -55.26
N GLU W 274 -5.04 5.86 -54.43
CA GLU W 274 -5.40 5.23 -53.16
C GLU W 274 -5.80 6.24 -52.07
N TYR W 275 -6.09 7.49 -52.43
CA TYR W 275 -6.28 8.57 -51.46
C TYR W 275 -7.51 9.42 -51.81
N GLU X 19 -34.54 -36.56 -33.38
CA GLU X 19 -34.84 -36.00 -34.68
C GLU X 19 -33.54 -35.66 -35.42
N TRP X 20 -33.48 -36.03 -36.69
CA TRP X 20 -32.28 -35.84 -37.49
C TRP X 20 -32.11 -34.40 -37.98
N LEU X 21 -33.22 -33.70 -38.26
CA LEU X 21 -33.17 -32.46 -39.03
C LEU X 21 -32.34 -31.37 -38.35
N GLN X 22 -32.23 -31.39 -37.02
CA GLN X 22 -31.38 -30.42 -36.33
C GLN X 22 -29.91 -30.52 -36.72
N ALA X 23 -29.47 -31.67 -37.25
CA ALA X 23 -28.11 -31.78 -37.77
C ALA X 23 -27.88 -30.86 -38.98
N GLU X 24 -28.92 -30.61 -39.77
CA GLU X 24 -28.83 -29.63 -40.85
C GLU X 24 -28.96 -28.20 -40.36
N ILE X 25 -29.99 -27.92 -39.57
CA ILE X 25 -30.25 -26.56 -39.10
C ILE X 25 -29.11 -26.01 -38.26
N ALA X 26 -28.43 -26.88 -37.51
CA ALA X 26 -27.22 -26.46 -36.80
C ALA X 26 -26.14 -25.92 -37.73
N ARG X 27 -26.03 -26.45 -38.94
CA ARG X 27 -25.08 -25.90 -39.92
C ARG X 27 -25.47 -24.49 -40.35
N LEU X 28 -26.77 -24.22 -40.49
CA LEU X 28 -27.23 -22.89 -40.85
C LEU X 28 -26.91 -21.87 -39.76
N LYS X 29 -26.99 -22.28 -38.50
CA LYS X 29 -26.58 -21.42 -37.40
C LYS X 29 -25.07 -21.16 -37.40
N GLY X 30 -24.26 -22.13 -37.82
CA GLY X 30 -22.82 -21.96 -37.74
C GLY X 30 -22.24 -21.03 -38.78
N LYS X 31 -21.01 -20.58 -38.48
CA LYS X 31 -20.25 -19.67 -39.33
C LYS X 31 -19.72 -20.36 -40.58
N SER X 32 -19.56 -19.57 -41.64
CA SER X 32 -18.92 -20.02 -42.87
C SER X 32 -18.18 -18.85 -43.50
N ILE X 33 -17.18 -19.16 -44.32
CA ILE X 33 -16.41 -18.16 -45.06
C ILE X 33 -16.32 -18.59 -46.52
N VAL X 34 -16.62 -17.67 -47.42
CA VAL X 34 -16.69 -17.94 -48.86
C VAL X 34 -15.51 -17.26 -49.55
N PRO X 35 -14.78 -17.96 -50.41
CA PRO X 35 -13.73 -17.31 -51.24
C PRO X 35 -14.37 -16.37 -52.25
N LEU X 36 -13.96 -15.10 -52.22
CA LEU X 36 -14.68 -14.05 -52.92
C LEU X 36 -13.68 -13.07 -53.54
N GLN X 37 -14.10 -12.47 -54.66
CA GLN X 37 -13.25 -11.53 -55.38
C GLN X 37 -12.86 -10.33 -54.51
N GLN X 38 -13.82 -9.74 -53.80
CA GLN X 38 -13.52 -8.58 -52.97
C GLN X 38 -12.48 -8.91 -51.90
N VAL X 39 -12.64 -10.06 -51.24
CA VAL X 39 -11.62 -10.54 -50.31
C VAL X 39 -10.27 -10.68 -51.02
N LYS X 40 -10.28 -11.25 -52.21
CA LYS X 40 -9.04 -11.39 -52.98
C LYS X 40 -8.41 -10.03 -53.28
N THR X 41 -9.21 -9.04 -53.65
CA THR X 41 -8.65 -7.71 -53.90
C THR X 41 -8.05 -7.08 -52.64
N LEU X 42 -8.68 -7.29 -51.48
CA LEU X 42 -8.06 -6.88 -50.22
C LEU X 42 -6.76 -7.64 -49.95
N HIS X 43 -6.79 -8.97 -50.10
CA HIS X 43 -5.62 -9.78 -49.75
C HIS X 43 -4.42 -9.47 -50.65
N ASP X 44 -4.67 -9.21 -51.93
CA ASP X 44 -3.60 -8.75 -52.81
C ASP X 44 -3.05 -7.41 -52.35
N TRP X 45 -3.94 -6.52 -51.88
CA TRP X 45 -3.55 -5.21 -51.39
C TRP X 45 -2.82 -5.29 -50.05
N LEU X 46 -3.37 -6.05 -49.09
CA LEU X 46 -2.71 -6.22 -47.80
C LEU X 46 -1.35 -6.89 -47.91
N ASP X 47 -1.19 -7.86 -48.82
CA ASP X 47 0.14 -8.39 -49.07
C ASP X 47 1.09 -7.35 -49.66
N GLY X 48 0.60 -6.54 -50.60
CA GLY X 48 1.44 -5.48 -51.13
C GLY X 48 1.79 -4.44 -50.09
N LYS X 49 0.85 -4.12 -49.19
CA LYS X 49 1.09 -3.12 -48.16
C LYS X 49 2.00 -3.65 -47.06
N ARG X 50 1.77 -4.89 -46.62
CA ARG X 50 2.68 -5.55 -45.68
C ARG X 50 4.08 -5.69 -46.25
N LYS X 51 4.19 -6.03 -47.53
CA LYS X 51 5.49 -6.08 -48.18
C LYS X 51 6.22 -4.74 -48.05
N ALA X 52 5.51 -3.63 -48.22
CA ALA X 52 6.08 -2.29 -48.10
C ALA X 52 6.08 -1.77 -46.67
N ARG X 53 5.37 -2.44 -45.76
CA ARG X 53 5.22 -2.02 -44.36
C ARG X 53 4.63 -0.62 -44.23
N LYS X 54 3.86 -0.18 -45.23
CA LYS X 54 3.08 1.04 -45.11
C LYS X 54 1.92 0.82 -44.17
N SER X 55 1.50 1.89 -43.50
CA SER X 55 0.21 1.94 -42.83
C SER X 55 -0.88 2.43 -43.75
N CYS X 56 -2.11 2.02 -43.45
CA CYS X 56 -3.26 2.34 -44.28
C CYS X 56 -4.54 2.05 -43.49
N ARG X 57 -5.68 2.32 -44.11
CA ARG X 57 -6.98 1.98 -43.55
C ARG X 57 -7.86 1.29 -44.58
N VAL X 58 -8.77 0.45 -44.07
CA VAL X 58 -9.76 -0.27 -44.86
C VAL X 58 -11.13 0.19 -44.40
N VAL X 59 -11.92 0.73 -45.31
CA VAL X 59 -13.10 1.52 -44.97
C VAL X 59 -14.33 0.96 -45.68
N GLY X 60 -15.39 0.71 -44.92
CA GLY X 60 -16.67 0.38 -45.51
C GLY X 60 -17.74 0.26 -44.44
N GLU X 61 -18.99 0.43 -44.88
CA GLU X 61 -20.14 0.37 -43.99
C GLU X 61 -20.21 -0.94 -43.21
N SER X 62 -21.04 -0.94 -42.17
CA SER X 62 -21.34 -2.14 -41.42
C SER X 62 -22.02 -3.20 -42.29
N ARG X 63 -21.73 -4.46 -41.99
CA ARG X 63 -22.23 -5.63 -42.72
C ARG X 63 -21.75 -5.69 -44.16
N THR X 64 -20.65 -5.02 -44.49
CA THR X 64 -20.11 -5.11 -45.83
C THR X 64 -19.34 -6.40 -46.07
N GLY X 65 -18.54 -6.82 -45.09
CA GLY X 65 -17.76 -8.05 -45.17
C GLY X 65 -16.27 -7.85 -44.96
N LYS X 66 -15.81 -6.61 -44.87
CA LYS X 66 -14.41 -6.28 -44.65
C LYS X 66 -13.81 -6.96 -43.42
N THR X 67 -14.64 -7.25 -42.40
CA THR X 67 -14.12 -7.93 -41.21
C THR X 67 -13.95 -9.44 -41.43
N VAL X 68 -14.86 -10.09 -42.15
CA VAL X 68 -14.60 -11.47 -42.58
C VAL X 68 -13.40 -11.54 -43.51
N ALA X 69 -13.23 -10.51 -44.33
CA ALA X 69 -12.04 -10.37 -45.17
C ALA X 69 -10.75 -10.25 -44.36
N CYS X 70 -10.81 -9.67 -43.16
CA CYS X 70 -9.66 -9.67 -42.26
C CYS X 70 -9.42 -11.01 -41.57
N ASP X 71 -10.47 -11.70 -41.14
CA ASP X 71 -10.32 -13.07 -40.64
C ASP X 71 -9.61 -13.99 -41.63
N ALA X 72 -10.03 -13.97 -42.90
CA ALA X 72 -9.35 -14.77 -43.91
C ALA X 72 -7.87 -14.39 -44.10
N TYR X 73 -7.52 -13.11 -43.90
CA TYR X 73 -6.12 -12.73 -44.05
C TYR X 73 -5.28 -13.23 -42.87
N ARG X 74 -5.85 -13.16 -41.66
CA ARG X 74 -5.26 -13.85 -40.51
C ARG X 74 -5.10 -15.35 -40.74
N TYR X 75 -6.13 -15.99 -41.28
CA TYR X 75 -6.09 -17.44 -41.48
C TYR X 75 -5.19 -17.87 -42.64
N ARG X 76 -4.94 -17.00 -43.61
CA ARG X 76 -3.83 -17.26 -44.53
C ARG X 76 -2.48 -17.15 -43.85
N HIS X 77 -2.34 -16.28 -42.85
CA HIS X 77 -1.04 -15.99 -42.26
C HIS X 77 -1.02 -16.36 -40.79
N LYS X 78 -1.38 -17.61 -40.50
CA LYS X 78 -1.41 -18.12 -39.13
C LYS X 78 -0.05 -17.98 -38.46
N PRO X 79 -0.03 -17.84 -37.13
CA PRO X 79 1.23 -17.77 -36.38
C PRO X 79 2.01 -19.07 -36.47
N GLN X 80 3.21 -19.00 -37.05
CA GLN X 80 4.04 -20.18 -37.27
C GLN X 80 4.93 -20.41 -36.06
N GLN X 81 4.85 -21.62 -35.51
CA GLN X 81 5.65 -22.03 -34.36
C GLN X 81 7.08 -22.37 -34.77
N GLU X 82 8.00 -22.23 -33.81
CA GLU X 82 9.36 -22.73 -33.93
C GLU X 82 9.84 -23.24 -32.57
N ALA X 83 10.68 -24.28 -32.61
CA ALA X 83 11.13 -25.00 -31.42
C ALA X 83 11.86 -24.10 -30.41
N GLY X 84 11.24 -23.89 -29.26
CA GLY X 84 11.83 -23.14 -28.17
C GLY X 84 11.83 -21.63 -28.32
N ARG X 85 11.15 -21.10 -29.33
CA ARG X 85 11.10 -19.67 -29.59
C ARG X 85 9.67 -19.20 -29.44
N PRO X 86 9.45 -17.92 -29.14
CA PRO X 86 8.15 -17.32 -29.42
C PRO X 86 7.74 -17.54 -30.87
N PRO X 87 6.45 -17.68 -31.14
CA PRO X 87 6.02 -17.89 -32.53
C PRO X 87 6.34 -16.68 -33.39
N THR X 88 6.64 -16.96 -34.66
CA THR X 88 6.67 -15.90 -35.66
C THR X 88 5.25 -15.59 -36.10
N VAL X 89 4.82 -14.34 -35.91
CA VAL X 89 3.42 -13.98 -36.11
C VAL X 89 3.37 -12.74 -36.97
N PRO X 90 3.47 -12.87 -38.30
CA PRO X 90 3.63 -11.69 -39.15
C PRO X 90 2.40 -10.79 -39.16
N VAL X 91 1.20 -11.34 -39.01
CA VAL X 91 -0.02 -10.55 -38.92
C VAL X 91 -0.62 -10.73 -37.53
N VAL X 92 -0.75 -9.63 -36.80
CA VAL X 92 -1.53 -9.58 -35.57
C VAL X 92 -2.89 -8.99 -35.88
N TYR X 93 -3.94 -9.65 -35.44
CA TYR X 93 -5.30 -9.11 -35.51
C TYR X 93 -5.80 -8.91 -34.10
N ILE X 94 -6.25 -7.69 -33.81
CA ILE X 94 -6.86 -7.38 -32.52
C ILE X 94 -8.21 -6.73 -32.74
N ARG X 95 -9.18 -7.10 -31.90
CA ARG X 95 -10.51 -6.52 -31.83
C ARG X 95 -10.62 -5.80 -30.51
N PRO X 96 -10.29 -4.50 -30.45
CA PRO X 96 -10.37 -3.75 -29.20
C PRO X 96 -11.73 -3.84 -28.53
N HIS X 97 -11.72 -3.73 -27.21
CA HIS X 97 -12.93 -3.47 -26.45
C HIS X 97 -13.33 -2.00 -26.56
N GLN X 98 -14.50 -1.69 -26.03
CA GLN X 98 -15.02 -0.33 -26.06
C GLN X 98 -14.09 0.65 -25.35
N LYS X 99 -13.87 1.80 -25.99
CA LYS X 99 -12.98 2.86 -25.51
C LYS X 99 -11.64 2.30 -25.03
N CYS X 100 -10.93 1.67 -25.95
CA CYS X 100 -9.70 0.96 -25.63
C CYS X 100 -8.61 1.95 -25.23
N GLY X 101 -8.11 1.83 -24.01
CA GLY X 101 -6.92 2.56 -23.61
C GLY X 101 -5.66 1.85 -24.05
N PRO X 102 -4.53 2.54 -23.89
CA PRO X 102 -3.24 1.91 -24.23
C PRO X 102 -2.99 0.60 -23.51
N LYS X 103 -3.30 0.55 -22.20
CA LYS X 103 -3.10 -0.69 -21.45
C LYS X 103 -3.94 -1.83 -22.01
N ASP X 104 -5.18 -1.54 -22.39
CA ASP X 104 -6.03 -2.55 -23.02
C ASP X 104 -5.53 -2.91 -24.42
N LEU X 105 -5.04 -1.93 -25.16
CA LEU X 105 -4.39 -2.22 -26.44
C LEU X 105 -3.19 -3.15 -26.26
N PHE X 106 -2.29 -2.79 -25.35
CA PHE X 106 -1.08 -3.57 -25.09
C PHE X 106 -1.41 -4.98 -24.61
N LYS X 107 -2.36 -5.11 -23.68
CA LYS X 107 -2.83 -6.42 -23.23
C LYS X 107 -3.35 -7.29 -24.38
N LYS X 108 -4.15 -6.74 -25.28
CA LYS X 108 -4.62 -7.52 -26.42
C LYS X 108 -3.51 -7.95 -27.36
N ILE X 109 -2.57 -7.06 -27.69
CA ILE X 109 -1.46 -7.45 -28.54
C ILE X 109 -0.63 -8.55 -27.89
N THR X 110 -0.27 -8.37 -26.61
CA THR X 110 0.60 -9.32 -25.96
C THR X 110 -0.10 -10.67 -25.69
N GLU X 111 -1.39 -10.63 -25.35
CA GLU X 111 -2.17 -11.87 -25.25
C GLU X 111 -2.33 -12.58 -26.59
N TYR X 112 -2.53 -11.82 -27.68
CA TYR X 112 -2.61 -12.46 -28.99
C TYR X 112 -1.30 -13.14 -29.36
N LEU X 113 -0.17 -12.55 -28.97
CA LEU X 113 1.13 -13.19 -29.10
C LEU X 113 1.37 -14.26 -28.02
N LYS X 114 0.37 -14.54 -27.19
CA LYS X 114 0.37 -15.65 -26.22
C LYS X 114 1.32 -15.40 -25.05
N TYR X 115 1.30 -14.18 -24.51
CA TYR X 115 1.99 -13.81 -23.29
C TYR X 115 0.97 -13.42 -22.24
N ARG X 116 1.27 -13.73 -20.99
CA ARG X 116 0.34 -13.54 -19.88
C ARG X 116 0.83 -12.38 -19.01
N VAL X 117 0.68 -11.16 -19.55
CA VAL X 117 1.22 -9.96 -18.91
C VAL X 117 0.73 -9.82 -17.48
N THR X 118 1.68 -9.65 -16.57
CA THR X 118 1.41 -9.42 -15.15
C THR X 118 1.14 -7.94 -14.88
N LYS X 119 0.62 -7.67 -13.67
CA LYS X 119 0.39 -6.31 -13.20
C LYS X 119 1.62 -5.43 -13.38
N GLY X 120 1.38 -4.20 -13.85
CA GLY X 120 2.46 -3.26 -14.07
C GLY X 120 1.92 -1.90 -14.46
N THR X 121 2.83 -0.94 -14.61
CA THR X 121 2.46 0.37 -15.13
C THR X 121 2.24 0.30 -16.64
N VAL X 122 1.55 1.33 -17.17
CA VAL X 122 1.40 1.46 -18.61
C VAL X 122 2.75 1.51 -19.32
N SER X 123 3.77 2.08 -18.68
CA SER X 123 5.10 2.05 -19.25
C SER X 123 5.71 0.66 -19.28
N ASP X 124 5.35 -0.20 -18.32
CA ASP X 124 5.76 -1.61 -18.38
C ASP X 124 4.97 -2.39 -19.43
N PHE X 125 3.66 -2.16 -19.53
CA PHE X 125 2.85 -2.78 -20.58
C PHE X 125 3.34 -2.39 -21.97
N ARG X 126 3.72 -1.12 -22.15
CA ARG X 126 4.33 -0.68 -23.41
C ARG X 126 5.62 -1.43 -23.72
N ASP X 127 6.58 -1.43 -22.78
CA ASP X 127 7.86 -2.10 -23.01
C ASP X 127 7.70 -3.61 -23.28
N ARG X 128 6.84 -4.28 -22.51
CA ARG X 128 6.52 -5.67 -22.81
C ARG X 128 5.95 -5.85 -24.21
N THR X 129 5.07 -4.95 -24.64
CA THR X 129 4.46 -5.09 -25.96
C THR X 129 5.46 -4.84 -27.08
N ILE X 130 6.23 -3.76 -27.00
CA ILE X 130 7.21 -3.46 -28.05
C ILE X 130 8.28 -4.54 -28.12
N GLU X 131 8.71 -5.09 -26.98
CA GLU X 131 9.69 -6.17 -27.03
C GLU X 131 9.13 -7.49 -27.53
N VAL X 132 7.80 -7.67 -27.61
CA VAL X 132 7.24 -8.87 -28.20
C VAL X 132 6.68 -8.65 -29.61
N LEU X 133 6.39 -7.41 -29.99
CA LEU X 133 6.16 -7.12 -31.41
C LEU X 133 7.44 -7.37 -32.21
N LYS X 134 8.59 -7.07 -31.62
CA LYS X 134 9.86 -7.65 -32.05
C LYS X 134 10.02 -9.06 -31.49
N GLY X 135 10.80 -9.87 -32.20
CA GLY X 135 11.03 -11.24 -31.76
C GLY X 135 9.90 -12.20 -32.11
N CYS X 136 8.66 -11.76 -32.01
CA CYS X 136 7.61 -12.38 -32.80
C CYS X 136 7.62 -11.93 -34.25
N GLY X 137 8.42 -10.93 -34.58
CA GLY X 137 8.60 -10.52 -35.96
C GLY X 137 7.33 -10.04 -36.63
N VAL X 138 6.47 -9.36 -35.87
CA VAL X 138 5.22 -8.85 -36.41
C VAL X 138 5.49 -7.93 -37.59
N GLU X 139 4.74 -8.13 -38.67
CA GLU X 139 4.83 -7.33 -39.88
C GLU X 139 3.64 -6.40 -40.05
N MET X 140 2.45 -6.84 -39.65
CA MET X 140 1.21 -6.13 -39.89
C MET X 140 0.35 -6.22 -38.64
N LEU X 141 -0.33 -5.13 -38.31
CA LEU X 141 -1.17 -5.05 -37.12
C LEU X 141 -2.54 -4.55 -37.57
N ILE X 142 -3.47 -5.47 -37.77
CA ILE X 142 -4.84 -5.11 -38.13
C ILE X 142 -5.60 -4.76 -36.87
N ILE X 143 -6.06 -3.52 -36.78
CA ILE X 143 -6.90 -3.07 -35.67
C ILE X 143 -8.28 -2.89 -36.26
N ASP X 144 -9.15 -3.85 -35.97
CA ASP X 144 -10.52 -3.79 -36.52
C ASP X 144 -11.37 -2.93 -35.58
N GLU X 145 -12.20 -2.05 -36.16
CA GLU X 145 -13.01 -1.14 -35.33
C GLU X 145 -12.06 -0.16 -34.64
N ALA X 146 -10.99 0.23 -35.34
CA ALA X 146 -10.01 1.18 -34.78
C ALA X 146 -10.76 2.42 -34.26
N ASP X 147 -11.88 2.78 -34.89
CA ASP X 147 -12.68 3.88 -34.36
C ASP X 147 -13.08 3.69 -32.90
N ARG X 148 -12.87 2.49 -32.34
CA ARG X 148 -13.09 2.23 -30.93
C ARG X 148 -11.91 2.61 -30.05
N LEU X 149 -10.74 2.90 -30.62
CA LEU X 149 -9.61 3.41 -29.85
C LEU X 149 -9.88 4.81 -29.30
N LYS X 150 -9.43 5.05 -28.07
CA LYS X 150 -9.42 6.41 -27.53
C LYS X 150 -8.37 7.28 -28.22
N PRO X 151 -8.62 8.60 -28.28
CA PRO X 151 -7.67 9.52 -28.94
C PRO X 151 -6.21 9.47 -28.46
N GLU X 152 -5.95 9.26 -27.17
CA GLU X 152 -4.56 9.12 -26.73
C GLU X 152 -3.94 7.80 -27.18
N THR X 153 -4.75 6.76 -27.36
CA THR X 153 -4.22 5.46 -27.74
C THR X 153 -3.63 5.48 -29.16
N PHE X 154 -4.17 6.34 -30.03
CA PHE X 154 -3.60 6.53 -31.37
C PHE X 154 -2.15 6.99 -31.34
N ALA X 155 -1.72 7.65 -30.26
CA ALA X 155 -0.31 8.02 -30.16
C ALA X 155 0.58 6.79 -29.97
N ASP X 156 0.12 5.81 -29.20
CA ASP X 156 0.85 4.54 -29.12
C ASP X 156 0.74 3.76 -30.43
N VAL X 157 -0.43 3.77 -31.05
CA VAL X 157 -0.62 3.12 -32.35
C VAL X 157 0.29 3.72 -33.42
N ARG X 158 0.40 5.04 -33.45
CA ARG X 158 1.32 5.70 -34.39
C ARG X 158 2.78 5.35 -34.11
N ASP X 159 3.18 5.30 -32.85
CA ASP X 159 4.57 4.98 -32.53
C ASP X 159 4.89 3.51 -32.78
N ILE X 160 3.96 2.61 -32.46
CA ILE X 160 4.09 1.22 -32.89
C ILE X 160 4.28 1.12 -34.40
N ALA X 161 3.53 1.91 -35.17
CA ALA X 161 3.65 1.93 -36.62
C ALA X 161 4.94 2.54 -37.14
N GLU X 162 5.70 3.26 -36.31
CA GLU X 162 6.73 4.11 -36.89
C GLU X 162 8.08 3.93 -36.21
N ASP X 163 8.08 3.64 -34.91
CA ASP X 163 9.32 3.15 -34.30
C ASP X 163 9.62 1.74 -34.77
N LEU X 164 8.59 0.92 -34.95
CA LEU X 164 8.72 -0.38 -35.57
C LEU X 164 8.20 -0.29 -36.99
N GLY X 165 8.87 -0.96 -37.92
CA GLY X 165 8.38 -0.99 -39.29
C GLY X 165 7.17 -1.87 -39.47
N ILE X 166 6.06 -1.53 -38.82
CA ILE X 166 4.86 -2.36 -38.80
C ILE X 166 3.77 -1.68 -39.62
N ALA X 167 3.19 -2.43 -40.56
CA ALA X 167 1.97 -2.05 -41.27
C ALA X 167 0.76 -2.14 -40.36
N VAL X 168 0.53 -1.07 -39.60
CA VAL X 168 -0.72 -0.95 -38.84
C VAL X 168 -1.86 -0.67 -39.82
N VAL X 169 -2.91 -1.48 -39.74
CA VAL X 169 -4.10 -1.34 -40.58
C VAL X 169 -5.27 -0.99 -39.69
N LEU X 170 -5.94 0.12 -39.99
CA LEU X 170 -7.12 0.55 -39.27
C LEU X 170 -8.35 0.18 -40.10
N VAL X 171 -9.34 -0.45 -39.47
CA VAL X 171 -10.51 -0.94 -40.16
C VAL X 171 -11.76 -0.41 -39.49
N GLY X 172 -12.68 0.13 -40.27
CA GLY X 172 -13.87 0.73 -39.69
C GLY X 172 -14.83 1.20 -40.75
N THR X 173 -15.91 1.80 -40.28
CA THR X 173 -16.89 2.48 -41.12
C THR X 173 -16.39 3.89 -41.48
N ASP X 174 -17.26 4.68 -42.12
CA ASP X 174 -16.98 6.10 -42.30
C ASP X 174 -16.76 6.83 -40.98
N ARG X 175 -17.19 6.24 -39.86
CA ARG X 175 -16.87 6.78 -38.54
C ARG X 175 -15.38 6.73 -38.23
N LEU X 176 -14.64 5.82 -38.87
CA LEU X 176 -13.19 5.83 -38.76
C LEU X 176 -12.58 7.05 -39.46
N ASP X 177 -13.09 7.42 -40.63
CA ASP X 177 -12.68 8.67 -41.27
C ASP X 177 -12.92 9.89 -40.39
N ALA X 178 -14.04 9.92 -39.68
CA ALA X 178 -14.31 11.03 -38.76
C ALA X 178 -13.32 11.07 -37.60
N VAL X 179 -12.94 9.90 -37.06
CA VAL X 179 -11.96 9.86 -35.98
C VAL X 179 -10.57 10.29 -36.45
N ILE X 180 -10.07 9.65 -37.52
CA ILE X 180 -8.70 9.93 -37.99
C ILE X 180 -8.57 11.36 -38.52
N LYS X 181 -9.64 11.94 -39.04
CA LYS X 181 -9.58 13.33 -39.48
C LYS X 181 -9.38 14.31 -38.33
N ARG X 182 -9.75 13.92 -37.11
CA ARG X 182 -9.69 14.80 -35.96
C ARG X 182 -8.25 15.05 -35.45
N ASP X 183 -7.29 14.19 -35.78
CA ASP X 183 -5.88 14.47 -35.56
C ASP X 183 -5.12 14.40 -36.87
N GLU X 184 -4.56 15.54 -37.30
CA GLU X 184 -3.78 15.59 -38.53
C GLU X 184 -2.65 14.57 -38.55
N GLN X 185 -2.09 14.22 -37.40
CA GLN X 185 -0.99 13.25 -37.40
C GLN X 185 -1.49 11.85 -37.73
N VAL X 186 -2.69 11.51 -37.29
CA VAL X 186 -3.31 10.24 -37.67
C VAL X 186 -3.75 10.30 -39.12
N LEU X 187 -4.52 11.34 -39.48
CA LEU X 187 -4.97 11.53 -40.85
C LEU X 187 -3.87 11.38 -41.87
N GLU X 188 -2.78 12.13 -41.72
CA GLU X 188 -1.73 12.14 -42.72
C GLU X 188 -0.85 10.89 -42.70
N ARG X 189 -0.95 10.05 -41.67
CA ARG X 189 -0.31 8.74 -41.67
C ARG X 189 -1.17 7.66 -42.34
N PHE X 190 -2.48 7.69 -42.09
CA PHE X 190 -3.42 6.68 -42.56
C PHE X 190 -4.22 7.17 -43.76
N ARG X 191 -3.64 8.08 -44.54
CA ARG X 191 -4.28 8.65 -45.73
C ARG X 191 -4.58 7.57 -46.77
N ALA X 192 -3.68 6.61 -46.96
CA ALA X 192 -3.93 5.50 -47.88
C ALA X 192 -5.12 4.68 -47.42
N HIS X 193 -6.06 4.44 -48.34
CA HIS X 193 -7.26 3.68 -48.03
C HIS X 193 -7.63 2.76 -49.19
N LEU X 194 -8.34 1.68 -48.83
CA LEU X 194 -9.05 0.83 -49.76
C LEU X 194 -10.54 0.98 -49.56
N ARG X 195 -11.26 1.29 -50.63
CA ARG X 195 -12.71 1.48 -50.60
C ARG X 195 -13.41 0.13 -50.76
N PHE X 196 -13.94 -0.39 -49.66
CA PHE X 196 -14.93 -1.46 -49.68
C PHE X 196 -16.31 -0.89 -49.95
N GLY X 197 -17.20 -1.72 -50.46
CA GLY X 197 -18.56 -1.25 -50.68
C GLY X 197 -19.44 -2.31 -51.33
N LYS X 198 -20.62 -1.84 -51.73
CA LYS X 198 -21.59 -2.67 -52.44
C LYS X 198 -21.03 -3.27 -53.72
N LEU X 199 -21.29 -4.56 -53.92
CA LEU X 199 -21.02 -5.20 -55.20
C LEU X 199 -22.01 -4.70 -56.25
N SER X 200 -21.53 -4.47 -57.47
CA SER X 200 -22.41 -4.11 -58.57
C SER X 200 -23.36 -5.26 -58.91
N GLY X 201 -24.50 -4.88 -59.50
CA GLY X 201 -25.61 -5.81 -59.71
C GLY X 201 -25.20 -7.12 -60.37
N GLU X 202 -24.25 -7.05 -61.31
CA GLU X 202 -23.75 -8.26 -61.96
C GLU X 202 -22.91 -9.12 -61.01
N ASP X 203 -22.16 -8.50 -60.10
CA ASP X 203 -21.48 -9.28 -59.06
C ASP X 203 -22.45 -9.67 -57.96
N PHE X 204 -23.43 -8.82 -57.67
CA PHE X 204 -24.52 -9.18 -56.78
C PHE X 204 -25.27 -10.39 -57.33
N LYS X 205 -25.59 -10.37 -58.62
CA LYS X 205 -26.11 -11.55 -59.32
C LYS X 205 -25.24 -12.78 -59.11
N ASN X 206 -23.92 -12.65 -59.35
CA ASN X 206 -23.01 -13.78 -59.19
C ASN X 206 -22.82 -14.22 -57.74
N THR X 207 -23.09 -13.35 -56.77
CA THR X 207 -22.99 -13.75 -55.37
C THR X 207 -24.14 -14.65 -54.93
N VAL X 208 -25.38 -14.28 -55.27
CA VAL X 208 -26.53 -15.11 -54.95
C VAL X 208 -26.44 -16.46 -55.66
N GLU X 209 -25.95 -16.47 -56.90
CA GLU X 209 -25.62 -17.73 -57.57
C GLU X 209 -24.64 -18.59 -56.78
N MET X 210 -23.70 -17.96 -56.07
CA MET X 210 -22.65 -18.72 -55.38
C MET X 210 -23.06 -19.22 -54.00
N TRP X 211 -23.99 -18.53 -53.32
CA TRP X 211 -24.39 -18.93 -51.97
C TRP X 211 -25.04 -20.30 -51.93
N GLU X 212 -25.80 -20.66 -52.96
CA GLU X 212 -26.35 -22.02 -53.05
C GLU X 212 -25.26 -23.08 -53.12
N GLN X 213 -24.14 -22.78 -53.77
CA GLN X 213 -23.10 -23.77 -53.99
C GLN X 213 -22.17 -23.87 -52.77
N MET X 214 -21.79 -22.74 -52.19
CA MET X 214 -20.81 -22.69 -51.11
C MET X 214 -21.41 -22.75 -49.71
N VAL X 215 -22.66 -22.34 -49.53
CA VAL X 215 -23.15 -22.06 -48.18
C VAL X 215 -24.31 -22.95 -47.80
N LEU X 216 -25.41 -22.91 -48.56
CA LEU X 216 -26.62 -23.60 -48.14
C LEU X 216 -26.44 -25.12 -48.17
N LYS X 217 -25.95 -25.66 -49.29
CA LYS X 217 -25.80 -27.11 -49.47
C LYS X 217 -27.11 -27.86 -49.26
N LEU X 218 -28.25 -27.17 -49.37
CA LEU X 218 -29.55 -27.79 -49.12
C LEU X 218 -29.80 -28.96 -50.07
N PRO X 219 -30.66 -29.91 -49.65
CA PRO X 219 -30.91 -31.09 -50.50
C PRO X 219 -31.37 -30.77 -51.91
N VAL X 220 -32.16 -29.72 -52.11
CA VAL X 220 -32.65 -29.34 -53.42
C VAL X 220 -32.44 -27.85 -53.63
N SER X 221 -31.98 -27.50 -54.83
CA SER X 221 -31.69 -26.11 -55.19
C SER X 221 -32.98 -25.31 -55.40
N SER X 222 -32.85 -23.99 -55.23
CA SER X 222 -33.92 -23.03 -55.47
C SER X 222 -33.66 -22.15 -56.68
N ASN X 223 -32.45 -22.18 -57.23
CA ASN X 223 -32.04 -21.38 -58.38
C ASN X 223 -32.19 -19.88 -58.10
N LEU X 224 -31.61 -19.46 -56.98
CA LEU X 224 -31.83 -18.13 -56.41
C LEU X 224 -31.32 -17.02 -57.32
N LYS X 225 -30.44 -17.33 -58.27
CA LYS X 225 -30.03 -16.37 -59.30
C LYS X 225 -31.15 -16.01 -60.26
N SER X 226 -32.31 -16.66 -60.17
CA SER X 226 -33.46 -16.27 -60.97
C SER X 226 -33.82 -14.81 -60.72
N LYS X 227 -34.30 -14.16 -61.79
CA LYS X 227 -34.53 -12.72 -61.80
C LYS X 227 -35.53 -12.27 -60.75
N GLU X 228 -36.60 -13.05 -60.55
CA GLU X 228 -37.58 -12.68 -59.52
C GLU X 228 -37.02 -12.86 -58.11
N MET X 229 -36.16 -13.84 -57.89
CA MET X 229 -35.46 -13.94 -56.60
C MET X 229 -34.51 -12.76 -56.41
N LEU X 230 -33.74 -12.41 -57.45
CA LEU X 230 -32.91 -11.20 -57.40
C LEU X 230 -33.72 -9.96 -57.09
N ARG X 231 -34.91 -9.84 -57.69
CA ARG X 231 -35.78 -8.70 -57.41
C ARG X 231 -36.26 -8.67 -55.96
N ILE X 232 -36.78 -9.78 -55.43
CA ILE X 232 -37.23 -9.81 -54.05
C ILE X 232 -36.07 -9.66 -53.06
N LEU X 233 -34.89 -10.18 -53.38
CA LEU X 233 -33.71 -9.88 -52.58
C LEU X 233 -33.36 -8.39 -52.62
N THR X 234 -33.36 -7.79 -53.82
CA THR X 234 -33.08 -6.36 -53.93
C THR X 234 -34.11 -5.53 -53.16
N SER X 235 -35.33 -6.04 -53.01
CA SER X 235 -36.33 -5.35 -52.19
C SER X 235 -35.95 -5.31 -50.72
N ALA X 236 -34.98 -6.12 -50.29
CA ALA X 236 -34.70 -6.27 -48.86
C ALA X 236 -33.23 -6.31 -48.50
N THR X 237 -32.32 -6.62 -49.43
CA THR X 237 -30.97 -7.03 -49.07
C THR X 237 -30.00 -6.76 -50.23
N GLU X 238 -30.21 -5.63 -50.91
CA GLU X 238 -29.42 -5.28 -52.08
C GLU X 238 -27.96 -5.00 -51.74
N GLY X 239 -27.06 -5.67 -52.47
CA GLY X 239 -25.67 -5.29 -52.57
C GLY X 239 -24.76 -5.70 -51.43
N TYR X 240 -25.27 -6.03 -50.26
CA TYR X 240 -24.43 -6.29 -49.10
C TYR X 240 -24.28 -7.78 -48.84
N ILE X 241 -23.02 -8.23 -48.79
CA ILE X 241 -22.72 -9.64 -48.54
C ILE X 241 -23.26 -10.08 -47.19
N GLY X 242 -23.01 -9.28 -46.16
CA GLY X 242 -23.45 -9.62 -44.81
C GLY X 242 -24.93 -9.50 -44.57
N ARG X 243 -25.68 -8.98 -45.53
CA ARG X 243 -27.14 -9.01 -45.47
C ARG X 243 -27.77 -10.15 -46.27
N LEU X 244 -27.26 -10.44 -47.48
CA LEU X 244 -27.83 -11.54 -48.25
C LEU X 244 -27.51 -12.89 -47.63
N ASP X 245 -26.40 -13.02 -46.90
CA ASP X 245 -26.10 -14.25 -46.17
C ASP X 245 -27.19 -14.56 -45.14
N GLU X 246 -27.42 -13.62 -44.21
CA GLU X 246 -28.39 -13.83 -43.14
C GLU X 246 -29.80 -13.98 -43.68
N ILE X 247 -30.11 -13.34 -44.80
CA ILE X 247 -31.40 -13.55 -45.47
C ILE X 247 -31.57 -15.01 -45.88
N LEU X 248 -30.61 -15.55 -46.62
CA LEU X 248 -30.75 -16.92 -47.13
C LEU X 248 -30.64 -17.97 -46.03
N ARG X 249 -29.83 -17.72 -45.00
CA ARG X 249 -29.84 -18.60 -43.83
C ARG X 249 -31.20 -18.63 -43.14
N GLU X 250 -31.78 -17.45 -42.87
CA GLU X 250 -33.10 -17.40 -42.25
C GLU X 250 -34.17 -18.01 -43.16
N ALA X 251 -34.10 -17.72 -44.46
CA ALA X 251 -35.02 -18.34 -45.41
C ALA X 251 -34.89 -19.86 -45.42
N ALA X 252 -33.67 -20.38 -45.35
CA ALA X 252 -33.46 -21.81 -45.19
C ALA X 252 -34.02 -22.34 -43.87
N ILE X 253 -33.72 -21.67 -42.75
CA ILE X 253 -34.20 -22.13 -41.45
C ILE X 253 -35.73 -22.13 -41.39
N ARG X 254 -36.36 -21.08 -41.91
CA ARG X 254 -37.82 -21.05 -41.98
C ARG X 254 -38.38 -22.01 -43.02
N SER X 255 -37.60 -22.41 -44.02
CA SER X 255 -38.02 -23.44 -44.96
C SER X 255 -37.91 -24.84 -44.36
N LEU X 256 -36.76 -25.16 -43.75
CA LEU X 256 -36.56 -26.49 -43.15
C LEU X 256 -37.56 -26.76 -42.03
N SER X 257 -37.82 -25.77 -41.17
CA SER X 257 -38.82 -25.95 -40.13
C SER X 257 -40.25 -26.10 -40.66
N ARG X 258 -40.47 -25.86 -41.95
CA ARG X 258 -41.73 -26.17 -42.60
C ARG X 258 -41.67 -27.46 -43.42
N GLY X 259 -40.61 -28.24 -43.27
CA GLY X 259 -40.49 -29.54 -43.92
C GLY X 259 -40.11 -29.49 -45.38
N LEU X 260 -39.81 -28.30 -45.91
CA LEU X 260 -39.45 -28.16 -47.32
C LEU X 260 -38.01 -28.62 -47.55
N LYS X 261 -37.79 -29.25 -48.70
CA LYS X 261 -36.45 -29.65 -49.09
C LYS X 261 -35.66 -28.48 -49.69
N LYS X 262 -36.31 -27.34 -49.89
CA LYS X 262 -35.76 -26.23 -50.65
C LYS X 262 -36.30 -24.93 -50.06
N ILE X 263 -35.60 -23.84 -50.34
CA ILE X 263 -36.16 -22.51 -50.12
C ILE X 263 -37.33 -22.31 -51.07
N ASP X 264 -38.51 -22.05 -50.51
CA ASP X 264 -39.69 -21.72 -51.28
C ASP X 264 -39.75 -20.22 -51.53
N LYS X 265 -40.20 -19.85 -52.74
CA LYS X 265 -40.36 -18.45 -53.13
C LYS X 265 -41.09 -17.64 -52.08
N ALA X 266 -42.20 -18.17 -51.56
CA ALA X 266 -42.99 -17.43 -50.57
C ALA X 266 -42.31 -17.38 -49.21
N VAL X 267 -41.60 -18.44 -48.83
CA VAL X 267 -40.83 -18.41 -47.59
C VAL X 267 -39.70 -17.39 -47.67
N LEU X 268 -38.98 -17.35 -48.80
CA LEU X 268 -37.95 -16.33 -48.98
C LEU X 268 -38.53 -14.91 -48.93
N GLN X 269 -39.67 -14.69 -49.61
CA GLN X 269 -40.33 -13.40 -49.52
C GLN X 269 -40.80 -13.09 -48.10
N GLU X 270 -41.34 -14.09 -47.40
CA GLU X 270 -41.73 -13.87 -46.00
C GLU X 270 -40.52 -13.55 -45.12
N VAL X 271 -39.35 -14.09 -45.45
CA VAL X 271 -38.13 -13.67 -44.77
C VAL X 271 -37.68 -12.29 -45.24
N ALA X 272 -37.78 -12.03 -46.55
CA ALA X 272 -37.42 -10.72 -47.07
C ALA X 272 -38.31 -9.62 -46.49
N LYS X 273 -39.53 -9.97 -46.08
CA LYS X 273 -40.38 -9.05 -45.34
C LYS X 273 -39.80 -8.66 -43.98
N GLU X 274 -38.90 -9.48 -43.41
CA GLU X 274 -38.47 -9.24 -42.05
C GLU X 274 -37.31 -8.25 -41.93
N TYR X 275 -36.65 -7.93 -43.04
CA TYR X 275 -35.43 -7.12 -42.99
C TYR X 275 -35.62 -5.77 -43.67
N LYS Y 31 -55.39 10.76 -82.78
CA LYS Y 31 -56.65 10.65 -82.05
C LYS Y 31 -57.59 11.81 -82.36
N ASN Y 32 -58.72 11.85 -81.63
CA ASN Y 32 -59.80 12.76 -81.95
C ASN Y 32 -59.38 14.20 -81.76
N VAL Y 33 -59.72 15.04 -82.74
CA VAL Y 33 -59.61 16.49 -82.67
C VAL Y 33 -61.02 17.04 -82.75
N ILE Y 34 -61.43 17.82 -81.74
CA ILE Y 34 -62.78 18.35 -81.69
C ILE Y 34 -62.74 19.84 -82.01
N ALA Y 35 -63.61 20.26 -82.93
CA ALA Y 35 -63.78 21.68 -83.21
C ALA Y 35 -64.54 22.38 -82.10
N THR Y 36 -64.08 23.58 -81.73
CA THR Y 36 -64.78 24.41 -80.77
C THR Y 36 -64.42 25.86 -81.04
N GLN Y 37 -65.30 26.76 -80.57
CA GLN Y 37 -65.17 28.20 -80.81
C GLN Y 37 -65.11 28.55 -82.30
N LEU Y 38 -65.98 27.92 -83.09
CA LEU Y 38 -66.03 28.22 -84.52
C LEU Y 38 -66.42 29.68 -84.72
N SER Y 39 -65.59 30.41 -85.47
CA SER Y 39 -65.92 31.77 -85.86
C SER Y 39 -67.08 31.78 -86.87
N GLU Y 40 -67.65 32.96 -87.06
CA GLU Y 40 -68.86 33.09 -87.87
C GLU Y 40 -68.63 32.80 -89.34
N GLU Y 41 -67.46 33.11 -89.88
CA GLU Y 41 -67.17 32.68 -91.25
C GLU Y 41 -66.99 31.17 -91.35
N ALA Y 42 -66.54 30.53 -90.26
CA ALA Y 42 -66.54 29.07 -90.22
C ALA Y 42 -67.95 28.52 -90.11
N GLN Y 43 -68.85 29.23 -89.42
CA GLN Y 43 -70.26 28.88 -89.44
C GLN Y 43 -70.85 29.03 -90.84
N VAL Y 44 -70.44 30.05 -91.59
CA VAL Y 44 -70.79 30.15 -93.00
C VAL Y 44 -70.26 28.96 -93.78
N LYS Y 45 -69.02 28.55 -93.52
CA LYS Y 45 -68.49 27.32 -94.11
C LYS Y 45 -69.31 26.11 -93.68
N LEU Y 46 -69.74 26.06 -92.42
CA LEU Y 46 -70.65 25.02 -91.98
C LEU Y 46 -71.99 25.07 -92.70
N GLU Y 47 -72.55 26.27 -92.84
CA GLU Y 47 -73.84 26.45 -93.51
C GLU Y 47 -73.85 25.93 -94.95
N VAL Y 48 -72.76 26.09 -95.70
CA VAL Y 48 -72.70 25.44 -97.00
C VAL Y 48 -72.48 23.94 -96.87
N ILE Y 49 -71.59 23.50 -95.97
CA ILE Y 49 -71.34 22.08 -95.81
C ILE Y 49 -72.62 21.33 -95.43
N GLN Y 50 -73.40 21.89 -94.51
CA GLN Y 50 -74.68 21.26 -94.15
C GLN Y 50 -75.71 21.29 -95.27
N SER Y 51 -75.53 22.13 -96.28
CA SER Y 51 -76.37 22.09 -97.48
C SER Y 51 -75.88 21.11 -98.52
N LEU Y 52 -74.56 21.01 -98.71
CA LEU Y 52 -73.96 20.02 -99.59
C LEU Y 52 -74.08 18.60 -99.05
N LEU Y 53 -74.43 18.42 -97.79
CA LEU Y 53 -74.58 17.10 -97.22
C LEU Y 53 -75.78 16.33 -97.79
N GLU Y 54 -76.71 17.02 -98.44
CA GLU Y 54 -77.74 16.34 -99.21
C GLU Y 54 -77.12 15.45 -100.29
N PRO Y 55 -77.41 14.15 -100.31
CA PRO Y 55 -76.81 13.25 -101.30
C PRO Y 55 -77.00 13.73 -102.73
N CYS Y 56 -75.91 13.74 -103.50
CA CYS Y 56 -75.91 14.33 -104.84
C CYS Y 56 -75.04 13.51 -105.78
N ASP Y 57 -75.15 13.81 -107.08
CA ASP Y 57 -74.34 13.19 -108.12
C ASP Y 57 -73.85 14.29 -109.06
N ARG Y 58 -72.98 13.91 -110.01
CA ARG Y 58 -72.38 14.90 -110.90
C ARG Y 58 -73.43 15.76 -111.59
N THR Y 59 -74.56 15.17 -111.93
CA THR Y 59 -75.67 15.91 -112.53
C THR Y 59 -76.35 16.82 -111.52
N THR Y 60 -76.05 16.66 -110.23
CA THR Y 60 -76.57 17.51 -109.18
C THR Y 60 -75.50 18.24 -108.36
N TYR Y 61 -74.30 17.68 -108.23
CA TYR Y 61 -73.23 18.37 -107.50
C TYR Y 61 -72.95 19.75 -108.07
N GLY Y 62 -72.78 19.83 -109.40
CA GLY Y 62 -72.34 21.08 -110.01
C GLY Y 62 -73.22 22.28 -109.70
N GLN Y 63 -74.53 22.12 -109.82
CA GLN Y 63 -75.41 23.24 -109.50
C GLN Y 63 -75.65 23.42 -108.00
N LYS Y 64 -75.72 22.33 -107.24
CA LYS Y 64 -75.83 22.45 -105.78
C LYS Y 64 -74.54 22.90 -105.12
N LEU Y 65 -73.40 22.76 -105.82
CA LEU Y 65 -72.19 23.47 -105.42
C LEU Y 65 -72.29 24.96 -105.77
N ARG Y 66 -72.64 25.26 -107.02
CA ARG Y 66 -72.69 26.64 -107.48
C ARG Y 66 -73.65 27.50 -106.67
N GLU Y 67 -74.81 26.96 -106.30
CA GLU Y 67 -75.70 27.71 -105.41
C GLU Y 67 -75.09 27.95 -104.03
N ALA Y 68 -74.06 27.19 -103.65
CA ALA Y 68 -73.26 27.53 -102.48
C ALA Y 68 -72.12 28.49 -102.80
N ALA Y 69 -71.45 28.30 -103.93
CA ALA Y 69 -70.38 29.20 -104.32
C ALA Y 69 -70.83 30.65 -104.37
N GLU Y 70 -72.07 30.88 -104.82
CA GLU Y 70 -72.61 32.23 -104.82
C GLU Y 70 -72.81 32.79 -103.43
N LYS Y 71 -73.09 31.95 -102.43
CA LYS Y 71 -73.20 32.45 -101.07
C LYS Y 71 -71.88 32.41 -100.31
N LEU Y 72 -70.93 31.59 -100.76
CA LEU Y 72 -69.55 31.81 -100.37
C LEU Y 72 -68.96 33.03 -101.05
N ASN Y 73 -69.50 33.41 -102.20
CA ASN Y 73 -68.99 34.53 -102.99
C ASN Y 73 -67.52 34.33 -103.36
N VAL Y 74 -67.17 33.11 -103.77
CA VAL Y 74 -65.81 32.78 -104.17
C VAL Y 74 -65.89 31.59 -105.12
N SER Y 75 -64.85 31.43 -105.94
CA SER Y 75 -64.94 30.54 -107.08
C SER Y 75 -65.07 29.07 -106.66
N LEU Y 76 -65.67 28.28 -107.56
CA LEU Y 76 -65.98 26.88 -107.31
C LEU Y 76 -64.81 26.09 -106.75
N ARG Y 77 -63.60 26.27 -107.30
CA ARG Y 77 -62.45 25.49 -106.87
C ARG Y 77 -62.14 25.65 -105.39
N THR Y 78 -62.46 26.81 -104.81
CA THR Y 78 -62.27 26.97 -103.38
C THR Y 78 -63.26 26.11 -102.59
N VAL Y 79 -64.48 25.97 -103.09
CA VAL Y 79 -65.43 25.06 -102.47
C VAL Y 79 -64.95 23.62 -102.61
N GLN Y 80 -64.30 23.30 -103.72
CA GLN Y 80 -63.67 21.99 -103.86
C GLN Y 80 -62.59 21.75 -102.83
N ARG Y 81 -61.69 22.72 -102.64
CA ARG Y 81 -60.70 22.60 -101.57
C ARG Y 81 -61.34 22.62 -100.18
N LEU Y 82 -62.41 23.39 -100.01
CA LEU Y 82 -63.16 23.36 -98.75
C LEU Y 82 -63.73 21.97 -98.44
N VAL Y 83 -64.47 21.38 -99.38
CA VAL Y 83 -65.00 20.03 -99.17
C VAL Y 83 -63.86 19.01 -99.07
N LYS Y 84 -62.79 19.20 -99.82
CA LYS Y 84 -61.61 18.35 -99.67
C LYS Y 84 -61.11 18.36 -98.23
N ASN Y 85 -60.82 19.55 -97.71
CA ASN Y 85 -60.33 19.68 -96.34
C ASN Y 85 -61.38 19.24 -95.32
N TRP Y 86 -62.64 19.50 -95.59
CA TRP Y 86 -63.71 18.98 -94.73
C TRP Y 86 -63.66 17.47 -94.61
N GLU Y 87 -63.51 16.76 -95.72
CA GLU Y 87 -63.38 15.31 -95.64
C GLU Y 87 -62.04 14.93 -95.01
N GLN Y 88 -60.99 15.69 -95.34
CA GLN Y 88 -59.65 15.36 -94.87
C GLN Y 88 -59.53 15.50 -93.36
N ASP Y 89 -60.21 16.49 -92.76
CA ASP Y 89 -60.02 16.76 -91.34
C ASP Y 89 -61.29 17.05 -90.56
N GLY Y 90 -62.45 17.14 -91.20
CA GLY Y 90 -63.69 17.48 -90.51
C GLY Y 90 -63.88 18.97 -90.27
N LEU Y 91 -64.62 19.29 -89.22
CA LEU Y 91 -64.87 20.69 -88.87
C LEU Y 91 -63.60 21.46 -88.58
N VAL Y 92 -62.55 20.79 -88.09
CA VAL Y 92 -61.24 21.45 -87.94
C VAL Y 92 -60.47 21.54 -89.24
N GLY Y 93 -61.00 21.02 -90.34
CA GLY Y 93 -60.44 21.25 -91.65
C GLY Y 93 -60.91 22.53 -92.31
N LEU Y 94 -62.19 22.85 -92.13
CA LEU Y 94 -62.76 24.09 -92.62
C LEU Y 94 -62.43 25.29 -91.74
N THR Y 95 -61.95 25.07 -90.53
CA THR Y 95 -61.51 26.15 -89.65
C THR Y 95 -59.99 26.26 -89.72
N GLN Y 96 -59.50 27.46 -90.02
CA GLN Y 96 -58.11 27.64 -90.41
C GLN Y 96 -57.14 27.36 -89.27
N THR Y 97 -56.00 26.77 -89.61
CA THR Y 97 -54.92 26.49 -88.67
C THR Y 97 -53.83 27.53 -88.80
N SER Y 98 -53.34 28.02 -87.67
CA SER Y 98 -52.28 29.03 -87.62
C SER Y 98 -51.04 28.57 -88.37
N ARG Y 99 -50.27 29.55 -88.85
CA ARG Y 99 -49.12 29.27 -89.68
C ARG Y 99 -48.10 28.43 -88.93
N ALA Y 100 -47.33 27.66 -89.69
CA ALA Y 100 -46.20 26.91 -89.15
C ALA Y 100 -45.18 27.79 -88.44
N ASP Y 101 -45.15 29.09 -88.73
CA ASP Y 101 -44.17 29.98 -88.11
C ASP Y 101 -44.59 30.49 -86.74
N LYS Y 102 -45.85 30.33 -86.34
CA LYS Y 102 -46.33 30.94 -85.10
C LYS Y 102 -45.58 30.40 -83.89
N GLY Y 103 -45.07 31.32 -83.08
CA GLY Y 103 -44.27 31.00 -81.91
C GLY Y 103 -42.82 30.70 -82.17
N LYS Y 104 -42.37 30.85 -83.42
CA LYS Y 104 -40.98 30.57 -83.79
C LYS Y 104 -40.35 31.86 -84.30
N HIS Y 105 -39.18 32.18 -83.77
CA HIS Y 105 -38.56 33.47 -84.03
C HIS Y 105 -37.70 33.44 -85.29
N ARG Y 106 -37.42 34.64 -85.80
CA ARG Y 106 -36.67 34.84 -87.02
C ARG Y 106 -35.25 35.34 -86.76
N ILE Y 107 -34.93 35.72 -85.53
CA ILE Y 107 -33.55 35.98 -85.13
C ILE Y 107 -32.64 34.77 -85.38
N GLY Y 108 -33.19 33.57 -85.39
CA GLY Y 108 -32.44 32.38 -85.73
C GLY Y 108 -31.81 31.66 -84.54
N GLU Y 109 -31.26 30.48 -84.86
CA GLU Y 109 -30.80 29.52 -83.86
C GLU Y 109 -29.67 30.06 -82.97
N PHE Y 110 -28.76 30.85 -83.53
CA PHE Y 110 -27.68 31.41 -82.72
C PHE Y 110 -28.20 32.35 -81.65
N TRP Y 111 -29.03 33.31 -82.03
CA TRP Y 111 -29.51 34.32 -81.09
C TRP Y 111 -30.56 33.77 -80.15
N GLU Y 112 -31.45 32.90 -80.64
CA GLU Y 112 -32.37 32.22 -79.73
C GLU Y 112 -31.64 31.50 -78.60
N ASN Y 113 -30.56 30.80 -78.92
CA ASN Y 113 -29.73 30.21 -77.87
C ASN Y 113 -29.07 31.26 -76.98
N PHE Y 114 -28.35 32.20 -77.59
CA PHE Y 114 -27.56 33.16 -76.82
C PHE Y 114 -28.42 33.95 -75.84
N ILE Y 115 -29.61 34.38 -76.27
CA ILE Y 115 -30.53 35.02 -75.35
C ILE Y 115 -30.84 34.09 -74.19
N THR Y 116 -31.27 32.87 -74.49
CA THR Y 116 -31.72 31.96 -73.46
C THR Y 116 -30.56 31.44 -72.62
N LYS Y 117 -29.41 31.22 -73.23
CA LYS Y 117 -28.19 30.93 -72.49
C LYS Y 117 -27.88 32.00 -71.46
N THR Y 118 -27.92 33.27 -71.88
CA THR Y 118 -27.53 34.37 -71.00
C THR Y 118 -28.51 34.59 -69.85
N TYR Y 119 -29.81 34.53 -70.11
CA TYR Y 119 -30.79 34.58 -69.03
C TYR Y 119 -30.66 33.40 -68.07
N LYS Y 120 -30.40 32.20 -68.59
CA LYS Y 120 -30.32 31.01 -67.75
C LYS Y 120 -29.14 31.06 -66.79
N GLU Y 121 -27.96 31.47 -67.26
CA GLU Y 121 -26.82 31.60 -66.37
C GLU Y 121 -26.98 32.74 -65.36
N GLY Y 122 -27.72 33.78 -65.73
CA GLY Y 122 -27.97 34.92 -64.86
C GLY Y 122 -28.99 34.72 -63.77
N ASN Y 123 -29.61 33.55 -63.65
CA ASN Y 123 -30.60 33.29 -62.62
C ASN Y 123 -30.30 32.01 -61.87
N LYS Y 124 -29.03 31.63 -61.79
CA LYS Y 124 -28.57 30.54 -60.94
C LYS Y 124 -27.61 31.08 -59.89
N GLY Y 125 -27.64 30.44 -58.72
CA GLY Y 125 -27.29 31.14 -57.50
C GLY Y 125 -28.36 32.18 -57.17
N SER Y 126 -27.93 33.21 -56.43
CA SER Y 126 -28.83 34.31 -56.11
C SER Y 126 -28.84 35.42 -57.14
N LYS Y 127 -28.04 35.33 -58.19
CA LYS Y 127 -28.14 36.26 -59.31
C LYS Y 127 -29.55 36.28 -59.85
N ARG Y 128 -30.05 37.47 -60.18
CA ARG Y 128 -31.41 37.65 -60.70
C ARG Y 128 -31.41 38.58 -61.92
N MET Y 129 -30.67 38.17 -62.95
CA MET Y 129 -30.56 38.94 -64.20
C MET Y 129 -31.87 38.90 -64.96
N THR Y 130 -32.55 40.05 -65.04
CA THR Y 130 -33.79 40.20 -65.79
C THR Y 130 -33.51 40.45 -67.28
N PRO Y 131 -34.53 40.26 -68.13
CA PRO Y 131 -34.33 40.37 -69.59
C PRO Y 131 -33.60 41.62 -70.07
N LYS Y 132 -33.87 42.78 -69.46
CA LYS Y 132 -33.20 44.00 -69.88
C LYS Y 132 -31.69 43.87 -69.78
N GLN Y 133 -31.18 43.30 -68.70
CA GLN Y 133 -29.74 43.10 -68.58
C GLN Y 133 -29.23 42.10 -69.61
N VAL Y 134 -30.06 41.13 -69.99
CA VAL Y 134 -29.74 40.24 -71.10
C VAL Y 134 -29.63 41.02 -72.40
N ALA Y 135 -30.63 41.83 -72.70
CA ALA Y 135 -30.60 42.64 -73.91
C ALA Y 135 -29.37 43.54 -73.94
N LEU Y 136 -28.99 44.09 -72.78
CA LEU Y 136 -27.77 44.87 -72.73
C LEU Y 136 -26.54 44.02 -72.98
N ARG Y 137 -26.55 42.75 -72.58
CA ARG Y 137 -25.51 41.82 -73.00
C ARG Y 137 -25.57 41.56 -74.50
N VAL Y 138 -26.78 41.38 -75.05
CA VAL Y 138 -26.93 41.16 -76.48
C VAL Y 138 -26.34 42.32 -77.28
N GLU Y 139 -26.60 43.55 -76.84
CA GLU Y 139 -25.98 44.71 -77.47
C GLU Y 139 -24.46 44.62 -77.42
N ALA Y 140 -23.90 44.33 -76.25
CA ALA Y 140 -22.46 44.17 -76.13
C ALA Y 140 -21.96 43.04 -77.02
N LYS Y 141 -22.70 41.94 -77.09
CA LYS Y 141 -22.27 40.79 -77.88
C LYS Y 141 -22.24 41.10 -79.37
N ALA Y 142 -23.29 41.72 -79.89
CA ALA Y 142 -23.29 42.09 -81.30
C ALA Y 142 -22.17 43.06 -81.63
N ARG Y 143 -21.93 44.05 -80.78
CA ARG Y 143 -20.85 44.99 -81.08
C ARG Y 143 -19.51 44.29 -81.12
N GLU Y 144 -19.24 43.40 -80.18
CA GLU Y 144 -17.97 42.68 -80.20
C GLU Y 144 -17.95 41.60 -81.26
N LEU Y 145 -19.11 41.00 -81.56
CA LEU Y 145 -19.24 40.12 -82.72
C LEU Y 145 -19.11 40.87 -84.05
N LYS Y 146 -19.13 42.21 -84.02
CA LYS Y 146 -19.21 43.06 -85.20
C LYS Y 146 -20.53 42.89 -85.95
N ASP Y 147 -21.53 42.32 -85.28
CA ASP Y 147 -22.88 42.20 -85.84
C ASP Y 147 -23.55 43.56 -85.77
N SER Y 148 -23.98 44.06 -86.92
CA SER Y 148 -24.59 45.39 -87.02
C SER Y 148 -26.06 45.44 -86.65
N LYS Y 149 -26.72 44.30 -86.39
CA LYS Y 149 -28.17 44.28 -86.13
C LYS Y 149 -28.51 43.44 -84.90
N PRO Y 150 -28.09 43.86 -83.72
CA PRO Y 150 -28.55 43.21 -82.48
C PRO Y 150 -30.07 43.21 -82.33
N PRO Y 151 -30.62 42.10 -81.82
CA PRO Y 151 -32.03 42.04 -81.43
C PRO Y 151 -32.49 43.16 -80.49
N ASN Y 152 -33.68 43.66 -80.75
CA ASN Y 152 -34.34 44.62 -79.86
C ASN Y 152 -34.90 43.95 -78.61
N TYR Y 153 -34.89 44.73 -77.52
CA TYR Y 153 -35.36 44.31 -76.21
C TYR Y 153 -36.77 43.71 -76.22
N LYS Y 154 -37.64 44.15 -77.14
CA LYS Y 154 -38.96 43.51 -77.24
C LYS Y 154 -38.89 42.06 -77.70
N THR Y 155 -37.98 41.75 -78.61
CA THR Y 155 -37.79 40.36 -79.00
C THR Y 155 -37.24 39.53 -77.86
N VAL Y 156 -36.23 40.05 -77.18
CA VAL Y 156 -35.61 39.38 -76.03
C VAL Y 156 -36.64 39.09 -74.94
N LEU Y 157 -37.54 40.04 -74.70
CA LEU Y 157 -38.62 39.81 -73.74
C LEU Y 157 -39.62 38.77 -74.27
N ARG Y 158 -39.90 38.78 -75.56
CA ARG Y 158 -40.77 37.76 -76.16
C ARG Y 158 -40.12 36.37 -76.21
N VAL Y 159 -38.80 36.31 -76.44
CA VAL Y 159 -38.11 35.03 -76.37
C VAL Y 159 -38.25 34.39 -74.99
N LEU Y 160 -38.08 35.18 -73.94
CA LEU Y 160 -38.10 34.63 -72.58
C LEU Y 160 -39.50 34.46 -72.02
N ALA Y 161 -40.49 35.13 -72.59
CA ALA Y 161 -41.86 35.02 -72.07
C ALA Y 161 -42.35 33.60 -71.83
N PRO Y 162 -42.13 32.63 -72.72
CA PRO Y 162 -42.51 31.25 -72.36
C PRO Y 162 -41.65 30.65 -71.27
N ILE Y 163 -40.35 30.93 -71.26
CA ILE Y 163 -39.47 30.47 -70.19
C ILE Y 163 -39.91 31.03 -68.84
N LEU Y 164 -40.17 32.33 -68.80
CA LEU Y 164 -40.68 32.96 -67.58
C LEU Y 164 -41.99 32.32 -67.10
N GLU Y 165 -42.88 32.00 -68.03
CA GLU Y 165 -44.13 31.35 -67.65
C GLU Y 165 -43.92 29.93 -67.14
N LYS Y 166 -42.99 29.18 -67.74
CA LYS Y 166 -42.67 27.86 -67.20
C LYS Y 166 -42.06 27.95 -65.81
N GLN Y 167 -41.18 28.93 -65.58
CA GLN Y 167 -40.66 29.19 -64.24
C GLN Y 167 -41.74 29.67 -63.27
N GLN Y 168 -42.79 30.32 -63.78
CA GLN Y 168 -43.91 30.71 -62.93
C GLN Y 168 -44.78 29.53 -62.54
N LYS Y 169 -45.17 28.70 -63.51
CA LYS Y 169 -46.14 27.64 -63.25
C LYS Y 169 -45.74 26.74 -62.08
N ALA Y 170 -44.44 26.51 -61.91
CA ALA Y 170 -43.93 25.69 -60.81
C ALA Y 170 -44.42 26.12 -59.44
N LYS Y 171 -44.77 27.40 -59.27
CA LYS Y 171 -45.27 27.87 -57.98
C LYS Y 171 -46.69 27.39 -57.67
N SER Y 172 -47.47 26.98 -58.67
CA SER Y 172 -48.91 26.81 -58.51
C SER Y 172 -49.35 25.35 -58.38
N ILE Y 173 -48.50 24.40 -58.77
CA ILE Y 173 -48.88 23.00 -58.91
C ILE Y 173 -49.43 22.44 -57.60
N ARG Y 174 -50.72 22.05 -57.63
CA ARG Y 174 -51.46 21.61 -56.44
C ARG Y 174 -51.17 20.15 -56.13
N SER Y 175 -51.28 19.80 -54.83
CA SER Y 175 -51.18 18.44 -54.31
C SER Y 175 -52.55 17.83 -54.06
N PRO Y 176 -52.81 16.63 -54.58
CA PRO Y 176 -54.15 16.02 -54.43
C PRO Y 176 -54.60 15.84 -52.99
N GLY Y 177 -53.70 15.46 -52.10
CA GLY Y 177 -54.04 15.11 -50.74
C GLY Y 177 -54.59 13.70 -50.58
N TRP Y 178 -54.59 13.24 -49.33
CA TRP Y 178 -55.23 11.99 -48.95
C TRP Y 178 -56.74 12.10 -49.00
N ARG Y 179 -57.38 10.97 -49.24
CA ARG Y 179 -58.81 10.89 -49.46
C ARG Y 179 -59.39 9.83 -48.54
N GLY Y 180 -60.65 9.99 -48.16
CA GLY Y 180 -61.41 9.02 -47.41
C GLY Y 180 -60.87 8.74 -46.01
N THR Y 181 -61.16 7.52 -45.53
CA THR Y 181 -60.73 7.09 -44.20
C THR Y 181 -59.26 6.67 -44.15
N THR Y 182 -58.79 5.93 -45.15
CA THR Y 182 -57.46 5.33 -45.07
C THR Y 182 -56.37 6.40 -45.10
N LEU Y 183 -55.40 6.29 -44.20
CA LEU Y 183 -54.35 7.28 -44.02
C LEU Y 183 -53.06 6.63 -43.55
N SER Y 184 -51.94 7.22 -43.94
CA SER Y 184 -50.62 6.90 -43.41
C SER Y 184 -49.79 8.18 -43.36
N VAL Y 185 -48.70 8.15 -42.59
CA VAL Y 185 -47.81 9.31 -42.47
C VAL Y 185 -46.38 8.89 -42.78
N LYS Y 186 -45.69 9.74 -43.54
CA LYS Y 186 -44.40 9.42 -44.16
C LYS Y 186 -43.24 9.74 -43.22
N THR Y 187 -42.75 8.73 -42.52
CA THR Y 187 -41.61 8.94 -41.62
C THR Y 187 -40.31 9.05 -42.41
N ARG Y 188 -39.37 9.79 -41.86
CA ARG Y 188 -38.06 9.91 -42.51
C ARG Y 188 -37.26 8.63 -42.44
N GLU Y 189 -37.62 7.72 -41.54
CA GLU Y 189 -37.13 6.34 -41.63
C GLU Y 189 -37.50 5.68 -42.94
N GLY Y 190 -38.44 6.25 -43.69
CA GLY Y 190 -38.94 5.67 -44.91
C GLY Y 190 -40.09 4.71 -44.70
N LYS Y 191 -40.63 4.66 -43.48
CA LYS Y 191 -41.66 3.72 -43.10
C LYS Y 191 -42.99 4.48 -43.04
N ASP Y 192 -43.95 4.08 -43.86
CA ASP Y 192 -45.25 4.72 -43.83
C ASP Y 192 -46.09 4.11 -42.71
N LEU Y 193 -46.25 4.87 -41.63
CA LEU Y 193 -47.01 4.41 -40.47
C LEU Y 193 -48.50 4.57 -40.73
N SER Y 194 -49.21 3.46 -40.83
CA SER Y 194 -50.66 3.52 -40.95
C SER Y 194 -51.29 4.07 -39.68
N VAL Y 195 -52.36 4.83 -39.85
CA VAL Y 195 -53.00 5.53 -38.74
C VAL Y 195 -54.40 4.96 -38.60
N ASP Y 196 -54.48 3.77 -38.03
CA ASP Y 196 -55.67 2.96 -38.16
C ASP Y 196 -56.79 3.36 -37.21
N TYR Y 197 -56.51 4.06 -36.13
CA TYR Y 197 -57.56 4.43 -35.19
C TYR Y 197 -57.11 5.62 -34.35
N SER Y 198 -58.05 6.12 -33.55
CA SER Y 198 -57.78 7.27 -32.69
C SER Y 198 -56.65 7.02 -31.70
N ASN Y 199 -55.87 8.06 -31.44
CA ASN Y 199 -54.60 8.03 -30.71
C ASN Y 199 -53.50 7.19 -31.33
N HIS Y 200 -53.70 6.63 -32.52
CA HIS Y 200 -52.66 5.75 -33.05
C HIS Y 200 -51.37 6.51 -33.39
N VAL Y 201 -51.48 7.68 -34.01
CA VAL Y 201 -50.37 8.62 -34.12
C VAL Y 201 -50.84 10.00 -33.68
N TRP Y 202 -50.25 10.53 -32.62
CA TRP Y 202 -50.34 11.95 -32.36
C TRP Y 202 -49.20 12.68 -33.05
N GLN Y 203 -49.45 13.96 -33.33
CA GLN Y 203 -48.49 14.81 -34.03
C GLN Y 203 -48.35 16.14 -33.29
N CYS Y 204 -47.13 16.68 -33.22
CA CYS Y 204 -46.87 17.90 -32.48
C CYS Y 204 -45.91 18.83 -33.20
N ASP Y 205 -46.21 20.13 -33.14
CA ASP Y 205 -45.33 21.19 -33.63
C ASP Y 205 -45.68 22.50 -32.93
N HIS Y 206 -44.76 23.45 -33.04
CA HIS Y 206 -44.85 24.76 -32.42
C HIS Y 206 -44.87 25.85 -33.48
N THR Y 207 -45.57 26.94 -33.20
CA THR Y 207 -45.34 28.13 -34.00
C THR Y 207 -45.55 29.40 -33.19
N ARG Y 208 -44.94 30.48 -33.69
CA ARG Y 208 -45.05 31.81 -33.13
C ARG Y 208 -46.43 32.40 -33.41
N VAL Y 209 -47.18 32.70 -32.35
CA VAL Y 209 -48.51 33.27 -32.57
C VAL Y 209 -48.35 34.67 -33.16
N ASP Y 210 -49.30 35.06 -34.00
CA ASP Y 210 -49.30 36.37 -34.64
C ASP Y 210 -50.08 37.41 -33.87
N VAL Y 211 -49.97 37.40 -32.55
CA VAL Y 211 -50.51 38.45 -31.71
C VAL Y 211 -49.38 38.92 -30.80
N LEU Y 212 -49.15 40.23 -30.78
CA LEU Y 212 -48.34 40.83 -29.75
C LEU Y 212 -49.14 40.88 -28.46
N LEU Y 213 -48.59 40.29 -27.40
CA LEU Y 213 -49.25 40.31 -26.11
C LEU Y 213 -48.73 41.48 -25.30
N VAL Y 214 -49.31 41.68 -24.13
CA VAL Y 214 -48.87 42.72 -23.22
C VAL Y 214 -48.80 42.17 -21.80
N ASP Y 215 -47.93 42.76 -21.00
CA ASP Y 215 -47.99 42.58 -19.56
C ASP Y 215 -49.36 43.04 -19.04
N GLN Y 216 -49.70 42.58 -17.84
CA GLN Y 216 -50.93 43.07 -17.22
C GLN Y 216 -50.88 44.58 -16.98
N HIS Y 217 -49.69 45.15 -16.84
CA HIS Y 217 -49.54 46.59 -16.82
C HIS Y 217 -49.66 47.23 -18.20
N GLY Y 218 -49.71 46.44 -19.27
CA GLY Y 218 -50.07 46.95 -20.57
C GLY Y 218 -48.93 47.16 -21.54
N GLU Y 219 -47.69 47.03 -21.09
CA GLU Y 219 -46.54 47.18 -21.99
C GLU Y 219 -46.31 45.95 -22.86
N ILE Y 220 -45.69 46.18 -24.01
CA ILE Y 220 -45.55 45.18 -25.05
C ILE Y 220 -44.74 43.98 -24.58
N LEU Y 221 -45.30 42.78 -24.76
CA LEU Y 221 -44.58 41.53 -24.67
C LEU Y 221 -44.54 40.85 -26.03
N SER Y 222 -43.34 40.50 -26.49
CA SER Y 222 -43.15 39.81 -27.76
C SER Y 222 -43.98 38.52 -27.84
N ARG Y 223 -44.38 38.20 -29.07
CA ARG Y 223 -45.38 37.17 -29.35
C ARG Y 223 -45.06 35.86 -28.64
N PRO Y 224 -46.07 35.14 -28.15
CA PRO Y 224 -45.84 33.81 -27.57
C PRO Y 224 -45.52 32.74 -28.61
N TRP Y 225 -45.21 31.53 -28.14
CA TRP Y 225 -45.24 30.32 -28.97
C TRP Y 225 -46.45 29.47 -28.60
N LEU Y 226 -47.11 28.92 -29.62
CA LEU Y 226 -48.15 27.92 -29.47
C LEU Y 226 -47.66 26.54 -29.88
N THR Y 227 -47.91 25.54 -29.03
CA THR Y 227 -47.64 24.13 -29.26
C THR Y 227 -48.95 23.36 -29.36
N THR Y 228 -49.09 22.55 -30.40
CA THR Y 228 -50.30 21.76 -30.61
C THR Y 228 -49.99 20.27 -30.64
N VAL Y 229 -50.85 19.49 -29.99
CA VAL Y 229 -50.85 18.02 -30.07
C VAL Y 229 -52.16 17.55 -30.69
N ILE Y 230 -52.06 16.75 -31.76
CA ILE Y 230 -53.18 16.52 -32.67
C ILE Y 230 -53.33 15.01 -32.90
N ASP Y 231 -54.56 14.52 -32.84
CA ASP Y 231 -54.86 13.15 -33.24
C ASP Y 231 -54.89 13.04 -34.76
N THR Y 232 -54.17 12.09 -35.33
CA THR Y 232 -54.07 12.06 -36.79
C THR Y 232 -55.31 11.42 -37.45
N TYR Y 233 -55.82 10.32 -36.90
CA TYR Y 233 -57.23 10.00 -37.05
C TYR Y 233 -58.04 10.95 -36.15
N SER Y 234 -59.35 10.99 -36.37
CA SER Y 234 -60.26 11.90 -35.67
C SER Y 234 -60.00 13.36 -35.99
N ARG Y 235 -58.73 13.72 -36.06
CA ARG Y 235 -58.27 15.08 -36.35
C ARG Y 235 -58.79 16.09 -35.32
N CYS Y 236 -59.08 15.62 -34.11
CA CYS Y 236 -59.16 16.51 -32.96
C CYS Y 236 -57.80 17.16 -32.71
N ILE Y 237 -57.83 18.42 -32.28
CA ILE Y 237 -56.74 18.93 -31.45
C ILE Y 237 -56.88 18.33 -30.07
N MET Y 238 -55.84 17.65 -29.61
CA MET Y 238 -55.91 16.97 -28.33
C MET Y 238 -55.44 17.83 -27.17
N GLY Y 239 -54.49 18.73 -27.40
CA GLY Y 239 -54.06 19.64 -26.36
C GLY Y 239 -53.06 20.63 -26.93
N ILE Y 240 -52.84 21.69 -26.16
CA ILE Y 240 -52.00 22.82 -26.55
C ILE Y 240 -51.16 23.25 -25.35
N ASN Y 241 -50.08 23.95 -25.66
CA ASN Y 241 -49.44 24.84 -24.69
C ASN Y 241 -49.12 26.18 -25.35
N LEU Y 242 -49.56 27.25 -24.70
CA LEU Y 242 -49.40 28.61 -25.20
C LEU Y 242 -48.56 29.40 -24.19
N GLY Y 243 -47.44 29.93 -24.64
CA GLY Y 243 -46.55 30.62 -23.72
C GLY Y 243 -45.37 31.21 -24.45
N PHE Y 244 -44.66 32.08 -23.72
CA PHE Y 244 -43.51 32.80 -24.28
C PHE Y 244 -42.25 31.94 -24.35
N ASP Y 245 -42.22 30.81 -23.65
CA ASP Y 245 -41.05 29.94 -23.67
C ASP Y 245 -40.82 29.36 -25.06
N ALA Y 246 -39.58 29.48 -25.54
CA ALA Y 246 -39.20 28.97 -26.84
C ALA Y 246 -39.38 27.45 -26.89
N PRO Y 247 -39.45 26.88 -28.11
CA PRO Y 247 -39.58 25.42 -28.27
C PRO Y 247 -38.55 24.62 -27.48
N SER Y 248 -39.01 23.90 -26.46
CA SER Y 248 -38.11 23.23 -25.53
C SER Y 248 -38.81 21.99 -25.03
N SER Y 249 -38.00 21.01 -24.62
CA SER Y 249 -38.56 19.73 -24.17
C SER Y 249 -39.47 19.90 -22.97
N GLY Y 250 -39.27 20.94 -22.19
CA GLY Y 250 -40.24 21.25 -21.15
C GLY Y 250 -41.53 21.81 -21.69
N VAL Y 251 -41.48 22.52 -22.82
CA VAL Y 251 -42.69 22.96 -23.48
C VAL Y 251 -43.41 21.78 -24.13
N VAL Y 252 -42.66 20.94 -24.85
CA VAL Y 252 -43.23 19.70 -25.39
C VAL Y 252 -43.92 18.91 -24.29
N ALA Y 253 -43.20 18.63 -23.21
CA ALA Y 253 -43.75 17.94 -22.06
C ALA Y 253 -44.98 18.64 -21.49
N LEU Y 254 -45.04 19.96 -21.58
CA LEU Y 254 -46.22 20.67 -21.09
C LEU Y 254 -47.43 20.47 -21.99
N ALA Y 255 -47.24 20.47 -23.30
CA ALA Y 255 -48.36 20.13 -24.19
C ALA Y 255 -48.79 18.69 -24.03
N LEU Y 256 -47.82 17.77 -23.95
CA LEU Y 256 -48.11 16.36 -23.72
C LEU Y 256 -48.91 16.13 -22.45
N ARG Y 257 -48.55 16.79 -21.36
CA ARG Y 257 -49.33 16.68 -20.13
C ARG Y 257 -50.79 17.05 -20.37
N HIS Y 258 -51.04 18.22 -20.96
CA HIS Y 258 -52.40 18.69 -21.23
C HIS Y 258 -53.14 17.74 -22.15
N ALA Y 259 -52.46 17.24 -23.18
CA ALA Y 259 -53.11 16.36 -24.16
C ALA Y 259 -53.51 15.05 -23.54
N ILE Y 260 -52.58 14.41 -22.83
CA ILE Y 260 -52.81 13.08 -22.27
C ILE Y 260 -53.81 13.12 -21.14
N LEU Y 261 -53.77 14.13 -20.34
CA LEU Y 261 -54.69 14.23 -19.22
C LEU Y 261 -56.10 14.64 -19.67
N PRO Y 262 -57.13 14.18 -18.95
CA PRO Y 262 -58.46 14.76 -19.10
C PRO Y 262 -58.48 16.26 -18.89
N LYS Y 263 -59.47 16.91 -19.50
CA LYS Y 263 -59.64 18.35 -19.48
C LYS Y 263 -60.73 18.76 -18.51
N ARG Y 264 -60.45 19.79 -17.72
CA ARG Y 264 -61.46 20.46 -16.90
C ARG Y 264 -61.26 21.96 -16.99
N TYR Y 265 -62.34 22.70 -17.19
CA TYR Y 265 -62.32 24.15 -17.28
C TYR Y 265 -63.49 24.73 -16.52
N GLY Y 266 -63.23 25.82 -15.80
CA GLY Y 266 -64.26 26.46 -15.01
C GLY Y 266 -65.11 27.45 -15.77
N SER Y 267 -66.13 27.96 -15.06
CA SER Y 267 -67.14 28.83 -15.66
C SER Y 267 -66.57 30.11 -16.24
N GLU Y 268 -65.34 30.50 -15.86
CA GLU Y 268 -64.68 31.59 -16.57
C GLU Y 268 -64.38 31.23 -18.02
N TYR Y 269 -64.27 29.94 -18.32
CA TYR Y 269 -64.37 29.46 -19.70
C TYR Y 269 -65.84 29.15 -19.96
N LYS Y 270 -66.47 29.94 -20.83
CA LYS Y 270 -67.92 29.93 -20.96
C LYS Y 270 -68.40 28.79 -21.85
N LEU Y 271 -67.68 27.67 -21.82
CA LEU Y 271 -67.84 26.60 -22.80
C LEU Y 271 -69.26 26.06 -22.84
N HIS Y 272 -69.74 25.78 -24.06
CA HIS Y 272 -70.95 24.99 -24.26
C HIS Y 272 -70.66 23.53 -24.57
N CYS Y 273 -69.61 23.27 -25.36
CA CYS Y 273 -69.12 21.93 -25.57
C CYS Y 273 -68.30 21.48 -24.35
N GLU Y 274 -67.70 20.31 -24.45
CA GLU Y 274 -66.71 19.88 -23.47
C GLU Y 274 -65.64 19.10 -24.20
N TRP Y 275 -64.39 19.32 -23.78
CA TRP Y 275 -63.23 18.80 -24.48
C TRP Y 275 -62.94 17.35 -24.04
N GLY Y 276 -63.86 16.47 -24.40
CA GLY Y 276 -63.90 15.12 -23.87
C GLY Y 276 -62.82 14.16 -24.36
N THR Y 277 -61.59 14.64 -24.57
CA THR Y 277 -60.55 13.83 -25.17
C THR Y 277 -59.31 13.73 -24.28
N TYR Y 278 -58.72 12.53 -24.24
CA TYR Y 278 -57.64 12.17 -23.32
C TYR Y 278 -56.96 10.90 -23.81
N GLY Y 279 -56.11 10.32 -22.97
CA GLY Y 279 -55.42 9.07 -23.22
C GLY Y 279 -54.10 9.24 -23.96
N LYS Y 280 -53.28 8.19 -23.92
CA LYS Y 280 -51.94 8.27 -24.48
C LYS Y 280 -51.95 7.99 -25.98
N PRO Y 281 -51.04 8.61 -26.74
CA PRO Y 281 -50.74 8.14 -28.09
C PRO Y 281 -50.01 6.81 -28.07
N GLU Y 282 -50.16 6.08 -29.17
CA GLU Y 282 -49.37 4.90 -29.45
C GLU Y 282 -48.08 5.22 -30.17
N HIS Y 283 -48.04 6.34 -30.88
CA HIS Y 283 -46.83 6.83 -31.53
C HIS Y 283 -46.89 8.35 -31.51
N PHE Y 284 -45.73 8.98 -31.71
CA PHE Y 284 -45.67 10.43 -31.65
C PHE Y 284 -44.84 10.90 -32.82
N TYR Y 285 -45.40 11.81 -33.63
CA TYR Y 285 -44.83 12.15 -34.93
C TYR Y 285 -44.53 13.64 -34.96
N THR Y 286 -43.30 13.99 -35.35
CA THR Y 286 -42.72 15.29 -35.04
C THR Y 286 -41.86 15.75 -36.20
N ASP Y 287 -41.40 16.99 -36.13
CA ASP Y 287 -40.23 17.43 -36.89
C ASP Y 287 -38.94 17.15 -36.15
N GLY Y 288 -37.82 17.59 -36.74
CA GLY Y 288 -36.48 17.40 -36.22
C GLY Y 288 -35.94 18.44 -35.27
N GLY Y 289 -36.80 19.26 -34.68
CA GLY Y 289 -36.34 20.23 -33.70
C GLY Y 289 -35.65 19.59 -32.51
N LYS Y 290 -34.67 20.32 -31.97
CA LYS Y 290 -33.80 19.77 -30.93
C LYS Y 290 -34.58 19.41 -29.69
N ASP Y 291 -35.70 20.07 -29.44
CA ASP Y 291 -36.63 19.66 -28.40
C ASP Y 291 -37.24 18.30 -28.70
N PHE Y 292 -37.64 18.07 -29.95
CA PHE Y 292 -38.19 16.78 -30.32
C PHE Y 292 -37.12 15.70 -30.41
N ARG Y 293 -35.94 16.03 -30.92
CA ARG Y 293 -34.81 15.11 -30.90
C ARG Y 293 -34.08 15.06 -29.56
N SER Y 294 -34.69 15.56 -28.49
CA SER Y 294 -34.06 15.57 -27.18
C SER Y 294 -34.13 14.20 -26.51
N ASN Y 295 -33.11 13.90 -25.72
CA ASN Y 295 -33.13 12.74 -24.85
C ASN Y 295 -34.32 12.76 -23.91
N HIS Y 296 -34.65 13.92 -23.35
CA HIS Y 296 -35.80 14.04 -22.47
C HIS Y 296 -37.07 13.48 -23.10
N LEU Y 297 -37.39 13.91 -24.33
CA LEU Y 297 -38.62 13.45 -24.94
C LEU Y 297 -38.56 11.95 -25.25
N SER Y 298 -37.45 11.48 -25.80
CA SER Y 298 -37.33 10.04 -26.09
C SER Y 298 -37.46 9.20 -24.84
N GLN Y 299 -37.01 9.73 -23.70
CA GLN Y 299 -37.18 9.04 -22.43
C GLN Y 299 -38.63 9.08 -21.94
N ILE Y 300 -39.35 10.17 -22.20
CA ILE Y 300 -40.79 10.17 -21.93
C ILE Y 300 -41.50 9.12 -22.78
N GLY Y 301 -41.12 9.00 -24.05
CA GLY Y 301 -41.75 8.02 -24.91
C GLY Y 301 -41.52 6.60 -24.43
N ALA Y 302 -40.28 6.28 -24.06
CA ALA Y 302 -40.00 4.99 -23.47
C ALA Y 302 -40.78 4.75 -22.19
N GLN Y 303 -40.95 5.78 -21.37
CA GLN Y 303 -41.73 5.62 -20.15
C GLN Y 303 -43.22 5.45 -20.43
N LEU Y 304 -43.81 6.37 -21.20
CA LEU Y 304 -45.25 6.31 -21.41
C LEU Y 304 -45.67 5.26 -22.42
N GLY Y 305 -44.82 4.94 -23.38
CA GLY Y 305 -45.11 3.84 -24.28
C GLY Y 305 -45.53 4.26 -25.67
N PHE Y 306 -44.70 5.09 -26.30
CA PHE Y 306 -44.88 5.45 -27.69
C PHE Y 306 -43.52 5.66 -28.33
N VAL Y 307 -43.44 5.41 -29.58
CA VAL Y 307 -42.22 5.65 -30.32
C VAL Y 307 -42.27 7.05 -30.89
N CYS Y 308 -41.10 7.70 -30.95
CA CYS Y 308 -40.97 9.04 -31.50
C CYS Y 308 -40.43 8.95 -32.92
N HIS Y 309 -41.18 9.49 -33.88
CA HIS Y 309 -40.87 9.41 -35.30
C HIS Y 309 -40.71 10.82 -35.84
N LEU Y 310 -39.80 11.03 -36.78
CA LEU Y 310 -39.66 12.34 -37.38
C LEU Y 310 -40.12 12.35 -38.83
N ARG Y 311 -40.78 13.43 -39.21
CA ARG Y 311 -41.18 13.65 -40.60
C ARG Y 311 -39.99 13.92 -41.51
N ASP Y 312 -40.15 13.55 -42.77
CA ASP Y 312 -39.11 13.80 -43.76
C ASP Y 312 -38.95 15.29 -44.01
N ARG Y 313 -40.06 16.01 -44.08
CA ARG Y 313 -40.13 17.39 -44.55
C ARG Y 313 -41.44 17.97 -44.06
N PRO Y 314 -41.59 19.30 -44.09
CA PRO Y 314 -42.78 19.90 -43.46
C PRO Y 314 -44.04 19.53 -44.19
N SER Y 315 -43.97 19.25 -45.49
CA SER Y 315 -45.14 18.88 -46.26
C SER Y 315 -45.83 17.68 -45.65
N GLU Y 316 -45.05 16.67 -45.29
CA GLU Y 316 -45.57 15.50 -44.57
C GLU Y 316 -46.20 15.86 -43.24
N GLY Y 317 -45.86 17.01 -42.68
CA GLY Y 317 -46.47 17.52 -41.47
C GLY Y 317 -47.81 18.21 -41.63
N GLY Y 318 -48.31 18.31 -42.85
CA GLY Y 318 -49.47 19.16 -43.10
C GLY Y 318 -50.63 18.96 -42.16
N VAL Y 319 -50.80 17.76 -41.61
CA VAL Y 319 -51.90 17.52 -40.68
C VAL Y 319 -51.82 18.41 -39.45
N VAL Y 320 -50.61 18.78 -39.03
CA VAL Y 320 -50.43 19.67 -37.89
C VAL Y 320 -50.11 21.10 -38.32
N GLU Y 321 -49.38 21.29 -39.40
CA GLU Y 321 -49.16 22.63 -39.93
C GLU Y 321 -50.46 23.35 -40.30
N ARG Y 322 -51.47 22.63 -40.69
CA ARG Y 322 -52.67 23.31 -41.17
C ARG Y 322 -53.53 23.96 -40.08
N PRO Y 323 -53.80 23.31 -38.96
CA PRO Y 323 -54.58 24.01 -37.91
C PRO Y 323 -54.05 25.38 -37.54
N PHE Y 324 -52.75 25.63 -37.68
CA PHE Y 324 -52.23 26.97 -37.46
C PHE Y 324 -52.91 27.99 -38.37
N LYS Y 325 -52.98 27.69 -39.67
CA LYS Y 325 -53.63 28.59 -40.62
C LYS Y 325 -55.13 28.73 -40.37
N THR Y 326 -55.81 27.64 -39.98
CA THR Y 326 -57.20 27.77 -39.59
C THR Y 326 -57.35 28.58 -38.31
N LEU Y 327 -56.34 28.58 -37.46
CA LEU Y 327 -56.29 29.51 -36.32
C LEU Y 327 -55.91 30.92 -36.76
N ASN Y 328 -54.88 31.02 -37.60
CA ASN Y 328 -54.41 32.30 -38.11
C ASN Y 328 -55.52 33.08 -38.79
N ASP Y 329 -56.26 32.41 -39.68
CA ASP Y 329 -57.39 33.06 -40.35
C ASP Y 329 -58.56 33.30 -39.42
N GLN Y 330 -59.02 32.28 -38.72
CA GLN Y 330 -60.28 32.38 -38.01
C GLN Y 330 -60.15 32.93 -36.59
N LEU Y 331 -58.95 33.07 -36.05
CA LEU Y 331 -58.85 33.56 -34.68
C LEU Y 331 -57.87 34.72 -34.57
N PHE Y 332 -56.57 34.47 -34.78
CA PHE Y 332 -55.56 35.49 -34.50
C PHE Y 332 -55.79 36.75 -35.33
N SER Y 333 -56.20 36.61 -36.58
CA SER Y 333 -56.47 37.78 -37.43
C SER Y 333 -57.61 38.65 -36.92
N THR Y 334 -58.55 38.11 -36.16
CA THR Y 334 -59.69 38.90 -35.72
C THR Y 334 -59.49 39.49 -34.32
N LEU Y 335 -58.26 39.56 -33.84
CA LEU Y 335 -57.98 39.99 -32.48
C LEU Y 335 -57.11 41.24 -32.46
N PRO Y 336 -57.32 42.10 -31.46
CA PRO Y 336 -56.47 43.28 -31.30
C PRO Y 336 -54.99 42.95 -31.27
N GLY Y 337 -54.24 43.62 -32.14
CA GLY Y 337 -52.82 43.41 -32.20
C GLY Y 337 -52.35 42.27 -33.05
N TYR Y 338 -53.20 41.79 -33.97
CA TYR Y 338 -52.74 40.88 -35.00
C TYR Y 338 -51.55 41.46 -35.73
N THR Y 339 -50.48 40.69 -35.83
CA THR Y 339 -49.21 41.22 -36.29
C THR Y 339 -48.96 40.93 -37.77
N GLY Y 340 -49.88 40.24 -38.43
CA GLY Y 340 -49.71 39.91 -39.84
C GLY Y 340 -48.70 38.82 -40.09
N SER Y 341 -49.00 37.93 -41.03
CA SER Y 341 -48.20 36.74 -41.25
C SER Y 341 -46.85 37.03 -41.88
N ASN Y 342 -46.51 38.27 -42.20
CA ASN Y 342 -45.23 38.51 -42.85
C ASN Y 342 -44.74 39.92 -42.54
N VAL Y 343 -43.43 40.11 -42.73
CA VAL Y 343 -42.83 41.42 -42.63
C VAL Y 343 -43.41 42.39 -43.65
N GLN Y 344 -43.73 41.87 -44.84
CA GLN Y 344 -44.41 42.69 -45.85
C GLN Y 344 -45.88 42.91 -45.53
N GLU Y 345 -46.36 42.40 -44.41
CA GLU Y 345 -47.79 42.39 -44.14
C GLU Y 345 -48.15 42.79 -42.72
N ARG Y 346 -47.18 43.13 -41.88
CA ARG Y 346 -47.52 43.57 -40.54
C ARG Y 346 -48.35 44.84 -40.60
N PRO Y 347 -49.50 44.89 -39.94
CA PRO Y 347 -50.24 46.15 -39.83
C PRO Y 347 -49.37 47.30 -39.36
N GLU Y 348 -49.62 48.47 -39.93
CA GLU Y 348 -48.81 49.66 -39.70
C GLU Y 348 -48.82 50.11 -38.24
N ASP Y 349 -49.67 49.52 -37.41
CA ASP Y 349 -49.79 49.93 -36.01
C ASP Y 349 -50.02 48.74 -35.09
N ALA Y 350 -49.44 47.58 -35.43
CA ALA Y 350 -49.60 46.39 -34.59
C ALA Y 350 -49.17 46.66 -33.16
N GLU Y 351 -48.05 47.35 -32.96
CA GLU Y 351 -47.57 47.66 -31.62
C GLU Y 351 -48.47 48.67 -30.92
N LYS Y 352 -49.07 49.60 -31.66
CA LYS Y 352 -50.04 50.51 -31.06
C LYS Y 352 -51.31 49.79 -30.62
N ASP Y 353 -51.79 48.84 -31.42
CA ASP Y 353 -53.05 48.18 -31.11
C ASP Y 353 -52.90 47.03 -30.11
N ALA Y 354 -51.68 46.56 -29.88
CA ALA Y 354 -51.42 45.42 -29.01
C ALA Y 354 -52.05 45.55 -27.62
N ARG Y 355 -53.14 44.80 -27.42
CA ARG Y 355 -53.70 44.60 -26.09
C ARG Y 355 -54.47 43.27 -26.11
N LEU Y 356 -53.78 42.20 -25.78
CA LEU Y 356 -54.33 41.01 -25.15
C LEU Y 356 -53.22 40.44 -24.27
N THR Y 357 -53.59 39.86 -23.13
CA THR Y 357 -52.61 39.14 -22.34
C THR Y 357 -52.69 37.62 -22.55
N LEU Y 358 -51.63 36.95 -22.09
CA LEU Y 358 -51.48 35.52 -22.31
C LEU Y 358 -52.65 34.73 -21.75
N ARG Y 359 -53.12 35.09 -20.55
CA ARG Y 359 -54.29 34.46 -19.97
C ARG Y 359 -55.55 34.73 -20.77
N GLU Y 360 -55.65 35.91 -21.39
CA GLU Y 360 -56.83 36.24 -22.18
C GLU Y 360 -56.84 35.53 -23.53
N LEU Y 361 -55.72 35.53 -24.23
CA LEU Y 361 -55.63 34.80 -25.50
C LEU Y 361 -55.87 33.31 -25.34
N GLU Y 362 -55.32 32.70 -24.28
CA GLU Y 362 -55.60 31.30 -24.00
C GLU Y 362 -57.07 31.05 -23.71
N GLN Y 363 -57.71 31.94 -22.97
CA GLN Y 363 -59.13 31.76 -22.68
C GLN Y 363 -60.01 31.85 -23.93
N LEU Y 364 -59.58 32.60 -24.94
CA LEU Y 364 -60.26 32.58 -26.23
C LEU Y 364 -59.91 31.34 -27.05
N LEU Y 365 -58.62 31.04 -27.17
CA LEU Y 365 -58.19 29.88 -27.96
C LEU Y 365 -58.83 28.59 -27.49
N VAL Y 366 -59.03 28.43 -26.19
CA VAL Y 366 -59.74 27.26 -25.68
C VAL Y 366 -61.22 27.27 -26.05
N ARG Y 367 -61.86 28.43 -26.05
CA ARG Y 367 -63.24 28.49 -26.55
C ARG Y 367 -63.32 28.15 -28.03
N TYR Y 368 -62.34 28.60 -28.81
CA TYR Y 368 -62.30 28.25 -30.22
C TYR Y 368 -62.17 26.75 -30.43
N ILE Y 369 -61.22 26.11 -29.75
CA ILE Y 369 -60.98 24.68 -29.94
C ILE Y 369 -62.15 23.84 -29.43
N VAL Y 370 -62.72 24.18 -28.28
CA VAL Y 370 -63.75 23.32 -27.70
C VAL Y 370 -65.09 23.50 -28.37
N ASP Y 371 -65.54 24.75 -28.51
CA ASP Y 371 -66.83 25.03 -29.10
C ASP Y 371 -66.81 25.10 -30.62
N ARG Y 372 -65.64 25.17 -31.26
CA ARG Y 372 -65.64 25.38 -32.69
C ARG Y 372 -64.79 24.40 -33.47
N TYR Y 373 -63.45 24.47 -33.37
CA TYR Y 373 -62.60 23.68 -34.25
C TYR Y 373 -62.87 22.20 -34.13
N ASN Y 374 -62.89 21.66 -32.92
CA ASN Y 374 -63.19 20.24 -32.77
C ASN Y 374 -64.62 19.88 -33.09
N GLN Y 375 -65.54 20.84 -33.14
CA GLN Y 375 -66.90 20.54 -33.56
C GLN Y 375 -67.12 20.66 -35.06
N SER Y 376 -66.14 21.11 -35.83
CA SER Y 376 -66.28 21.16 -37.27
C SER Y 376 -66.14 19.77 -37.87
N ILE Y 377 -66.70 19.62 -39.08
CA ILE Y 377 -66.54 18.36 -39.81
C ILE Y 377 -65.07 18.11 -40.08
N ASP Y 378 -64.66 16.85 -40.02
CA ASP Y 378 -63.40 16.45 -40.61
C ASP Y 378 -63.49 16.58 -42.13
N ALA Y 379 -62.57 17.34 -42.72
CA ALA Y 379 -62.65 17.69 -44.13
C ALA Y 379 -62.44 16.52 -45.08
N ARG Y 380 -62.02 15.35 -44.62
CA ARG Y 380 -62.06 14.17 -45.47
C ARG Y 380 -63.43 13.51 -45.48
N MET Y 381 -64.20 13.67 -44.42
CA MET Y 381 -65.29 12.78 -44.09
C MET Y 381 -66.66 13.42 -44.26
N GLY Y 382 -66.77 14.72 -44.01
CA GLY Y 382 -68.02 15.44 -44.18
C GLY Y 382 -69.12 15.08 -43.21
N ASP Y 383 -69.26 13.79 -42.90
CA ASP Y 383 -70.34 13.36 -42.02
C ASP Y 383 -70.03 13.65 -40.56
N GLN Y 384 -68.77 13.50 -40.15
CA GLN Y 384 -68.39 13.41 -38.75
C GLN Y 384 -67.67 14.68 -38.31
N THR Y 385 -68.11 15.24 -37.19
CA THR Y 385 -67.34 16.25 -36.49
C THR Y 385 -66.08 15.62 -35.89
N ARG Y 386 -65.04 16.44 -35.83
CA ARG Y 386 -63.72 16.00 -35.39
C ARG Y 386 -63.74 15.29 -34.04
N PHE Y 387 -64.63 15.68 -33.14
CA PHE Y 387 -64.79 14.95 -31.89
C PHE Y 387 -65.57 13.65 -32.05
N GLU Y 388 -66.63 13.64 -32.85
CA GLU Y 388 -67.35 12.39 -33.06
C GLU Y 388 -66.51 11.35 -33.77
N ARG Y 389 -65.61 11.77 -34.67
CA ARG Y 389 -64.60 10.88 -35.22
C ARG Y 389 -63.53 10.47 -34.22
N TRP Y 390 -63.51 11.07 -33.04
CA TRP Y 390 -62.66 10.58 -31.96
C TRP Y 390 -63.41 9.62 -31.03
N GLU Y 391 -64.48 10.10 -30.43
CA GLU Y 391 -65.21 9.36 -29.42
C GLU Y 391 -65.67 8.02 -29.95
N ALA Y 392 -65.99 7.94 -31.24
CA ALA Y 392 -66.40 6.69 -31.85
C ALA Y 392 -65.26 5.83 -32.34
N GLY Y 393 -64.04 6.36 -32.44
CA GLY Y 393 -62.98 5.65 -33.11
C GLY Y 393 -61.92 5.09 -32.18
N LEU Y 394 -62.29 4.87 -30.90
CA LEU Y 394 -61.40 4.31 -29.89
C LEU Y 394 -61.66 2.83 -29.75
N PRO Y 395 -60.62 1.99 -29.82
CA PRO Y 395 -60.85 0.55 -29.58
C PRO Y 395 -61.43 0.29 -28.21
N THR Y 396 -60.96 1.02 -27.21
CA THR Y 396 -61.55 0.97 -25.87
C THR Y 396 -61.31 2.32 -25.23
N VAL Y 397 -62.23 2.72 -24.34
CA VAL Y 397 -62.05 3.96 -23.59
C VAL Y 397 -60.74 3.90 -22.81
N PRO Y 398 -59.87 4.90 -22.94
CA PRO Y 398 -58.59 4.86 -22.24
C PRO Y 398 -58.78 4.81 -20.73
N VAL Y 399 -57.79 4.22 -20.06
CA VAL Y 399 -57.74 4.22 -18.60
C VAL Y 399 -57.44 5.62 -18.08
N PRO Y 400 -58.08 6.07 -17.01
CA PRO Y 400 -57.75 7.39 -16.44
C PRO Y 400 -56.42 7.37 -15.72
N ILE Y 401 -55.41 7.96 -16.35
CA ILE Y 401 -54.02 7.86 -15.88
C ILE Y 401 -53.87 8.54 -14.53
N PRO Y 402 -53.16 7.94 -13.58
CA PRO Y 402 -52.81 8.64 -12.33
C PRO Y 402 -51.82 9.76 -12.62
N GLU Y 403 -52.23 10.99 -12.32
CA GLU Y 403 -51.50 12.16 -12.80
C GLU Y 403 -50.12 12.30 -12.18
N ARG Y 404 -49.93 11.82 -10.95
CA ARG Y 404 -48.57 11.78 -10.41
C ARG Y 404 -47.68 10.84 -11.22
N ASP Y 405 -48.21 9.72 -11.69
CA ASP Y 405 -47.39 8.82 -12.49
C ASP Y 405 -47.01 9.46 -13.81
N LEU Y 406 -47.95 10.12 -14.47
CA LEU Y 406 -47.63 10.91 -15.66
C LEU Y 406 -46.53 11.92 -15.36
N ASP Y 407 -46.71 12.71 -14.31
CA ASP Y 407 -45.70 13.68 -13.92
C ASP Y 407 -44.35 13.02 -13.67
N ILE Y 408 -44.34 11.92 -12.93
CA ILE Y 408 -43.08 11.24 -12.61
C ILE Y 408 -42.36 10.80 -13.87
N CYS Y 409 -43.09 10.38 -14.90
CA CYS Y 409 -42.47 10.00 -16.15
C CYS Y 409 -42.35 11.15 -17.13
N LEU Y 410 -42.90 12.32 -16.79
CA LEU Y 410 -42.52 13.53 -17.51
C LEU Y 410 -41.25 14.18 -16.96
N MET Y 411 -40.94 13.96 -15.69
CA MET Y 411 -39.71 14.48 -15.11
C MET Y 411 -38.50 13.99 -15.89
N LYS Y 412 -37.61 14.91 -16.25
CA LYS Y 412 -36.33 14.52 -16.79
C LYS Y 412 -35.46 13.93 -15.69
N GLN Y 413 -34.38 13.31 -16.09
CA GLN Y 413 -33.62 12.46 -15.18
C GLN Y 413 -32.15 12.54 -15.51
N SER Y 414 -31.32 12.25 -14.51
CA SER Y 414 -29.89 12.19 -14.72
C SER Y 414 -29.29 11.07 -13.89
N ARG Y 415 -28.05 10.74 -14.21
CA ARG Y 415 -27.27 9.73 -13.51
C ARG Y 415 -26.23 10.38 -12.63
N ARG Y 416 -26.20 9.99 -11.36
CA ARG Y 416 -25.12 10.32 -10.44
C ARG Y 416 -24.94 9.18 -9.46
N THR Y 417 -23.75 9.14 -8.86
CA THR Y 417 -23.42 8.13 -7.86
C THR Y 417 -23.57 8.70 -6.47
N VAL Y 418 -24.23 7.95 -5.59
CA VAL Y 418 -24.22 8.27 -4.18
C VAL Y 418 -22.79 8.19 -3.70
N GLN Y 419 -22.30 9.26 -3.08
CA GLN Y 419 -20.93 9.30 -2.59
C GLN Y 419 -20.92 9.44 -1.08
N ARG Y 420 -19.71 9.60 -0.53
CA ARG Y 420 -19.46 9.37 0.89
C ARG Y 420 -20.40 10.19 1.78
N GLY Y 421 -20.92 9.53 2.80
CA GLY Y 421 -21.90 10.12 3.70
C GLY Y 421 -23.30 10.19 3.16
N GLY Y 422 -23.58 9.53 2.04
CA GLY Y 422 -24.87 9.61 1.38
C GLY Y 422 -25.11 10.90 0.65
N CYS Y 423 -24.08 11.70 0.44
CA CYS Y 423 -24.21 12.89 -0.39
C CYS Y 423 -24.30 12.48 -1.85
N LEU Y 424 -25.08 13.24 -2.61
CA LEU Y 424 -24.90 13.24 -4.06
C LEU Y 424 -24.98 14.66 -4.58
N GLN Y 425 -24.08 14.97 -5.51
CA GLN Y 425 -24.06 16.26 -6.18
C GLN Y 425 -25.01 16.26 -7.37
N PHE Y 426 -25.74 17.37 -7.53
CA PHE Y 426 -26.42 17.60 -8.80
C PHE Y 426 -26.59 19.09 -9.00
N GLN Y 427 -25.89 19.61 -10.02
CA GLN Y 427 -25.83 21.04 -10.33
C GLN Y 427 -25.46 21.88 -9.12
N ASN Y 428 -24.28 21.58 -8.58
CA ASN Y 428 -23.70 22.30 -7.45
C ASN Y 428 -24.43 22.14 -6.13
N LEU Y 429 -25.76 22.03 -6.15
CA LEU Y 429 -26.48 21.65 -4.95
C LEU Y 429 -26.06 20.27 -4.47
N MET Y 430 -26.23 20.03 -3.17
CA MET Y 430 -26.15 18.71 -2.58
C MET Y 430 -27.44 18.35 -1.85
N TYR Y 431 -27.73 17.05 -1.81
CA TYR Y 431 -29.02 16.54 -1.38
C TYR Y 431 -28.75 15.30 -0.53
N ARG Y 432 -29.74 14.92 0.28
CA ARG Y 432 -29.77 13.56 0.81
C ARG Y 432 -31.19 13.17 1.16
N GLY Y 433 -31.40 11.86 1.36
CA GLY Y 433 -32.69 11.34 1.76
C GLY Y 433 -32.54 10.13 2.66
N GLU Y 434 -33.69 9.61 3.08
CA GLU Y 434 -33.76 8.77 4.28
C GLU Y 434 -32.98 7.46 4.19
N TYR Y 435 -32.57 7.03 3.00
CA TYR Y 435 -31.85 5.76 2.86
C TYR Y 435 -30.58 5.88 2.03
N LEU Y 436 -30.14 7.09 1.70
CA LEU Y 436 -29.12 7.28 0.68
C LEU Y 436 -27.81 6.59 1.02
N ALA Y 437 -27.29 6.82 2.23
CA ALA Y 437 -25.92 6.44 2.54
C ALA Y 437 -25.66 4.95 2.38
N GLY Y 438 -26.68 4.10 2.59
CA GLY Y 438 -26.50 2.68 2.34
C GLY Y 438 -26.08 2.36 0.91
N TYR Y 439 -26.44 3.22 -0.03
CA TYR Y 439 -26.14 3.05 -1.44
C TYR Y 439 -24.92 3.83 -1.91
N ALA Y 440 -24.18 4.42 -0.97
CA ALA Y 440 -22.95 5.12 -1.32
C ALA Y 440 -21.98 4.22 -2.08
N GLY Y 441 -21.45 4.74 -3.19
CA GLY Y 441 -20.49 4.03 -3.99
C GLY Y 441 -20.97 3.57 -5.37
N GLU Y 442 -22.24 3.74 -5.69
CA GLU Y 442 -22.73 3.29 -7.00
C GLU Y 442 -23.61 4.38 -7.59
N THR Y 443 -23.81 4.30 -8.92
CA THR Y 443 -24.63 5.26 -9.62
C THR Y 443 -26.10 4.96 -9.39
N VAL Y 444 -26.89 6.02 -9.21
CA VAL Y 444 -28.34 5.92 -9.10
C VAL Y 444 -28.99 6.80 -10.15
N ASN Y 445 -30.22 6.45 -10.50
CA ASN Y 445 -31.03 7.28 -11.36
C ASN Y 445 -31.90 8.18 -10.50
N LEU Y 446 -31.94 9.47 -10.84
CA LEU Y 446 -32.74 10.45 -10.10
C LEU Y 446 -33.48 11.35 -11.06
N ARG Y 447 -34.72 11.67 -10.72
CA ARG Y 447 -35.64 12.43 -11.54
C ARG Y 447 -35.80 13.84 -10.98
N PHE Y 448 -35.72 14.84 -11.85
CA PHE Y 448 -35.77 16.22 -11.42
C PHE Y 448 -36.68 17.04 -12.32
N ASP Y 449 -37.38 17.99 -11.71
CA ASP Y 449 -38.23 18.96 -12.40
C ASP Y 449 -37.54 20.31 -12.42
N PRO Y 450 -37.15 20.82 -13.59
CA PRO Y 450 -36.44 22.10 -13.65
C PRO Y 450 -37.18 23.26 -12.98
N ARG Y 451 -38.48 23.14 -12.74
CA ARG Y 451 -39.19 24.19 -12.03
C ARG Y 451 -38.90 24.17 -10.53
N ASP Y 452 -38.55 23.01 -9.97
CA ASP Y 452 -38.26 22.93 -8.55
C ASP Y 452 -37.31 21.73 -8.34
N ILE Y 453 -36.01 22.02 -8.36
CA ILE Y 453 -34.99 20.99 -8.15
C ILE Y 453 -34.80 20.61 -6.69
N THR Y 454 -35.51 21.26 -5.77
CA THR Y 454 -35.22 21.10 -4.34
C THR Y 454 -35.63 19.74 -3.79
N THR Y 455 -36.47 18.98 -4.49
CA THR Y 455 -36.91 17.67 -4.03
C THR Y 455 -36.74 16.69 -5.18
N ILE Y 456 -35.55 16.10 -5.24
CA ILE Y 456 -35.24 15.07 -6.23
C ILE Y 456 -35.88 13.76 -5.80
N LEU Y 457 -36.32 12.97 -6.79
CA LEU Y 457 -36.71 11.59 -6.56
C LEU Y 457 -35.64 10.70 -7.16
N VAL Y 458 -35.14 9.75 -6.37
CA VAL Y 458 -33.98 8.95 -6.76
C VAL Y 458 -34.37 7.48 -6.83
N TYR Y 459 -33.81 6.78 -7.82
CA TYR Y 459 -34.18 5.42 -8.15
C TYR Y 459 -32.93 4.58 -8.23
N ARG Y 460 -32.99 3.39 -7.64
CA ARG Y 460 -31.97 2.38 -7.83
C ARG Y 460 -32.32 1.50 -9.02
N GLN Y 461 -31.30 0.94 -9.64
CA GLN Y 461 -31.46 -0.18 -10.55
C GLN Y 461 -31.01 -1.46 -9.86
N GLU Y 462 -31.92 -2.42 -9.73
CA GLU Y 462 -31.64 -3.68 -9.06
C GLU Y 462 -32.42 -4.78 -9.76
N ASN Y 463 -31.82 -5.97 -9.83
CA ASN Y 463 -32.23 -7.05 -10.73
C ASN Y 463 -32.41 -6.55 -12.18
N ASN Y 464 -31.67 -5.50 -12.52
CA ASN Y 464 -31.89 -4.71 -13.74
C ASN Y 464 -33.33 -4.21 -13.86
N GLN Y 465 -33.91 -3.81 -12.74
CA GLN Y 465 -35.18 -3.11 -12.72
C GLN Y 465 -35.04 -1.83 -11.89
N GLU Y 466 -35.82 -0.83 -12.29
CA GLU Y 466 -35.87 0.45 -11.60
C GLU Y 466 -36.66 0.33 -10.31
N VAL Y 467 -36.11 0.83 -9.21
CA VAL Y 467 -36.83 0.90 -7.94
C VAL Y 467 -36.59 2.25 -7.27
N PHE Y 468 -37.66 2.81 -6.73
CA PHE Y 468 -37.61 4.10 -6.04
C PHE Y 468 -36.97 3.97 -4.66
N LEU Y 469 -36.03 4.86 -4.35
CA LEU Y 469 -35.46 4.91 -2.99
C LEU Y 469 -36.18 5.89 -2.09
N THR Y 470 -36.11 7.19 -2.40
CA THR Y 470 -36.62 8.23 -1.52
C THR Y 470 -36.57 9.56 -2.25
N ARG Y 471 -37.20 10.57 -1.64
CA ARG Y 471 -37.02 11.96 -2.04
C ARG Y 471 -35.73 12.51 -1.43
N ALA Y 472 -34.78 12.90 -2.29
CA ALA Y 472 -33.56 13.57 -1.85
C ALA Y 472 -33.79 15.08 -1.82
N HIS Y 473 -33.76 15.66 -0.63
CA HIS Y 473 -34.03 17.08 -0.43
C HIS Y 473 -32.75 17.87 -0.38
N ALA Y 474 -32.74 19.01 -1.08
CA ALA Y 474 -31.60 19.92 -1.05
C ALA Y 474 -31.45 20.52 0.34
N GLN Y 475 -30.34 20.22 1.00
CA GLN Y 475 -30.20 20.51 2.42
C GLN Y 475 -30.23 22.01 2.68
N GLY Y 476 -31.10 22.42 3.60
CA GLY Y 476 -31.32 23.82 3.92
C GLY Y 476 -32.26 24.54 2.98
N LEU Y 477 -32.66 23.90 1.88
CA LEU Y 477 -33.55 24.49 0.90
C LEU Y 477 -34.91 23.80 0.89
N GLU Y 478 -35.16 22.92 1.86
CA GLU Y 478 -36.42 22.19 1.97
C GLU Y 478 -37.53 23.09 2.51
N THR Y 479 -37.66 24.29 1.93
CA THR Y 479 -38.50 25.34 2.50
C THR Y 479 -39.23 26.10 1.40
N GLU Y 480 -38.55 26.42 0.30
CA GLU Y 480 -39.22 27.04 -0.83
C GLU Y 480 -38.48 26.70 -2.12
N GLN Y 481 -39.23 26.77 -3.22
CA GLN Y 481 -38.82 26.22 -4.49
C GLN Y 481 -37.68 27.01 -5.12
N LEU Y 482 -36.80 26.31 -5.82
CA LEU Y 482 -35.73 26.90 -6.63
C LEU Y 482 -35.81 26.36 -8.05
N ALA Y 483 -35.91 27.27 -9.01
CA ALA Y 483 -35.85 26.89 -10.42
C ALA Y 483 -34.42 26.73 -10.91
N LEU Y 484 -34.24 25.82 -11.86
CA LEU Y 484 -32.94 25.45 -12.39
C LEU Y 484 -32.24 26.60 -13.13
N ASP Y 485 -33.02 27.45 -13.81
CA ASP Y 485 -32.45 28.48 -14.68
C ASP Y 485 -31.62 29.51 -13.90
N GLU Y 486 -32.14 30.02 -12.79
CA GLU Y 486 -31.31 30.89 -11.96
C GLU Y 486 -30.17 30.14 -11.29
N ALA Y 487 -30.39 28.88 -10.91
CA ALA Y 487 -29.32 28.09 -10.32
C ALA Y 487 -28.14 27.92 -11.29
N GLU Y 488 -28.42 27.85 -12.59
CA GLU Y 488 -27.36 27.96 -13.58
C GLU Y 488 -26.80 29.39 -13.66
N ALA Y 489 -27.68 30.36 -13.89
CA ALA Y 489 -27.22 31.73 -14.18
C ALA Y 489 -26.48 32.35 -13.01
N ALA Y 490 -26.98 32.15 -11.78
CA ALA Y 490 -26.24 32.55 -10.60
C ALA Y 490 -24.86 31.91 -10.54
N SER Y 491 -24.78 30.60 -10.77
CA SER Y 491 -23.50 29.91 -10.75
C SER Y 491 -22.53 30.45 -11.79
N ARG Y 492 -23.02 30.84 -12.97
CA ARG Y 492 -22.14 31.50 -13.93
C ARG Y 492 -21.58 32.79 -13.37
N ARG Y 493 -22.47 33.70 -12.94
CA ARG Y 493 -22.05 35.05 -12.58
C ARG Y 493 -21.47 35.15 -11.18
N LEU Y 494 -21.91 34.30 -10.25
CA LEU Y 494 -21.42 34.39 -8.88
C LEU Y 494 -19.92 34.13 -8.79
N ARG Y 495 -19.38 33.30 -9.68
CA ARG Y 495 -17.94 33.08 -9.70
C ARG Y 495 -17.14 34.33 -10.10
N THR Y 496 -17.79 35.34 -10.67
CA THR Y 496 -17.12 36.63 -10.85
C THR Y 496 -16.88 37.34 -9.54
N ALA Y 497 -17.61 36.98 -8.48
CA ALA Y 497 -17.33 37.46 -7.14
C ALA Y 497 -16.28 36.62 -6.41
N GLY Y 498 -15.87 35.49 -6.98
CA GLY Y 498 -14.97 34.58 -6.30
C GLY Y 498 -15.59 33.85 -5.13
N LYS Y 499 -16.91 33.92 -4.99
CA LYS Y 499 -17.63 33.28 -3.90
C LYS Y 499 -17.57 31.76 -4.02
N THR Y 500 -17.59 31.10 -2.87
CA THR Y 500 -17.80 29.67 -2.85
C THR Y 500 -19.24 29.36 -3.26
N ILE Y 501 -19.40 28.32 -4.07
CA ILE Y 501 -20.71 27.91 -4.55
C ILE Y 501 -21.22 26.78 -3.68
N SER Y 502 -22.38 27.00 -3.07
CA SER Y 502 -22.94 26.07 -2.10
C SER Y 502 -24.44 26.32 -2.01
N ASN Y 503 -25.13 25.41 -1.34
CA ASN Y 503 -26.57 25.54 -1.12
C ASN Y 503 -26.94 26.89 -0.52
N GLN Y 504 -26.24 27.28 0.53
CA GLN Y 504 -26.52 28.54 1.22
C GLN Y 504 -26.11 29.76 0.40
N SER Y 505 -25.01 29.68 -0.35
CA SER Y 505 -24.59 30.84 -1.13
C SER Y 505 -25.47 31.06 -2.36
N LEU Y 506 -25.90 29.98 -3.01
CA LEU Y 506 -26.91 30.13 -4.06
C LEU Y 506 -28.25 30.58 -3.49
N LEU Y 507 -28.60 30.12 -2.29
CA LEU Y 507 -29.76 30.66 -1.60
C LEU Y 507 -29.55 32.14 -1.28
N GLN Y 508 -28.38 32.50 -0.75
CA GLN Y 508 -28.06 33.89 -0.49
C GLN Y 508 -28.06 34.72 -1.77
N GLU Y 509 -27.80 34.08 -2.91
CA GLU Y 509 -27.92 34.70 -4.23
C GLU Y 509 -29.33 34.66 -4.80
N VAL Y 510 -30.30 34.15 -4.05
CA VAL Y 510 -31.68 34.06 -4.52
C VAL Y 510 -32.63 34.89 -3.66
N VAL Y 511 -32.36 34.97 -2.36
CA VAL Y 511 -33.28 35.65 -1.45
C VAL Y 511 -33.42 37.14 -1.67
N ASP Y 512 -32.58 37.76 -2.51
CA ASP Y 512 -32.68 39.19 -2.76
C ASP Y 512 -32.88 39.52 -4.23
N ARG Y 513 -33.37 38.57 -5.02
CA ARG Y 513 -33.67 38.79 -6.44
C ARG Y 513 -34.79 39.79 -6.68
N ASP Y 514 -35.40 40.32 -5.62
CA ASP Y 514 -36.34 41.41 -5.80
C ASP Y 514 -35.68 42.73 -6.19
N ALA Y 515 -34.36 42.83 -6.08
CA ALA Y 515 -33.65 44.02 -6.52
C ALA Y 515 -33.57 44.06 -8.05
N LYS Y 524 -37.72 46.08 -13.71
CA LYS Y 524 -38.21 44.84 -14.30
C LYS Y 524 -37.85 44.78 -15.79
N GLU Y 525 -37.79 43.56 -16.34
CA GLU Y 525 -37.30 43.36 -17.70
C GLU Y 525 -38.02 42.18 -18.34
N ARG Y 526 -37.99 42.15 -19.67
CA ARG Y 526 -38.89 41.33 -20.49
C ARG Y 526 -39.05 39.91 -19.96
N GLN Y 527 -37.92 39.21 -19.76
CA GLN Y 527 -37.97 37.83 -19.31
C GLN Y 527 -38.59 37.71 -17.93
N LYS Y 528 -38.42 38.71 -17.08
CA LYS Y 528 -39.14 38.74 -15.81
C LYS Y 528 -40.63 38.94 -16.05
N LEU Y 529 -40.98 39.85 -16.96
CA LEU Y 529 -42.37 40.07 -17.32
C LEU Y 529 -43.03 38.80 -17.83
N GLU Y 530 -42.39 38.16 -18.82
CA GLU Y 530 -42.94 36.95 -19.43
C GLU Y 530 -43.17 35.86 -18.39
N GLN Y 531 -42.13 35.50 -17.65
CA GLN Y 531 -42.24 34.38 -16.70
C GLN Y 531 -43.25 34.67 -15.60
N THR Y 532 -43.29 35.90 -15.08
CA THR Y 532 -44.26 36.18 -14.03
C THR Y 532 -45.69 36.15 -14.55
N VAL Y 533 -45.91 36.68 -15.76
CA VAL Y 533 -47.22 36.52 -16.41
C VAL Y 533 -47.48 35.06 -16.72
N LEU Y 534 -46.49 34.37 -17.26
CA LEU Y 534 -46.67 32.99 -17.70
C LEU Y 534 -46.95 32.04 -16.54
N ARG Y 535 -46.28 32.26 -15.40
CA ARG Y 535 -46.65 31.57 -14.16
C ARG Y 535 -48.04 31.97 -13.67
N SER Y 536 -48.37 33.26 -13.74
CA SER Y 536 -49.63 33.78 -13.22
C SER Y 536 -50.86 33.27 -13.96
N ALA Y 537 -50.70 32.67 -15.15
CA ALA Y 537 -51.85 32.06 -15.81
C ALA Y 537 -52.28 30.75 -15.16
N ALA Y 538 -51.33 29.85 -14.90
CA ALA Y 538 -51.65 28.48 -14.52
C ALA Y 538 -52.04 28.32 -13.06
N VAL Y 539 -51.66 29.24 -12.19
CA VAL Y 539 -51.76 29.06 -10.75
C VAL Y 539 -53.18 29.12 -10.21
N ASP Y 540 -54.17 29.34 -11.08
CA ASP Y 540 -55.56 29.21 -10.66
C ASP Y 540 -56.03 27.77 -10.57
N GLU Y 541 -55.26 26.81 -11.06
CA GLU Y 541 -55.66 25.41 -10.99
C GLU Y 541 -55.83 24.94 -9.55
N SER Y 542 -56.91 24.20 -9.31
CA SER Y 542 -57.18 23.60 -8.01
C SER Y 542 -58.10 22.38 -8.14
N LYS Z 31 -75.75 67.82 -70.59
CA LYS Z 31 -74.58 66.98 -70.41
C LYS Z 31 -74.45 66.00 -71.57
N ASN Z 32 -73.26 65.95 -72.16
CA ASN Z 32 -73.00 65.01 -73.25
C ASN Z 32 -72.88 63.59 -72.71
N VAL Z 33 -73.58 62.67 -73.36
CA VAL Z 33 -73.39 61.24 -73.17
C VAL Z 33 -73.35 60.55 -74.53
N ILE Z 34 -72.38 59.64 -74.70
CA ILE Z 34 -72.12 58.99 -75.97
C ILE Z 34 -72.45 57.51 -75.84
N ALA Z 35 -73.05 56.94 -76.88
CA ALA Z 35 -73.36 55.51 -76.88
C ALA Z 35 -72.12 54.67 -77.13
N THR Z 36 -72.06 53.52 -76.44
CA THR Z 36 -70.91 52.64 -76.50
C THR Z 36 -71.39 51.20 -76.57
N GLN Z 37 -70.49 50.31 -76.99
CA GLN Z 37 -70.78 48.88 -77.16
C GLN Z 37 -72.00 48.65 -78.05
N LEU Z 38 -72.02 49.32 -79.21
CA LEU Z 38 -73.10 49.18 -80.16
C LEU Z 38 -73.17 47.73 -80.65
N SER Z 39 -74.20 47.00 -80.23
CA SER Z 39 -74.32 45.58 -80.54
C SER Z 39 -74.88 45.35 -81.94
N GLU Z 40 -74.90 44.07 -82.33
CA GLU Z 40 -75.53 43.66 -83.58
C GLU Z 40 -77.01 44.00 -83.60
N GLU Z 41 -77.72 43.71 -82.51
CA GLU Z 41 -79.13 44.01 -82.42
C GLU Z 41 -79.37 45.52 -82.40
N ALA Z 42 -78.47 46.26 -81.75
CA ALA Z 42 -78.52 47.72 -81.83
C ALA Z 42 -78.26 48.23 -83.24
N GLN Z 43 -77.33 47.59 -83.95
CA GLN Z 43 -77.14 47.93 -85.36
C GLN Z 43 -78.36 47.60 -86.21
N VAL Z 44 -79.00 46.45 -85.94
CA VAL Z 44 -80.25 46.15 -86.61
C VAL Z 44 -81.30 47.22 -86.33
N LYS Z 45 -81.45 47.57 -85.04
CA LYS Z 45 -82.39 48.63 -84.65
C LYS Z 45 -81.97 49.99 -85.20
N LEU Z 46 -80.66 50.27 -85.25
CA LEU Z 46 -80.18 51.52 -85.84
C LEU Z 46 -80.42 51.61 -87.34
N GLU Z 47 -80.17 50.54 -88.08
CA GLU Z 47 -80.29 50.61 -89.54
C GLU Z 47 -81.71 50.85 -89.99
N VAL Z 48 -82.70 50.27 -89.31
CA VAL Z 48 -84.09 50.61 -89.61
C VAL Z 48 -84.40 52.05 -89.21
N ILE Z 49 -83.87 52.51 -88.08
CA ILE Z 49 -84.04 53.93 -87.71
C ILE Z 49 -83.44 54.84 -88.78
N GLN Z 50 -82.23 54.53 -89.24
CA GLN Z 50 -81.62 55.32 -90.32
C GLN Z 50 -82.44 55.24 -91.60
N SER Z 51 -83.00 54.07 -91.90
CA SER Z 51 -83.89 53.91 -93.06
C SER Z 51 -85.18 54.71 -92.95
N LEU Z 52 -85.55 55.17 -91.76
CA LEU Z 52 -86.69 56.07 -91.59
C LEU Z 52 -86.26 57.47 -91.17
N LEU Z 53 -84.96 57.73 -91.06
CA LEU Z 53 -84.46 59.09 -90.95
C LEU Z 53 -84.56 59.85 -92.27
N GLU Z 54 -84.55 59.14 -93.39
CA GLU Z 54 -84.80 59.76 -94.68
C GLU Z 54 -86.18 60.41 -94.72
N PRO Z 55 -86.27 61.71 -95.00
CA PRO Z 55 -87.52 62.45 -94.79
C PRO Z 55 -88.55 62.15 -95.86
N CYS Z 56 -89.82 62.29 -95.46
CA CYS Z 56 -90.94 62.22 -96.39
C CYS Z 56 -92.15 62.85 -95.70
N ASP Z 57 -93.23 63.01 -96.48
CA ASP Z 57 -94.49 63.48 -95.95
C ASP Z 57 -95.04 62.56 -94.86
N ARG Z 58 -95.64 63.16 -93.84
CA ARG Z 58 -96.00 62.42 -92.64
C ARG Z 58 -97.01 61.32 -92.93
N THR Z 59 -97.89 61.53 -93.92
CA THR Z 59 -98.87 60.50 -94.28
C THR Z 59 -98.24 59.27 -94.91
N THR Z 60 -97.15 59.43 -95.67
CA THR Z 60 -96.38 58.28 -96.10
C THR Z 60 -95.34 57.84 -95.08
N TYR Z 61 -94.87 58.77 -94.26
CA TYR Z 61 -93.99 58.44 -93.16
C TYR Z 61 -94.61 57.36 -92.27
N GLY Z 62 -95.85 57.60 -91.82
CA GLY Z 62 -96.61 56.64 -91.05
C GLY Z 62 -97.02 55.39 -91.80
N GLN Z 63 -96.62 55.28 -93.05
CA GLN Z 63 -96.93 54.15 -93.91
C GLN Z 63 -95.71 53.36 -94.37
N LYS Z 64 -94.57 54.04 -94.57
CA LYS Z 64 -93.33 53.35 -94.91
C LYS Z 64 -92.66 52.70 -93.71
N LEU Z 65 -92.91 53.21 -92.50
CA LEU Z 65 -92.38 52.60 -91.29
C LEU Z 65 -93.01 51.25 -90.96
N ARG Z 66 -94.09 50.86 -91.64
CA ARG Z 66 -94.74 49.58 -91.38
C ARG Z 66 -93.80 48.40 -91.63
N GLU Z 67 -92.79 48.57 -92.48
CA GLU Z 67 -91.78 47.54 -92.69
C GLU Z 67 -91.05 47.16 -91.41
N ALA Z 68 -90.95 48.07 -90.45
CA ALA Z 68 -90.31 47.76 -89.18
C ALA Z 68 -91.03 46.68 -88.39
N ALA Z 69 -92.32 46.48 -88.64
CA ALA Z 69 -93.15 45.67 -87.74
C ALA Z 69 -92.66 44.23 -87.68
N GLU Z 70 -92.59 43.54 -88.81
CA GLU Z 70 -92.01 42.20 -88.83
C GLU Z 70 -90.49 42.22 -88.69
N LYS Z 71 -89.84 43.29 -89.16
CA LYS Z 71 -88.39 43.39 -89.00
C LYS Z 71 -87.99 43.39 -87.53
N LEU Z 72 -88.82 43.97 -86.67
CA LEU Z 72 -88.58 43.94 -85.24
C LEU Z 72 -89.46 42.94 -84.50
N ASN Z 73 -90.40 42.30 -85.20
CA ASN Z 73 -91.38 41.39 -84.61
C ASN Z 73 -92.22 42.05 -83.50
N VAL Z 74 -92.55 43.33 -83.67
CA VAL Z 74 -93.30 44.06 -82.66
C VAL Z 74 -94.20 45.07 -83.37
N SER Z 75 -95.25 45.48 -82.68
CA SER Z 75 -96.22 46.40 -83.25
C SER Z 75 -95.59 47.77 -83.51
N LEU Z 76 -96.19 48.49 -84.46
CA LEU Z 76 -95.76 49.85 -84.78
C LEU Z 76 -95.87 50.81 -83.59
N ARG Z 77 -96.70 50.50 -82.60
CA ARG Z 77 -96.74 51.33 -81.40
C ARG Z 77 -95.42 51.29 -80.65
N THR Z 78 -94.71 50.18 -80.71
CA THR Z 78 -93.35 50.17 -80.20
C THR Z 78 -92.42 51.00 -81.08
N VAL Z 79 -92.65 50.96 -82.40
CA VAL Z 79 -91.86 51.76 -83.31
C VAL Z 79 -92.08 53.25 -83.05
N GLN Z 80 -93.33 53.63 -82.77
CA GLN Z 80 -93.61 55.00 -82.37
C GLN Z 80 -92.89 55.35 -81.06
N ARG Z 81 -92.85 54.42 -80.11
CA ARG Z 81 -92.06 54.60 -78.91
C ARG Z 81 -90.57 54.68 -79.21
N LEU Z 82 -90.07 53.82 -80.10
CA LEU Z 82 -88.67 53.88 -80.51
C LEU Z 82 -88.33 55.21 -81.16
N VAL Z 83 -89.20 55.72 -82.02
CA VAL Z 83 -89.02 57.06 -82.59
C VAL Z 83 -89.03 58.13 -81.51
N LYS Z 84 -89.97 58.02 -80.56
CA LYS Z 84 -90.00 58.95 -79.44
C LYS Z 84 -88.73 58.92 -78.60
N ASN Z 85 -88.16 57.74 -78.38
CA ASN Z 85 -86.85 57.64 -77.74
C ASN Z 85 -85.75 58.26 -78.59
N TRP Z 86 -85.60 57.79 -79.83
CA TRP Z 86 -84.46 58.21 -80.65
C TRP Z 86 -84.48 59.70 -80.96
N GLU Z 87 -85.66 60.25 -81.28
CA GLU Z 87 -85.74 61.69 -81.50
C GLU Z 87 -85.51 62.48 -80.22
N GLN Z 88 -85.68 61.86 -79.07
CA GLN Z 88 -85.42 62.52 -77.79
C GLN Z 88 -83.98 62.32 -77.33
N ASP Z 89 -83.43 61.12 -77.50
CA ASP Z 89 -82.24 60.70 -76.75
C ASP Z 89 -81.09 60.27 -77.62
N GLY Z 90 -81.25 60.23 -78.94
CA GLY Z 90 -80.20 59.75 -79.81
C GLY Z 90 -79.84 58.29 -79.55
N LEU Z 91 -78.58 57.96 -79.88
CA LEU Z 91 -78.11 56.58 -79.76
C LEU Z 91 -78.16 56.06 -78.33
N VAL Z 92 -78.07 56.96 -77.34
CA VAL Z 92 -78.04 56.55 -75.94
C VAL Z 92 -79.38 55.98 -75.50
N GLY Z 93 -80.48 56.66 -75.84
CA GLY Z 93 -81.80 56.16 -75.52
C GLY Z 93 -82.35 55.13 -76.47
N LEU Z 94 -81.77 55.02 -77.66
CA LEU Z 94 -82.09 53.92 -78.55
C LEU Z 94 -81.62 52.58 -77.97
N THR Z 95 -80.45 52.57 -77.34
CA THR Z 95 -80.02 51.41 -76.57
C THR Z 95 -80.85 51.24 -75.30
N GLN Z 96 -81.03 49.98 -74.91
CA GLN Z 96 -81.68 49.64 -73.65
C GLN Z 96 -80.82 50.08 -72.46
N THR Z 97 -81.48 50.63 -71.43
CA THR Z 97 -80.80 50.99 -70.20
C THR Z 97 -80.53 49.74 -69.35
N SER Z 98 -79.63 49.90 -68.38
CA SER Z 98 -79.64 49.05 -67.20
C SER Z 98 -80.93 49.24 -66.42
N ARG Z 99 -81.26 48.24 -65.61
CA ARG Z 99 -82.46 48.30 -64.80
C ARG Z 99 -82.27 49.27 -63.64
N ALA Z 100 -83.40 49.69 -63.06
CA ALA Z 100 -83.40 50.55 -61.88
C ALA Z 100 -82.85 49.85 -60.64
N ASP Z 101 -82.93 48.53 -60.57
CA ASP Z 101 -82.39 47.80 -59.43
C ASP Z 101 -80.96 47.32 -59.62
N LYS Z 102 -80.29 47.67 -60.72
CA LYS Z 102 -78.89 47.29 -60.86
C LYS Z 102 -78.03 47.92 -59.76
N GLY Z 103 -77.28 47.07 -59.06
CA GLY Z 103 -76.50 47.48 -57.91
C GLY Z 103 -77.28 47.72 -56.64
N LYS Z 104 -78.56 47.37 -56.60
CA LYS Z 104 -79.38 47.53 -55.40
C LYS Z 104 -79.61 46.16 -54.78
N HIS Z 105 -79.36 46.04 -53.49
CA HIS Z 105 -79.43 44.77 -52.80
C HIS Z 105 -80.77 44.61 -52.09
N ARG Z 106 -81.49 43.56 -52.44
CA ARG Z 106 -82.86 43.31 -52.00
C ARG Z 106 -82.93 42.86 -50.55
N ILE Z 107 -81.81 42.51 -49.93
CA ILE Z 107 -81.74 42.32 -48.49
C ILE Z 107 -82.14 43.58 -47.71
N GLY Z 108 -82.09 44.74 -48.32
CA GLY Z 108 -82.53 45.97 -47.70
C GLY Z 108 -81.45 46.69 -46.91
N GLU Z 109 -81.77 47.93 -46.54
CA GLU Z 109 -80.79 48.84 -45.95
C GLU Z 109 -80.27 48.38 -44.61
N PHE Z 110 -81.07 47.64 -43.83
CA PHE Z 110 -80.57 47.13 -42.57
C PHE Z 110 -79.38 46.21 -42.76
N TRP Z 111 -79.54 45.17 -43.56
CA TRP Z 111 -78.47 44.20 -43.74
C TRP Z 111 -77.30 44.75 -44.54
N GLU Z 112 -77.54 45.64 -45.51
CA GLU Z 112 -76.43 46.24 -46.23
C GLU Z 112 -75.65 47.23 -45.37
N ASN Z 113 -76.35 47.99 -44.52
CA ASN Z 113 -75.68 48.75 -43.47
C ASN Z 113 -74.91 47.83 -42.55
N PHE Z 114 -75.59 46.82 -42.00
CA PHE Z 114 -74.98 45.89 -41.05
C PHE Z 114 -73.69 45.30 -41.61
N ILE Z 115 -73.71 44.86 -42.86
CA ILE Z 115 -72.51 44.27 -43.45
C ILE Z 115 -71.38 45.28 -43.51
N THR Z 116 -71.64 46.48 -44.03
CA THR Z 116 -70.55 47.43 -44.23
C THR Z 116 -70.07 48.02 -42.91
N LYS Z 117 -70.98 48.19 -41.96
CA LYS Z 117 -70.60 48.52 -40.58
C LYS Z 117 -69.68 47.45 -39.99
N THR Z 118 -70.11 46.19 -40.03
CA THR Z 118 -69.36 45.12 -39.40
C THR Z 118 -67.97 44.95 -40.00
N TYR Z 119 -67.87 44.98 -41.32
CA TYR Z 119 -66.57 44.82 -41.97
C TYR Z 119 -65.61 45.95 -41.65
N LYS Z 120 -66.07 47.19 -41.73
CA LYS Z 120 -65.16 48.31 -41.50
C LYS Z 120 -64.71 48.42 -40.05
N GLU Z 121 -65.60 48.16 -39.10
CA GLU Z 121 -65.13 48.14 -37.71
C GLU Z 121 -64.27 46.91 -37.41
N GLY Z 122 -64.57 45.78 -38.03
CA GLY Z 122 -63.74 44.60 -37.87
C GLY Z 122 -62.37 44.69 -38.50
N ASN Z 123 -62.13 45.68 -39.35
CA ASN Z 123 -60.83 45.86 -39.98
C ASN Z 123 -60.13 47.14 -39.54
N LYS Z 124 -60.59 47.76 -38.46
CA LYS Z 124 -59.93 48.92 -37.90
C LYS Z 124 -58.67 48.54 -37.13
N GLY Z 125 -57.67 49.41 -37.21
CA GLY Z 125 -56.40 49.15 -36.58
C GLY Z 125 -55.69 47.96 -37.20
N SER Z 126 -55.23 47.04 -36.36
CA SER Z 126 -54.51 45.86 -36.82
C SER Z 126 -55.40 44.67 -37.13
N LYS Z 127 -56.63 44.66 -36.60
CA LYS Z 127 -57.57 43.59 -36.93
C LYS Z 127 -57.77 43.52 -38.44
N ARG Z 128 -57.90 42.30 -38.96
CA ARG Z 128 -58.15 42.10 -40.39
C ARG Z 128 -59.24 41.05 -40.61
N MET Z 129 -60.45 41.36 -40.16
CA MET Z 129 -61.63 40.58 -40.52
C MET Z 129 -61.76 40.45 -42.03
N THR Z 130 -62.43 39.38 -42.47
CA THR Z 130 -62.61 39.04 -43.86
C THR Z 130 -64.09 38.74 -44.11
N PRO Z 131 -64.54 38.82 -45.36
CA PRO Z 131 -65.96 38.60 -45.66
C PRO Z 131 -66.56 37.33 -45.08
N LYS Z 132 -65.78 36.25 -44.97
CA LYS Z 132 -66.28 35.04 -44.33
C LYS Z 132 -66.59 35.26 -42.86
N GLN Z 133 -65.71 35.97 -42.15
CA GLN Z 133 -65.94 36.32 -40.76
C GLN Z 133 -67.14 37.25 -40.59
N VAL Z 134 -67.36 38.15 -41.54
CA VAL Z 134 -68.55 39.00 -41.51
C VAL Z 134 -69.82 38.18 -41.59
N ALA Z 135 -69.85 37.20 -42.50
CA ALA Z 135 -71.06 36.39 -42.68
C ALA Z 135 -71.43 35.63 -41.41
N LEU Z 136 -70.43 35.20 -40.65
CA LEU Z 136 -70.69 34.61 -39.33
C LEU Z 136 -71.34 35.60 -38.38
N ARG Z 137 -70.92 36.87 -38.43
CA ARG Z 137 -71.60 37.89 -37.65
C ARG Z 137 -73.03 38.10 -38.11
N VAL Z 138 -73.25 38.16 -39.42
CA VAL Z 138 -74.60 38.30 -39.95
C VAL Z 138 -75.50 37.18 -39.48
N GLU Z 139 -75.02 35.93 -39.61
CA GLU Z 139 -75.80 34.79 -39.17
C GLU Z 139 -76.05 34.81 -37.66
N ALA Z 140 -75.05 35.24 -36.89
CA ALA Z 140 -75.23 35.37 -35.45
C ALA Z 140 -76.31 36.38 -35.10
N LYS Z 141 -76.26 37.57 -35.70
CA LYS Z 141 -77.25 38.60 -35.42
C LYS Z 141 -78.65 38.19 -35.88
N ALA Z 142 -78.72 37.48 -37.01
CA ALA Z 142 -79.99 36.97 -37.51
C ALA Z 142 -80.61 35.98 -36.53
N ARG Z 143 -79.81 35.08 -35.97
CA ARG Z 143 -80.33 34.18 -34.95
C ARG Z 143 -80.86 34.95 -33.76
N GLU Z 144 -80.17 36.01 -33.34
CA GLU Z 144 -80.71 36.87 -32.29
C GLU Z 144 -82.01 37.54 -32.74
N LEU Z 145 -82.03 38.06 -33.97
CA LEU Z 145 -83.23 38.68 -34.50
C LEU Z 145 -84.33 37.68 -34.83
N LYS Z 146 -84.04 36.38 -34.83
CA LYS Z 146 -84.95 35.37 -35.35
C LYS Z 146 -85.30 35.63 -36.82
N ASP Z 147 -84.34 36.15 -37.59
CA ASP Z 147 -84.55 36.37 -39.01
C ASP Z 147 -84.61 35.03 -39.73
N SER Z 148 -85.73 34.80 -40.41
CA SER Z 148 -85.97 33.54 -41.12
C SER Z 148 -85.06 33.33 -42.32
N LYS Z 149 -84.46 34.39 -42.86
CA LYS Z 149 -83.74 34.32 -44.13
C LYS Z 149 -82.67 35.40 -44.17
N PRO Z 150 -81.58 35.22 -43.45
CA PRO Z 150 -80.50 36.20 -43.45
C PRO Z 150 -79.64 36.09 -44.69
N PRO Z 151 -78.91 37.16 -45.02
CA PRO Z 151 -78.01 37.16 -46.18
C PRO Z 151 -77.08 35.97 -46.22
N ASN Z 152 -77.04 35.29 -47.37
CA ASN Z 152 -76.06 34.25 -47.60
C ASN Z 152 -74.67 34.85 -47.69
N TYR Z 153 -73.67 34.03 -47.36
CA TYR Z 153 -72.27 34.43 -47.43
C TYR Z 153 -71.89 35.07 -48.76
N LYS Z 154 -72.39 34.55 -49.87
CA LYS Z 154 -72.07 35.18 -51.14
C LYS Z 154 -72.79 36.51 -51.33
N THR Z 155 -73.95 36.68 -50.68
CA THR Z 155 -74.57 38.01 -50.62
C THR Z 155 -73.72 38.99 -49.81
N VAL Z 156 -73.24 38.54 -48.65
CA VAL Z 156 -72.32 39.34 -47.83
C VAL Z 156 -71.03 39.63 -48.58
N LEU Z 157 -70.50 38.65 -49.29
CA LEU Z 157 -69.31 38.88 -50.11
C LEU Z 157 -69.57 39.89 -51.21
N ARG Z 158 -70.71 39.79 -51.89
CA ARG Z 158 -71.06 40.75 -52.95
C ARG Z 158 -71.12 42.19 -52.43
N VAL Z 159 -71.84 42.40 -51.33
CA VAL Z 159 -72.00 43.74 -50.75
C VAL Z 159 -70.66 44.41 -50.46
N LEU Z 160 -69.63 43.64 -50.11
CA LEU Z 160 -68.34 44.22 -49.80
C LEU Z 160 -67.45 44.43 -51.02
N ALA Z 161 -67.81 43.87 -52.18
CA ALA Z 161 -66.94 44.01 -53.34
C ALA Z 161 -66.64 45.45 -53.71
N PRO Z 162 -67.60 46.40 -53.67
CA PRO Z 162 -67.23 47.81 -53.87
C PRO Z 162 -66.21 48.34 -52.88
N ILE Z 163 -66.32 47.97 -51.61
CA ILE Z 163 -65.40 48.45 -50.59
C ILE Z 163 -63.99 47.94 -50.85
N LEU Z 164 -63.86 46.65 -51.11
CA LEU Z 164 -62.55 46.07 -51.40
C LEU Z 164 -61.91 46.72 -52.63
N GLU Z 165 -62.69 46.90 -53.69
CA GLU Z 165 -62.17 47.53 -54.89
C GLU Z 165 -61.79 48.99 -54.67
N LYS Z 166 -62.64 49.75 -53.98
CA LYS Z 166 -62.33 51.17 -53.76
C LYS Z 166 -61.09 51.35 -52.89
N GLN Z 167 -60.90 50.49 -51.89
CA GLN Z 167 -59.66 50.57 -51.12
C GLN Z 167 -58.47 49.96 -51.84
N GLN Z 168 -58.69 49.09 -52.83
CA GLN Z 168 -57.60 48.62 -53.67
C GLN Z 168 -57.08 49.71 -54.59
N LYS Z 169 -57.97 50.40 -55.31
CA LYS Z 169 -57.53 51.48 -56.18
C LYS Z 169 -56.80 52.58 -55.43
N ALA Z 170 -57.19 52.82 -54.18
CA ALA Z 170 -56.51 53.80 -53.34
C ALA Z 170 -55.10 53.37 -52.96
N LYS Z 171 -54.79 52.08 -53.10
CA LYS Z 171 -53.44 51.60 -52.81
C LYS Z 171 -52.43 51.99 -53.88
N SER Z 172 -52.82 51.99 -55.16
CA SER Z 172 -51.84 52.22 -56.24
C SER Z 172 -52.28 53.39 -57.13
N ILE Z 173 -51.96 54.60 -56.67
CA ILE Z 173 -52.10 55.82 -57.45
C ILE Z 173 -50.70 56.30 -57.84
N ARG Z 174 -50.48 56.52 -59.12
CA ARG Z 174 -49.19 57.03 -59.58
C ARG Z 174 -49.02 58.49 -59.19
N SER Z 175 -47.76 58.88 -58.82
CA SER Z 175 -47.45 60.28 -58.62
C SER Z 175 -46.80 60.89 -59.85
N PRO Z 176 -47.26 62.08 -60.27
CA PRO Z 176 -46.72 62.69 -61.50
C PRO Z 176 -45.21 62.91 -61.50
N GLY Z 177 -44.62 63.29 -60.38
CA GLY Z 177 -43.23 63.74 -60.34
C GLY Z 177 -42.99 65.08 -61.00
N TRP Z 178 -41.89 65.73 -60.64
CA TRP Z 178 -41.57 67.03 -61.23
C TRP Z 178 -41.20 66.90 -62.70
N ARG Z 179 -41.47 67.97 -63.44
CA ARG Z 179 -41.13 68.07 -64.85
C ARG Z 179 -40.39 69.35 -65.18
N GLY Z 180 -39.41 69.23 -66.07
CA GLY Z 180 -38.58 70.33 -66.51
C GLY Z 180 -37.48 70.73 -65.53
N THR Z 181 -36.93 71.92 -65.76
CA THR Z 181 -35.80 72.40 -64.97
C THR Z 181 -36.19 72.93 -63.60
N THR Z 182 -37.38 73.49 -63.46
CA THR Z 182 -37.82 74.02 -62.17
C THR Z 182 -38.13 72.91 -61.19
N LEU Z 183 -37.62 73.05 -59.97
CA LEU Z 183 -37.84 72.10 -58.88
C LEU Z 183 -37.72 72.85 -57.57
N SER Z 184 -38.47 72.39 -56.56
CA SER Z 184 -38.27 72.79 -55.19
C SER Z 184 -38.54 71.61 -54.27
N VAL Z 185 -37.80 71.55 -53.16
CA VAL Z 185 -37.83 70.40 -52.26
C VAL Z 185 -38.46 70.82 -50.94
N LYS Z 186 -39.53 70.14 -50.56
CA LYS Z 186 -40.18 70.37 -49.27
C LYS Z 186 -39.30 69.90 -48.12
N THR Z 187 -39.26 70.68 -47.05
CA THR Z 187 -38.47 70.37 -45.87
C THR Z 187 -39.38 70.16 -44.66
N ARG Z 188 -38.86 69.41 -43.68
CA ARG Z 188 -39.60 69.15 -42.45
C ARG Z 188 -39.92 70.43 -41.69
N GLU Z 189 -39.13 71.48 -41.92
CA GLU Z 189 -39.44 72.81 -41.41
C GLU Z 189 -40.76 73.35 -41.94
N GLY Z 190 -41.29 72.77 -43.00
CA GLY Z 190 -42.43 73.33 -43.70
C GLY Z 190 -42.02 74.25 -44.84
N LYS Z 191 -40.81 74.78 -44.78
CA LYS Z 191 -40.31 75.68 -45.82
C LYS Z 191 -40.01 74.85 -47.06
N ASP Z 192 -40.30 75.41 -48.23
CA ASP Z 192 -39.99 74.75 -49.49
C ASP Z 192 -38.87 75.50 -50.18
N LEU Z 193 -37.81 74.79 -50.54
CA LEU Z 193 -36.53 75.39 -50.90
C LEU Z 193 -36.24 75.07 -52.36
N SER Z 194 -36.15 76.10 -53.19
CA SER Z 194 -35.90 75.90 -54.61
C SER Z 194 -34.48 75.42 -54.86
N VAL Z 195 -34.32 74.64 -55.92
CA VAL Z 195 -33.04 74.10 -56.35
C VAL Z 195 -32.68 74.76 -57.69
N ASP Z 196 -31.62 75.55 -57.69
CA ASP Z 196 -31.42 76.56 -58.72
C ASP Z 196 -30.19 76.35 -59.59
N TYR Z 197 -29.18 75.64 -59.08
CA TYR Z 197 -27.94 75.45 -59.80
C TYR Z 197 -27.20 74.28 -59.18
N SER Z 198 -26.22 73.75 -59.90
CA SER Z 198 -25.51 72.56 -59.44
C SER Z 198 -24.63 72.88 -58.23
N ASN Z 199 -24.71 72.03 -57.22
CA ASN Z 199 -24.26 72.21 -55.83
C ASN Z 199 -25.15 73.10 -54.98
N HIS Z 200 -26.29 73.57 -55.48
CA HIS Z 200 -27.18 74.31 -54.60
C HIS Z 200 -27.69 73.43 -53.47
N VAL Z 201 -28.07 72.19 -53.76
CA VAL Z 201 -28.59 71.27 -52.73
C VAL Z 201 -28.11 69.84 -52.99
N TRP Z 202 -27.19 69.36 -52.16
CA TRP Z 202 -26.85 67.94 -52.13
C TRP Z 202 -27.81 67.17 -51.23
N GLN Z 203 -27.91 65.86 -51.48
CA GLN Z 203 -28.65 64.94 -50.61
C GLN Z 203 -27.81 63.74 -50.21
N CYS Z 204 -28.15 63.13 -49.07
CA CYS Z 204 -27.60 61.82 -48.70
C CYS Z 204 -28.63 60.96 -47.98
N ASP Z 205 -28.48 59.65 -48.13
CA ASP Z 205 -29.01 58.66 -47.18
C ASP Z 205 -28.16 57.41 -47.28
N HIS Z 206 -28.43 56.45 -46.39
CA HIS Z 206 -27.76 55.15 -46.40
C HIS Z 206 -28.75 54.03 -46.70
N THR Z 207 -28.33 53.07 -47.53
CA THR Z 207 -29.05 51.83 -47.76
C THR Z 207 -28.16 50.64 -47.41
N ARG Z 208 -28.77 49.57 -46.88
CA ARG Z 208 -28.06 48.31 -46.73
C ARG Z 208 -27.94 47.61 -48.08
N VAL Z 209 -26.71 47.45 -48.55
CA VAL Z 209 -26.46 46.82 -49.84
C VAL Z 209 -27.02 45.40 -49.83
N ASP Z 210 -27.57 44.98 -50.96
CA ASP Z 210 -28.16 43.66 -51.09
C ASP Z 210 -27.14 42.59 -51.45
N VAL Z 211 -25.87 42.81 -51.17
CA VAL Z 211 -24.81 41.88 -51.50
C VAL Z 211 -24.16 41.40 -50.21
N LEU Z 212 -24.21 40.10 -49.96
CA LEU Z 212 -23.25 39.48 -49.05
C LEU Z 212 -21.89 39.43 -49.71
N LEU Z 213 -20.88 39.86 -48.98
CA LEU Z 213 -19.51 39.85 -49.47
C LEU Z 213 -18.60 39.57 -48.29
N VAL Z 214 -17.36 39.16 -48.60
CA VAL Z 214 -16.59 38.34 -47.68
C VAL Z 214 -15.21 38.96 -47.48
N ASP Z 215 -14.56 38.55 -46.40
CA ASP Z 215 -13.19 38.96 -46.09
C ASP Z 215 -12.21 38.32 -47.07
N GLN Z 216 -10.92 38.52 -46.79
CA GLN Z 216 -9.87 37.78 -47.48
C GLN Z 216 -10.06 36.28 -47.33
N HIS Z 217 -9.90 35.56 -48.45
CA HIS Z 217 -10.28 34.15 -48.61
C HIS Z 217 -11.78 33.92 -48.46
N GLY Z 218 -12.39 34.49 -47.42
CA GLY Z 218 -13.79 34.84 -47.50
C GLY Z 218 -14.80 33.99 -46.75
N GLU Z 219 -15.06 34.36 -45.51
CA GLU Z 219 -16.28 33.97 -44.80
C GLU Z 219 -17.32 35.08 -44.89
N ILE Z 220 -18.57 34.72 -44.57
CA ILE Z 220 -19.72 35.41 -45.16
C ILE Z 220 -19.79 36.88 -44.76
N LEU Z 221 -19.23 37.26 -43.61
CA LEU Z 221 -19.38 38.60 -43.03
C LEU Z 221 -20.85 39.01 -43.08
N SER Z 222 -21.19 40.20 -43.59
CA SER Z 222 -22.57 40.62 -43.75
C SER Z 222 -22.64 41.74 -44.78
N ARG Z 223 -23.86 42.07 -45.18
CA ARG Z 223 -24.07 43.13 -46.15
C ARG Z 223 -23.56 44.48 -45.63
N PRO Z 224 -22.87 45.25 -46.47
CA PRO Z 224 -22.43 46.59 -46.08
C PRO Z 224 -23.57 47.62 -46.17
N TRP Z 225 -23.22 48.88 -45.87
CA TRP Z 225 -24.07 50.04 -46.09
C TRP Z 225 -23.52 50.89 -47.22
N LEU Z 226 -24.42 51.48 -48.03
CA LEU Z 226 -24.04 52.48 -49.02
C LEU Z 226 -24.68 53.84 -48.74
N THR Z 227 -23.85 54.88 -48.64
CA THR Z 227 -24.28 56.26 -48.43
C THR Z 227 -23.75 57.15 -49.56
N THR Z 228 -24.66 57.91 -50.19
CA THR Z 228 -24.42 58.58 -51.46
C THR Z 228 -24.72 60.07 -51.35
N VAL Z 229 -23.93 60.91 -52.01
CA VAL Z 229 -24.25 62.34 -52.18
C VAL Z 229 -24.83 62.56 -53.57
N ILE Z 230 -26.03 63.14 -53.64
CA ILE Z 230 -26.73 63.35 -54.90
C ILE Z 230 -27.00 64.84 -55.10
N ASP Z 231 -26.60 65.38 -56.25
CA ASP Z 231 -26.83 66.79 -56.57
C ASP Z 231 -28.26 66.98 -57.08
N THR Z 232 -29.11 67.62 -56.28
CA THR Z 232 -30.53 67.68 -56.61
C THR Z 232 -30.80 68.41 -57.92
N TYR Z 233 -29.92 69.31 -58.35
CA TYR Z 233 -30.09 69.94 -59.65
C TYR Z 233 -29.78 68.98 -60.79
N SER Z 234 -28.56 68.47 -60.84
CA SER Z 234 -28.14 67.68 -61.98
C SER Z 234 -28.64 66.26 -61.92
N ARG Z 235 -29.24 65.85 -60.81
CA ARG Z 235 -29.48 64.45 -60.49
C ARG Z 235 -28.19 63.64 -60.56
N CYS Z 236 -27.05 64.31 -60.55
CA CYS Z 236 -25.74 63.70 -60.63
C CYS Z 236 -25.36 63.14 -59.27
N ILE Z 237 -24.25 62.43 -59.23
CA ILE Z 237 -23.83 61.75 -58.01
C ILE Z 237 -22.33 61.98 -57.79
N MET Z 238 -21.98 62.82 -56.82
CA MET Z 238 -20.63 63.33 -56.66
C MET Z 238 -19.76 62.46 -55.77
N GLY Z 239 -20.33 61.44 -55.13
CA GLY Z 239 -19.56 60.65 -54.20
C GLY Z 239 -20.38 59.66 -53.38
N ILE Z 240 -19.70 58.66 -52.84
CA ILE Z 240 -20.32 57.60 -52.06
C ILE Z 240 -19.34 57.21 -50.97
N ASN Z 241 -19.88 56.67 -49.88
CA ASN Z 241 -19.11 55.83 -48.98
C ASN Z 241 -19.75 54.46 -48.88
N LEU Z 242 -18.95 53.43 -49.15
CA LEU Z 242 -19.36 52.04 -49.09
C LEU Z 242 -18.56 51.36 -47.99
N GLY Z 243 -19.24 50.75 -47.03
CA GLY Z 243 -18.54 50.07 -45.96
C GLY Z 243 -19.49 49.46 -44.96
N PHE Z 244 -18.93 48.55 -44.15
CA PHE Z 244 -19.68 47.82 -43.14
C PHE Z 244 -20.11 48.71 -41.98
N ASP Z 245 -19.48 49.88 -41.83
CA ASP Z 245 -19.84 50.82 -40.78
C ASP Z 245 -21.32 51.16 -40.82
N ALA Z 246 -21.95 51.12 -39.64
CA ALA Z 246 -23.33 51.55 -39.48
C ALA Z 246 -23.48 53.03 -39.85
N PRO Z 247 -24.72 53.49 -40.11
CA PRO Z 247 -24.93 54.91 -40.42
C PRO Z 247 -24.48 55.84 -39.31
N SER Z 248 -23.37 56.54 -39.54
CA SER Z 248 -22.68 57.27 -38.48
C SER Z 248 -22.05 58.52 -39.06
N SER Z 249 -21.80 59.50 -38.19
CA SER Z 249 -21.28 60.78 -38.63
C SER Z 249 -19.91 60.67 -39.25
N GLY Z 250 -19.10 59.70 -38.81
CA GLY Z 250 -17.85 59.42 -39.49
C GLY Z 250 -18.04 58.86 -40.88
N VAL Z 251 -19.14 58.15 -41.11
CA VAL Z 251 -19.47 57.69 -42.47
C VAL Z 251 -19.89 58.86 -43.35
N VAL Z 252 -20.81 59.68 -42.86
CA VAL Z 252 -21.26 60.86 -43.61
C VAL Z 252 -20.10 61.80 -43.89
N ALA Z 253 -19.26 62.05 -42.88
CA ALA Z 253 -18.09 62.89 -43.05
C ALA Z 253 -17.14 62.34 -44.09
N LEU Z 254 -16.93 61.02 -44.11
CA LEU Z 254 -16.05 60.43 -45.11
C LEU Z 254 -16.66 60.41 -46.50
N ALA Z 255 -17.99 60.38 -46.62
CA ALA Z 255 -18.64 60.60 -47.91
C ALA Z 255 -18.41 62.02 -48.42
N LEU Z 256 -18.63 63.02 -47.57
CA LEU Z 256 -18.37 64.41 -47.95
C LEU Z 256 -16.89 64.63 -48.26
N ARG Z 257 -16.02 63.97 -47.51
CA ARG Z 257 -14.60 63.98 -47.83
C ARG Z 257 -14.34 63.44 -49.23
N HIS Z 258 -15.14 62.48 -49.68
CA HIS Z 258 -15.05 61.98 -51.04
C HIS Z 258 -15.76 62.92 -52.01
N ALA Z 259 -16.96 63.37 -51.63
CA ALA Z 259 -17.77 64.21 -52.51
C ALA Z 259 -17.06 65.51 -52.87
N ILE Z 260 -16.47 66.15 -51.88
CA ILE Z 260 -15.96 67.51 -52.03
C ILE Z 260 -14.60 67.55 -52.70
N LEU Z 261 -13.80 66.54 -52.53
CA LEU Z 261 -12.46 66.60 -53.09
C LEU Z 261 -12.47 66.31 -54.59
N PRO Z 262 -11.50 66.85 -55.31
CA PRO Z 262 -11.11 66.26 -56.61
C PRO Z 262 -10.88 64.76 -56.55
N LYS Z 263 -11.20 64.09 -57.65
CA LYS Z 263 -11.10 62.64 -57.77
C LYS Z 263 -9.89 62.23 -58.58
N ARG Z 264 -9.25 61.14 -58.12
CA ARG Z 264 -8.18 60.47 -58.85
C ARG Z 264 -8.31 59.00 -58.48
N TYR Z 265 -8.58 58.16 -59.46
CA TYR Z 265 -8.66 56.72 -59.24
C TYR Z 265 -7.55 56.01 -60.02
N GLY Z 266 -6.96 55.00 -59.40
CA GLY Z 266 -5.78 54.38 -59.93
C GLY Z 266 -6.01 53.59 -61.21
N SER Z 267 -4.93 53.44 -61.97
CA SER Z 267 -4.96 52.73 -63.25
C SER Z 267 -5.46 51.30 -63.10
N GLU Z 268 -5.44 50.76 -61.88
CA GLU Z 268 -6.01 49.45 -61.62
C GLU Z 268 -7.52 49.42 -61.81
N TYR Z 269 -8.20 50.56 -61.70
CA TYR Z 269 -9.61 50.58 -62.08
C TYR Z 269 -9.79 50.56 -63.59
N LYS Z 270 -8.80 51.06 -64.34
CA LYS Z 270 -8.86 51.13 -65.81
C LYS Z 270 -10.07 51.90 -66.33
N LEU Z 271 -10.55 52.88 -65.56
CA LEU Z 271 -11.74 53.64 -65.93
C LEU Z 271 -11.56 54.32 -67.29
N HIS Z 272 -12.66 54.47 -68.02
CA HIS Z 272 -12.67 55.30 -69.22
C HIS Z 272 -12.96 56.77 -68.92
N CYS Z 273 -13.80 57.06 -67.92
CA CYS Z 273 -14.27 58.41 -67.64
C CYS Z 273 -13.68 58.89 -66.32
N GLU Z 274 -13.57 60.21 -66.18
CA GLU Z 274 -13.07 60.83 -64.96
C GLU Z 274 -14.21 61.45 -64.19
N TRP Z 275 -14.30 61.13 -62.90
CA TRP Z 275 -15.38 61.58 -62.03
C TRP Z 275 -15.19 63.02 -61.57
N GLY Z 276 -15.24 63.94 -62.53
CA GLY Z 276 -14.81 65.31 -62.34
C GLY Z 276 -15.65 66.15 -61.40
N THR Z 277 -16.66 65.58 -60.73
CA THR Z 277 -17.45 66.37 -59.81
C THR Z 277 -16.73 66.58 -58.48
N TYR Z 278 -16.59 67.84 -58.09
CA TYR Z 278 -15.99 68.24 -56.83
C TYR Z 278 -16.67 69.51 -56.34
N GLY Z 279 -16.05 70.16 -55.37
CA GLY Z 279 -16.53 71.42 -54.84
C GLY Z 279 -17.67 71.24 -53.86
N LYS Z 280 -18.12 72.37 -53.29
CA LYS Z 280 -18.82 72.33 -52.02
C LYS Z 280 -20.26 72.74 -52.16
N PRO Z 281 -21.16 72.15 -51.36
CA PRO Z 281 -22.57 72.53 -51.37
C PRO Z 281 -22.88 73.84 -50.65
N GLU Z 282 -23.93 74.48 -51.14
CA GLU Z 282 -24.62 75.54 -50.40
C GLU Z 282 -25.71 74.98 -49.51
N HIS Z 283 -26.11 73.73 -49.72
CA HIS Z 283 -27.06 73.07 -48.84
C HIS Z 283 -26.83 71.58 -48.84
N PHE Z 284 -27.29 70.94 -47.78
CA PHE Z 284 -27.23 69.50 -47.61
C PHE Z 284 -28.61 69.08 -47.10
N TYR Z 285 -29.39 68.43 -47.96
CA TYR Z 285 -30.79 68.10 -47.66
C TYR Z 285 -30.88 66.59 -47.45
N THR Z 286 -31.45 66.16 -46.33
CA THR Z 286 -31.11 64.83 -45.87
C THR Z 286 -32.18 64.27 -44.95
N ASP Z 287 -32.06 62.97 -44.71
CA ASP Z 287 -33.12 62.07 -44.27
C ASP Z 287 -33.55 62.30 -42.83
N GLY Z 288 -32.80 63.07 -42.06
CA GLY Z 288 -33.08 63.16 -40.64
C GLY Z 288 -32.55 62.00 -39.84
N GLY Z 289 -31.61 61.24 -40.41
CA GLY Z 289 -30.89 60.25 -39.64
C GLY Z 289 -30.02 60.88 -38.56
N LYS Z 290 -29.75 60.09 -37.52
CA LYS Z 290 -29.16 60.61 -36.30
C LYS Z 290 -27.76 61.14 -36.53
N ASP Z 291 -27.04 60.57 -37.50
CA ASP Z 291 -25.77 61.14 -37.93
C ASP Z 291 -25.95 62.40 -38.77
N PHE Z 292 -27.01 62.45 -39.58
CA PHE Z 292 -27.33 63.68 -40.28
C PHE Z 292 -27.82 64.77 -39.33
N ARG Z 293 -28.44 64.41 -38.23
CA ARG Z 293 -28.81 65.36 -37.19
C ARG Z 293 -27.72 65.57 -36.16
N SER Z 294 -26.55 64.95 -36.36
CA SER Z 294 -25.49 64.98 -35.35
C SER Z 294 -24.89 66.37 -35.19
N ASN Z 295 -24.26 66.56 -34.04
CA ASN Z 295 -23.38 67.70 -33.80
C ASN Z 295 -22.24 67.76 -34.81
N HIS Z 296 -21.56 66.64 -35.02
CA HIS Z 296 -20.39 66.62 -35.89
C HIS Z 296 -20.69 67.18 -37.27
N LEU Z 297 -21.80 66.74 -37.87
CA LEU Z 297 -22.16 67.27 -39.18
C LEU Z 297 -22.52 68.75 -39.10
N SER Z 298 -23.25 69.16 -38.06
CA SER Z 298 -23.54 70.58 -37.89
C SER Z 298 -22.26 71.40 -37.77
N GLN Z 299 -21.23 70.86 -37.12
CA GLN Z 299 -19.92 71.50 -37.13
C GLN Z 299 -19.38 71.62 -38.54
N ILE Z 300 -19.58 70.59 -39.36
CA ILE Z 300 -19.20 70.68 -40.76
C ILE Z 300 -20.02 71.72 -41.49
N GLY Z 301 -21.30 71.83 -41.17
CA GLY Z 301 -22.13 72.86 -41.78
C GLY Z 301 -21.61 74.26 -41.52
N ALA Z 302 -21.25 74.55 -40.27
CA ALA Z 302 -20.63 75.82 -39.95
C ALA Z 302 -19.27 75.99 -40.63
N GLN Z 303 -18.45 74.94 -40.64
CA GLN Z 303 -17.11 75.08 -41.18
C GLN Z 303 -17.04 75.11 -42.69
N LEU Z 304 -18.02 74.53 -43.40
CA LEU Z 304 -18.02 74.55 -44.86
C LEU Z 304 -19.10 75.42 -45.48
N GLY Z 305 -20.07 75.86 -44.70
CA GLY Z 305 -21.01 76.89 -45.14
C GLY Z 305 -22.32 76.39 -45.68
N PHE Z 306 -22.52 75.07 -45.77
CA PHE Z 306 -23.81 74.54 -46.14
C PHE Z 306 -24.76 74.59 -44.96
N VAL Z 307 -26.05 74.61 -45.26
CA VAL Z 307 -27.10 74.49 -44.25
C VAL Z 307 -27.73 73.12 -44.35
N CYS Z 308 -27.80 72.42 -43.22
CA CYS Z 308 -28.52 71.16 -43.14
C CYS Z 308 -30.02 71.39 -43.11
N HIS Z 309 -30.75 70.72 -43.99
CA HIS Z 309 -32.20 70.77 -44.04
C HIS Z 309 -32.77 69.36 -43.90
N LEU Z 310 -33.82 69.21 -43.09
CA LEU Z 310 -34.47 67.92 -42.90
C LEU Z 310 -35.56 67.63 -43.92
N ARG Z 311 -35.65 66.35 -44.27
CA ARG Z 311 -36.71 65.82 -45.12
C ARG Z 311 -38.02 65.64 -44.38
N ASP Z 312 -39.12 66.06 -45.01
CA ASP Z 312 -40.41 66.00 -44.35
C ASP Z 312 -40.90 64.56 -44.22
N ARG Z 313 -41.09 63.89 -45.34
CA ARG Z 313 -41.47 62.49 -45.42
C ARG Z 313 -40.60 61.80 -46.48
N PRO Z 314 -40.56 60.46 -46.49
CA PRO Z 314 -39.57 59.78 -47.35
C PRO Z 314 -39.69 60.15 -48.80
N SER Z 315 -40.91 60.40 -49.28
CA SER Z 315 -41.16 60.67 -50.70
C SER Z 315 -40.37 61.88 -51.20
N GLU Z 316 -40.33 62.95 -50.41
CA GLU Z 316 -39.53 64.12 -50.76
C GLU Z 316 -38.07 63.78 -51.00
N GLY Z 317 -37.57 62.70 -50.41
CA GLY Z 317 -36.22 62.25 -50.68
C GLY Z 317 -36.00 61.60 -52.01
N GLY Z 318 -37.04 61.46 -52.82
CA GLY Z 318 -37.00 60.54 -53.94
C GLY Z 318 -35.79 60.69 -54.83
N VAL Z 319 -35.22 61.89 -54.92
CA VAL Z 319 -34.03 62.07 -55.73
C VAL Z 319 -32.88 61.19 -55.27
N VAL Z 320 -32.88 60.77 -54.00
CA VAL Z 320 -31.88 59.82 -53.53
C VAL Z 320 -32.47 58.46 -53.14
N GLU Z 321 -33.74 58.39 -52.75
CA GLU Z 321 -34.38 57.09 -52.58
C GLU Z 321 -34.33 56.25 -53.85
N ARG Z 322 -34.67 56.86 -54.97
CA ARG Z 322 -34.81 56.10 -56.21
C ARG Z 322 -33.49 55.54 -56.74
N PRO Z 323 -32.38 56.29 -56.71
CA PRO Z 323 -31.11 55.70 -57.14
C PRO Z 323 -30.71 54.43 -56.41
N PHE Z 324 -31.22 54.16 -55.21
CA PHE Z 324 -30.99 52.85 -54.61
C PHE Z 324 -31.72 51.78 -55.40
N LYS Z 325 -32.97 52.04 -55.77
CA LYS Z 325 -33.71 51.15 -56.66
C LYS Z 325 -33.00 50.98 -58.00
N THR Z 326 -32.61 52.09 -58.61
CA THR Z 326 -31.88 52.01 -59.88
C THR Z 326 -30.61 51.19 -59.77
N LEU Z 327 -29.85 51.38 -58.69
CA LEU Z 327 -28.55 50.73 -58.52
C LEU Z 327 -28.65 49.28 -58.06
N ASN Z 328 -29.65 48.99 -57.22
CA ASN Z 328 -30.01 47.61 -56.93
C ASN Z 328 -30.32 46.83 -58.20
N ASP Z 329 -31.21 47.36 -59.04
CA ASP Z 329 -31.64 46.66 -60.25
C ASP Z 329 -30.51 46.51 -61.26
N GLN Z 330 -29.75 47.55 -61.52
CA GLN Z 330 -28.74 47.49 -62.58
C GLN Z 330 -27.40 46.95 -62.11
N LEU Z 331 -27.15 46.82 -60.81
CA LEU Z 331 -25.85 46.31 -60.38
C LEU Z 331 -25.97 45.14 -59.41
N PHE Z 332 -26.42 45.39 -58.18
CA PHE Z 332 -26.33 44.39 -57.13
C PHE Z 332 -27.03 43.08 -57.51
N SER Z 333 -28.16 43.17 -58.20
CA SER Z 333 -28.88 41.97 -58.63
C SER Z 333 -28.06 41.08 -59.54
N THR Z 334 -26.97 41.57 -60.12
CA THR Z 334 -26.16 40.73 -61.00
C THR Z 334 -24.95 40.13 -60.29
N LEU Z 335 -24.72 40.47 -59.04
CA LEU Z 335 -23.54 40.04 -58.31
C LEU Z 335 -23.81 38.79 -57.48
N PRO Z 336 -22.79 37.95 -57.31
CA PRO Z 336 -22.99 36.64 -56.69
C PRO Z 336 -23.74 36.65 -55.36
N GLY Z 337 -23.37 37.53 -54.46
CA GLY Z 337 -23.96 37.55 -53.13
C GLY Z 337 -25.32 38.21 -53.00
N TYR Z 338 -26.05 38.39 -54.10
CA TYR Z 338 -27.30 39.12 -54.05
C TYR Z 338 -28.24 38.50 -53.03
N THR Z 339 -29.02 39.35 -52.35
CA THR Z 339 -29.76 38.96 -51.17
C THR Z 339 -31.26 39.21 -51.34
N GLY Z 340 -31.68 39.66 -52.51
CA GLY Z 340 -33.07 39.97 -52.77
C GLY Z 340 -33.58 41.21 -52.08
N SER Z 341 -34.72 41.70 -52.52
CA SER Z 341 -35.28 42.94 -52.00
C SER Z 341 -35.97 42.76 -50.66
N ASN Z 342 -36.26 41.54 -50.23
CA ASN Z 342 -36.88 41.36 -48.93
C ASN Z 342 -36.60 39.94 -48.44
N VAL Z 343 -36.76 39.77 -47.13
CA VAL Z 343 -36.78 38.44 -46.53
C VAL Z 343 -37.69 37.49 -47.31
N GLN Z 344 -38.89 37.95 -47.64
CA GLN Z 344 -39.85 37.12 -48.34
C GLN Z 344 -39.43 36.82 -49.78
N GLU Z 345 -38.37 37.45 -50.27
CA GLU Z 345 -37.84 37.15 -51.60
C GLU Z 345 -36.38 36.72 -51.50
N ARG Z 346 -35.88 36.47 -50.31
CA ARG Z 346 -34.45 36.26 -50.11
C ARG Z 346 -33.99 34.96 -50.75
N PRO Z 347 -33.13 35.01 -51.77
CA PRO Z 347 -32.67 33.78 -52.43
C PRO Z 347 -31.63 33.05 -51.59
N GLU Z 348 -31.86 31.75 -51.38
CA GLU Z 348 -31.19 30.96 -50.36
C GLU Z 348 -29.72 30.67 -50.67
N ASP Z 349 -29.24 30.96 -51.87
CA ASP Z 349 -27.85 30.72 -52.23
C ASP Z 349 -26.91 31.88 -51.86
N ALA Z 350 -27.44 32.97 -51.32
CA ALA Z 350 -26.64 34.18 -51.14
C ALA Z 350 -25.41 33.92 -50.28
N GLU Z 351 -25.60 33.32 -49.11
CA GLU Z 351 -24.51 32.95 -48.23
C GLU Z 351 -23.80 31.67 -48.64
N LYS Z 352 -24.30 30.95 -49.64
CA LYS Z 352 -23.60 29.78 -50.12
C LYS Z 352 -22.48 30.11 -51.09
N ASP Z 353 -22.58 31.23 -51.82
CA ASP Z 353 -21.54 31.56 -52.78
C ASP Z 353 -21.29 33.06 -52.90
N ALA Z 354 -21.47 33.79 -51.81
CA ALA Z 354 -20.88 35.13 -51.72
C ALA Z 354 -19.39 35.06 -51.96
N ARG Z 355 -18.89 35.91 -52.85
CA ARG Z 355 -17.53 35.75 -53.35
C ARG Z 355 -16.75 37.04 -53.55
N LEU Z 356 -17.38 38.20 -53.51
CA LEU Z 356 -16.67 39.46 -53.64
C LEU Z 356 -16.12 39.90 -52.29
N THR Z 357 -14.96 40.55 -52.31
CA THR Z 357 -14.63 41.43 -51.20
C THR Z 357 -14.88 42.89 -51.57
N LEU Z 358 -14.88 43.73 -50.55
CA LEU Z 358 -15.23 45.13 -50.75
C LEU Z 358 -14.22 45.86 -51.62
N ARG Z 359 -12.96 45.40 -51.66
CA ARG Z 359 -12.03 45.93 -52.64
C ARG Z 359 -12.40 45.58 -54.06
N GLU Z 360 -13.27 44.59 -54.27
CA GLU Z 360 -13.90 44.41 -55.58
C GLU Z 360 -15.24 45.13 -55.70
N LEU Z 361 -16.10 45.07 -54.69
CA LEU Z 361 -17.39 45.73 -54.78
C LEU Z 361 -17.23 47.24 -54.93
N GLU Z 362 -16.23 47.82 -54.29
CA GLU Z 362 -15.88 49.21 -54.56
C GLU Z 362 -15.61 49.43 -56.04
N GLN Z 363 -14.76 48.60 -56.63
CA GLN Z 363 -14.39 48.77 -58.04
C GLN Z 363 -15.61 48.59 -58.95
N LEU Z 364 -16.48 47.63 -58.66
CA LEU Z 364 -17.70 47.46 -59.43
C LEU Z 364 -18.61 48.68 -59.34
N LEU Z 365 -18.89 49.14 -58.12
CA LEU Z 365 -19.75 50.31 -57.93
C LEU Z 365 -19.13 51.57 -58.52
N VAL Z 366 -17.84 51.80 -58.29
CA VAL Z 366 -17.17 52.97 -58.87
C VAL Z 366 -17.16 52.94 -60.39
N ARG Z 367 -16.87 51.80 -61.00
CA ARG Z 367 -16.95 51.71 -62.46
C ARG Z 367 -18.37 51.95 -62.98
N TYR Z 368 -19.37 51.39 -62.31
CA TYR Z 368 -20.74 51.61 -62.73
C TYR Z 368 -21.13 53.08 -62.71
N ILE Z 369 -20.77 53.79 -61.64
CA ILE Z 369 -21.04 55.23 -61.57
C ILE Z 369 -20.26 55.99 -62.64
N VAL Z 370 -18.95 55.82 -62.69
CA VAL Z 370 -18.13 56.73 -63.48
C VAL Z 370 -18.23 56.47 -64.97
N ASP Z 371 -18.22 55.22 -65.41
CA ASP Z 371 -18.28 54.98 -66.84
C ASP Z 371 -19.69 54.81 -67.39
N ARG Z 372 -20.67 54.48 -66.57
CA ARG Z 372 -22.07 54.47 -67.02
C ARG Z 372 -22.88 55.60 -66.42
N TYR Z 373 -23.16 55.55 -65.12
CA TYR Z 373 -24.20 56.38 -64.52
C TYR Z 373 -23.94 57.87 -64.75
N ASN Z 374 -22.68 58.29 -64.65
CA ASN Z 374 -22.36 59.69 -64.95
C ASN Z 374 -22.76 60.06 -66.36
N GLN Z 375 -22.53 59.18 -67.32
CA GLN Z 375 -22.87 59.47 -68.71
C GLN Z 375 -24.31 59.13 -69.05
N SER Z 376 -25.07 58.48 -68.15
CA SER Z 376 -26.48 58.21 -68.42
C SER Z 376 -27.28 59.50 -68.54
N ILE Z 377 -28.32 59.44 -69.36
CA ILE Z 377 -29.19 60.59 -69.59
C ILE Z 377 -30.01 60.90 -68.35
N ASP Z 378 -30.16 62.19 -68.06
CA ASP Z 378 -31.05 62.61 -66.99
C ASP Z 378 -32.50 62.46 -67.41
N ALA Z 379 -33.27 61.74 -66.58
CA ALA Z 379 -34.52 61.12 -66.99
C ALA Z 379 -35.59 62.09 -67.47
N ARG Z 380 -35.55 63.35 -67.07
CA ARG Z 380 -36.55 64.31 -67.54
C ARG Z 380 -35.96 65.52 -68.25
N MET Z 381 -34.67 65.51 -68.56
CA MET Z 381 -34.10 66.49 -69.47
C MET Z 381 -33.94 65.92 -70.87
N GLY Z 382 -33.39 64.72 -70.99
CA GLY Z 382 -33.13 64.11 -72.28
C GLY Z 382 -32.00 64.75 -73.08
N ASP Z 383 -31.82 66.05 -72.95
CA ASP Z 383 -30.85 66.75 -73.78
C ASP Z 383 -29.42 66.32 -73.46
N GLN Z 384 -29.13 65.99 -72.21
CA GLN Z 384 -27.74 65.79 -71.80
C GLN Z 384 -27.65 64.74 -70.71
N THR Z 385 -26.43 64.21 -70.58
CA THR Z 385 -26.05 63.30 -69.53
C THR Z 385 -26.27 63.91 -68.15
N ARG Z 386 -26.22 63.04 -67.14
CA ARG Z 386 -26.17 63.49 -65.75
C ARG Z 386 -24.93 64.33 -65.47
N PHE Z 387 -23.80 63.99 -66.09
CA PHE Z 387 -22.59 64.76 -65.83
C PHE Z 387 -22.67 66.18 -66.36
N GLU Z 388 -23.19 66.38 -67.57
CA GLU Z 388 -23.19 67.71 -68.16
C GLU Z 388 -24.19 68.67 -67.51
N ARG Z 389 -25.30 68.17 -66.96
CA ARG Z 389 -26.15 69.02 -66.14
C ARG Z 389 -25.49 69.44 -64.84
N TRP Z 390 -24.44 68.76 -64.40
CA TRP Z 390 -23.62 69.30 -63.32
C TRP Z 390 -22.67 70.38 -63.81
N GLU Z 391 -21.80 70.05 -64.77
CA GLU Z 391 -20.77 70.99 -65.19
C GLU Z 391 -21.36 72.24 -65.81
N ALA Z 392 -22.44 72.11 -66.58
CA ALA Z 392 -23.08 73.31 -67.10
C ALA Z 392 -24.02 73.99 -66.13
N GLY Z 393 -24.40 73.35 -65.02
CA GLY Z 393 -25.44 73.91 -64.18
C GLY Z 393 -24.96 74.63 -62.92
N LEU Z 394 -23.72 74.38 -62.52
CA LEU Z 394 -23.20 75.04 -61.33
C LEU Z 394 -23.13 76.56 -61.52
N PRO Z 395 -23.35 77.33 -60.44
CA PRO Z 395 -23.53 78.78 -60.61
C PRO Z 395 -22.27 79.49 -61.03
N THR Z 396 -21.12 79.04 -60.54
CA THR Z 396 -19.81 79.41 -61.06
C THR Z 396 -18.83 78.35 -60.59
N VAL Z 397 -17.65 78.35 -61.22
CA VAL Z 397 -16.65 77.33 -60.90
C VAL Z 397 -16.27 77.40 -59.42
N PRO Z 398 -16.49 76.33 -58.66
CA PRO Z 398 -16.20 76.36 -57.23
C PRO Z 398 -14.70 76.31 -56.96
N VAL Z 399 -14.33 76.73 -55.77
CA VAL Z 399 -12.94 76.70 -55.32
C VAL Z 399 -12.57 75.29 -54.85
N PRO Z 400 -11.52 74.69 -55.41
CA PRO Z 400 -11.04 73.38 -54.94
C PRO Z 400 -10.22 73.52 -53.66
N ILE Z 401 -10.83 73.12 -52.54
CA ILE Z 401 -10.23 73.37 -51.23
C ILE Z 401 -9.00 72.50 -50.95
N PRO Z 402 -8.09 72.94 -50.09
CA PRO Z 402 -7.02 72.06 -49.62
C PRO Z 402 -7.55 70.87 -48.82
N GLU Z 403 -6.99 69.70 -49.13
CA GLU Z 403 -7.44 68.46 -48.47
C GLU Z 403 -7.31 68.57 -46.95
N ARG Z 404 -6.19 69.07 -46.47
CA ARG Z 404 -5.95 69.28 -45.05
C ARG Z 404 -6.99 70.16 -44.37
N ASP Z 405 -7.71 71.01 -45.12
CA ASP Z 405 -8.70 71.85 -44.49
C ASP Z 405 -9.92 71.05 -44.02
N LEU Z 406 -10.36 70.07 -44.82
CA LEU Z 406 -11.41 69.19 -44.33
C LEU Z 406 -10.92 68.31 -43.18
N ASP Z 407 -9.65 67.91 -43.23
CA ASP Z 407 -9.03 67.20 -42.12
C ASP Z 407 -8.63 68.15 -41.00
N ILE Z 408 -9.03 69.41 -41.10
CA ILE Z 408 -9.11 70.31 -39.96
C ILE Z 408 -10.56 70.44 -39.55
N CYS Z 409 -11.48 70.22 -40.48
CA CYS Z 409 -12.88 70.01 -40.14
C CYS Z 409 -13.10 68.64 -39.49
N LEU Z 410 -12.32 68.35 -38.46
CA LEU Z 410 -12.45 67.16 -37.65
C LEU Z 410 -13.65 67.27 -36.71
N MET Z 411 -13.94 66.18 -36.02
CA MET Z 411 -14.81 66.25 -34.85
C MET Z 411 -14.15 67.06 -33.75
N LYS Z 412 -14.98 67.79 -32.99
CA LYS Z 412 -14.49 68.64 -31.91
C LYS Z 412 -15.22 68.35 -30.62
N GLN Z 413 -14.52 68.58 -29.50
CA GLN Z 413 -15.10 68.56 -28.17
C GLN Z 413 -14.94 69.92 -27.51
N SER Z 414 -15.93 70.29 -26.71
CA SER Z 414 -16.04 71.61 -26.11
C SER Z 414 -16.48 71.48 -24.67
N ARG Z 415 -16.51 72.62 -23.97
CA ARG Z 415 -16.68 72.75 -22.52
C ARG Z 415 -15.69 71.90 -21.73
N ARG Z 416 -14.57 71.53 -22.35
CA ARG Z 416 -13.48 70.91 -21.63
C ARG Z 416 -12.55 72.02 -21.14
N THR Z 417 -11.57 71.66 -20.31
CA THR Z 417 -10.60 72.65 -19.85
C THR Z 417 -9.18 72.18 -20.06
N VAL Z 418 -8.32 73.13 -20.43
CA VAL Z 418 -6.89 72.96 -20.34
C VAL Z 418 -6.45 72.92 -18.89
N GLN Z 419 -5.42 72.13 -18.62
CA GLN Z 419 -4.83 72.08 -17.30
C GLN Z 419 -3.94 73.29 -17.09
N ARG Z 420 -3.64 73.59 -15.83
CA ARG Z 420 -2.67 74.62 -15.49
C ARG Z 420 -1.23 74.17 -15.74
N GLY Z 421 -0.95 73.69 -16.95
CA GLY Z 421 0.37 73.23 -17.29
C GLY Z 421 0.46 72.86 -18.76
N GLY Z 422 1.61 72.30 -19.15
CA GLY Z 422 1.88 71.88 -20.50
C GLY Z 422 1.21 70.59 -20.96
N CYS Z 423 -0.02 70.34 -20.50
CA CYS Z 423 -0.56 69.00 -20.52
C CYS Z 423 -2.07 69.05 -20.73
N LEU Z 424 -2.64 67.90 -21.09
CA LEU Z 424 -4.05 67.84 -21.47
C LEU Z 424 -4.59 66.43 -21.19
N GLN Z 425 -5.89 66.27 -21.43
CA GLN Z 425 -6.58 65.01 -21.22
C GLN Z 425 -7.66 64.84 -22.27
N PHE Z 426 -7.96 63.59 -22.62
CA PHE Z 426 -9.15 63.32 -23.44
C PHE Z 426 -9.52 61.86 -23.32
N GLN Z 427 -10.76 61.60 -22.90
CA GLN Z 427 -11.33 60.26 -22.78
C GLN Z 427 -10.40 59.32 -22.01
N ASN Z 428 -9.90 59.79 -20.87
CA ASN Z 428 -8.94 59.11 -20.01
C ASN Z 428 -7.56 58.94 -20.63
N LEU Z 429 -7.36 59.32 -21.89
CA LEU Z 429 -6.01 59.59 -22.35
C LEU Z 429 -5.47 60.86 -21.71
N MET Z 430 -4.15 60.96 -21.66
CA MET Z 430 -3.46 62.09 -21.06
C MET Z 430 -2.46 62.62 -22.07
N TYR Z 431 -2.29 63.94 -22.08
CA TYR Z 431 -1.79 64.62 -23.26
C TYR Z 431 -0.78 65.68 -22.85
N ARG Z 432 0.03 66.08 -23.82
CA ARG Z 432 1.01 67.15 -23.70
C ARG Z 432 0.77 68.18 -24.80
N GLY Z 433 1.14 69.43 -24.50
CA GLY Z 433 1.06 70.45 -25.54
C GLY Z 433 2.11 71.54 -25.43
N GLU Z 434 2.64 71.90 -26.60
CA GLU Z 434 3.86 72.71 -26.67
C GLU Z 434 3.67 74.10 -26.10
N TYR Z 435 2.50 74.70 -26.29
CA TYR Z 435 2.27 76.10 -25.94
C TYR Z 435 1.24 76.29 -24.84
N LEU Z 436 0.71 75.20 -24.28
CA LEU Z 436 -0.32 75.28 -23.26
C LEU Z 436 0.19 75.90 -21.96
N ALA Z 437 1.48 75.78 -21.67
CA ALA Z 437 2.01 76.28 -20.41
C ALA Z 437 1.90 77.79 -20.27
N GLY Z 438 1.73 78.52 -21.36
CA GLY Z 438 1.45 79.94 -21.25
C GLY Z 438 0.09 80.29 -20.73
N TYR Z 439 -0.74 79.30 -20.42
CA TYR Z 439 -2.12 79.53 -20.02
C TYR Z 439 -2.43 78.80 -18.72
N ALA Z 440 -3.20 79.46 -17.86
CA ALA Z 440 -3.83 78.81 -16.72
C ALA Z 440 -4.96 77.89 -17.19
N GLY Z 441 -5.44 77.08 -16.25
CA GLY Z 441 -6.56 76.22 -16.51
C GLY Z 441 -7.83 76.96 -16.90
N GLU Z 442 -8.38 76.63 -18.08
CA GLU Z 442 -9.42 77.42 -18.70
C GLU Z 442 -10.16 76.54 -19.69
N THR Z 443 -11.39 76.94 -20.02
CA THR Z 443 -12.19 76.21 -20.99
C THR Z 443 -11.49 76.19 -22.35
N VAL Z 444 -11.45 75.01 -22.97
CA VAL Z 444 -10.73 74.81 -24.21
C VAL Z 444 -11.59 74.06 -25.21
N ASN Z 445 -11.30 74.24 -26.50
CA ASN Z 445 -11.88 73.46 -27.58
C ASN Z 445 -10.77 72.72 -28.32
N LEU Z 446 -11.06 71.51 -28.75
CA LEU Z 446 -10.04 70.62 -29.31
C LEU Z 446 -10.63 69.78 -30.43
N ARG Z 447 -9.80 69.46 -31.42
CA ARG Z 447 -10.23 68.77 -32.62
C ARG Z 447 -9.29 67.58 -32.86
N PHE Z 448 -9.87 66.48 -33.32
CA PHE Z 448 -9.19 65.20 -33.35
C PHE Z 448 -9.67 64.37 -34.53
N ASP Z 449 -8.76 63.58 -35.09
CA ASP Z 449 -9.13 62.55 -36.04
C ASP Z 449 -9.50 61.29 -35.27
N PRO Z 450 -10.76 60.85 -35.31
CA PRO Z 450 -11.12 59.59 -34.64
C PRO Z 450 -10.32 58.39 -35.12
N ARG Z 451 -9.79 58.43 -36.34
CA ARG Z 451 -8.92 57.38 -36.85
C ARG Z 451 -7.44 57.60 -36.56
N ASP Z 452 -7.07 58.71 -35.93
CA ASP Z 452 -5.68 58.95 -35.55
C ASP Z 452 -5.66 59.88 -34.34
N ILE Z 453 -6.17 59.37 -33.21
CA ILE Z 453 -6.24 60.09 -31.95
C ILE Z 453 -4.86 60.20 -31.29
N THR Z 454 -3.82 59.85 -32.03
CA THR Z 454 -2.44 60.08 -31.56
C THR Z 454 -2.14 61.55 -31.32
N THR Z 455 -2.88 62.46 -31.95
CA THR Z 455 -2.63 63.88 -31.80
C THR Z 455 -3.95 64.64 -31.83
N ILE Z 456 -3.94 65.84 -31.26
CA ILE Z 456 -5.11 66.70 -31.20
C ILE Z 456 -4.70 68.10 -31.62
N LEU Z 457 -5.64 68.82 -32.23
CA LEU Z 457 -5.51 70.23 -32.53
C LEU Z 457 -6.36 71.02 -31.55
N VAL Z 458 -5.76 72.03 -30.94
CA VAL Z 458 -6.33 72.69 -29.77
C VAL Z 458 -6.64 74.13 -30.14
N TYR Z 459 -7.76 74.63 -29.63
CA TYR Z 459 -8.31 75.90 -30.09
C TYR Z 459 -8.77 76.73 -28.91
N ARG Z 460 -8.64 78.04 -29.08
CA ARG Z 460 -8.93 79.04 -28.06
C ARG Z 460 -9.84 80.09 -28.63
N GLN Z 461 -10.57 80.77 -27.75
CA GLN Z 461 -11.73 81.58 -28.10
C GLN Z 461 -11.38 83.06 -28.19
N GLU Z 462 -10.23 83.37 -28.77
CA GLU Z 462 -9.68 84.73 -28.75
C GLU Z 462 -10.61 85.72 -29.43
N ASN Z 463 -10.88 86.83 -28.74
CA ASN Z 463 -11.79 87.88 -29.22
C ASN Z 463 -13.15 87.32 -29.64
N ASN Z 464 -13.62 86.31 -28.91
CA ASN Z 464 -14.84 85.56 -29.23
C ASN Z 464 -14.74 84.84 -30.56
N GLN Z 465 -13.54 84.55 -31.03
CA GLN Z 465 -13.34 83.78 -32.25
C GLN Z 465 -12.42 82.60 -31.94
N GLU Z 466 -12.68 81.46 -32.59
CA GLU Z 466 -11.80 80.31 -32.46
C GLU Z 466 -10.44 80.62 -33.08
N VAL Z 467 -9.38 80.38 -32.30
CA VAL Z 467 -8.01 80.61 -32.73
C VAL Z 467 -7.19 79.42 -32.26
N PHE Z 468 -6.16 79.10 -33.03
CA PHE Z 468 -5.35 77.92 -32.76
C PHE Z 468 -4.52 78.16 -31.50
N LEU Z 469 -4.57 77.19 -30.57
CA LEU Z 469 -3.54 77.11 -29.53
C LEU Z 469 -2.30 76.40 -30.04
N THR Z 470 -2.40 75.10 -30.24
CA THR Z 470 -1.28 74.26 -30.65
C THR Z 470 -1.83 72.91 -31.05
N ARG Z 471 -1.02 72.15 -31.77
CA ARG Z 471 -1.12 70.70 -31.83
C ARG Z 471 -0.54 70.06 -30.58
N ALA Z 472 -1.01 68.85 -30.27
CA ALA Z 472 -0.76 68.22 -28.98
C ALA Z 472 -0.64 66.71 -29.19
N HIS Z 473 -0.07 66.03 -28.19
CA HIS Z 473 0.16 64.60 -28.30
C HIS Z 473 -0.06 63.91 -26.97
N ALA Z 474 -0.40 62.63 -27.03
CA ALA Z 474 -0.49 61.79 -25.84
C ALA Z 474 0.90 61.61 -25.23
N GLN Z 475 0.94 61.52 -23.90
CA GLN Z 475 2.21 61.54 -23.20
C GLN Z 475 3.12 60.38 -23.61
N GLY Z 476 4.24 60.70 -24.28
CA GLY Z 476 5.19 59.70 -24.72
C GLY Z 476 4.79 58.88 -25.93
N LEU Z 477 3.62 59.11 -26.51
CA LEU Z 477 3.15 58.31 -27.64
C LEU Z 477 3.74 58.83 -28.95
N GLU Z 478 4.66 58.06 -29.54
CA GLU Z 478 5.18 58.38 -30.86
C GLU Z 478 5.56 57.12 -31.64
N THR Z 479 5.94 56.06 -30.93
CA THR Z 479 6.36 54.83 -31.59
C THR Z 479 5.19 54.09 -32.25
N GLU Z 480 3.96 54.43 -31.92
CA GLU Z 480 2.79 53.78 -32.51
C GLU Z 480 1.66 54.79 -32.62
N GLN Z 481 0.63 54.40 -33.39
CA GLN Z 481 -0.53 55.24 -33.62
C GLN Z 481 -1.80 54.53 -33.14
N LEU Z 482 -2.78 55.34 -32.71
CA LEU Z 482 -3.95 54.86 -31.99
C LEU Z 482 -5.22 55.41 -32.63
N ALA Z 483 -6.28 54.62 -32.60
CA ALA Z 483 -7.60 55.07 -33.02
C ALA Z 483 -8.53 55.24 -31.83
N LEU Z 484 -9.57 56.03 -32.05
CA LEU Z 484 -10.50 56.40 -30.98
C LEU Z 484 -11.41 55.24 -30.56
N ASP Z 485 -11.94 54.49 -31.52
CA ASP Z 485 -12.88 53.42 -31.22
C ASP Z 485 -12.26 52.31 -30.36
N GLU Z 486 -11.03 51.91 -30.67
CA GLU Z 486 -10.34 50.91 -29.86
C GLU Z 486 -9.93 51.43 -28.49
N ALA Z 487 -9.57 52.71 -28.39
CA ALA Z 487 -9.29 53.30 -27.09
C ALA Z 487 -10.53 53.43 -26.21
N GLU Z 488 -11.69 53.72 -26.81
CA GLU Z 488 -12.95 53.72 -26.05
C GLU Z 488 -13.29 52.33 -25.52
N ALA Z 489 -13.18 51.31 -26.35
CA ALA Z 489 -13.42 49.94 -25.90
C ALA Z 489 -12.44 49.53 -24.81
N ALA Z 490 -11.17 49.87 -24.96
CA ALA Z 490 -10.16 49.55 -23.96
C ALA Z 490 -10.49 50.13 -22.59
N SER Z 491 -11.08 51.33 -22.54
CA SER Z 491 -11.42 51.92 -21.25
C SER Z 491 -12.45 51.09 -20.48
N ARG Z 492 -13.28 50.31 -21.18
CA ARG Z 492 -14.23 49.45 -20.47
C ARG Z 492 -13.52 48.30 -19.75
N ARG Z 493 -12.69 47.56 -20.47
CA ARG Z 493 -11.90 46.48 -19.89
C ARG Z 493 -10.81 46.98 -18.95
N LEU Z 494 -10.31 48.20 -19.17
CA LEU Z 494 -9.37 48.82 -18.24
C LEU Z 494 -9.96 48.97 -16.83
N ARG Z 495 -11.07 49.71 -16.72
CA ARG Z 495 -11.62 50.04 -15.41
C ARG Z 495 -12.24 48.83 -14.72
N THR Z 496 -12.95 47.98 -15.46
CA THR Z 496 -13.64 46.85 -14.83
C THR Z 496 -12.66 45.85 -14.19
N ALA Z 497 -11.43 45.77 -14.69
CA ALA Z 497 -10.40 44.96 -14.05
C ALA Z 497 -9.74 45.65 -12.85
N GLY Z 498 -10.11 46.89 -12.54
CA GLY Z 498 -9.51 47.58 -11.42
C GLY Z 498 -8.12 48.09 -11.68
N LYS Z 499 -7.72 48.17 -12.94
CA LYS Z 499 -6.41 48.67 -13.31
C LYS Z 499 -6.28 50.14 -12.93
N THR Z 500 -5.06 50.56 -12.60
CA THR Z 500 -4.81 51.97 -12.38
C THR Z 500 -4.99 52.71 -13.69
N ILE Z 501 -5.87 53.71 -13.67
CA ILE Z 501 -6.27 54.42 -14.89
C ILE Z 501 -5.16 55.38 -15.31
N SER Z 502 -4.72 55.24 -16.56
CA SER Z 502 -3.70 56.10 -17.15
C SER Z 502 -3.68 55.84 -18.64
N ASN Z 503 -3.07 56.76 -19.38
CA ASN Z 503 -2.81 56.50 -20.80
C ASN Z 503 -1.87 55.32 -20.99
N GLN Z 504 -0.94 55.11 -20.07
CA GLN Z 504 -0.03 53.97 -20.15
C GLN Z 504 -0.79 52.64 -20.14
N SER Z 505 -1.67 52.46 -19.15
CA SER Z 505 -2.41 51.21 -19.02
C SER Z 505 -3.53 51.11 -20.07
N LEU Z 506 -4.20 52.22 -20.35
CA LEU Z 506 -5.23 52.24 -21.37
C LEU Z 506 -4.69 51.77 -22.72
N LEU Z 507 -3.50 52.21 -23.10
CA LEU Z 507 -2.89 51.79 -24.36
C LEU Z 507 -2.68 50.28 -24.42
N GLN Z 508 -2.39 49.65 -23.28
CA GLN Z 508 -2.21 48.19 -23.29
C GLN Z 508 -3.52 47.48 -23.56
N GLU Z 509 -4.62 47.94 -22.94
CA GLU Z 509 -5.92 47.35 -23.18
C GLU Z 509 -6.43 47.59 -24.60
N VAL Z 510 -5.76 48.44 -25.37
CA VAL Z 510 -6.03 48.53 -26.80
C VAL Z 510 -5.46 47.33 -27.56
N VAL Z 511 -4.29 46.85 -27.14
CA VAL Z 511 -3.52 45.93 -27.96
C VAL Z 511 -3.45 44.53 -27.38
N ASP Z 512 -3.57 44.38 -26.06
CA ASP Z 512 -3.67 43.06 -25.46
C ASP Z 512 -4.94 42.34 -25.89
N GLU Z 525 -12.47 38.39 -35.35
CA GLU Z 525 -13.70 38.99 -34.84
C GLU Z 525 -14.42 39.76 -35.95
N ARG Z 526 -15.75 39.79 -35.86
CA ARG Z 526 -16.58 40.39 -36.91
C ARG Z 526 -16.11 41.81 -37.24
N GLN Z 527 -16.13 42.69 -36.24
CA GLN Z 527 -15.69 44.07 -36.44
C GLN Z 527 -14.21 44.17 -36.75
N LYS Z 528 -13.40 43.22 -36.26
CA LYS Z 528 -11.98 43.22 -36.61
C LYS Z 528 -11.77 42.90 -38.08
N LEU Z 529 -12.47 41.89 -38.60
CA LEU Z 529 -12.44 41.61 -40.03
C LEU Z 529 -12.95 42.80 -40.83
N GLU Z 530 -14.11 43.33 -40.44
CA GLU Z 530 -14.71 44.48 -41.13
C GLU Z 530 -13.77 45.68 -41.16
N GLN Z 531 -13.21 46.06 -40.01
CA GLN Z 531 -12.33 47.22 -39.96
C GLN Z 531 -11.03 47.00 -40.73
N THR Z 532 -10.48 45.79 -40.70
CA THR Z 532 -9.27 45.49 -41.45
C THR Z 532 -9.52 45.29 -42.95
N VAL Z 533 -10.76 45.09 -43.36
CA VAL Z 533 -11.11 45.27 -44.76
C VAL Z 533 -11.11 46.75 -45.14
N LEU Z 534 -11.78 47.58 -44.34
CA LEU Z 534 -11.81 49.02 -44.58
C LEU Z 534 -10.43 49.65 -44.50
N ARG Z 535 -9.47 49.00 -43.83
CA ARG Z 535 -8.07 49.45 -43.87
C ARG Z 535 -7.51 49.54 -45.29
N SER Z 536 -8.01 48.74 -46.22
CA SER Z 536 -7.59 48.85 -47.61
C SER Z 536 -8.08 50.17 -48.20
N ALA Z 537 -7.15 51.07 -48.51
CA ALA Z 537 -7.50 52.46 -48.77
C ALA Z 537 -6.55 53.08 -49.78
N ALA Z 538 -7.09 54.04 -50.55
CA ALA Z 538 -6.41 54.62 -51.71
C ALA Z 538 -5.17 55.42 -51.33
N VAL Z 539 -5.02 55.81 -50.07
CA VAL Z 539 -3.83 56.53 -49.63
C VAL Z 539 -2.58 55.68 -49.75
N ASP Z 540 -2.73 54.36 -49.80
CA ASP Z 540 -1.62 53.46 -50.08
C ASP Z 540 -1.49 53.14 -51.57
N GLU Z 541 -2.38 53.64 -52.42
CA GLU Z 541 -2.51 53.16 -53.78
C GLU Z 541 -2.46 54.25 -54.85
N SER Z 542 -2.69 55.51 -54.50
CA SER Z 542 -2.83 56.56 -55.50
C SER Z 542 -1.48 56.92 -56.12
N ASP AA 196 -86.37 5.66 -98.95
CA ASP AA 196 -87.23 4.51 -99.20
C ASP AA 196 -86.95 3.36 -98.23
N TYR AA 197 -85.72 2.86 -98.23
CA TYR AA 197 -85.36 1.74 -97.38
C TYR AA 197 -85.40 2.11 -95.90
N SER AA 198 -85.59 1.09 -95.07
CA SER AA 198 -85.34 1.18 -93.64
C SER AA 198 -83.89 1.56 -93.36
N ASN AA 199 -83.68 2.26 -92.25
CA ASN AA 199 -82.42 2.91 -91.83
C ASN AA 199 -82.08 4.17 -92.61
N HIS AA 200 -82.96 4.63 -93.49
CA HIS AA 200 -82.75 5.88 -94.21
C HIS AA 200 -82.87 7.08 -93.27
N VAL AA 201 -84.08 7.33 -92.76
CA VAL AA 201 -84.37 8.42 -91.85
C VAL AA 201 -84.59 7.87 -90.46
N TRP AA 202 -83.86 8.40 -89.48
CA TRP AA 202 -83.92 7.99 -88.09
C TRP AA 202 -84.69 9.04 -87.29
N GLN AA 203 -85.78 8.62 -86.67
CA GLN AA 203 -86.58 9.51 -85.84
C GLN AA 203 -86.01 9.55 -84.42
N CYS AA 204 -86.09 10.72 -83.80
CA CYS AA 204 -85.73 10.90 -82.39
C CYS AA 204 -86.94 11.44 -81.65
N ASP AA 205 -87.34 10.73 -80.58
CA ASP AA 205 -88.58 11.05 -79.87
C ASP AA 205 -88.29 11.30 -78.40
N HIS AA 206 -89.13 12.12 -77.78
CA HIS AA 206 -89.03 12.43 -76.36
C HIS AA 206 -90.35 12.17 -75.65
N THR AA 207 -90.27 11.80 -74.38
CA THR AA 207 -91.41 11.85 -73.49
C THR AA 207 -90.91 11.99 -72.06
N ARG AA 208 -91.84 12.29 -71.16
CA ARG AA 208 -91.58 12.36 -69.72
C ARG AA 208 -92.30 11.22 -69.03
N VAL AA 209 -91.54 10.34 -68.38
CA VAL AA 209 -92.08 9.11 -67.81
C VAL AA 209 -92.82 9.45 -66.52
N ASP AA 210 -94.13 9.15 -66.48
CA ASP AA 210 -94.93 9.34 -65.28
C ASP AA 210 -94.74 8.18 -64.30
N VAL AA 211 -93.47 7.96 -63.94
CA VAL AA 211 -93.12 7.13 -62.79
C VAL AA 211 -92.08 7.86 -61.97
N LEU AA 212 -92.43 8.20 -60.73
CA LEU AA 212 -91.51 8.82 -59.79
C LEU AA 212 -90.63 7.77 -59.13
N LEU AA 213 -89.40 8.16 -58.81
CA LEU AA 213 -88.37 7.26 -58.30
C LEU AA 213 -87.85 7.74 -56.95
N VAL AA 214 -87.24 6.82 -56.22
CA VAL AA 214 -86.63 7.09 -54.92
C VAL AA 214 -85.13 6.83 -55.03
N ASP AA 215 -84.35 7.66 -54.34
CA ASP AA 215 -82.90 7.58 -54.37
C ASP AA 215 -82.39 6.47 -53.45
N GLN AA 216 -81.11 6.14 -53.63
CA GLN AA 216 -80.48 5.04 -52.91
C GLN AA 216 -80.63 5.19 -51.41
N HIS AA 217 -80.68 6.42 -50.91
CA HIS AA 217 -80.79 6.72 -49.50
C HIS AA 217 -82.17 7.21 -49.12
N GLY AA 218 -83.14 7.10 -50.02
CA GLY AA 218 -84.52 7.35 -49.72
C GLY AA 218 -85.04 8.70 -50.17
N GLU AA 219 -84.20 9.54 -50.76
CA GLU AA 219 -84.69 10.80 -51.30
C GLU AA 219 -85.60 10.52 -52.49
N ILE AA 220 -86.70 11.27 -52.57
CA ILE AA 220 -87.54 11.23 -53.76
C ILE AA 220 -86.80 11.82 -54.94
N LEU AA 221 -86.68 11.06 -56.02
CA LEU AA 221 -86.21 11.59 -57.28
C LEU AA 221 -87.37 12.22 -58.04
N SER AA 222 -87.06 12.85 -59.18
CA SER AA 222 -88.10 13.37 -60.05
C SER AA 222 -88.75 12.29 -60.91
N ARG AA 223 -89.42 12.72 -61.98
CA ARG AA 223 -89.86 11.83 -63.04
C ARG AA 223 -88.96 12.01 -64.25
N PRO AA 224 -88.32 10.96 -64.77
CA PRO AA 224 -87.31 11.16 -65.81
C PRO AA 224 -87.95 11.43 -67.16
N TRP AA 225 -87.23 12.18 -67.99
CA TRP AA 225 -87.53 12.22 -69.42
C TRP AA 225 -86.93 11.02 -70.14
N LEU AA 226 -87.72 10.46 -71.06
CA LEU AA 226 -87.29 9.39 -71.94
C LEU AA 226 -87.07 9.94 -73.34
N THR AA 227 -85.91 9.63 -73.92
CA THR AA 227 -85.59 9.93 -75.30
C THR AA 227 -85.16 8.67 -76.02
N THR AA 228 -85.62 8.49 -77.25
CA THR AA 228 -85.38 7.26 -78.00
C THR AA 228 -85.17 7.54 -79.48
N VAL AA 229 -84.34 6.71 -80.08
CA VAL AA 229 -84.02 6.74 -81.51
C VAL AA 229 -84.60 5.49 -82.17
N ILE AA 230 -85.42 5.69 -83.19
CA ILE AA 230 -86.18 4.63 -83.83
C ILE AA 230 -86.06 4.80 -85.33
N ASP AA 231 -86.24 3.70 -86.04
CA ASP AA 231 -86.28 3.77 -87.49
C ASP AA 231 -87.56 4.47 -87.96
N THR AA 232 -87.55 4.91 -89.22
CA THR AA 232 -88.79 5.30 -89.87
C THR AA 232 -89.55 4.08 -90.37
N TYR AA 233 -88.94 3.31 -91.26
CA TYR AA 233 -89.67 2.30 -92.03
C TYR AA 233 -89.76 0.96 -91.32
N SER AA 234 -88.84 0.66 -90.43
CA SER AA 234 -89.15 -0.23 -89.32
C SER AA 234 -89.63 0.57 -88.12
N ARG AA 235 -90.31 -0.11 -87.21
CA ARG AA 235 -90.59 0.43 -85.90
C ARG AA 235 -89.49 0.08 -84.89
N CYS AA 236 -88.36 -0.41 -85.38
CA CYS AA 236 -87.25 -0.81 -84.52
C CYS AA 236 -86.82 0.32 -83.59
N ILE AA 237 -86.46 -0.03 -82.37
CA ILE AA 237 -85.82 0.89 -81.44
C ILE AA 237 -84.33 0.60 -81.49
N MET AA 238 -83.53 1.64 -81.75
CA MET AA 238 -82.09 1.46 -81.85
C MET AA 238 -81.28 2.30 -80.87
N GLY AA 239 -81.86 3.31 -80.25
CA GLY AA 239 -81.14 4.11 -79.27
C GLY AA 239 -82.10 4.63 -78.24
N ILE AA 240 -81.58 4.86 -77.03
CA ILE AA 240 -82.39 5.34 -75.92
C ILE AA 240 -81.49 6.09 -74.95
N ASN AA 241 -82.04 7.14 -74.34
CA ASN AA 241 -81.52 7.63 -73.07
C ASN AA 241 -82.67 8.08 -72.18
N LEU AA 242 -82.49 7.87 -70.88
CA LEU AA 242 -83.49 8.17 -69.87
C LEU AA 242 -82.80 8.85 -68.69
N GLY AA 243 -83.45 9.87 -68.14
CA GLY AA 243 -82.89 10.54 -66.99
C GLY AA 243 -83.66 11.81 -66.67
N PHE AA 244 -83.17 12.50 -65.65
CA PHE AA 244 -83.78 13.73 -65.16
C PHE AA 244 -83.27 14.96 -65.89
N ASP AA 245 -82.36 14.80 -66.84
CA ASP AA 245 -81.95 15.89 -67.70
C ASP AA 245 -83.10 16.26 -68.62
N ALA AA 246 -83.35 17.56 -68.77
CA ALA AA 246 -84.42 18.01 -69.65
C ALA AA 246 -84.12 17.64 -71.09
N PRO AA 247 -85.15 17.46 -71.91
CA PRO AA 247 -84.94 17.09 -73.33
C PRO AA 247 -84.45 18.27 -74.16
N SER AA 248 -83.35 18.87 -73.73
CA SER AA 248 -82.58 19.77 -74.58
C SER AA 248 -81.73 18.96 -75.56
N SER AA 249 -80.78 19.63 -76.20
CA SER AA 249 -79.82 18.96 -77.06
C SER AA 249 -79.03 17.87 -76.35
N GLY AA 250 -79.01 17.87 -75.03
CA GLY AA 250 -78.19 16.92 -74.31
C GLY AA 250 -78.61 15.49 -74.50
N VAL AA 251 -79.81 15.16 -74.02
CA VAL AA 251 -80.29 13.79 -74.03
C VAL AA 251 -80.38 13.20 -75.44
N VAL AA 252 -80.63 14.05 -76.44
CA VAL AA 252 -80.62 13.57 -77.82
C VAL AA 252 -79.20 13.33 -78.34
N ALA AA 253 -78.26 14.20 -78.00
CA ALA AA 253 -76.87 13.99 -78.40
C ALA AA 253 -76.29 12.70 -77.84
N LEU AA 254 -76.69 12.31 -76.64
CA LEU AA 254 -76.31 11.01 -76.10
C LEU AA 254 -77.04 9.86 -76.80
N ALA AA 255 -78.34 10.04 -77.07
CA ALA AA 255 -79.12 8.97 -77.70
C ALA AA 255 -78.64 8.67 -79.11
N LEU AA 256 -78.05 9.64 -79.81
CA LEU AA 256 -77.29 9.32 -81.01
C LEU AA 256 -76.12 8.41 -80.70
N ARG AA 257 -75.27 8.79 -79.74
CA ARG AA 257 -74.13 7.97 -79.40
C ARG AA 257 -74.57 6.56 -79.01
N HIS AA 258 -75.67 6.46 -78.29
CA HIS AA 258 -76.19 5.15 -77.90
C HIS AA 258 -76.36 4.22 -79.08
N ALA AA 259 -76.91 4.71 -80.19
CA ALA AA 259 -77.27 3.82 -81.30
C ALA AA 259 -76.06 3.43 -82.13
N ILE AA 260 -75.25 4.40 -82.53
CA ILE AA 260 -74.22 4.15 -83.54
C ILE AA 260 -73.09 3.26 -83.05
N LEU AA 261 -72.78 3.23 -81.76
CA LEU AA 261 -71.77 2.30 -81.29
C LEU AA 261 -72.31 0.88 -81.11
N PRO AA 262 -71.43 -0.12 -81.17
CA PRO AA 262 -71.79 -1.47 -80.73
C PRO AA 262 -72.47 -1.50 -79.37
N LYS AA 263 -73.61 -2.19 -79.29
CA LYS AA 263 -74.41 -2.23 -78.07
C LYS AA 263 -73.87 -3.28 -77.09
N ARG AA 264 -72.74 -2.94 -76.48
CA ARG AA 264 -72.27 -3.69 -75.31
C ARG AA 264 -73.34 -3.69 -74.22
N TYR AA 265 -73.43 -4.80 -73.49
CA TYR AA 265 -74.45 -4.95 -72.45
C TYR AA 265 -73.90 -5.72 -71.27
N GLY AA 266 -74.48 -5.46 -70.11
CA GLY AA 266 -74.08 -6.08 -68.86
C GLY AA 266 -74.91 -7.28 -68.47
N SER AA 267 -74.31 -8.16 -67.68
CA SER AA 267 -75.01 -9.32 -67.16
C SER AA 267 -76.19 -8.93 -66.28
N GLU AA 268 -76.08 -7.83 -65.53
CA GLU AA 268 -77.15 -7.41 -64.64
C GLU AA 268 -78.45 -7.14 -65.36
N TYR AA 269 -78.39 -6.90 -66.67
CA TYR AA 269 -79.59 -6.70 -67.45
C TYR AA 269 -80.41 -7.97 -67.58
N LYS AA 270 -79.76 -9.14 -67.47
CA LYS AA 270 -80.39 -10.43 -67.71
C LYS AA 270 -80.98 -10.51 -69.12
N LEU AA 271 -80.29 -9.90 -70.08
CA LEU AA 271 -80.75 -9.91 -71.47
C LEU AA 271 -80.82 -11.32 -72.02
N HIS AA 272 -81.87 -11.59 -72.81
CA HIS AA 272 -81.84 -12.72 -73.73
C HIS AA 272 -81.14 -12.37 -75.04
N CYS AA 273 -81.55 -11.28 -75.67
CA CYS AA 273 -81.10 -10.93 -77.01
C CYS AA 273 -79.91 -9.97 -76.97
N GLU AA 274 -78.96 -10.19 -77.88
CA GLU AA 274 -78.04 -9.13 -78.27
C GLU AA 274 -78.79 -8.05 -79.04
N TRP AA 275 -78.64 -6.79 -78.64
CA TRP AA 275 -79.29 -5.73 -79.39
C TRP AA 275 -78.57 -5.50 -80.71
N GLY AA 276 -77.26 -5.28 -80.67
CA GLY AA 276 -76.40 -5.34 -81.84
C GLY AA 276 -76.63 -4.32 -82.95
N THR AA 277 -77.45 -3.32 -82.69
CA THR AA 277 -77.91 -2.39 -83.73
C THR AA 277 -76.90 -1.30 -84.10
N TYR AA 278 -75.62 -1.62 -84.28
CA TYR AA 278 -74.67 -0.61 -84.74
C TYR AA 278 -75.03 -0.12 -86.13
N GLY AA 279 -74.37 0.97 -86.52
CA GLY AA 279 -74.51 1.52 -87.85
C GLY AA 279 -74.54 3.03 -87.85
N LYS AA 280 -73.75 3.65 -88.73
CA LYS AA 280 -73.85 5.08 -88.97
C LYS AA 280 -75.18 5.42 -89.64
N PRO AA 281 -76.04 6.24 -89.02
CA PRO AA 281 -77.22 6.78 -89.71
C PRO AA 281 -76.86 7.63 -90.92
N GLU AA 282 -77.90 8.05 -91.65
CA GLU AA 282 -77.69 8.97 -92.76
C GLU AA 282 -78.69 10.13 -92.79
N HIS AA 283 -79.89 9.93 -92.27
CA HIS AA 283 -80.80 11.04 -91.98
C HIS AA 283 -81.36 10.92 -90.57
N PHE AA 284 -81.54 12.06 -89.92
CA PHE AA 284 -81.95 12.11 -88.52
C PHE AA 284 -82.92 13.28 -88.34
N TYR AA 285 -83.92 13.08 -87.47
CA TYR AA 285 -85.08 13.96 -87.43
C TYR AA 285 -85.55 14.15 -85.99
N THR AA 286 -85.61 15.40 -85.53
CA THR AA 286 -85.94 15.70 -84.13
C THR AA 286 -86.86 16.91 -84.04
N ASP AA 287 -87.49 17.06 -82.89
CA ASP AA 287 -87.95 18.37 -82.44
C ASP AA 287 -86.79 19.25 -81.96
N SER AA 294 -81.13 24.18 -79.18
CA SER AA 294 -80.04 24.91 -79.83
C SER AA 294 -79.51 24.14 -81.05
N ASN AA 295 -78.55 24.76 -81.75
CA ASN AA 295 -78.09 24.27 -83.04
C ASN AA 295 -77.17 23.06 -82.95
N HIS AA 296 -76.65 22.72 -81.76
CA HIS AA 296 -75.54 21.77 -81.65
C HIS AA 296 -75.77 20.46 -82.40
N LEU AA 297 -77.02 20.03 -82.52
CA LEU AA 297 -77.33 18.85 -83.31
C LEU AA 297 -76.79 18.95 -84.74
N SER AA 298 -76.78 20.16 -85.29
CA SER AA 298 -76.28 20.39 -86.64
C SER AA 298 -74.79 20.11 -86.76
N GLN AA 299 -73.99 20.56 -85.79
CA GLN AA 299 -72.56 20.28 -85.80
C GLN AA 299 -72.28 18.78 -85.73
N ILE AA 300 -73.02 18.04 -84.90
CA ILE AA 300 -72.84 16.59 -84.85
C ILE AA 300 -73.19 15.97 -86.19
N GLY AA 301 -74.38 16.28 -86.70
CA GLY AA 301 -74.79 15.75 -87.99
C GLY AA 301 -73.77 16.02 -89.08
N ALA AA 302 -73.26 17.25 -89.13
CA ALA AA 302 -72.20 17.59 -90.08
C ALA AA 302 -70.96 16.73 -89.87
N GLN AA 303 -70.42 16.74 -88.66
CA GLN AA 303 -69.16 16.04 -88.40
C GLN AA 303 -69.29 14.54 -88.65
N LEU AA 304 -70.45 13.96 -88.37
CA LEU AA 304 -70.65 12.55 -88.65
C LEU AA 304 -71.12 12.30 -90.07
N GLY AA 305 -71.37 13.37 -90.84
CA GLY AA 305 -71.77 13.25 -92.22
C GLY AA 305 -73.13 12.65 -92.46
N PHE AA 306 -74.13 13.10 -91.69
CA PHE AA 306 -75.51 12.74 -91.97
C PHE AA 306 -76.38 13.98 -91.83
N VAL AA 307 -77.37 14.12 -92.71
CA VAL AA 307 -78.23 15.29 -92.70
C VAL AA 307 -79.08 15.28 -91.43
N CYS AA 308 -79.06 16.38 -90.70
CA CYS AA 308 -80.03 16.61 -89.63
C CYS AA 308 -81.04 17.64 -90.13
N HIS AA 309 -82.31 17.24 -90.15
CA HIS AA 309 -83.37 18.10 -90.66
C HIS AA 309 -84.48 18.21 -89.63
N LEU AA 310 -84.08 18.40 -88.38
CA LEU AA 310 -84.98 18.61 -87.25
C LEU AA 310 -85.93 19.78 -87.51
N ARG AA 311 -87.08 19.75 -86.84
CA ARG AA 311 -88.10 20.77 -86.99
C ARG AA 311 -87.58 22.11 -86.52
N PRO AA 323 -95.55 7.72 -80.43
CA PRO AA 323 -95.43 6.27 -80.46
C PRO AA 323 -95.02 5.69 -79.10
N PHE AA 324 -94.54 6.58 -78.22
CA PHE AA 324 -94.20 6.18 -76.85
C PHE AA 324 -95.41 5.67 -76.07
N LYS AA 325 -96.63 6.06 -76.46
CA LYS AA 325 -97.83 5.58 -75.80
C LYS AA 325 -97.98 4.06 -75.82
N THR AA 326 -97.22 3.36 -76.66
CA THR AA 326 -97.11 1.91 -76.53
C THR AA 326 -96.69 1.49 -75.12
N LEU AA 327 -95.80 2.25 -74.48
CA LEU AA 327 -95.45 1.98 -73.10
C LEU AA 327 -96.44 2.55 -72.11
N ASN AA 328 -97.21 3.57 -72.50
CA ASN AA 328 -98.34 4.00 -71.68
C ASN AA 328 -99.42 2.93 -71.63
N ASP AA 329 -99.67 2.27 -72.76
CA ASP AA 329 -100.63 1.17 -72.77
C ASP AA 329 -100.11 -0.04 -72.01
N GLN AA 330 -98.82 -0.32 -72.12
CA GLN AA 330 -98.24 -1.47 -71.42
C GLN AA 330 -98.18 -1.23 -69.91
N LEU AA 331 -98.04 -2.34 -69.17
CA LEU AA 331 -97.98 -2.35 -67.71
C LEU AA 331 -96.82 -1.52 -67.16
N PHE AA 332 -95.86 -1.13 -68.00
CA PHE AA 332 -94.83 -0.17 -67.63
C PHE AA 332 -95.42 1.02 -66.87
N SER AA 333 -96.59 1.49 -67.28
CA SER AA 333 -97.29 2.57 -66.60
C SER AA 333 -97.95 2.13 -65.26
N THR AA 334 -97.63 0.98 -64.67
CA THR AA 334 -98.20 0.56 -63.40
C THR AA 334 -97.19 0.14 -62.35
N LEU AA 335 -95.89 0.25 -62.64
CA LEU AA 335 -94.87 -0.01 -61.62
C LEU AA 335 -94.97 1.00 -60.49
N PRO AA 336 -94.52 0.65 -59.28
CA PRO AA 336 -94.76 1.48 -58.10
C PRO AA 336 -94.42 2.95 -58.31
N GLY AA 337 -95.31 3.82 -57.86
CA GLY AA 337 -95.15 5.24 -58.04
C GLY AA 337 -95.57 5.72 -59.40
N TYR AA 338 -96.41 4.97 -60.10
CA TYR AA 338 -96.87 5.36 -61.42
C TYR AA 338 -97.92 6.47 -61.31
N THR AA 339 -97.99 7.29 -62.36
CA THR AA 339 -99.05 8.27 -62.59
C THR AA 339 -99.44 9.06 -61.34
N ASP AA 353 -95.65 3.89 -54.23
CA ASP AA 353 -94.72 4.16 -53.14
C ASP AA 353 -93.32 4.50 -53.66
N ALA AA 354 -93.21 4.68 -54.98
CA ALA AA 354 -91.96 5.09 -55.64
C ALA AA 354 -90.80 4.14 -55.33
N ARG AA 355 -91.10 2.88 -55.03
CA ARG AA 355 -90.09 1.91 -54.60
C ARG AA 355 -89.24 1.39 -55.75
N LEU AA 356 -88.74 2.29 -56.60
CA LEU AA 356 -87.83 1.94 -57.68
C LEU AA 356 -86.82 3.06 -57.87
N THR AA 357 -85.67 2.73 -58.46
CA THR AA 357 -84.62 3.72 -58.72
C THR AA 357 -84.12 3.64 -60.16
N LEU AA 358 -83.37 4.69 -60.52
CA LEU AA 358 -83.01 4.97 -61.91
C LEU AA 358 -82.12 3.89 -62.52
N ARG AA 359 -81.21 3.32 -61.73
CA ARG AA 359 -80.43 2.18 -62.21
C ARG AA 359 -81.30 0.96 -62.48
N GLU AA 360 -82.35 0.75 -61.70
CA GLU AA 360 -83.24 -0.37 -61.96
C GLU AA 360 -83.99 -0.20 -63.29
N LEU AA 361 -84.43 1.02 -63.59
CA LEU AA 361 -85.03 1.29 -64.90
C LEU AA 361 -84.06 1.04 -66.05
N GLU AA 362 -82.82 1.49 -65.93
CA GLU AA 362 -81.82 1.23 -66.97
C GLU AA 362 -81.66 -0.25 -67.24
N GLN AA 363 -81.58 -1.07 -66.20
CA GLN AA 363 -81.42 -2.51 -66.39
C GLN AA 363 -82.68 -3.13 -66.99
N LEU AA 364 -83.85 -2.83 -66.42
CA LEU AA 364 -85.08 -3.45 -66.88
C LEU AA 364 -85.54 -2.92 -68.23
N LEU AA 365 -85.40 -1.63 -68.47
CA LEU AA 365 -86.06 -1.05 -69.64
C LEU AA 365 -85.34 -1.44 -70.93
N VAL AA 366 -84.02 -1.55 -70.89
CA VAL AA 366 -83.32 -2.09 -72.07
C VAL AA 366 -83.79 -3.51 -72.36
N ARG AA 367 -84.03 -4.31 -71.31
CA ARG AA 367 -84.57 -5.65 -71.49
C ARG AA 367 -86.01 -5.64 -72.00
N TYR AA 368 -86.91 -4.97 -71.28
CA TYR AA 368 -88.31 -4.96 -71.66
C TYR AA 368 -88.59 -4.30 -73.00
N ILE AA 369 -87.72 -3.38 -73.44
CA ILE AA 369 -87.77 -2.94 -74.82
C ILE AA 369 -87.23 -4.01 -75.75
N VAL AA 370 -85.96 -4.40 -75.59
CA VAL AA 370 -85.32 -5.27 -76.59
C VAL AA 370 -86.03 -6.62 -76.65
N ASP AA 371 -86.13 -7.31 -75.51
CA ASP AA 371 -86.66 -8.67 -75.52
C ASP AA 371 -88.16 -8.74 -75.76
N ARG AA 372 -88.87 -7.62 -75.75
CA ARG AA 372 -90.33 -7.70 -75.78
C ARG AA 372 -90.99 -6.67 -76.69
N TYR AA 373 -90.66 -5.40 -76.54
CA TYR AA 373 -91.24 -4.36 -77.39
C TYR AA 373 -90.54 -4.15 -78.72
N ASN AA 374 -89.31 -4.64 -78.89
CA ASN AA 374 -88.66 -4.56 -80.19
C ASN AA 374 -88.67 -5.87 -80.95
N GLN AA 375 -88.40 -6.99 -80.28
CA GLN AA 375 -88.34 -8.30 -80.92
C GLN AA 375 -89.71 -8.86 -81.31
N SER AA 376 -90.80 -8.21 -80.96
CA SER AA 376 -92.13 -8.72 -81.27
C SER AA 376 -92.66 -8.24 -82.61
N ILE AA 377 -93.70 -8.93 -83.09
CA ILE AA 377 -94.35 -8.64 -84.36
C ILE AA 377 -94.94 -7.23 -84.36
N ASP AA 378 -94.78 -6.55 -85.50
CA ASP AA 378 -95.19 -5.16 -85.62
C ASP AA 378 -96.71 -5.04 -85.68
N ALA AA 379 -97.19 -3.85 -85.30
CA ALA AA 379 -98.63 -3.61 -85.19
C ALA AA 379 -99.33 -3.72 -86.54
N ARG AA 380 -98.70 -3.17 -87.58
CA ARG AA 380 -99.15 -3.35 -88.96
C ARG AA 380 -97.93 -3.58 -89.84
N MET AA 381 -98.16 -4.29 -90.94
CA MET AA 381 -97.12 -5.11 -91.58
C MET AA 381 -96.62 -6.15 -90.57
N GLY AA 382 -97.57 -6.78 -89.88
CA GLY AA 382 -97.29 -7.77 -88.86
C GLY AA 382 -96.73 -9.07 -89.41
N ASP AA 383 -96.21 -9.05 -90.63
CA ASP AA 383 -95.51 -10.21 -91.16
C ASP AA 383 -94.07 -10.29 -90.66
N GLN AA 384 -93.54 -9.18 -90.13
CA GLN AA 384 -92.16 -9.11 -89.65
C GLN AA 384 -92.16 -8.48 -88.26
N THR AA 385 -91.25 -8.96 -87.41
CA THR AA 385 -90.91 -8.19 -86.23
C THR AA 385 -90.08 -6.98 -86.66
N ARG AA 386 -90.26 -5.86 -85.95
CA ARG AA 386 -89.67 -4.62 -86.42
C ARG AA 386 -88.15 -4.67 -86.39
N PHE AA 387 -87.57 -5.39 -85.43
CA PHE AA 387 -86.13 -5.58 -85.46
C PHE AA 387 -85.71 -6.29 -86.75
N GLU AA 388 -86.37 -7.42 -87.07
CA GLU AA 388 -85.93 -8.21 -88.23
C GLU AA 388 -86.28 -7.51 -89.54
N ARG AA 389 -87.39 -6.77 -89.58
CA ARG AA 389 -87.70 -5.92 -90.72
C ARG AA 389 -86.61 -4.89 -90.95
N TRP AA 390 -86.10 -4.30 -89.88
CA TRP AA 390 -84.96 -3.40 -89.95
C TRP AA 390 -83.66 -4.12 -90.30
N GLU AA 391 -83.41 -5.29 -89.70
CA GLU AA 391 -82.14 -5.97 -89.88
C GLU AA 391 -81.93 -6.43 -91.32
N ALA AA 392 -82.94 -7.03 -91.93
CA ALA AA 392 -82.84 -7.43 -93.33
C ALA AA 392 -82.87 -6.23 -94.28
N GLY AA 393 -83.56 -5.16 -93.90
CA GLY AA 393 -83.74 -4.01 -94.75
C GLY AA 393 -82.56 -3.07 -94.87
N LEU AA 394 -81.55 -3.22 -94.03
CA LEU AA 394 -80.35 -2.40 -94.17
C LEU AA 394 -79.79 -2.57 -95.57
N PRO AA 395 -79.61 -1.49 -96.33
CA PRO AA 395 -79.20 -1.62 -97.74
C PRO AA 395 -78.02 -2.54 -97.97
N THR AA 396 -77.14 -2.70 -97.00
CA THR AA 396 -76.17 -3.80 -97.07
C THR AA 396 -76.07 -4.55 -95.75
N VAL AA 397 -75.15 -4.12 -94.89
CA VAL AA 397 -75.00 -4.63 -93.53
C VAL AA 397 -74.67 -3.45 -92.61
N PRO AA 398 -75.22 -3.40 -91.39
CA PRO AA 398 -74.94 -2.25 -90.52
C PRO AA 398 -73.48 -2.24 -90.10
N VAL AA 399 -72.82 -1.10 -90.26
CA VAL AA 399 -71.38 -1.01 -90.08
C VAL AA 399 -71.09 -0.21 -88.80
N PRO AA 400 -70.46 -0.81 -87.80
CA PRO AA 400 -69.97 -0.06 -86.65
C PRO AA 400 -68.77 0.81 -87.00
N ILE AA 401 -68.56 1.85 -86.18
CA ILE AA 401 -67.46 2.80 -86.41
C ILE AA 401 -66.74 3.08 -85.11
N PRO AA 402 -65.49 3.55 -85.19
CA PRO AA 402 -64.68 3.76 -83.98
C PRO AA 402 -65.35 4.60 -82.89
N GLU AA 403 -65.09 4.21 -81.63
CA GLU AA 403 -65.68 4.85 -80.47
C GLU AA 403 -65.16 6.28 -80.27
N ARG AA 404 -63.83 6.45 -80.30
CA ARG AA 404 -63.21 7.69 -79.86
C ARG AA 404 -63.50 8.88 -80.78
N ASP AA 405 -63.93 8.63 -82.01
CA ASP AA 405 -64.33 9.72 -82.89
C ASP AA 405 -65.71 10.26 -82.55
N LEU AA 406 -66.48 9.54 -81.74
CA LEU AA 406 -67.82 9.94 -81.33
C LEU AA 406 -67.86 10.59 -79.96
N ASP AA 407 -66.80 11.32 -79.59
CA ASP AA 407 -66.78 12.03 -78.32
C ASP AA 407 -67.62 13.30 -78.36
N ILE AA 408 -67.82 13.89 -79.54
CA ILE AA 408 -68.60 15.12 -79.62
C ILE AA 408 -69.98 14.92 -79.05
N CYS AA 409 -70.51 13.71 -79.14
CA CYS AA 409 -71.82 13.40 -78.60
C CYS AA 409 -71.87 13.43 -77.08
N LEU AA 410 -70.72 13.41 -76.41
CA LEU AA 410 -70.70 13.35 -74.95
C LEU AA 410 -71.08 14.69 -74.31
N MET AA 411 -71.31 14.63 -73.01
CA MET AA 411 -71.36 15.79 -72.14
C MET AA 411 -70.03 16.50 -72.15
N LYS AA 412 -70.01 17.74 -71.65
CA LYS AA 412 -68.76 18.48 -71.57
C LYS AA 412 -68.64 19.16 -70.22
N GLN AA 413 -67.43 19.14 -69.65
CA GLN AA 413 -67.04 19.94 -68.51
C GLN AA 413 -65.68 20.53 -68.79
N SER AA 414 -65.43 21.73 -68.25
CA SER AA 414 -64.35 22.55 -68.78
C SER AA 414 -63.58 23.26 -67.69
N ARG AA 415 -62.34 23.60 -68.04
CA ARG AA 415 -61.37 24.28 -67.19
C ARG AA 415 -61.13 23.55 -65.87
N ARG AA 416 -61.05 22.22 -65.92
CA ARG AA 416 -60.56 21.47 -64.78
C ARG AA 416 -59.05 21.58 -64.72
N THR AA 417 -58.49 21.53 -63.51
CA THR AA 417 -57.08 21.77 -63.28
C THR AA 417 -56.36 20.50 -62.85
N VAL AA 418 -55.19 20.27 -63.43
CA VAL AA 418 -54.42 19.05 -63.22
C VAL AA 418 -53.47 19.22 -62.04
N GLN AA 419 -53.60 18.34 -61.06
CA GLN AA 419 -52.85 18.34 -59.82
C GLN AA 419 -51.63 17.44 -59.96
N ARG AA 420 -50.79 17.41 -58.91
CA ARG AA 420 -49.57 16.60 -58.96
C ARG AA 420 -49.84 15.18 -59.44
N GLY AA 421 -48.95 14.68 -60.28
CA GLY AA 421 -49.09 13.34 -60.82
C GLY AA 421 -50.21 13.14 -61.81
N GLY AA 422 -50.81 14.21 -62.30
CA GLY AA 422 -51.85 14.04 -63.30
C GLY AA 422 -53.14 13.61 -62.65
N CYS AA 423 -53.68 14.47 -61.79
CA CYS AA 423 -54.86 14.14 -61.01
C CYS AA 423 -55.96 15.18 -61.24
N LEU AA 424 -57.22 14.75 -61.13
CA LEU AA 424 -58.36 15.61 -61.40
C LEU AA 424 -59.46 15.29 -60.41
N GLN AA 425 -60.20 16.32 -60.00
CA GLN AA 425 -61.42 16.11 -59.24
C GLN AA 425 -62.62 16.14 -60.18
N PHE AA 426 -63.59 15.26 -59.93
CA PHE AA 426 -64.82 15.33 -60.70
C PHE AA 426 -65.95 14.76 -59.86
N GLN AA 427 -67.03 15.54 -59.72
CA GLN AA 427 -68.21 15.17 -58.93
C GLN AA 427 -67.86 14.64 -57.55
N ASN AA 428 -67.05 15.41 -56.82
CA ASN AA 428 -66.49 15.02 -55.53
C ASN AA 428 -65.64 13.76 -55.58
N LEU AA 429 -65.48 13.14 -56.74
CA LEU AA 429 -64.53 12.04 -56.86
C LEU AA 429 -63.21 12.55 -57.41
N MET AA 430 -62.21 11.69 -57.33
CA MET AA 430 -60.85 12.02 -57.71
C MET AA 430 -60.44 11.09 -58.85
N TYR AA 431 -59.65 11.62 -59.78
CA TYR AA 431 -59.33 10.92 -61.02
C TYR AA 431 -57.85 11.06 -61.30
N ARG AA 432 -57.34 10.16 -62.13
CA ARG AA 432 -55.94 10.14 -62.51
C ARG AA 432 -55.80 9.59 -63.92
N GLY AA 433 -54.83 10.13 -64.66
CA GLY AA 433 -54.66 9.82 -66.06
C GLY AA 433 -53.39 9.03 -66.34
N GLU AA 434 -53.31 8.56 -67.58
CA GLU AA 434 -52.18 7.77 -68.02
C GLU AA 434 -50.92 8.63 -68.11
N TYR AA 435 -50.97 9.67 -68.94
CA TYR AA 435 -49.83 10.54 -69.20
C TYR AA 435 -50.09 11.95 -68.69
N LEU AA 436 -51.20 12.15 -67.99
CA LEU AA 436 -51.66 13.45 -67.54
C LEU AA 436 -50.69 14.12 -66.59
N ALA AA 437 -49.80 13.36 -65.96
CA ALA AA 437 -48.78 13.94 -65.09
C ALA AA 437 -47.86 14.90 -65.81
N GLY AA 438 -47.71 14.80 -67.13
CA GLY AA 438 -46.94 15.79 -67.85
C GLY AA 438 -47.54 17.18 -67.83
N TYR AA 439 -48.83 17.30 -67.53
CA TYR AA 439 -49.56 18.55 -67.59
C TYR AA 439 -50.17 18.92 -66.23
N ALA AA 440 -49.55 18.47 -65.15
CA ALA AA 440 -49.89 19.00 -63.84
C ALA AA 440 -49.70 20.52 -63.82
N GLY AA 441 -50.59 21.20 -63.10
CA GLY AA 441 -50.67 22.65 -63.11
C GLY AA 441 -51.34 23.26 -64.32
N GLU AA 442 -51.53 22.51 -65.40
CA GLU AA 442 -52.29 22.99 -66.55
C GLU AA 442 -53.78 22.82 -66.26
N THR AA 443 -54.59 23.20 -67.23
CA THR AA 443 -56.03 23.03 -67.14
C THR AA 443 -56.54 22.31 -68.38
N VAL AA 444 -57.60 21.53 -68.19
CA VAL AA 444 -58.07 20.57 -69.20
C VAL AA 444 -59.58 20.48 -69.10
N ASN AA 445 -60.21 20.01 -70.18
CA ASN AA 445 -61.64 19.75 -70.23
C ASN AA 445 -61.92 18.27 -70.16
N LEU AA 446 -63.13 17.94 -69.72
CA LEU AA 446 -63.59 16.57 -69.55
C LEU AA 446 -64.88 16.33 -70.34
N ARG AA 447 -65.05 15.10 -70.81
CA ARG AA 447 -66.31 14.65 -71.36
C ARG AA 447 -66.64 13.29 -70.77
N PHE AA 448 -67.93 12.97 -70.73
CA PHE AA 448 -68.38 11.81 -69.98
C PHE AA 448 -69.76 11.37 -70.45
N ASP AA 449 -70.14 10.18 -70.06
CA ASP AA 449 -71.51 9.70 -70.16
C ASP AA 449 -72.18 9.82 -68.81
N PRO AA 450 -73.42 10.27 -68.72
CA PRO AA 450 -74.14 10.24 -67.45
C PRO AA 450 -74.60 8.84 -67.06
N ARG AA 451 -73.94 7.82 -67.58
CA ARG AA 451 -74.27 6.43 -67.30
C ARG AA 451 -73.14 5.66 -66.65
N ASP AA 452 -71.88 6.05 -66.87
CA ASP AA 452 -70.77 5.47 -66.09
C ASP AA 452 -69.61 6.46 -66.17
N ILE AA 453 -69.43 7.24 -65.11
CA ILE AA 453 -68.36 8.22 -64.98
C ILE AA 453 -67.07 7.57 -64.49
N THR AA 454 -67.06 6.24 -64.41
CA THR AA 454 -65.89 5.53 -63.89
C THR AA 454 -64.64 5.76 -64.71
N THR AA 455 -64.77 6.16 -65.97
CA THR AA 455 -63.62 6.66 -66.71
C THR AA 455 -64.10 7.75 -67.65
N ILE AA 456 -63.43 8.89 -67.64
CA ILE AA 456 -63.90 10.06 -68.36
C ILE AA 456 -62.76 10.65 -69.19
N LEU AA 457 -63.11 11.17 -70.35
CA LEU AA 457 -62.15 11.50 -71.38
C LEU AA 457 -61.63 12.92 -71.14
N VAL AA 458 -60.32 13.09 -71.16
CA VAL AA 458 -59.72 14.40 -70.92
C VAL AA 458 -59.02 14.88 -72.17
N TYR AA 459 -59.18 16.17 -72.47
CA TYR AA 459 -58.72 16.79 -73.69
C TYR AA 459 -58.00 18.08 -73.34
N ARG AA 460 -56.95 18.40 -74.09
CA ARG AA 460 -56.28 19.68 -73.93
C ARG AA 460 -56.93 20.75 -74.80
N GLN AA 461 -57.29 21.86 -74.18
CA GLN AA 461 -57.88 23.00 -74.89
C GLN AA 461 -56.83 23.75 -75.70
N GLU AA 462 -57.15 24.06 -76.96
CA GLU AA 462 -56.37 25.00 -77.74
C GLU AA 462 -57.29 26.03 -78.37
N ASN AA 463 -56.70 26.95 -79.14
CA ASN AA 463 -57.41 28.14 -79.60
C ASN AA 463 -58.64 27.80 -80.43
N ASN AA 464 -58.53 26.81 -81.32
CA ASN AA 464 -59.70 26.35 -82.05
C ASN AA 464 -59.73 24.84 -82.22
N GLN AA 465 -58.92 24.12 -81.45
CA GLN AA 465 -58.89 22.67 -81.49
C GLN AA 465 -58.97 22.19 -80.04
N GLU AA 466 -59.71 21.11 -79.82
CA GLU AA 466 -59.66 20.37 -78.57
C GLU AA 466 -59.20 18.96 -78.88
N VAL AA 467 -58.03 18.59 -78.38
CA VAL AA 467 -57.35 17.35 -78.74
C VAL AA 467 -57.48 16.35 -77.60
N PHE AA 468 -57.91 15.13 -77.91
CA PHE AA 468 -58.01 14.09 -76.89
C PHE AA 468 -56.62 13.71 -76.38
N LEU AA 469 -56.46 13.73 -75.06
CA LEU AA 469 -55.18 13.43 -74.43
C LEU AA 469 -55.11 12.02 -73.87
N THR AA 470 -56.05 11.64 -73.01
CA THR AA 470 -56.05 10.30 -72.40
C THR AA 470 -57.40 10.07 -71.75
N ARG AA 471 -57.68 8.81 -71.42
CA ARG AA 471 -58.63 8.48 -70.36
C ARG AA 471 -58.07 8.81 -68.99
N ALA AA 472 -58.98 9.05 -68.04
CA ALA AA 472 -58.66 9.17 -66.63
C ALA AA 472 -59.63 8.34 -65.81
N HIS AA 473 -59.10 7.65 -64.79
CA HIS AA 473 -59.80 6.57 -64.11
C HIS AA 473 -60.24 7.02 -62.72
N ALA AA 474 -61.52 6.82 -62.41
CA ALA AA 474 -62.03 7.11 -61.07
C ALA AA 474 -61.32 6.25 -60.06
N GLN AA 475 -60.95 6.84 -58.93
CA GLN AA 475 -60.20 6.12 -57.91
C GLN AA 475 -60.93 6.18 -56.58
N GLY AA 476 -60.77 5.11 -55.80
CA GLY AA 476 -61.33 5.03 -54.47
C GLY AA 476 -62.80 4.74 -54.41
N LEU AA 477 -63.48 4.62 -55.54
CA LEU AA 477 -64.89 4.24 -55.54
C LEU AA 477 -65.04 2.76 -55.14
N GLU AA 478 -66.19 2.46 -54.53
CA GLU AA 478 -66.44 1.16 -53.92
C GLU AA 478 -67.13 0.17 -54.86
N THR AA 479 -67.28 0.51 -56.14
CA THR AA 479 -68.03 -0.30 -57.09
C THR AA 479 -67.35 -0.25 -58.45
N GLU AA 480 -67.62 -1.26 -59.26
CA GLU AA 480 -67.05 -1.33 -60.60
C GLU AA 480 -67.70 -0.36 -61.58
N GLN AA 481 -68.88 0.18 -61.23
CA GLN AA 481 -69.61 1.08 -62.10
C GLN AA 481 -70.25 2.16 -61.25
N LEU AA 482 -70.44 3.34 -61.85
CA LEU AA 482 -71.05 4.44 -61.12
C LEU AA 482 -71.70 5.41 -62.10
N ALA AA 483 -73.02 5.49 -62.08
CA ALA AA 483 -73.71 6.49 -62.88
C ALA AA 483 -73.55 7.88 -62.27
N LEU AA 484 -73.68 8.89 -63.13
CA LEU AA 484 -73.61 10.29 -62.70
C LEU AA 484 -74.63 10.58 -61.60
N ASP AA 485 -75.84 10.08 -61.76
CA ASP AA 485 -76.87 10.21 -60.72
C ASP AA 485 -76.41 9.69 -59.38
N GLU AA 486 -75.54 8.68 -59.37
CA GLU AA 486 -75.01 8.14 -58.12
C GLU AA 486 -73.96 9.05 -57.50
N ALA AA 487 -73.16 9.72 -58.31
CA ALA AA 487 -72.27 10.75 -57.80
C ALA AA 487 -73.03 11.95 -57.25
N GLU AA 488 -74.12 12.34 -57.91
CA GLU AA 488 -75.01 13.35 -57.33
C GLU AA 488 -75.58 12.90 -55.99
N ALA AA 489 -76.03 11.66 -55.91
CA ALA AA 489 -76.60 11.12 -54.68
C ALA AA 489 -75.56 11.02 -53.57
N ALA AA 490 -74.37 10.52 -53.88
CA ALA AA 490 -73.28 10.49 -52.91
C ALA AA 490 -72.98 11.88 -52.35
N SER AA 491 -72.80 12.86 -53.24
CA SER AA 491 -72.62 14.24 -52.81
C SER AA 491 -73.81 14.74 -51.99
N ARG AA 492 -75.03 14.52 -52.49
CA ARG AA 492 -76.21 15.00 -51.79
C ARG AA 492 -76.37 14.38 -50.41
N ARG AA 493 -75.99 13.11 -50.23
CA ARG AA 493 -76.00 12.54 -48.90
C ARG AA 493 -74.91 13.13 -48.03
N LEU AA 494 -73.71 13.26 -48.59
CA LEU AA 494 -72.59 13.88 -47.91
C LEU AA 494 -72.89 15.33 -47.53
N ARG AA 495 -73.42 16.11 -48.47
CA ARG AA 495 -73.88 17.47 -48.20
C ARG AA 495 -75.01 17.52 -47.17
N THR AA 496 -76.04 16.70 -47.34
CA THR AA 496 -77.19 16.78 -46.43
C THR AA 496 -76.84 16.33 -45.01
N ALA AA 497 -75.86 15.45 -44.85
CA ALA AA 497 -75.32 15.17 -43.52
C ALA AA 497 -74.70 16.41 -42.88
N GLY AA 498 -73.78 17.06 -43.59
CA GLY AA 498 -73.18 18.29 -43.09
C GLY AA 498 -74.17 19.38 -42.72
N LYS AA 499 -75.29 19.46 -43.45
CA LYS AA 499 -76.33 20.45 -43.14
C LYS AA 499 -77.01 20.22 -41.79
N THR AA 500 -77.04 18.99 -41.27
CA THR AA 500 -77.74 18.76 -40.02
C THR AA 500 -76.96 19.18 -38.78
N ILE AA 501 -75.64 19.37 -38.88
CA ILE AA 501 -74.83 19.72 -37.72
C ILE AA 501 -75.18 21.10 -37.19
N SER AA 502 -75.53 21.17 -35.90
CA SER AA 502 -75.83 22.42 -35.23
C SER AA 502 -74.57 23.23 -34.96
N ASN AA 503 -74.57 24.49 -35.40
CA ASN AA 503 -73.52 25.45 -35.13
C ASN AA 503 -73.66 26.16 -33.77
N GLN AA 504 -74.62 25.75 -32.93
CA GLN AA 504 -75.00 26.54 -31.77
C GLN AA 504 -73.80 26.96 -30.92
N SER AA 505 -72.92 26.00 -30.60
CA SER AA 505 -71.68 26.36 -29.91
C SER AA 505 -70.76 27.17 -30.82
N LEU AA 506 -70.55 26.69 -32.04
CA LEU AA 506 -69.62 27.30 -32.98
C LEU AA 506 -70.02 28.73 -33.32
N LEU AA 507 -71.29 29.07 -33.13
CA LEU AA 507 -71.81 30.40 -33.42
C LEU AA 507 -71.75 31.33 -32.19
N GLN AA 508 -72.25 30.89 -31.04
CA GLN AA 508 -72.29 31.74 -29.86
C GLN AA 508 -70.90 32.19 -29.41
N GLU AA 509 -69.87 31.37 -29.62
CA GLU AA 509 -68.51 31.80 -29.32
C GLU AA 509 -68.07 33.01 -30.13
N VAL AA 510 -68.67 33.24 -31.30
CA VAL AA 510 -68.26 34.35 -32.16
C VAL AA 510 -68.63 35.70 -31.55
N VAL AA 511 -69.87 35.84 -31.07
CA VAL AA 511 -70.27 37.10 -30.45
C VAL AA 511 -69.59 37.29 -29.10
N ASP AA 512 -69.39 36.20 -28.36
CA ASP AA 512 -68.69 36.29 -27.08
C ASP AA 512 -67.21 36.67 -27.23
N ARG AA 513 -66.55 36.25 -28.31
CA ARG AA 513 -65.20 36.75 -28.54
C ARG AA 513 -65.16 38.25 -28.73
N ASP AA 514 -66.10 38.80 -29.52
CA ASP AA 514 -66.15 40.25 -29.70
C ASP AA 514 -66.58 40.98 -28.44
N ALA AA 515 -67.56 40.45 -27.69
CA ALA AA 515 -67.94 41.07 -26.43
C ALA AA 515 -66.79 41.10 -25.42
N LEU AA 516 -65.89 40.14 -25.47
CA LEU AA 516 -64.65 40.24 -24.71
C LEU AA 516 -63.76 41.34 -25.27
N VAL AA 517 -63.43 41.25 -26.56
CA VAL AA 517 -62.52 42.21 -27.18
C VAL AA 517 -63.06 43.63 -27.09
N ALA AA 518 -64.38 43.79 -27.00
CA ALA AA 518 -64.95 45.12 -26.78
C ALA AA 518 -64.43 45.80 -25.52
N THR AA 519 -63.88 45.06 -24.58
CA THR AA 519 -63.28 45.67 -23.40
C THR AA 519 -61.86 46.19 -23.63
N LYS AA 520 -61.24 45.84 -24.75
CA LYS AA 520 -59.87 46.27 -25.02
C LYS AA 520 -59.80 47.78 -25.21
N LYS AA 521 -58.83 48.42 -24.53
CA LYS AA 521 -58.33 49.72 -24.91
C LYS AA 521 -56.82 49.72 -24.77
N SER AA 522 -56.12 50.32 -25.72
CA SER AA 522 -54.68 50.51 -25.61
C SER AA 522 -54.31 51.55 -24.56
N ASP BA 196 -83.74 74.04 -103.53
CA ASP BA 196 -82.64 73.59 -102.68
C ASP BA 196 -82.06 74.78 -101.91
N TYR BA 197 -81.24 74.50 -100.90
CA TYR BA 197 -80.90 75.51 -99.90
C TYR BA 197 -79.45 75.35 -99.46
N SER BA 198 -78.92 76.44 -98.90
CA SER BA 198 -77.52 76.49 -98.51
C SER BA 198 -77.18 75.55 -97.37
N ASN BA 199 -78.18 75.09 -96.62
CA ASN BA 199 -78.02 74.06 -95.61
C ASN BA 199 -78.55 72.71 -96.05
N HIS BA 200 -78.93 72.59 -97.33
CA HIS BA 200 -79.65 71.40 -97.79
C HIS BA 200 -78.71 70.23 -98.01
N VAL BA 201 -77.61 70.45 -98.73
CA VAL BA 201 -76.79 69.37 -99.28
C VAL BA 201 -75.31 69.75 -99.31
N TRP BA 202 -74.52 69.16 -98.41
CA TRP BA 202 -73.08 69.42 -98.31
C TRP BA 202 -72.29 68.19 -98.75
N GLN BA 203 -71.26 68.41 -99.56
CA GLN BA 203 -70.46 67.34 -100.15
C GLN BA 203 -69.02 67.43 -99.67
N CYS BA 204 -68.48 66.29 -99.24
CA CYS BA 204 -67.09 66.20 -98.79
C CYS BA 204 -66.15 65.99 -99.96
N ASP BA 205 -64.95 66.53 -99.84
CA ASP BA 205 -63.93 66.39 -100.88
C ASP BA 205 -62.56 66.22 -100.22
N HIS BA 206 -61.61 65.71 -101.00
CA HIS BA 206 -60.27 65.47 -100.49
C HIS BA 206 -59.24 65.72 -101.59
N THR BA 207 -58.00 65.96 -101.17
CA THR BA 207 -56.88 66.25 -102.04
C THR BA 207 -55.61 65.89 -101.29
N ARG BA 208 -54.55 65.57 -102.03
CA ARG BA 208 -53.23 65.40 -101.45
C ARG BA 208 -52.28 66.49 -101.94
N VAL BA 209 -51.66 67.18 -101.00
CA VAL BA 209 -50.99 68.45 -101.28
C VAL BA 209 -49.66 68.17 -101.97
N ASP BA 210 -49.25 69.08 -102.83
CA ASP BA 210 -48.00 68.99 -103.58
C ASP BA 210 -46.94 69.94 -103.01
N VAL BA 211 -46.74 69.89 -101.70
CA VAL BA 211 -45.73 70.68 -101.00
C VAL BA 211 -45.10 69.80 -99.93
N LEU BA 212 -43.79 69.91 -99.77
CA LEU BA 212 -43.07 69.17 -98.73
C LEU BA 212 -42.78 70.09 -97.55
N LEU BA 213 -43.07 69.58 -96.35
CA LEU BA 213 -43.09 70.35 -95.12
C LEU BA 213 -41.88 70.02 -94.25
N VAL BA 214 -41.46 71.01 -93.48
CA VAL BA 214 -40.47 70.80 -92.42
C VAL BA 214 -41.11 71.16 -91.09
N ASP BA 215 -40.66 70.48 -90.04
CA ASP BA 215 -41.12 70.74 -88.68
C ASP BA 215 -40.65 72.12 -88.21
N GLN BA 216 -41.06 72.49 -87.00
CA GLN BA 216 -40.68 73.76 -86.40
C GLN BA 216 -39.19 73.83 -86.05
N HIS BA 217 -38.38 72.85 -86.41
CA HIS BA 217 -36.94 72.90 -86.21
C HIS BA 217 -36.16 72.88 -87.52
N GLY BA 218 -36.63 72.18 -88.54
CA GLY BA 218 -35.99 72.26 -89.84
C GLY BA 218 -35.71 70.94 -90.52
N GLU BA 219 -36.48 69.91 -90.20
CA GLU BA 219 -36.35 68.62 -90.86
C GLU BA 219 -37.62 68.28 -91.65
N ILE BA 220 -37.42 67.60 -92.78
CA ILE BA 220 -38.51 67.32 -93.70
C ILE BA 220 -39.48 66.30 -93.11
N LEU BA 221 -40.78 66.59 -93.25
CA LEU BA 221 -41.83 65.72 -92.74
C LEU BA 221 -42.45 64.89 -93.87
N SER BA 222 -43.34 65.49 -94.64
CA SER BA 222 -43.97 64.82 -95.77
C SER BA 222 -44.71 65.86 -96.60
N ARG BA 223 -45.56 65.39 -97.53
CA ARG BA 223 -46.61 66.20 -98.15
C ARG BA 223 -47.96 65.85 -97.56
N PRO BA 224 -48.70 66.85 -97.08
CA PRO BA 224 -49.97 66.59 -96.38
C PRO BA 224 -51.02 65.93 -97.26
N TRP BA 225 -51.98 65.31 -96.60
CA TRP BA 225 -53.31 65.13 -97.14
C TRP BA 225 -54.17 66.36 -96.81
N LEU BA 226 -55.18 66.60 -97.63
CA LEU BA 226 -56.05 67.74 -97.46
C LEU BA 226 -57.49 67.30 -97.73
N THR BA 227 -58.42 67.73 -96.88
CA THR BA 227 -59.81 67.36 -97.06
C THR BA 227 -60.73 68.45 -96.54
N THR BA 228 -61.93 68.50 -97.10
CA THR BA 228 -62.87 69.59 -96.91
C THR BA 228 -64.27 69.08 -97.23
N VAL BA 229 -65.27 69.87 -96.85
CA VAL BA 229 -66.61 69.74 -97.41
C VAL BA 229 -67.03 71.05 -98.04
N ILE BA 230 -67.82 70.93 -99.10
CA ILE BA 230 -68.31 72.06 -99.88
C ILE BA 230 -69.83 71.98 -99.91
N ASP BA 231 -70.50 73.10 -99.67
CA ASP BA 231 -71.94 73.18 -99.89
C ASP BA 231 -72.24 73.07 -101.37
N THR BA 232 -72.96 72.01 -101.75
CA THR BA 232 -73.32 71.77 -103.14
C THR BA 232 -74.35 72.76 -103.65
N TYR BA 233 -75.05 73.46 -102.77
CA TYR BA 233 -75.88 74.58 -103.22
C TYR BA 233 -75.04 75.81 -103.56
N SER BA 234 -74.37 76.39 -102.57
CA SER BA 234 -73.67 77.65 -102.79
C SER BA 234 -72.37 77.47 -103.57
N ARG BA 235 -71.78 76.28 -103.50
CA ARG BA 235 -70.45 76.00 -104.06
C ARG BA 235 -69.37 76.90 -103.44
N CYS BA 236 -69.29 76.85 -102.11
CA CYS BA 236 -68.27 77.56 -101.34
C CYS BA 236 -67.49 76.56 -100.50
N ILE BA 237 -66.18 76.78 -100.37
CA ILE BA 237 -65.33 75.90 -99.56
C ILE BA 237 -65.40 76.32 -98.11
N MET BA 238 -65.93 75.44 -97.26
CA MET BA 238 -66.23 75.78 -95.87
C MET BA 238 -65.33 75.00 -94.93
N GLY BA 239 -65.87 74.03 -94.19
CA GLY BA 239 -65.09 73.22 -93.29
C GLY BA 239 -63.96 72.48 -93.98
N ILE BA 240 -62.76 72.54 -93.42
CA ILE BA 240 -61.54 72.08 -94.08
C ILE BA 240 -60.56 71.58 -93.03
N ASN BA 241 -59.85 70.52 -93.36
CA ASN BA 241 -58.83 69.94 -92.48
C ASN BA 241 -57.59 69.66 -93.30
N LEU BA 242 -56.43 69.86 -92.69
CA LEU BA 242 -55.15 69.61 -93.33
C LEU BA 242 -54.22 68.92 -92.35
N GLY BA 243 -53.46 67.95 -92.84
CA GLY BA 243 -52.57 67.20 -91.98
C GLY BA 243 -52.01 66.00 -92.70
N PHE BA 244 -51.15 65.28 -91.99
CA PHE BA 244 -50.45 64.10 -92.49
C PHE BA 244 -51.22 62.82 -92.26
N ASP BA 245 -52.25 62.84 -91.44
CA ASP BA 245 -53.13 61.69 -91.29
C ASP BA 245 -53.96 61.52 -92.56
N ALA BA 246 -53.96 60.30 -93.10
CA ALA BA 246 -54.60 60.02 -94.38
C ALA BA 246 -56.12 59.99 -94.24
N PRO BA 247 -56.84 60.39 -95.29
CA PRO BA 247 -58.31 60.37 -95.26
C PRO BA 247 -58.92 59.07 -94.78
N SER BA 248 -59.72 59.18 -93.72
CA SER BA 248 -60.39 58.05 -93.11
C SER BA 248 -61.53 58.60 -92.26
N SER BA 249 -62.41 57.70 -91.81
CA SER BA 249 -63.66 58.11 -91.19
C SER BA 249 -63.41 59.08 -90.04
N GLY BA 250 -62.32 58.89 -89.30
CA GLY BA 250 -61.94 59.85 -88.28
C GLY BA 250 -61.59 61.21 -88.86
N VAL BA 251 -60.79 61.22 -89.93
CA VAL BA 251 -60.44 62.48 -90.59
C VAL BA 251 -61.67 63.12 -91.23
N VAL BA 252 -62.51 62.31 -91.87
CA VAL BA 252 -63.74 62.83 -92.47
C VAL BA 252 -64.64 63.42 -91.38
N ALA BA 253 -64.82 62.69 -90.28
CA ALA BA 253 -65.63 63.20 -89.17
C ALA BA 253 -65.01 64.46 -88.55
N LEU BA 254 -63.69 64.56 -88.52
CA LEU BA 254 -63.05 65.75 -87.98
C LEU BA 254 -63.30 66.97 -88.88
N ALA BA 255 -63.17 66.81 -90.19
CA ALA BA 255 -63.53 67.87 -91.13
C ALA BA 255 -65.02 68.22 -91.07
N LEU BA 256 -65.86 67.23 -90.80
CA LEU BA 256 -67.28 67.49 -90.61
C LEU BA 256 -67.56 68.33 -89.37
N ARG BA 257 -66.83 68.09 -88.27
CA ARG BA 257 -66.88 69.05 -87.17
C ARG BA 257 -66.42 70.44 -87.61
N HIS BA 258 -65.33 70.51 -88.39
CA HIS BA 258 -64.85 71.79 -88.90
C HIS BA 258 -65.86 72.51 -89.78
N ALA BA 259 -66.81 71.78 -90.36
CA ALA BA 259 -67.92 72.43 -91.06
C ALA BA 259 -69.03 72.86 -90.11
N ILE BA 260 -69.49 71.95 -89.26
CA ILE BA 260 -70.67 72.20 -88.44
C ILE BA 260 -70.42 73.28 -87.39
N LEU BA 261 -69.20 73.35 -86.86
CA LEU BA 261 -68.97 74.29 -85.76
C LEU BA 261 -68.63 75.69 -86.28
N PRO BA 262 -69.20 76.70 -85.63
CA PRO BA 262 -68.86 78.09 -85.94
C PRO BA 262 -67.35 78.33 -85.96
N LYS BA 263 -66.88 78.88 -87.09
CA LYS BA 263 -65.47 79.19 -87.29
C LYS BA 263 -65.06 80.48 -86.59
N ARG BA 264 -63.80 80.51 -86.15
CA ARG BA 264 -63.18 81.63 -85.47
C ARG BA 264 -61.70 81.61 -85.81
N TYR BA 265 -61.03 82.75 -85.60
CA TYR BA 265 -59.59 82.83 -85.83
C TYR BA 265 -58.89 83.48 -84.64
N GLY BA 266 -57.62 83.14 -84.49
CA GLY BA 266 -56.78 83.70 -83.45
C GLY BA 266 -56.33 85.13 -83.74
N SER BA 267 -55.79 85.76 -82.69
CA SER BA 267 -55.42 87.18 -82.74
C SER BA 267 -54.31 87.45 -83.74
N GLU BA 268 -53.60 86.42 -84.20
CA GLU BA 268 -52.58 86.61 -85.24
C GLU BA 268 -53.18 86.65 -86.64
N TYR BA 269 -54.40 86.15 -86.82
CA TYR BA 269 -55.10 86.26 -88.10
C TYR BA 269 -56.05 87.45 -88.12
N LYS BA 270 -57.07 87.45 -87.25
CA LYS BA 270 -58.11 88.48 -87.25
C LYS BA 270 -58.56 88.81 -88.66
N LEU BA 271 -58.72 87.78 -89.48
CA LEU BA 271 -58.70 87.90 -90.92
C LEU BA 271 -59.89 88.74 -91.42
N HIS BA 272 -59.66 89.42 -92.55
CA HIS BA 272 -60.68 90.27 -93.14
C HIS BA 272 -61.89 89.47 -93.63
N CYS BA 273 -61.70 88.19 -93.92
CA CYS BA 273 -62.79 87.32 -94.38
C CYS BA 273 -62.88 86.09 -93.48
N GLU BA 274 -64.12 85.63 -93.26
CA GLU BA 274 -64.39 84.57 -92.30
C GLU BA 274 -65.56 83.74 -92.79
N TRP BA 275 -65.58 82.48 -92.38
CA TRP BA 275 -66.77 81.65 -92.52
C TRP BA 275 -67.83 81.97 -91.47
N GLY BA 276 -69.06 82.12 -91.92
CA GLY BA 276 -70.23 82.08 -91.07
C GLY BA 276 -70.92 80.74 -91.07
N THR BA 277 -70.32 79.73 -91.70
CA THR BA 277 -70.95 78.42 -91.84
C THR BA 277 -71.09 77.73 -90.49
N TYR BA 278 -72.29 77.21 -90.23
CA TYR BA 278 -72.51 76.33 -89.09
C TYR BA 278 -73.84 75.62 -89.27
N GLY BA 279 -74.09 74.65 -88.40
CA GLY BA 279 -75.30 73.87 -88.37
C GLY BA 279 -75.16 72.57 -89.16
N LYS BA 280 -76.08 71.65 -88.91
CA LYS BA 280 -76.10 70.43 -89.69
C LYS BA 280 -76.68 70.70 -91.08
N PRO BA 281 -76.23 69.98 -92.09
CA PRO BA 281 -76.98 69.93 -93.34
C PRO BA 281 -78.24 69.11 -93.14
N GLU BA 282 -79.15 69.19 -94.11
CA GLU BA 282 -80.18 68.16 -94.18
C GLU BA 282 -79.61 66.86 -94.71
N HIS BA 283 -78.65 66.94 -95.62
CA HIS BA 283 -77.93 65.76 -96.10
C HIS BA 283 -76.45 66.08 -96.14
N PHE BA 284 -75.65 65.14 -95.65
CA PHE BA 284 -74.20 65.16 -95.79
C PHE BA 284 -73.80 64.13 -96.81
N TYR BA 285 -73.01 64.56 -97.80
CA TYR BA 285 -72.50 63.66 -98.82
C TYR BA 285 -71.00 63.51 -98.69
N THR BA 286 -70.53 62.28 -98.92
CA THR BA 286 -69.13 61.93 -99.13
C THR BA 286 -69.12 60.79 -100.16
N ASP BA 287 -69.43 61.15 -101.40
CA ASP BA 287 -69.55 60.19 -102.48
C ASP BA 287 -69.13 60.77 -103.83
N ASN BA 295 -68.51 52.42 -91.33
CA ASN BA 295 -69.91 52.67 -91.02
C ASN BA 295 -70.07 53.85 -90.06
N HIS BA 296 -68.95 54.25 -89.47
CA HIS BA 296 -68.94 55.20 -88.35
C HIS BA 296 -69.70 56.49 -88.68
N LEU BA 297 -69.66 56.92 -89.95
CA LEU BA 297 -70.36 58.10 -90.39
C LEU BA 297 -71.88 57.96 -90.37
N SER BA 298 -72.41 56.75 -90.23
CA SER BA 298 -73.85 56.62 -90.04
C SER BA 298 -74.28 57.09 -88.65
N GLN BA 299 -73.49 56.74 -87.63
CA GLN BA 299 -73.85 57.07 -86.25
C GLN BA 299 -73.87 58.57 -85.99
N ILE BA 300 -72.93 59.32 -86.56
CA ILE BA 300 -72.96 60.77 -86.38
C ILE BA 300 -74.20 61.36 -87.02
N GLY BA 301 -74.60 60.85 -88.19
CA GLY BA 301 -75.83 61.32 -88.81
C GLY BA 301 -77.07 60.93 -88.01
N ALA BA 302 -77.08 59.72 -87.46
CA ALA BA 302 -78.20 59.31 -86.62
C ALA BA 302 -78.24 60.08 -85.31
N GLN BA 303 -77.09 60.52 -84.82
CA GLN BA 303 -77.08 61.35 -83.62
C GLN BA 303 -77.59 62.76 -83.91
N LEU BA 304 -77.03 63.41 -84.94
CA LEU BA 304 -77.42 64.78 -85.24
C LEU BA 304 -78.71 64.88 -86.05
N GLY BA 305 -79.12 63.81 -86.71
CA GLY BA 305 -80.34 63.84 -87.49
C GLY BA 305 -80.15 64.43 -88.86
N PHE BA 306 -79.25 63.87 -89.65
CA PHE BA 306 -79.12 64.23 -91.05
C PHE BA 306 -78.74 63.01 -91.87
N VAL BA 307 -79.18 63.01 -93.13
CA VAL BA 307 -79.01 61.85 -94.00
C VAL BA 307 -77.55 61.75 -94.40
N CYS BA 308 -77.01 60.53 -94.33
CA CYS BA 308 -75.62 60.25 -94.68
C CYS BA 308 -75.58 59.46 -95.99
N HIS BA 309 -74.89 60.01 -96.99
CA HIS BA 309 -74.70 59.35 -98.27
C HIS BA 309 -73.22 59.13 -98.50
N LEU BA 310 -72.83 57.88 -98.75
CA LEU BA 310 -71.45 57.56 -99.04
C LEU BA 310 -71.38 56.36 -99.97
N ARG BA 311 -70.25 56.25 -100.67
CA ARG BA 311 -69.93 55.06 -101.45
C ARG BA 311 -68.46 54.71 -101.26
N GLU BA 321 -65.90 70.26 -111.32
CA GLU BA 321 -66.30 71.51 -110.68
C GLU BA 321 -65.41 71.77 -109.45
N ARG BA 322 -64.74 70.72 -108.99
CA ARG BA 322 -64.01 70.76 -107.74
C ARG BA 322 -62.86 71.76 -107.80
N PRO BA 323 -62.55 72.43 -106.69
CA PRO BA 323 -61.86 73.73 -106.76
C PRO BA 323 -60.35 73.64 -106.87
N PHE BA 324 -59.76 72.47 -106.66
CA PHE BA 324 -58.34 72.31 -106.32
C PHE BA 324 -57.41 73.22 -107.11
N LYS BA 325 -57.59 73.29 -108.43
CA LYS BA 325 -56.70 74.05 -109.30
C LYS BA 325 -56.63 75.53 -108.89
N THR BA 326 -57.66 76.05 -108.22
CA THR BA 326 -57.61 77.43 -107.76
C THR BA 326 -56.57 77.65 -106.66
N LEU BA 327 -56.14 76.57 -106.00
CA LEU BA 327 -55.01 76.59 -105.09
C LEU BA 327 -53.80 75.84 -105.62
N ASN BA 328 -54.00 74.62 -106.11
CA ASN BA 328 -52.89 73.74 -106.47
C ASN BA 328 -51.99 74.38 -107.53
N ASP BA 329 -52.57 74.75 -108.68
CA ASP BA 329 -51.79 75.30 -109.77
C ASP BA 329 -51.54 76.79 -109.59
N GLN BA 330 -52.52 77.53 -109.06
CA GLN BA 330 -52.40 78.97 -108.92
C GLN BA 330 -51.52 79.41 -107.76
N LEU BA 331 -51.48 78.65 -106.66
CA LEU BA 331 -50.74 79.08 -105.48
C LEU BA 331 -49.64 78.11 -105.06
N PHE BA 332 -49.99 76.86 -104.73
CA PHE BA 332 -49.03 75.96 -104.10
C PHE BA 332 -47.79 75.75 -104.97
N SER BA 333 -47.98 75.59 -106.28
CA SER BA 333 -46.85 75.49 -107.20
C SER BA 333 -45.93 76.70 -107.18
N THR BA 334 -46.38 77.84 -106.65
CA THR BA 334 -45.53 79.02 -106.60
C THR BA 334 -44.66 79.08 -105.35
N LEU BA 335 -44.97 78.29 -104.31
CA LEU BA 335 -44.24 78.40 -103.05
C LEU BA 335 -42.84 77.80 -103.17
N PRO BA 336 -41.87 78.35 -102.44
CA PRO BA 336 -40.53 77.75 -102.40
C PRO BA 336 -40.50 76.27 -102.06
N GLY BA 337 -41.49 75.77 -101.33
CA GLY BA 337 -41.54 74.36 -100.96
C GLY BA 337 -42.39 73.49 -101.85
N TYR BA 338 -42.84 73.99 -103.00
CA TYR BA 338 -43.66 73.22 -103.92
C TYR BA 338 -42.94 71.94 -104.35
N THR BA 339 -43.72 70.94 -104.70
CA THR BA 339 -43.15 69.69 -105.20
C THR BA 339 -42.59 69.90 -106.61
N ALA BA 354 -39.83 72.25 -98.58
CA ALA BA 354 -38.76 71.82 -97.70
C ALA BA 354 -38.30 72.96 -96.80
N ARG BA 355 -39.08 74.04 -96.78
CA ARG BA 355 -38.71 75.22 -96.00
C ARG BA 355 -39.92 76.03 -95.56
N LEU BA 356 -41.05 75.38 -95.31
CA LEU BA 356 -42.16 75.97 -94.59
C LEU BA 356 -42.85 74.89 -93.78
N THR BA 357 -43.63 75.30 -92.78
CA THR BA 357 -44.07 74.43 -91.69
C THR BA 357 -45.60 74.41 -91.59
N LEU BA 358 -46.13 73.30 -91.05
CA LEU BA 358 -47.56 73.04 -90.99
C LEU BA 358 -48.30 74.02 -90.09
N ARG BA 359 -47.59 74.84 -89.32
CA ARG BA 359 -48.19 76.00 -88.67
C ARG BA 359 -48.40 77.12 -89.67
N GLU BA 360 -47.49 77.25 -90.62
CA GLU BA 360 -47.58 78.29 -91.64
C GLU BA 360 -48.55 77.92 -92.76
N LEU BA 361 -48.54 76.66 -93.20
CA LEU BA 361 -49.48 76.18 -94.21
C LEU BA 361 -50.94 76.18 -93.74
N GLU BA 362 -51.21 76.49 -92.48
CA GLU BA 362 -52.57 76.87 -92.10
C GLU BA 362 -53.08 78.13 -92.78
N GLN BA 363 -52.54 79.30 -92.41
CA GLN BA 363 -53.03 80.54 -92.99
C GLN BA 363 -52.81 80.59 -94.50
N LEU BA 364 -51.72 80.01 -95.00
CA LEU BA 364 -51.52 79.97 -96.45
C LEU BA 364 -52.58 79.16 -97.17
N LEU BA 365 -53.48 78.51 -96.44
CA LEU BA 365 -54.73 78.01 -96.99
C LEU BA 365 -55.95 78.74 -96.44
N VAL BA 366 -56.12 78.74 -95.11
CA VAL BA 366 -57.35 79.21 -94.48
C VAL BA 366 -57.58 80.71 -94.71
N ARG BA 367 -56.52 81.48 -94.98
CA ARG BA 367 -56.71 82.83 -95.49
C ARG BA 367 -57.18 82.82 -96.94
N TYR BA 368 -56.34 82.30 -97.84
CA TYR BA 368 -56.59 82.42 -99.27
C TYR BA 368 -57.88 81.73 -99.69
N ILE BA 369 -58.23 80.62 -99.04
CA ILE BA 369 -59.47 79.93 -99.36
C ILE BA 369 -60.70 80.80 -99.11
N VAL BA 370 -60.64 81.71 -98.14
CA VAL BA 370 -61.75 82.60 -97.84
C VAL BA 370 -61.50 84.03 -98.36
N ASP BA 371 -60.31 84.57 -98.12
CA ASP BA 371 -60.01 85.96 -98.46
C ASP BA 371 -59.89 86.17 -99.96
N ARG BA 372 -59.70 85.10 -100.73
CA ARG BA 372 -59.71 85.17 -102.18
C ARG BA 372 -60.74 84.26 -102.83
N TYR BA 373 -60.67 82.95 -102.61
CA TYR BA 373 -61.52 82.01 -103.34
C TYR BA 373 -63.00 82.21 -103.04
N ASN BA 374 -63.41 82.05 -101.79
CA ASN BA 374 -64.82 82.22 -101.46
C ASN BA 374 -65.29 83.66 -101.63
N GLN BA 375 -64.39 84.63 -101.47
CA GLN BA 375 -64.74 86.02 -101.76
C GLN BA 375 -64.93 86.28 -103.25
N SER BA 376 -64.48 85.37 -104.11
CA SER BA 376 -64.73 85.51 -105.54
C SER BA 376 -66.20 85.29 -105.88
N ILE BA 377 -66.61 85.86 -107.00
CA ILE BA 377 -67.98 85.84 -107.51
C ILE BA 377 -68.03 84.97 -108.75
N ASP BA 378 -69.07 84.13 -108.85
CA ASP BA 378 -69.43 83.48 -110.10
C ASP BA 378 -70.82 83.92 -110.53
N ALA BA 379 -70.89 84.50 -111.73
CA ALA BA 379 -72.18 84.80 -112.35
C ALA BA 379 -72.95 83.54 -112.73
N ARG BA 380 -72.27 82.39 -112.75
CA ARG BA 380 -72.91 81.10 -112.99
C ARG BA 380 -73.96 80.78 -111.96
N MET BA 381 -73.91 81.40 -110.79
CA MET BA 381 -74.78 81.10 -109.67
C MET BA 381 -75.24 82.41 -109.02
N GLY BA 382 -75.90 83.25 -109.81
CA GLY BA 382 -76.57 84.44 -109.33
C GLY BA 382 -75.70 85.66 -109.15
N ASP BA 383 -74.45 85.63 -109.63
CA ASP BA 383 -73.58 86.79 -109.67
C ASP BA 383 -73.38 87.39 -108.27
N GLN BA 384 -72.99 86.54 -107.32
CA GLN BA 384 -72.75 86.95 -105.95
C GLN BA 384 -71.53 86.19 -105.42
N THR BA 385 -70.93 86.74 -104.36
CA THR BA 385 -69.84 86.05 -103.70
C THR BA 385 -70.32 84.69 -103.19
N ARG BA 386 -69.39 83.74 -103.14
CA ARG BA 386 -69.74 82.33 -102.91
C ARG BA 386 -70.57 82.18 -101.64
N PHE BA 387 -70.18 82.87 -100.56
CA PHE BA 387 -70.89 82.79 -99.29
C PHE BA 387 -72.13 83.67 -99.20
N GLU BA 388 -72.25 84.70 -100.04
CA GLU BA 388 -73.48 85.49 -100.03
C GLU BA 388 -74.69 84.67 -100.47
N ARG BA 389 -74.51 83.83 -101.50
CA ARG BA 389 -75.54 82.87 -101.85
C ARG BA 389 -75.85 81.94 -100.68
N TRP BA 390 -74.83 81.55 -99.92
CA TRP BA 390 -75.06 80.69 -98.77
C TRP BA 390 -75.97 81.36 -97.73
N GLU BA 391 -75.55 82.52 -97.22
CA GLU BA 391 -76.33 83.15 -96.16
C GLU BA 391 -77.63 83.76 -96.65
N ALA BA 392 -77.80 83.92 -97.96
CA ALA BA 392 -79.11 84.30 -98.49
C ALA BA 392 -80.05 83.10 -98.62
N GLY BA 393 -79.51 81.91 -98.89
CA GLY BA 393 -80.29 80.79 -99.39
C GLY BA 393 -80.90 79.85 -98.37
N LEU BA 394 -81.38 80.37 -97.24
CA LEU BA 394 -81.88 79.47 -96.22
C LEU BA 394 -83.40 79.51 -96.13
N PRO BA 395 -84.07 78.35 -96.00
CA PRO BA 395 -85.50 78.36 -95.72
C PRO BA 395 -85.79 78.68 -94.26
N THR BA 396 -84.81 78.49 -93.40
CA THR BA 396 -84.82 78.96 -92.01
C THR BA 396 -83.37 78.95 -91.55
N VAL BA 397 -82.92 80.09 -91.03
CA VAL BA 397 -81.48 80.27 -90.83
C VAL BA 397 -81.00 79.40 -89.66
N PRO BA 398 -79.94 78.61 -89.84
CA PRO BA 398 -79.41 77.80 -88.74
C PRO BA 398 -79.08 78.63 -87.51
N VAL BA 399 -79.32 78.04 -86.34
CA VAL BA 399 -78.74 78.50 -85.08
C VAL BA 399 -77.34 77.90 -84.93
N PRO BA 400 -76.43 78.57 -84.23
CA PRO BA 400 -75.14 77.96 -83.93
C PRO BA 400 -75.27 76.80 -82.94
N ILE BA 401 -74.38 75.83 -83.08
CA ILE BA 401 -74.35 74.66 -82.20
C ILE BA 401 -73.19 74.81 -81.22
N PRO BA 402 -73.43 74.69 -79.92
CA PRO BA 402 -72.32 74.65 -78.96
C PRO BA 402 -71.33 73.52 -79.20
N GLU BA 403 -70.06 73.81 -78.89
CA GLU BA 403 -68.98 72.84 -79.03
C GLU BA 403 -69.25 71.53 -78.29
N ARG BA 404 -69.95 71.60 -77.17
CA ARG BA 404 -70.18 70.44 -76.31
C ARG BA 404 -71.14 69.43 -76.94
N ASP BA 405 -71.86 69.81 -77.99
CA ASP BA 405 -72.94 68.99 -78.50
C ASP BA 405 -72.48 67.87 -79.43
N LEU BA 406 -71.25 67.93 -79.94
CA LEU BA 406 -70.81 66.89 -80.88
C LEU BA 406 -69.31 66.61 -80.77
N ASP BA 407 -68.86 66.24 -79.57
CA ASP BA 407 -67.52 65.67 -79.42
C ASP BA 407 -67.32 64.37 -80.20
N ILE BA 408 -68.39 63.78 -80.73
CA ILE BA 408 -68.30 62.51 -81.43
C ILE BA 408 -67.38 62.59 -82.64
N CYS BA 409 -67.20 63.78 -83.21
CA CYS BA 409 -66.24 63.96 -84.28
C CYS BA 409 -64.79 63.98 -83.81
N LEU BA 410 -64.53 64.12 -82.51
CA LEU BA 410 -63.15 64.20 -82.06
C LEU BA 410 -62.46 62.84 -82.07
N MET BA 411 -61.14 62.88 -81.94
CA MET BA 411 -60.28 61.74 -81.71
C MET BA 411 -60.68 61.01 -80.41
N LYS BA 412 -60.07 59.85 -80.21
CA LYS BA 412 -60.40 58.98 -79.09
C LYS BA 412 -59.12 58.40 -78.52
N GLN BA 413 -59.04 58.30 -77.19
CA GLN BA 413 -58.05 57.46 -76.52
C GLN BA 413 -58.74 56.46 -75.60
N SER BA 414 -58.46 55.19 -75.82
CA SER BA 414 -59.21 54.10 -75.20
C SER BA 414 -58.98 54.02 -73.68
N ARG BA 415 -57.73 54.09 -73.24
CA ARG BA 415 -57.46 54.12 -71.80
C ARG BA 415 -56.41 55.15 -71.44
N ARG BA 416 -56.70 55.90 -70.39
CA ARG BA 416 -55.76 56.71 -69.63
C ARG BA 416 -56.04 56.56 -68.14
N THR BA 417 -54.98 56.55 -67.35
CA THR BA 417 -55.07 56.42 -65.91
C THR BA 417 -54.93 57.78 -65.26
N VAL BA 418 -55.85 58.09 -64.34
CA VAL BA 418 -55.80 59.36 -63.63
C VAL BA 418 -54.74 59.27 -62.53
N GLN BA 419 -53.69 60.07 -62.66
CA GLN BA 419 -52.63 60.12 -61.68
C GLN BA 419 -53.07 60.94 -60.48
N ARG BA 420 -52.23 60.96 -59.45
CA ARG BA 420 -52.55 61.70 -58.23
C ARG BA 420 -52.87 63.15 -58.53
N GLY BA 421 -53.82 63.71 -57.77
CA GLY BA 421 -54.20 65.10 -57.90
C GLY BA 421 -54.85 65.47 -59.22
N GLY BA 422 -55.46 64.51 -59.90
CA GLY BA 422 -56.15 64.76 -61.15
C GLY BA 422 -55.26 64.99 -62.34
N CYS BA 423 -53.96 64.76 -62.21
CA CYS BA 423 -53.07 64.90 -63.34
C CYS BA 423 -53.27 63.75 -64.32
N LEU BA 424 -53.03 64.03 -65.60
CA LEU BA 424 -53.12 63.02 -66.64
C LEU BA 424 -52.05 63.29 -67.67
N GLN BA 425 -51.26 62.28 -68.01
CA GLN BA 425 -50.28 62.46 -69.07
C GLN BA 425 -50.95 62.21 -70.41
N PHE BA 426 -50.63 63.07 -71.39
CA PHE BA 426 -51.06 62.84 -72.76
C PHE BA 426 -50.05 63.51 -73.67
N GLN BA 427 -49.66 62.83 -74.74
CA GLN BA 427 -48.74 63.38 -75.73
C GLN BA 427 -47.49 63.96 -75.06
N ASN BA 428 -46.99 63.25 -74.05
CA ASN BA 428 -45.84 63.64 -73.22
C ASN BA 428 -46.06 64.92 -72.43
N LEU BA 429 -47.24 65.51 -72.52
CA LEU BA 429 -47.56 66.64 -71.68
C LEU BA 429 -48.33 66.14 -70.46
N MET BA 430 -48.60 67.04 -69.52
CA MET BA 430 -49.41 66.74 -68.37
C MET BA 430 -50.63 67.65 -68.34
N TYR BA 431 -51.76 67.10 -67.89
CA TYR BA 431 -53.02 67.82 -67.90
C TYR BA 431 -53.67 67.74 -66.53
N ARG BA 432 -54.44 68.77 -66.18
CA ARG BA 432 -55.24 68.74 -64.96
C ARG BA 432 -56.56 69.46 -65.20
N GLY BA 433 -57.59 69.08 -64.44
CA GLY BA 433 -58.91 69.63 -64.70
C GLY BA 433 -59.81 69.60 -63.48
N GLU BA 434 -60.89 70.39 -63.58
CA GLU BA 434 -61.66 70.84 -62.43
C GLU BA 434 -62.01 69.73 -61.45
N TYR BA 435 -62.46 68.57 -61.95
CA TYR BA 435 -62.97 67.53 -61.06
C TYR BA 435 -62.23 66.20 -61.22
N LEU BA 436 -61.11 66.18 -61.91
CA LEU BA 436 -60.51 64.92 -62.32
C LEU BA 436 -59.82 64.20 -61.17
N ALA BA 437 -59.42 64.92 -60.12
CA ALA BA 437 -58.72 64.31 -59.00
C ALA BA 437 -59.57 63.30 -58.24
N GLY BA 438 -60.89 63.47 -58.23
CA GLY BA 438 -61.73 62.46 -57.60
C GLY BA 438 -61.68 61.12 -58.28
N TYR BA 439 -61.27 61.08 -59.53
CA TYR BA 439 -61.11 59.87 -60.32
C TYR BA 439 -59.68 59.33 -60.30
N ALA BA 440 -58.82 59.89 -59.46
CA ALA BA 440 -57.45 59.39 -59.35
C ALA BA 440 -57.43 57.91 -59.04
N GLY BA 441 -56.56 57.18 -59.74
CA GLY BA 441 -56.53 55.74 -59.69
C GLY BA 441 -57.62 55.03 -60.47
N GLU BA 442 -58.44 55.76 -61.21
CA GLU BA 442 -59.39 55.17 -62.16
C GLU BA 442 -58.93 55.43 -63.58
N THR BA 443 -59.64 54.84 -64.53
CA THR BA 443 -59.34 54.97 -65.95
C THR BA 443 -60.40 55.81 -66.64
N VAL BA 444 -59.95 56.68 -67.54
CA VAL BA 444 -60.81 57.59 -68.29
C VAL BA 444 -60.42 57.54 -69.77
N ASN BA 445 -61.34 58.00 -70.61
CA ASN BA 445 -61.10 58.15 -72.05
C ASN BA 445 -60.92 59.62 -72.40
N LEU BA 446 -60.04 59.90 -73.35
CA LEU BA 446 -59.88 61.25 -73.87
C LEU BA 446 -60.53 61.37 -75.25
N ARG BA 447 -61.02 62.56 -75.56
CA ARG BA 447 -61.23 63.01 -76.92
C ARG BA 447 -60.56 64.36 -77.12
N PHE BA 448 -59.96 64.58 -78.29
CA PHE BA 448 -59.16 65.78 -78.49
C PHE BA 448 -59.17 66.20 -79.95
N ASP BA 449 -58.83 67.47 -80.19
CA ASP BA 449 -58.70 68.01 -81.53
C ASP BA 449 -57.22 68.17 -81.88
N PRO BA 450 -56.73 67.48 -82.91
CA PRO BA 450 -55.29 67.48 -83.17
C PRO BA 450 -54.74 68.82 -83.66
N ARG BA 451 -55.60 69.71 -84.13
CA ARG BA 451 -55.12 71.01 -84.60
C ARG BA 451 -54.63 71.87 -83.44
N ASP BA 452 -55.15 71.64 -82.23
CA ASP BA 452 -54.53 72.16 -81.02
C ASP BA 452 -54.91 71.24 -79.86
N ILE BA 453 -53.92 70.51 -79.34
CA ILE BA 453 -54.12 69.58 -78.25
C ILE BA 453 -54.00 70.28 -76.89
N THR BA 454 -53.89 71.60 -76.92
CA THR BA 454 -53.71 72.34 -75.68
C THR BA 454 -54.93 72.22 -74.77
N THR BA 455 -56.08 71.87 -75.32
CA THR BA 455 -57.21 71.36 -74.56
C THR BA 455 -57.44 69.90 -74.92
N ILE BA 456 -57.79 69.09 -73.92
CA ILE BA 456 -58.29 67.75 -74.16
C ILE BA 456 -59.53 67.54 -73.30
N LEU BA 457 -60.41 66.67 -73.78
CA LEU BA 457 -61.68 66.37 -73.13
C LEU BA 457 -61.61 64.97 -72.53
N VAL BA 458 -61.98 64.85 -71.27
CA VAL BA 458 -61.89 63.60 -70.53
C VAL BA 458 -63.28 62.99 -70.41
N TYR BA 459 -63.39 61.71 -70.73
CA TYR BA 459 -64.66 61.00 -70.73
C TYR BA 459 -64.60 59.76 -69.85
N ARG BA 460 -65.68 59.51 -69.13
CA ARG BA 460 -65.84 58.36 -68.25
C ARG BA 460 -66.85 57.40 -68.86
N GLN BA 461 -66.47 56.13 -68.97
CA GLN BA 461 -67.32 55.13 -69.59
C GLN BA 461 -68.23 54.46 -68.56
N GLU BA 462 -69.50 54.29 -68.91
CA GLU BA 462 -70.50 53.66 -68.08
C GLU BA 462 -70.71 52.20 -68.54
N ASN BA 463 -71.84 51.61 -68.17
CA ASN BA 463 -72.15 50.26 -68.64
C ASN BA 463 -72.26 50.22 -70.16
N ASN BA 464 -72.97 51.19 -70.73
CA ASN BA 464 -73.16 51.27 -72.18
C ASN BA 464 -73.38 52.72 -72.59
N GLN BA 465 -72.75 53.65 -71.89
CA GLN BA 465 -72.79 55.07 -72.17
C GLN BA 465 -71.42 55.64 -71.87
N GLU BA 466 -71.14 56.84 -72.38
CA GLU BA 466 -69.90 57.54 -72.05
C GLU BA 466 -70.20 59.01 -71.82
N VAL BA 467 -69.92 59.49 -70.62
CA VAL BA 467 -70.37 60.80 -70.14
C VAL BA 467 -69.18 61.76 -70.13
N PHE BA 468 -69.41 62.99 -70.60
CA PHE BA 468 -68.36 64.00 -70.61
C PHE BA 468 -67.98 64.36 -69.18
N LEU BA 469 -66.72 64.11 -68.82
CA LEU BA 469 -66.32 64.27 -67.42
C LEU BA 469 -65.77 65.66 -67.13
N THR BA 470 -64.67 66.03 -67.77
CA THR BA 470 -64.06 67.35 -67.59
C THR BA 470 -63.34 67.75 -68.86
N ARG BA 471 -63.10 69.05 -69.00
CA ARG BA 471 -62.01 69.55 -69.82
C ARG BA 471 -60.69 69.40 -69.05
N ALA BA 472 -59.57 69.52 -69.77
CA ALA BA 472 -58.27 69.54 -69.12
C ALA BA 472 -57.27 70.36 -69.92
N HIS BA 473 -56.28 70.91 -69.22
CA HIS BA 473 -55.43 71.96 -69.76
C HIS BA 473 -53.97 71.57 -69.55
N ALA BA 474 -53.17 71.75 -70.59
CA ALA BA 474 -51.77 71.35 -70.56
C ALA BA 474 -50.94 72.24 -69.65
N GLN BA 475 -50.23 71.63 -68.70
CA GLN BA 475 -49.40 72.38 -67.77
C GLN BA 475 -48.04 72.69 -68.41
N GLY BA 476 -47.50 73.85 -68.08
CA GLY BA 476 -46.10 74.13 -68.34
C GLY BA 476 -45.76 74.42 -69.78
N LEU BA 477 -46.71 74.84 -70.61
CA LEU BA 477 -46.43 75.20 -71.99
C LEU BA 477 -45.88 76.61 -72.09
N GLU BA 478 -44.94 76.79 -73.02
CA GLU BA 478 -44.44 78.13 -73.33
C GLU BA 478 -45.47 78.96 -74.09
N THR BA 479 -46.18 78.36 -75.03
CA THR BA 479 -47.19 79.06 -75.82
C THR BA 479 -48.44 78.21 -75.96
N GLU BA 480 -49.59 78.81 -75.67
CA GLU BA 480 -50.86 78.11 -75.52
C GLU BA 480 -51.55 77.85 -76.87
N GLN BA 481 -50.85 77.12 -77.75
CA GLN BA 481 -51.35 76.88 -79.09
C GLN BA 481 -50.97 75.53 -79.66
N LEU BA 482 -50.27 74.68 -78.90
CA LEU BA 482 -49.57 73.53 -79.45
C LEU BA 482 -50.51 72.57 -80.19
N ALA BA 483 -50.15 72.25 -81.43
CA ALA BA 483 -50.85 71.25 -82.22
C ALA BA 483 -50.30 69.86 -81.93
N LEU BA 484 -51.10 68.83 -82.28
CA LEU BA 484 -50.64 67.45 -82.15
C LEU BA 484 -49.37 67.19 -82.97
N ASP BA 485 -49.30 67.73 -84.18
CA ASP BA 485 -48.10 67.55 -85.00
C ASP BA 485 -46.86 68.12 -84.35
N GLU BA 486 -46.99 69.27 -83.70
CA GLU BA 486 -45.85 69.89 -83.03
C GLU BA 486 -45.44 69.12 -81.79
N ALA BA 487 -46.41 68.60 -81.03
CA ALA BA 487 -46.10 67.79 -79.86
C ALA BA 487 -45.34 66.52 -80.23
N GLU BA 488 -45.76 65.84 -81.30
CA GLU BA 488 -44.97 64.73 -81.82
C GLU BA 488 -43.55 65.14 -82.18
N ALA BA 489 -43.41 66.18 -83.00
CA ALA BA 489 -42.07 66.63 -83.39
C ALA BA 489 -41.27 67.16 -82.21
N ALA BA 490 -41.95 67.73 -81.21
CA ALA BA 490 -41.26 68.11 -79.96
C ALA BA 490 -40.74 66.88 -79.22
N SER BA 491 -41.60 65.88 -79.04
CA SER BA 491 -41.20 64.62 -78.42
C SER BA 491 -40.15 63.86 -79.21
N ARG BA 492 -40.19 63.95 -80.54
CA ARG BA 492 -39.12 63.40 -81.37
C ARG BA 492 -37.78 64.11 -81.19
N ARG BA 493 -37.75 65.33 -80.66
CA ARG BA 493 -36.47 65.91 -80.25
C ARG BA 493 -35.87 65.19 -79.05
N LEU BA 494 -36.67 64.99 -78.00
CA LEU BA 494 -36.23 64.24 -76.84
C LEU BA 494 -35.74 62.84 -77.23
N ARG BA 495 -36.50 62.14 -78.07
CA ARG BA 495 -36.10 60.82 -78.52
C ARG BA 495 -34.77 60.84 -79.28
N THR BA 496 -34.60 61.78 -80.21
CA THR BA 496 -33.35 61.84 -80.97
C THR BA 496 -32.18 62.27 -80.11
N ALA BA 497 -32.42 63.20 -79.17
CA ALA BA 497 -31.36 63.61 -78.24
C ALA BA 497 -30.88 62.45 -77.36
N GLY BA 498 -31.80 61.74 -76.72
CA GLY BA 498 -31.44 60.57 -75.93
C GLY BA 498 -30.72 59.48 -76.69
N LYS BA 499 -31.15 59.22 -77.92
CA LYS BA 499 -30.53 58.24 -78.80
C LYS BA 499 -29.14 58.65 -79.30
N THR BA 500 -28.71 59.88 -79.08
CA THR BA 500 -27.43 60.36 -79.55
C THR BA 500 -26.24 59.89 -78.68
N ILE BA 501 -26.50 59.26 -77.53
CA ILE BA 501 -25.42 58.85 -76.63
C ILE BA 501 -24.40 57.95 -77.33
N SER BA 502 -23.12 58.27 -77.14
CA SER BA 502 -21.98 57.49 -77.59
C SER BA 502 -21.78 56.24 -76.72
N ASN BA 503 -22.79 55.38 -76.67
CA ASN BA 503 -22.90 54.33 -75.66
C ASN BA 503 -21.82 53.26 -75.76
N GLN BA 504 -21.12 53.16 -76.89
CA GLN BA 504 -20.18 52.06 -77.09
C GLN BA 504 -19.03 52.06 -76.09
N SER BA 505 -18.63 53.23 -75.59
CA SER BA 505 -17.64 53.29 -74.53
C SER BA 505 -18.23 52.92 -73.17
N LEU BA 506 -19.56 52.94 -73.06
CA LEU BA 506 -20.27 52.64 -71.84
C LEU BA 506 -20.48 51.14 -71.64
N LEU BA 507 -20.47 50.36 -72.73
CA LEU BA 507 -20.62 48.91 -72.64
C LEU BA 507 -19.47 48.23 -71.89
N GLN BA 508 -18.29 48.85 -71.87
CA GLN BA 508 -17.14 48.19 -71.25
C GLN BA 508 -17.38 47.83 -69.79
N GLU BA 509 -18.23 48.58 -69.09
CA GLU BA 509 -18.54 48.22 -67.71
C GLU BA 509 -19.16 46.83 -67.60
N VAL BA 510 -20.12 46.53 -68.47
CA VAL BA 510 -20.93 45.32 -68.29
C VAL BA 510 -20.12 44.06 -68.55
N VAL BA 511 -19.32 44.05 -69.62
CA VAL BA 511 -18.52 42.87 -69.94
C VAL BA 511 -17.41 42.63 -68.93
N ASP BA 512 -16.78 43.69 -68.43
CA ASP BA 512 -15.73 43.52 -67.43
C ASP BA 512 -16.27 43.26 -66.02
N ARG BA 513 -17.46 43.74 -65.68
CA ARG BA 513 -18.10 43.31 -64.44
C ARG BA 513 -18.37 41.81 -64.41
N ASP BA 514 -18.95 41.27 -65.49
CA ASP BA 514 -19.15 39.83 -65.60
C ASP BA 514 -17.84 39.05 -65.63
N ALA BA 515 -16.83 39.56 -66.34
CA ALA BA 515 -15.52 38.90 -66.34
C ALA BA 515 -14.92 38.82 -64.94
N LEU BA 516 -15.06 39.87 -64.15
CA LEU BA 516 -14.61 39.84 -62.76
C LEU BA 516 -15.34 38.78 -61.96
N VAL BA 517 -16.68 38.79 -61.99
CA VAL BA 517 -17.46 37.83 -61.24
C VAL BA 517 -17.17 36.39 -61.67
N ALA BA 518 -16.93 36.18 -62.96
CA ALA BA 518 -16.52 34.85 -63.42
C ALA BA 518 -15.10 34.50 -63.02
N THR BA 519 -14.24 35.49 -62.79
CA THR BA 519 -12.91 35.25 -62.28
C THR BA 519 -12.92 34.80 -60.81
N LYS BA 520 -13.94 35.18 -60.06
CA LYS BA 520 -14.14 34.66 -58.70
C LYS BA 520 -14.74 33.27 -58.77
N LYS BA 521 -13.89 32.27 -58.57
CA LYS BA 521 -14.32 30.89 -58.33
C LYS BA 521 -14.65 30.71 -56.86
N SER BA 522 -15.57 29.79 -56.57
CA SER BA 522 -15.97 29.57 -55.20
C SER BA 522 -14.86 28.94 -54.37
N ARG BA 523 -14.92 29.21 -53.06
CA ARG BA 523 -13.95 28.68 -52.11
C ARG BA 523 -13.97 27.16 -52.02
N LYS BA 524 -15.07 26.52 -52.43
CA LYS BA 524 -15.19 25.07 -52.38
C LYS BA 524 -16.23 24.56 -53.36
N GLU CA 571 -38.50 7.94 34.94
CA GLU CA 571 -37.31 7.57 34.19
C GLU CA 571 -36.83 6.17 34.54
N VAL CA 572 -35.98 5.63 33.67
CA VAL CA 572 -35.40 4.30 33.82
C VAL CA 572 -34.31 4.34 34.88
N TRP CA 573 -33.23 5.07 34.60
CA TRP CA 573 -32.09 5.14 35.50
C TRP CA 573 -31.25 6.37 35.16
N ASP CA 574 -30.43 6.75 36.14
CA ASP CA 574 -29.27 7.58 35.86
C ASP CA 574 -28.21 6.76 35.14
N TYR CA 575 -27.70 7.31 34.05
CA TYR CA 575 -26.82 6.57 33.15
C TYR CA 575 -25.47 6.28 33.79
N GLU CA 576 -24.96 7.23 34.59
CA GLU CA 576 -23.72 7.01 35.35
C GLU CA 576 -23.93 6.07 36.54
N GLN CA 577 -25.06 6.21 37.24
CA GLN CA 577 -25.40 5.31 38.34
C GLN CA 577 -25.50 3.85 37.89
N LEU CA 578 -26.01 3.61 36.68
CA LEU CA 578 -26.01 2.26 36.14
C LEU CA 578 -24.61 1.67 36.01
N ARG CA 579 -23.63 2.47 35.57
CA ARG CA 579 -22.26 1.96 35.50
C ARG CA 579 -21.72 1.54 36.88
N GLU CA 580 -21.93 2.36 37.92
CA GLU CA 580 -21.50 1.93 39.25
C GLU CA 580 -22.29 0.75 39.77
N GLU CA 581 -23.57 0.62 39.38
CA GLU CA 581 -24.31 -0.60 39.68
C GLU CA 581 -23.75 -1.79 38.91
N TYR CA 582 -23.42 -1.60 37.64
CA TYR CA 582 -22.96 -2.69 36.80
C TYR CA 582 -21.54 -3.11 37.17
N GLY CA 583 -20.70 -2.15 37.54
CA GLY CA 583 -19.28 -2.41 37.79
C GLY CA 583 -18.42 -2.30 36.55
N GLU DA 571 25.21 52.64 -12.95
CA GLU DA 571 26.08 51.53 -12.58
C GLU DA 571 25.57 50.19 -13.12
N VAL DA 572 26.49 49.41 -13.68
CA VAL DA 572 26.19 48.03 -14.05
C VAL DA 572 26.06 47.20 -12.78
N TRP DA 573 25.25 46.12 -12.84
CA TRP DA 573 25.10 45.22 -11.70
C TRP DA 573 25.01 43.79 -12.24
N ASP DA 574 26.18 43.21 -12.52
CA ASP DA 574 26.27 41.89 -13.15
C ASP DA 574 25.71 40.80 -12.24
N TYR DA 575 24.89 39.92 -12.83
CA TYR DA 575 24.22 38.87 -12.06
C TYR DA 575 25.20 38.02 -11.26
N GLU DA 576 26.40 37.77 -11.81
CA GLU DA 576 27.45 37.09 -11.06
C GLU DA 576 28.03 37.94 -9.93
N GLN DA 577 28.16 39.25 -10.16
CA GLN DA 577 28.62 40.11 -9.06
C GLN DA 577 27.60 40.19 -7.92
N LEU DA 578 26.30 40.07 -8.22
CA LEU DA 578 25.32 39.99 -7.14
C LEU DA 578 25.49 38.73 -6.29
N ARG DA 579 25.81 37.59 -6.91
CA ARG DA 579 26.19 36.41 -6.12
C ARG DA 579 27.48 36.61 -5.35
N GLU DA 580 28.48 37.23 -5.98
CA GLU DA 580 29.74 37.49 -5.28
C GLU DA 580 29.54 38.42 -4.09
N GLU DA 581 28.67 39.41 -4.24
CA GLU DA 581 28.33 40.29 -3.12
C GLU DA 581 27.46 39.56 -2.09
N TYR DA 582 26.56 38.69 -2.55
CA TYR DA 582 25.68 37.96 -1.65
C TYR DA 582 26.41 36.88 -0.86
N GLY DA 583 27.44 36.28 -1.46
CA GLY DA 583 28.19 35.22 -0.79
C GLY DA 583 28.89 35.66 0.48
N GLU EA 571 -11.04 48.35 28.60
CA GLU EA 571 -9.62 48.40 28.27
C GLU EA 571 -9.26 47.40 27.18
N VAL EA 572 -8.09 47.60 26.57
CA VAL EA 572 -7.55 46.66 25.60
C VAL EA 572 -6.84 45.51 26.33
N TRP EA 573 -6.87 44.35 25.70
CA TRP EA 573 -6.12 43.18 26.16
C TRP EA 573 -4.91 43.02 25.24
N ASP EA 574 -3.71 43.21 25.78
CA ASP EA 574 -2.52 42.99 24.98
C ASP EA 574 -2.30 41.50 24.76
N TYR EA 575 -2.03 41.12 23.50
CA TYR EA 575 -1.76 39.72 23.19
C TYR EA 575 -0.55 39.19 23.95
N GLU EA 576 0.47 40.02 24.14
CA GLU EA 576 1.61 39.66 24.99
C GLU EA 576 1.22 39.52 26.46
N GLN EA 577 0.44 40.46 26.98
CA GLN EA 577 0.08 40.44 28.40
C GLN EA 577 -0.75 39.21 28.75
N LEU EA 578 -1.75 38.88 27.93
CA LEU EA 578 -2.55 37.69 28.17
C LEU EA 578 -1.75 36.40 28.01
N ARG EA 579 -0.80 36.38 27.08
CA ARG EA 579 0.10 35.24 26.96
C ARG EA 579 1.00 35.08 28.17
N GLU EA 580 1.54 36.19 28.70
CA GLU EA 580 2.36 36.11 29.90
C GLU EA 580 1.55 35.83 31.16
N GLU EA 581 0.37 36.46 31.29
CA GLU EA 581 -0.47 36.18 32.44
C GLU EA 581 -0.92 34.72 32.47
N TYR EA 582 -1.09 34.11 31.30
CA TYR EA 582 -1.49 32.70 31.25
C TYR EA 582 -0.54 31.79 32.01
N GLY EA 583 0.74 32.14 32.06
CA GLY EA 583 1.73 31.34 32.78
C GLY EA 583 1.44 31.25 34.27
N GLU FA 571 23.83 13.43 -51.24
CA GLU FA 571 24.07 12.41 -50.23
C GLU FA 571 22.75 12.01 -49.58
N VAL FA 572 22.66 10.76 -49.13
CA VAL FA 572 21.53 10.27 -48.35
C VAL FA 572 22.05 9.32 -47.28
N TRP FA 573 21.24 9.13 -46.25
CA TRP FA 573 21.63 8.33 -45.11
C TRP FA 573 20.52 7.35 -44.75
N ASP FA 574 20.92 6.28 -44.06
CA ASP FA 574 20.02 5.24 -43.59
C ASP FA 574 19.92 5.30 -42.08
N TYR FA 575 18.69 5.23 -41.56
CA TYR FA 575 18.47 5.23 -40.11
C TYR FA 575 19.27 4.13 -39.42
N GLU FA 576 19.42 2.98 -40.08
CA GLU FA 576 20.17 1.87 -39.50
C GLU FA 576 21.68 2.11 -39.49
N GLN FA 577 22.22 2.77 -40.52
CA GLN FA 577 23.61 3.19 -40.47
C GLN FA 577 23.84 4.24 -39.39
N LEU FA 578 22.96 5.25 -39.34
CA LEU FA 578 23.09 6.31 -38.35
C LEU FA 578 22.99 5.76 -36.93
N ARG FA 579 22.21 4.71 -36.73
CA ARG FA 579 22.16 4.05 -35.43
C ARG FA 579 23.51 3.45 -35.04
N GLU FA 580 24.22 2.82 -35.97
CA GLU FA 580 25.60 2.41 -35.68
C GLU FA 580 26.58 3.59 -35.67
N GLU FA 581 26.51 4.47 -36.68
CA GLU FA 581 27.61 5.41 -36.89
C GLU FA 581 27.65 6.48 -35.80
N TYR FA 582 26.53 7.14 -35.55
CA TYR FA 582 26.45 8.10 -34.46
C TYR FA 582 26.24 7.45 -33.10
N GLY FA 583 25.57 6.30 -33.08
CA GLY FA 583 25.02 5.72 -31.86
C GLY FA 583 26.00 5.59 -30.70
#